data_8GTC
#
_entry.id   8GTC
#
loop_
_entity.id
_entity.type
_entity.pdbx_description
1 polymer 'Major tail protein'
2 polymer 'Distal tail protein'
3 polymer 'Megatron protein'
4 polymer 'Hub protein'
5 polymer 'Ribonuclease III'
#
loop_
_entity_poly.entity_id
_entity_poly.type
_entity_poly.pdbx_seq_one_letter_code
_entity_poly.pdbx_strand_id
1 'polypeptide(L)'
;MLKGKDGVVKNASTGDSIGHLQSWALDTQRDEVSGWGMGDDAERAFTTVGRASGNFEVYLDPADPSDDLEPGDLVDLELY
PGGESTGSGYRSVAGALILSTAESASKDGIPMLTVNWRTSGALPQKATVS
;
A,B,C,D,E,F
2 'polypeptide(L)'
;MQFIDVEFPRDIAAGCQAVLTRRDEVVTLASGREEVNSRWADTRRSWDAGLGVRDEADLAQVVALFEEVRGRLYAFRFRD
WLDWRTAATRAPITATDQPLGLGDGSRTAFQVVKVYGAVNPYTRPLSLPHPGTVRVALDGVTQPSGWTLTAPGGVITFDT
PPALGVTVTAGCSFDVPVRFSDPELAVQWAYFREGQAGLAQAPSIPLIEVRLDP
;
G,H,I,J,K,L
3 'polypeptide(L)'
;MATVLLAAAGGAIGTSLGGALFGISAAVIGQAVGGLIGQTIDARLSGGGTIKQTGPRLDSLEVMVSQEGTPLADISGRVA
VAGTVIWATKLEEIARTTSTRVGSGKSSQKVKSTNFDYAASFAVSLGEGPLNGIGRIFLDGQVRDLSEMISENRVRFYPG
TEDQEPDPLIEAIEGAAPAFRGTAYLVFERLFLSDFGNRVPQVRVEVFGQSGEMEKGVTGVCVIPGSTEFGYMPAPVRQQ
SLDGADVVWEGPENCNRYSRISDWSLSMDHLKNTLPAVQTVSLVVAWFGTDLRAGLCRFEPRIELRAKRTSIEWIAAGLN
RGSATEVSRDENDRPAFGSSPADVSVVRAIMDLKARGFRVVLYPFVMMDVTADQALPSPAGTGAQGAYPWRGRIMPDVTG
GRVSDQIAALMGTAQPDDFTAAVTRNKSGEISQVNLTCPGAPGDAGLRRFILHLAKLADIAGGVDAFLVGTEFRGLSQAW
EPQTYADAYEFLNSSEGWFAQNAARTHEPGSLLVSATARDPRLISPPLSIDGAAARWIEIEFDRTSAPVWEGNVYYMTED
HGFAGAFRKVISDAEAPADGTRARMLLDMHDLTLGGDDWRTSTITRLRFDFSSESDAVFRIHAIRLGGGRRYPFVDALRD
LAQDVDTILPTAKISYAADWSEYHSHQDAGDLTFHLDPLWADPAIDFVGIDNYLPLSDWRQGADHLDYDATSGRTTPYDL
DYLKSNIEGGEYWDWFYASQEDRDTQTRTPISDGSYGEPWVFRQKAIRDWHANAHHNRTAGVRATTSTGWVPGSKPVWFT
EYGCPAVDLGANRPNVFAAASSSESALPWYSSGLRDDFMQRQYLRAMAEWWTANGAPAVDLANCQAWAWDARPFPEFPLR
PATWSDGPDWRLGHWLNGRAGAAPAAEAITRRAITRHGLISADIDTSRAYGQADGYAAPAPLGLGDYAQPFEVALGLQTT
ETGGALVIEAKPAAPLAADVIEADLVDTPAIYTLTRGALEDTPAAAIVRFRDGLSDYEITAARARIGAGKEGGSATADLA
LVLDGDRGNAAAEMVLRAALTSRESLSVTLPRSATTLRPGSLVEVTLGTEARRLFLVDRVVDGQAREVTLRGFDRAAYAP
SGGVFKAARAGRLQGSTSSLTRFLDLPLLPGVDAPEWEGFIAAHAEPWPGAMLHSRGSTPEGSFTLAAEADARATIGRTT
AALPPAPAHVWTPGPLVVTLFSGALVGRPDLDVLDGANALAIQHPDGWEVVQFREATLTADRTWRLEGLLRGQRGTDGIV
GPAPLPAGAAVVAIDTALVAAGLSADDPGRALWWRSGPDAASLAAAPLRPHTFTAAGLRAFPPAHLRAVVTGGGDTSLSW
VPRSRLVGTTWPDNGAPIPSGEGLERYQVTIGPTAAPVRVILADTPAATYTAAERAADGIAAPFRVAVSQISETTGPGPW
IETIVTE
;
M,N,O
4 'polypeptide(L)'
;MTDYTDHLATGCTTLARCYILTRRDGVVMGFTDHDRDIDLDGTRCAAGAALDASTAARSLGITPDDMDAGGALSADAITE
ADLRAGRYDGAQVEVWEVNWTDPAVRGRLGVYTIGQVERGPLAFRAELRTRPALWNRPEGRIHTALCDVDRLGDHRCKLA
LGPWQSAATVIEADGADLIVSGLDETASNIFDRGVLDWTGGANAGTGSDIRVARPVAGGVRVSLWSAPPFPITAGDTANA
TVGCDRTADTCRNRFDNLANFRGFPLMPGESFISEYARPGDPDQSGGSRYD
;
P,Q,R
5 'polypeptide(L)'
;MPTPFLALPLIAEGQAGQHVTHNEALDMIDALAPRVVLSDSLATPPPAPPDRSAWIVPPGGSGFGGAGPGQIALRLGGVW
HAITPAQGARWRVLDRGAAVIWSGTSWRPADVSGALGSTLGLATIEATVTATGPSVTAPALIPPRAIVLGVTSWTVQAVT
GATSYRVGVPGEPDKFGASLGAAPGSSNIGVVGPFATYAPTDVVVTAEGADFTGGTIGLAASVILPGAPV
;
S,T,U,V,W,X,Y,Z,a
#
# COMPACT_ATOMS: atom_id res chain seq x y z
N MET A 1 -63.43 -104.39 40.02
CA MET A 1 -63.34 -105.36 38.94
C MET A 1 -64.71 -105.63 38.33
N LEU A 2 -65.01 -104.94 37.24
CA LEU A 2 -66.27 -105.22 36.53
C LEU A 2 -66.13 -106.46 35.64
N LYS A 3 -67.25 -107.03 35.17
CA LYS A 3 -67.15 -108.15 34.23
C LYS A 3 -66.51 -107.75 32.92
N GLY A 4 -66.87 -106.58 32.42
CA GLY A 4 -66.33 -106.08 31.17
C GLY A 4 -67.26 -106.41 30.04
N LYS A 5 -68.07 -107.47 30.17
CA LYS A 5 -69.10 -107.74 29.18
C LYS A 5 -70.09 -106.64 29.40
N ASP A 6 -70.30 -106.30 30.67
CA ASP A 6 -71.23 -105.24 31.01
C ASP A 6 -70.75 -103.92 30.42
N GLY A 7 -69.44 -103.74 30.37
CA GLY A 7 -68.93 -102.51 29.81
C GLY A 7 -69.39 -102.37 28.39
N VAL A 8 -70.02 -101.24 28.08
CA VAL A 8 -70.48 -100.99 26.72
C VAL A 8 -70.16 -99.56 26.35
N VAL A 9 -69.62 -99.36 25.16
CA VAL A 9 -69.39 -98.00 24.72
C VAL A 9 -70.67 -97.59 24.05
N LYS A 10 -71.25 -96.49 24.49
CA LYS A 10 -72.45 -96.00 23.88
C LYS A 10 -72.11 -94.64 23.36
N ASN A 11 -72.50 -94.34 22.13
CA ASN A 11 -72.24 -92.99 21.65
C ASN A 11 -73.30 -92.16 22.33
N ALA A 12 -72.87 -91.18 23.11
CA ALA A 12 -73.81 -90.36 23.83
C ALA A 12 -74.67 -89.59 22.85
N SER A 13 -74.04 -89.09 21.79
CA SER A 13 -74.77 -88.31 20.82
C SER A 13 -75.86 -89.12 20.12
N THR A 14 -75.54 -90.33 19.70
CA THR A 14 -76.56 -91.19 19.11
C THR A 14 -77.59 -91.57 20.14
N GLY A 15 -77.15 -91.79 21.38
CA GLY A 15 -78.06 -92.25 22.41
C GLY A 15 -78.14 -93.76 22.39
N ASP A 16 -77.32 -94.39 21.56
CA ASP A 16 -77.29 -95.84 21.49
C ASP A 16 -75.86 -96.35 21.44
N SER A 17 -75.66 -97.61 21.78
CA SER A 17 -74.33 -98.19 21.76
C SER A 17 -73.80 -98.21 20.35
N ILE A 18 -72.50 -98.02 20.20
CA ILE A 18 -71.89 -97.97 18.88
C ILE A 18 -72.08 -99.25 18.08
N GLY A 19 -72.02 -100.40 18.74
CA GLY A 19 -72.13 -101.64 18.00
C GLY A 19 -71.69 -102.88 18.74
N HIS A 20 -71.33 -103.92 17.99
CA HIS A 20 -70.86 -105.15 18.58
C HIS A 20 -69.39 -104.92 18.88
N LEU A 21 -69.12 -104.23 19.98
CA LEU A 21 -67.75 -103.90 20.32
C LEU A 21 -66.89 -105.06 20.75
N GLN A 22 -65.62 -105.02 20.36
CA GLN A 22 -64.69 -106.05 20.81
C GLN A 22 -63.98 -105.61 22.07
N SER A 23 -63.56 -104.34 22.12
CA SER A 23 -62.85 -103.84 23.29
C SER A 23 -63.02 -102.35 23.50
N TRP A 24 -62.85 -101.87 24.73
CA TRP A 24 -62.91 -100.44 24.98
C TRP A 24 -61.70 -99.98 25.78
N ALA A 25 -61.14 -98.83 25.40
CA ALA A 25 -59.95 -98.33 26.09
C ALA A 25 -60.08 -96.89 26.54
N LEU A 26 -59.73 -96.61 27.80
CA LEU A 26 -59.71 -95.22 28.25
C LEU A 26 -58.40 -94.95 28.96
N ASP A 27 -57.67 -93.91 28.56
CA ASP A 27 -56.47 -93.56 29.30
C ASP A 27 -56.45 -92.08 29.66
N THR A 28 -56.19 -91.77 30.92
CA THR A 28 -56.12 -90.37 31.34
C THR A 28 -54.71 -90.05 31.72
N GLN A 29 -54.12 -89.04 31.09
CA GLN A 29 -52.72 -88.70 31.37
C GLN A 29 -52.52 -87.26 31.75
N ARG A 30 -51.79 -87.00 32.83
CA ARG A 30 -51.46 -85.63 33.18
C ARG A 30 -49.95 -85.50 33.03
N ASP A 31 -49.51 -84.62 32.13
CA ASP A 31 -48.08 -84.44 31.91
C ASP A 31 -47.44 -83.68 33.05
N GLU A 32 -46.15 -83.87 33.28
CA GLU A 32 -45.48 -83.19 34.39
C GLU A 32 -44.12 -82.63 34.02
N VAL A 33 -43.67 -81.63 34.77
CA VAL A 33 -42.34 -81.09 34.54
C VAL A 33 -41.51 -81.29 35.79
N SER A 34 -40.30 -81.83 35.64
CA SER A 34 -39.43 -81.99 36.79
C SER A 34 -38.16 -81.18 36.63
N GLY A 35 -37.86 -80.34 37.62
CA GLY A 35 -36.66 -79.54 37.57
C GLY A 35 -35.86 -79.53 38.85
N TRP A 36 -34.55 -79.62 38.74
CA TRP A 36 -33.69 -79.59 39.92
C TRP A 36 -32.55 -78.61 39.76
N GLY A 37 -32.29 -77.82 40.80
CA GLY A 37 -31.14 -76.93 40.75
C GLY A 37 -29.95 -77.86 40.78
N MET A 38 -28.89 -77.54 40.08
CA MET A 38 -27.78 -78.49 40.02
C MET A 38 -27.24 -78.75 41.42
N GLY A 39 -26.90 -80.00 41.72
CA GLY A 39 -26.51 -80.31 43.07
C GLY A 39 -27.67 -80.71 43.94
N ASP A 40 -28.83 -80.95 43.33
CA ASP A 40 -29.99 -81.42 44.10
C ASP A 40 -30.14 -82.92 44.00
N ASP A 41 -30.43 -83.57 45.12
CA ASP A 41 -30.56 -85.02 45.14
C ASP A 41 -31.69 -85.51 44.26
N ALA A 42 -32.82 -84.80 44.28
CA ALA A 42 -33.97 -85.21 43.50
C ALA A 42 -34.60 -84.03 42.78
N GLU A 43 -35.35 -84.31 41.72
CA GLU A 43 -35.94 -83.24 40.94
C GLU A 43 -37.40 -83.01 41.31
N ARG A 44 -37.71 -81.79 41.71
CA ARG A 44 -39.09 -81.48 42.07
C ARG A 44 -39.96 -81.60 40.84
N ALA A 45 -41.09 -82.27 40.99
CA ALA A 45 -41.96 -82.49 39.84
C ALA A 45 -43.34 -81.90 40.02
N PHE A 46 -43.79 -81.12 39.06
CA PHE A 46 -45.11 -80.51 39.14
C PHE A 46 -45.92 -80.87 37.91
N THR A 47 -47.13 -81.36 38.11
CA THR A 47 -47.98 -81.73 36.99
C THR A 47 -48.44 -80.51 36.19
N THR A 48 -48.43 -80.63 34.88
CA THR A 48 -48.91 -79.54 34.04
C THR A 48 -50.30 -79.86 33.52
N VAL A 49 -50.55 -79.59 32.24
CA VAL A 49 -51.87 -79.83 31.67
C VAL A 49 -52.24 -81.31 31.55
N GLY A 50 -53.54 -81.60 31.58
CA GLY A 50 -53.99 -82.98 31.46
C GLY A 50 -54.89 -83.21 30.26
N ARG A 51 -54.59 -84.22 29.46
CA ARG A 51 -55.43 -84.54 28.30
C ARG A 51 -55.61 -86.04 28.22
N ALA A 52 -56.68 -86.49 27.56
CA ALA A 52 -56.96 -87.93 27.53
C ALA A 52 -57.34 -88.46 26.17
N SER A 53 -57.13 -89.75 25.96
CA SER A 53 -57.50 -90.38 24.71
C SER A 53 -58.07 -91.76 24.96
N GLY A 54 -58.84 -92.29 24.03
CA GLY A 54 -59.36 -93.64 24.17
C GLY A 54 -59.61 -94.31 22.84
N ASN A 55 -59.60 -95.64 22.81
CA ASN A 55 -59.88 -96.36 21.58
C ASN A 55 -60.93 -97.43 21.77
N PHE A 56 -61.93 -97.51 20.90
CA PHE A 56 -62.89 -98.59 20.99
C PHE A 56 -62.92 -99.45 19.73
N GLU A 57 -62.89 -100.76 19.90
CA GLU A 57 -62.88 -101.65 18.75
C GLU A 57 -64.26 -102.19 18.49
N VAL A 58 -64.68 -102.20 17.23
CA VAL A 58 -66.02 -102.66 16.87
C VAL A 58 -65.96 -103.58 15.66
N TYR A 59 -67.03 -104.29 15.38
CA TYR A 59 -67.05 -105.09 14.17
C TYR A 59 -67.69 -104.24 13.09
N LEU A 60 -67.01 -104.09 11.96
CA LEU A 60 -67.52 -103.20 10.92
C LEU A 60 -68.84 -103.70 10.33
N ASP A 61 -69.83 -102.82 10.24
CA ASP A 61 -71.12 -103.19 9.69
C ASP A 61 -71.71 -102.01 8.93
N PRO A 62 -72.45 -102.27 7.84
CA PRO A 62 -73.09 -101.13 7.20
C PRO A 62 -74.09 -100.47 8.14
N ALA A 63 -74.88 -101.27 8.85
CA ALA A 63 -75.80 -100.72 9.83
C ALA A 63 -75.15 -100.59 11.20
N ASP A 64 -74.18 -99.70 11.32
CA ASP A 64 -73.55 -99.48 12.61
C ASP A 64 -73.43 -98.02 12.93
N PRO A 65 -73.71 -97.64 14.17
CA PRO A 65 -73.49 -96.25 14.58
C PRO A 65 -72.02 -95.93 14.41
N SER A 66 -71.16 -96.90 14.70
CA SER A 66 -69.72 -96.70 14.51
C SER A 66 -69.41 -96.44 13.04
N ASP A 67 -70.09 -97.13 12.12
CA ASP A 67 -69.88 -96.89 10.70
C ASP A 67 -70.28 -95.47 10.35
N ASP A 68 -71.37 -95.00 10.95
CA ASP A 68 -71.82 -93.64 10.72
C ASP A 68 -70.77 -92.66 11.20
N LEU A 69 -70.10 -92.99 12.30
CA LEU A 69 -69.05 -92.12 12.82
C LEU A 69 -67.90 -91.99 11.84
N GLU A 70 -67.29 -90.82 11.78
CA GLU A 70 -66.21 -90.58 10.81
C GLU A 70 -64.98 -90.00 11.47
N PRO A 71 -63.80 -90.17 10.85
CA PRO A 71 -62.62 -89.52 11.44
C PRO A 71 -62.79 -88.02 11.41
N GLY A 72 -62.35 -87.34 12.46
CA GLY A 72 -62.52 -85.91 12.53
C GLY A 72 -63.86 -85.49 13.11
N ASP A 73 -64.67 -86.46 13.53
CA ASP A 73 -65.94 -86.11 14.16
C ASP A 73 -65.73 -85.87 15.64
N LEU A 74 -66.18 -84.72 16.12
CA LEU A 74 -66.08 -84.46 17.54
C LEU A 74 -67.36 -85.06 18.09
N VAL A 75 -67.23 -86.17 18.81
CA VAL A 75 -68.44 -86.84 19.26
C VAL A 75 -68.45 -87.15 20.75
N ASP A 76 -69.56 -86.87 21.42
CA ASP A 76 -69.66 -87.20 22.83
C ASP A 76 -69.71 -88.70 22.99
N LEU A 77 -69.05 -89.22 24.02
CA LEU A 77 -69.00 -90.65 24.23
C LEU A 77 -69.49 -90.97 25.62
N GLU A 78 -70.16 -92.11 25.76
CA GLU A 78 -70.61 -92.52 27.08
C GLU A 78 -70.21 -93.95 27.34
N LEU A 79 -68.95 -94.16 27.68
CA LEU A 79 -68.50 -95.49 28.03
C LEU A 79 -69.22 -95.91 29.28
N TYR A 80 -69.62 -97.17 29.35
CA TYR A 80 -70.32 -97.67 30.52
C TYR A 80 -69.64 -98.92 31.00
N PRO A 81 -68.47 -98.82 31.65
CA PRO A 81 -67.75 -100.02 32.05
C PRO A 81 -68.57 -100.84 33.02
N GLY A 82 -69.24 -100.18 33.96
CA GLY A 82 -70.11 -100.88 34.88
C GLY A 82 -71.42 -101.23 34.20
N GLY A 83 -71.67 -100.64 33.04
CA GLY A 83 -72.94 -100.85 32.36
C GLY A 83 -73.93 -99.79 32.78
N GLU A 84 -75.19 -99.95 32.38
CA GLU A 84 -76.21 -98.96 32.70
C GLU A 84 -76.90 -99.29 34.00
N SER A 85 -76.44 -100.32 34.68
CA SER A 85 -77.07 -100.76 35.93
C SER A 85 -76.89 -99.74 37.03
N THR A 86 -77.75 -99.79 38.04
CA THR A 86 -77.68 -98.82 39.12
C THR A 86 -76.35 -98.89 39.85
N GLY A 87 -75.83 -97.74 40.24
CA GLY A 87 -74.55 -97.68 40.93
C GLY A 87 -73.39 -98.21 40.10
N SER A 88 -73.40 -97.95 38.81
CA SER A 88 -72.30 -98.38 37.96
C SER A 88 -71.47 -97.20 37.52
N GLY A 89 -70.18 -97.25 37.79
CA GLY A 89 -69.29 -96.18 37.35
C GLY A 89 -69.22 -96.19 35.85
N TYR A 90 -69.34 -95.01 35.24
CA TYR A 90 -69.26 -94.91 33.80
C TYR A 90 -68.48 -93.68 33.40
N ARG A 91 -67.86 -93.72 32.23
CA ARG A 91 -67.06 -92.59 31.85
C ARG A 91 -67.79 -91.79 30.80
N SER A 92 -68.01 -90.52 31.09
CA SER A 92 -68.69 -89.67 30.14
C SER A 92 -67.64 -88.83 29.49
N VAL A 93 -67.57 -88.89 28.16
CA VAL A 93 -66.56 -88.13 27.44
C VAL A 93 -67.27 -87.12 26.59
N ALA A 94 -66.80 -85.88 26.61
CA ALA A 94 -67.49 -84.84 25.87
C ALA A 94 -66.69 -84.38 24.67
N GLY A 95 -67.32 -84.34 23.50
CA GLY A 95 -66.65 -83.83 22.33
C GLY A 95 -65.34 -84.52 22.00
N ALA A 96 -65.34 -85.84 22.03
CA ALA A 96 -64.12 -86.56 21.75
C ALA A 96 -63.95 -86.70 20.25
N LEU A 97 -62.92 -86.04 19.72
CA LEU A 97 -62.67 -86.10 18.29
C LEU A 97 -62.24 -87.51 17.91
N ILE A 98 -62.73 -88.00 16.79
CA ILE A 98 -62.34 -89.32 16.35
C ILE A 98 -61.09 -89.16 15.50
N LEU A 99 -59.96 -89.62 16.02
CA LEU A 99 -58.71 -89.46 15.28
C LEU A 99 -58.67 -90.22 13.97
N SER A 100 -59.10 -91.48 13.98
CA SER A 100 -59.06 -92.30 12.77
C SER A 100 -59.96 -93.51 12.84
N THR A 101 -60.36 -94.03 11.68
CA THR A 101 -61.14 -95.26 11.64
C THR A 101 -60.39 -96.25 10.76
N ALA A 102 -60.21 -97.48 11.24
CA ALA A 102 -59.54 -98.48 10.41
C ALA A 102 -60.48 -99.61 10.06
N GLU A 103 -60.67 -99.84 8.76
CA GLU A 103 -61.51 -100.95 8.33
C GLU A 103 -60.64 -101.98 7.64
N SER A 104 -60.41 -103.11 8.29
CA SER A 104 -59.53 -104.12 7.71
C SER A 104 -59.98 -105.53 8.03
N ALA A 105 -59.82 -106.44 7.08
CA ALA A 105 -60.14 -107.84 7.34
C ALA A 105 -59.42 -108.80 6.42
N SER A 106 -59.31 -110.05 6.85
CA SER A 106 -58.72 -111.08 5.99
C SER A 106 -59.90 -111.87 5.48
N LYS A 107 -59.71 -112.77 4.52
CA LYS A 107 -60.86 -113.49 4.01
C LYS A 107 -61.45 -114.27 5.16
N ASP A 108 -60.61 -114.90 5.97
CA ASP A 108 -61.11 -115.60 7.15
C ASP A 108 -61.71 -114.61 8.12
N GLY A 109 -61.06 -113.47 8.31
CA GLY A 109 -61.53 -112.49 9.28
C GLY A 109 -62.79 -111.70 9.00
N ILE A 110 -63.58 -111.46 10.03
CA ILE A 110 -64.77 -110.64 9.89
C ILE A 110 -64.31 -109.19 9.77
N PRO A 111 -65.01 -108.36 8.97
CA PRO A 111 -64.50 -106.99 8.90
C PRO A 111 -64.44 -106.32 10.25
N MET A 112 -63.33 -105.63 10.51
CA MET A 112 -63.13 -105.03 11.82
C MET A 112 -63.06 -103.52 11.73
N LEU A 113 -63.78 -102.85 12.62
CA LEU A 113 -63.71 -101.39 12.66
C LEU A 113 -62.96 -100.97 13.89
N THR A 114 -61.90 -100.20 13.72
CA THR A 114 -61.17 -99.70 14.87
C THR A 114 -61.34 -98.20 14.93
N VAL A 115 -61.90 -97.70 16.03
CA VAL A 115 -62.14 -96.28 16.15
C VAL A 115 -61.42 -95.71 17.35
N ASN A 116 -60.66 -94.65 17.15
CA ASN A 116 -59.90 -94.06 18.23
C ASN A 116 -60.32 -92.62 18.46
N TRP A 117 -60.53 -92.25 19.72
CA TRP A 117 -60.99 -90.90 20.03
C TRP A 117 -60.10 -90.17 21.01
N ARG A 118 -59.96 -88.86 20.86
CA ARG A 118 -59.23 -88.09 21.86
C ARG A 118 -60.16 -86.96 22.23
N THR A 119 -60.44 -86.81 23.51
CA THR A 119 -61.39 -85.78 23.91
C THR A 119 -60.77 -84.41 23.63
N SER A 120 -61.59 -83.49 23.14
CA SER A 120 -61.04 -82.19 22.77
C SER A 120 -61.46 -81.11 23.75
N GLY A 121 -60.47 -80.49 24.39
CA GLY A 121 -60.75 -79.42 25.35
C GLY A 121 -61.52 -79.91 26.56
N ALA A 122 -61.43 -81.20 26.86
CA ALA A 122 -62.18 -81.76 27.98
C ALA A 122 -61.48 -82.95 28.61
N LEU A 123 -61.84 -83.26 29.84
CA LEU A 123 -61.29 -84.44 30.50
C LEU A 123 -62.46 -85.34 30.82
N PRO A 124 -62.34 -86.65 30.54
CA PRO A 124 -63.50 -87.52 30.75
C PRO A 124 -63.97 -87.51 32.19
N GLN A 125 -65.27 -87.48 32.38
CA GLN A 125 -65.81 -87.41 33.72
C GLN A 125 -66.24 -88.80 34.14
N LYS A 126 -65.69 -89.28 35.25
CA LYS A 126 -66.04 -90.60 35.72
C LYS A 126 -67.30 -90.54 36.56
N ALA A 127 -68.43 -90.29 35.91
CA ALA A 127 -69.71 -90.19 36.61
C ALA A 127 -70.24 -91.57 36.99
N THR A 128 -71.20 -91.62 37.91
CA THR A 128 -71.80 -92.90 38.24
C THR A 128 -73.23 -92.89 37.73
N VAL A 129 -73.60 -93.91 36.97
CA VAL A 129 -74.97 -94.01 36.51
C VAL A 129 -75.74 -94.92 37.46
N SER A 130 -76.80 -94.39 38.04
CA SER A 130 -77.59 -95.17 38.98
C SER A 130 -79.07 -95.21 38.63
N MET B 1 -36.08 -112.62 49.64
CA MET B 1 -37.30 -113.21 49.12
C MET B 1 -38.46 -113.04 50.08
N LEU B 2 -39.62 -112.63 49.56
CA LEU B 2 -40.81 -112.40 50.38
C LEU B 2 -41.91 -113.02 49.55
N LYS B 3 -43.08 -113.29 50.12
CA LYS B 3 -44.17 -113.78 49.26
C LYS B 3 -44.79 -112.82 48.22
N GLY B 4 -45.18 -111.62 48.64
CA GLY B 4 -45.78 -110.65 47.75
C GLY B 4 -47.28 -110.78 47.56
N LYS B 5 -47.85 -111.97 47.81
CA LYS B 5 -49.30 -112.13 47.75
C LYS B 5 -49.89 -111.37 48.90
N ASP B 6 -49.23 -111.48 50.06
CA ASP B 6 -49.70 -110.79 51.25
C ASP B 6 -49.32 -109.33 51.19
N GLY B 7 -48.47 -108.96 50.23
CA GLY B 7 -48.00 -107.60 50.18
C GLY B 7 -49.10 -106.59 50.02
N VAL B 8 -49.03 -105.52 50.80
CA VAL B 8 -50.07 -104.51 50.74
C VAL B 8 -49.52 -103.22 50.20
N VAL B 9 -50.08 -102.75 49.10
CA VAL B 9 -49.67 -101.45 48.61
C VAL B 9 -50.77 -100.61 49.20
N LYS B 10 -50.42 -99.75 50.14
CA LYS B 10 -51.44 -98.98 50.80
C LYS B 10 -51.06 -97.52 50.76
N ASN B 11 -52.06 -96.64 50.72
CA ASN B 11 -51.74 -95.24 50.60
C ASN B 11 -51.24 -94.75 51.92
N ALA B 12 -50.10 -94.08 51.95
CA ALA B 12 -49.67 -93.53 53.22
C ALA B 12 -50.65 -92.45 53.64
N SER B 13 -51.02 -91.58 52.70
CA SER B 13 -51.88 -90.47 53.09
C SER B 13 -53.28 -90.90 53.47
N THR B 14 -53.92 -91.73 52.66
CA THR B 14 -55.23 -92.26 53.03
C THR B 14 -55.18 -93.25 54.18
N GLY B 15 -54.13 -94.06 54.21
CA GLY B 15 -54.02 -95.09 55.24
C GLY B 15 -54.63 -96.42 54.85
N ASP B 16 -55.12 -96.53 53.62
CA ASP B 16 -55.78 -97.76 53.19
C ASP B 16 -55.32 -98.29 51.84
N SER B 17 -55.49 -99.58 51.62
CA SER B 17 -55.07 -100.19 50.36
C SER B 17 -55.84 -99.66 49.16
N ILE B 18 -55.16 -99.51 48.03
CA ILE B 18 -55.79 -98.98 46.82
C ILE B 18 -56.93 -99.84 46.28
N GLY B 19 -56.79 -101.15 46.35
CA GLY B 19 -57.81 -102.01 45.77
C GLY B 19 -57.32 -103.43 45.56
N HIS B 20 -57.93 -104.13 44.60
CA HIS B 20 -57.53 -105.49 44.31
C HIS B 20 -56.33 -105.40 43.40
N LEU B 21 -55.15 -105.20 43.98
CA LEU B 21 -53.94 -105.01 43.19
C LEU B 21 -53.43 -106.23 42.47
N GLN B 22 -52.95 -106.05 41.24
CA GLN B 22 -52.34 -107.16 40.52
C GLN B 22 -50.83 -107.11 40.68
N SER B 23 -50.26 -105.91 40.67
CA SER B 23 -48.82 -105.80 40.73
C SER B 23 -48.32 -104.49 41.29
N TRP B 24 -47.08 -104.47 41.78
CA TRP B 24 -46.49 -103.22 42.25
C TRP B 24 -45.09 -103.08 41.67
N ALA B 25 -44.73 -101.89 41.23
CA ALA B 25 -43.37 -101.66 40.73
C ALA B 25 -42.72 -100.44 41.36
N LEU B 26 -41.51 -100.59 41.88
CA LEU B 26 -40.78 -99.43 42.38
C LEU B 26 -39.38 -99.45 41.83
N ASP B 27 -38.96 -98.38 41.17
CA ASP B 27 -37.58 -98.31 40.73
C ASP B 27 -36.95 -96.99 41.13
N THR B 28 -35.76 -97.05 41.72
CA THR B 28 -35.07 -95.83 42.07
C THR B 28 -33.95 -95.70 41.08
N GLN B 29 -33.94 -94.61 40.33
CA GLN B 29 -32.93 -94.45 39.30
C GLN B 29 -32.00 -93.31 39.61
N ARG B 30 -30.70 -93.59 39.64
CA ARG B 30 -29.74 -92.52 39.85
C ARG B 30 -28.93 -92.36 38.58
N ASP B 31 -29.02 -91.20 37.98
CA ASP B 31 -28.23 -90.94 36.77
C ASP B 31 -26.78 -90.71 37.16
N GLU B 32 -25.86 -90.98 36.25
CA GLU B 32 -24.44 -90.75 36.52
C GLU B 32 -23.76 -90.02 35.38
N VAL B 33 -22.69 -89.31 35.68
CA VAL B 33 -21.94 -88.63 34.63
C VAL B 33 -20.61 -89.36 34.45
N SER B 34 -20.35 -89.83 33.24
CA SER B 34 -19.11 -90.58 33.00
C SER B 34 -18.15 -89.74 32.18
N GLY B 35 -16.93 -89.57 32.68
CA GLY B 35 -15.97 -88.77 31.98
C GLY B 35 -14.62 -89.39 31.72
N TRP B 36 -14.13 -89.29 30.49
CA TRP B 36 -12.81 -89.80 30.17
C TRP B 36 -12.08 -88.83 29.25
N GLY B 37 -10.76 -88.92 29.23
CA GLY B 37 -9.96 -88.04 28.39
C GLY B 37 -9.16 -88.90 27.47
N MET B 38 -8.72 -88.36 26.33
CA MET B 38 -8.01 -89.17 25.34
C MET B 38 -6.70 -89.73 25.86
N GLY B 39 -6.08 -89.09 26.84
CA GLY B 39 -4.87 -89.64 27.44
C GLY B 39 -5.21 -90.58 28.60
N ASP B 40 -6.50 -90.77 28.88
CA ASP B 40 -6.92 -91.67 29.95
C ASP B 40 -7.68 -92.88 29.39
N ASP B 41 -7.30 -94.09 29.83
CA ASP B 41 -7.94 -95.31 29.32
C ASP B 41 -9.33 -95.66 29.84
N ALA B 42 -9.78 -95.03 30.93
CA ALA B 42 -11.06 -95.38 31.53
C ALA B 42 -11.93 -94.18 31.87
N GLU B 43 -13.24 -94.38 31.96
CA GLU B 43 -14.15 -93.28 32.28
C GLU B 43 -14.65 -93.36 33.70
N ARG B 44 -14.53 -92.26 34.44
CA ARG B 44 -14.94 -92.25 35.84
C ARG B 44 -16.36 -91.75 35.94
N ALA B 45 -17.21 -92.48 36.64
CA ALA B 45 -18.61 -92.11 36.72
C ALA B 45 -19.03 -91.62 38.10
N PHE B 46 -19.68 -90.46 38.14
CA PHE B 46 -20.16 -89.94 39.40
C PHE B 46 -21.68 -89.80 39.34
N THR B 47 -22.39 -90.42 40.27
CA THR B 47 -23.85 -90.35 40.26
C THR B 47 -24.36 -88.97 40.63
N THR B 48 -25.34 -88.49 39.89
CA THR B 48 -25.89 -87.16 40.14
C THR B 48 -27.28 -87.21 40.76
N VAL B 49 -28.28 -86.78 40.00
CA VAL B 49 -29.66 -86.78 40.50
C VAL B 49 -30.28 -88.16 40.62
N GLY B 50 -31.15 -88.35 41.59
CA GLY B 50 -31.84 -89.62 41.73
C GLY B 50 -33.34 -89.39 41.77
N ARG B 51 -34.10 -90.14 40.99
CA ARG B 51 -35.56 -90.01 41.02
C ARG B 51 -36.23 -91.38 41.09
N ALA B 52 -37.45 -91.41 41.61
CA ALA B 52 -38.16 -92.68 41.75
C ALA B 52 -39.44 -92.70 40.94
N SER B 53 -39.64 -93.76 40.17
CA SER B 53 -40.87 -93.90 39.40
C SER B 53 -41.45 -95.27 39.67
N GLY B 54 -42.77 -95.38 39.69
CA GLY B 54 -43.37 -96.68 39.88
C GLY B 54 -44.77 -96.82 39.34
N ASN B 55 -45.19 -98.05 39.06
CA ASN B 55 -46.56 -98.27 38.63
C ASN B 55 -47.22 -99.36 39.44
N PHE B 56 -48.42 -99.11 39.94
CA PHE B 56 -49.14 -100.19 40.63
C PHE B 56 -50.39 -100.55 39.86
N GLU B 57 -50.60 -101.83 39.63
CA GLU B 57 -51.74 -102.27 38.85
C GLU B 57 -52.88 -102.69 39.74
N VAL B 58 -54.09 -102.25 39.43
CA VAL B 58 -55.27 -102.57 40.24
C VAL B 58 -56.41 -102.97 39.33
N TYR B 59 -57.44 -103.58 39.88
CA TYR B 59 -58.61 -103.90 39.07
C TYR B 59 -59.56 -102.73 39.19
N LEU B 60 -59.99 -102.17 38.07
CA LEU B 60 -60.82 -100.97 38.14
C LEU B 60 -62.18 -101.26 38.74
N ASP B 61 -62.58 -100.46 39.73
CA ASP B 61 -63.87 -100.64 40.35
C ASP B 61 -64.47 -99.26 40.60
N PRO B 62 -65.81 -99.13 40.50
CA PRO B 62 -66.36 -97.81 40.82
C PRO B 62 -66.10 -97.48 42.28
N ALA B 63 -66.29 -98.45 43.17
CA ALA B 63 -65.99 -98.25 44.58
C ALA B 63 -64.54 -98.63 44.85
N ASP B 64 -63.61 -97.86 44.32
CA ASP B 64 -62.20 -98.15 44.57
C ASP B 64 -61.42 -96.93 45.01
N PRO B 65 -60.55 -97.10 46.01
CA PRO B 65 -59.67 -95.99 46.39
C PRO B 65 -58.79 -95.65 45.20
N SER B 66 -58.39 -96.65 44.43
CA SER B 66 -57.60 -96.40 43.24
C SER B 66 -58.42 -95.56 42.27
N ASP B 67 -59.71 -95.82 42.16
CA ASP B 67 -60.57 -95.00 41.30
C ASP B 67 -60.57 -93.57 41.81
N ASP B 68 -60.59 -93.41 43.12
CA ASP B 68 -60.56 -92.07 43.70
C ASP B 68 -59.25 -91.39 43.31
N LEU B 69 -58.15 -92.13 43.29
CA LEU B 69 -56.87 -91.57 42.89
C LEU B 69 -56.92 -91.10 41.44
N GLU B 70 -56.30 -89.97 41.14
CA GLU B 70 -56.36 -89.41 39.79
C GLU B 70 -54.99 -88.99 39.29
N PRO B 71 -54.82 -88.90 37.97
CA PRO B 71 -53.54 -88.39 37.49
C PRO B 71 -53.36 -86.97 37.97
N GLY B 72 -52.14 -86.61 38.36
CA GLY B 72 -51.93 -85.28 38.92
C GLY B 72 -52.19 -85.21 40.41
N ASP B 73 -52.38 -86.35 41.06
CA ASP B 73 -52.57 -86.34 42.51
C ASP B 73 -51.25 -86.61 43.19
N LEU B 74 -50.85 -85.75 44.12
CA LEU B 74 -49.64 -85.98 44.86
C LEU B 74 -50.02 -86.71 46.11
N VAL B 75 -49.72 -88.00 46.16
CA VAL B 75 -50.10 -88.81 47.30
C VAL B 75 -48.95 -89.68 47.78
N ASP B 76 -48.74 -89.76 49.09
CA ASP B 76 -47.70 -90.63 49.62
C ASP B 76 -48.17 -92.08 49.62
N LEU B 77 -47.24 -93.02 49.44
CA LEU B 77 -47.61 -94.43 49.43
C LEU B 77 -46.91 -95.25 50.49
N GLU B 78 -47.66 -95.93 51.35
CA GLU B 78 -47.05 -96.83 52.32
C GLU B 78 -47.02 -98.20 51.67
N LEU B 79 -46.03 -98.44 50.82
CA LEU B 79 -46.00 -99.70 50.11
C LEU B 79 -45.36 -100.76 50.97
N TYR B 80 -46.03 -101.90 51.13
CA TYR B 80 -45.41 -102.99 51.86
C TYR B 80 -45.19 -104.11 50.87
N PRO B 81 -43.92 -104.33 50.48
CA PRO B 81 -43.63 -105.46 49.60
C PRO B 81 -43.92 -106.80 50.24
N GLY B 82 -43.56 -106.94 51.52
CA GLY B 82 -43.79 -108.18 52.22
C GLY B 82 -45.11 -108.17 52.95
N GLY B 83 -45.85 -107.08 52.81
CA GLY B 83 -47.11 -106.97 53.48
C GLY B 83 -47.02 -106.30 54.82
N GLU B 84 -48.12 -106.27 55.56
CA GLU B 84 -48.14 -105.59 56.84
C GLU B 84 -47.52 -106.41 57.96
N SER B 85 -47.11 -107.64 57.64
CA SER B 85 -46.45 -108.45 58.64
C SER B 85 -45.21 -107.69 59.08
N THR B 86 -44.97 -107.63 60.38
CA THR B 86 -43.85 -106.84 60.89
C THR B 86 -42.49 -107.33 60.46
N GLY B 87 -41.58 -106.40 60.21
CA GLY B 87 -40.22 -106.75 59.81
C GLY B 87 -40.07 -106.91 58.33
N SER B 88 -41.16 -106.85 57.58
CA SER B 88 -41.08 -106.92 56.14
C SER B 88 -40.47 -105.62 55.66
N GLY B 89 -39.62 -105.68 54.64
CA GLY B 89 -39.11 -104.44 54.10
C GLY B 89 -40.31 -103.71 53.54
N TYR B 90 -40.43 -102.42 53.84
CA TYR B 90 -41.55 -101.65 53.34
C TYR B 90 -41.08 -100.29 52.83
N ARG B 91 -41.65 -99.82 51.74
CA ARG B 91 -41.18 -98.56 51.20
C ARG B 91 -42.15 -97.45 51.52
N SER B 92 -41.69 -96.46 52.27
CA SER B 92 -42.54 -95.32 52.58
C SER B 92 -42.36 -94.28 51.49
N VAL B 93 -43.01 -94.48 50.36
CA VAL B 93 -42.93 -93.49 49.29
C VAL B 93 -43.54 -92.22 49.80
N ALA B 94 -42.90 -91.09 49.51
CA ALA B 94 -43.42 -89.82 49.98
C ALA B 94 -43.77 -88.92 48.83
N GLY B 95 -44.99 -88.39 48.83
CA GLY B 95 -45.40 -87.45 47.80
C GLY B 95 -45.27 -87.94 46.38
N ALA B 96 -45.57 -89.20 46.13
CA ALA B 96 -45.55 -89.69 44.76
C ALA B 96 -46.63 -88.98 43.98
N LEU B 97 -46.33 -88.58 42.75
CA LEU B 97 -47.30 -87.87 41.96
C LEU B 97 -47.82 -88.80 40.89
N ILE B 98 -49.13 -89.03 40.90
CA ILE B 98 -49.71 -89.93 39.92
C ILE B 98 -49.57 -89.28 38.56
N LEU B 99 -49.09 -90.03 37.58
CA LEU B 99 -48.88 -89.46 36.27
C LEU B 99 -50.04 -89.79 35.35
N SER B 100 -50.42 -91.06 35.32
CA SER B 100 -51.48 -91.48 34.41
C SER B 100 -52.25 -92.69 34.88
N THR B 101 -53.49 -92.83 34.42
CA THR B 101 -54.28 -94.00 34.76
C THR B 101 -54.83 -94.61 33.48
N ALA B 102 -54.83 -95.93 33.40
CA ALA B 102 -55.37 -96.59 32.22
C ALA B 102 -56.56 -97.48 32.59
N GLU B 103 -57.66 -97.35 31.85
CA GLU B 103 -58.86 -98.13 32.14
C GLU B 103 -59.34 -98.80 30.87
N SER B 104 -58.67 -99.87 30.47
CA SER B 104 -59.03 -100.53 29.22
C SER B 104 -59.41 -101.99 29.41
N ALA B 105 -60.56 -102.39 28.88
CA ALA B 105 -60.93 -103.80 28.94
C ALA B 105 -61.70 -104.29 27.73
N SER B 106 -61.49 -105.55 27.37
CA SER B 106 -62.25 -106.14 26.27
C SER B 106 -63.59 -106.59 26.84
N LYS B 107 -64.50 -107.04 25.99
CA LYS B 107 -65.75 -107.55 26.53
C LYS B 107 -65.43 -108.73 27.43
N ASP B 108 -64.55 -109.61 27.01
CA ASP B 108 -64.13 -110.70 27.88
C ASP B 108 -63.32 -110.17 29.05
N GLY B 109 -62.46 -109.20 28.81
CA GLY B 109 -61.58 -108.69 29.86
C GLY B 109 -62.15 -107.97 31.04
N ILE B 110 -61.55 -108.17 32.21
CA ILE B 110 -61.98 -107.46 33.40
C ILE B 110 -61.37 -106.06 33.34
N PRO B 111 -62.17 -105.02 33.63
CA PRO B 111 -61.58 -103.70 33.67
C PRO B 111 -60.38 -103.61 34.59
N MET B 112 -59.33 -102.98 34.08
CA MET B 112 -58.10 -102.89 34.84
C MET B 112 -57.72 -101.45 35.03
N LEU B 113 -57.15 -101.14 36.17
CA LEU B 113 -56.67 -99.79 36.41
C LEU B 113 -55.16 -99.85 36.47
N THR B 114 -54.48 -99.12 35.59
CA THR B 114 -53.04 -99.09 35.67
C THR B 114 -52.65 -97.71 36.12
N VAL B 115 -52.03 -97.62 37.28
CA VAL B 115 -51.71 -96.30 37.82
C VAL B 115 -50.22 -96.11 37.87
N ASN B 116 -49.74 -95.07 37.20
CA ASN B 116 -48.31 -94.84 37.14
C ASN B 116 -48.01 -93.59 37.95
N TRP B 117 -47.00 -93.67 38.79
CA TRP B 117 -46.62 -92.52 39.60
C TRP B 117 -45.14 -92.21 39.45
N ARG B 118 -44.80 -90.93 39.59
CA ARG B 118 -43.39 -90.56 39.56
C ARG B 118 -43.20 -89.65 40.74
N THR B 119 -41.99 -89.62 41.29
CA THR B 119 -41.78 -88.84 42.50
C THR B 119 -41.80 -87.33 42.31
N SER B 120 -42.02 -86.59 43.39
CA SER B 120 -42.09 -85.13 43.33
C SER B 120 -40.82 -84.50 43.86
N GLY B 121 -39.70 -85.21 43.82
CA GLY B 121 -38.49 -84.69 44.43
C GLY B 121 -38.23 -85.32 45.78
N ALA B 122 -38.98 -86.36 46.10
CA ALA B 122 -38.79 -87.06 47.38
C ALA B 122 -38.34 -88.49 47.13
N LEU B 123 -37.69 -89.09 48.11
CA LEU B 123 -37.22 -90.45 47.95
C LEU B 123 -37.95 -91.39 48.89
N PRO B 124 -38.45 -92.51 48.35
CA PRO B 124 -39.12 -93.49 49.19
C PRO B 124 -38.14 -94.06 50.22
N GLN B 125 -38.61 -94.26 51.44
CA GLN B 125 -37.73 -94.74 52.49
C GLN B 125 -37.96 -96.21 52.73
N LYS B 126 -36.90 -97.00 52.66
CA LYS B 126 -37.05 -98.44 52.84
C LYS B 126 -37.03 -98.81 54.31
N ALA B 127 -38.05 -98.40 55.04
CA ALA B 127 -38.16 -98.74 56.46
C ALA B 127 -38.73 -100.14 56.66
N THR B 128 -38.63 -100.67 57.86
CA THR B 128 -39.25 -101.97 58.11
C THR B 128 -40.51 -101.74 58.91
N VAL B 129 -41.61 -102.34 58.48
CA VAL B 129 -42.85 -102.20 59.23
C VAL B 129 -42.62 -102.78 60.61
N SER B 130 -43.12 -102.11 61.64
CA SER B 130 -42.87 -102.57 63.01
C SER B 130 -44.18 -102.64 63.79
N MET C 1 -17.07 -123.42 30.14
CA MET C 1 -18.36 -123.57 30.78
C MET C 1 -18.17 -124.02 32.22
N LEU C 2 -18.99 -123.52 33.13
CA LEU C 2 -18.92 -123.97 34.52
C LEU C 2 -20.27 -124.56 34.83
N LYS C 3 -20.94 -124.05 35.85
CA LYS C 3 -22.30 -124.53 36.15
C LYS C 3 -23.25 -123.34 36.20
N GLY C 4 -22.81 -122.27 36.84
CA GLY C 4 -23.63 -121.07 36.99
C GLY C 4 -24.26 -121.12 38.35
N LYS C 5 -24.51 -122.30 38.89
CA LYS C 5 -25.00 -122.41 40.25
C LYS C 5 -23.82 -122.00 41.09
N ASP C 6 -22.63 -122.46 40.67
CA ASP C 6 -21.42 -122.11 41.39
C ASP C 6 -21.19 -120.61 41.32
N GLY C 7 -21.53 -120.01 40.19
CA GLY C 7 -21.32 -118.59 40.06
C GLY C 7 -22.10 -117.87 41.13
N VAL C 8 -21.42 -117.03 41.89
CA VAL C 8 -22.08 -116.27 42.94
C VAL C 8 -21.54 -114.86 42.92
N VAL C 9 -22.41 -113.88 43.10
CA VAL C 9 -21.92 -112.53 43.19
C VAL C 9 -21.74 -112.28 44.66
N LYS C 10 -20.51 -111.99 45.05
CA LYS C 10 -20.24 -111.73 46.44
C LYS C 10 -19.81 -110.28 46.47
N ASN C 11 -20.34 -109.51 47.40
CA ASN C 11 -19.87 -108.15 47.50
C ASN C 11 -18.48 -108.23 48.07
N ALA C 12 -17.52 -107.71 47.33
CA ALA C 12 -16.15 -107.70 47.82
C ALA C 12 -16.09 -106.83 49.05
N SER C 13 -16.80 -105.70 49.00
CA SER C 13 -16.75 -104.77 50.12
C SER C 13 -17.31 -105.31 51.43
N THR C 14 -18.44 -105.99 51.39
CA THR C 14 -18.99 -106.58 52.60
C THR C 14 -18.39 -107.94 52.92
N GLY C 15 -17.76 -108.55 51.93
CA GLY C 15 -17.17 -109.86 52.13
C GLY C 15 -18.19 -110.98 52.12
N ASP C 16 -19.42 -110.68 51.70
CA ASP C 16 -20.45 -111.70 51.64
C ASP C 16 -21.27 -111.63 50.37
N SER C 17 -21.88 -112.75 49.99
CA SER C 17 -22.71 -112.78 48.80
C SER C 17 -23.93 -111.89 48.97
N ILE C 18 -24.37 -111.27 47.89
CA ILE C 18 -25.49 -110.33 47.97
C ILE C 18 -26.78 -110.98 48.44
N GLY C 19 -27.04 -112.22 48.02
CA GLY C 19 -28.26 -112.89 48.40
C GLY C 19 -28.65 -114.04 47.52
N HIS C 20 -29.92 -114.40 47.54
CA HIS C 20 -30.40 -115.47 46.68
C HIS C 20 -30.43 -114.82 45.33
N LEU C 21 -29.59 -115.29 44.41
CA LEU C 21 -29.50 -114.59 43.14
C LEU C 21 -30.00 -115.34 41.93
N GLN C 22 -30.96 -114.75 41.24
CA GLN C 22 -31.47 -115.36 40.02
C GLN C 22 -30.43 -115.42 38.89
N SER C 23 -29.68 -114.34 38.70
CA SER C 23 -28.72 -114.30 37.60
C SER C 23 -27.57 -113.30 37.80
N TRP C 24 -26.46 -113.52 37.08
CA TRP C 24 -25.36 -112.55 37.14
C TRP C 24 -24.88 -112.19 35.73
N ALA C 25 -24.61 -110.92 35.49
CA ALA C 25 -24.18 -110.49 34.17
C ALA C 25 -22.93 -109.61 34.18
N LEU C 26 -21.98 -109.88 33.30
CA LEU C 26 -20.82 -109.00 33.18
C LEU C 26 -20.58 -108.74 31.72
N ASP C 27 -20.42 -107.48 31.32
CA ASP C 27 -20.07 -107.22 29.92
C ASP C 27 -18.90 -106.26 29.84
N THR C 28 -17.90 -106.59 29.04
CA THR C 28 -16.74 -105.72 28.89
C THR C 28 -16.72 -105.22 27.47
N GLN C 29 -16.70 -103.91 27.29
CA GLN C 29 -16.73 -103.33 25.95
C GLN C 29 -15.58 -102.39 25.68
N ARG C 30 -14.87 -102.58 24.57
CA ARG C 30 -13.84 -101.64 24.20
C ARG C 30 -14.31 -101.00 22.90
N ASP C 31 -14.54 -99.69 22.92
CA ASP C 31 -15.04 -99.00 21.73
C ASP C 31 -13.92 -98.76 20.74
N GLU C 32 -14.27 -98.59 19.47
CA GLU C 32 -13.26 -98.37 18.44
C GLU C 32 -13.63 -97.26 17.48
N VAL C 33 -12.63 -96.65 16.87
CA VAL C 33 -12.89 -95.63 15.87
C VAL C 33 -12.38 -96.13 14.53
N SER C 34 -13.23 -96.08 13.51
CA SER C 34 -12.79 -96.51 12.19
C SER C 34 -12.79 -95.33 11.22
N GLY C 35 -11.64 -95.11 10.57
CA GLY C 35 -11.55 -94.03 9.62
C GLY C 35 -10.92 -94.45 8.31
N TRP C 36 -11.41 -93.92 7.20
CA TRP C 36 -10.87 -94.26 5.90
C TRP C 36 -10.67 -93.06 5.01
N GLY C 37 -9.65 -93.09 4.16
CA GLY C 37 -9.45 -92.00 3.21
C GLY C 37 -10.56 -92.19 2.20
N MET C 38 -10.93 -91.15 1.47
CA MET C 38 -12.08 -91.30 0.58
C MET C 38 -11.83 -92.41 -0.43
N GLY C 39 -10.61 -92.50 -0.96
CA GLY C 39 -10.30 -93.63 -1.82
C GLY C 39 -9.77 -94.80 -1.02
N ASP C 40 -10.60 -95.38 -0.15
CA ASP C 40 -10.19 -96.56 0.62
C ASP C 40 -11.16 -97.73 0.55
N ASP C 41 -10.65 -98.92 0.30
CA ASP C 41 -11.49 -100.11 0.27
C ASP C 41 -12.08 -100.43 1.63
N ALA C 42 -11.29 -100.26 2.69
CA ALA C 42 -11.75 -100.58 4.03
C ALA C 42 -11.32 -99.52 5.04
N GLU C 43 -11.97 -99.49 6.19
CA GLU C 43 -11.67 -98.46 7.18
C GLU C 43 -10.82 -98.98 8.33
N ARG C 44 -9.66 -98.38 8.54
CA ARG C 44 -8.79 -98.79 9.62
C ARG C 44 -9.45 -98.52 10.96
N ALA C 45 -9.39 -99.49 11.87
CA ALA C 45 -10.08 -99.33 13.15
C ALA C 45 -9.13 -99.39 14.33
N PHE C 46 -9.23 -98.41 15.22
CA PHE C 46 -8.39 -98.40 16.40
C PHE C 46 -9.23 -98.33 17.67
N THR C 47 -8.97 -99.23 18.62
CA THR C 47 -9.72 -99.25 19.88
C THR C 47 -9.43 -98.04 20.75
N THR C 48 -10.41 -97.59 21.51
CA THR C 48 -10.23 -96.44 22.38
C THR C 48 -10.50 -96.77 23.85
N VAL C 49 -11.50 -96.11 24.44
CA VAL C 49 -11.82 -96.34 25.85
C VAL C 49 -12.40 -97.72 26.15
N GLY C 50 -12.10 -98.25 27.33
CA GLY C 50 -12.68 -99.52 27.72
C GLY C 50 -13.49 -99.32 28.98
N ARG C 51 -14.73 -99.78 28.97
CA ARG C 51 -15.59 -99.66 30.15
C ARG C 51 -16.43 -100.91 30.30
N ALA C 52 -16.87 -101.20 31.52
CA ALA C 52 -17.66 -102.40 31.74
C ALA C 52 -18.88 -102.15 32.60
N SER C 53 -19.92 -102.94 32.38
CA SER C 53 -21.12 -102.82 33.18
C SER C 53 -21.62 -104.21 33.53
N GLY C 54 -22.37 -104.33 34.62
CA GLY C 54 -22.94 -105.63 34.96
C GLY C 54 -24.23 -105.53 35.73
N ASN C 55 -25.07 -106.54 35.63
CA ASN C 55 -26.32 -106.55 36.39
C ASN C 55 -26.48 -107.85 37.16
N PHE C 56 -26.83 -107.75 38.43
CA PHE C 56 -27.10 -108.98 39.18
C PHE C 56 -28.54 -108.99 39.68
N GLU C 57 -29.23 -110.11 39.47
CA GLU C 57 -30.62 -110.20 39.89
C GLU C 57 -30.73 -110.94 41.20
N VAL C 58 -31.45 -110.36 42.16
CA VAL C 58 -31.56 -110.96 43.48
C VAL C 58 -33.02 -110.99 43.89
N TYR C 59 -33.34 -111.73 44.94
CA TYR C 59 -34.71 -111.71 45.44
C TYR C 59 -34.73 -110.70 46.56
N LEU C 60 -35.64 -109.74 46.49
CA LEU C 60 -35.66 -108.67 47.49
C LEU C 60 -35.98 -109.21 48.88
N ASP C 61 -35.17 -108.82 49.87
CA ASP C 61 -35.38 -109.28 51.24
C ASP C 61 -35.00 -108.16 52.20
N PRO C 62 -35.69 -108.05 53.34
CA PRO C 62 -35.23 -107.04 54.29
C PRO C 62 -33.82 -107.36 54.77
N ALA C 63 -33.56 -108.62 55.08
CA ALA C 63 -32.22 -109.02 55.49
C ALA C 63 -31.38 -109.43 54.29
N ASP C 64 -31.07 -108.46 53.43
CA ASP C 64 -30.22 -108.77 52.28
C ASP C 64 -29.13 -107.74 52.13
N PRO C 65 -27.91 -108.20 51.82
CA PRO C 65 -26.84 -107.25 51.54
C PRO C 65 -27.23 -106.42 50.35
N SER C 66 -27.91 -107.03 49.38
CA SER C 66 -28.39 -106.29 48.23
C SER C 66 -29.38 -105.20 48.65
N ASP C 67 -30.24 -105.48 49.61
CA ASP C 67 -31.17 -104.46 50.09
C ASP C 67 -30.40 -103.31 50.70
N ASP C 68 -29.34 -103.63 51.44
CA ASP C 68 -28.51 -102.60 52.04
C ASP C 68 -27.88 -101.75 50.94
N LEU C 69 -27.49 -102.39 49.84
CA LEU C 69 -26.88 -101.66 48.74
C LEU C 69 -27.87 -100.66 48.14
N GLU C 70 -27.38 -99.50 47.74
CA GLU C 70 -28.26 -98.46 47.21
C GLU C 70 -27.77 -97.94 45.87
N PRO C 71 -28.68 -97.37 45.07
CA PRO C 71 -28.21 -96.77 43.82
C PRO C 71 -27.29 -95.63 44.14
N GLY C 72 -26.24 -95.44 43.33
CA GLY C 72 -25.28 -94.41 43.63
C GLY C 72 -24.20 -94.85 44.59
N ASP C 73 -24.14 -96.14 44.91
CA ASP C 73 -23.07 -96.62 45.77
C ASP C 73 -21.92 -97.14 44.93
N LEU C 74 -20.73 -96.62 45.17
CA LEU C 74 -19.57 -97.13 44.46
C LEU C 74 -19.09 -98.27 45.31
N VAL C 75 -19.42 -99.48 44.92
CA VAL C 75 -19.09 -100.63 45.74
C VAL C 75 -18.32 -101.68 44.94
N ASP C 76 -17.24 -102.19 45.50
CA ASP C 76 -16.46 -103.22 44.81
C ASP C 76 -17.24 -104.52 44.78
N LEU C 77 -17.08 -105.29 43.72
CA LEU C 77 -17.82 -106.54 43.58
C LEU C 77 -16.86 -107.68 43.34
N GLU C 78 -17.25 -108.87 43.77
CA GLU C 78 -16.42 -110.04 43.52
C GLU C 78 -17.26 -111.14 42.93
N LEU C 79 -17.53 -111.04 41.63
CA LEU C 79 -18.27 -112.11 40.97
C LEU C 79 -17.41 -113.35 41.02
N TYR C 80 -18.03 -114.49 41.26
CA TYR C 80 -17.28 -115.74 41.32
C TYR C 80 -17.96 -116.74 40.43
N PRO C 81 -17.80 -116.61 39.10
CA PRO C 81 -18.50 -117.51 38.19
C PRO C 81 -18.10 -118.95 38.42
N GLY C 82 -16.82 -119.19 38.66
CA GLY C 82 -16.36 -120.53 38.97
C GLY C 82 -16.60 -120.86 40.43
N GLY C 83 -16.99 -119.86 41.21
CA GLY C 83 -17.18 -120.08 42.63
C GLY C 83 -15.89 -119.81 43.37
N GLU C 84 -15.86 -120.16 44.65
CA GLU C 84 -14.68 -119.92 45.47
C GLU C 84 -13.74 -121.12 45.45
N SER C 85 -14.07 -122.11 44.65
CA SER C 85 -13.26 -123.33 44.59
C SER C 85 -11.90 -123.07 43.97
N THR C 86 -10.96 -123.95 44.24
CA THR C 86 -9.60 -123.77 43.73
C THR C 86 -9.57 -123.74 42.21
N GLY C 87 -8.73 -122.88 41.65
CA GLY C 87 -8.64 -122.76 40.20
C GLY C 87 -9.93 -122.32 39.54
N SER C 88 -10.66 -121.41 40.18
CA SER C 88 -11.89 -120.92 39.59
C SER C 88 -11.73 -119.48 39.14
N GLY C 89 -11.99 -119.22 37.86
CA GLY C 89 -11.89 -117.86 37.36
C GLY C 89 -12.97 -117.01 38.00
N TYR C 90 -12.59 -115.82 38.44
CA TYR C 90 -13.55 -114.92 39.06
C TYR C 90 -13.28 -113.49 38.63
N ARG C 91 -14.31 -112.66 38.64
CA ARG C 91 -14.09 -111.30 38.20
C ARG C 91 -14.11 -110.39 39.41
N SER C 92 -13.02 -109.67 39.61
CA SER C 92 -12.97 -108.74 40.71
C SER C 92 -13.29 -107.39 40.16
N VAL C 93 -14.42 -106.84 40.58
CA VAL C 93 -14.84 -105.55 40.08
C VAL C 93 -14.49 -104.52 41.13
N ALA C 94 -13.90 -103.42 40.71
CA ALA C 94 -13.48 -102.42 41.67
C ALA C 94 -14.34 -101.18 41.56
N GLY C 95 -14.92 -100.76 42.69
CA GLY C 95 -15.70 -99.54 42.69
C GLY C 95 -16.82 -99.52 41.67
N ALA C 96 -17.52 -100.63 41.51
CA ALA C 96 -18.65 -100.63 40.60
C ALA C 96 -19.71 -99.68 41.13
N LEU C 97 -20.26 -98.86 40.26
CA LEU C 97 -21.23 -97.89 40.72
C LEU C 97 -22.61 -98.42 40.47
N ILE C 98 -23.38 -98.60 41.53
CA ILE C 98 -24.75 -99.04 41.36
C ILE C 98 -25.49 -97.92 40.67
N LEU C 99 -26.24 -98.26 39.62
CA LEU C 99 -26.98 -97.25 38.90
C LEU C 99 -28.42 -97.19 39.36
N SER C 100 -29.06 -98.35 39.44
CA SER C 100 -30.46 -98.39 39.85
C SER C 100 -30.85 -99.70 40.50
N THR C 101 -31.86 -99.67 41.36
CA THR C 101 -32.35 -100.89 41.95
C THR C 101 -33.82 -100.95 41.59
N ALA C 102 -34.28 -102.09 41.07
CA ALA C 102 -35.69 -102.22 40.77
C ALA C 102 -36.33 -103.16 41.76
N GLU C 103 -37.28 -102.67 42.54
CA GLU C 103 -38.00 -103.53 43.47
C GLU C 103 -39.41 -103.66 42.94
N SER C 104 -39.73 -104.80 42.34
CA SER C 104 -41.04 -104.96 41.75
C SER C 104 -41.57 -106.37 41.89
N ALA C 105 -42.87 -106.51 42.13
CA ALA C 105 -43.47 -107.84 42.17
C ALA C 105 -44.95 -107.85 41.89
N SER C 106 -45.47 -108.98 41.47
CA SER C 106 -46.91 -109.11 41.27
C SER C 106 -47.41 -109.86 42.49
N LYS C 107 -48.71 -109.99 42.67
CA LYS C 107 -49.18 -110.66 43.87
C LYS C 107 -48.64 -112.08 43.83
N ASP C 108 -48.72 -112.72 42.68
CA ASP C 108 -48.14 -114.05 42.55
C ASP C 108 -46.64 -114.01 42.71
N GLY C 109 -46.00 -113.00 42.12
CA GLY C 109 -44.55 -112.92 42.16
C GLY C 109 -43.84 -112.58 43.46
N ILE C 110 -42.71 -113.23 43.70
CA ILE C 110 -41.90 -112.92 44.87
C ILE C 110 -41.21 -111.56 44.64
N PRO C 111 -41.05 -110.74 45.69
CA PRO C 111 -40.40 -109.46 45.39
C PRO C 111 -39.03 -109.65 44.81
N MET C 112 -38.71 -108.87 43.79
CA MET C 112 -37.45 -109.04 43.10
C MET C 112 -36.57 -107.81 43.20
N LEU C 113 -35.29 -108.02 43.49
CA LEU C 113 -34.37 -106.92 43.53
C LEU C 113 -33.52 -107.02 42.27
N THR C 114 -33.55 -106.00 41.43
CA THR C 114 -32.68 -106.04 40.27
C THR C 114 -31.67 -104.93 40.41
N VAL C 115 -30.41 -105.28 40.49
CA VAL C 115 -29.39 -104.27 40.72
C VAL C 115 -28.37 -104.22 39.61
N ASN C 116 -28.13 -103.03 39.07
CA ASN C 116 -27.20 -102.91 37.96
C ASN C 116 -26.04 -102.02 38.35
N TRP C 117 -24.83 -102.43 38.00
CA TRP C 117 -23.65 -101.66 38.34
C TRP C 117 -22.79 -101.36 37.14
N ARG C 118 -22.12 -100.22 37.14
CA ARG C 118 -21.16 -99.95 36.07
C ARG C 118 -19.89 -99.56 36.79
N THR C 119 -18.80 -100.29 36.57
CA THR C 119 -17.60 -99.98 37.33
C THR C 119 -17.09 -98.62 36.91
N SER C 120 -16.70 -97.79 37.87
CA SER C 120 -16.31 -96.43 37.53
C SER C 120 -14.81 -96.22 37.55
N GLY C 121 -14.26 -95.87 36.41
CA GLY C 121 -12.82 -95.61 36.32
C GLY C 121 -12.01 -96.89 36.38
N ALA C 122 -12.66 -98.03 36.24
CA ALA C 122 -11.96 -99.31 36.37
C ALA C 122 -12.53 -100.39 35.48
N LEU C 123 -11.73 -101.41 35.20
CA LEU C 123 -12.24 -102.55 34.43
C LEU C 123 -12.05 -103.78 35.28
N PRO C 124 -13.08 -104.66 35.33
CA PRO C 124 -12.98 -105.81 36.23
C PRO C 124 -11.81 -106.70 35.88
N GLN C 125 -11.11 -107.19 36.89
CA GLN C 125 -9.94 -108.02 36.64
C GLN C 125 -10.37 -109.47 36.74
N LYS C 126 -10.10 -110.23 35.69
CA LYS C 126 -10.49 -111.62 35.68
C LYS C 126 -9.43 -112.46 36.39
N ALA C 127 -9.34 -112.30 37.70
CA ALA C 127 -8.37 -113.06 38.48
C ALA C 127 -8.84 -114.48 38.70
N THR C 128 -7.92 -115.37 39.07
CA THR C 128 -8.32 -116.73 39.36
C THR C 128 -8.24 -116.95 40.86
N VAL C 129 -9.33 -117.42 41.45
CA VAL C 129 -9.30 -117.71 42.88
C VAL C 129 -8.97 -119.18 43.07
N SER C 130 -7.91 -119.45 43.82
CA SER C 130 -7.51 -120.83 44.03
C SER C 130 -7.33 -121.19 45.50
N MET D 1 -24.04 -126.06 1.12
CA MET D 1 -24.37 -126.58 2.44
C MET D 1 -23.22 -127.38 3.04
N LEU D 2 -22.91 -127.15 4.30
CA LEU D 2 -21.83 -127.86 4.98
C LEU D 2 -22.49 -128.36 6.26
N LYS D 3 -21.75 -129.02 7.14
CA LYS D 3 -22.36 -129.41 8.41
C LYS D 3 -22.32 -128.35 9.50
N GLY D 4 -21.14 -127.82 9.77
CA GLY D 4 -20.98 -126.76 10.76
C GLY D 4 -20.74 -127.25 12.17
N LYS D 5 -21.09 -128.50 12.48
CA LYS D 5 -20.78 -129.07 13.78
C LYS D 5 -19.29 -129.26 13.85
N ASP D 6 -18.72 -129.73 12.76
CA ASP D 6 -17.28 -129.96 12.70
C ASP D 6 -16.56 -128.66 12.48
N GLY D 7 -17.29 -127.59 12.17
CA GLY D 7 -16.63 -126.34 11.84
C GLY D 7 -15.76 -125.84 12.96
N VAL D 8 -14.56 -125.41 12.61
CA VAL D 8 -13.63 -124.94 13.63
C VAL D 8 -13.38 -123.47 13.48
N VAL D 9 -13.66 -122.70 14.51
CA VAL D 9 -13.30 -121.30 14.45
C VAL D 9 -12.03 -121.33 15.26
N LYS D 10 -10.91 -121.11 14.61
CA LYS D 10 -9.66 -121.20 15.32
C LYS D 10 -8.90 -119.91 15.12
N ASN D 11 -8.21 -119.47 16.15
CA ASN D 11 -7.47 -118.26 16.03
C ASN D 11 -6.37 -118.52 15.04
N ALA D 12 -6.25 -117.68 14.02
CA ALA D 12 -5.16 -117.84 13.08
C ALA D 12 -3.84 -117.57 13.77
N SER D 13 -3.78 -116.51 14.56
CA SER D 13 -2.55 -116.15 15.23
C SER D 13 -2.11 -117.17 16.25
N THR D 14 -3.03 -117.60 17.12
CA THR D 14 -2.70 -118.64 18.09
C THR D 14 -2.54 -120.01 17.46
N GLY D 15 -3.36 -120.29 16.45
CA GLY D 15 -3.32 -121.60 15.82
C GLY D 15 -4.23 -122.62 16.48
N ASP D 16 -5.05 -122.19 17.44
CA ASP D 16 -5.94 -123.11 18.15
C ASP D 16 -7.36 -122.60 18.29
N SER D 17 -8.30 -123.51 18.48
CA SER D 17 -9.71 -123.13 18.64
C SER D 17 -9.99 -122.35 19.91
N ILE D 18 -10.95 -121.42 19.84
CA ILE D 18 -11.27 -120.59 21.01
C ILE D 18 -11.80 -121.34 22.22
N GLY D 19 -12.64 -122.35 22.00
CA GLY D 19 -13.20 -123.09 23.09
C GLY D 19 -14.45 -123.83 22.66
N HIS D 20 -15.23 -124.33 23.62
CA HIS D 20 -16.48 -124.98 23.27
C HIS D 20 -17.28 -123.88 22.62
N LEU D 21 -17.76 -124.11 21.39
CA LEU D 21 -18.43 -123.01 20.70
C LEU D 21 -19.84 -123.28 20.18
N GLN D 22 -20.80 -122.48 20.64
CA GLN D 22 -22.15 -122.58 20.12
C GLN D 22 -22.38 -122.07 18.69
N SER D 23 -21.80 -120.93 18.33
CA SER D 23 -22.09 -120.34 17.02
C SER D 23 -20.99 -119.47 16.43
N TRP D 24 -21.02 -119.31 15.11
CA TRP D 24 -20.06 -118.40 14.47
C TRP D 24 -20.83 -117.51 13.50
N ALA D 25 -20.54 -116.21 13.51
CA ALA D 25 -21.18 -115.31 12.57
C ALA D 25 -20.17 -114.47 11.81
N LEU D 26 -20.24 -114.46 10.49
CA LEU D 26 -19.37 -113.57 9.72
C LEU D 26 -20.22 -112.83 8.71
N ASP D 27 -20.14 -111.50 8.71
CA ASP D 27 -20.85 -110.76 7.67
C ASP D 27 -19.93 -109.78 6.98
N THR D 28 -19.94 -109.77 5.65
CA THR D 28 -19.14 -108.81 4.93
C THR D 28 -20.11 -107.82 4.36
N GLN D 29 -19.95 -106.56 4.72
CA GLN D 29 -20.90 -105.55 4.27
C GLN D 29 -20.22 -104.50 3.42
N ARG D 30 -20.78 -104.23 2.23
CA ARG D 30 -20.24 -103.18 1.40
C ARG D 30 -21.25 -102.06 1.29
N ASP D 31 -20.88 -100.86 1.75
CA ASP D 31 -21.78 -99.72 1.65
C ASP D 31 -21.86 -99.22 0.23
N GLU D 32 -23.00 -98.64 -0.15
CA GLU D 32 -23.17 -98.11 -1.50
C GLU D 32 -23.77 -96.71 -1.50
N VAL D 33 -23.49 -95.95 -2.55
CA VAL D 33 -24.09 -94.62 -2.66
C VAL D 33 -25.09 -94.64 -3.79
N SER D 34 -26.34 -94.29 -3.51
CA SER D 34 -27.37 -94.33 -4.52
C SER D 34 -27.79 -92.92 -4.90
N GLY D 35 -27.74 -92.61 -6.19
CA GLY D 35 -28.09 -91.27 -6.64
C GLY D 35 -29.09 -91.16 -7.76
N TRP D 36 -30.09 -90.31 -7.59
CA TRP D 36 -31.08 -90.10 -8.63
C TRP D 36 -31.32 -88.60 -8.78
N GLY D 37 -31.77 -88.17 -9.94
CA GLY D 37 -32.11 -86.77 -10.13
C GLY D 37 -33.50 -86.74 -10.71
N MET D 38 -34.28 -85.72 -10.38
CA MET D 38 -35.60 -85.61 -10.96
C MET D 38 -35.40 -85.48 -12.46
N GLY D 39 -36.23 -86.13 -13.26
CA GLY D 39 -35.99 -86.16 -14.69
C GLY D 39 -35.29 -87.46 -15.03
N ASP D 40 -35.14 -88.36 -14.06
CA ASP D 40 -34.54 -89.68 -14.28
C ASP D 40 -35.52 -90.68 -13.67
N ASP D 41 -35.40 -91.96 -13.97
CA ASP D 41 -36.29 -92.94 -13.31
C ASP D 41 -35.76 -93.73 -12.12
N ALA D 42 -34.44 -93.91 -12.01
CA ALA D 42 -33.89 -94.75 -10.93
C ALA D 42 -32.57 -94.25 -10.36
N GLU D 43 -32.21 -94.75 -9.18
CA GLU D 43 -30.97 -94.31 -8.56
C GLU D 43 -29.83 -95.29 -8.81
N ARG D 44 -28.78 -94.82 -9.47
CA ARG D 44 -27.62 -95.67 -9.70
C ARG D 44 -26.86 -95.85 -8.40
N ALA D 45 -26.44 -97.07 -8.12
CA ALA D 45 -25.77 -97.33 -6.86
C ALA D 45 -24.33 -97.79 -7.05
N PHE D 46 -23.40 -97.14 -6.36
CA PHE D 46 -22.00 -97.52 -6.46
C PHE D 46 -21.46 -97.88 -5.08
N THR D 47 -20.90 -99.08 -4.94
CA THR D 47 -20.33 -99.49 -3.66
C THR D 47 -19.05 -98.74 -3.34
N THR D 48 -18.94 -98.26 -2.10
CA THR D 48 -17.77 -97.47 -1.72
C THR D 48 -16.79 -98.13 -0.77
N VAL D 49 -17.28 -98.67 0.34
CA VAL D 49 -16.37 -99.24 1.34
C VAL D 49 -16.85 -100.60 1.80
N GLY D 50 -15.92 -101.46 2.19
CA GLY D 50 -16.28 -102.76 2.71
C GLY D 50 -15.71 -102.99 4.09
N ARG D 51 -16.55 -103.41 5.03
CA ARG D 51 -16.06 -103.73 6.36
C ARG D 51 -16.64 -105.05 6.83
N ALA D 52 -15.94 -105.74 7.71
CA ALA D 52 -16.40 -107.04 8.18
C ALA D 52 -16.61 -107.07 9.68
N SER D 53 -17.76 -107.56 10.10
CA SER D 53 -18.02 -107.68 11.52
C SER D 53 -18.49 -109.09 11.80
N GLY D 54 -18.14 -109.63 12.95
CA GLY D 54 -18.63 -110.96 13.29
C GLY D 54 -18.68 -111.26 14.76
N ASN D 55 -19.52 -112.20 15.15
CA ASN D 55 -19.55 -112.60 16.54
C ASN D 55 -19.45 -114.11 16.67
N PHE D 56 -18.57 -114.59 17.55
CA PHE D 56 -18.53 -116.04 17.78
C PHE D 56 -18.91 -116.33 19.23
N GLU D 57 -19.80 -117.30 19.42
CA GLU D 57 -20.26 -117.60 20.77
C GLU D 57 -19.51 -118.75 21.39
N VAL D 58 -19.03 -118.56 22.60
CA VAL D 58 -18.23 -119.58 23.28
C VAL D 58 -18.78 -119.79 24.67
N TYR D 59 -18.43 -120.92 25.29
CA TYR D 59 -18.85 -121.12 26.68
C TYR D 59 -17.72 -120.59 27.54
N LEU D 60 -18.02 -119.67 28.45
CA LEU D 60 -16.94 -119.06 29.23
C LEU D 60 -16.27 -120.05 30.17
N ASP D 61 -14.95 -120.12 30.11
CA ASP D 61 -14.20 -121.01 30.98
C ASP D 61 -12.95 -120.28 31.45
N PRO D 62 -12.51 -120.54 32.69
CA PRO D 62 -11.25 -119.91 33.08
C PRO D 62 -10.12 -120.40 32.20
N ALA D 63 -10.07 -121.70 31.93
CA ALA D 63 -9.07 -122.25 31.02
C ALA D 63 -9.58 -122.21 29.60
N ASP D 64 -9.76 -121.02 29.06
CA ASP D 64 -10.21 -120.90 27.68
C ASP D 64 -9.40 -119.90 26.88
N PRO D 65 -9.08 -120.25 25.63
CA PRO D 65 -8.41 -119.28 24.76
C PRO D 65 -9.33 -118.09 24.56
N SER D 66 -10.64 -118.34 24.51
CA SER D 66 -11.60 -117.25 24.39
C SER D 66 -11.51 -116.33 25.60
N ASP D 67 -11.30 -116.90 26.79
CA ASP D 67 -11.13 -116.06 27.98
C ASP D 67 -9.91 -115.19 27.79
N ASP D 68 -8.86 -115.76 27.20
CA ASP D 68 -7.64 -115.00 26.92
C ASP D 68 -7.90 -113.89 25.93
N LEU D 69 -8.88 -114.04 25.05
CA LEU D 69 -9.12 -113.04 24.03
C LEU D 69 -9.95 -111.89 24.56
N GLU D 70 -9.28 -110.87 25.11
CA GLU D 70 -9.97 -109.72 25.67
C GLU D 70 -10.51 -108.76 24.62
N PRO D 71 -11.50 -107.94 25.00
CA PRO D 71 -11.96 -106.93 24.04
C PRO D 71 -10.81 -105.97 23.74
N GLY D 72 -10.71 -105.52 22.51
CA GLY D 72 -9.58 -104.67 22.14
C GLY D 72 -8.37 -105.43 21.67
N ASP D 73 -8.49 -106.75 21.52
CA ASP D 73 -7.38 -107.53 21.01
C ASP D 73 -7.47 -107.60 19.49
N LEU D 74 -6.38 -107.26 18.82
CA LEU D 74 -6.37 -107.37 17.36
C LEU D 74 -5.80 -108.73 17.04
N VAL D 75 -6.65 -109.62 16.56
CA VAL D 75 -6.19 -110.98 16.31
C VAL D 75 -6.76 -111.54 15.01
N ASP D 76 -5.96 -112.31 14.28
CA ASP D 76 -6.45 -112.94 13.05
C ASP D 76 -7.23 -114.20 13.37
N LEU D 77 -8.24 -114.50 12.56
CA LEU D 77 -9.04 -115.69 12.79
C LEU D 77 -9.03 -116.64 11.61
N GLU D 78 -8.68 -117.90 11.82
CA GLU D 78 -8.77 -118.87 10.74
C GLU D 78 -10.10 -119.53 11.00
N LEU D 79 -11.12 -119.11 10.27
CA LEU D 79 -12.44 -119.65 10.55
C LEU D 79 -12.72 -120.70 9.52
N TYR D 80 -13.06 -121.89 9.98
CA TYR D 80 -13.44 -122.93 9.05
C TYR D 80 -14.92 -123.18 9.23
N PRO D 81 -15.74 -122.71 8.28
CA PRO D 81 -17.17 -123.02 8.35
C PRO D 81 -17.44 -124.51 8.22
N GLY D 82 -16.74 -125.17 7.32
CA GLY D 82 -16.94 -126.59 7.10
C GLY D 82 -16.00 -127.42 7.93
N GLY D 83 -15.19 -126.75 8.75
CA GLY D 83 -14.22 -127.46 9.57
C GLY D 83 -12.89 -127.60 8.90
N GLU D 84 -11.99 -128.34 9.53
CA GLU D 84 -10.64 -128.47 9.01
C GLU D 84 -10.54 -129.48 7.87
N SER D 85 -11.65 -130.15 7.56
CA SER D 85 -11.64 -131.07 6.45
C SER D 85 -11.25 -130.28 5.22
N THR D 86 -10.36 -130.84 4.42
CA THR D 86 -9.86 -130.10 3.26
C THR D 86 -10.91 -129.80 2.22
N GLY D 87 -10.80 -128.63 1.59
CA GLY D 87 -11.73 -128.25 0.55
C GLY D 87 -12.95 -127.53 1.09
N SER D 88 -13.08 -127.46 2.41
CA SER D 88 -14.17 -126.71 2.99
C SER D 88 -13.89 -125.25 2.77
N GLY D 89 -14.92 -124.47 2.47
CA GLY D 89 -14.69 -123.04 2.35
C GLY D 89 -14.27 -122.59 3.73
N TYR D 90 -13.22 -121.79 3.80
CA TYR D 90 -12.74 -121.29 5.08
C TYR D 90 -12.40 -119.81 5.00
N ARG D 91 -12.69 -119.06 6.05
CA ARG D 91 -12.44 -117.63 5.96
C ARG D 91 -11.21 -117.27 6.75
N SER D 92 -10.21 -116.74 6.06
CA SER D 92 -9.00 -116.30 6.74
C SER D 92 -9.17 -114.85 7.16
N VAL D 93 -9.89 -114.63 8.26
CA VAL D 93 -10.05 -113.27 8.75
C VAL D 93 -8.69 -112.77 9.17
N ALA D 94 -8.40 -111.52 8.82
CA ALA D 94 -7.10 -110.97 9.16
C ALA D 94 -7.24 -109.77 10.08
N GLY D 95 -6.52 -109.78 11.20
CA GLY D 95 -6.54 -108.65 12.11
C GLY D 95 -7.90 -108.22 12.61
N ALA D 96 -8.78 -109.17 12.89
CA ALA D 96 -10.06 -108.80 13.46
C ALA D 96 -9.84 -108.21 14.84
N LEU D 97 -10.56 -107.14 15.16
CA LEU D 97 -10.37 -106.50 16.45
C LEU D 97 -11.55 -106.86 17.33
N ILE D 98 -11.27 -107.51 18.46
CA ILE D 98 -12.34 -107.90 19.34
C ILE D 98 -12.95 -106.63 19.91
N LEU D 99 -14.27 -106.55 19.90
CA LEU D 99 -14.92 -105.34 20.37
C LEU D 99 -15.45 -105.51 21.77
N SER D 100 -16.20 -106.58 22.00
CA SER D 100 -16.81 -106.77 23.32
C SER D 100 -17.01 -108.22 23.69
N THR D 101 -16.94 -108.53 24.98
CA THR D 101 -17.22 -109.88 25.44
C THR D 101 -18.26 -109.79 26.55
N ALA D 102 -19.29 -110.62 26.49
CA ALA D 102 -20.25 -110.62 27.57
C ALA D 102 -20.21 -111.93 28.33
N GLU D 103 -19.90 -111.87 29.62
CA GLU D 103 -19.92 -113.06 30.44
C GLU D 103 -21.14 -113.00 31.32
N SER D 104 -22.22 -113.64 30.89
CA SER D 104 -23.45 -113.58 31.65
C SER D 104 -24.11 -114.93 31.80
N ALA D 105 -24.48 -115.30 33.01
CA ALA D 105 -25.20 -116.55 33.21
C ALA D 105 -26.17 -116.53 34.37
N SER D 106 -27.27 -117.26 34.27
CA SER D 106 -28.18 -117.39 35.39
C SER D 106 -27.65 -118.51 36.26
N LYS D 107 -28.26 -118.74 37.41
CA LYS D 107 -27.81 -119.85 38.24
C LYS D 107 -27.98 -121.14 37.46
N ASP D 108 -29.10 -121.32 36.77
CA ASP D 108 -29.27 -122.49 35.93
C ASP D 108 -28.32 -122.48 34.75
N GLY D 109 -28.15 -121.31 34.14
CA GLY D 109 -27.32 -121.22 32.95
C GLY D 109 -25.83 -121.39 33.09
N ILE D 110 -25.23 -122.11 32.14
CA ILE D 110 -23.79 -122.26 32.13
C ILE D 110 -23.17 -120.94 31.70
N PRO D 111 -21.99 -120.60 32.27
CA PRO D 111 -21.41 -119.31 31.91
C PRO D 111 -21.16 -119.24 30.42
N MET D 112 -21.51 -118.11 29.82
CA MET D 112 -21.39 -117.98 28.38
C MET D 112 -20.52 -116.81 28.00
N LEU D 113 -19.73 -116.96 26.94
CA LEU D 113 -18.92 -115.86 26.47
C LEU D 113 -19.41 -115.46 25.09
N THR D 114 -19.79 -114.20 24.92
CA THR D 114 -20.18 -113.77 23.58
C THR D 114 -19.09 -112.83 23.11
N VAL D 115 -18.39 -113.21 22.06
CA VAL D 115 -17.28 -112.39 21.60
C VAL D 115 -17.60 -111.76 20.28
N ASN D 116 -17.59 -110.44 20.23
CA ASN D 116 -17.94 -109.75 19.02
C ASN D 116 -16.71 -109.06 18.50
N TRP D 117 -16.45 -109.21 17.21
CA TRP D 117 -15.27 -108.59 16.61
C TRP D 117 -15.63 -107.78 15.40
N ARG D 118 -14.85 -106.74 15.13
CA ARG D 118 -15.07 -105.96 13.92
C ARG D 118 -13.71 -105.83 13.30
N THR D 119 -13.65 -105.66 11.99
CA THR D 119 -12.36 -105.63 11.32
C THR D 119 -11.53 -104.37 11.56
N SER D 120 -10.23 -104.47 11.30
CA SER D 120 -9.33 -103.33 11.49
C SER D 120 -8.96 -102.70 10.16
N GLY D 121 -9.81 -102.87 9.15
CA GLY D 121 -9.45 -102.38 7.83
C GLY D 121 -9.00 -103.48 6.90
N ALA D 122 -9.18 -104.72 7.31
CA ALA D 122 -8.80 -105.86 6.48
C ALA D 122 -10.02 -106.69 6.12
N LEU D 123 -9.95 -107.42 5.01
CA LEU D 123 -11.09 -108.22 4.60
C LEU D 123 -10.75 -109.70 4.67
N PRO D 124 -11.64 -110.50 5.30
CA PRO D 124 -11.41 -111.93 5.41
C PRO D 124 -11.36 -112.57 4.05
N GLN D 125 -10.46 -113.53 3.86
CA GLN D 125 -10.30 -114.15 2.56
C GLN D 125 -10.93 -115.52 2.56
N LYS D 126 -11.83 -115.77 1.63
CA LYS D 126 -12.53 -117.05 1.60
C LYS D 126 -11.73 -118.10 0.88
N ALA D 127 -10.59 -118.50 1.46
CA ALA D 127 -9.76 -119.54 0.86
C ALA D 127 -10.30 -120.93 1.18
N THR D 128 -9.83 -121.94 0.47
CA THR D 128 -10.27 -123.29 0.81
C THR D 128 -9.14 -123.95 1.57
N VAL D 129 -9.47 -124.57 2.70
CA VAL D 129 -8.46 -125.28 3.46
C VAL D 129 -7.92 -126.39 2.58
N SER D 130 -6.61 -126.58 2.59
CA SER D 130 -6.01 -127.59 1.73
C SER D 130 -5.07 -128.49 2.51
N MET E 1 -50.71 -117.49 -7.50
CA MET E 1 -49.94 -118.40 -6.66
C MET E 1 -49.26 -119.43 -7.52
N LEU E 2 -48.04 -119.80 -7.17
CA LEU E 2 -47.35 -120.85 -7.90
C LEU E 2 -47.07 -121.96 -6.90
N LYS E 3 -45.81 -122.33 -6.74
CA LYS E 3 -45.46 -123.31 -5.71
C LYS E 3 -44.38 -122.75 -4.81
N GLY E 4 -43.37 -122.15 -5.43
CA GLY E 4 -42.25 -121.58 -4.69
C GLY E 4 -41.12 -122.58 -4.74
N LYS E 5 -41.44 -123.87 -4.84
CA LYS E 5 -40.40 -124.87 -5.03
C LYS E 5 -39.92 -124.65 -6.43
N ASP E 6 -40.87 -124.38 -7.33
CA ASP E 6 -40.52 -124.12 -8.72
C ASP E 6 -39.68 -122.87 -8.80
N GLY E 7 -39.96 -121.89 -7.95
CA GLY E 7 -39.23 -120.66 -8.00
C GLY E 7 -37.76 -120.91 -7.75
N VAL E 8 -36.93 -120.41 -8.65
CA VAL E 8 -35.49 -120.58 -8.49
C VAL E 8 -34.81 -119.28 -8.82
N VAL E 9 -33.80 -118.93 -8.04
CA VAL E 9 -33.05 -117.74 -8.39
C VAL E 9 -31.89 -118.26 -9.19
N LYS E 10 -31.75 -117.74 -10.40
CA LYS E 10 -30.65 -118.16 -11.24
C LYS E 10 -29.85 -116.91 -11.49
N ASN E 11 -28.54 -116.99 -11.36
CA ASN E 11 -27.78 -115.81 -11.67
C ASN E 11 -27.78 -115.76 -13.18
N ALA E 12 -28.30 -114.67 -13.73
CA ALA E 12 -28.39 -114.55 -15.17
C ALA E 12 -27.01 -114.55 -15.79
N SER E 13 -26.09 -113.83 -15.16
CA SER E 13 -24.74 -113.72 -15.71
C SER E 13 -24.05 -115.07 -15.76
N THR E 14 -24.13 -115.84 -14.68
CA THR E 14 -23.55 -117.18 -14.70
C THR E 14 -24.30 -118.07 -15.66
N GLY E 15 -25.61 -117.91 -15.73
CA GLY E 15 -26.42 -118.79 -16.56
C GLY E 15 -26.82 -120.01 -15.77
N ASP E 16 -26.50 -120.03 -14.48
CA ASP E 16 -26.89 -121.14 -13.63
C ASP E 16 -27.48 -120.66 -12.32
N SER E 17 -28.26 -121.52 -11.67
CA SER E 17 -28.87 -121.15 -10.39
C SER E 17 -27.80 -120.94 -9.33
N ILE E 18 -28.06 -120.01 -8.42
CA ILE E 18 -27.07 -119.69 -7.39
C ILE E 18 -26.74 -120.86 -6.48
N GLY E 19 -27.74 -121.67 -6.13
CA GLY E 19 -27.47 -122.84 -5.31
C GLY E 19 -28.70 -123.34 -4.60
N HIS E 20 -28.52 -124.20 -3.62
CA HIS E 20 -29.65 -124.67 -2.83
C HIS E 20 -30.17 -123.42 -2.19
N LEU E 21 -31.45 -123.12 -2.37
CA LEU E 21 -31.95 -121.84 -1.87
C LEU E 21 -33.11 -121.94 -0.91
N GLN E 22 -32.92 -121.39 0.28
CA GLN E 22 -34.00 -121.36 1.26
C GLN E 22 -35.18 -120.47 0.87
N SER E 23 -34.89 -119.28 0.36
CA SER E 23 -35.97 -118.34 0.01
C SER E 23 -35.57 -117.29 -1.02
N TRP E 24 -36.56 -116.69 -1.69
CA TRP E 24 -36.28 -115.60 -2.63
C TRP E 24 -37.19 -114.41 -2.35
N ALA E 25 -36.64 -113.20 -2.36
CA ALA E 25 -37.44 -112.00 -2.11
C ALA E 25 -37.27 -110.92 -3.14
N LEU E 26 -38.35 -110.35 -3.63
CA LEU E 26 -38.25 -109.22 -4.55
C LEU E 26 -39.21 -108.14 -4.09
N ASP E 27 -38.74 -106.90 -3.95
CA ASP E 27 -39.66 -105.82 -3.63
C ASP E 27 -39.49 -104.65 -4.57
N THR E 28 -40.58 -104.15 -5.13
CA THR E 28 -40.50 -102.99 -6.01
C THR E 28 -41.19 -101.84 -5.34
N GLN E 29 -40.48 -100.73 -5.16
CA GLN E 29 -41.06 -99.60 -4.45
C GLN E 29 -41.04 -98.31 -5.26
N ARG E 30 -42.18 -97.65 -5.38
CA ARG E 30 -42.21 -96.35 -6.04
C ARG E 30 -42.64 -95.36 -4.99
N ASP E 31 -41.75 -94.45 -4.62
CA ASP E 31 -42.06 -93.46 -3.59
C ASP E 31 -42.89 -92.32 -4.15
N GLU E 32 -43.62 -91.62 -3.29
CA GLU E 32 -44.45 -90.52 -3.76
C GLU E 32 -44.33 -89.30 -2.89
N VAL E 33 -44.63 -88.14 -3.46
CA VAL E 33 -44.60 -86.92 -2.68
C VAL E 33 -46.04 -86.45 -2.53
N SER E 34 -46.47 -86.20 -1.31
CA SER E 34 -47.83 -85.74 -1.08
C SER E 34 -47.83 -84.29 -0.65
N GLY E 35 -48.56 -83.46 -1.38
CA GLY E 35 -48.62 -82.06 -1.04
C GLY E 35 -50.01 -81.47 -1.02
N TRP E 36 -50.26 -80.60 -0.03
CA TRP E 36 -51.57 -79.99 0.09
C TRP E 36 -51.52 -78.51 0.42
N GLY E 37 -52.48 -77.75 -0.08
CA GLY E 37 -52.55 -76.35 0.29
C GLY E 37 -53.05 -76.39 1.71
N MET E 38 -52.82 -75.34 2.50
CA MET E 38 -53.20 -75.44 3.91
C MET E 38 -54.70 -75.68 4.05
N GLY E 39 -55.51 -75.04 3.23
CA GLY E 39 -56.93 -75.34 3.25
C GLY E 39 -57.24 -76.49 2.30
N ASP E 40 -56.74 -77.69 2.59
CA ASP E 40 -57.05 -78.86 1.77
C ASP E 40 -57.51 -80.06 2.59
N ASP E 41 -58.60 -80.68 2.17
CA ASP E 41 -59.07 -81.88 2.85
C ASP E 41 -58.08 -83.03 2.72
N ALA E 42 -57.48 -83.16 1.55
CA ALA E 42 -56.55 -84.27 1.30
C ALA E 42 -55.32 -83.82 0.52
N GLU E 43 -54.25 -84.59 0.58
CA GLU E 43 -53.02 -84.19 -0.09
C GLU E 43 -52.76 -84.93 -1.39
N ARG E 44 -52.58 -84.18 -2.47
CA ARG E 44 -52.31 -84.80 -3.77
C ARG E 44 -50.98 -85.52 -3.74
N ALA E 45 -50.94 -86.73 -4.29
CA ALA E 45 -49.71 -87.51 -4.24
C ALA E 45 -49.17 -87.88 -5.61
N PHE E 46 -47.90 -87.61 -5.85
CA PHE E 46 -47.29 -87.95 -7.14
C PHE E 46 -46.05 -88.82 -6.95
N THR E 47 -45.99 -89.95 -7.65
CA THR E 47 -44.85 -90.85 -7.56
C THR E 47 -43.58 -90.22 -8.15
N THR E 48 -42.43 -90.48 -7.55
CA THR E 48 -41.20 -89.85 -8.03
C THR E 48 -40.16 -90.80 -8.63
N VAL E 49 -39.63 -91.71 -7.82
CA VAL E 49 -38.60 -92.62 -8.29
C VAL E 49 -38.91 -94.06 -7.94
N GLY E 50 -38.69 -94.97 -8.89
CA GLY E 50 -38.90 -96.38 -8.60
C GLY E 50 -37.57 -97.07 -8.50
N ARG E 51 -37.36 -97.75 -7.38
CA ARG E 51 -36.12 -98.50 -7.20
C ARG E 51 -36.49 -99.81 -6.55
N ALA E 52 -35.68 -100.84 -6.75
CA ALA E 52 -36.04 -102.15 -6.21
C ALA E 52 -34.89 -102.87 -5.54
N SER E 53 -35.22 -103.71 -4.58
CA SER E 53 -34.20 -104.49 -3.89
C SER E 53 -34.70 -105.90 -3.72
N GLY E 54 -33.79 -106.86 -3.57
CA GLY E 54 -34.21 -108.22 -3.32
C GLY E 54 -33.19 -108.99 -2.50
N ASN E 55 -33.64 -110.00 -1.77
CA ASN E 55 -32.71 -110.82 -1.00
C ASN E 55 -32.95 -112.29 -1.28
N PHE E 56 -31.89 -113.04 -1.56
CA PHE E 56 -32.06 -114.48 -1.72
C PHE E 56 -31.26 -115.26 -0.70
N GLU E 57 -31.90 -116.24 -0.07
CA GLU E 57 -31.22 -117.02 0.96
C GLU E 57 -30.68 -118.30 0.39
N VAL E 58 -29.41 -118.61 0.67
CA VAL E 58 -28.77 -119.79 0.11
C VAL E 58 -28.07 -120.56 1.19
N TYR E 59 -27.70 -121.81 0.92
CA TYR E 59 -26.92 -122.55 1.89
C TYR E 59 -25.46 -122.39 1.50
N LEU E 60 -24.63 -121.92 2.43
CA LEU E 60 -23.24 -121.65 2.09
C LEU E 60 -22.48 -122.91 1.69
N ASP E 61 -21.77 -122.85 0.56
CA ASP E 61 -21.01 -123.99 0.08
C ASP E 61 -19.75 -123.50 -0.62
N PRO E 62 -18.65 -124.25 -0.53
CA PRO E 62 -17.49 -123.81 -1.31
C PRO E 62 -17.80 -123.84 -2.79
N ALA E 63 -18.46 -124.89 -3.26
CA ALA E 63 -18.85 -124.96 -4.66
C ALA E 63 -20.22 -124.35 -4.88
N ASP E 64 -20.33 -123.04 -4.68
CA ASP E 64 -21.59 -122.38 -4.93
C ASP E 64 -21.40 -121.13 -5.76
N PRO E 65 -22.26 -120.92 -6.75
CA PRO E 65 -22.18 -119.67 -7.51
C PRO E 65 -22.41 -118.52 -6.56
N SER E 66 -23.29 -118.70 -5.58
CA SER E 66 -23.51 -117.66 -4.59
C SER E 66 -22.24 -117.37 -3.79
N ASP E 67 -21.46 -118.41 -3.47
CA ASP E 67 -20.21 -118.20 -2.77
C ASP E 67 -19.27 -117.38 -3.63
N ASP E 68 -19.26 -117.68 -4.93
CA ASP E 68 -18.42 -116.93 -5.86
C ASP E 68 -18.85 -115.46 -5.88
N LEU E 69 -20.15 -115.23 -5.79
CA LEU E 69 -20.67 -113.86 -5.77
C LEU E 69 -20.16 -113.11 -4.55
N GLU E 70 -19.86 -111.83 -4.71
CA GLU E 70 -19.30 -111.06 -3.61
C GLU E 70 -20.06 -109.76 -3.37
N PRO E 71 -19.96 -109.21 -2.15
CA PRO E 71 -20.60 -107.90 -1.95
C PRO E 71 -19.92 -106.89 -2.84
N GLY E 72 -20.67 -105.95 -3.37
CA GLY E 72 -20.10 -104.99 -4.29
C GLY E 72 -20.06 -105.48 -5.73
N ASP E 73 -20.71 -106.60 -6.00
CA ASP E 73 -20.78 -107.10 -7.37
C ASP E 73 -22.07 -106.67 -8.01
N LEU E 74 -21.99 -106.00 -9.15
CA LEU E 74 -23.19 -105.63 -9.86
C LEU E 74 -23.44 -106.81 -10.76
N VAL E 75 -24.45 -107.61 -10.44
CA VAL E 75 -24.68 -108.83 -11.19
C VAL E 75 -26.13 -108.96 -11.65
N ASP E 76 -26.33 -109.33 -12.91
CA ASP E 76 -27.68 -109.54 -13.39
C ASP E 76 -28.29 -110.76 -12.75
N LEU E 77 -29.58 -110.70 -12.44
CA LEU E 77 -30.24 -111.81 -11.76
C LEU E 77 -31.43 -112.26 -12.58
N GLU E 78 -31.73 -113.55 -12.51
CA GLU E 78 -32.90 -114.05 -13.21
C GLU E 78 -33.76 -114.89 -12.29
N LEU E 79 -34.54 -114.22 -11.45
CA LEU E 79 -35.44 -114.95 -10.58
C LEU E 79 -36.47 -115.64 -11.46
N TYR E 80 -36.82 -116.86 -11.12
CA TYR E 80 -37.81 -117.60 -11.89
C TYR E 80 -38.87 -118.13 -10.95
N PRO E 81 -39.78 -117.27 -10.48
CA PRO E 81 -40.78 -117.71 -9.50
C PRO E 81 -41.65 -118.80 -10.08
N GLY E 82 -42.04 -118.68 -11.34
CA GLY E 82 -42.82 -119.73 -11.98
C GLY E 82 -41.92 -120.85 -12.43
N GLY E 83 -40.61 -120.64 -12.36
CA GLY E 83 -39.68 -121.64 -12.85
C GLY E 83 -39.37 -121.40 -14.31
N GLU E 84 -38.68 -122.34 -14.94
CA GLU E 84 -38.31 -122.18 -16.35
C GLU E 84 -39.38 -122.78 -17.26
N SER E 85 -40.47 -123.23 -16.67
CA SER E 85 -41.53 -123.86 -17.46
C SER E 85 -42.21 -122.87 -18.38
N THR E 86 -42.85 -123.38 -19.42
CA THR E 86 -43.49 -122.50 -20.39
C THR E 86 -44.58 -121.66 -19.75
N GLY E 87 -44.71 -120.41 -20.19
CA GLY E 87 -45.70 -119.52 -19.62
C GLY E 87 -45.52 -119.24 -18.15
N SER E 88 -44.28 -119.15 -17.70
CA SER E 88 -44.02 -118.84 -16.30
C SER E 88 -43.49 -117.43 -16.15
N GLY E 89 -44.15 -116.62 -15.34
CA GLY E 89 -43.67 -115.27 -15.10
C GLY E 89 -42.37 -115.35 -14.34
N TYR E 90 -41.38 -114.57 -14.79
CA TYR E 90 -40.10 -114.56 -14.11
C TYR E 90 -39.58 -113.14 -14.03
N ARG E 91 -38.75 -112.86 -13.04
CA ARG E 91 -38.29 -111.50 -12.90
C ARG E 91 -36.87 -111.43 -13.38
N SER E 92 -36.62 -110.59 -14.36
CA SER E 92 -35.28 -110.43 -14.88
C SER E 92 -34.73 -109.18 -14.26
N VAL E 93 -33.62 -109.30 -13.56
CA VAL E 93 -33.04 -108.16 -12.88
C VAL E 93 -31.72 -107.85 -13.55
N ALA E 94 -31.49 -106.58 -13.84
CA ALA E 94 -30.27 -106.21 -14.54
C ALA E 94 -29.32 -105.44 -13.64
N GLY E 95 -28.07 -105.87 -13.57
CA GLY E 95 -27.09 -105.16 -12.79
C GLY E 95 -27.46 -104.95 -11.34
N ALA E 96 -27.99 -105.98 -10.70
CA ALA E 96 -28.31 -105.85 -9.29
C ALA E 96 -27.03 -105.85 -8.48
N LEU E 97 -26.85 -104.85 -7.63
CA LEU E 97 -25.63 -104.73 -6.85
C LEU E 97 -25.77 -105.52 -5.57
N ILE E 98 -24.77 -106.34 -5.26
CA ILE E 98 -24.91 -107.17 -4.08
C ILE E 98 -24.45 -106.36 -2.88
N LEU E 99 -25.40 -105.95 -2.06
CA LEU E 99 -25.06 -105.11 -0.92
C LEU E 99 -24.17 -105.81 0.09
N SER E 100 -24.52 -107.04 0.45
CA SER E 100 -23.76 -107.76 1.47
C SER E 100 -23.97 -109.27 1.45
N THR E 101 -23.03 -110.03 2.01
CA THR E 101 -23.21 -111.47 2.13
C THR E 101 -23.01 -111.83 3.59
N ALA E 102 -23.92 -112.62 4.16
CA ALA E 102 -23.75 -113.04 5.53
C ALA E 102 -23.49 -114.53 5.62
N GLU E 103 -22.36 -114.91 6.19
CA GLU E 103 -22.05 -116.33 6.36
C GLU E 103 -22.07 -116.63 7.84
N SER E 104 -23.10 -117.32 8.31
CA SER E 104 -23.20 -117.59 9.74
C SER E 104 -23.84 -118.94 10.03
N ALA E 105 -23.35 -119.62 11.06
CA ALA E 105 -23.97 -120.88 11.46
C ALA E 105 -23.71 -121.24 12.90
N SER E 106 -24.56 -122.10 13.46
CA SER E 106 -24.34 -122.58 14.81
C SER E 106 -23.77 -123.98 14.64
N LYS E 107 -23.30 -124.61 15.72
CA LYS E 107 -22.72 -125.91 15.55
C LYS E 107 -23.81 -126.81 15.00
N ASP E 108 -25.00 -126.72 15.56
CA ASP E 108 -26.12 -127.49 15.02
C ASP E 108 -26.45 -127.05 13.61
N GLY E 109 -26.44 -125.74 13.37
CA GLY E 109 -26.80 -125.21 12.07
C GLY E 109 -25.89 -125.41 10.88
N ILE E 110 -26.48 -125.66 9.72
CA ILE E 110 -25.69 -125.77 8.49
C ILE E 110 -25.24 -124.36 8.11
N PRO E 111 -24.03 -124.21 7.54
CA PRO E 111 -23.67 -122.83 7.19
C PRO E 111 -24.66 -122.18 6.27
N MET E 112 -25.03 -120.94 6.57
CA MET E 112 -26.04 -120.25 5.80
C MET E 112 -25.49 -119.05 5.08
N LEU E 113 -25.83 -118.90 3.81
CA LEU E 113 -25.39 -117.74 3.06
C LEU E 113 -26.58 -116.83 2.81
N THR E 114 -26.49 -115.58 3.20
CA THR E 114 -27.57 -114.66 2.91
C THR E 114 -27.06 -113.59 1.98
N VAL E 115 -27.67 -113.46 0.81
CA VAL E 115 -27.19 -112.50 -0.16
C VAL E 115 -28.28 -111.51 -0.54
N ASN E 116 -27.97 -110.22 -0.45
CA ASN E 116 -28.96 -109.21 -0.74
C ASN E 116 -28.53 -108.33 -1.90
N TRP E 117 -29.44 -108.08 -2.82
CA TRP E 117 -29.11 -107.27 -4.00
C TRP E 117 -30.04 -106.09 -4.18
N ARG E 118 -29.52 -104.98 -4.69
CA ARG E 118 -30.39 -103.86 -5.01
C ARG E 118 -30.03 -103.51 -6.44
N THR E 119 -31.00 -103.56 -7.36
CA THR E 119 -30.64 -103.31 -8.75
C THR E 119 -30.24 -101.86 -8.88
N SER E 120 -29.16 -101.58 -9.60
CA SER E 120 -28.67 -100.22 -9.65
C SER E 120 -29.06 -99.50 -10.93
N GLY E 121 -29.78 -98.40 -10.78
CA GLY E 121 -30.20 -97.62 -11.94
C GLY E 121 -31.11 -98.42 -12.86
N ALA E 122 -31.84 -99.39 -12.29
CA ALA E 122 -32.71 -100.23 -13.10
C ALA E 122 -33.86 -100.81 -12.29
N LEU E 123 -34.91 -101.25 -12.97
CA LEU E 123 -36.03 -101.88 -12.28
C LEU E 123 -36.25 -103.27 -12.88
N PRO E 124 -36.51 -104.27 -12.05
CA PRO E 124 -36.64 -105.63 -12.59
C PRO E 124 -37.80 -105.73 -13.56
N GLN E 125 -37.58 -106.47 -14.65
CA GLN E 125 -38.62 -106.59 -15.66
C GLN E 125 -39.30 -107.92 -15.46
N LYS E 126 -40.62 -107.89 -15.31
CA LYS E 126 -41.35 -109.12 -15.08
C LYS E 126 -41.66 -109.80 -16.40
N ALA E 127 -40.63 -110.35 -17.02
CA ALA E 127 -40.81 -111.04 -18.30
C ALA E 127 -41.43 -112.42 -18.11
N THR E 128 -41.98 -112.97 -19.17
CA THR E 128 -42.53 -114.32 -19.07
C THR E 128 -41.65 -115.27 -19.84
N VAL E 129 -41.21 -116.35 -19.19
CA VAL E 129 -40.42 -117.33 -19.91
C VAL E 129 -41.34 -118.44 -20.41
N SER E 130 -41.35 -118.63 -21.72
CA SER E 130 -42.22 -119.64 -22.30
C SER E 130 -41.48 -120.63 -23.19
N MET F 1 -70.75 -106.39 11.67
CA MET F 1 -70.05 -107.62 11.35
C MET F 1 -70.49 -108.20 10.01
N LEU F 2 -69.53 -108.63 9.20
CA LEU F 2 -69.81 -109.19 7.88
C LEU F 2 -68.94 -110.42 7.84
N LYS F 3 -69.12 -111.30 6.87
CA LYS F 3 -68.18 -112.43 6.78
C LYS F 3 -66.76 -112.15 6.29
N GLY F 4 -66.63 -111.47 5.16
CA GLY F 4 -65.33 -111.12 4.61
C GLY F 4 -64.72 -112.17 3.69
N LYS F 5 -65.14 -113.42 3.79
CA LYS F 5 -64.66 -114.44 2.85
C LYS F 5 -65.27 -114.11 1.52
N ASP F 6 -66.54 -113.74 1.54
CA ASP F 6 -67.23 -113.37 0.31
C ASP F 6 -66.76 -112.02 -0.18
N GLY F 7 -66.08 -111.27 0.68
CA GLY F 7 -65.69 -109.92 0.30
C GLY F 7 -64.82 -109.85 -0.92
N VAL F 8 -65.15 -108.94 -1.81
CA VAL F 8 -64.40 -108.80 -3.05
C VAL F 8 -63.70 -107.48 -3.12
N VAL F 9 -62.39 -107.49 -3.30
CA VAL F 9 -61.70 -106.25 -3.50
C VAL F 9 -61.52 -106.28 -4.99
N LYS F 10 -62.14 -105.35 -5.69
CA LYS F 10 -62.06 -105.36 -7.13
C LYS F 10 -61.71 -103.98 -7.60
N ASN F 11 -61.09 -103.89 -8.76
CA ASN F 11 -60.69 -102.59 -9.26
C ASN F 11 -61.90 -101.80 -9.65
N ALA F 12 -61.97 -100.53 -9.24
CA ALA F 12 -63.05 -99.67 -9.70
C ALA F 12 -62.85 -99.30 -11.16
N SER F 13 -61.58 -99.28 -11.60
CA SER F 13 -61.29 -98.94 -12.98
C SER F 13 -61.34 -100.13 -13.92
N THR F 14 -60.61 -101.20 -13.61
CA THR F 14 -60.69 -102.41 -14.43
C THR F 14 -62.05 -103.07 -14.28
N GLY F 15 -62.60 -103.04 -13.06
CA GLY F 15 -63.88 -103.66 -12.83
C GLY F 15 -63.82 -105.11 -12.40
N ASP F 16 -62.62 -105.63 -12.17
CA ASP F 16 -62.48 -107.03 -11.80
C ASP F 16 -61.59 -107.26 -10.59
N SER F 17 -61.77 -108.39 -9.92
CA SER F 17 -60.99 -108.67 -8.72
C SER F 17 -59.51 -108.83 -8.99
N ILE F 18 -58.68 -108.39 -8.07
CA ILE F 18 -57.22 -108.45 -8.25
C ILE F 18 -56.67 -109.87 -8.38
N GLY F 19 -57.18 -110.80 -7.60
CA GLY F 19 -56.70 -112.17 -7.66
C GLY F 19 -57.08 -112.90 -6.41
N HIS F 20 -56.48 -114.06 -6.18
CA HIS F 20 -56.75 -114.79 -4.96
C HIS F 20 -56.27 -113.87 -3.88
N LEU F 21 -57.11 -113.55 -2.91
CA LEU F 21 -56.70 -112.56 -1.92
C LEU F 21 -56.78 -112.95 -0.46
N GLN F 22 -55.64 -112.89 0.23
CA GLN F 22 -55.62 -113.18 1.66
C GLN F 22 -56.24 -112.11 2.54
N SER F 23 -55.99 -110.83 2.25
CA SER F 23 -56.48 -109.77 3.14
C SER F 23 -56.71 -108.41 2.52
N TRP F 24 -57.51 -107.57 3.16
CA TRP F 24 -57.69 -106.20 2.68
C TRP F 24 -57.58 -105.24 3.86
N ALA F 25 -56.88 -104.13 3.69
CA ALA F 25 -56.78 -103.14 4.75
C ALA F 25 -57.12 -101.74 4.27
N LEU F 26 -58.02 -101.05 4.96
CA LEU F 26 -58.29 -99.66 4.61
C LEU F 26 -58.25 -98.82 5.87
N ASP F 27 -57.42 -97.80 5.91
CA ASP F 27 -57.44 -96.92 7.07
C ASP F 27 -57.58 -95.47 6.65
N THR F 28 -58.51 -94.76 7.28
CA THR F 28 -58.67 -93.36 6.96
C THR F 28 -58.12 -92.60 8.15
N GLN F 29 -57.11 -91.78 7.92
CA GLN F 29 -56.48 -91.07 9.01
C GLN F 29 -56.64 -89.58 8.88
N ARG F 30 -57.16 -88.93 9.92
CA ARG F 30 -57.28 -87.49 9.89
C ARG F 30 -56.35 -86.90 10.94
N ASP F 31 -55.39 -86.11 10.50
CA ASP F 31 -54.44 -85.48 11.43
C ASP F 31 -55.10 -84.36 12.21
N GLU F 32 -54.69 -84.15 13.45
CA GLU F 32 -55.29 -83.10 14.28
C GLU F 32 -54.27 -82.25 15.01
N VAL F 33 -54.66 -81.03 15.39
CA VAL F 33 -53.75 -80.13 16.10
C VAL F 33 -54.24 -79.86 17.52
N SER F 34 -53.33 -79.97 18.50
CA SER F 34 -53.71 -79.72 19.88
C SER F 34 -53.79 -78.24 20.22
N GLY F 35 -54.86 -77.82 20.89
CA GLY F 35 -54.98 -76.43 21.30
C GLY F 35 -54.36 -76.23 22.67
N TRP F 36 -53.05 -76.29 22.75
CA TRP F 36 -52.37 -76.21 24.04
C TRP F 36 -52.59 -74.87 24.74
N GLY F 37 -52.85 -74.93 26.03
CA GLY F 37 -53.02 -73.70 26.79
C GLY F 37 -52.17 -73.75 28.03
N MET F 38 -51.47 -72.67 28.34
CA MET F 38 -50.72 -72.63 29.59
C MET F 38 -51.60 -71.90 30.55
N GLY F 39 -51.86 -72.48 31.72
CA GLY F 39 -52.82 -71.87 32.61
C GLY F 39 -54.18 -72.40 32.22
N ASP F 40 -54.22 -73.36 31.29
CA ASP F 40 -55.46 -73.99 30.89
C ASP F 40 -55.31 -75.51 30.96
N ASP F 41 -56.29 -76.20 31.54
CA ASP F 41 -56.18 -77.66 31.72
C ASP F 41 -56.12 -78.57 30.50
N ALA F 42 -56.92 -78.30 29.47
CA ALA F 42 -56.99 -79.23 28.33
C ALA F 42 -56.82 -78.61 26.96
N GLU F 43 -56.48 -79.44 25.97
CA GLU F 43 -56.26 -78.94 24.62
C GLU F 43 -57.32 -79.39 23.62
N ARG F 44 -57.90 -78.43 22.89
CA ARG F 44 -58.89 -78.78 21.86
C ARG F 44 -58.23 -79.39 20.63
N ALA F 45 -58.99 -80.18 19.89
CA ALA F 45 -58.42 -80.84 18.72
C ALA F 45 -59.06 -80.36 17.43
N PHE F 46 -58.23 -79.96 16.47
CA PHE F 46 -58.76 -79.54 15.18
C PHE F 46 -58.19 -80.42 14.08
N THR F 47 -59.06 -81.05 13.29
CA THR F 47 -58.57 -81.98 12.28
C THR F 47 -58.28 -81.26 10.96
N THR F 48 -57.05 -81.37 10.48
CA THR F 48 -56.68 -80.63 9.27
C THR F 48 -56.70 -81.43 7.97
N VAL F 49 -56.05 -82.59 7.94
CA VAL F 49 -55.97 -83.32 6.68
C VAL F 49 -56.33 -84.79 6.82
N GLY F 50 -57.09 -85.31 5.86
CA GLY F 50 -57.43 -86.71 5.89
C GLY F 50 -56.87 -87.41 4.68
N ARG F 51 -56.14 -88.50 4.89
CA ARG F 51 -55.61 -89.27 3.78
C ARG F 51 -55.87 -90.74 4.02
N ALA F 52 -55.98 -91.51 2.95
CA ALA F 52 -56.28 -92.93 3.09
C ALA F 52 -55.16 -93.80 2.57
N SER F 53 -54.74 -94.77 3.37
CA SER F 53 -53.71 -95.70 2.94
C SER F 53 -54.25 -97.09 3.14
N GLY F 54 -53.93 -98.01 2.23
CA GLY F 54 -54.35 -99.37 2.42
C GLY F 54 -53.49 -100.41 1.75
N ASN F 55 -53.52 -101.63 2.26
CA ASN F 55 -52.77 -102.70 1.61
C ASN F 55 -53.66 -103.91 1.37
N PHE F 56 -53.64 -104.45 0.17
CA PHE F 56 -54.39 -105.68 -0.07
C PHE F 56 -53.42 -106.80 -0.41
N GLU F 57 -53.59 -107.94 0.25
CA GLU F 57 -52.67 -109.04 0.04
C GLU F 57 -53.19 -110.01 -0.99
N VAL F 58 -52.35 -110.35 -1.96
CA VAL F 58 -52.77 -111.23 -3.04
C VAL F 58 -51.75 -112.34 -3.22
N TYR F 59 -52.12 -113.41 -3.89
CA TYR F 59 -51.14 -114.46 -4.17
C TYR F 59 -50.57 -114.12 -5.53
N LEU F 60 -49.24 -114.02 -5.63
CA LEU F 60 -48.66 -113.60 -6.89
C LEU F 60 -48.84 -114.64 -7.98
N ASP F 61 -49.37 -114.21 -9.12
CA ASP F 61 -49.56 -115.12 -10.24
C ASP F 61 -49.15 -114.42 -11.51
N PRO F 62 -48.60 -115.16 -12.49
CA PRO F 62 -48.28 -114.47 -13.74
C PRO F 62 -49.57 -113.97 -14.38
N ALA F 63 -50.61 -114.79 -14.39
CA ALA F 63 -51.90 -114.35 -14.91
C ALA F 63 -52.72 -113.72 -13.80
N ASP F 64 -52.28 -112.57 -13.30
CA ASP F 64 -53.03 -111.88 -12.26
C ASP F 64 -53.23 -110.42 -12.55
N PRO F 65 -54.43 -109.90 -12.29
CA PRO F 65 -54.66 -108.47 -12.42
C PRO F 65 -53.76 -107.76 -11.43
N SER F 66 -53.54 -108.36 -10.26
CA SER F 66 -52.64 -107.77 -9.29
C SER F 66 -51.22 -107.69 -9.85
N ASP F 67 -50.80 -108.69 -10.62
CA ASP F 67 -49.49 -108.64 -11.26
C ASP F 67 -49.47 -107.45 -12.20
N ASP F 68 -50.57 -107.23 -12.90
CA ASP F 68 -50.67 -106.09 -13.80
C ASP F 68 -50.58 -104.77 -13.06
N LEU F 69 -50.99 -104.74 -11.79
CA LEU F 69 -51.00 -103.49 -11.05
C LEU F 69 -49.63 -103.19 -10.48
N GLU F 70 -48.81 -102.48 -11.25
CA GLU F 70 -47.46 -102.12 -10.81
C GLU F 70 -47.44 -101.00 -9.79
N PRO F 71 -46.34 -100.89 -9.02
CA PRO F 71 -46.24 -99.74 -8.11
C PRO F 71 -46.20 -98.47 -8.92
N GLY F 72 -46.82 -97.41 -8.42
CA GLY F 72 -46.89 -96.18 -9.19
C GLY F 72 -48.08 -96.11 -10.11
N ASP F 73 -48.99 -97.08 -10.02
CA ASP F 73 -50.19 -97.04 -10.83
C ASP F 73 -51.29 -96.34 -10.05
N LEU F 74 -51.89 -95.32 -10.64
CA LEU F 74 -53.00 -94.65 -9.98
C LEU F 74 -54.26 -95.33 -10.44
N VAL F 75 -54.90 -96.08 -9.55
CA VAL F 75 -56.07 -96.83 -9.93
C VAL F 75 -57.18 -96.73 -8.90
N ASP F 76 -58.42 -96.65 -9.35
CA ASP F 76 -59.54 -96.61 -8.42
C ASP F 76 -59.85 -98.02 -7.94
N LEU F 77 -60.30 -98.15 -6.69
CA LEU F 77 -60.60 -99.47 -6.15
C LEU F 77 -62.03 -99.59 -5.67
N GLU F 78 -62.73 -100.63 -6.10
CA GLU F 78 -64.08 -100.85 -5.58
C GLU F 78 -63.91 -101.94 -4.55
N LEU F 79 -63.92 -101.56 -3.28
CA LEU F 79 -63.67 -102.54 -2.25
C LEU F 79 -64.98 -102.93 -1.65
N TYR F 80 -65.27 -104.21 -1.64
CA TYR F 80 -66.49 -104.65 -1.00
C TYR F 80 -66.08 -105.48 0.20
N PRO F 81 -66.23 -104.93 1.40
CA PRO F 81 -65.94 -105.71 2.61
C PRO F 81 -66.87 -106.89 2.77
N GLY F 82 -68.16 -106.67 2.49
CA GLY F 82 -69.14 -107.74 2.61
C GLY F 82 -69.30 -108.46 1.30
N GLY F 83 -68.53 -108.04 0.30
CA GLY F 83 -68.63 -108.66 -1.00
C GLY F 83 -69.62 -107.98 -1.90
N GLU F 84 -69.83 -108.55 -3.08
CA GLU F 84 -70.73 -107.95 -4.05
C GLU F 84 -72.17 -108.26 -3.71
N SER F 85 -72.39 -109.03 -2.64
CA SER F 85 -73.74 -109.32 -2.22
C SER F 85 -74.41 -108.01 -1.92
N THR F 86 -75.66 -107.86 -2.32
CA THR F 86 -76.35 -106.59 -2.16
C THR F 86 -76.51 -106.14 -0.73
N GLY F 87 -76.41 -104.83 -0.50
CA GLY F 87 -76.59 -104.29 0.83
C GLY F 87 -75.34 -104.32 1.69
N SER F 88 -74.24 -104.79 1.12
CA SER F 88 -72.98 -104.78 1.84
C SER F 88 -72.36 -103.40 1.73
N GLY F 89 -71.93 -102.83 2.85
CA GLY F 89 -71.26 -101.55 2.78
C GLY F 89 -70.00 -101.76 1.99
N TYR F 90 -69.70 -100.86 1.06
CA TYR F 90 -68.53 -101.01 0.23
C TYR F 90 -67.76 -99.70 0.07
N ARG F 91 -66.44 -99.77 -0.02
CA ARG F 91 -65.68 -98.53 -0.11
C ARG F 91 -65.27 -98.28 -1.53
N SER F 92 -65.75 -97.18 -2.09
CA SER F 92 -65.36 -96.81 -3.44
C SER F 92 -64.10 -95.95 -3.39
N VAL F 93 -62.94 -96.59 -3.25
CA VAL F 93 -61.70 -95.85 -3.22
C VAL F 93 -61.50 -95.19 -4.56
N ALA F 94 -61.06 -93.93 -4.55
CA ALA F 94 -60.86 -93.21 -5.79
C ALA F 94 -59.41 -92.81 -5.97
N GLY F 95 -58.84 -93.14 -7.13
CA GLY F 95 -57.47 -92.73 -7.42
C GLY F 95 -56.41 -93.16 -6.44
N ALA F 96 -56.53 -94.36 -5.90
CA ALA F 96 -55.49 -94.86 -5.02
C ALA F 96 -54.24 -95.02 -5.86
N LEU F 97 -53.10 -94.68 -5.30
CA LEU F 97 -51.85 -94.83 -6.03
C LEU F 97 -51.07 -95.96 -5.42
N ILE F 98 -50.73 -96.97 -6.21
CA ILE F 98 -50.00 -98.11 -5.68
C ILE F 98 -48.63 -97.63 -5.27
N LEU F 99 -48.19 -97.99 -4.08
CA LEU F 99 -46.90 -97.55 -3.61
C LEU F 99 -45.85 -98.61 -3.83
N SER F 100 -46.13 -99.82 -3.40
CA SER F 100 -45.14 -100.88 -3.51
C SER F 100 -45.72 -102.28 -3.60
N THR F 101 -45.03 -103.18 -4.27
CA THR F 101 -45.46 -104.56 -4.33
C THR F 101 -44.29 -105.42 -3.89
N ALA F 102 -44.53 -106.38 -3.01
CA ALA F 102 -43.44 -107.28 -2.64
C ALA F 102 -43.73 -108.68 -3.10
N GLU F 103 -42.87 -109.23 -3.96
CA GLU F 103 -43.03 -110.59 -4.40
C GLU F 103 -41.99 -111.43 -3.70
N SER F 104 -42.37 -112.06 -2.61
CA SER F 104 -41.40 -112.84 -1.84
C SER F 104 -41.94 -114.19 -1.44
N ALA F 105 -41.18 -115.24 -1.69
CA ALA F 105 -41.59 -116.56 -1.23
C ALA F 105 -40.44 -117.48 -0.92
N SER F 106 -40.63 -118.37 0.06
CA SER F 106 -39.61 -119.38 0.35
C SER F 106 -39.86 -120.53 -0.61
N LYS F 107 -38.99 -121.53 -0.60
CA LYS F 107 -39.23 -122.68 -1.45
C LYS F 107 -40.55 -123.32 -1.04
N ASP F 108 -40.79 -123.46 0.25
CA ASP F 108 -42.07 -123.98 0.71
C ASP F 108 -43.19 -123.01 0.41
N GLY F 109 -42.95 -121.73 0.62
CA GLY F 109 -43.99 -120.73 0.44
C GLY F 109 -44.50 -120.44 -0.95
N ILE F 110 -45.81 -120.29 -1.09
CA ILE F 110 -46.37 -119.91 -2.37
C ILE F 110 -46.04 -118.45 -2.65
N PRO F 111 -45.82 -118.10 -3.92
CA PRO F 111 -45.44 -116.72 -4.19
C PRO F 111 -46.53 -115.78 -3.73
N MET F 112 -46.15 -114.70 -3.07
CA MET F 112 -47.14 -113.79 -2.52
C MET F 112 -46.94 -112.39 -3.02
N LEU F 113 -48.04 -111.66 -3.22
CA LEU F 113 -47.94 -110.28 -3.64
C LEU F 113 -48.51 -109.39 -2.55
N THR F 114 -47.73 -108.44 -2.06
CA THR F 114 -48.28 -107.52 -1.09
C THR F 114 -48.38 -106.18 -1.77
N VAL F 115 -49.59 -105.68 -1.93
CA VAL F 115 -49.76 -104.43 -2.67
C VAL F 115 -50.25 -103.34 -1.76
N ASN F 116 -49.50 -102.26 -1.67
CA ASN F 116 -49.86 -101.18 -0.77
C ASN F 116 -50.21 -99.97 -1.59
N TRP F 117 -51.31 -99.30 -1.23
CA TRP F 117 -51.72 -98.12 -1.96
C TRP F 117 -51.94 -96.95 -1.03
N ARG F 118 -51.74 -95.74 -1.53
CA ARG F 118 -52.03 -94.56 -0.72
C ARG F 118 -52.80 -93.63 -1.62
N THR F 119 -53.65 -92.79 -1.04
CA THR F 119 -54.49 -91.94 -1.87
C THR F 119 -53.77 -90.80 -2.57
N SER F 120 -54.39 -90.26 -3.61
CA SER F 120 -53.79 -89.17 -4.37
C SER F 120 -54.49 -87.84 -4.14
N GLY F 121 -55.01 -87.63 -2.93
CA GLY F 121 -55.77 -86.43 -2.68
C GLY F 121 -57.27 -86.67 -2.75
N ALA F 122 -57.66 -87.93 -2.82
CA ALA F 122 -59.07 -88.29 -2.88
C ALA F 122 -59.45 -89.12 -1.67
N LEU F 123 -60.74 -89.12 -1.33
CA LEU F 123 -61.18 -89.91 -0.20
C LEU F 123 -62.13 -91.02 -0.64
N PRO F 124 -61.87 -92.25 -0.18
CA PRO F 124 -62.75 -93.37 -0.53
C PRO F 124 -64.15 -93.12 -0.01
N GLN F 125 -65.16 -93.48 -0.80
CA GLN F 125 -66.52 -93.21 -0.39
C GLN F 125 -67.16 -94.49 0.12
N LYS F 126 -67.69 -94.46 1.33
CA LYS F 126 -68.28 -95.65 1.91
C LYS F 126 -69.71 -95.82 1.45
N ALA F 127 -69.89 -96.14 0.17
CA ALA F 127 -71.23 -96.35 -0.37
C ALA F 127 -71.76 -97.74 -0.06
N THR F 128 -73.05 -97.96 -0.28
CA THR F 128 -73.58 -99.30 -0.08
C THR F 128 -73.91 -99.86 -1.45
N VAL F 129 -73.43 -101.07 -1.74
CA VAL F 129 -73.77 -101.68 -3.02
C VAL F 129 -75.28 -101.90 -3.07
N SER F 130 -75.88 -101.59 -4.21
CA SER F 130 -77.32 -101.71 -4.36
C SER F 130 -77.80 -103.16 -4.21
N MET G 1 -25.85 -61.68 -31.98
CA MET G 1 -24.55 -62.32 -32.13
C MET G 1 -24.69 -63.82 -32.37
N GLN G 2 -23.74 -64.41 -33.08
CA GLN G 2 -23.76 -65.86 -33.32
C GLN G 2 -23.60 -66.65 -32.03
N PHE G 3 -22.73 -66.19 -31.13
CA PHE G 3 -22.49 -66.85 -29.85
C PHE G 3 -21.74 -68.17 -30.01
N ILE G 4 -21.74 -68.97 -28.96
CA ILE G 4 -21.10 -70.27 -29.04
C ILE G 4 -22.19 -71.32 -28.81
N ASP G 5 -22.33 -72.28 -29.70
CA ASP G 5 -23.41 -73.23 -29.51
C ASP G 5 -22.96 -74.47 -28.76
N VAL G 6 -23.19 -74.49 -27.45
CA VAL G 6 -22.86 -75.68 -26.67
C VAL G 6 -24.10 -76.07 -25.90
N GLU G 7 -24.60 -77.27 -26.13
CA GLU G 7 -25.82 -77.72 -25.47
C GLU G 7 -25.62 -78.09 -24.01
N PHE G 8 -26.61 -77.83 -23.16
CA PHE G 8 -26.51 -78.27 -21.78
C PHE G 8 -27.26 -79.57 -21.77
N PRO G 9 -26.60 -80.65 -21.34
CA PRO G 9 -27.30 -81.93 -21.43
C PRO G 9 -28.55 -81.96 -20.58
N ARG G 10 -29.61 -82.56 -21.11
CA ARG G 10 -30.87 -82.63 -20.40
C ARG G 10 -30.70 -83.44 -19.11
N ASP G 11 -29.89 -84.49 -19.17
CA ASP G 11 -29.62 -85.28 -17.99
C ASP G 11 -28.93 -84.48 -16.89
N ILE G 12 -27.95 -83.65 -17.26
CA ILE G 12 -27.32 -82.77 -16.27
C ILE G 12 -28.36 -81.77 -15.80
N ALA G 13 -29.21 -81.32 -16.72
CA ALA G 13 -30.27 -80.39 -16.35
C ALA G 13 -31.20 -81.06 -15.37
N ALA G 14 -31.37 -82.38 -15.50
CA ALA G 14 -32.26 -83.08 -14.60
C ALA G 14 -31.81 -82.90 -13.16
N GLY G 15 -32.76 -82.60 -12.27
CA GLY G 15 -32.44 -82.36 -10.87
C GLY G 15 -32.12 -80.94 -10.48
N CYS G 16 -32.06 -80.01 -11.44
CA CYS G 16 -31.69 -78.62 -11.15
C CYS G 16 -32.76 -77.76 -10.47
N GLN G 17 -32.36 -76.63 -9.88
CA GLN G 17 -33.31 -75.72 -9.23
C GLN G 17 -33.31 -74.34 -9.89
N ALA G 18 -34.46 -73.67 -9.95
CA ALA G 18 -34.55 -72.40 -10.66
C ALA G 18 -35.26 -71.27 -9.91
N VAL G 19 -34.96 -70.03 -10.28
CA VAL G 19 -35.62 -68.88 -9.67
C VAL G 19 -35.99 -67.87 -10.76
N LEU G 20 -37.02 -67.05 -10.51
CA LEU G 20 -37.45 -66.07 -11.50
C LEU G 20 -37.28 -64.65 -10.98
N THR G 21 -36.61 -63.79 -11.74
CA THR G 21 -36.35 -62.43 -11.26
C THR G 21 -36.93 -61.36 -12.18
N ARG G 22 -37.73 -60.45 -11.63
CA ARG G 22 -38.36 -59.40 -12.43
C ARG G 22 -37.78 -58.04 -12.08
N ARG G 23 -37.55 -57.19 -13.08
CA ARG G 23 -36.91 -55.90 -12.82
C ARG G 23 -37.82 -54.67 -12.72
N ASP G 24 -39.14 -54.87 -12.74
CA ASP G 24 -40.03 -53.71 -12.74
C ASP G 24 -40.68 -53.49 -11.38
N GLU G 25 -40.43 -52.32 -10.78
CA GLU G 25 -41.01 -52.00 -9.48
C GLU G 25 -40.94 -50.50 -9.25
N VAL G 26 -39.94 -50.05 -8.49
CA VAL G 26 -39.73 -48.61 -8.28
C VAL G 26 -40.99 -47.85 -7.81
N VAL G 27 -41.60 -48.30 -6.72
CA VAL G 27 -42.85 -47.70 -6.23
C VAL G 27 -42.76 -46.30 -5.63
N THR G 28 -43.89 -45.63 -5.48
CA THR G 28 -43.90 -44.24 -4.98
C THR G 28 -44.15 -44.05 -3.49
N LEU G 29 -45.00 -43.08 -3.16
CA LEU G 29 -45.24 -42.74 -1.76
C LEU G 29 -46.08 -43.69 -0.94
N ALA G 30 -46.14 -43.44 0.37
CA ALA G 30 -46.89 -44.31 1.28
C ALA G 30 -48.37 -43.95 1.27
N SER G 31 -48.76 -43.03 0.39
CA SER G 31 -50.17 -42.65 0.28
C SER G 31 -51.00 -43.83 -0.16
N GLY G 32 -50.36 -44.84 -0.76
CA GLY G 32 -51.10 -45.96 -1.29
C GLY G 32 -51.11 -45.85 -2.79
N ARG G 33 -50.46 -44.82 -3.30
CA ARG G 33 -50.33 -44.70 -4.73
C ARG G 33 -48.94 -45.19 -5.07
N GLU G 34 -48.86 -46.23 -5.88
CA GLU G 34 -47.57 -46.79 -6.24
C GLU G 34 -47.39 -46.70 -7.73
N GLU G 35 -46.20 -46.30 -8.17
CA GLU G 35 -45.96 -46.15 -9.59
C GLU G 35 -44.99 -47.24 -10.02
N VAL G 36 -45.31 -47.91 -11.11
CA VAL G 36 -44.45 -48.98 -11.56
C VAL G 36 -43.52 -48.43 -12.62
N ASN G 37 -42.22 -48.52 -12.38
CA ASN G 37 -41.26 -48.06 -13.36
C ASN G 37 -40.51 -49.25 -13.89
N SER G 38 -40.48 -49.40 -15.21
CA SER G 38 -39.85 -50.58 -15.80
C SER G 38 -38.63 -50.21 -16.63
N ARG G 39 -37.52 -50.88 -16.36
CA ARG G 39 -36.32 -50.63 -17.14
C ARG G 39 -36.05 -51.71 -18.18
N TRP G 40 -36.97 -52.66 -18.34
CA TRP G 40 -36.81 -53.79 -19.29
C TRP G 40 -35.95 -54.91 -18.70
N ALA G 41 -35.67 -55.96 -19.48
CA ALA G 41 -34.89 -57.12 -19.01
C ALA G 41 -35.49 -57.77 -17.77
N ASP G 42 -36.80 -57.83 -17.72
CA ASP G 42 -37.49 -58.46 -16.60
C ASP G 42 -37.70 -59.95 -16.76
N THR G 43 -38.11 -60.62 -15.70
CA THR G 43 -38.41 -62.07 -15.76
C THR G 43 -37.29 -62.98 -16.25
N ARG G 44 -36.05 -62.70 -15.87
CA ARG G 44 -34.96 -63.60 -16.22
C ARG G 44 -34.97 -64.82 -15.31
N ARG G 45 -34.50 -65.96 -15.81
CA ARG G 45 -34.51 -67.18 -15.01
C ARG G 45 -33.10 -67.50 -14.52
N SER G 46 -32.97 -67.81 -13.25
CA SER G 46 -31.66 -68.15 -12.70
C SER G 46 -31.64 -69.63 -12.38
N TRP G 47 -30.60 -70.33 -12.82
CA TRP G 47 -30.57 -71.78 -12.64
C TRP G 47 -29.39 -72.28 -11.83
N ASP G 48 -29.64 -73.17 -10.88
CA ASP G 48 -28.55 -73.79 -10.13
C ASP G 48 -28.47 -75.21 -10.63
N ALA G 49 -27.36 -75.58 -11.26
CA ALA G 49 -27.26 -76.91 -11.88
C ALA G 49 -26.13 -77.82 -11.43
N GLY G 50 -25.73 -78.73 -12.31
CA GLY G 50 -24.67 -79.68 -11.97
C GLY G 50 -25.26 -80.91 -11.33
N LEU G 51 -26.57 -80.94 -11.20
CA LEU G 51 -27.24 -82.08 -10.59
C LEU G 51 -27.31 -83.27 -11.54
N GLY G 52 -27.46 -84.47 -11.01
CA GLY G 52 -27.60 -85.65 -11.83
C GLY G 52 -26.46 -85.94 -12.78
N VAL G 53 -25.22 -85.70 -12.34
CA VAL G 53 -24.06 -86.02 -13.16
C VAL G 53 -23.63 -87.47 -12.98
N ARG G 54 -24.25 -88.18 -12.05
CA ARG G 54 -23.95 -89.60 -11.83
C ARG G 54 -22.48 -89.85 -11.53
N ASP G 55 -21.88 -90.77 -12.27
CA ASP G 55 -20.47 -91.10 -12.02
C ASP G 55 -19.57 -89.94 -12.40
N GLU G 56 -18.39 -89.90 -11.80
CA GLU G 56 -17.48 -88.79 -12.04
C GLU G 56 -17.02 -88.65 -13.49
N ALA G 57 -16.96 -89.75 -14.24
CA ALA G 57 -16.59 -89.64 -15.64
C ALA G 57 -17.59 -88.77 -16.38
N ASP G 58 -18.88 -88.95 -16.10
CA ASP G 58 -19.89 -88.09 -16.70
C ASP G 58 -19.72 -86.65 -16.23
N LEU G 59 -19.39 -86.48 -14.95
CA LEU G 59 -19.15 -85.15 -14.40
C LEU G 59 -17.99 -84.52 -15.15
N ALA G 60 -16.99 -85.33 -15.48
CA ALA G 60 -15.83 -84.82 -16.20
C ALA G 60 -16.26 -84.27 -17.55
N GLN G 61 -17.23 -84.92 -18.19
CA GLN G 61 -17.74 -84.40 -19.45
C GLN G 61 -18.36 -83.02 -19.29
N VAL G 62 -19.13 -82.82 -18.22
CA VAL G 62 -19.68 -81.48 -17.96
C VAL G 62 -18.55 -80.51 -17.68
N VAL G 63 -17.54 -80.95 -16.94
CA VAL G 63 -16.41 -80.09 -16.62
C VAL G 63 -15.71 -79.70 -17.92
N ALA G 64 -15.61 -80.65 -18.85
CA ALA G 64 -14.99 -80.36 -20.14
C ALA G 64 -15.80 -79.31 -20.87
N LEU G 65 -17.12 -79.38 -20.77
CA LEU G 65 -17.97 -78.38 -21.39
C LEU G 65 -17.69 -77.03 -20.76
N PHE G 66 -17.52 -76.99 -19.45
CA PHE G 66 -17.20 -75.73 -18.79
C PHE G 66 -15.86 -75.22 -19.29
N GLU G 67 -14.91 -76.12 -19.47
CA GLU G 67 -13.63 -75.73 -20.03
C GLU G 67 -13.76 -75.23 -21.46
N GLU G 68 -14.63 -75.84 -22.24
CA GLU G 68 -14.84 -75.41 -23.62
C GLU G 68 -15.35 -73.98 -23.66
N VAL G 69 -16.29 -73.65 -22.77
CA VAL G 69 -16.81 -72.29 -22.71
C VAL G 69 -15.74 -71.30 -22.26
N ARG G 70 -14.79 -71.74 -21.44
CA ARG G 70 -13.70 -70.88 -21.03
C ARG G 70 -14.20 -69.58 -20.42
N GLY G 71 -14.90 -69.66 -19.30
CA GLY G 71 -15.48 -68.46 -18.74
C GLY G 71 -16.59 -67.94 -19.62
N ARG G 72 -17.42 -68.84 -20.14
CA ARG G 72 -18.59 -68.46 -20.96
C ARG G 72 -18.34 -67.55 -22.15
N LEU G 73 -17.45 -67.98 -23.04
CA LEU G 73 -17.24 -67.19 -24.23
C LEU G 73 -18.60 -67.06 -24.88
N TYR G 74 -18.98 -65.84 -25.23
CA TYR G 74 -20.29 -65.61 -25.82
C TYR G 74 -21.42 -66.12 -24.93
N ALA G 75 -22.32 -66.92 -25.49
CA ALA G 75 -23.43 -67.45 -24.71
C ALA G 75 -23.45 -68.96 -24.82
N PHE G 76 -24.08 -69.62 -23.86
CA PHE G 76 -24.09 -71.08 -23.86
C PHE G 76 -25.51 -71.63 -23.88
N ARG G 77 -25.80 -72.55 -24.79
CA ARG G 77 -27.17 -73.07 -24.90
C ARG G 77 -27.61 -73.93 -23.74
N PHE G 78 -28.86 -73.77 -23.32
CA PHE G 78 -29.39 -74.59 -22.24
C PHE G 78 -30.77 -75.08 -22.66
N ARG G 79 -31.10 -76.32 -22.33
CA ARG G 79 -32.39 -76.86 -22.71
C ARG G 79 -33.33 -76.81 -21.52
N ASP G 80 -34.46 -76.12 -21.68
CA ASP G 80 -35.42 -76.06 -20.61
C ASP G 80 -36.61 -76.95 -20.89
N TRP G 81 -36.82 -77.94 -20.04
CA TRP G 81 -37.94 -78.86 -20.19
C TRP G 81 -39.25 -78.12 -20.06
N LEU G 82 -39.31 -77.16 -19.13
CA LEU G 82 -40.57 -76.46 -18.88
C LEU G 82 -41.03 -75.72 -20.12
N ASP G 83 -40.11 -75.08 -20.81
CA ASP G 83 -40.47 -74.36 -22.03
C ASP G 83 -40.40 -75.23 -23.28
N TRP G 84 -39.86 -76.43 -23.17
CA TRP G 84 -39.69 -77.28 -24.34
C TRP G 84 -41.03 -77.61 -24.97
N ARG G 85 -42.03 -77.87 -24.13
CA ARG G 85 -43.34 -78.13 -24.67
C ARG G 85 -44.16 -76.86 -24.66
N THR G 86 -44.72 -76.49 -25.81
CA THR G 86 -45.60 -75.33 -25.86
C THR G 86 -46.80 -75.67 -25.00
N ALA G 87 -47.24 -76.91 -25.08
CA ALA G 87 -48.37 -77.37 -24.28
C ALA G 87 -47.94 -77.82 -22.90
N ALA G 88 -48.85 -78.45 -22.17
CA ALA G 88 -48.53 -78.96 -20.84
C ALA G 88 -47.49 -80.06 -21.01
N THR G 89 -46.72 -80.34 -19.97
CA THR G 89 -45.62 -81.30 -20.13
C THR G 89 -46.06 -82.68 -20.59
N ARG G 90 -47.12 -83.24 -20.01
CA ARG G 90 -47.63 -84.51 -20.51
C ARG G 90 -48.23 -84.32 -21.90
N ALA G 91 -48.92 -83.21 -22.12
CA ALA G 91 -49.57 -82.96 -23.41
C ALA G 91 -48.61 -82.76 -24.57
N PRO G 92 -48.99 -83.26 -25.76
CA PRO G 92 -48.15 -83.08 -26.94
C PRO G 92 -48.01 -81.62 -27.38
N ILE G 93 -46.82 -81.22 -27.79
CA ILE G 93 -46.63 -79.86 -28.30
C ILE G 93 -47.00 -79.86 -29.79
N THR G 94 -47.83 -78.92 -30.22
CA THR G 94 -48.28 -78.89 -31.61
C THR G 94 -48.15 -77.51 -32.21
N ALA G 95 -48.21 -77.43 -33.54
CA ALA G 95 -48.13 -76.13 -34.21
C ALA G 95 -49.30 -75.32 -33.73
N THR G 96 -50.46 -75.97 -33.61
CA THR G 96 -51.66 -75.29 -33.17
C THR G 96 -51.55 -74.74 -31.75
N ASP G 97 -50.81 -75.42 -30.88
CA ASP G 97 -50.76 -75.00 -29.48
C ASP G 97 -50.24 -73.58 -29.27
N GLN G 98 -49.22 -73.18 -30.01
CA GLN G 98 -48.76 -71.80 -29.89
C GLN G 98 -49.12 -71.04 -31.16
N PRO G 99 -49.86 -69.94 -31.00
CA PRO G 99 -50.16 -69.13 -32.19
C PRO G 99 -49.21 -67.97 -32.35
N LEU G 100 -48.39 -68.00 -33.40
CA LEU G 100 -47.40 -66.95 -33.61
C LEU G 100 -47.99 -65.58 -33.88
N GLY G 101 -49.05 -65.51 -34.69
CA GLY G 101 -49.62 -64.22 -35.04
C GLY G 101 -50.43 -64.29 -36.32
N LEU G 102 -50.82 -63.15 -36.86
CA LEU G 102 -51.57 -63.13 -38.12
C LEU G 102 -50.85 -62.36 -39.22
N GLY G 103 -50.70 -62.97 -40.39
CA GLY G 103 -50.05 -62.31 -41.50
C GLY G 103 -50.84 -61.18 -42.12
N ASP G 104 -50.16 -60.14 -42.58
CA ASP G 104 -50.83 -59.03 -43.23
C ASP G 104 -50.63 -59.03 -44.75
N GLY G 105 -50.04 -60.08 -45.28
CA GLY G 105 -49.73 -60.13 -46.71
C GLY G 105 -48.31 -59.69 -46.95
N SER G 106 -47.67 -59.12 -45.93
CA SER G 106 -46.26 -58.74 -46.05
C SER G 106 -45.45 -59.33 -44.92
N ARG G 107 -46.09 -60.07 -44.02
CA ARG G 107 -45.39 -60.58 -42.85
C ARG G 107 -44.65 -61.88 -43.10
N THR G 108 -43.54 -61.82 -43.82
CA THR G 108 -42.76 -63.01 -44.09
C THR G 108 -42.20 -63.60 -42.80
N ALA G 109 -41.71 -62.77 -41.89
CA ALA G 109 -41.05 -63.30 -40.71
C ALA G 109 -41.87 -63.29 -39.43
N PHE G 110 -41.91 -64.43 -38.75
CA PHE G 110 -42.60 -64.49 -37.47
C PHE G 110 -41.65 -64.97 -36.39
N GLN G 111 -41.51 -64.20 -35.31
CA GLN G 111 -40.67 -64.63 -34.20
C GLN G 111 -41.38 -65.72 -33.42
N VAL G 112 -40.64 -66.70 -32.92
CA VAL G 112 -41.27 -67.69 -32.07
C VAL G 112 -41.36 -67.05 -30.70
N VAL G 113 -42.56 -66.90 -30.17
CA VAL G 113 -42.73 -66.23 -28.90
C VAL G 113 -43.56 -67.03 -27.91
N LYS G 114 -43.14 -67.05 -26.66
CA LYS G 114 -43.94 -67.72 -25.65
C LYS G 114 -44.71 -66.65 -24.93
N VAL G 115 -46.02 -66.72 -24.99
CA VAL G 115 -46.82 -65.66 -24.39
C VAL G 115 -47.19 -66.08 -22.98
N TYR G 116 -46.60 -65.41 -22.00
CA TYR G 116 -46.86 -65.77 -20.61
C TYR G 116 -48.02 -65.00 -20.02
N GLY G 117 -49.23 -65.43 -20.31
CA GLY G 117 -50.39 -64.79 -19.71
C GLY G 117 -51.59 -64.73 -20.63
N ALA G 118 -52.65 -64.11 -20.16
CA ALA G 118 -53.82 -63.94 -21.01
C ALA G 118 -54.12 -62.47 -21.25
N VAL G 119 -54.42 -61.73 -20.19
CA VAL G 119 -54.78 -60.33 -20.35
C VAL G 119 -53.65 -59.50 -20.91
N ASN G 120 -52.45 -59.64 -20.34
CA ASN G 120 -51.29 -58.92 -20.84
C ASN G 120 -50.10 -59.85 -20.83
N PRO G 121 -50.07 -60.82 -21.76
CA PRO G 121 -48.99 -61.81 -21.68
C PRO G 121 -47.61 -61.22 -21.87
N TYR G 122 -46.67 -61.64 -21.04
CA TYR G 122 -45.30 -61.20 -21.21
C TYR G 122 -44.75 -62.15 -22.24
N THR G 123 -44.19 -61.61 -23.31
CA THR G 123 -43.74 -62.50 -24.37
C THR G 123 -42.27 -62.83 -24.21
N ARG G 124 -41.94 -64.11 -24.33
CA ARG G 124 -40.54 -64.48 -24.29
C ARG G 124 -40.20 -64.89 -25.70
N PRO G 125 -39.35 -64.08 -26.37
CA PRO G 125 -38.92 -64.49 -27.70
C PRO G 125 -38.03 -65.71 -27.56
N LEU G 126 -38.15 -66.64 -28.48
CA LEU G 126 -37.28 -67.80 -28.43
C LEU G 126 -36.11 -67.57 -29.37
N SER G 127 -34.93 -67.38 -28.80
CA SER G 127 -33.75 -67.21 -29.63
C SER G 127 -33.44 -68.46 -30.41
N LEU G 128 -33.51 -69.62 -29.73
CA LEU G 128 -33.15 -70.85 -30.40
C LEU G 128 -34.30 -71.84 -30.36
N PRO G 129 -34.88 -72.15 -31.52
CA PRO G 129 -35.92 -73.17 -31.54
C PRO G 129 -35.25 -74.52 -31.70
N HIS G 130 -35.60 -75.51 -30.89
CA HIS G 130 -35.03 -76.81 -31.09
C HIS G 130 -35.47 -77.31 -32.47
N PRO G 131 -34.51 -77.79 -33.26
CA PRO G 131 -34.83 -78.22 -34.63
C PRO G 131 -35.62 -79.51 -34.75
N GLY G 132 -36.56 -79.56 -35.68
CA GLY G 132 -37.32 -80.78 -35.91
C GLY G 132 -38.56 -80.88 -35.06
N THR G 133 -38.68 -80.00 -34.06
CA THR G 133 -39.89 -79.99 -33.27
C THR G 133 -40.69 -78.84 -33.80
N VAL G 134 -40.13 -78.16 -34.79
CA VAL G 134 -40.80 -76.99 -35.32
C VAL G 134 -41.89 -77.40 -36.28
N ARG G 135 -43.11 -77.01 -35.97
CA ARG G 135 -44.21 -77.29 -36.86
C ARG G 135 -44.85 -75.96 -37.15
N VAL G 136 -45.07 -75.66 -38.42
CA VAL G 136 -45.67 -74.38 -38.78
C VAL G 136 -47.00 -74.66 -39.44
N ALA G 137 -48.04 -73.98 -38.98
CA ALA G 137 -49.35 -74.15 -39.60
C ALA G 137 -49.94 -72.86 -40.09
N LEU G 138 -50.27 -72.80 -41.38
CA LEU G 138 -50.94 -71.63 -41.91
C LEU G 138 -52.40 -71.78 -41.56
N ASP G 139 -53.17 -70.71 -41.67
CA ASP G 139 -54.56 -70.78 -41.28
C ASP G 139 -55.26 -71.83 -42.12
N GLY G 140 -55.01 -71.82 -43.41
CA GLY G 140 -55.61 -72.84 -44.27
C GLY G 140 -55.15 -74.25 -43.99
N VAL G 141 -53.84 -74.45 -43.83
CA VAL G 141 -53.32 -75.81 -43.64
C VAL G 141 -51.93 -75.79 -43.00
N THR G 142 -51.49 -76.92 -42.46
CA THR G 142 -50.15 -76.98 -41.90
C THR G 142 -49.15 -76.76 -43.02
N GLN G 143 -48.10 -76.00 -42.75
CA GLN G 143 -47.12 -75.70 -43.78
C GLN G 143 -45.93 -76.63 -43.69
N PRO G 144 -45.76 -77.49 -44.70
CA PRO G 144 -44.60 -78.38 -44.72
C PRO G 144 -43.29 -77.62 -44.88
N SER G 145 -43.28 -76.60 -45.72
CA SER G 145 -42.03 -75.90 -46.02
C SER G 145 -42.22 -74.48 -46.52
N GLY G 146 -41.12 -73.79 -46.76
CA GLY G 146 -41.17 -72.42 -47.23
C GLY G 146 -41.03 -71.46 -46.08
N TRP G 147 -41.06 -71.99 -44.87
CA TRP G 147 -40.85 -71.15 -43.72
C TRP G 147 -39.39 -71.35 -43.41
N THR G 148 -38.61 -70.28 -43.48
CA THR G 148 -37.19 -70.42 -43.27
C THR G 148 -36.85 -70.06 -41.85
N LEU G 149 -36.56 -71.06 -41.04
CA LEU G 149 -36.23 -70.81 -39.66
C LEU G 149 -34.77 -70.44 -39.55
N THR G 150 -34.49 -69.36 -38.85
CA THR G 150 -33.11 -69.00 -38.62
C THR G 150 -32.87 -69.57 -37.26
N ALA G 151 -32.03 -70.59 -37.15
CA ALA G 151 -31.86 -71.22 -35.85
C ALA G 151 -31.26 -70.25 -34.82
N PRO G 152 -30.20 -69.51 -35.20
CA PRO G 152 -29.75 -68.51 -34.22
C PRO G 152 -30.80 -67.44 -34.01
N GLY G 153 -31.43 -66.99 -35.09
CA GLY G 153 -32.43 -65.95 -35.01
C GLY G 153 -33.70 -66.24 -34.25
N GLY G 154 -34.25 -67.44 -34.40
CA GLY G 154 -35.53 -67.74 -33.78
C GLY G 154 -36.66 -67.19 -34.63
N VAL G 155 -36.34 -66.79 -35.86
CA VAL G 155 -37.35 -66.22 -36.75
C VAL G 155 -37.63 -67.16 -37.91
N ILE G 156 -38.90 -67.38 -38.20
CA ILE G 156 -39.24 -68.23 -39.34
C ILE G 156 -39.72 -67.32 -40.45
N THR G 157 -39.11 -67.42 -41.61
CA THR G 157 -39.47 -66.52 -42.70
C THR G 157 -40.19 -67.24 -43.82
N PHE G 158 -41.45 -66.91 -44.02
CA PHE G 158 -42.17 -67.51 -45.12
C PHE G 158 -41.66 -66.88 -46.40
N ASP G 159 -41.37 -67.72 -47.39
CA ASP G 159 -40.92 -67.20 -48.67
C ASP G 159 -42.04 -66.38 -49.27
N THR G 160 -43.27 -66.85 -49.15
CA THR G 160 -44.40 -66.08 -49.62
C THR G 160 -45.12 -65.60 -48.38
N PRO G 161 -45.22 -64.27 -48.21
CA PRO G 161 -45.83 -63.79 -46.96
C PRO G 161 -47.28 -64.21 -46.83
N PRO G 162 -47.69 -64.62 -45.63
CA PRO G 162 -49.08 -65.06 -45.40
C PRO G 162 -50.03 -63.92 -45.66
N ALA G 163 -51.17 -64.19 -46.29
CA ALA G 163 -52.10 -63.13 -46.67
C ALA G 163 -52.82 -62.51 -45.49
N LEU G 164 -53.44 -61.35 -45.73
CA LEU G 164 -54.12 -60.65 -44.65
C LEU G 164 -55.19 -61.53 -44.04
N GLY G 165 -55.29 -61.52 -42.72
CA GLY G 165 -56.28 -62.33 -42.05
C GLY G 165 -55.93 -63.80 -41.95
N VAL G 166 -54.66 -64.15 -42.17
CA VAL G 166 -54.26 -65.54 -42.05
C VAL G 166 -53.48 -65.79 -40.75
N THR G 167 -54.02 -66.67 -39.91
CA THR G 167 -53.35 -67.00 -38.66
C THR G 167 -52.14 -67.90 -38.88
N VAL G 168 -51.07 -67.64 -38.16
CA VAL G 168 -49.91 -68.51 -38.24
C VAL G 168 -49.78 -69.16 -36.88
N THR G 169 -49.77 -70.48 -36.84
CA THR G 169 -49.62 -71.19 -35.60
C THR G 169 -48.37 -72.03 -35.65
N ALA G 170 -47.43 -71.79 -34.74
CA ALA G 170 -46.21 -72.59 -34.71
C ALA G 170 -45.82 -73.10 -33.33
N GLY G 171 -45.52 -74.38 -33.21
CA GLY G 171 -45.10 -74.94 -31.93
C GLY G 171 -43.76 -75.63 -32.05
N CYS G 172 -42.84 -75.34 -31.14
CA CYS G 172 -41.51 -75.94 -31.17
C CYS G 172 -40.89 -76.05 -29.80
N SER G 173 -39.88 -76.89 -29.65
CA SER G 173 -39.18 -76.99 -28.38
C SER G 173 -38.32 -75.77 -28.12
N PHE G 174 -38.10 -75.43 -26.86
CA PHE G 174 -37.39 -74.20 -26.56
C PHE G 174 -35.95 -74.39 -26.10
N ASP G 175 -35.00 -73.80 -26.82
CA ASP G 175 -33.62 -73.86 -26.41
C ASP G 175 -33.27 -72.45 -25.98
N VAL G 176 -32.77 -72.28 -24.77
CA VAL G 176 -32.53 -70.93 -24.27
C VAL G 176 -31.08 -70.60 -23.93
N PRO G 177 -30.60 -69.45 -24.39
CA PRO G 177 -29.23 -69.04 -24.07
C PRO G 177 -29.03 -68.81 -22.59
N VAL G 178 -27.93 -69.32 -22.06
CA VAL G 178 -27.64 -69.16 -20.64
C VAL G 178 -26.19 -68.73 -20.46
N ARG G 179 -25.94 -67.76 -19.57
CA ARG G 179 -24.57 -67.38 -19.28
C ARG G 179 -24.31 -67.64 -17.81
N PHE G 180 -23.23 -68.35 -17.49
CA PHE G 180 -22.97 -68.72 -16.10
C PHE G 180 -22.71 -67.52 -15.21
N SER G 181 -23.33 -67.48 -14.03
CA SER G 181 -23.07 -66.40 -13.08
C SER G 181 -21.67 -66.36 -12.51
N ASP G 182 -21.12 -67.53 -12.16
CA ASP G 182 -19.82 -67.54 -11.50
C ASP G 182 -18.72 -68.26 -12.26
N PRO G 183 -17.55 -67.64 -12.35
CA PRO G 183 -16.42 -68.28 -13.05
C PRO G 183 -15.98 -69.58 -12.38
N GLU G 184 -15.90 -69.60 -11.05
CA GLU G 184 -15.52 -70.81 -10.34
C GLU G 184 -16.59 -71.88 -10.47
N LEU G 185 -16.18 -73.14 -10.61
CA LEU G 185 -17.15 -74.23 -10.69
C LEU G 185 -17.00 -75.20 -9.52
N ALA G 186 -18.06 -75.36 -8.74
CA ALA G 186 -18.02 -76.29 -7.62
C ALA G 186 -18.05 -77.74 -8.10
N VAL G 187 -17.24 -78.61 -7.51
CA VAL G 187 -17.18 -79.99 -7.96
C VAL G 187 -17.46 -81.01 -6.86
N GLN G 188 -18.41 -81.91 -7.09
CA GLN G 188 -18.65 -82.98 -6.12
C GLN G 188 -18.47 -84.27 -6.88
N TRP G 189 -17.47 -85.05 -6.51
CA TRP G 189 -17.20 -86.31 -7.19
C TRP G 189 -17.15 -87.48 -6.21
N ALA G 190 -16.90 -87.23 -4.93
CA ALA G 190 -16.92 -88.28 -3.89
C ALA G 190 -15.78 -89.29 -3.98
N TYR G 191 -14.83 -89.10 -4.89
CA TYR G 191 -13.66 -89.97 -5.05
C TYR G 191 -13.91 -91.29 -5.77
N PHE G 192 -12.85 -91.92 -6.25
CA PHE G 192 -12.99 -93.22 -6.86
C PHE G 192 -11.90 -94.09 -6.26
N ARG G 193 -11.06 -94.66 -7.12
CA ARG G 193 -9.98 -95.54 -6.65
C ARG G 193 -10.57 -96.66 -5.82
N GLU G 194 -9.98 -96.90 -4.66
CA GLU G 194 -10.48 -97.95 -3.78
C GLU G 194 -11.88 -97.64 -3.28
N GLY G 195 -12.12 -96.39 -2.87
CA GLY G 195 -13.46 -95.99 -2.47
C GLY G 195 -14.21 -95.49 -3.68
N GLN G 196 -14.57 -96.39 -4.59
CA GLN G 196 -15.21 -95.97 -5.83
C GLN G 196 -16.56 -95.30 -5.62
N ALA G 197 -16.80 -94.23 -6.37
CA ALA G 197 -18.07 -93.51 -6.22
C ALA G 197 -18.50 -92.68 -7.42
N GLY G 198 -18.25 -91.38 -7.38
CA GLY G 198 -18.73 -90.51 -8.44
C GLY G 198 -19.99 -89.92 -7.87
N LEU G 199 -19.93 -88.70 -7.33
CA LEU G 199 -21.10 -88.13 -6.68
C LEU G 199 -22.18 -87.94 -7.69
N ALA G 200 -23.39 -88.38 -7.36
CA ALA G 200 -24.46 -88.31 -8.33
C ALA G 200 -24.76 -86.89 -8.76
N GLN G 201 -24.74 -85.96 -7.82
CA GLN G 201 -24.96 -84.58 -8.19
C GLN G 201 -23.83 -83.65 -7.78
N ALA G 202 -23.31 -82.88 -8.72
CA ALA G 202 -22.29 -81.89 -8.38
C ALA G 202 -23.03 -80.75 -7.72
N PRO G 203 -22.32 -79.89 -6.96
CA PRO G 203 -23.04 -78.84 -6.25
C PRO G 203 -23.59 -77.82 -7.22
N SER G 204 -24.54 -77.01 -6.78
CA SER G 204 -25.19 -76.10 -7.71
C SER G 204 -24.23 -75.22 -8.47
N ILE G 205 -24.42 -75.14 -9.78
CA ILE G 205 -23.57 -74.32 -10.63
C ILE G 205 -24.46 -73.20 -11.06
N PRO G 206 -24.02 -71.96 -10.85
CA PRO G 206 -24.97 -70.90 -11.22
C PRO G 206 -24.89 -70.58 -12.69
N LEU G 207 -25.96 -70.85 -13.42
CA LEU G 207 -26.00 -70.51 -14.82
C LEU G 207 -27.28 -69.69 -14.98
N ILE G 208 -27.20 -68.53 -15.61
CA ILE G 208 -28.38 -67.69 -15.66
C ILE G 208 -28.93 -67.51 -17.05
N GLU G 209 -30.23 -67.76 -17.23
CA GLU G 209 -30.82 -67.51 -18.52
C GLU G 209 -30.70 -66.01 -18.66
N VAL G 210 -30.13 -65.56 -19.76
CA VAL G 210 -29.92 -64.14 -19.93
C VAL G 210 -30.58 -63.68 -21.20
N ARG G 211 -31.38 -62.62 -21.11
CA ARG G 211 -31.96 -62.07 -22.32
C ARG G 211 -30.84 -61.19 -22.81
N LEU G 212 -30.26 -61.55 -23.95
CA LEU G 212 -29.11 -60.80 -24.44
C LEU G 212 -29.47 -59.38 -24.82
N ASP G 213 -28.62 -58.43 -24.44
CA ASP G 213 -28.87 -57.04 -24.77
C ASP G 213 -28.67 -56.85 -26.27
N PRO G 214 -29.62 -56.15 -26.92
CA PRO G 214 -29.39 -55.88 -28.33
C PRO G 214 -28.56 -54.61 -28.50
N MET H 1 10.90 -71.51 -12.37
CA MET H 1 12.21 -71.75 -11.78
C MET H 1 12.48 -73.23 -11.61
N GLN H 2 13.55 -73.58 -10.90
CA GLN H 2 13.84 -74.98 -10.63
C GLN H 2 12.74 -75.59 -9.78
N PHE H 3 12.28 -74.85 -8.76
CA PHE H 3 11.18 -75.32 -7.89
C PHE H 3 11.59 -76.49 -7.01
N ILE H 4 10.61 -77.14 -6.38
CA ILE H 4 10.91 -78.32 -5.56
C ILE H 4 9.91 -79.39 -5.94
N ASP H 5 10.34 -80.65 -6.01
CA ASP H 5 9.39 -81.71 -6.24
C ASP H 5 9.32 -82.55 -4.98
N VAL H 6 8.23 -82.43 -4.24
CA VAL H 6 8.07 -83.25 -3.03
C VAL H 6 6.75 -83.99 -3.12
N GLU H 7 6.80 -85.31 -3.10
CA GLU H 7 5.58 -86.09 -3.27
C GLU H 7 4.55 -85.96 -2.17
N PHE H 8 3.27 -85.92 -2.54
CA PHE H 8 2.22 -85.90 -1.54
C PHE H 8 1.75 -87.32 -1.51
N PRO H 9 1.68 -87.93 -0.32
CA PRO H 9 1.33 -89.35 -0.31
C PRO H 9 -0.05 -89.63 -0.89
N ARG H 10 -0.17 -90.69 -1.68
CA ARG H 10 -1.44 -91.02 -2.32
C ARG H 10 -2.54 -91.34 -1.31
N ASP H 11 -2.17 -91.99 -0.21
CA ASP H 11 -3.15 -92.32 0.82
C ASP H 11 -3.72 -91.04 1.43
N ILE H 12 -2.88 -90.06 1.70
CA ILE H 12 -3.38 -88.77 2.18
C ILE H 12 -4.20 -88.15 1.08
N ALA H 13 -3.75 -88.31 -0.16
CA ALA H 13 -4.47 -87.79 -1.31
C ALA H 13 -5.84 -88.44 -1.45
N ALA H 14 -5.98 -89.68 -0.98
CA ALA H 14 -7.27 -90.36 -1.07
C ALA H 14 -8.27 -89.54 -0.30
N GLY H 15 -7.90 -89.05 0.88
CA GLY H 15 -8.78 -88.17 1.60
C GLY H 15 -8.51 -86.71 1.23
N CYS H 16 -8.90 -86.30 0.02
CA CYS H 16 -8.72 -84.91 -0.40
C CYS H 16 -9.88 -84.35 -1.21
N GLN H 17 -10.24 -83.08 -0.99
CA GLN H 17 -11.32 -82.44 -1.74
C GLN H 17 -10.93 -81.96 -3.14
N ALA H 18 -11.89 -81.88 -4.05
CA ALA H 18 -11.60 -81.33 -5.38
C ALA H 18 -12.61 -80.28 -5.80
N VAL H 19 -12.16 -79.06 -6.10
CA VAL H 19 -13.06 -78.02 -6.60
C VAL H 19 -12.42 -77.34 -7.81
N LEU H 20 -13.17 -77.17 -8.89
CA LEU H 20 -12.62 -76.55 -10.08
C LEU H 20 -12.56 -75.04 -9.90
N THR H 21 -11.40 -74.45 -10.15
CA THR H 21 -11.29 -73.00 -10.06
C THR H 21 -11.06 -72.42 -11.43
N ARG H 22 -11.94 -71.53 -11.86
CA ARG H 22 -11.81 -70.94 -13.19
C ARG H 22 -12.04 -69.44 -13.08
N ARG H 23 -11.34 -68.66 -13.90
CA ARG H 23 -11.47 -67.20 -13.84
C ARG H 23 -12.00 -66.57 -15.13
N ASP H 24 -11.47 -65.40 -15.50
CA ASP H 24 -11.87 -64.70 -16.74
C ASP H 24 -13.35 -64.41 -17.00
N GLU H 25 -14.09 -63.90 -16.02
CA GLU H 25 -15.49 -63.55 -16.31
C GLU H 25 -15.80 -62.05 -16.38
N VAL H 26 -15.52 -61.30 -15.31
CA VAL H 26 -15.84 -59.86 -15.25
C VAL H 26 -16.76 -59.28 -16.33
N VAL H 27 -18.04 -59.61 -16.26
CA VAL H 27 -19.01 -59.11 -17.24
C VAL H 27 -19.40 -57.64 -17.07
N THR H 28 -20.10 -57.08 -18.04
CA THR H 28 -20.43 -55.64 -18.00
C THR H 28 -21.78 -55.29 -17.40
N LEU H 29 -22.49 -54.36 -18.03
CA LEU H 29 -23.76 -53.88 -17.48
C LEU H 29 -24.81 -54.95 -17.35
N ALA H 30 -25.57 -54.90 -16.26
CA ALA H 30 -26.63 -55.88 -16.08
C ALA H 30 -27.87 -55.44 -16.82
N SER H 31 -27.74 -55.21 -18.11
CA SER H 31 -28.88 -54.87 -18.94
C SER H 31 -28.96 -56.05 -19.85
N GLY H 32 -28.28 -57.13 -19.49
CA GLY H 32 -28.18 -58.27 -20.37
C GLY H 32 -26.92 -58.14 -21.19
N ARG H 33 -26.10 -57.16 -20.86
CA ARG H 33 -24.84 -56.97 -21.59
C ARG H 33 -23.70 -57.72 -20.91
N GLU H 34 -23.00 -58.54 -21.67
CA GLU H 34 -21.90 -59.31 -21.10
C GLU H 34 -20.58 -59.07 -21.81
N GLU H 35 -19.53 -58.81 -21.03
CA GLU H 35 -18.20 -58.63 -21.62
C GLU H 35 -17.26 -59.66 -21.02
N VAL H 36 -16.49 -60.34 -21.86
CA VAL H 36 -15.62 -61.38 -21.34
C VAL H 36 -14.25 -60.83 -21.05
N ASN H 37 -13.94 -60.64 -19.77
CA ASN H 37 -12.60 -60.19 -19.39
C ASN H 37 -11.71 -61.42 -19.53
N SER H 38 -10.43 -61.24 -19.84
CA SER H 38 -9.56 -62.41 -19.87
C SER H 38 -8.42 -62.34 -18.86
N ARG H 39 -8.53 -63.09 -17.77
CA ARG H 39 -7.44 -63.14 -16.80
C ARG H 39 -6.24 -63.84 -17.42
N TRP H 40 -6.47 -64.90 -18.20
CA TRP H 40 -5.42 -65.68 -18.90
C TRP H 40 -4.89 -66.84 -18.06
N ALA H 41 -4.50 -67.94 -18.70
CA ALA H 41 -3.88 -69.06 -17.98
C ALA H 41 -4.60 -69.52 -16.72
N ASP H 42 -5.90 -69.77 -16.78
CA ASP H 42 -6.64 -70.11 -15.57
C ASP H 42 -6.83 -71.62 -15.36
N THR H 43 -8.04 -72.03 -14.99
CA THR H 43 -8.35 -73.45 -14.74
C THR H 43 -7.52 -74.15 -13.67
N ARG H 44 -7.27 -73.48 -12.55
CA ARG H 44 -6.57 -74.13 -11.44
C ARG H 44 -7.56 -75.01 -10.68
N ARG H 45 -7.08 -75.80 -9.74
CA ARG H 45 -8.01 -76.58 -8.92
C ARG H 45 -7.79 -76.36 -7.44
N SER H 46 -8.85 -76.52 -6.66
CA SER H 46 -8.76 -76.27 -5.22
C SER H 46 -8.98 -77.54 -4.43
N TRP H 47 -8.13 -77.79 -3.44
CA TRP H 47 -8.22 -79.01 -2.66
C TRP H 47 -8.11 -78.84 -1.16
N ASP H 48 -8.82 -79.67 -0.40
CA ASP H 48 -8.63 -79.65 1.04
C ASP H 48 -8.18 -81.04 1.44
N ALA H 49 -7.08 -81.13 2.18
CA ALA H 49 -6.52 -82.45 2.48
C ALA H 49 -6.52 -82.87 3.94
N GLY H 50 -5.84 -83.97 4.23
CA GLY H 50 -5.75 -84.47 5.59
C GLY H 50 -6.80 -85.49 5.97
N LEU H 51 -7.78 -85.70 5.10
CA LEU H 51 -8.81 -86.69 5.37
C LEU H 51 -8.30 -88.09 5.10
N GLY H 52 -7.13 -88.19 4.49
CA GLY H 52 -6.54 -89.48 4.21
C GLY H 52 -5.42 -89.89 5.15
N VAL H 53 -5.21 -89.15 6.24
CA VAL H 53 -4.08 -89.46 7.12
C VAL H 53 -4.13 -90.82 7.79
N ARG H 54 -5.31 -91.29 8.17
CA ARG H 54 -5.51 -92.62 8.80
C ARG H 54 -5.04 -92.73 10.25
N ASP H 55 -3.78 -92.43 10.53
CA ASP H 55 -3.26 -92.60 11.89
C ASP H 55 -2.28 -91.52 12.30
N GLU H 56 -1.93 -91.50 13.58
CA GLU H 56 -1.05 -90.45 14.10
C GLU H 56 0.33 -90.42 13.44
N ALA H 57 0.92 -91.59 13.21
CA ALA H 57 2.25 -91.61 12.62
C ALA H 57 2.24 -91.03 11.21
N ASP H 58 1.23 -91.40 10.42
CA ASP H 58 1.11 -90.85 9.08
C ASP H 58 0.83 -89.37 9.12
N LEU H 59 0.02 -88.94 10.08
CA LEU H 59 -0.30 -87.54 10.23
C LEU H 59 0.99 -86.78 10.50
N ALA H 60 1.85 -87.37 11.33
CA ALA H 60 3.11 -86.73 11.62
C ALA H 60 3.92 -86.58 10.35
N GLN H 61 3.88 -87.59 9.49
CA GLN H 61 4.65 -87.54 8.27
C GLN H 61 4.25 -86.39 7.35
N VAL H 62 2.96 -86.17 7.15
CA VAL H 62 2.53 -85.03 6.35
C VAL H 62 2.91 -83.72 7.00
N VAL H 63 2.77 -83.63 8.32
CA VAL H 63 3.10 -82.42 9.03
C VAL H 63 4.58 -82.13 8.86
N ALA H 64 5.41 -83.16 8.96
CA ALA H 64 6.84 -83.00 8.79
C ALA H 64 7.10 -82.55 7.36
N LEU H 65 6.35 -83.11 6.42
CA LEU H 65 6.51 -82.74 5.02
C LEU H 65 6.16 -81.27 4.79
N PHE H 66 5.10 -80.79 5.45
CA PHE H 66 4.76 -79.36 5.34
C PHE H 66 5.88 -78.53 5.92
N GLU H 67 6.45 -79.01 7.02
CA GLU H 67 7.58 -78.32 7.63
C GLU H 67 8.79 -78.32 6.70
N GLU H 68 8.92 -79.37 5.89
CA GLU H 68 10.07 -79.47 5.00
C GLU H 68 10.10 -78.31 4.04
N VAL H 69 8.94 -77.96 3.49
CA VAL H 69 8.88 -76.86 2.55
C VAL H 69 8.83 -75.54 3.28
N ARG H 70 8.64 -75.59 4.59
CA ARG H 70 8.65 -74.36 5.39
C ARG H 70 7.68 -73.35 4.84
N GLY H 71 6.46 -73.79 4.52
CA GLY H 71 5.51 -72.88 3.92
C GLY H 71 5.56 -72.85 2.41
N ARG H 72 5.36 -74.01 1.78
CA ARG H 72 5.30 -74.08 0.30
C ARG H 72 6.49 -73.49 -0.46
N LEU H 73 7.71 -73.80 -0.03
CA LEU H 73 8.84 -73.27 -0.75
C LEU H 73 8.72 -73.77 -2.17
N TYR H 74 8.77 -72.86 -3.13
CA TYR H 74 8.69 -73.23 -4.53
C TYR H 74 7.49 -74.12 -4.84
N ALA H 75 7.72 -75.22 -5.54
CA ALA H 75 6.62 -76.11 -5.91
C ALA H 75 6.48 -77.30 -4.98
N PHE H 76 5.31 -77.91 -4.98
CA PHE H 76 5.11 -79.12 -4.19
C PHE H 76 4.45 -80.14 -5.10
N ARG H 77 4.90 -81.39 -5.07
CA ARG H 77 4.34 -82.36 -5.99
C ARG H 77 3.08 -82.97 -5.41
N PHE H 78 1.99 -82.88 -6.15
CA PHE H 78 0.72 -83.41 -5.67
C PHE H 78 0.20 -84.43 -6.66
N ARG H 79 -0.23 -85.57 -6.14
CA ARG H 79 -0.79 -86.57 -7.03
C ARG H 79 -2.25 -86.24 -7.22
N ASP H 80 -2.63 -85.98 -8.47
CA ASP H 80 -4.03 -85.71 -8.74
C ASP H 80 -4.63 -86.93 -9.36
N TRP H 81 -5.56 -87.54 -8.65
CA TRP H 81 -6.21 -88.73 -9.15
C TRP H 81 -7.02 -88.45 -10.42
N LEU H 82 -7.71 -87.31 -10.46
CA LEU H 82 -8.54 -86.98 -11.61
C LEU H 82 -7.72 -86.84 -12.89
N ASP H 83 -6.58 -86.16 -12.79
CA ASP H 83 -5.77 -85.93 -13.97
C ASP H 83 -4.76 -87.05 -14.19
N TRP H 84 -4.67 -87.98 -13.24
CA TRP H 84 -3.70 -89.06 -13.36
C TRP H 84 -4.00 -89.90 -14.59
N ARG H 85 -5.28 -90.12 -14.85
CA ARG H 85 -5.64 -90.93 -15.99
C ARG H 85 -5.99 -90.08 -17.20
N THR H 86 -5.25 -90.25 -18.28
CA THR H 86 -5.57 -89.53 -19.51
C THR H 86 -6.78 -90.16 -20.18
N ALA H 87 -7.13 -91.36 -19.75
CA ALA H 87 -8.28 -92.04 -20.30
C ALA H 87 -9.42 -91.99 -19.30
N ALA H 88 -9.60 -93.08 -18.54
CA ALA H 88 -10.68 -93.14 -17.56
C ALA H 88 -10.20 -93.81 -16.29
N THR H 89 -10.95 -93.65 -15.20
CA THR H 89 -10.59 -94.33 -13.96
C THR H 89 -10.61 -95.84 -14.20
N ARG H 90 -11.60 -96.31 -14.96
CA ARG H 90 -11.67 -97.74 -15.27
C ARG H 90 -10.95 -98.14 -16.57
N ALA H 91 -10.41 -97.18 -17.30
CA ALA H 91 -9.72 -97.47 -18.56
C ALA H 91 -8.25 -97.06 -18.53
N PRO H 92 -7.36 -97.98 -18.94
CA PRO H 92 -5.92 -97.66 -18.84
C PRO H 92 -5.48 -96.50 -19.72
N ILE H 93 -4.65 -95.62 -19.17
CA ILE H 93 -4.13 -94.51 -19.95
C ILE H 93 -3.13 -95.06 -20.96
N THR H 94 -3.13 -94.51 -22.17
CA THR H 94 -2.21 -94.96 -23.21
C THR H 94 -1.56 -93.75 -23.86
N ALA H 95 -0.47 -93.96 -24.57
CA ALA H 95 0.20 -92.87 -25.27
C ALA H 95 -0.80 -92.31 -26.26
N THR H 96 -1.51 -93.19 -26.94
CA THR H 96 -2.49 -92.78 -27.92
C THR H 96 -3.64 -91.99 -27.32
N ASP H 97 -3.95 -92.22 -26.04
CA ASP H 97 -5.11 -91.58 -25.43
C ASP H 97 -5.06 -90.05 -25.47
N GLN H 98 -3.88 -89.49 -25.21
CA GLN H 98 -3.75 -88.04 -25.25
C GLN H 98 -2.86 -87.61 -26.40
N PRO H 99 -3.34 -86.66 -27.22
CA PRO H 99 -2.56 -86.26 -28.40
C PRO H 99 -1.66 -85.07 -28.14
N LEU H 100 -0.36 -85.28 -28.09
CA LEU H 100 0.57 -84.17 -27.87
C LEU H 100 0.57 -83.16 -29.00
N GLY H 101 0.55 -83.65 -30.24
CA GLY H 101 0.56 -82.75 -31.38
C GLY H 101 1.07 -83.45 -32.62
N LEU H 102 1.40 -82.71 -33.66
CA LEU H 102 2.00 -83.31 -34.85
C LEU H 102 3.37 -82.71 -35.16
N GLY H 103 4.37 -83.56 -35.36
CA GLY H 103 5.70 -83.07 -35.69
C GLY H 103 5.71 -82.42 -37.06
N ASP H 104 6.40 -81.29 -37.19
CA ASP H 104 6.48 -80.59 -38.48
C ASP H 104 7.82 -80.78 -39.18
N GLY H 105 8.69 -81.61 -38.63
CA GLY H 105 10.02 -81.78 -39.20
C GLY H 105 10.99 -80.88 -38.48
N SER H 106 10.47 -79.93 -37.69
CA SER H 106 11.34 -79.08 -36.88
C SER H 106 10.89 -79.13 -35.43
N ARG H 107 9.80 -79.83 -35.15
CA ARG H 107 9.25 -79.85 -33.80
C ARG H 107 9.88 -80.88 -32.88
N THR H 108 11.09 -80.59 -32.44
CA THR H 108 11.77 -81.50 -31.52
C THR H 108 11.07 -81.65 -30.18
N ALA H 109 10.59 -80.56 -29.60
CA ALA H 109 10.01 -80.64 -28.24
C ALA H 109 8.51 -80.52 -28.13
N PHE H 110 7.90 -81.47 -27.41
CA PHE H 110 6.46 -81.40 -27.19
C PHE H 110 6.19 -81.44 -25.69
N GLN H 111 5.49 -80.44 -25.17
CA GLN H 111 5.09 -80.50 -23.76
C GLN H 111 3.91 -81.43 -23.66
N VAL H 112 3.83 -82.19 -22.58
CA VAL H 112 2.66 -83.03 -22.39
C VAL H 112 1.53 -82.04 -22.23
N VAL H 113 0.48 -82.20 -23.02
CA VAL H 113 -0.65 -81.28 -22.94
C VAL H 113 -1.95 -82.03 -22.77
N LYS H 114 -2.75 -81.61 -21.81
CA LYS H 114 -4.02 -82.26 -21.60
C LYS H 114 -5.09 -81.41 -22.22
N VAL H 115 -5.78 -81.98 -23.21
CA VAL H 115 -6.79 -81.21 -23.90
C VAL H 115 -8.11 -81.53 -23.26
N TYR H 116 -8.79 -80.51 -22.75
CA TYR H 116 -10.07 -80.71 -22.09
C TYR H 116 -11.11 -79.96 -22.88
N GLY H 117 -12.21 -80.63 -23.23
CA GLY H 117 -13.20 -79.99 -24.07
C GLY H 117 -12.90 -80.35 -25.51
N ALA H 118 -13.83 -80.10 -26.43
CA ALA H 118 -13.62 -80.52 -27.80
C ALA H 118 -13.58 -79.41 -28.84
N VAL H 119 -14.69 -78.71 -29.02
CA VAL H 119 -14.75 -77.68 -30.06
C VAL H 119 -13.76 -76.55 -29.78
N ASN H 120 -13.70 -76.12 -28.52
CA ASN H 120 -12.75 -75.08 -28.15
C ASN H 120 -12.02 -75.58 -26.93
N PRO H 121 -11.13 -76.56 -27.11
CA PRO H 121 -10.49 -77.15 -25.94
C PRO H 121 -9.43 -76.29 -25.27
N TYR H 122 -9.30 -76.44 -23.97
CA TYR H 122 -8.24 -75.72 -23.27
C TYR H 122 -7.19 -76.79 -23.07
N THR H 123 -5.95 -76.47 -23.38
CA THR H 123 -4.90 -77.45 -23.21
C THR H 123 -4.04 -77.08 -22.01
N ARG H 124 -3.79 -78.06 -21.15
CA ARG H 124 -2.98 -77.80 -19.96
C ARG H 124 -1.65 -78.50 -20.07
N PRO H 125 -0.57 -77.72 -20.09
CA PRO H 125 0.74 -78.36 -20.07
C PRO H 125 0.98 -78.96 -18.70
N LEU H 126 1.62 -80.12 -18.64
CA LEU H 126 1.83 -80.76 -17.36
C LEU H 126 3.28 -80.60 -16.93
N SER H 127 3.50 -80.00 -15.77
CA SER H 127 4.85 -79.80 -15.30
C SER H 127 5.59 -81.10 -15.02
N LEU H 128 4.94 -82.04 -14.34
CA LEU H 128 5.63 -83.27 -14.01
C LEU H 128 4.90 -84.50 -14.51
N PRO H 129 5.47 -85.16 -15.53
CA PRO H 129 4.85 -86.40 -15.95
C PRO H 129 5.25 -87.46 -14.96
N HIS H 130 4.30 -88.24 -14.47
CA HIS H 130 4.63 -89.22 -13.46
C HIS H 130 5.57 -90.20 -14.13
N PRO H 131 6.67 -90.53 -13.45
CA PRO H 131 7.67 -91.40 -14.10
C PRO H 131 7.17 -92.80 -14.40
N GLY H 132 7.47 -93.29 -15.59
CA GLY H 132 7.09 -94.66 -15.95
C GLY H 132 5.72 -94.78 -16.57
N THR H 133 4.94 -93.72 -16.52
CA THR H 133 3.64 -93.75 -17.18
C THR H 133 3.79 -93.00 -18.48
N VAL H 134 4.98 -92.48 -18.72
CA VAL H 134 5.19 -91.68 -19.91
C VAL H 134 5.49 -92.57 -21.08
N ARG H 135 4.62 -92.55 -22.08
CA ARG H 135 4.85 -93.35 -23.27
C ARG H 135 4.70 -92.41 -24.45
N VAL H 136 5.63 -92.50 -25.40
CA VAL H 136 5.55 -91.65 -26.58
C VAL H 136 5.08 -92.48 -27.73
N ALA H 137 4.22 -91.93 -28.56
CA ALA H 137 3.76 -92.65 -29.73
C ALA H 137 3.87 -91.80 -30.97
N LEU H 138 4.05 -92.45 -32.11
CA LEU H 138 4.11 -91.73 -33.37
C LEU H 138 3.06 -92.39 -34.22
N ASP H 139 2.60 -91.73 -35.26
CA ASP H 139 1.51 -92.29 -36.03
C ASP H 139 1.91 -93.63 -36.61
N GLY H 140 3.12 -93.73 -37.13
CA GLY H 140 3.58 -94.99 -37.65
C GLY H 140 3.72 -96.07 -36.60
N VAL H 141 4.32 -95.72 -35.45
CA VAL H 141 4.54 -96.71 -34.41
C VAL H 141 4.72 -96.02 -33.07
N THR H 142 4.50 -96.74 -31.97
CA THR H 142 4.74 -96.16 -30.66
C THR H 142 6.22 -95.83 -30.64
N GLN H 143 6.56 -94.65 -30.14
CA GLN H 143 7.95 -94.23 -30.17
C GLN H 143 8.70 -94.57 -28.89
N PRO H 144 9.86 -95.23 -29.03
CA PRO H 144 10.66 -95.58 -27.86
C PRO H 144 11.76 -94.57 -27.55
N SER H 145 13.02 -94.95 -27.76
CA SER H 145 14.14 -94.09 -27.43
C SER H 145 14.36 -92.91 -28.36
N GLY H 146 15.19 -91.96 -27.92
CA GLY H 146 15.46 -90.78 -28.72
C GLY H 146 14.58 -89.61 -28.35
N TRP H 147 13.62 -89.84 -27.47
CA TRP H 147 12.81 -88.74 -26.98
C TRP H 147 13.36 -88.41 -25.63
N THR H 148 13.76 -87.16 -25.44
CA THR H 148 14.35 -86.76 -24.18
C THR H 148 13.30 -86.08 -23.35
N LEU H 149 12.87 -86.75 -22.27
CA LEU H 149 11.82 -86.18 -21.47
C LEU H 149 12.44 -85.37 -20.36
N THR H 150 12.04 -84.11 -20.26
CA THR H 150 12.51 -83.30 -19.17
C THR H 150 11.44 -83.48 -18.14
N ALA H 151 11.76 -84.19 -17.07
CA ALA H 151 10.74 -84.43 -16.07
C ALA H 151 10.26 -83.14 -15.42
N PRO H 152 11.19 -82.24 -15.03
CA PRO H 152 10.67 -80.96 -14.52
C PRO H 152 9.97 -80.16 -15.61
N GLY H 153 10.53 -80.15 -16.81
CA GLY H 153 9.94 -79.42 -17.90
C GLY H 153 8.59 -79.92 -18.39
N GLY H 154 8.41 -81.24 -18.46
CA GLY H 154 7.19 -81.79 -19.01
C GLY H 154 7.33 -81.81 -20.52
N VAL H 155 8.53 -81.50 -21.02
CA VAL H 155 8.77 -81.46 -22.45
C VAL H 155 9.50 -82.71 -22.90
N ILE H 156 9.04 -83.31 -23.99
CA ILE H 156 9.73 -84.48 -24.52
C ILE H 156 10.40 -84.04 -25.80
N THR H 157 11.70 -84.23 -25.90
CA THR H 157 12.42 -83.76 -27.08
C THR H 157 12.92 -84.87 -27.95
N PHE H 158 12.40 -84.98 -29.16
CA PHE H 158 12.91 -85.98 -30.07
C PHE H 158 14.25 -85.50 -30.57
N ASP H 159 15.26 -86.36 -30.53
CA ASP H 159 16.58 -85.98 -31.01
C ASP H 159 16.50 -85.66 -32.48
N THR H 160 15.75 -86.48 -33.22
CA THR H 160 15.54 -86.18 -34.63
C THR H 160 14.10 -85.74 -34.71
N PRO H 161 13.85 -84.50 -35.12
CA PRO H 161 12.47 -84.03 -35.10
C PRO H 161 11.56 -84.83 -36.00
N PRO H 162 10.35 -85.15 -35.51
CA PRO H 162 9.44 -85.98 -36.30
C PRO H 162 9.06 -85.23 -37.55
N ALA H 163 9.01 -85.92 -38.69
CA ALA H 163 8.70 -85.27 -39.95
C ALA H 163 7.22 -84.91 -40.00
N LEU H 164 6.85 -84.08 -40.97
CA LEU H 164 5.47 -83.70 -41.10
C LEU H 164 4.60 -84.93 -41.37
N GLY H 165 3.42 -84.96 -40.79
CA GLY H 165 2.52 -86.08 -40.96
C GLY H 165 2.54 -87.22 -39.95
N VAL H 166 3.38 -87.14 -38.93
CA VAL H 166 3.33 -88.17 -37.88
C VAL H 166 2.79 -87.56 -36.60
N THR H 167 1.71 -88.13 -36.07
CA THR H 167 1.09 -87.58 -34.88
C THR H 167 1.83 -88.02 -33.63
N VAL H 168 2.18 -87.08 -32.78
CA VAL H 168 2.82 -87.44 -31.53
C VAL H 168 1.72 -87.58 -30.50
N THR H 169 1.59 -88.76 -29.93
CA THR H 169 0.58 -88.98 -28.92
C THR H 169 1.26 -89.46 -27.66
N ALA H 170 1.06 -88.75 -26.55
CA ALA H 170 1.61 -89.22 -25.29
C ALA H 170 0.61 -89.14 -24.14
N GLY H 171 0.45 -90.23 -23.39
CA GLY H 171 -0.44 -90.21 -22.25
C GLY H 171 0.32 -90.61 -21.00
N CYS H 172 0.25 -89.80 -19.96
CA CYS H 172 0.98 -90.08 -18.72
C CYS H 172 0.21 -89.65 -17.49
N SER H 173 0.56 -90.20 -16.33
CA SER H 173 -0.09 -89.79 -15.10
C SER H 173 0.33 -88.37 -14.74
N PHE H 174 -0.55 -87.62 -14.11
CA PHE H 174 -0.23 -86.22 -13.84
C PHE H 174 0.21 -85.94 -12.42
N ASP H 175 1.49 -85.64 -12.22
CA ASP H 175 1.94 -85.25 -10.89
C ASP H 175 1.85 -83.74 -10.87
N VAL H 176 0.69 -83.20 -10.52
CA VAL H 176 0.51 -81.75 -10.59
C VAL H 176 1.22 -80.94 -9.51
N PRO H 177 1.72 -79.75 -9.89
CA PRO H 177 2.31 -78.88 -8.87
C PRO H 177 1.25 -78.28 -7.97
N VAL H 178 1.54 -78.16 -6.67
CA VAL H 178 0.59 -77.59 -5.74
C VAL H 178 1.24 -76.60 -4.79
N ARG H 179 0.53 -75.55 -4.43
CA ARG H 179 1.06 -74.63 -3.43
C ARG H 179 -0.03 -74.50 -2.39
N PHE H 180 0.31 -74.67 -1.11
CA PHE H 180 -0.74 -74.64 -0.09
C PHE H 180 -1.37 -73.26 0.02
N SER H 181 -2.69 -73.23 0.05
CA SER H 181 -3.39 -71.95 0.17
C SER H 181 -3.14 -71.24 1.50
N ASP H 182 -3.13 -72.00 2.59
CA ASP H 182 -2.96 -71.39 3.90
C ASP H 182 -1.82 -72.00 4.69
N PRO H 183 -0.98 -71.14 5.30
CA PRO H 183 0.11 -71.65 6.13
C PRO H 183 -0.41 -72.41 7.35
N GLU H 184 -1.49 -71.93 7.95
CA GLU H 184 -2.08 -72.61 9.11
C GLU H 184 -2.63 -73.99 8.78
N LEU H 185 -2.34 -74.98 9.61
CA LEU H 185 -2.89 -76.31 9.41
C LEU H 185 -3.60 -76.77 10.68
N ALA H 186 -4.85 -77.19 10.56
CA ALA H 186 -5.55 -77.74 11.72
C ALA H 186 -5.07 -79.15 11.99
N VAL H 187 -4.83 -79.46 13.26
CA VAL H 187 -4.40 -80.79 13.61
C VAL H 187 -5.43 -81.57 14.40
N GLN H 188 -5.92 -82.66 13.83
CA GLN H 188 -6.81 -83.52 14.58
C GLN H 188 -6.06 -84.83 14.63
N TRP H 189 -5.55 -85.17 15.80
CA TRP H 189 -4.75 -86.37 15.91
C TRP H 189 -5.29 -87.37 16.91
N ALA H 190 -6.14 -86.94 17.84
CA ALA H 190 -6.64 -87.81 18.90
C ALA H 190 -5.54 -88.38 19.80
N TYR H 191 -5.46 -87.93 21.05
CA TYR H 191 -4.36 -88.32 21.93
C TYR H 191 -4.24 -89.84 22.02
N PHE H 192 -3.02 -90.34 21.95
CA PHE H 192 -2.77 -91.77 21.96
C PHE H 192 -2.49 -92.25 23.38
N ARG H 193 -1.42 -93.00 23.57
CA ARG H 193 -1.05 -93.51 24.90
C ARG H 193 -2.14 -94.39 25.49
N GLU H 194 -2.61 -94.06 26.69
CA GLU H 194 -3.63 -94.86 27.34
C GLU H 194 -4.88 -94.90 26.48
N GLY H 195 -5.24 -93.76 25.89
CA GLY H 195 -6.37 -93.71 24.98
C GLY H 195 -6.12 -94.53 23.73
N GLN H 196 -4.89 -94.54 23.23
CA GLN H 196 -4.53 -95.29 22.02
C GLN H 196 -5.43 -94.98 20.83
N ALA H 197 -5.64 -93.70 20.57
CA ALA H 197 -6.56 -93.31 19.49
C ALA H 197 -5.88 -93.07 18.16
N GLY H 198 -5.73 -91.81 17.76
CA GLY H 198 -5.18 -91.51 16.45
C GLY H 198 -6.34 -91.10 15.57
N LEU H 199 -6.09 -90.27 14.56
CA LEU H 199 -7.20 -89.76 13.75
C LEU H 199 -7.01 -89.96 12.26
N ALA H 200 -8.07 -90.39 11.58
CA ALA H 200 -7.99 -90.58 10.14
C ALA H 200 -8.24 -89.34 9.30
N GLN H 201 -8.81 -88.29 9.89
CA GLN H 201 -9.18 -87.11 9.10
C GLN H 201 -8.75 -85.75 9.64
N ALA H 202 -7.48 -85.39 9.51
CA ALA H 202 -7.07 -84.05 9.90
C ALA H 202 -7.80 -83.07 9.00
N PRO H 203 -8.29 -81.97 9.56
CA PRO H 203 -9.09 -81.06 8.76
C PRO H 203 -8.40 -79.77 8.35
N SER H 204 -9.03 -79.00 7.46
CA SER H 204 -8.51 -77.69 7.08
C SER H 204 -7.10 -77.59 6.54
N ILE H 205 -6.71 -78.53 5.67
CA ILE H 205 -5.42 -78.38 5.03
C ILE H 205 -5.77 -77.92 3.64
N PRO H 206 -5.45 -76.67 3.30
CA PRO H 206 -5.89 -76.20 1.99
C PRO H 206 -4.76 -76.04 1.00
N LEU H 207 -4.93 -76.60 -0.20
CA LEU H 207 -3.92 -76.47 -1.23
C LEU H 207 -4.55 -76.03 -2.53
N ILE H 208 -3.80 -75.28 -3.33
CA ILE H 208 -4.30 -74.86 -4.62
C ILE H 208 -3.38 -75.39 -5.69
N GLU H 209 -3.95 -75.99 -6.73
CA GLU H 209 -3.14 -76.46 -7.82
C GLU H 209 -2.51 -75.20 -8.35
N VAL H 210 -1.21 -75.23 -8.58
CA VAL H 210 -0.55 -74.00 -9.00
C VAL H 210 0.04 -74.15 -10.39
N ARG H 211 -0.28 -73.22 -11.27
CA ARG H 211 0.34 -73.25 -12.58
C ARG H 211 1.53 -72.37 -12.36
N LEU H 212 2.69 -72.98 -12.19
CA LEU H 212 3.87 -72.20 -11.89
C LEU H 212 4.32 -71.37 -13.06
N ASP H 213 4.70 -70.13 -12.80
CA ASP H 213 5.24 -69.33 -13.87
C ASP H 213 6.63 -69.89 -14.08
N PRO H 214 7.00 -70.17 -15.34
CA PRO H 214 8.30 -70.81 -15.54
C PRO H 214 9.41 -69.78 -15.63
N MET I 1 14.89 -66.23 28.96
CA MET I 1 14.96 -66.10 30.43
C MET I 1 14.72 -67.39 31.22
N GLN I 2 14.96 -67.34 32.54
CA GLN I 2 14.75 -68.51 33.42
C GLN I 2 13.29 -68.90 33.41
N PHE I 3 12.42 -67.90 33.44
CA PHE I 3 10.96 -68.12 33.42
C PHE I 3 10.43 -68.69 34.72
N ILE I 4 9.21 -69.22 34.66
CA ILE I 4 8.63 -69.84 35.84
C ILE I 4 8.42 -71.30 35.47
N ASP I 5 8.88 -72.23 36.31
CA ASP I 5 8.71 -73.60 35.92
C ASP I 5 7.46 -74.21 36.55
N VAL I 6 6.38 -74.30 35.78
CA VAL I 6 5.18 -74.93 36.28
C VAL I 6 4.76 -75.99 35.27
N GLU I 7 4.76 -77.25 35.69
CA GLU I 7 4.41 -78.33 34.78
C GLU I 7 2.92 -78.40 34.50
N PHE I 8 2.55 -78.78 33.27
CA PHE I 8 1.14 -78.97 32.97
C PHE I 8 0.93 -80.46 33.06
N PRO I 9 0.03 -80.89 33.94
CA PRO I 9 -0.10 -82.33 34.10
C PRO I 9 -0.59 -82.99 32.82
N ARG I 10 0.00 -84.12 32.47
CA ARG I 10 -0.40 -84.82 31.25
C ARG I 10 -1.84 -85.32 31.34
N ASP I 11 -2.29 -85.66 32.54
CA ASP I 11 -3.68 -86.07 32.71
C ASP I 11 -4.60 -84.91 32.35
N ILE I 12 -4.26 -83.69 32.75
CA ILE I 12 -5.06 -82.53 32.35
C ILE I 12 -4.91 -82.36 30.84
N ALA I 13 -3.71 -82.60 30.33
CA ALA I 13 -3.47 -82.49 28.89
C ALA I 13 -4.31 -83.50 28.13
N ALA I 14 -4.68 -84.60 28.79
CA ALA I 14 -5.44 -85.63 28.12
C ALA I 14 -6.73 -85.09 27.57
N GLY I 15 -7.03 -85.42 26.31
CA GLY I 15 -8.24 -84.95 25.67
C GLY I 15 -8.15 -83.61 24.96
N CYS I 16 -7.01 -82.94 25.05
CA CYS I 16 -6.86 -81.61 24.45
C CYS I 16 -6.66 -81.60 22.93
N GLN I 17 -6.90 -80.45 22.29
CA GLN I 17 -6.77 -80.34 20.83
C GLN I 17 -5.82 -79.21 20.44
N ALA I 18 -5.12 -79.36 19.31
CA ALA I 18 -4.12 -78.37 18.91
C ALA I 18 -4.16 -77.98 17.44
N VAL I 19 -3.61 -76.81 17.12
CA VAL I 19 -3.54 -76.37 15.73
C VAL I 19 -2.13 -75.86 15.43
N LEU I 20 -1.68 -76.00 14.18
CA LEU I 20 -0.33 -75.60 13.82
C LEU I 20 -0.36 -74.37 12.94
N THR I 21 0.36 -73.31 13.32
CA THR I 21 0.32 -72.07 12.56
C THR I 21 1.68 -71.66 12.03
N ARG I 22 1.78 -71.41 10.72
CA ARG I 22 3.05 -71.03 10.11
C ARG I 22 3.00 -69.57 9.65
N ARG I 23 4.09 -68.84 9.82
CA ARG I 23 4.07 -67.41 9.48
C ARG I 23 4.73 -67.02 8.16
N ASP I 24 5.10 -68.00 7.34
CA ASP I 24 5.79 -67.66 6.09
C ASP I 24 4.88 -67.78 4.88
N GLU I 25 4.69 -66.67 4.17
CA GLU I 25 3.84 -66.67 2.97
C GLU I 25 4.14 -65.45 2.13
N VAL I 26 3.33 -64.40 2.26
CA VAL I 26 3.58 -63.14 1.53
C VAL I 26 3.79 -63.33 0.03
N VAL I 27 2.86 -63.99 -0.65
CA VAL I 27 3.00 -64.28 -2.09
C VAL I 27 2.88 -63.10 -3.05
N THR I 28 3.35 -63.28 -4.29
CA THR I 28 3.37 -62.19 -5.26
C THR I 28 2.18 -62.12 -6.21
N LEU I 29 2.46 -61.86 -7.49
CA LEU I 29 1.41 -61.67 -8.49
C LEU I 29 0.66 -62.91 -8.92
N ALA I 30 -0.42 -62.70 -9.66
CA ALA I 30 -1.25 -63.82 -10.13
C ALA I 30 -0.68 -64.42 -11.39
N SER I 31 0.51 -63.99 -11.80
CA SER I 31 1.16 -64.55 -12.97
C SER I 31 1.46 -66.02 -12.75
N GLY I 32 1.50 -66.46 -11.50
CA GLY I 32 1.86 -67.84 -11.21
C GLY I 32 3.23 -67.84 -10.60
N ARG I 33 3.80 -66.65 -10.44
CA ARG I 33 5.08 -66.57 -9.77
C ARG I 33 4.78 -66.09 -8.36
N GLU I 34 5.13 -66.89 -7.37
CA GLU I 34 4.85 -66.54 -5.99
C GLU I 34 6.14 -66.49 -5.21
N GLU I 35 6.29 -65.46 -4.39
CA GLU I 35 7.50 -65.30 -3.61
C GLU I 35 7.18 -65.59 -2.17
N VAL I 36 8.02 -66.39 -1.53
CA VAL I 36 7.78 -66.70 -0.13
C VAL I 36 8.65 -65.77 0.71
N ASN I 37 8.01 -64.97 1.55
CA ASN I 37 8.76 -64.09 2.44
C ASN I 37 8.54 -64.58 3.85
N SER I 38 9.62 -64.81 4.58
CA SER I 38 9.49 -65.34 5.93
C SER I 38 9.95 -64.35 6.97
N ARG I 39 9.10 -64.10 7.96
CA ARG I 39 9.49 -63.21 9.04
C ARG I 39 9.92 -63.99 10.26
N TRP I 40 9.95 -65.32 10.18
CA TRP I 40 10.32 -66.20 11.31
C TRP I 40 9.19 -66.44 12.30
N ALA I 41 9.47 -67.13 13.41
CA ALA I 41 8.44 -67.49 14.40
C ALA I 41 7.33 -68.29 13.77
N ASP I 42 7.68 -69.16 12.84
CA ASP I 42 6.70 -69.99 12.16
C ASP I 42 6.44 -71.29 12.89
N THR I 43 5.44 -72.04 12.47
CA THR I 43 5.12 -73.35 13.06
C THR I 43 4.88 -73.37 14.56
N ARG I 44 4.17 -72.37 15.07
CA ARG I 44 3.82 -72.38 16.48
C ARG I 44 2.56 -73.20 16.71
N ARG I 45 2.53 -73.96 17.80
CA ARG I 45 1.38 -74.81 18.09
C ARG I 45 0.45 -74.12 19.08
N SER I 46 -0.85 -74.11 18.79
CA SER I 46 -1.81 -73.51 19.70
C SER I 46 -2.61 -74.61 20.34
N TRP I 47 -2.71 -74.62 21.65
CA TRP I 47 -3.39 -75.72 22.33
C TRP I 47 -4.64 -75.31 23.10
N ASP I 48 -5.71 -76.07 22.94
CA ASP I 48 -6.92 -75.80 23.71
C ASP I 48 -7.06 -76.91 24.73
N ALA I 49 -6.98 -76.58 26.03
CA ALA I 49 -7.00 -77.61 27.06
C ALA I 49 -8.12 -77.57 28.09
N GLY I 50 -7.81 -77.93 29.32
CA GLY I 50 -8.81 -77.96 30.38
C GLY I 50 -9.53 -79.28 30.44
N LEU I 51 -9.19 -80.19 29.54
CA LEU I 51 -9.84 -81.49 29.50
C LEU I 51 -9.32 -82.42 30.58
N GLY I 52 -10.01 -83.52 30.85
CA GLY I 52 -9.50 -84.49 31.80
C GLY I 52 -9.20 -83.95 33.18
N VAL I 53 -10.03 -83.05 33.68
CA VAL I 53 -9.86 -82.51 35.02
C VAL I 53 -10.66 -83.30 36.05
N ARG I 54 -11.39 -84.34 35.62
CA ARG I 54 -12.09 -85.22 36.56
C ARG I 54 -13.05 -84.52 37.50
N ASP I 55 -12.91 -84.80 38.78
CA ASP I 55 -13.77 -84.16 39.77
C ASP I 55 -13.36 -82.72 39.97
N GLU I 56 -14.23 -81.94 40.60
CA GLU I 56 -13.96 -80.51 40.78
C GLU I 56 -12.68 -80.24 41.56
N ALA I 57 -12.34 -81.09 42.53
CA ALA I 57 -11.12 -80.90 43.28
C ALA I 57 -9.90 -80.94 42.36
N ASP I 58 -9.86 -81.86 41.42
CA ASP I 58 -8.76 -81.89 40.45
C ASP I 58 -8.78 -80.64 39.60
N LEU I 59 -9.97 -80.19 39.22
CA LEU I 59 -10.10 -78.98 38.42
C LEU I 59 -9.55 -77.82 39.24
N ALA I 60 -9.80 -77.84 40.54
CA ALA I 60 -9.31 -76.78 41.41
C ALA I 60 -7.80 -76.72 41.39
N GLN I 61 -7.15 -77.88 41.31
CA GLN I 61 -5.69 -77.90 41.26
C GLN I 61 -5.18 -77.18 40.02
N VAL I 62 -5.79 -77.41 38.86
CA VAL I 62 -5.39 -76.68 37.67
C VAL I 62 -5.68 -75.20 37.82
N VAL I 63 -6.82 -74.89 38.44
CA VAL I 63 -7.19 -73.51 38.66
C VAL I 63 -6.14 -72.86 39.55
N ALA I 64 -5.67 -73.60 40.55
CA ALA I 64 -4.63 -73.09 41.43
C ALA I 64 -3.37 -72.81 40.64
N LEU I 65 -3.06 -73.68 39.68
CA LEU I 65 -1.91 -73.46 38.83
C LEU I 65 -2.09 -72.18 38.01
N PHE I 66 -3.30 -71.96 37.51
CA PHE I 66 -3.57 -70.73 36.78
C PHE I 66 -3.38 -69.55 37.70
N GLU I 67 -3.83 -69.67 38.93
CA GLU I 67 -3.62 -68.61 39.91
C GLU I 67 -2.14 -68.41 40.22
N GLU I 68 -1.39 -69.50 40.29
CA GLU I 68 0.04 -69.40 40.55
C GLU I 68 0.74 -68.61 39.46
N VAL I 69 0.37 -68.88 38.20
CA VAL I 69 0.96 -68.12 37.09
C VAL I 69 0.54 -66.66 37.11
N ARG I 70 -0.65 -66.36 37.64
CA ARG I 70 -1.09 -64.98 37.74
C ARG I 70 -1.03 -64.25 36.42
N GLY I 71 -1.79 -64.69 35.43
CA GLY I 71 -1.68 -64.08 34.12
C GLY I 71 -0.37 -64.46 33.47
N ARG I 72 0.03 -65.72 33.62
CA ARG I 72 1.26 -66.22 32.96
C ARG I 72 2.55 -65.45 33.20
N LEU I 73 2.91 -65.27 34.47
CA LEU I 73 4.17 -64.63 34.74
C LEU I 73 5.22 -65.45 34.03
N TYR I 74 6.09 -64.79 33.27
CA TYR I 74 7.10 -65.51 32.51
C TYR I 74 6.46 -66.55 31.60
N ALA I 75 6.94 -67.78 31.66
CA ALA I 75 6.42 -68.83 30.78
C ALA I 75 5.94 -70.02 31.60
N PHE I 76 5.07 -70.84 31.02
CA PHE I 76 4.55 -72.00 31.73
C PHE I 76 4.87 -73.28 30.98
N ARG I 77 5.43 -74.27 31.69
CA ARG I 77 5.83 -75.51 31.02
C ARG I 77 4.66 -76.42 30.66
N PHE I 78 4.69 -76.96 29.46
CA PHE I 78 3.65 -77.90 29.06
C PHE I 78 4.35 -79.11 28.47
N ARG I 79 3.90 -80.30 28.83
CA ARG I 79 4.54 -81.51 28.32
C ARG I 79 3.73 -82.06 27.17
N ASP I 80 4.39 -82.22 26.02
CA ASP I 80 3.67 -82.70 24.85
C ASP I 80 4.01 -84.14 24.58
N TRP I 81 3.00 -84.99 24.58
CA TRP I 81 3.20 -86.42 24.33
C TRP I 81 3.72 -86.66 22.92
N LEU I 82 3.23 -85.88 21.97
CA LEU I 82 3.63 -86.08 20.59
C LEU I 82 5.13 -85.86 20.44
N ASP I 83 5.65 -84.84 21.10
CA ASP I 83 7.08 -84.57 21.03
C ASP I 83 7.88 -85.32 22.09
N TRP I 84 7.21 -85.94 23.04
CA TRP I 84 7.91 -86.61 24.13
C TRP I 84 8.80 -87.72 23.61
N ARG I 85 8.32 -88.46 22.62
CA ARG I 85 9.13 -89.50 22.06
C ARG I 85 9.83 -89.02 20.80
N THR I 86 11.15 -89.18 20.76
CA THR I 86 11.89 -88.83 19.54
C THR I 86 11.41 -89.78 18.47
N ALA I 87 11.19 -91.04 18.86
CA ALA I 87 10.69 -92.05 17.93
C ALA I 87 9.18 -92.03 17.86
N ALA I 88 8.60 -93.06 17.21
CA ALA I 88 7.15 -93.16 17.14
C ALA I 88 6.61 -93.37 18.54
N THR I 89 5.35 -93.03 18.79
CA THR I 89 4.84 -93.10 20.16
C THR I 89 4.91 -94.49 20.76
N ARG I 90 4.52 -95.52 20.01
CA ARG I 90 4.67 -96.88 20.52
C ARG I 90 6.14 -97.23 20.65
N ALA I 91 6.95 -96.81 19.68
CA ALA I 91 8.38 -97.13 19.70
C ALA I 91 9.15 -96.45 20.83
N PRO I 92 10.17 -97.14 21.37
CA PRO I 92 10.98 -96.54 22.43
C PRO I 92 11.82 -95.36 21.94
N ILE I 93 11.91 -94.32 22.76
CA ILE I 93 12.75 -93.17 22.40
C ILE I 93 14.18 -93.48 22.85
N THR I 94 15.15 -93.30 21.95
CA THR I 94 16.54 -93.65 22.28
C THR I 94 17.51 -92.55 21.90
N ALA I 95 18.72 -92.62 22.44
CA ALA I 95 19.74 -91.62 22.09
C ALA I 95 19.97 -91.72 20.61
N THR I 96 20.01 -92.94 20.11
CA THR I 96 20.24 -93.17 18.69
C THR I 96 19.15 -92.56 17.81
N ASP I 97 17.91 -92.56 18.28
CA ASP I 97 16.80 -92.11 17.44
C ASP I 97 16.93 -90.67 16.97
N GLN I 98 17.38 -89.77 17.82
CA GLN I 98 17.59 -88.41 17.36
C GLN I 98 19.08 -88.12 17.28
N PRO I 99 19.56 -87.72 16.09
CA PRO I 99 20.96 -87.37 15.98
C PRO I 99 21.20 -85.87 16.12
N LEU I 100 21.87 -85.47 17.19
CA LEU I 100 22.10 -84.04 17.43
C LEU I 100 23.00 -83.37 16.39
N GLY I 101 24.07 -84.03 15.98
CA GLY I 101 25.00 -83.43 15.04
C GLY I 101 26.36 -84.08 15.10
N LEU I 102 27.35 -83.48 14.45
CA LEU I 102 28.72 -84.04 14.48
C LEU I 102 29.73 -83.06 15.09
N GLY I 103 30.50 -83.53 16.06
CA GLY I 103 31.51 -82.69 16.68
C GLY I 103 32.68 -82.35 15.80
N ASP I 104 33.23 -81.14 15.94
CA ASP I 104 34.40 -80.75 15.17
C ASP I 104 35.67 -80.73 16.00
N GLY I 105 35.60 -81.23 17.23
CA GLY I 105 36.76 -81.17 18.12
C GLY I 105 36.67 -79.94 19.00
N SER I 106 35.77 -79.03 18.68
CA SER I 106 35.56 -77.86 19.54
C SER I 106 34.09 -77.72 19.92
N ARG I 107 33.25 -78.64 19.45
CA ARG I 107 31.82 -78.51 19.69
C ARG I 107 31.37 -79.07 21.02
N THR I 108 31.68 -78.37 22.10
CA THR I 108 31.26 -78.83 23.41
C THR I 108 29.75 -78.84 23.54
N ALA I 109 29.08 -77.82 23.02
CA ALA I 109 27.64 -77.73 23.23
C ALA I 109 26.78 -78.15 22.07
N PHE I 110 25.79 -79.00 22.34
CA PHE I 110 24.86 -79.39 21.29
C PHE I 110 23.44 -79.09 21.73
N GLN I 111 22.70 -78.32 20.94
CA GLN I 111 21.31 -78.04 21.25
C GLN I 111 20.47 -79.28 20.98
N VAL I 112 19.46 -79.52 21.80
CA VAL I 112 18.58 -80.64 21.51
C VAL I 112 17.61 -80.12 20.48
N VAL I 113 17.60 -80.72 19.30
CA VAL I 113 16.75 -80.21 18.22
C VAL I 113 15.89 -81.28 17.60
N LYS I 114 14.62 -80.96 17.37
CA LYS I 114 13.76 -81.92 16.69
C LYS I 114 13.71 -81.48 15.24
N VAL I 115 14.17 -82.34 14.36
CA VAL I 115 14.20 -81.97 12.96
C VAL I 115 12.95 -82.51 12.32
N TYR I 116 12.18 -81.64 11.67
CA TYR I 116 10.91 -82.09 11.11
C TYR I 116 11.00 -82.19 9.61
N GLY I 117 10.81 -83.38 9.09
CA GLY I 117 10.95 -83.60 7.66
C GLY I 117 12.37 -83.97 7.30
N ALA I 118 12.60 -84.27 6.03
CA ALA I 118 13.93 -84.72 5.63
C ALA I 118 14.71 -83.80 4.70
N VAL I 119 14.10 -83.38 3.58
CA VAL I 119 14.87 -82.59 2.62
C VAL I 119 15.32 -81.26 3.19
N ASN I 120 14.42 -80.53 3.83
CA ASN I 120 14.78 -79.26 4.46
C ASN I 120 14.13 -79.24 5.82
N PRO I 121 14.66 -80.02 6.77
CA PRO I 121 13.94 -80.11 8.05
C PRO I 121 13.83 -78.81 8.81
N TYR I 122 12.64 -78.53 9.34
CA TYR I 122 12.47 -77.35 10.18
C TYR I 122 12.88 -77.84 11.54
N THR I 123 13.80 -77.14 12.18
CA THR I 123 14.28 -77.65 13.45
C THR I 123 13.57 -76.99 14.60
N ARG I 124 13.15 -77.79 15.57
CA ARG I 124 12.54 -77.21 16.75
C ARG I 124 13.55 -77.36 17.85
N PRO I 125 14.13 -76.24 18.30
CA PRO I 125 15.03 -76.35 19.43
C PRO I 125 14.22 -76.74 20.65
N LEU I 126 14.77 -77.59 21.50
CA LEU I 126 14.05 -77.93 22.71
C LEU I 126 14.60 -77.11 23.86
N SER I 127 13.79 -76.17 24.34
CA SER I 127 14.21 -75.38 25.49
C SER I 127 14.34 -76.22 26.75
N LEU I 128 13.36 -77.08 26.99
CA LEU I 128 13.40 -77.90 28.18
C LEU I 128 13.42 -79.37 27.83
N PRO I 129 14.50 -80.06 28.17
CA PRO I 129 14.52 -81.49 27.92
C PRO I 129 14.10 -82.20 29.18
N HIS I 130 13.12 -83.10 29.09
CA HIS I 130 12.62 -83.73 30.30
C HIS I 130 13.77 -84.51 30.92
N PRO I 131 13.98 -84.33 32.23
CA PRO I 131 15.13 -84.97 32.89
C PRO I 131 15.04 -86.47 33.04
N GLY I 132 16.16 -87.16 32.84
CA GLY I 132 16.19 -88.60 33.03
C GLY I 132 15.81 -89.38 31.81
N THR I 133 15.28 -88.71 30.79
CA THR I 133 14.98 -89.40 29.55
C THR I 133 16.10 -89.04 28.62
N VAL I 134 17.04 -88.23 29.11
CA VAL I 134 18.11 -87.77 28.26
C VAL I 134 19.18 -88.84 28.15
N ARG I 135 19.43 -89.28 26.94
CA ARG I 135 20.49 -90.25 26.73
C ARG I 135 21.40 -89.65 25.69
N VAL I 136 22.70 -89.66 25.94
CA VAL I 136 23.64 -89.08 25.00
C VAL I 136 24.54 -90.19 24.49
N ALA I 137 24.69 -90.29 23.18
CA ALA I 137 25.59 -91.28 22.63
C ALA I 137 26.66 -90.68 21.74
N LEU I 138 27.91 -90.94 22.07
CA LEU I 138 29.00 -90.50 21.21
C LEU I 138 29.10 -91.51 20.09
N ASP I 139 29.81 -91.16 19.03
CA ASP I 139 29.88 -92.06 17.90
C ASP I 139 30.51 -93.37 18.34
N GLY I 140 31.58 -93.28 19.12
CA GLY I 140 32.20 -94.49 19.62
C GLY I 140 31.35 -95.29 20.58
N VAL I 141 30.71 -94.63 21.53
CA VAL I 141 29.92 -95.34 22.54
C VAL I 141 28.92 -94.42 23.22
N THR I 142 27.91 -94.97 23.88
CA THR I 142 26.96 -94.15 24.62
C THR I 142 27.71 -93.42 25.71
N GLN I 143 27.38 -92.15 25.93
CA GLN I 143 28.08 -91.38 26.94
C GLN I 143 27.31 -91.34 28.23
N PRO I 144 27.86 -91.97 29.28
CA PRO I 144 27.22 -91.93 30.59
C PRO I 144 27.20 -90.54 31.18
N SER I 145 28.28 -89.79 31.03
CA SER I 145 28.38 -88.49 31.68
C SER I 145 29.36 -87.53 31.02
N GLY I 146 29.46 -86.33 31.57
CA GLY I 146 30.37 -85.33 31.01
C GLY I 146 29.62 -84.42 30.07
N TRP I 147 28.37 -84.75 29.78
CA TRP I 147 27.58 -83.88 28.95
C TRP I 147 26.77 -83.09 29.95
N THR I 148 26.95 -81.78 29.96
CA THR I 148 26.26 -80.98 30.95
C THR I 148 25.01 -80.39 30.35
N LEU I 149 23.87 -80.98 30.68
CA LEU I 149 22.62 -80.46 30.17
C LEU I 149 22.22 -79.23 30.95
N THR I 150 21.80 -78.19 30.26
CA THR I 150 21.30 -77.04 30.97
C THR I 150 19.81 -77.21 30.84
N ALA I 151 19.12 -77.46 31.94
CA ALA I 151 17.70 -77.72 31.82
C ALA I 151 16.94 -76.52 31.26
N PRO I 152 17.20 -75.30 31.77
CA PRO I 152 16.52 -74.19 31.11
C PRO I 152 17.02 -74.02 29.70
N GLY I 153 18.33 -74.15 29.49
CA GLY I 153 18.92 -73.97 28.19
C GLY I 153 18.56 -74.93 27.09
N GLY I 154 18.47 -76.22 27.41
CA GLY I 154 18.25 -77.22 26.38
C GLY I 154 19.55 -77.57 25.69
N VAL I 155 20.67 -77.14 26.25
CA VAL I 155 21.97 -77.39 25.63
C VAL I 155 22.77 -78.38 26.47
N ILE I 156 23.35 -79.37 25.82
CA ILE I 156 24.18 -80.32 26.54
C ILE I 156 25.62 -79.99 26.22
N THR I 157 26.43 -79.76 27.25
CA THR I 157 27.81 -79.37 27.01
C THR I 157 28.79 -80.46 27.38
N PHE I 158 29.48 -81.01 26.40
CA PHE I 158 30.49 -82.01 26.70
C PHE I 158 31.67 -81.29 27.33
N ASP I 159 32.18 -81.82 28.42
CA ASP I 159 33.34 -81.24 29.05
C ASP I 159 34.50 -81.34 28.09
N THR I 160 34.62 -82.48 27.41
CA THR I 160 35.66 -82.62 26.41
C THR I 160 34.94 -82.62 25.08
N PRO I 161 35.26 -81.65 24.22
CA PRO I 161 34.51 -81.56 22.97
C PRO I 161 34.72 -82.79 22.10
N PRO I 162 33.63 -83.29 21.48
CA PRO I 162 33.74 -84.48 20.63
C PRO I 162 34.66 -84.21 19.46
N ALA I 163 35.47 -85.19 19.08
CA ALA I 163 36.46 -84.98 18.02
C ALA I 163 35.86 -84.86 16.64
N LEU I 164 36.65 -84.37 15.69
CA LEU I 164 36.15 -84.17 14.34
C LEU I 164 35.64 -85.48 13.77
N GLY I 165 34.50 -85.42 13.09
CA GLY I 165 33.93 -86.62 12.51
C GLY I 165 33.26 -87.54 13.50
N VAL I 166 32.92 -87.03 14.69
CA VAL I 166 32.22 -87.85 15.66
C VAL I 166 30.75 -87.48 15.75
N THR I 167 29.88 -88.44 15.46
CA THR I 167 28.45 -88.19 15.55
C THR I 167 27.96 -88.13 16.98
N VAL I 168 27.06 -87.21 17.28
CA VAL I 168 26.47 -87.15 18.60
C VAL I 168 25.01 -87.48 18.42
N THR I 169 24.53 -88.50 19.13
CA THR I 169 23.13 -88.86 19.03
C THR I 169 22.50 -88.72 20.40
N ALA I 170 21.49 -87.87 20.52
CA ALA I 170 20.80 -87.73 21.80
C ALA I 170 19.27 -87.76 21.71
N GLY I 171 18.64 -88.57 22.54
CA GLY I 171 17.18 -88.65 22.55
C GLY I 171 16.61 -88.36 23.92
N CYS I 172 15.60 -87.51 23.99
CA CYS I 172 15.00 -87.15 25.28
C CYS I 172 13.54 -86.74 25.14
N SER I 173 12.81 -86.75 26.25
CA SER I 173 11.42 -86.29 26.22
C SER I 173 11.34 -84.78 26.05
N PHE I 174 10.25 -84.29 25.48
CA PHE I 174 10.17 -82.87 25.20
C PHE I 174 9.26 -82.07 26.11
N ASP I 175 9.80 -81.04 26.74
CA ASP I 175 8.97 -80.17 27.58
C ASP I 175 8.99 -78.83 26.86
N VAL I 176 7.82 -78.28 26.59
CA VAL I 176 7.77 -77.05 25.80
C VAL I 176 7.16 -75.84 26.51
N PRO I 177 7.83 -74.68 26.42
CA PRO I 177 7.29 -73.47 27.03
C PRO I 177 5.99 -73.07 26.38
N VAL I 178 4.98 -72.75 27.19
CA VAL I 178 3.68 -72.37 26.66
C VAL I 178 3.17 -71.14 27.39
N ARG I 179 2.61 -70.17 26.66
CA ARG I 179 2.02 -69.01 27.30
C ARG I 179 0.54 -68.97 26.96
N PHE I 180 -0.31 -68.82 27.96
CA PHE I 180 -1.76 -68.85 27.71
C PHE I 180 -2.20 -67.68 26.84
N SER I 181 -3.03 -67.96 25.84
CA SER I 181 -3.57 -66.90 25.00
C SER I 181 -4.51 -65.94 25.69
N ASP I 182 -5.39 -66.45 26.55
CA ASP I 182 -6.40 -65.60 27.17
C ASP I 182 -6.29 -65.51 28.67
N PRO I 183 -6.35 -64.28 29.21
CA PRO I 183 -6.30 -64.10 30.66
C PRO I 183 -7.45 -64.78 31.35
N GLU I 184 -8.66 -64.67 30.81
CA GLU I 184 -9.83 -65.32 31.41
C GLU I 184 -9.72 -66.83 31.32
N LEU I 185 -10.20 -67.52 32.35
CA LEU I 185 -10.19 -68.99 32.31
C LEU I 185 -11.61 -69.54 32.28
N ALA I 186 -11.93 -70.32 31.25
CA ALA I 186 -13.26 -70.90 31.15
C ALA I 186 -13.37 -72.10 32.08
N VAL I 187 -14.42 -72.15 32.87
CA VAL I 187 -14.54 -73.24 33.85
C VAL I 187 -15.81 -74.06 33.77
N GLN I 188 -15.68 -75.37 33.65
CA GLN I 188 -16.84 -76.24 33.69
C GLN I 188 -16.54 -77.05 34.91
N TRP I 189 -17.37 -76.93 35.93
CA TRP I 189 -17.05 -77.61 37.18
C TRP I 189 -18.06 -78.66 37.56
N ALA I 190 -19.31 -78.55 37.07
CA ALA I 190 -20.38 -79.48 37.45
C ALA I 190 -20.70 -79.48 38.95
N TYR I 191 -21.85 -78.95 39.33
CA TYR I 191 -22.17 -78.81 40.76
C TYR I 191 -22.16 -80.11 41.55
N PHE I 192 -21.61 -80.05 42.77
CA PHE I 192 -21.53 -81.23 43.60
C PHE I 192 -22.72 -81.30 44.53
N ARG I 193 -22.49 -81.13 45.82
CA ARG I 193 -23.57 -81.20 46.81
C ARG I 193 -24.32 -82.53 46.73
N GLU I 194 -25.64 -82.49 46.83
CA GLU I 194 -26.43 -83.72 46.77
C GLU I 194 -26.39 -84.41 45.40
N GLY I 195 -26.49 -83.65 44.33
CA GLY I 195 -26.35 -84.24 43.00
C GLY I 195 -24.88 -84.14 42.69
N GLN I 196 -24.07 -85.03 43.28
CA GLN I 196 -22.62 -84.91 43.13
C GLN I 196 -22.13 -85.01 41.70
N ALA I 197 -21.20 -84.13 41.34
CA ALA I 197 -20.66 -84.15 39.98
C ALA I 197 -19.16 -83.96 39.87
N GLY I 198 -18.73 -82.85 39.26
CA GLY I 198 -17.31 -82.64 39.02
C GLY I 198 -17.13 -82.89 37.54
N LEU I 199 -16.97 -81.83 36.75
CA LEU I 199 -16.93 -82.03 35.31
C LEU I 199 -15.61 -82.57 34.87
N ALA I 200 -15.66 -83.69 34.15
CA ALA I 200 -14.44 -84.34 33.73
C ALA I 200 -13.63 -83.46 32.82
N GLN I 201 -14.30 -82.71 31.94
CA GLN I 201 -13.57 -81.79 31.09
C GLN I 201 -14.02 -80.35 31.20
N ALA I 202 -13.10 -79.44 31.50
CA ALA I 202 -13.41 -78.03 31.52
C ALA I 202 -13.36 -77.54 30.08
N PRO I 203 -13.92 -76.35 29.78
CA PRO I 203 -13.94 -75.92 28.39
C PRO I 203 -12.54 -75.58 27.93
N SER I 204 -12.32 -75.50 26.63
CA SER I 204 -10.98 -75.30 26.13
C SER I 204 -10.31 -74.08 26.72
N ILE I 205 -9.07 -74.25 27.17
CA ILE I 205 -8.32 -73.14 27.73
C ILE I 205 -7.24 -72.87 26.70
N PRO I 206 -7.15 -71.63 26.24
CA PRO I 206 -6.16 -71.45 25.18
C PRO I 206 -4.77 -71.23 25.74
N LEU I 207 -3.87 -72.15 25.46
CA LEU I 207 -2.49 -72.01 25.88
C LEU I 207 -1.66 -72.20 24.62
N ILE I 208 -0.75 -71.28 24.34
CA ILE I 208 -0.02 -71.38 23.07
C ILE I 208 1.44 -71.71 23.24
N GLU I 209 1.90 -72.74 22.53
CA GLU I 209 3.32 -73.03 22.57
C GLU I 209 3.92 -71.79 21.96
N VAL I 210 4.89 -71.20 22.62
CA VAL I 210 5.44 -69.95 22.12
C VAL I 210 6.92 -70.07 21.89
N ARG I 211 7.39 -69.69 20.72
CA ARG I 211 8.82 -69.68 20.48
C ARG I 211 9.19 -68.32 21.00
N LEU I 212 9.91 -68.29 22.11
CA LEU I 212 10.22 -67.01 22.74
C LEU I 212 11.10 -66.13 21.86
N ASP I 213 10.84 -64.83 21.87
CA ASP I 213 11.61 -63.92 21.03
C ASP I 213 12.78 -63.37 21.80
N PRO I 214 13.99 -63.58 21.29
CA PRO I 214 15.18 -63.09 21.98
C PRO I 214 15.49 -61.66 21.59
N MET J 1 -16.75 -49.38 51.44
CA MET J 1 -17.77 -48.72 52.25
C MET J 1 -18.47 -49.69 53.18
N GLN J 2 -19.54 -49.26 53.81
CA GLN J 2 -20.32 -50.17 54.65
C GLN J 2 -20.93 -51.27 53.82
N PHE J 3 -21.46 -50.93 52.64
CA PHE J 3 -22.05 -51.92 51.73
C PHE J 3 -23.34 -52.51 52.25
N ILE J 4 -23.83 -53.58 51.63
CA ILE J 4 -25.02 -54.26 52.11
C ILE J 4 -24.74 -55.74 52.12
N ASP J 5 -25.22 -56.46 53.14
CA ASP J 5 -25.06 -57.90 53.10
C ASP J 5 -26.45 -58.49 52.94
N VAL J 6 -26.74 -59.03 51.76
CA VAL J 6 -28.03 -59.67 51.55
C VAL J 6 -27.81 -61.08 51.03
N GLU J 7 -28.30 -62.07 51.75
CA GLU J 7 -28.04 -63.45 51.37
C GLU J 7 -28.65 -63.91 50.06
N PHE J 8 -27.92 -64.71 49.30
CA PHE J 8 -28.46 -65.27 48.08
C PHE J 8 -28.78 -66.70 48.45
N PRO J 9 -30.01 -67.15 48.19
CA PRO J 9 -30.36 -68.49 48.67
C PRO J 9 -29.50 -69.58 48.04
N ARG J 10 -29.10 -70.56 48.83
CA ARG J 10 -28.24 -71.64 48.34
C ARG J 10 -28.90 -72.46 47.25
N ASP J 11 -30.21 -72.69 47.37
CA ASP J 11 -30.93 -73.45 46.36
C ASP J 11 -30.88 -72.74 45.01
N ILE J 12 -31.06 -71.43 45.00
CA ILE J 12 -30.93 -70.67 43.75
C ILE J 12 -29.48 -70.77 43.30
N ALA J 13 -28.56 -70.72 44.26
CA ALA J 13 -27.14 -70.85 43.94
C ALA J 13 -26.83 -72.23 43.36
N ALA J 14 -27.63 -73.23 43.70
CA ALA J 14 -27.42 -74.57 43.17
C ALA J 14 -27.53 -74.52 41.66
N GLY J 15 -28.52 -73.79 41.14
CA GLY J 15 -28.63 -73.61 39.71
C GLY J 15 -27.52 -72.77 39.11
N CYS J 16 -26.94 -71.86 39.90
CA CYS J 16 -25.93 -70.93 39.37
C CYS J 16 -24.64 -71.49 38.75
N GLN J 17 -24.22 -70.92 37.62
CA GLN J 17 -22.98 -71.35 36.94
C GLN J 17 -21.70 -70.75 37.52
N ALA J 18 -20.57 -71.39 37.27
CA ALA J 18 -19.29 -70.85 37.73
C ALA J 18 -18.24 -70.71 36.62
N VAL J 19 -17.65 -69.52 36.50
CA VAL J 19 -16.58 -69.30 35.51
C VAL J 19 -15.48 -68.50 36.20
N LEU J 20 -14.25 -68.59 35.72
CA LEU J 20 -13.15 -67.89 36.37
C LEU J 20 -12.68 -66.69 35.57
N THR J 21 -12.69 -65.52 36.17
CA THR J 21 -12.26 -64.32 35.46
C THR J 21 -10.91 -63.86 35.94
N ARG J 22 -9.94 -63.81 35.04
CA ARG J 22 -8.60 -63.40 35.43
C ARG J 22 -8.10 -62.36 34.43
N ARG J 23 -7.30 -61.41 34.89
CA ARG J 23 -6.80 -60.35 34.01
C ARG J 23 -5.28 -60.33 33.89
N ASP J 24 -4.69 -59.14 33.87
CA ASP J 24 -3.22 -58.97 33.79
C ASP J 24 -2.48 -59.65 32.62
N GLU J 25 -2.97 -59.50 31.39
CA GLU J 25 -2.23 -60.05 30.25
C GLU J 25 -1.59 -58.97 29.38
N VAL J 26 -2.26 -58.60 28.29
CA VAL J 26 -1.75 -57.52 27.42
C VAL J 26 -0.28 -57.67 27.00
N VAL J 27 0.04 -58.79 26.38
CA VAL J 27 1.42 -59.05 25.95
C VAL J 27 1.87 -58.20 24.76
N THR J 28 3.17 -58.17 24.49
CA THR J 28 3.71 -57.33 23.43
C THR J 28 3.63 -57.89 22.03
N LEU J 29 4.59 -57.54 21.18
CA LEU J 29 4.54 -57.95 19.78
C LEU J 29 4.43 -59.45 19.62
N ALA J 30 3.61 -59.89 18.67
CA ALA J 30 3.42 -61.31 18.48
C ALA J 30 4.53 -61.89 17.63
N SER J 31 5.77 -61.69 18.06
CA SER J 31 6.89 -62.29 17.38
C SER J 31 7.38 -63.26 18.42
N GLY J 32 6.55 -63.52 19.41
CA GLY J 32 6.97 -64.36 20.52
C GLY J 32 7.44 -63.44 21.64
N ARG J 33 7.28 -62.14 21.44
CA ARG J 33 7.64 -61.19 22.50
C ARG J 33 6.48 -61.06 23.47
N GLU J 34 6.76 -61.23 24.76
CA GLU J 34 5.70 -61.16 25.75
C GLU J 34 5.98 -60.17 26.87
N GLU J 35 5.02 -59.30 27.17
CA GLU J 35 5.18 -58.36 28.26
C GLU J 35 3.98 -58.49 29.19
N VAL J 36 4.21 -58.56 30.50
CA VAL J 36 3.08 -58.77 31.39
C VAL J 36 2.56 -57.47 31.96
N ASN J 37 1.40 -57.03 31.49
CA ASN J 37 0.78 -55.84 32.06
C ASN J 37 0.17 -56.32 33.36
N SER J 38 0.13 -55.48 34.39
CA SER J 38 -0.56 -55.90 35.59
C SER J 38 -1.81 -55.07 35.84
N ARG J 39 -2.98 -55.67 35.69
CA ARG J 39 -4.21 -54.96 36.02
C ARG J 39 -4.26 -54.72 37.52
N TRP J 40 -3.81 -55.69 38.32
CA TRP J 40 -3.76 -55.61 39.80
C TRP J 40 -5.04 -56.12 40.46
N ALA J 41 -4.92 -56.85 41.56
CA ALA J 41 -6.11 -57.30 42.31
C ALA J 41 -7.20 -57.97 41.48
N ASP J 42 -6.86 -58.96 40.66
CA ASP J 42 -7.85 -59.56 39.78
C ASP J 42 -8.51 -60.83 40.33
N THR J 43 -8.63 -61.85 39.49
CA THR J 43 -9.24 -63.13 39.91
C THR J 43 -10.69 -63.07 40.40
N ARG J 44 -11.53 -62.28 39.75
CA ARG J 44 -12.95 -62.26 40.10
C ARG J 44 -13.58 -63.53 39.53
N ARG J 45 -14.78 -63.87 39.98
CA ARG J 45 -15.46 -65.03 39.41
C ARG J 45 -16.77 -64.70 38.73
N SER J 46 -16.97 -65.22 37.52
CA SER J 46 -18.19 -64.96 36.79
C SER J 46 -19.27 -66.00 37.06
N TRP J 47 -20.50 -65.55 37.23
CA TRP J 47 -21.61 -66.49 37.46
C TRP J 47 -22.89 -66.14 36.73
N ASP J 48 -23.72 -67.13 36.42
CA ASP J 48 -25.04 -66.84 35.85
C ASP J 48 -26.01 -67.57 36.75
N ALA J 49 -27.06 -66.91 37.20
CA ALA J 49 -27.95 -67.53 38.19
C ALA J 49 -29.41 -67.69 37.85
N GLY J 50 -30.21 -68.06 38.84
CA GLY J 50 -31.65 -68.20 38.64
C GLY J 50 -32.11 -69.57 38.22
N LEU J 51 -31.18 -70.46 37.93
CA LEU J 51 -31.54 -71.79 37.45
C LEU J 51 -31.91 -72.72 38.59
N GLY J 52 -31.72 -72.25 39.83
CA GLY J 52 -32.07 -73.05 40.99
C GLY J 52 -33.37 -72.64 41.65
N VAL J 53 -34.18 -71.82 40.99
CA VAL J 53 -35.41 -71.31 41.62
C VAL J 53 -36.42 -72.39 42.00
N ARG J 54 -36.55 -73.45 41.20
CA ARG J 54 -37.48 -74.57 41.49
C ARG J 54 -38.95 -74.29 41.24
N ASP J 55 -39.51 -73.27 41.87
CA ASP J 55 -40.94 -72.99 41.74
C ASP J 55 -41.26 -71.53 41.66
N GLU J 56 -42.50 -71.21 41.32
CA GLU J 56 -42.89 -69.81 41.14
C GLU J 56 -42.72 -68.96 42.39
N ALA J 57 -43.07 -69.48 43.55
CA ALA J 57 -42.96 -68.69 44.77
C ALA J 57 -41.52 -68.33 45.06
N ASP J 58 -40.62 -69.30 44.92
CA ASP J 58 -39.20 -69.02 45.13
C ASP J 58 -38.66 -68.06 44.09
N LEU J 59 -39.13 -68.19 42.86
CA LEU J 59 -38.69 -67.31 41.79
C LEU J 59 -39.09 -65.89 42.18
N ALA J 60 -40.29 -65.74 42.74
CA ALA J 60 -40.73 -64.43 43.16
C ALA J 60 -39.81 -63.89 44.24
N GLN J 61 -39.37 -64.76 45.14
CA GLN J 61 -38.52 -64.31 46.23
C GLN J 61 -37.20 -63.73 45.75
N VAL J 62 -36.53 -64.39 44.81
CA VAL J 62 -35.30 -63.82 44.28
C VAL J 62 -35.55 -62.52 43.54
N VAL J 63 -36.65 -62.46 42.80
CA VAL J 63 -36.96 -61.25 42.05
C VAL J 63 -37.19 -60.10 43.02
N ALA J 64 -37.90 -60.35 44.11
CA ALA J 64 -38.12 -59.33 45.11
C ALA J 64 -36.78 -58.94 45.70
N LEU J 65 -35.93 -59.92 45.90
CA LEU J 65 -34.60 -59.66 46.46
C LEU J 65 -33.78 -58.77 45.52
N PHE J 66 -33.86 -59.00 44.22
CA PHE J 66 -33.16 -58.14 43.27
C PHE J 66 -33.73 -56.74 43.35
N GLU J 67 -35.04 -56.65 43.49
CA GLU J 67 -35.68 -55.35 43.65
C GLU J 67 -35.26 -54.67 44.93
N GLU J 68 -34.97 -55.46 45.96
CA GLU J 68 -34.59 -54.90 47.25
C GLU J 68 -33.34 -54.06 47.10
N VAL J 69 -32.37 -54.57 46.36
CA VAL J 69 -31.13 -53.82 46.16
C VAL J 69 -31.32 -52.76 45.10
N ARG J 70 -32.43 -52.82 44.38
CA ARG J 70 -32.72 -51.80 43.37
C ARG J 70 -31.58 -51.66 42.40
N GLY J 71 -31.06 -52.78 41.91
CA GLY J 71 -29.92 -52.72 41.02
C GLY J 71 -28.60 -52.79 41.75
N ARG J 72 -28.38 -53.87 42.51
CA ARG J 72 -27.09 -54.09 43.18
C ARG J 72 -26.57 -52.95 44.08
N LEU J 73 -27.44 -52.39 44.91
CA LEU J 73 -26.98 -51.32 45.76
C LEU J 73 -25.85 -51.88 46.58
N TYR J 74 -24.71 -51.20 46.54
CA TYR J 74 -23.55 -51.64 47.31
C TYR J 74 -23.19 -53.11 47.06
N ALA J 75 -22.99 -53.85 48.14
CA ALA J 75 -22.63 -55.26 48.00
C ALA J 75 -23.81 -56.19 48.11
N PHE J 76 -23.65 -57.42 47.65
CA PHE J 76 -24.70 -58.41 47.79
C PHE J 76 -24.01 -59.66 48.29
N ARG J 77 -24.64 -60.43 49.17
CA ARG J 77 -23.96 -61.59 49.72
C ARG J 77 -24.28 -62.82 48.90
N PHE J 78 -23.25 -63.48 48.40
CA PHE J 78 -23.47 -64.64 47.57
C PHE J 78 -22.82 -65.85 48.22
N ARG J 79 -23.56 -66.95 48.26
CA ARG J 79 -22.99 -68.16 48.82
C ARG J 79 -22.28 -68.87 47.70
N ASP J 80 -20.97 -69.05 47.85
CA ASP J 80 -20.24 -69.78 46.84
C ASP J 80 -19.84 -71.12 47.39
N TRP J 81 -20.33 -72.17 46.76
CA TRP J 81 -20.02 -73.52 47.19
C TRP J 81 -18.53 -73.81 47.04
N LEU J 82 -17.92 -73.36 45.95
CA LEU J 82 -16.51 -73.64 45.70
C LEU J 82 -15.60 -73.05 46.77
N ASP J 83 -15.86 -71.80 47.15
CA ASP J 83 -15.03 -71.15 48.14
C ASP J 83 -15.48 -71.44 49.55
N TRP J 84 -16.65 -72.05 49.70
CA TRP J 84 -17.18 -72.32 51.03
C TRP J 84 -16.24 -73.25 51.79
N ARG J 85 -15.69 -74.23 51.10
CA ARG J 85 -14.84 -75.18 51.79
C ARG J 85 -13.37 -74.84 51.63
N THR J 86 -12.71 -74.51 52.74
CA THR J 86 -11.27 -74.27 52.70
C THR J 86 -10.58 -75.58 52.36
N ALA J 87 -11.18 -76.69 52.79
CA ALA J 87 -10.61 -78.00 52.52
C ALA J 87 -11.19 -78.53 51.22
N ALA J 88 -12.05 -79.54 51.31
CA ALA J 88 -12.60 -80.16 50.11
C ALA J 88 -14.12 -80.31 50.21
N THR J 89 -14.78 -80.56 49.08
CA THR J 89 -16.22 -80.76 49.10
C THR J 89 -16.56 -81.96 49.99
N ARG J 90 -15.74 -83.01 49.92
CA ARG J 90 -15.95 -84.17 50.78
C ARG J 90 -15.17 -84.12 52.10
N ALA J 91 -14.36 -83.08 52.30
CA ALA J 91 -13.56 -82.98 53.53
C ALA J 91 -13.89 -81.74 54.36
N PRO J 92 -14.11 -81.91 55.67
CA PRO J 92 -14.53 -80.76 56.47
C PRO J 92 -13.49 -79.65 56.57
N ILE J 93 -13.94 -78.41 56.45
CA ILE J 93 -13.02 -77.29 56.60
C ILE J 93 -12.62 -77.15 58.07
N THR J 94 -11.37 -76.81 58.32
CA THR J 94 -10.89 -76.65 59.70
C THR J 94 -10.11 -75.36 59.82
N ALA J 95 -9.90 -74.90 61.04
CA ALA J 95 -9.13 -73.69 61.25
C ALA J 95 -7.75 -73.94 60.70
N THR J 96 -7.22 -75.12 60.98
CA THR J 96 -5.89 -75.48 60.50
C THR J 96 -5.80 -75.54 58.99
N ASP J 97 -6.91 -75.82 58.31
CA ASP J 97 -6.86 -76.00 56.85
C ASP J 97 -6.34 -74.79 56.10
N GLN J 98 -6.74 -73.59 56.53
CA GLN J 98 -6.26 -72.39 55.87
C GLN J 98 -5.38 -71.58 56.81
N PRO J 99 -4.17 -71.21 56.36
CA PRO J 99 -3.25 -70.49 57.24
C PRO J 99 -3.35 -68.99 57.11
N LEU J 100 -3.89 -68.34 58.14
CA LEU J 100 -4.01 -66.89 58.11
C LEU J 100 -2.67 -66.18 58.09
N GLY J 101 -1.73 -66.64 58.90
CA GLY J 101 -0.42 -66.03 58.95
C GLY J 101 0.28 -66.34 60.25
N LEU J 102 1.35 -65.61 60.57
CA LEU J 102 2.03 -65.80 61.85
C LEU J 102 2.06 -64.50 62.64
N GLY J 103 1.63 -64.54 63.90
CA GLY J 103 1.68 -63.35 64.74
C GLY J 103 3.10 -62.93 65.02
N ASP J 104 3.38 -61.63 64.96
CA ASP J 104 4.72 -61.13 65.23
C ASP J 104 4.87 -60.48 66.61
N GLY J 105 3.83 -60.55 67.43
CA GLY J 105 3.85 -59.90 68.72
C GLY J 105 3.21 -58.54 68.61
N SER J 106 3.00 -58.06 67.38
CA SER J 106 2.29 -56.81 67.18
C SER J 106 1.13 -57.02 66.22
N ARG J 107 0.99 -58.23 65.69
CA ARG J 107 -0.04 -58.49 64.69
C ARG J 107 -1.39 -58.82 65.27
N THR J 108 -2.09 -57.80 65.77
CA THR J 108 -3.42 -58.02 66.32
C THR J 108 -4.43 -58.49 65.29
N ALA J 109 -4.43 -57.91 64.09
CA ALA J 109 -5.48 -58.24 63.11
C ALA J 109 -5.06 -59.09 61.92
N PHE J 110 -5.82 -60.15 61.67
CA PHE J 110 -5.55 -60.98 60.51
C PHE J 110 -6.79 -61.08 59.64
N GLN J 111 -6.69 -60.72 58.37
CA GLN J 111 -7.84 -60.91 57.48
C GLN J 111 -7.87 -62.36 57.08
N VAL J 112 -9.06 -62.93 56.94
CA VAL J 112 -9.13 -64.29 56.46
C VAL J 112 -8.58 -64.23 55.05
N VAL J 113 -7.61 -65.07 54.75
CA VAL J 113 -7.02 -65.05 53.43
C VAL J 113 -7.01 -66.44 52.82
N LYS J 114 -7.46 -66.55 51.58
CA LYS J 114 -7.47 -67.84 50.91
C LYS J 114 -6.28 -67.88 50.01
N VAL J 115 -5.38 -68.81 50.26
CA VAL J 115 -4.18 -68.89 49.45
C VAL J 115 -4.44 -69.90 48.37
N TYR J 116 -4.31 -69.47 47.12
CA TYR J 116 -4.56 -70.36 46.00
C TYR J 116 -3.27 -70.51 45.23
N GLY J 117 -2.85 -71.75 44.97
CA GLY J 117 -1.58 -71.97 44.33
C GLY J 117 -0.53 -72.14 45.41
N ALA J 118 0.67 -72.59 45.04
CA ALA J 118 1.67 -72.86 46.07
C ALA J 118 2.96 -72.06 45.96
N VAL J 119 3.70 -72.23 44.88
CA VAL J 119 4.99 -71.55 44.75
C VAL J 119 4.82 -70.04 44.71
N ASN J 120 3.84 -69.57 43.95
CA ASN J 120 3.57 -68.13 43.88
C ASN J 120 2.09 -67.97 44.11
N PRO J 121 1.65 -68.18 45.36
CA PRO J 121 0.21 -68.14 45.60
C PRO J 121 -0.43 -66.78 45.56
N TYR J 122 -1.68 -66.72 45.14
CA TYR J 122 -2.39 -65.45 45.18
C TYR J 122 -3.31 -65.63 46.37
N THR J 123 -3.33 -64.63 47.24
CA THR J 123 -4.15 -64.74 48.43
C THR J 123 -5.37 -63.84 48.31
N ARG J 124 -6.53 -64.39 48.60
CA ARG J 124 -7.74 -63.61 48.51
C ARG J 124 -8.30 -63.33 49.88
N PRO J 125 -8.36 -62.06 50.26
CA PRO J 125 -8.99 -61.74 51.54
C PRO J 125 -10.48 -61.95 51.40
N LEU J 126 -11.13 -62.44 52.44
CA LEU J 126 -12.55 -62.71 52.35
C LEU J 126 -13.33 -61.64 53.11
N SER J 127 -14.21 -60.96 52.39
CA SER J 127 -14.99 -59.90 53.02
C SER J 127 -15.92 -60.42 54.13
N LEU J 128 -16.63 -61.50 53.85
CA LEU J 128 -17.57 -62.01 54.85
C LEU J 128 -17.31 -63.44 55.23
N PRO J 129 -16.81 -63.67 56.44
CA PRO J 129 -16.67 -65.05 56.86
C PRO J 129 -18.06 -65.53 57.20
N HIS J 130 -18.44 -66.71 56.72
CA HIS J 130 -19.74 -67.23 57.05
C HIS J 130 -19.77 -67.43 58.55
N PRO J 131 -20.84 -66.98 59.21
CA PRO J 131 -20.87 -67.07 60.67
C PRO J 131 -20.91 -68.48 61.19
N GLY J 132 -20.13 -68.78 62.23
CA GLY J 132 -20.15 -70.09 62.84
C GLY J 132 -19.21 -71.08 62.20
N THR J 133 -18.64 -70.75 61.06
CA THR J 133 -17.65 -71.62 60.46
C THR J 133 -16.30 -71.04 60.77
N VAL J 134 -16.30 -69.91 61.45
CA VAL J 134 -15.04 -69.24 61.72
C VAL J 134 -14.41 -69.83 62.95
N ARG J 135 -13.24 -70.43 62.78
CA ARG J 135 -12.53 -70.98 63.92
C ARG J 135 -11.12 -70.43 63.86
N VAL J 136 -10.61 -69.96 64.99
CA VAL J 136 -9.26 -69.45 65.03
C VAL J 136 -8.37 -70.47 65.68
N ALA J 137 -7.17 -70.63 65.14
CA ALA J 137 -6.23 -71.57 65.74
C ALA J 137 -4.88 -70.92 65.93
N LEU J 138 -4.14 -71.41 66.91
CA LEU J 138 -2.80 -70.91 67.16
C LEU J 138 -1.94 -72.14 67.15
N ASP J 139 -0.64 -71.99 66.94
CA ASP J 139 0.20 -73.15 66.82
C ASP J 139 0.13 -73.99 68.08
N GLY J 140 0.17 -73.34 69.25
CA GLY J 140 0.05 -74.08 70.49
C GLY J 140 -1.30 -74.74 70.67
N VAL J 141 -2.37 -74.03 70.38
CA VAL J 141 -3.71 -74.58 70.58
C VAL J 141 -4.73 -73.83 69.74
N THR J 142 -5.87 -74.44 69.47
CA THR J 142 -6.91 -73.74 68.74
C THR J 142 -7.28 -72.55 69.59
N GLN J 143 -7.43 -71.39 68.97
CA GLN J 143 -7.70 -70.19 69.75
C GLN J 143 -9.18 -69.90 69.90
N PRO J 144 -9.63 -69.69 71.14
CA PRO J 144 -11.04 -69.37 71.36
C PRO J 144 -11.34 -67.89 71.48
N SER J 145 -11.67 -67.41 72.67
CA SER J 145 -12.03 -66.00 72.86
C SER J 145 -10.88 -65.02 72.81
N GLY J 146 -11.20 -63.74 72.69
CA GLY J 146 -10.19 -62.71 72.62
C GLY J 146 -9.86 -62.33 71.20
N TRP J 147 -10.41 -63.05 70.23
CA TRP J 147 -10.21 -62.68 68.85
C TRP J 147 -11.48 -61.97 68.44
N THR J 148 -11.36 -60.75 67.98
CA THR J 148 -12.54 -59.99 67.60
C THR J 148 -12.71 -60.06 66.11
N LEU J 149 -13.75 -60.76 65.67
CA LEU J 149 -13.93 -60.91 64.25
C LEU J 149 -14.83 -59.82 63.74
N THR J 150 -14.36 -59.09 62.75
CA THR J 150 -15.20 -58.08 62.16
C THR J 150 -15.83 -58.82 61.01
N ALA J 151 -17.11 -59.11 61.10
CA ALA J 151 -17.75 -59.86 60.04
C ALA J 151 -17.75 -59.10 58.73
N PRO J 152 -18.08 -57.79 58.73
CA PRO J 152 -17.94 -57.08 57.46
C PRO J 152 -16.49 -56.98 57.03
N GLY J 153 -15.60 -56.70 57.96
CA GLY J 153 -14.19 -56.59 57.65
C GLY J 153 -13.50 -57.86 57.18
N GLY J 154 -13.84 -59.00 57.79
CA GLY J 154 -13.15 -60.23 57.47
C GLY J 154 -11.87 -60.27 58.28
N VAL J 155 -11.70 -59.31 59.19
CA VAL J 155 -10.48 -59.24 59.99
C VAL J 155 -10.75 -59.78 61.39
N ILE J 156 -9.84 -60.61 61.89
CA ILE J 156 -9.99 -61.11 63.24
C ILE J 156 -8.91 -60.45 64.08
N THR J 157 -9.31 -59.78 65.15
CA THR J 157 -8.34 -59.05 65.94
C THR J 157 -8.10 -59.66 67.30
N PHE J 158 -6.90 -60.16 67.54
CA PHE J 158 -6.59 -60.68 68.85
C PHE J 158 -6.40 -59.50 69.78
N ASP J 159 -7.04 -59.54 70.94
CA ASP J 159 -6.90 -58.45 71.89
C ASP J 159 -5.47 -58.36 72.34
N THR J 160 -4.84 -59.51 72.57
CA THR J 160 -3.43 -59.52 72.90
C THR J 160 -2.76 -60.09 71.68
N PRO J 161 -1.89 -59.31 71.03
CA PRO J 161 -1.32 -59.81 69.78
C PRO J 161 -0.50 -61.07 69.99
N PRO J 162 -0.67 -62.05 69.09
CA PRO J 162 0.05 -63.31 69.24
C PRO J 162 1.54 -63.06 69.13
N ALA J 163 2.34 -63.69 69.98
CA ALA J 163 3.77 -63.48 69.98
C ALA J 163 4.40 -64.13 68.77
N LEU J 164 5.66 -63.78 68.49
CA LEU J 164 6.34 -64.37 67.36
C LEU J 164 6.43 -65.88 67.52
N GLY J 165 6.29 -66.61 66.42
CA GLY J 165 6.35 -68.05 66.47
C GLY J 165 5.07 -68.85 66.62
N VAL J 166 3.91 -68.19 66.72
CA VAL J 166 2.67 -68.96 66.76
C VAL J 166 1.90 -68.73 65.46
N THR J 167 1.57 -69.81 64.77
CA THR J 167 0.89 -69.68 63.49
C THR J 167 -0.60 -69.49 63.68
N VAL J 168 -1.15 -68.47 63.05
CA VAL J 168 -2.58 -68.26 63.12
C VAL J 168 -3.18 -68.99 61.94
N THR J 169 -4.06 -69.94 62.22
CA THR J 169 -4.70 -70.68 61.15
C THR J 169 -6.20 -70.54 61.30
N ALA J 170 -6.87 -70.02 60.28
CA ALA J 170 -8.32 -69.95 60.34
C ALA J 170 -8.99 -70.44 59.06
N GLY J 171 -9.96 -71.33 59.18
CA GLY J 171 -10.69 -71.79 58.00
C GLY J 171 -12.17 -71.54 58.18
N CYS J 172 -12.79 -70.88 57.22
CA CYS J 172 -14.21 -70.57 57.32
C CYS J 172 -14.91 -70.62 55.98
N SER J 173 -16.23 -70.75 56.00
CA SER J 173 -16.99 -70.75 54.75
C SER J 173 -16.97 -69.36 54.15
N PHE J 174 -17.00 -69.27 52.83
CA PHE J 174 -16.88 -67.96 52.20
C PHE J 174 -18.18 -67.36 51.72
N ASP J 175 -18.66 -66.32 52.38
CA ASP J 175 -19.85 -65.64 51.89
C ASP J 175 -19.33 -64.53 51.00
N VAL J 176 -19.09 -64.84 49.73
CA VAL J 176 -18.48 -63.86 48.84
C VAL J 176 -19.37 -62.70 48.42
N PRO J 177 -18.79 -61.49 48.32
CA PRO J 177 -19.57 -60.37 47.81
C PRO J 177 -19.84 -60.50 46.32
N VAL J 178 -21.03 -60.13 45.88
CA VAL J 178 -21.37 -60.23 44.46
C VAL J 178 -22.10 -58.99 43.98
N ARG J 179 -21.87 -58.59 42.73
CA ARG J 179 -22.63 -57.49 42.17
C ARG J 179 -23.18 -58.01 40.85
N PHE J 180 -24.46 -57.84 40.62
CA PHE J 180 -25.04 -58.43 39.41
C PHE J 180 -24.46 -57.77 38.18
N SER J 181 -24.04 -58.58 37.21
CA SER J 181 -23.47 -58.04 35.99
C SER J 181 -24.46 -57.24 35.17
N ASP J 182 -25.69 -57.73 35.06
CA ASP J 182 -26.68 -57.06 34.22
C ASP J 182 -27.94 -56.70 34.98
N PRO J 183 -28.42 -55.45 34.81
CA PRO J 183 -29.68 -55.05 35.44
C PRO J 183 -30.86 -55.85 34.92
N GLU J 184 -30.88 -56.17 33.63
CA GLU J 184 -31.96 -56.96 33.04
C GLU J 184 -32.02 -58.37 33.59
N LEU J 185 -33.22 -58.84 33.92
CA LEU J 185 -33.39 -60.22 34.40
C LEU J 185 -34.42 -60.93 33.55
N ALA J 186 -34.11 -62.13 33.08
CA ALA J 186 -35.10 -62.90 32.34
C ALA J 186 -35.99 -63.64 33.30
N VAL J 187 -37.29 -63.55 33.11
CA VAL J 187 -38.21 -64.25 33.99
C VAL J 187 -38.83 -65.44 33.30
N GLN J 188 -38.53 -66.63 33.80
CA GLN J 188 -39.16 -67.82 33.24
C GLN J 188 -39.87 -68.44 34.42
N TRP J 189 -41.19 -68.40 34.42
CA TRP J 189 -41.92 -68.92 35.57
C TRP J 189 -42.91 -70.03 35.24
N ALA J 190 -43.34 -70.16 33.98
CA ALA J 190 -44.35 -71.15 33.61
C ALA J 190 -45.71 -70.90 34.27
N TYR J 191 -46.73 -70.56 33.49
CA TYR J 191 -48.03 -70.18 34.08
C TYR J 191 -48.57 -71.22 35.05
N PHE J 192 -49.05 -70.75 36.20
CA PHE J 192 -49.59 -71.64 37.21
C PHE J 192 -51.11 -71.71 37.06
N ARG J 193 -51.84 -71.55 38.16
CA ARG J 193 -53.31 -71.61 38.13
C ARG J 193 -53.81 -72.96 37.64
N GLU J 194 -54.68 -72.96 36.63
CA GLU J 194 -55.17 -74.22 36.08
C GLU J 194 -54.02 -75.02 35.49
N GLY J 195 -53.07 -74.33 34.84
CA GLY J 195 -51.89 -74.99 34.32
C GLY J 195 -51.07 -75.59 35.44
N GLN J 196 -50.98 -74.90 36.58
CA GLN J 196 -50.23 -75.39 37.76
C GLN J 196 -48.78 -75.80 37.48
N ALA J 197 -48.04 -74.95 36.79
CA ALA J 197 -46.67 -75.28 36.45
C ALA J 197 -45.65 -74.74 37.43
N GLY J 198 -44.96 -73.67 37.07
CA GLY J 198 -43.91 -73.13 37.91
C GLY J 198 -42.61 -73.57 37.26
N LEU J 199 -41.54 -72.80 37.42
CA LEU J 199 -40.32 -73.15 36.71
C LEU J 199 -39.09 -73.36 37.57
N ALA J 200 -38.40 -74.47 37.34
CA ALA J 200 -37.16 -74.73 38.04
C ALA J 200 -36.05 -73.75 37.71
N GLN J 201 -35.95 -73.36 36.45
CA GLN J 201 -34.84 -72.50 36.03
C GLN J 201 -35.20 -71.16 35.40
N ALA J 202 -34.52 -70.11 35.82
CA ALA J 202 -34.72 -68.81 35.20
C ALA J 202 -33.37 -68.45 34.60
N PRO J 203 -33.33 -68.17 33.30
CA PRO J 203 -32.07 -67.88 32.61
C PRO J 203 -31.61 -66.43 32.69
N SER J 204 -30.43 -66.13 32.18
CA SER J 204 -29.96 -64.74 32.10
C SER J 204 -29.93 -63.91 33.37
N ILE J 205 -29.32 -64.42 34.43
CA ILE J 205 -29.17 -63.61 35.64
C ILE J 205 -27.69 -63.61 36.00
N PRO J 206 -26.89 -62.87 35.22
CA PRO J 206 -25.45 -62.88 35.46
C PRO J 206 -25.01 -62.09 36.68
N LEU J 207 -24.04 -62.61 37.42
CA LEU J 207 -23.50 -61.87 38.55
C LEU J 207 -21.99 -61.98 38.49
N ILE J 208 -21.29 -60.96 38.98
CA ILE J 208 -19.85 -61.01 39.01
C ILE J 208 -19.38 -60.92 40.45
N GLU J 209 -18.49 -61.81 40.85
CA GLU J 209 -17.95 -61.73 42.20
C GLU J 209 -17.28 -60.39 42.22
N VAL J 210 -17.51 -59.61 43.26
CA VAL J 210 -16.96 -58.28 43.26
C VAL J 210 -15.92 -58.12 44.36
N ARG J 211 -14.73 -57.67 43.98
CA ARG J 211 -13.73 -57.40 45.00
C ARG J 211 -14.02 -55.98 45.36
N LEU J 212 -14.72 -55.78 46.46
CA LEU J 212 -15.12 -54.43 46.83
C LEU J 212 -13.94 -53.58 47.19
N ASP J 213 -13.95 -52.33 46.74
CA ASP J 213 -12.89 -51.43 47.15
C ASP J 213 -13.34 -50.94 48.51
N PRO J 214 -12.46 -51.03 49.51
CA PRO J 214 -12.91 -50.66 50.85
C PRO J 214 -12.76 -49.17 51.09
N MET K 1 -52.75 -39.89 32.59
CA MET K 1 -54.04 -39.59 31.99
C MET K 1 -55.10 -40.65 32.14
N GLN K 2 -56.35 -40.38 31.74
CA GLN K 2 -57.41 -41.35 31.80
C GLN K 2 -57.10 -42.56 30.92
N PHE K 3 -56.49 -42.33 29.77
CA PHE K 3 -56.10 -43.41 28.86
C PHE K 3 -57.28 -44.08 28.19
N ILE K 4 -57.05 -45.27 27.65
CA ILE K 4 -58.12 -46.03 27.02
C ILE K 4 -58.22 -47.31 27.83
N ASP K 5 -59.41 -47.70 28.26
CA ASP K 5 -59.46 -48.92 29.05
C ASP K 5 -59.84 -50.11 28.20
N VAL K 6 -58.84 -50.90 27.81
CA VAL K 6 -59.14 -52.12 27.06
C VAL K 6 -58.46 -53.27 27.78
N GLU K 7 -59.24 -54.23 28.24
CA GLU K 7 -58.67 -55.34 29.00
C GLU K 7 -58.02 -56.37 28.11
N PHE K 8 -56.85 -56.88 28.51
CA PHE K 8 -56.25 -57.96 27.75
C PHE K 8 -56.90 -59.21 28.30
N PRO K 9 -57.50 -60.02 27.42
CA PRO K 9 -58.21 -61.17 27.98
C PRO K 9 -57.27 -62.08 28.72
N ARG K 10 -57.71 -62.61 29.85
CA ARG K 10 -56.88 -63.51 30.64
C ARG K 10 -56.56 -64.75 29.83
N ASP K 11 -57.53 -65.21 29.05
CA ASP K 11 -57.30 -66.37 28.21
C ASP K 11 -56.21 -66.09 27.18
N ILE K 12 -56.22 -64.92 26.57
CA ILE K 12 -55.13 -64.55 25.67
C ILE K 12 -53.86 -64.38 26.49
N ALA K 13 -54.00 -63.85 27.71
CA ALA K 13 -52.86 -63.70 28.60
C ALA K 13 -52.29 -65.06 28.99
N ALA K 14 -53.07 -66.12 28.86
CA ALA K 14 -52.55 -67.43 29.20
C ALA K 14 -51.36 -67.78 28.33
N GLY K 15 -50.28 -68.23 28.95
CA GLY K 15 -49.09 -68.64 28.21
C GLY K 15 -47.97 -67.66 27.87
N CYS K 16 -48.12 -66.37 28.17
CA CYS K 16 -47.07 -65.40 27.84
C CYS K 16 -45.82 -65.43 28.71
N GLN K 17 -44.69 -64.95 28.17
CA GLN K 17 -43.43 -64.92 28.92
C GLN K 17 -42.97 -63.49 29.08
N ALA K 18 -42.32 -63.17 30.19
CA ALA K 18 -41.93 -61.79 30.45
C ALA K 18 -40.48 -61.58 30.85
N VAL K 19 -39.99 -60.37 30.66
CA VAL K 19 -38.62 -60.05 31.05
C VAL K 19 -38.61 -58.78 31.90
N LEU K 20 -37.73 -58.73 32.91
CA LEU K 20 -37.69 -57.57 33.81
C LEU K 20 -36.47 -56.72 33.55
N THR K 21 -36.66 -55.44 33.27
CA THR K 21 -35.52 -54.57 32.96
C THR K 21 -35.34 -53.44 33.95
N ARG K 22 -34.15 -53.33 34.52
CA ARG K 22 -33.88 -52.28 35.51
C ARG K 22 -32.97 -51.22 34.92
N ARG K 23 -33.28 -49.95 35.17
CA ARG K 23 -32.49 -48.87 34.57
C ARG K 23 -31.41 -48.23 35.43
N ASP K 24 -31.15 -48.80 36.60
CA ASP K 24 -30.15 -48.22 37.49
C ASP K 24 -28.85 -49.00 37.46
N GLU K 25 -27.77 -48.35 37.01
CA GLU K 25 -26.46 -49.00 36.96
C GLU K 25 -25.38 -47.94 36.88
N VAL K 26 -24.88 -47.66 35.67
CA VAL K 26 -23.89 -46.59 35.49
C VAL K 26 -22.68 -46.70 36.44
N VAL K 27 -22.02 -47.85 36.46
CA VAL K 27 -20.89 -48.09 37.38
C VAL K 27 -19.60 -47.32 37.10
N THR K 28 -18.72 -47.25 38.09
CA THR K 28 -17.48 -46.46 37.93
C THR K 28 -16.24 -47.22 37.52
N LEU K 29 -15.11 -46.92 38.16
CA LEU K 29 -13.82 -47.51 37.77
C LEU K 29 -13.60 -48.96 38.12
N ALA K 30 -12.51 -49.52 37.61
CA ALA K 30 -12.20 -50.93 37.84
C ALA K 30 -11.49 -51.16 39.16
N SER K 31 -11.39 -50.10 39.97
CA SER K 31 -10.76 -50.22 41.29
C SER K 31 -11.55 -51.19 42.16
N GLY K 32 -12.81 -51.41 41.83
CA GLY K 32 -13.66 -52.25 42.66
C GLY K 32 -14.63 -51.36 43.37
N ARG K 33 -14.55 -50.07 43.09
CA ARG K 33 -15.53 -49.16 43.65
C ARG K 33 -16.50 -48.85 42.54
N GLU K 34 -17.76 -49.18 42.74
CA GLU K 34 -18.76 -48.97 41.71
C GLU K 34 -19.84 -48.05 42.22
N GLU K 35 -20.24 -47.09 41.40
CA GLU K 35 -21.25 -46.14 41.81
C GLU K 35 -22.53 -46.46 41.07
N VAL K 36 -23.64 -46.51 41.80
CA VAL K 36 -24.90 -46.80 41.16
C VAL K 36 -25.60 -45.49 40.86
N ASN K 37 -25.86 -45.22 39.60
CA ASN K 37 -26.57 -44.02 39.24
C ASN K 37 -27.94 -44.41 38.73
N SER K 38 -28.98 -43.82 39.30
CA SER K 38 -30.32 -44.21 38.91
C SER K 38 -31.06 -43.09 38.21
N ARG K 39 -31.60 -43.38 37.03
CA ARG K 39 -32.38 -42.38 36.33
C ARG K 39 -33.87 -42.63 36.49
N TRP K 40 -34.26 -43.63 37.29
CA TRP K 40 -35.67 -43.99 37.51
C TRP K 40 -36.25 -44.83 36.37
N ALA K 41 -37.55 -45.10 36.39
CA ALA K 41 -38.21 -45.96 35.38
C ALA K 41 -37.58 -47.34 35.35
N ASP K 42 -37.18 -47.84 36.51
CA ASP K 42 -36.59 -49.16 36.60
C ASP K 42 -37.61 -50.27 36.73
N THR K 43 -37.17 -51.51 36.54
CA THR K 43 -38.05 -52.68 36.71
C THR K 43 -39.31 -52.71 35.86
N ARG K 44 -39.23 -52.25 34.62
CA ARG K 44 -40.37 -52.36 33.73
C ARG K 44 -40.46 -53.80 33.23
N ARG K 45 -41.67 -54.28 32.96
CA ARG K 45 -41.83 -55.65 32.51
C ARG K 45 -42.16 -55.72 31.03
N SER K 46 -41.36 -56.44 30.26
CA SER K 46 -41.61 -56.56 28.84
C SER K 46 -42.32 -57.87 28.61
N TRP K 47 -43.38 -57.85 27.83
CA TRP K 47 -44.18 -59.07 27.65
C TRP K 47 -44.28 -59.56 26.22
N ASP K 48 -44.11 -60.85 26.01
CA ASP K 48 -44.31 -61.40 24.68
C ASP K 48 -45.60 -62.17 24.79
N ALA K 49 -46.64 -61.77 24.06
CA ALA K 49 -47.96 -62.39 24.22
C ALA K 49 -48.63 -63.01 23.00
N GLY K 50 -49.95 -63.10 23.03
CA GLY K 50 -50.68 -63.68 21.92
C GLY K 50 -50.82 -65.18 22.08
N LEU K 51 -50.33 -65.70 23.19
CA LEU K 51 -50.42 -67.13 23.43
C LEU K 51 -51.84 -67.55 23.77
N GLY K 52 -52.18 -68.81 23.54
CA GLY K 52 -53.49 -69.30 23.91
C GLY K 52 -54.69 -68.78 23.14
N VAL K 53 -54.50 -68.33 21.91
CA VAL K 53 -55.63 -67.90 21.08
C VAL K 53 -56.59 -69.04 20.74
N ARG K 54 -56.08 -70.26 20.59
CA ARG K 54 -56.90 -71.45 20.29
C ARG K 54 -57.43 -71.54 18.86
N ASP K 55 -58.16 -70.53 18.41
CA ASP K 55 -58.72 -70.55 17.07
C ASP K 55 -58.60 -69.23 16.36
N GLU K 56 -58.71 -69.24 15.04
CA GLU K 56 -58.62 -68.01 14.26
C GLU K 56 -59.75 -67.04 14.61
N ALA K 57 -60.96 -67.54 14.86
CA ALA K 57 -62.05 -66.67 15.26
C ALA K 57 -61.72 -65.97 16.57
N ASP K 58 -61.18 -66.72 17.52
CA ASP K 58 -60.76 -66.11 18.78
C ASP K 58 -59.61 -65.15 18.53
N LEU K 59 -58.71 -65.54 17.63
CA LEU K 59 -57.57 -64.69 17.29
C LEU K 59 -58.10 -63.41 16.68
N ALA K 60 -59.16 -63.51 15.90
CA ALA K 60 -59.75 -62.34 15.28
C ALA K 60 -60.22 -61.37 16.34
N GLN K 61 -60.75 -61.88 17.43
CA GLN K 61 -61.15 -60.98 18.52
C GLN K 61 -59.96 -60.22 19.09
N VAL K 62 -58.83 -60.90 19.28
CA VAL K 62 -57.63 -60.20 19.73
C VAL K 62 -57.18 -59.20 18.69
N VAL K 63 -57.27 -59.59 17.42
CA VAL K 63 -56.88 -58.69 16.34
C VAL K 63 -57.78 -57.48 16.36
N ALA K 64 -59.06 -57.68 16.63
CA ALA K 64 -60.01 -56.57 16.71
C ALA K 64 -59.60 -55.64 17.84
N LEU K 65 -59.15 -56.21 18.96
CA LEU K 65 -58.68 -55.38 20.06
C LEU K 65 -57.49 -54.56 19.62
N PHE K 66 -56.58 -55.16 18.85
CA PHE K 66 -55.43 -54.42 18.34
C PHE K 66 -55.92 -53.31 17.44
N GLU K 67 -56.92 -53.60 16.62
CA GLU K 67 -57.50 -52.58 15.76
C GLU K 67 -58.18 -51.48 16.58
N GLU K 68 -58.84 -51.85 17.67
CA GLU K 68 -59.49 -50.87 18.53
C GLU K 68 -58.48 -49.90 19.09
N VAL K 69 -57.34 -50.42 19.54
CA VAL K 69 -56.28 -49.56 20.06
C VAL K 69 -55.70 -48.65 18.98
N ARG K 70 -55.68 -49.13 17.74
CA ARG K 70 -55.18 -48.32 16.63
C ARG K 70 -53.77 -47.80 16.90
N GLY K 71 -52.81 -48.70 17.03
CA GLY K 71 -51.48 -48.26 17.38
C GLY K 71 -51.43 -47.77 18.80
N ARG K 72 -52.11 -48.47 19.70
CA ARG K 72 -52.09 -48.13 21.14
C ARG K 72 -52.44 -46.70 21.53
N LEU K 73 -53.62 -46.25 21.13
CA LEU K 73 -54.04 -44.93 21.55
C LEU K 73 -53.99 -44.97 23.06
N TYR K 74 -53.34 -43.97 23.65
CA TYR K 74 -53.20 -43.93 25.11
C TYR K 74 -52.55 -45.21 25.63
N ALA K 75 -53.16 -45.84 26.62
CA ALA K 75 -52.58 -47.04 27.21
C ALA K 75 -53.57 -48.18 27.14
N PHE K 76 -53.08 -49.42 27.22
CA PHE K 76 -53.95 -50.58 27.14
C PHE K 76 -53.82 -51.47 28.38
N ARG K 77 -54.94 -51.81 29.01
CA ARG K 77 -54.88 -52.61 30.23
C ARG K 77 -54.45 -54.05 30.01
N PHE K 78 -53.64 -54.58 30.92
CA PHE K 78 -53.24 -55.97 30.83
C PHE K 78 -53.41 -56.60 32.21
N ARG K 79 -53.93 -57.82 32.25
CA ARG K 79 -54.13 -58.47 33.53
C ARG K 79 -52.99 -59.42 33.79
N ASP K 80 -52.29 -59.22 34.90
CA ASP K 80 -51.19 -60.10 35.24
C ASP K 80 -51.55 -60.99 36.41
N TRP K 81 -51.55 -62.29 36.17
CA TRP K 81 -51.87 -63.25 37.22
C TRP K 81 -50.88 -63.19 38.36
N LEU K 82 -49.61 -62.99 38.04
CA LEU K 82 -48.58 -62.99 39.07
C LEU K 82 -48.83 -61.88 40.08
N ASP K 83 -49.19 -60.70 39.60
CA ASP K 83 -49.48 -59.60 40.51
C ASP K 83 -50.92 -59.57 40.99
N TRP K 84 -51.78 -60.39 40.38
CA TRP K 84 -53.20 -60.36 40.74
C TRP K 84 -53.40 -60.74 42.19
N ARG K 85 -52.64 -61.71 42.66
CA ARG K 85 -52.75 -62.09 44.06
C ARG K 85 -51.75 -61.32 44.90
N THR K 86 -52.24 -60.66 45.95
CA THR K 86 -51.33 -59.96 46.86
C THR K 86 -50.43 -60.97 47.53
N ALA K 87 -50.96 -62.16 47.84
CA ALA K 87 -50.18 -63.18 48.51
C ALA K 87 -49.52 -64.13 47.53
N ALA K 88 -50.02 -65.36 47.44
CA ALA K 88 -49.43 -66.35 46.54
C ALA K 88 -50.51 -66.85 45.61
N THR K 89 -50.13 -67.46 44.49
CA THR K 89 -51.16 -67.86 43.53
C THR K 89 -52.14 -68.85 44.14
N ARG K 90 -51.64 -69.86 44.84
CA ARG K 90 -52.53 -70.77 45.55
C ARG K 90 -53.21 -70.09 46.72
N ALA K 91 -52.47 -69.25 47.44
CA ALA K 91 -53.00 -68.58 48.63
C ALA K 91 -54.07 -67.53 48.35
N PRO K 92 -55.03 -67.40 49.26
CA PRO K 92 -56.05 -66.35 49.10
C PRO K 92 -55.46 -64.95 49.24
N ILE K 93 -55.96 -64.00 48.45
CA ILE K 93 -55.50 -62.62 48.57
C ILE K 93 -56.44 -61.92 49.54
N THR K 94 -55.90 -61.25 50.55
CA THR K 94 -56.74 -60.62 51.57
C THR K 94 -56.33 -59.18 51.83
N ALA K 95 -57.21 -58.43 52.48
CA ALA K 95 -56.89 -57.05 52.82
C ALA K 95 -55.68 -57.07 53.71
N THR K 96 -55.64 -58.03 54.63
CA THR K 96 -54.53 -58.16 55.54
C THR K 96 -53.21 -58.45 54.85
N ASP K 97 -53.25 -59.19 53.74
CA ASP K 97 -52.01 -59.60 53.08
C ASP K 97 -51.13 -58.44 52.64
N GLN K 98 -51.72 -57.39 52.10
CA GLN K 98 -50.92 -56.24 51.72
C GLN K 98 -51.22 -55.08 52.66
N PRO K 99 -50.19 -54.56 53.34
CA PRO K 99 -50.42 -53.40 54.20
C PRO K 99 -50.10 -52.10 53.51
N LEU K 100 -51.12 -51.28 53.26
CA LEU K 100 -50.92 -50.02 52.56
C LEU K 100 -50.06 -49.00 53.32
N GLY K 101 -50.26 -48.87 54.63
CA GLY K 101 -49.51 -47.89 55.39
C GLY K 101 -50.22 -47.54 56.68
N LEU K 102 -49.75 -46.51 57.38
CA LEU K 102 -50.39 -46.07 58.61
C LEU K 102 -50.90 -44.64 58.54
N GLY K 103 -52.18 -44.44 58.90
CA GLY K 103 -52.76 -43.12 58.89
C GLY K 103 -52.22 -42.18 59.95
N ASP K 104 -52.12 -40.89 59.63
CA ASP K 104 -51.66 -39.91 60.60
C ASP K 104 -52.80 -39.03 61.12
N GLY K 105 -54.03 -39.37 60.77
CA GLY K 105 -55.16 -38.54 61.16
C GLY K 105 -55.52 -37.58 60.04
N SER K 106 -54.64 -37.46 59.05
CA SER K 106 -54.95 -36.63 57.88
C SER K 106 -54.79 -37.42 56.59
N ARG K 107 -54.40 -38.68 56.70
CA ARG K 107 -54.12 -39.47 55.49
C ARG K 107 -55.35 -40.09 54.86
N THR K 108 -56.17 -39.27 54.22
CA THR K 108 -57.36 -39.78 53.57
C THR K 108 -57.00 -40.74 52.45
N ALA K 109 -56.00 -40.42 51.65
CA ALA K 109 -55.69 -41.23 50.48
C ALA K 109 -54.53 -42.19 50.63
N PHE K 110 -54.74 -43.44 50.26
CA PHE K 110 -53.65 -44.40 50.28
C PHE K 110 -53.48 -45.03 48.91
N GLN K 111 -52.29 -44.95 48.35
CA GLN K 111 -52.03 -45.59 47.07
C GLN K 111 -51.93 -47.09 47.25
N VAL K 112 -52.42 -47.87 46.30
CA VAL K 112 -52.25 -49.30 46.40
C VAL K 112 -50.86 -49.57 45.90
N VAL K 113 -50.00 -50.14 46.74
CA VAL K 113 -48.62 -50.35 46.34
C VAL K 113 -48.15 -51.77 46.57
N LYS K 114 -47.37 -52.31 45.63
CA LYS K 114 -46.83 -53.64 45.84
C LYS K 114 -45.40 -53.44 46.28
N VAL K 115 -45.07 -53.92 47.47
CA VAL K 115 -43.73 -53.69 47.99
C VAL K 115 -42.88 -54.88 47.62
N TYR K 116 -41.94 -54.66 46.69
CA TYR K 116 -41.10 -55.76 46.25
C TYR K 116 -39.82 -55.88 47.06
N GLY K 117 -39.89 -56.55 48.19
CA GLY K 117 -38.71 -56.75 48.98
C GLY K 117 -38.96 -56.61 50.47
N ALA K 118 -37.91 -56.74 51.27
CA ALA K 118 -38.05 -56.56 52.70
C ALA K 118 -37.21 -55.41 53.20
N VAL K 119 -35.90 -55.50 53.04
CA VAL K 119 -35.02 -54.46 53.56
C VAL K 119 -35.23 -53.13 52.87
N ASN K 120 -35.29 -53.13 51.54
CA ASN K 120 -35.55 -51.90 50.80
C ASN K 120 -36.52 -52.21 49.67
N PRO K 121 -37.79 -52.45 50.01
CA PRO K 121 -38.70 -52.87 48.95
C PRO K 121 -38.90 -51.84 47.86
N TYR K 122 -38.89 -52.27 46.60
CA TYR K 122 -39.15 -51.36 45.51
C TYR K 122 -40.65 -51.36 45.42
N THR K 123 -41.27 -50.20 45.48
CA THR K 123 -42.72 -50.19 45.49
C THR K 123 -43.27 -50.03 44.08
N ARG K 124 -44.24 -50.85 43.74
CA ARG K 124 -44.88 -50.69 42.45
C ARG K 124 -46.25 -50.15 42.74
N PRO K 125 -46.50 -48.89 42.34
CA PRO K 125 -47.84 -48.35 42.52
C PRO K 125 -48.79 -49.08 41.60
N LEU K 126 -50.01 -49.33 42.05
CA LEU K 126 -50.97 -49.96 41.19
C LEU K 126 -51.87 -48.90 40.59
N SER K 127 -51.72 -48.65 39.29
CA SER K 127 -52.57 -47.69 38.64
C SER K 127 -54.01 -48.16 38.61
N LEU K 128 -54.23 -49.43 38.27
CA LEU K 128 -55.57 -49.94 38.17
C LEU K 128 -55.77 -51.10 39.13
N PRO K 129 -56.65 -50.94 40.11
CA PRO K 129 -56.93 -52.07 41.01
C PRO K 129 -58.18 -52.76 40.52
N HIS K 130 -58.12 -54.07 40.32
CA HIS K 130 -59.28 -54.75 39.77
C HIS K 130 -60.43 -54.58 40.74
N PRO K 131 -61.61 -54.19 40.23
CA PRO K 131 -62.75 -53.92 41.11
C PRO K 131 -63.37 -55.13 41.75
N GLY K 132 -63.77 -55.00 43.02
CA GLY K 132 -64.45 -56.10 43.71
C GLY K 132 -63.50 -57.04 44.40
N THR K 133 -62.21 -56.94 44.11
CA THR K 133 -61.24 -57.75 44.83
C THR K 133 -60.65 -56.84 45.85
N VAL K 134 -61.10 -55.59 45.87
CA VAL K 134 -60.53 -54.64 46.79
C VAL K 134 -61.14 -54.81 48.16
N ARG K 135 -60.29 -55.08 49.13
CA ARG K 135 -60.76 -55.19 50.50
C ARG K 135 -59.93 -54.22 51.30
N VAL K 136 -60.56 -53.39 52.10
CA VAL K 136 -59.84 -52.41 52.89
C VAL K 136 -60.04 -52.73 54.35
N ALA K 137 -58.96 -52.81 55.10
CA ALA K 137 -59.09 -53.06 56.53
C ALA K 137 -58.45 -51.99 57.37
N LEU K 138 -59.22 -51.37 58.26
CA LEU K 138 -58.64 -50.41 59.18
C LEU K 138 -58.03 -51.20 60.30
N ASP K 139 -57.19 -50.56 61.10
CA ASP K 139 -56.51 -51.30 62.15
C ASP K 139 -57.54 -51.90 63.09
N GLY K 140 -58.55 -51.11 63.45
CA GLY K 140 -59.60 -51.63 64.31
C GLY K 140 -60.44 -52.72 63.68
N VAL K 141 -60.87 -52.54 62.43
CA VAL K 141 -61.75 -53.50 61.79
C VAL K 141 -61.73 -53.36 60.27
N THR K 142 -62.19 -54.37 59.55
CA THR K 142 -62.26 -54.28 58.10
C THR K 142 -63.23 -53.17 57.75
N GLN K 143 -62.89 -52.37 56.75
CA GLN K 143 -63.75 -51.26 56.37
C GLN K 143 -64.63 -51.62 55.20
N PRO K 144 -65.95 -51.68 55.45
CA PRO K 144 -66.90 -51.97 54.37
C PRO K 144 -66.94 -50.86 53.34
N SER K 145 -66.90 -49.61 53.79
CA SER K 145 -67.06 -48.49 52.87
C SER K 145 -66.46 -47.18 53.36
N GLY K 146 -66.56 -46.14 52.54
CA GLY K 146 -66.02 -44.85 52.90
C GLY K 146 -64.64 -44.68 52.32
N TRP K 147 -64.10 -45.74 51.75
CA TRP K 147 -62.82 -45.63 51.09
C TRP K 147 -63.19 -45.47 49.65
N THR K 148 -62.80 -44.35 49.05
CA THR K 148 -63.18 -44.09 47.69
C THR K 148 -62.05 -44.45 46.76
N LEU K 149 -62.19 -45.58 46.08
CA LEU K 149 -61.16 -46.00 45.17
C LEU K 149 -61.32 -45.28 43.85
N THR K 150 -60.23 -44.72 43.34
CA THR K 150 -60.29 -44.11 42.04
C THR K 150 -59.76 -45.20 41.15
N ALA K 151 -60.60 -45.76 40.29
CA ALA K 151 -60.13 -46.88 39.48
C ALA K 151 -58.98 -46.48 38.55
N PRO K 152 -59.11 -45.33 37.84
CA PRO K 152 -57.92 -44.93 37.07
C PRO K 152 -56.78 -44.57 37.99
N GLY K 153 -57.08 -43.87 39.07
CA GLY K 153 -56.04 -43.44 39.99
C GLY K 153 -55.28 -44.48 40.76
N GLY K 154 -55.97 -45.51 41.23
CA GLY K 154 -55.30 -46.50 42.07
C GLY K 154 -55.22 -46.01 43.49
N VAL K 155 -55.93 -44.93 43.81
CA VAL K 155 -55.90 -44.35 45.15
C VAL K 155 -57.21 -44.56 45.86
N ILE K 156 -57.17 -45.00 47.12
CA ILE K 156 -58.38 -45.17 47.89
C ILE K 156 -58.45 -44.05 48.88
N THR K 157 -59.54 -43.29 48.87
CA THR K 157 -59.64 -42.14 49.75
C THR K 157 -60.64 -42.35 50.85
N PHE K 158 -60.18 -42.40 52.08
CA PHE K 158 -61.11 -42.52 53.19
C PHE K 158 -61.79 -41.18 53.37
N ASP K 159 -63.10 -41.19 53.51
CA ASP K 159 -63.83 -39.96 53.74
C ASP K 159 -63.38 -39.38 55.06
N THR K 160 -63.20 -40.23 56.05
CA THR K 160 -62.69 -39.76 57.33
C THR K 160 -61.29 -40.29 57.43
N PRO K 161 -60.30 -39.40 57.54
CA PRO K 161 -58.92 -39.89 57.53
C PRO K 161 -58.63 -40.78 58.72
N PRO K 162 -57.90 -41.88 58.49
CA PRO K 162 -57.58 -42.82 59.59
C PRO K 162 -56.76 -42.12 60.64
N ALA K 163 -57.00 -42.41 61.91
CA ALA K 163 -56.32 -41.71 63.01
C ALA K 163 -54.85 -42.07 63.15
N LEU K 164 -54.12 -41.27 63.90
CA LEU K 164 -52.69 -41.52 64.04
C LEU K 164 -52.45 -42.89 64.61
N GLY K 165 -51.44 -43.58 64.07
CA GLY K 165 -51.14 -44.91 64.53
C GLY K 165 -52.14 -45.97 64.13
N VAL K 166 -52.89 -45.72 63.06
CA VAL K 166 -53.83 -46.73 62.58
C VAL K 166 -53.32 -47.37 61.29
N THR K 167 -53.12 -48.68 61.33
CA THR K 167 -52.66 -49.39 60.14
C THR K 167 -53.77 -49.54 59.12
N VAL K 168 -53.42 -49.39 57.84
CA VAL K 168 -54.40 -49.61 56.79
C VAL K 168 -53.89 -50.80 56.02
N THR K 169 -54.71 -51.83 55.88
CA THR K 169 -54.32 -53.00 55.13
C THR K 169 -55.28 -53.19 53.98
N ALA K 170 -54.78 -53.17 52.75
CA ALA K 170 -55.64 -53.40 51.59
C ALA K 170 -55.10 -54.40 50.58
N GLY K 171 -55.92 -55.36 50.17
CA GLY K 171 -55.50 -56.31 49.17
C GLY K 171 -56.44 -56.34 47.98
N CYS K 172 -55.88 -56.29 46.77
CA CYS K 172 -56.71 -56.29 45.55
C CYS K 172 -55.97 -56.89 44.37
N SER K 173 -56.71 -57.27 43.34
CA SER K 173 -56.09 -57.79 42.13
C SER K 173 -55.39 -56.69 41.36
N PHE K 174 -54.34 -57.02 40.62
CA PHE K 174 -53.57 -56.00 39.94
C PHE K 174 -53.80 -55.90 38.45
N ASP K 175 -54.23 -54.73 37.97
CA ASP K 175 -54.40 -54.52 36.54
C ASP K 175 -53.32 -53.54 36.15
N VAL K 176 -52.52 -53.88 35.14
CA VAL K 176 -51.39 -53.02 34.79
C VAL K 176 -51.43 -52.43 33.39
N PRO K 177 -51.18 -51.11 33.28
CA PRO K 177 -51.15 -50.47 31.96
C PRO K 177 -50.03 -51.01 31.10
N VAL K 178 -50.33 -51.32 29.85
CA VAL K 178 -49.31 -51.86 28.95
C VAL K 178 -49.37 -51.15 27.61
N ARG K 179 -48.21 -50.78 27.04
CA ARG K 179 -48.19 -50.19 25.71
C ARG K 179 -47.42 -51.10 24.79
N PHE K 180 -47.99 -51.46 23.65
CA PHE K 180 -47.33 -52.42 22.76
C PHE K 180 -46.01 -51.87 22.22
N SER K 181 -44.97 -52.70 22.26
CA SER K 181 -43.68 -52.29 21.71
C SER K 181 -43.66 -52.10 20.20
N ASP K 182 -44.32 -52.98 19.46
CA ASP K 182 -44.25 -52.91 18.01
C ASP K 182 -45.60 -52.66 17.35
N PRO K 183 -45.64 -51.73 16.40
CA PRO K 183 -46.89 -51.45 15.70
C PRO K 183 -47.39 -52.65 14.91
N GLU K 184 -46.50 -53.37 14.22
CA GLU K 184 -46.88 -54.55 13.46
C GLU K 184 -47.33 -55.67 14.37
N LEU K 185 -48.34 -56.43 13.95
CA LEU K 185 -48.78 -57.57 14.74
C LEU K 185 -48.56 -58.88 14.01
N ALA K 186 -47.74 -59.76 14.58
CA ALA K 186 -47.49 -61.07 13.96
C ALA K 186 -48.71 -61.96 14.11
N VAL K 187 -49.05 -62.71 13.06
CA VAL K 187 -50.26 -63.54 13.14
C VAL K 187 -50.04 -65.02 12.85
N GLN K 188 -50.43 -65.88 13.78
CA GLN K 188 -50.37 -67.31 13.53
C GLN K 188 -51.82 -67.66 13.64
N TRP K 189 -52.44 -67.98 12.51
CA TRP K 189 -53.88 -68.23 12.55
C TRP K 189 -54.23 -69.63 12.14
N ALA K 190 -53.34 -70.32 11.40
CA ALA K 190 -53.63 -71.67 10.89
C ALA K 190 -54.84 -71.71 9.94
N TYR K 191 -54.61 -71.91 8.65
CA TYR K 191 -55.70 -71.86 7.67
C TYR K 191 -56.83 -72.82 7.97
N PHE K 192 -58.06 -72.36 7.78
CA PHE K 192 -59.22 -73.20 8.00
C PHE K 192 -59.68 -73.78 6.68
N ARG K 193 -60.88 -73.41 6.24
CA ARG K 193 -61.43 -73.94 5.00
C ARG K 193 -61.46 -75.45 5.01
N GLU K 194 -61.00 -76.07 3.92
CA GLU K 194 -61.01 -77.53 3.85
C GLU K 194 -60.10 -78.16 4.88
N GLY K 195 -58.90 -77.62 5.05
CA GLY K 195 -58.01 -78.11 6.08
C GLY K 195 -58.29 -77.31 7.32
N GLN K 196 -59.38 -77.60 8.02
CA GLN K 196 -59.76 -76.77 9.15
C GLN K 196 -58.73 -76.72 10.26
N ALA K 197 -58.43 -75.51 10.74
CA ALA K 197 -57.44 -75.37 11.80
C ALA K 197 -57.77 -74.32 12.87
N GLY K 198 -56.98 -73.25 12.93
CA GLY K 198 -57.16 -72.26 13.98
C GLY K 198 -56.00 -72.49 14.93
N LEU K 199 -55.00 -71.62 14.90
CA LEU K 199 -53.80 -71.85 15.71
C LEU K 199 -54.00 -71.74 17.20
N ALA K 200 -53.37 -72.64 17.94
CA ALA K 200 -53.49 -72.63 19.39
C ALA K 200 -52.94 -71.34 19.97
N GLN K 201 -51.80 -70.89 19.45
CA GLN K 201 -51.22 -69.64 19.94
C GLN K 201 -50.71 -68.73 18.84
N ALA K 202 -50.94 -67.44 18.98
CA ALA K 202 -50.38 -66.49 18.03
C ALA K 202 -48.92 -66.27 18.41
N PRO K 203 -48.11 -65.71 17.51
CA PRO K 203 -46.69 -65.53 17.82
C PRO K 203 -46.55 -64.43 18.84
N SER K 204 -45.40 -64.32 19.47
CA SER K 204 -45.25 -63.35 20.54
C SER K 204 -45.59 -61.96 20.06
N ILE K 205 -46.39 -61.25 20.85
CA ILE K 205 -46.75 -59.89 20.51
C ILE K 205 -46.03 -59.05 21.54
N PRO K 206 -45.25 -58.09 21.09
CA PRO K 206 -44.49 -57.37 22.11
C PRO K 206 -45.34 -56.29 22.73
N LEU K 207 -45.64 -56.43 24.01
CA LEU K 207 -46.38 -55.40 24.72
C LEU K 207 -45.61 -55.13 25.99
N ILE K 208 -45.40 -53.87 26.33
CA ILE K 208 -44.56 -53.58 27.49
C ILE K 208 -45.31 -52.93 28.62
N GLU K 209 -45.18 -53.48 29.83
CA GLU K 209 -45.78 -52.83 30.97
C GLU K 209 -45.00 -51.55 31.05
N VAL K 210 -45.69 -50.42 31.09
CA VAL K 210 -44.98 -49.15 31.08
C VAL K 210 -45.35 -48.35 32.30
N ARG K 211 -44.34 -47.85 33.01
CA ARG K 211 -44.62 -46.99 34.13
C ARG K 211 -44.73 -45.65 33.45
N LEU K 212 -45.94 -45.12 33.38
CA LEU K 212 -46.14 -43.87 32.64
C LEU K 212 -45.47 -42.69 33.30
N ASP K 213 -44.84 -41.83 32.50
CA ASP K 213 -44.19 -40.65 33.03
C ASP K 213 -45.26 -39.74 33.62
N PRO K 214 -45.02 -39.20 34.82
CA PRO K 214 -45.99 -38.24 35.35
C PRO K 214 -45.68 -36.84 34.86
N MET L 1 -57.15 -45.12 -9.07
CA MET L 1 -57.27 -45.15 -10.52
C MET L 1 -58.17 -46.29 -10.96
N GLN L 2 -58.18 -46.56 -12.25
CA GLN L 2 -58.96 -47.69 -12.74
C GLN L 2 -58.42 -49.00 -12.20
N PHE L 3 -57.09 -49.14 -12.19
CA PHE L 3 -56.45 -50.35 -11.67
C PHE L 3 -56.67 -51.58 -12.53
N ILE L 4 -56.34 -52.76 -12.01
CA ILE L 4 -56.60 -54.00 -12.74
C ILE L 4 -57.23 -54.99 -11.77
N ASP L 5 -58.18 -55.78 -12.22
CA ASP L 5 -58.71 -56.81 -11.34
C ASP L 5 -58.31 -58.15 -11.92
N VAL L 6 -57.37 -58.84 -11.28
CA VAL L 6 -56.97 -60.16 -11.73
C VAL L 6 -57.06 -61.14 -10.59
N GLU L 7 -57.89 -62.18 -10.75
CA GLU L 7 -58.11 -63.11 -9.65
C GLU L 7 -56.91 -63.94 -9.22
N PHE L 8 -56.77 -64.16 -7.93
CA PHE L 8 -55.70 -65.03 -7.44
C PHE L 8 -56.43 -66.29 -7.07
N PRO L 9 -55.98 -67.45 -7.58
CA PRO L 9 -56.75 -68.66 -7.32
C PRO L 9 -56.86 -69.01 -5.85
N ARG L 10 -58.04 -69.44 -5.41
CA ARG L 10 -58.28 -69.78 -4.01
C ARG L 10 -57.41 -70.93 -3.52
N ASP L 11 -57.18 -71.92 -4.38
CA ASP L 11 -56.35 -73.05 -3.99
C ASP L 11 -54.94 -72.59 -3.68
N ILE L 12 -54.39 -71.69 -4.49
CA ILE L 12 -53.08 -71.13 -4.18
C ILE L 12 -53.18 -70.34 -2.89
N ALA L 13 -54.31 -69.64 -2.72
CA ALA L 13 -54.53 -68.87 -1.51
C ALA L 13 -54.56 -69.75 -0.26
N ALA L 14 -54.98 -71.01 -0.43
CA ALA L 14 -55.03 -71.92 0.72
C ALA L 14 -53.62 -72.08 1.25
N GLY L 15 -52.63 -72.22 0.38
CA GLY L 15 -51.25 -72.28 0.82
C GLY L 15 -50.76 -70.98 1.43
N CYS L 16 -51.26 -69.84 0.98
CA CYS L 16 -50.76 -68.54 1.43
C CYS L 16 -50.83 -68.18 2.92
N GLN L 17 -49.78 -67.57 3.46
CA GLN L 17 -49.74 -67.15 4.87
C GLN L 17 -50.43 -65.83 5.19
N ALA L 18 -50.76 -65.60 6.45
CA ALA L 18 -51.37 -64.33 6.85
C ALA L 18 -50.65 -63.62 7.99
N VAL L 19 -50.34 -62.33 7.82
CA VAL L 19 -49.72 -61.54 8.89
C VAL L 19 -50.41 -60.18 8.91
N LEU L 20 -50.40 -59.49 10.04
CA LEU L 20 -51.10 -58.22 10.15
C LEU L 20 -50.13 -57.06 10.23
N THR L 21 -50.25 -56.10 9.32
CA THR L 21 -49.35 -54.97 9.31
C THR L 21 -50.04 -53.72 9.83
N ARG L 22 -49.52 -53.16 10.91
CA ARG L 22 -50.14 -51.97 11.50
C ARG L 22 -49.05 -50.94 11.75
N ARG L 23 -49.38 -49.66 11.59
CA ARG L 23 -48.40 -48.60 11.79
C ARG L 23 -48.77 -47.61 12.88
N ASP L 24 -48.47 -46.32 12.68
CA ASP L 24 -48.81 -45.25 13.66
C ASP L 24 -48.38 -45.38 15.11
N GLU L 25 -47.12 -45.75 15.39
CA GLU L 25 -46.70 -45.77 16.79
C GLU L 25 -45.71 -44.68 17.18
N VAL L 26 -44.54 -44.63 16.53
CA VAL L 26 -43.48 -43.65 16.87
C VAL L 26 -43.62 -42.86 18.18
N VAL L 27 -43.41 -43.53 19.30
CA VAL L 27 -43.54 -42.88 20.61
C VAL L 27 -42.39 -41.94 20.99
N THR L 28 -42.58 -41.17 22.05
CA THR L 28 -41.55 -40.20 22.49
C THR L 28 -40.45 -40.78 23.34
N LEU L 29 -39.83 -39.93 24.16
CA LEU L 29 -38.70 -40.36 24.97
C LEU L 29 -39.01 -41.56 25.82
N ALA L 30 -38.07 -42.50 25.89
CA ALA L 30 -38.31 -43.70 26.66
C ALA L 30 -38.02 -43.45 28.13
N SER L 31 -38.72 -42.48 28.71
CA SER L 31 -38.58 -42.21 30.12
C SER L 31 -39.96 -42.56 30.62
N GLY L 32 -40.72 -43.29 29.82
CA GLY L 32 -42.10 -43.58 30.17
C GLY L 32 -42.98 -42.57 29.46
N ARG L 33 -42.38 -41.75 28.60
CA ARG L 33 -43.14 -40.77 27.86
C ARG L 33 -43.58 -41.36 26.52
N GLU L 34 -44.88 -41.28 26.23
CA GLU L 34 -45.39 -41.86 24.98
C GLU L 34 -46.18 -40.87 24.14
N GLU L 35 -45.86 -40.78 22.85
CA GLU L 35 -46.61 -39.90 21.96
C GLU L 35 -47.09 -40.72 20.78
N VAL L 36 -48.35 -40.57 20.41
CA VAL L 36 -48.86 -41.38 19.32
C VAL L 36 -48.72 -40.69 17.98
N ASN L 37 -47.77 -41.15 17.18
CA ASN L 37 -47.63 -40.60 15.83
C ASN L 37 -48.76 -41.17 15.02
N SER L 38 -49.27 -40.44 14.03
CA SER L 38 -50.30 -41.04 13.19
C SER L 38 -49.86 -41.13 11.73
N ARG L 39 -49.54 -42.34 11.27
CA ARG L 39 -49.22 -42.53 9.85
C ARG L 39 -50.46 -42.31 9.01
N TRP L 40 -51.63 -42.75 9.48
CA TRP L 40 -52.94 -42.57 8.79
C TRP L 40 -53.28 -43.73 7.86
N ALA L 41 -54.54 -44.15 7.83
CA ALA L 41 -54.98 -45.18 6.89
C ALA L 41 -54.12 -46.46 6.85
N ASP L 42 -53.86 -47.06 8.00
CA ASP L 42 -52.96 -48.22 8.01
C ASP L 42 -53.68 -49.56 7.98
N THR L 43 -53.26 -50.51 8.81
CA THR L 43 -53.87 -51.85 8.86
C THR L 43 -53.83 -52.67 7.57
N ARG L 44 -52.71 -52.62 6.86
CA ARG L 44 -52.55 -53.48 5.67
C ARG L 44 -52.29 -54.91 6.14
N ARG L 45 -52.43 -55.88 5.25
CA ARG L 45 -52.10 -57.25 5.65
C ARG L 45 -50.99 -57.87 4.83
N SER L 46 -50.03 -58.49 5.50
CA SER L 46 -48.90 -59.11 4.81
C SER L 46 -49.14 -60.59 4.54
N TRP L 47 -48.76 -61.05 3.35
CA TRP L 47 -48.91 -62.45 3.02
C TRP L 47 -47.76 -63.05 2.23
N ASP L 48 -47.55 -64.36 2.33
CA ASP L 48 -46.55 -64.99 1.48
C ASP L 48 -47.29 -66.09 0.75
N ALA L 49 -47.14 -66.18 -0.56
CA ALA L 49 -47.95 -67.13 -1.33
C ALA L 49 -47.19 -68.17 -2.14
N GLY L 50 -47.94 -68.91 -2.97
CA GLY L 50 -47.32 -69.92 -3.83
C GLY L 50 -47.30 -71.29 -3.20
N LEU L 51 -47.66 -71.38 -1.93
CA LEU L 51 -47.62 -72.65 -1.23
C LEU L 51 -48.82 -73.52 -1.52
N GLY L 52 -49.82 -72.96 -2.20
CA GLY L 52 -51.00 -73.71 -2.54
C GLY L 52 -51.03 -74.20 -3.97
N VAL L 53 -49.92 -74.11 -4.68
CA VAL L 53 -49.91 -74.49 -6.10
C VAL L 53 -50.26 -75.95 -6.35
N ARG L 54 -49.81 -76.87 -5.49
CA ARG L 54 -50.08 -78.31 -5.63
C ARG L 54 -49.30 -79.02 -6.74
N ASP L 55 -49.43 -78.55 -7.97
CA ASP L 55 -48.76 -79.22 -9.09
C ASP L 55 -48.11 -78.26 -10.06
N GLU L 56 -47.29 -78.79 -10.96
CA GLU L 56 -46.55 -77.95 -11.90
C GLU L 56 -47.44 -77.12 -12.82
N ALA L 57 -48.51 -77.70 -13.34
CA ALA L 57 -49.36 -76.96 -14.26
C ALA L 57 -49.96 -75.75 -13.58
N ASP L 58 -50.44 -75.92 -12.35
CA ASP L 58 -50.99 -74.81 -11.59
C ASP L 58 -49.91 -73.79 -11.28
N LEU L 59 -48.70 -74.26 -10.98
CA LEU L 59 -47.60 -73.36 -10.69
C LEU L 59 -47.35 -72.51 -11.92
N ALA L 60 -47.42 -73.12 -13.08
CA ALA L 60 -47.21 -72.38 -14.31
C ALA L 60 -48.28 -71.30 -14.43
N GLN L 61 -49.51 -71.64 -14.06
CA GLN L 61 -50.60 -70.67 -14.21
C GLN L 61 -50.39 -69.43 -13.36
N VAL L 62 -49.99 -69.58 -12.10
CA VAL L 62 -49.72 -68.41 -11.29
C VAL L 62 -48.55 -67.61 -11.82
N VAL L 63 -47.52 -68.31 -12.28
CA VAL L 63 -46.35 -67.64 -12.82
C VAL L 63 -46.73 -66.82 -14.03
N ALA L 64 -47.56 -67.39 -14.90
CA ALA L 64 -48.03 -66.65 -16.07
C ALA L 64 -48.85 -65.48 -15.61
N LEU L 65 -49.63 -65.67 -14.57
CA LEU L 65 -50.46 -64.60 -14.03
C LEU L 65 -49.59 -63.47 -13.49
N PHE L 66 -48.49 -63.79 -12.82
CA PHE L 66 -47.58 -62.75 -12.34
C PHE L 66 -46.99 -62.03 -13.53
N GLU L 67 -46.67 -62.78 -14.58
CA GLU L 67 -46.14 -62.18 -15.79
C GLU L 67 -47.18 -61.29 -16.46
N GLU L 68 -48.46 -61.64 -16.30
CA GLU L 68 -49.52 -60.86 -16.93
C GLU L 68 -49.51 -59.44 -16.41
N VAL L 69 -49.33 -59.27 -15.11
CA VAL L 69 -49.28 -57.93 -14.55
C VAL L 69 -47.91 -57.31 -14.76
N ARG L 70 -46.95 -58.11 -15.20
CA ARG L 70 -45.62 -57.59 -15.47
C ARG L 70 -45.05 -56.84 -14.29
N GLY L 71 -45.18 -57.42 -13.10
CA GLY L 71 -44.72 -56.72 -11.91
C GLY L 71 -45.80 -55.88 -11.26
N ARG L 72 -46.91 -56.51 -10.88
CA ARG L 72 -47.98 -55.81 -10.15
C ARG L 72 -48.53 -54.54 -10.81
N LEU L 73 -48.82 -54.59 -12.11
CA LEU L 73 -49.37 -53.41 -12.72
C LEU L 73 -50.66 -53.10 -12.00
N TYR L 74 -50.77 -51.88 -11.51
CA TYR L 74 -51.99 -51.45 -10.82
C TYR L 74 -52.39 -52.39 -9.69
N ALA L 75 -53.66 -52.77 -9.65
CA ALA L 75 -54.14 -53.64 -8.59
C ALA L 75 -54.18 -55.11 -8.97
N PHE L 76 -54.19 -55.97 -7.97
CA PHE L 76 -54.31 -57.39 -8.24
C PHE L 76 -55.41 -57.94 -7.32
N ARG L 77 -56.32 -58.75 -7.84
CA ARG L 77 -57.40 -59.23 -6.98
C ARG L 77 -56.95 -60.41 -6.18
N PHE L 78 -57.10 -60.33 -4.86
CA PHE L 78 -56.66 -61.41 -3.99
C PHE L 78 -57.84 -61.89 -3.16
N ARG L 79 -58.00 -63.20 -3.08
CA ARG L 79 -59.06 -63.73 -2.26
C ARG L 79 -58.53 -63.88 -0.85
N ASP L 80 -59.14 -63.18 0.09
CA ASP L 80 -58.72 -63.33 1.47
C ASP L 80 -59.75 -64.10 2.24
N TRP L 81 -59.33 -65.23 2.76
CA TRP L 81 -60.24 -66.07 3.52
C TRP L 81 -60.74 -65.37 4.79
N LEU L 82 -59.85 -64.67 5.49
CA LEU L 82 -60.24 -64.02 6.74
C LEU L 82 -61.28 -62.95 6.53
N ASP L 83 -61.12 -62.13 5.49
CA ASP L 83 -62.05 -61.05 5.24
C ASP L 83 -63.25 -61.51 4.42
N TRP L 84 -63.18 -62.71 3.86
CA TRP L 84 -64.26 -63.19 3.02
C TRP L 84 -65.55 -63.30 3.81
N ARG L 85 -65.44 -63.75 5.05
CA ARG L 85 -66.64 -63.92 5.83
C ARG L 85 -66.86 -62.75 6.78
N THR L 86 -67.94 -62.01 6.58
CA THR L 86 -68.28 -60.92 7.49
C THR L 86 -68.61 -61.53 8.84
N ALA L 87 -69.21 -62.71 8.83
CA ALA L 87 -69.58 -63.38 10.06
C ALA L 87 -68.45 -64.28 10.50
N ALA L 88 -68.62 -65.59 10.38
CA ALA L 88 -67.61 -66.53 10.86
C ALA L 88 -67.26 -67.58 9.82
N THR L 89 -66.15 -68.29 10.02
CA THR L 89 -65.76 -69.34 9.08
C THR L 89 -66.85 -70.41 9.03
N ARG L 90 -67.43 -70.74 10.19
CA ARG L 90 -68.53 -71.69 10.21
C ARG L 90 -69.92 -71.04 10.15
N ALA L 91 -69.99 -69.72 10.12
CA ALA L 91 -71.28 -69.03 10.09
C ALA L 91 -71.48 -68.20 8.83
N PRO L 92 -72.63 -68.37 8.16
CA PRO L 92 -72.84 -67.67 6.89
C PRO L 92 -72.86 -66.15 7.00
N ILE L 93 -72.19 -65.48 6.07
CA ILE L 93 -72.23 -64.03 6.05
C ILE L 93 -73.61 -63.57 5.59
N THR L 94 -74.11 -62.49 6.18
CA THR L 94 -75.43 -61.97 5.81
C THR L 94 -75.34 -60.47 5.61
N ALA L 95 -76.34 -59.88 4.94
CA ALA L 95 -76.35 -58.45 4.76
C ALA L 95 -76.39 -57.82 6.12
N THR L 96 -77.20 -58.37 7.01
CA THR L 96 -77.33 -57.85 8.35
C THR L 96 -76.03 -57.94 9.15
N ASP L 97 -75.17 -58.91 8.81
CA ASP L 97 -73.97 -59.12 9.61
C ASP L 97 -73.06 -57.91 9.69
N GLN L 98 -72.90 -57.20 8.58
CA GLN L 98 -72.05 -56.02 8.58
C GLN L 98 -72.90 -54.77 8.35
N PRO L 99 -72.74 -53.77 9.23
CA PRO L 99 -73.56 -52.56 9.10
C PRO L 99 -72.92 -51.47 8.27
N LEU L 100 -73.46 -51.22 7.08
CA LEU L 100 -72.91 -50.17 6.22
C LEU L 100 -73.07 -48.77 6.81
N GLY L 101 -74.24 -48.50 7.40
CA GLY L 101 -74.49 -47.18 7.96
C GLY L 101 -75.98 -46.89 8.01
N LEU L 102 -76.34 -45.64 8.23
CA LEU L 102 -77.76 -45.27 8.21
C LEU L 102 -78.04 -44.18 7.17
N GLY L 103 -79.03 -44.40 6.31
CA GLY L 103 -79.39 -43.39 5.32
C GLY L 103 -79.95 -42.14 5.98
N ASP L 104 -79.56 -40.97 5.51
CA ASP L 104 -80.07 -39.72 6.07
C ASP L 104 -81.12 -39.04 5.20
N GLY L 105 -81.52 -39.69 4.12
CA GLY L 105 -82.45 -39.07 3.18
C GLY L 105 -81.67 -38.43 2.05
N SER L 106 -80.37 -38.29 2.22
CA SER L 106 -79.52 -37.77 1.14
C SER L 106 -78.38 -38.73 0.88
N ARG L 107 -78.28 -39.79 1.68
CA ARG L 107 -77.15 -40.71 1.55
C ARG L 107 -77.34 -41.77 0.49
N THR L 108 -77.22 -41.40 -0.77
CA THR L 108 -77.35 -42.36 -1.85
C THR L 108 -76.27 -43.44 -1.85
N ALA L 109 -75.01 -43.07 -1.61
CA ALA L 109 -73.93 -44.04 -1.72
C ALA L 109 -73.29 -44.53 -0.43
N PHE L 110 -73.18 -45.84 -0.29
CA PHE L 110 -72.53 -46.40 0.88
C PHE L 110 -71.41 -47.32 0.45
N GLN L 111 -70.18 -47.07 0.90
CA GLN L 111 -69.11 -48.01 0.59
C GLN L 111 -69.23 -49.18 1.53
N VAL L 112 -68.92 -50.38 1.06
CA VAL L 112 -68.93 -51.51 1.96
C VAL L 112 -67.84 -51.22 2.95
N VAL L 113 -68.16 -51.28 4.24
CA VAL L 113 -67.17 -50.98 5.25
C VAL L 113 -67.11 -52.10 6.27
N LYS L 114 -65.90 -52.56 6.57
CA LYS L 114 -65.74 -53.61 7.56
C LYS L 114 -65.33 -52.96 8.85
N VAL L 115 -66.15 -53.12 9.87
CA VAL L 115 -65.85 -52.50 11.13
C VAL L 115 -65.17 -53.52 12.00
N TYR L 116 -63.96 -53.21 12.44
CA TYR L 116 -63.20 -54.13 13.26
C TYR L 116 -62.97 -53.49 14.60
N GLY L 117 -63.30 -54.19 15.68
CA GLY L 117 -63.19 -53.60 17.00
C GLY L 117 -64.53 -53.00 17.35
N ALA L 118 -64.74 -52.66 18.62
CA ALA L 118 -66.06 -52.15 19.01
C ALA L 118 -66.09 -50.73 19.55
N VAL L 119 -65.41 -50.47 20.66
CA VAL L 119 -65.47 -49.14 21.27
C VAL L 119 -64.87 -48.08 20.36
N ASN L 120 -63.74 -48.40 19.74
CA ASN L 120 -63.13 -47.46 18.80
C ASN L 120 -62.80 -48.25 17.56
N PRO L 121 -63.85 -48.60 16.78
CA PRO L 121 -63.61 -49.45 15.63
C PRO L 121 -62.90 -48.80 14.47
N TYR L 122 -62.13 -49.57 13.73
CA TYR L 122 -61.49 -49.04 12.54
C TYR L 122 -62.33 -49.64 11.43
N THR L 123 -62.74 -48.81 10.48
CA THR L 123 -63.56 -49.31 9.40
C THR L 123 -62.76 -49.36 8.12
N ARG L 124 -62.85 -50.50 7.43
CA ARG L 124 -62.11 -50.63 6.19
C ARG L 124 -63.05 -50.68 5.02
N PRO L 125 -62.95 -49.69 4.12
CA PRO L 125 -63.76 -49.75 2.91
C PRO L 125 -63.23 -50.88 2.03
N LEU L 126 -64.11 -51.60 1.36
CA LEU L 126 -63.67 -52.70 0.54
C LEU L 126 -63.72 -52.32 -0.92
N SER L 127 -62.57 -52.41 -1.60
CA SER L 127 -62.53 -52.04 -3.00
C SER L 127 -63.38 -52.94 -3.88
N LEU L 128 -63.30 -54.25 -3.69
CA LEU L 128 -64.06 -55.15 -4.54
C LEU L 128 -64.95 -56.08 -3.76
N PRO L 129 -66.27 -55.86 -3.85
CA PRO L 129 -67.16 -56.82 -3.21
C PRO L 129 -67.13 -58.05 -4.08
N HIS L 130 -67.01 -59.23 -3.49
CA HIS L 130 -67.07 -60.43 -4.29
C HIS L 130 -68.47 -60.49 -4.90
N PRO L 131 -68.55 -60.76 -6.20
CA PRO L 131 -69.86 -60.75 -6.85
C PRO L 131 -70.80 -61.84 -6.37
N GLY L 132 -72.06 -61.49 -6.13
CA GLY L 132 -73.05 -62.48 -5.72
C GLY L 132 -73.12 -62.70 -4.23
N THR L 133 -72.17 -62.17 -3.48
CA THR L 133 -72.25 -62.27 -2.04
C THR L 133 -72.74 -60.94 -1.53
N VAL L 134 -72.97 -60.00 -2.46
CA VAL L 134 -73.37 -58.68 -2.04
C VAL L 134 -74.86 -58.65 -1.85
N ARG L 135 -75.29 -58.40 -0.61
CA ARG L 135 -76.71 -58.29 -0.34
C ARG L 135 -76.90 -56.99 0.40
N VAL L 136 -77.92 -56.22 0.00
CA VAL L 136 -78.20 -54.96 0.67
C VAL L 136 -79.40 -55.17 1.57
N ALA L 137 -79.37 -54.56 2.75
CA ALA L 137 -80.51 -54.66 3.63
C ALA L 137 -80.90 -53.31 4.16
N LEU L 138 -82.17 -53.15 4.50
CA LEU L 138 -82.64 -51.90 5.07
C LEU L 138 -83.33 -52.32 6.34
N ASP L 139 -83.51 -51.40 7.28
CA ASP L 139 -84.07 -51.79 8.55
C ASP L 139 -85.45 -52.40 8.36
N GLY L 140 -86.26 -51.78 7.51
CA GLY L 140 -87.57 -52.34 7.24
C GLY L 140 -87.53 -53.68 6.55
N VAL L 141 -86.69 -53.83 5.53
CA VAL L 141 -86.63 -55.07 4.78
C VAL L 141 -85.29 -55.20 4.07
N THR L 142 -84.90 -56.42 3.71
CA THR L 142 -83.67 -56.58 2.95
C THR L 142 -83.91 -55.83 1.65
N GLN L 143 -82.92 -55.07 1.22
CA GLN L 143 -83.11 -54.25 0.03
C GLN L 143 -82.66 -54.96 -1.25
N PRO L 144 -83.55 -54.98 -2.26
CA PRO L 144 -83.19 -55.62 -3.53
C PRO L 144 -82.71 -54.63 -4.58
N SER L 145 -83.51 -54.39 -5.62
CA SER L 145 -83.11 -53.52 -6.71
C SER L 145 -83.11 -52.03 -6.40
N GLY L 146 -82.47 -51.24 -7.25
CA GLY L 146 -82.39 -49.82 -7.04
C GLY L 146 -81.11 -49.41 -6.36
N TRP L 147 -80.33 -50.38 -5.92
CA TRP L 147 -79.03 -50.05 -5.34
C TRP L 147 -78.04 -50.34 -6.44
N THR L 148 -77.25 -49.35 -6.80
CA THR L 148 -76.29 -49.52 -7.88
C THR L 148 -74.95 -49.79 -7.28
N LEU L 149 -74.46 -51.01 -7.44
CA LEU L 149 -73.19 -51.36 -6.83
C LEU L 149 -72.09 -51.11 -7.82
N THR L 150 -71.11 -50.31 -7.43
CA THR L 150 -69.98 -50.10 -8.29
C THR L 150 -69.01 -51.14 -7.80
N ALA L 151 -68.80 -52.18 -8.60
CA ALA L 151 -67.90 -53.23 -8.17
C ALA L 151 -66.47 -52.73 -7.97
N PRO L 152 -65.94 -51.93 -8.93
CA PRO L 152 -64.61 -51.40 -8.64
C PRO L 152 -64.64 -50.44 -7.46
N GLY L 153 -65.66 -49.59 -7.39
CA GLY L 153 -65.78 -48.63 -6.31
C GLY L 153 -66.00 -49.22 -4.93
N GLY L 154 -66.83 -50.27 -4.85
CA GLY L 154 -67.17 -50.82 -3.54
C GLY L 154 -68.30 -49.99 -2.99
N VAL L 155 -68.83 -49.08 -3.78
CA VAL L 155 -69.91 -48.20 -3.32
C VAL L 155 -71.24 -48.69 -3.85
N ILE L 156 -72.25 -48.71 -3.01
CA ILE L 156 -73.58 -49.10 -3.45
C ILE L 156 -74.43 -47.85 -3.44
N THR L 157 -75.04 -47.51 -4.56
CA THR L 157 -75.80 -46.28 -4.62
C THR L 157 -77.29 -46.51 -4.75
N PHE L 158 -78.06 -46.11 -3.74
CA PHE L 158 -79.50 -46.23 -3.85
C PHE L 158 -79.97 -45.13 -4.77
N ASP L 159 -80.81 -45.48 -5.74
CA ASP L 159 -81.33 -44.49 -6.67
C ASP L 159 -82.16 -43.49 -5.89
N THR L 160 -82.95 -43.97 -4.94
CA THR L 160 -83.70 -43.06 -4.10
C THR L 160 -83.02 -43.17 -2.75
N PRO L 161 -82.46 -42.07 -2.25
CA PRO L 161 -81.70 -42.19 -1.00
C PRO L 161 -82.57 -42.64 0.17
N PRO L 162 -82.05 -43.56 0.99
CA PRO L 162 -82.84 -44.07 2.10
C PRO L 162 -83.13 -42.95 3.07
N ALA L 163 -84.35 -42.89 3.57
CA ALA L 163 -84.74 -41.82 4.48
C ALA L 163 -84.09 -42.00 5.84
N LEU L 164 -84.14 -40.97 6.66
CA LEU L 164 -83.55 -41.07 7.98
C LEU L 164 -84.23 -42.16 8.78
N GLY L 165 -83.45 -42.90 9.56
CA GLY L 165 -84.01 -43.98 10.37
C GLY L 165 -84.01 -45.39 9.80
N VAL L 166 -83.50 -45.59 8.59
CA VAL L 166 -83.39 -46.96 8.09
C VAL L 166 -81.93 -47.36 8.01
N THR L 167 -81.57 -48.46 8.68
CA THR L 167 -80.18 -48.87 8.71
C THR L 167 -79.81 -49.66 7.49
N VAL L 168 -78.72 -49.26 6.83
CA VAL L 168 -78.25 -49.99 5.68
C VAL L 168 -77.26 -51.01 6.18
N THR L 169 -77.55 -52.28 5.94
CA THR L 169 -76.65 -53.33 6.36
C THR L 169 -76.26 -54.15 5.15
N ALA L 170 -74.96 -54.25 4.87
CA ALA L 170 -74.53 -55.10 3.77
C ALA L 170 -73.35 -56.00 4.14
N GLY L 171 -73.45 -57.29 3.88
CA GLY L 171 -72.35 -58.19 4.14
C GLY L 171 -71.95 -58.91 2.89
N CYS L 172 -70.67 -58.87 2.53
CA CYS L 172 -70.20 -59.52 1.30
C CYS L 172 -68.81 -60.10 1.45
N SER L 173 -68.46 -61.03 0.58
CA SER L 173 -67.11 -61.58 0.61
C SER L 173 -66.12 -60.53 0.15
N PHE L 174 -64.91 -60.57 0.67
CA PHE L 174 -63.96 -59.52 0.34
C PHE L 174 -62.92 -59.92 -0.68
N ASP L 175 -63.00 -59.36 -1.88
CA ASP L 175 -61.95 -59.61 -2.87
C ASP L 175 -60.96 -58.49 -2.68
N VAL L 176 -60.01 -58.68 -1.78
CA VAL L 176 -59.08 -57.58 -1.47
C VAL L 176 -58.02 -57.27 -2.53
N PRO L 177 -57.70 -56.00 -2.70
CA PRO L 177 -56.62 -55.64 -3.62
C PRO L 177 -55.26 -56.03 -3.05
N VAL L 178 -54.36 -56.51 -3.90
CA VAL L 178 -53.03 -56.90 -3.43
C VAL L 178 -51.94 -56.42 -4.38
N ARG L 179 -50.79 -56.07 -3.83
CA ARG L 179 -49.66 -55.72 -4.70
C ARG L 179 -48.50 -56.55 -4.20
N PHE L 180 -47.82 -57.25 -5.10
CA PHE L 180 -46.76 -58.14 -4.65
C PHE L 180 -45.62 -57.35 -4.03
N SER L 181 -45.16 -57.77 -2.87
CA SER L 181 -44.05 -57.09 -2.21
C SER L 181 -42.75 -57.17 -2.99
N ASP L 182 -42.44 -58.34 -3.53
CA ASP L 182 -41.17 -58.51 -4.23
C ASP L 182 -41.33 -58.97 -5.66
N PRO L 183 -40.59 -58.33 -6.59
CA PRO L 183 -40.64 -58.76 -7.99
C PRO L 183 -40.11 -60.18 -8.17
N GLU L 184 -39.06 -60.54 -7.44
CA GLU L 184 -38.48 -61.88 -7.55
C GLU L 184 -39.43 -62.98 -7.11
N LEU L 185 -39.47 -64.08 -7.85
CA LEU L 185 -40.30 -65.21 -7.48
C LEU L 185 -39.43 -66.45 -7.36
N ALA L 186 -39.57 -67.20 -6.27
CA ALA L 186 -38.81 -68.43 -6.13
C ALA L 186 -39.57 -69.58 -6.73
N VAL L 187 -38.93 -70.33 -7.61
CA VAL L 187 -39.64 -71.41 -8.28
C VAL L 187 -39.27 -72.76 -7.73
N GLN L 188 -40.20 -73.40 -7.04
CA GLN L 188 -39.95 -74.76 -6.59
C GLN L 188 -40.96 -75.54 -7.38
N TRP L 189 -40.51 -76.26 -8.39
CA TRP L 189 -41.44 -76.98 -9.23
C TRP L 189 -41.24 -78.48 -9.28
N ALA L 190 -40.04 -78.97 -8.95
CA ALA L 190 -39.74 -80.41 -9.06
C ALA L 190 -39.86 -80.96 -10.48
N TYR L 191 -38.74 -81.31 -11.11
CA TYR L 191 -38.76 -81.72 -12.52
C TYR L 191 -39.78 -82.82 -12.79
N PHE L 192 -40.55 -82.66 -13.86
CA PHE L 192 -41.57 -83.64 -14.21
C PHE L 192 -41.01 -84.61 -15.24
N ARG L 193 -41.79 -84.92 -16.28
CA ARG L 193 -41.32 -85.83 -17.33
C ARG L 193 -40.97 -87.19 -16.77
N GLU L 194 -39.75 -87.65 -17.01
CA GLU L 194 -39.33 -88.94 -16.49
C GLU L 194 -39.39 -88.91 -14.98
N GLY L 195 -39.00 -87.79 -14.37
CA GLY L 195 -39.12 -87.64 -12.92
C GLY L 195 -40.56 -87.65 -12.47
N GLN L 196 -41.46 -87.05 -13.25
CA GLN L 196 -42.90 -87.00 -12.91
C GLN L 196 -43.21 -86.49 -11.51
N ALA L 197 -42.63 -85.35 -11.15
CA ALA L 197 -42.83 -84.87 -9.79
C ALA L 197 -43.84 -83.72 -9.70
N GLY L 198 -43.37 -82.48 -9.73
CA GLY L 198 -44.27 -81.35 -9.54
C GLY L 198 -44.24 -80.99 -8.08
N LEU L 199 -44.50 -79.73 -7.74
CA LEU L 199 -44.38 -79.33 -6.34
C LEU L 199 -45.59 -78.66 -5.74
N ALA L 200 -45.96 -79.11 -4.54
CA ALA L 200 -47.10 -78.52 -3.84
C ALA L 200 -46.90 -77.06 -3.47
N GLN L 201 -45.69 -76.71 -3.03
CA GLN L 201 -45.47 -75.35 -2.54
C GLN L 201 -44.32 -74.59 -3.18
N ALA L 202 -44.56 -73.32 -3.48
CA ALA L 202 -43.47 -72.49 -3.99
C ALA L 202 -43.27 -71.41 -2.95
N PRO L 203 -42.06 -71.29 -2.43
CA PRO L 203 -41.76 -70.31 -1.39
C PRO L 203 -41.45 -68.91 -1.89
N SER L 204 -41.28 -67.96 -0.99
CA SER L 204 -40.88 -66.60 -1.38
C SER L 204 -41.74 -65.86 -2.39
N ILE L 205 -43.05 -65.81 -2.18
CA ILE L 205 -43.89 -65.01 -3.07
C ILE L 205 -44.67 -64.06 -2.19
N PRO L 206 -43.99 -63.04 -1.65
CA PRO L 206 -44.67 -62.14 -0.73
C PRO L 206 -45.60 -61.16 -1.39
N LEU L 207 -46.76 -60.90 -0.78
CA LEU L 207 -47.68 -59.91 -1.31
C LEU L 207 -48.15 -59.07 -0.15
N ILE L 208 -48.49 -57.81 -0.42
CA ILE L 208 -49.02 -56.96 0.62
C ILE L 208 -50.40 -56.50 0.23
N GLU L 209 -51.35 -56.61 1.15
CA GLU L 209 -52.68 -56.11 0.85
C GLU L 209 -52.44 -54.64 0.63
N VAL L 210 -53.00 -54.11 -0.44
CA VAL L 210 -52.71 -52.73 -0.74
C VAL L 210 -53.95 -51.87 -0.61
N ARG L 211 -53.85 -50.78 0.14
CA ARG L 211 -54.97 -49.88 0.23
C ARG L 211 -54.71 -48.96 -0.92
N LEU L 212 -55.40 -49.19 -2.03
CA LEU L 212 -55.14 -48.39 -3.22
C LEU L 212 -55.53 -46.96 -3.00
N ASP L 213 -54.71 -46.05 -3.51
CA ASP L 213 -55.08 -44.65 -3.43
C ASP L 213 -56.09 -44.42 -4.54
N PRO L 214 -57.23 -43.83 -4.19
CA PRO L 214 -58.28 -43.57 -5.18
C PRO L 214 -57.85 -42.52 -6.19
N ALA M 2 -26.08 -35.26 30.91
CA ALA M 2 -24.71 -34.89 30.56
C ALA M 2 -24.72 -33.65 29.69
N THR M 3 -23.96 -33.68 28.59
CA THR M 3 -23.97 -32.57 27.64
C THR M 3 -23.97 -33.26 26.27
N VAL M 4 -24.20 -32.52 25.20
CA VAL M 4 -24.31 -33.13 23.87
C VAL M 4 -23.48 -32.44 22.80
N LEU M 5 -23.33 -33.07 21.63
CA LEU M 5 -22.63 -32.47 20.47
C LEU M 5 -21.11 -32.59 20.42
N LEU M 6 -20.48 -33.14 21.46
CA LEU M 6 -19.03 -33.19 21.38
C LEU M 6 -18.63 -34.08 20.21
N ALA M 7 -19.22 -35.26 20.14
CA ALA M 7 -18.92 -36.16 19.04
C ALA M 7 -19.47 -35.65 17.73
N ALA M 8 -20.68 -35.11 17.78
CA ALA M 8 -21.33 -34.68 16.55
C ALA M 8 -20.59 -33.58 15.82
N ALA M 9 -20.06 -32.60 16.55
CA ALA M 9 -19.30 -31.57 15.87
C ALA M 9 -17.81 -31.54 16.19
N GLY M 10 -17.46 -31.34 17.46
CA GLY M 10 -16.05 -31.22 17.80
C GLY M 10 -15.25 -32.46 17.50
N GLY M 11 -15.82 -33.62 17.85
CA GLY M 11 -15.15 -34.87 17.58
C GLY M 11 -15.00 -35.07 16.10
N ALA M 12 -16.03 -34.68 15.35
CA ALA M 12 -15.99 -34.86 13.91
C ALA M 12 -14.85 -34.07 13.30
N ILE M 13 -14.67 -32.83 13.72
CA ILE M 13 -13.54 -32.07 13.19
C ILE M 13 -12.24 -32.73 13.60
N GLY M 14 -12.15 -33.15 14.85
CA GLY M 14 -10.89 -33.69 15.31
C GLY M 14 -10.46 -34.91 14.54
N THR M 15 -11.41 -35.80 14.28
CA THR M 15 -11.06 -37.03 13.59
C THR M 15 -10.57 -36.73 12.18
N SER M 16 -11.28 -35.86 11.48
CA SER M 16 -10.84 -35.48 10.14
C SER M 16 -9.54 -34.69 10.18
N LEU M 17 -9.43 -33.78 11.13
CA LEU M 17 -8.25 -32.93 11.21
C LEU M 17 -6.94 -33.61 11.47
N GLY M 18 -6.93 -34.60 12.35
CA GLY M 18 -5.65 -35.19 12.71
C GLY M 18 -4.90 -35.82 11.56
N GLY M 19 -5.60 -36.57 10.72
CA GLY M 19 -4.95 -37.17 9.58
C GLY M 19 -4.43 -36.10 8.66
N ALA M 20 -5.24 -35.07 8.43
CA ALA M 20 -4.81 -33.96 7.58
C ALA M 20 -3.65 -33.16 8.14
N LEU M 21 -3.66 -32.87 9.44
CA LEU M 21 -2.63 -32.03 10.02
C LEU M 21 -1.24 -32.62 9.98
N PHE M 22 -1.12 -33.91 10.27
CA PHE M 22 0.19 -34.56 10.28
C PHE M 22 0.36 -35.45 9.07
N GLY M 23 -0.48 -35.24 8.05
CA GLY M 23 -0.44 -36.08 6.87
C GLY M 23 0.67 -35.78 5.90
N ILE M 24 0.70 -36.52 4.80
CA ILE M 24 1.77 -36.37 3.82
C ILE M 24 1.84 -34.93 3.33
N SER M 25 3.06 -34.42 3.17
CA SER M 25 3.23 -33.02 2.77
C SER M 25 3.69 -32.90 1.33
N ALA M 43 -1.25 -25.55 -9.75
CA ALA M 43 -1.92 -24.77 -10.75
C ALA M 43 -3.04 -25.61 -11.35
N ARG M 44 -4.12 -24.99 -11.81
CA ARG M 44 -5.21 -25.73 -12.45
C ARG M 44 -4.63 -26.42 -13.65
N LEU M 45 -3.76 -25.73 -14.37
CA LEU M 45 -3.13 -26.31 -15.56
C LEU M 45 -2.30 -27.53 -15.19
N SER M 46 -1.59 -27.46 -14.07
CA SER M 46 -0.68 -28.56 -13.70
C SER M 46 -1.39 -29.89 -13.50
N GLY M 47 -2.56 -29.91 -12.86
CA GLY M 47 -3.27 -31.15 -12.62
C GLY M 47 -2.68 -32.01 -11.52
N GLY M 48 -1.40 -32.35 -11.64
CA GLY M 48 -0.72 -33.14 -10.63
C GLY M 48 -0.71 -32.38 -9.33
N GLY M 49 -0.56 -31.06 -9.42
CA GLY M 49 -0.50 -30.26 -8.21
C GLY M 49 0.71 -30.61 -7.38
N THR M 50 1.82 -30.92 -8.02
CA THR M 50 3.04 -31.19 -7.29
C THR M 50 3.37 -29.90 -6.57
N ILE M 51 3.83 -29.99 -5.32
CA ILE M 51 4.04 -28.78 -4.54
C ILE M 51 5.06 -27.84 -5.16
N LYS M 52 4.70 -26.57 -5.28
CA LYS M 52 5.61 -25.58 -5.83
C LYS M 52 5.20 -24.21 -5.32
N GLN M 53 6.11 -23.25 -5.34
CA GLN M 53 5.75 -21.90 -4.93
C GLN M 53 5.76 -21.00 -6.14
N THR M 54 4.62 -20.36 -6.43
CA THR M 54 4.58 -19.42 -7.54
C THR M 54 5.48 -18.25 -7.15
N GLY M 55 6.26 -17.76 -8.08
CA GLY M 55 7.20 -16.70 -7.75
C GLY M 55 6.54 -15.42 -7.30
N PRO M 56 7.05 -14.81 -6.23
CA PRO M 56 6.52 -13.52 -5.77
C PRO M 56 7.01 -12.36 -6.63
N ARG M 57 6.40 -11.20 -6.49
CA ARG M 57 6.82 -10.03 -7.25
C ARG M 57 8.26 -9.71 -6.90
N LEU M 58 8.64 -9.87 -5.63
CA LEU M 58 10.03 -9.67 -5.22
C LEU M 58 10.63 -8.28 -5.42
N ASP M 59 11.77 -8.20 -6.08
CA ASP M 59 12.48 -6.92 -6.21
C ASP M 59 11.83 -5.84 -7.08
N SER M 60 10.83 -6.21 -7.88
CA SER M 60 10.14 -5.20 -8.68
C SER M 60 9.54 -4.15 -7.77
N LEU M 61 9.67 -2.89 -8.14
CA LEU M 61 9.15 -1.78 -7.33
C LEU M 61 9.70 -1.82 -5.90
N GLU M 62 10.98 -2.14 -5.76
CA GLU M 62 11.59 -2.15 -4.44
C GLU M 62 11.66 -0.74 -3.90
N VAL M 63 11.45 -0.58 -2.61
CA VAL M 63 11.49 0.74 -1.99
C VAL M 63 12.42 0.69 -0.79
N MET M 64 12.97 1.83 -0.42
CA MET M 64 13.88 1.86 0.70
C MET M 64 13.05 2.06 1.95
N VAL M 65 12.78 0.96 2.65
CA VAL M 65 12.01 1.05 3.87
C VAL M 65 12.90 1.61 4.97
N SER M 66 12.39 2.58 5.72
CA SER M 66 13.18 3.17 6.79
C SER M 66 13.50 2.11 7.82
N GLN M 67 12.53 1.27 8.13
CA GLN M 67 12.74 0.20 9.09
C GLN M 67 13.71 -0.84 8.53
N GLU M 68 14.66 -1.28 9.36
CA GLU M 68 15.63 -2.29 8.92
C GLU M 68 15.38 -3.61 9.63
N GLY M 69 14.24 -3.71 10.31
CA GLY M 69 13.91 -4.93 11.03
C GLY M 69 13.80 -6.10 10.09
N THR M 70 13.28 -5.85 8.89
CA THR M 70 13.10 -6.92 7.92
C THR M 70 14.43 -7.57 7.56
N PRO M 71 14.42 -8.89 7.40
CA PRO M 71 15.66 -9.62 7.10
C PRO M 71 16.27 -9.23 5.79
N LEU M 72 17.60 -9.27 5.71
CA LEU M 72 18.29 -8.85 4.50
C LEU M 72 18.01 -9.74 3.30
N ALA M 73 18.08 -9.18 2.10
CA ALA M 73 17.77 -9.94 0.88
C ALA M 73 18.69 -11.12 0.62
N ASP M 74 19.97 -11.01 0.95
CA ASP M 74 20.89 -12.13 0.79
C ASP M 74 20.84 -12.68 -0.62
N ILE M 75 20.96 -11.82 -1.62
CA ILE M 75 20.81 -12.27 -3.00
C ILE M 75 21.81 -13.34 -3.41
N SER M 76 21.33 -14.34 -4.12
CA SER M 76 22.20 -15.42 -4.57
C SER M 76 22.57 -15.25 -6.03
N GLY M 77 22.10 -14.18 -6.66
CA GLY M 77 22.35 -13.98 -8.09
C GLY M 77 22.30 -12.49 -8.37
N ARG M 78 22.41 -12.10 -9.63
CA ARG M 78 22.45 -10.69 -9.93
C ARG M 78 21.05 -10.09 -9.91
N VAL M 79 20.79 -9.22 -8.95
CA VAL M 79 19.49 -8.57 -8.83
C VAL M 79 19.66 -7.12 -8.42
N ALA M 80 18.66 -6.28 -8.69
CA ALA M 80 18.73 -4.90 -8.27
C ALA M 80 17.86 -4.69 -7.05
N VAL M 81 18.46 -4.24 -5.96
CA VAL M 81 17.72 -4.09 -4.71
C VAL M 81 17.77 -2.66 -4.17
N ALA M 82 16.63 -2.11 -3.79
CA ALA M 82 16.64 -0.79 -3.16
C ALA M 82 17.37 -0.85 -1.82
N GLY M 83 17.13 -1.91 -1.05
CA GLY M 83 17.82 -2.08 0.22
C GLY M 83 17.21 -1.38 1.42
N THR M 84 17.87 -1.48 2.57
CA THR M 84 17.38 -0.87 3.79
C THR M 84 18.37 0.18 4.22
N VAL M 85 17.92 1.37 4.57
CA VAL M 85 18.84 2.46 4.90
C VAL M 85 19.34 2.40 6.34
N ILE M 86 20.14 1.39 6.65
CA ILE M 86 20.68 1.26 8.00
C ILE M 86 21.68 2.32 8.36
N TRP M 87 21.65 2.78 9.60
CA TRP M 87 22.65 3.74 10.07
C TRP M 87 22.84 5.01 9.25
N ALA M 88 21.75 5.63 8.83
CA ALA M 88 21.92 6.92 8.17
C ALA M 88 22.45 7.78 9.29
N THR M 89 23.44 8.64 9.02
CA THR M 89 24.02 9.40 10.13
C THR M 89 23.21 10.63 10.45
N LYS M 90 22.04 10.43 11.03
CA LYS M 90 21.19 11.55 11.42
C LYS M 90 20.95 12.46 10.24
N LEU M 91 21.16 13.75 10.44
CA LEU M 91 20.99 14.71 9.35
C LEU M 91 21.94 15.86 9.53
N GLU M 92 22.29 16.53 8.44
CA GLU M 92 23.12 17.72 8.58
C GLU M 92 22.21 18.92 8.36
N GLU M 93 21.90 19.64 9.43
CA GLU M 93 21.02 20.78 9.31
C GLU M 93 21.80 22.05 9.00
N ILE M 94 22.34 22.14 7.78
CA ILE M 94 23.16 23.30 7.46
C ILE M 94 22.35 24.60 7.47
N ALA M 95 21.18 24.61 6.83
CA ALA M 95 20.32 25.80 6.84
C ALA M 95 18.91 25.47 6.35
N ARG M 96 17.99 25.11 7.25
CA ARG M 96 16.65 24.71 6.80
C ARG M 96 15.82 25.77 6.11
N THR M 97 15.87 27.00 6.59
CA THR M 97 15.00 28.03 6.02
C THR M 97 15.71 29.10 5.20
N THR M 98 15.16 29.39 4.03
CA THR M 98 15.71 30.46 3.18
C THR M 98 14.57 31.40 2.83
N SER M 99 14.85 32.69 2.69
CA SER M 99 13.79 33.67 2.45
C SER M 99 14.08 34.58 1.26
N THR M 100 13.04 35.24 0.73
CA THR M 100 13.22 36.10 -0.45
C THR M 100 12.94 37.59 -0.21
N ARG M 101 13.78 38.46 -0.75
CA ARG M 101 13.62 39.90 -0.54
C ARG M 101 12.38 40.53 -1.14
N VAL M 102 11.80 41.51 -0.45
CA VAL M 102 10.68 42.24 -1.01
C VAL M 102 11.19 43.59 -1.47
N GLY M 103 12.51 43.75 -1.47
CA GLY M 103 13.12 45.01 -1.90
C GLY M 103 12.75 46.24 -1.10
N SER M 104 12.39 47.31 -1.79
CA SER M 104 12.10 48.58 -1.11
C SER M 104 10.92 48.53 -0.16
N GLY M 105 9.85 47.83 -0.52
CA GLY M 105 8.65 47.84 0.30
C GLY M 105 8.92 47.26 1.69
N LYS M 106 9.70 46.19 1.75
CA LYS M 106 10.06 45.62 3.04
C LYS M 106 11.57 45.59 3.21
N SER M 107 12.13 44.39 3.31
CA SER M 107 13.57 44.26 3.48
C SER M 107 14.20 43.70 2.21
N SER M 108 15.22 44.38 1.71
CA SER M 108 15.90 43.93 0.49
C SER M 108 17.02 42.95 0.80
N GLN M 109 17.31 42.73 2.07
CA GLN M 109 18.39 41.84 2.46
C GLN M 109 17.92 40.43 2.77
N LYS M 110 16.64 40.17 2.57
CA LYS M 110 16.06 38.86 2.87
C LYS M 110 16.61 37.67 2.09
N VAL M 111 17.00 37.86 0.83
CA VAL M 111 17.43 36.74 0.00
C VAL M 111 18.62 35.93 0.51
N LYS M 112 18.53 34.60 0.44
CA LYS M 112 19.65 33.73 0.86
C LYS M 112 19.86 32.56 -0.10
N SER M 113 21.08 32.02 -0.13
CA SER M 113 21.41 30.94 -1.07
C SER M 113 21.61 29.59 -0.39
N THR M 114 21.02 29.40 0.78
CA THR M 114 21.26 28.18 1.55
C THR M 114 20.92 26.85 0.88
N ASN M 115 21.79 25.86 1.05
CA ASN M 115 21.57 24.53 0.47
C ASN M 115 20.60 23.67 1.30
N PHE M 116 20.06 22.62 0.69
CA PHE M 116 19.16 21.72 1.39
C PHE M 116 19.85 20.97 2.51
N ASP M 117 19.11 20.68 3.57
CA ASP M 117 19.67 19.99 4.72
C ASP M 117 19.63 18.49 4.67
N TYR M 118 19.82 17.84 5.82
CA TYR M 118 19.79 16.37 5.91
C TYR M 118 20.79 15.63 5.03
N ALA M 119 21.99 16.16 4.85
CA ALA M 119 22.98 15.41 4.11
C ALA M 119 23.48 14.40 5.12
N ALA M 120 23.50 13.12 4.76
CA ALA M 120 23.86 12.10 5.75
C ALA M 120 24.50 10.88 5.12
N SER M 121 25.17 10.08 5.93
CA SER M 121 25.77 8.84 5.43
C SER M 121 24.74 7.74 5.45
N PHE M 122 23.77 7.81 4.55
CA PHE M 122 22.80 6.74 4.48
C PHE M 122 23.56 5.51 4.01
N ALA M 123 23.34 4.39 4.68
CA ALA M 123 23.98 3.17 4.23
C ALA M 123 22.92 2.15 3.92
N VAL M 124 22.94 1.62 2.70
CA VAL M 124 21.93 0.66 2.32
C VAL M 124 22.57 -0.71 2.24
N SER M 125 22.10 -1.62 3.07
CA SER M 125 22.63 -2.97 3.02
C SER M 125 21.73 -3.82 2.17
N LEU M 126 22.19 -4.13 0.97
CA LEU M 126 21.37 -4.94 0.07
C LEU M 126 21.17 -6.34 0.62
N GLY M 127 22.24 -6.95 1.10
CA GLY M 127 22.15 -8.30 1.63
C GLY M 127 23.32 -8.72 2.49
N GLU M 128 23.14 -9.76 3.30
CA GLU M 128 24.25 -10.27 4.08
C GLU M 128 25.17 -11.12 3.22
N GLY M 129 26.43 -11.24 3.60
CA GLY M 129 27.38 -12.04 2.84
C GLY M 129 28.17 -11.23 1.84
N PRO M 130 29.28 -11.79 1.36
CA PRO M 130 30.14 -11.09 0.39
C PRO M 130 29.43 -10.83 -0.93
N LEU M 131 29.61 -9.65 -1.50
CA LEU M 131 28.94 -9.30 -2.75
C LEU M 131 29.91 -8.68 -3.74
N ASN M 132 29.59 -8.76 -5.02
CA ASN M 132 30.48 -8.24 -6.05
C ASN M 132 29.69 -7.64 -7.21
N GLY M 133 30.38 -7.03 -8.16
CA GLY M 133 29.71 -6.46 -9.32
C GLY M 133 28.70 -5.37 -9.10
N ILE M 134 29.02 -4.42 -8.22
CA ILE M 134 28.14 -3.28 -7.97
C ILE M 134 28.03 -2.41 -9.22
N GLY M 135 26.82 -2.27 -9.76
CA GLY M 135 26.65 -1.50 -10.98
C GLY M 135 25.27 -0.94 -11.23
N ARG M 136 25.14 0.01 -12.15
CA ARG M 136 23.82 0.54 -12.53
C ARG M 136 22.98 1.04 -11.37
N ILE M 137 23.59 1.79 -10.46
CA ILE M 137 22.86 2.30 -9.31
C ILE M 137 22.32 3.72 -9.48
N PHE M 138 21.04 3.94 -9.16
CA PHE M 138 20.49 5.30 -9.17
C PHE M 138 19.21 5.45 -8.36
N LEU M 139 19.04 6.59 -7.71
CA LEU M 139 17.83 6.86 -6.94
C LEU M 139 16.56 6.96 -7.78
N ASP M 140 16.66 7.64 -8.92
CA ASP M 140 15.48 7.79 -9.76
C ASP M 140 15.81 7.48 -11.21
N GLY M 141 16.10 6.21 -11.48
CA GLY M 141 16.42 5.81 -12.83
C GLY M 141 17.47 4.73 -12.82
N GLN M 142 17.90 4.30 -14.00
CA GLN M 142 18.97 3.33 -14.07
C GLN M 142 20.36 3.81 -13.61
N VAL M 143 20.77 5.03 -14.00
CA VAL M 143 22.13 5.50 -13.68
C VAL M 143 22.36 7.02 -13.69
N ARG M 144 23.45 7.47 -13.07
CA ARG M 144 23.80 8.90 -13.07
C ARG M 144 25.15 8.98 -13.78
N ASP M 145 25.53 10.14 -14.29
CA ASP M 145 26.78 10.17 -15.04
C ASP M 145 27.97 9.84 -14.17
N LEU M 146 28.72 8.81 -14.53
CA LEU M 146 29.94 8.47 -13.79
C LEU M 146 31.00 9.52 -14.02
N SER M 147 31.12 9.98 -15.26
CA SER M 147 32.14 10.95 -15.58
C SER M 147 31.86 12.21 -14.79
N GLU M 148 30.59 12.62 -14.76
CA GLU M 148 30.22 13.79 -13.97
C GLU M 148 30.37 13.58 -12.48
N MET M 149 29.96 12.41 -11.97
CA MET M 149 29.99 12.22 -10.52
C MET M 149 30.70 10.99 -10.00
N ILE M 150 31.62 11.20 -9.06
CA ILE M 150 32.28 10.07 -8.43
C ILE M 150 31.69 10.05 -7.03
N SER M 151 30.56 10.73 -6.87
CA SER M 151 29.89 10.79 -5.57
C SER M 151 30.73 11.39 -4.45
N GLU M 152 30.82 10.69 -3.33
CA GLU M 152 31.54 11.22 -2.20
C GLU M 152 32.96 10.70 -2.23
N ASN M 153 33.28 9.79 -1.31
CA ASN M 153 34.61 9.20 -1.32
C ASN M 153 34.59 8.08 -2.33
N ARG M 154 34.57 8.43 -3.60
CA ARG M 154 34.56 7.43 -4.67
C ARG M 154 33.46 6.39 -4.52
N VAL M 155 32.23 6.85 -4.27
CA VAL M 155 31.09 5.93 -4.15
C VAL M 155 31.36 4.80 -3.17
N ARG M 156 31.68 5.13 -1.92
CA ARG M 156 32.05 4.09 -0.96
C ARG M 156 31.02 2.99 -0.80
N PHE M 157 31.47 1.74 -0.83
CA PHE M 157 30.58 0.60 -0.68
C PHE M 157 31.34 -0.47 0.08
N TYR M 158 30.64 -1.31 0.82
CA TYR M 158 31.32 -2.40 1.50
C TYR M 158 30.83 -3.73 0.97
N PRO M 159 31.77 -4.59 0.57
CA PRO M 159 31.38 -5.87 -0.04
C PRO M 159 30.58 -6.80 0.85
N GLY M 160 30.95 -6.91 2.12
CA GLY M 160 30.27 -7.85 2.99
C GLY M 160 31.26 -8.79 3.61
N THR M 161 32.42 -8.28 4.00
CA THR M 161 33.44 -9.17 4.55
C THR M 161 33.03 -9.56 5.94
N GLU M 162 32.90 -10.86 6.16
CA GLU M 162 32.44 -11.34 7.46
C GLU M 162 33.39 -11.03 8.59
N ASP M 163 34.68 -11.15 8.34
CA ASP M 163 35.64 -10.97 9.43
C ASP M 163 35.62 -9.58 10.02
N GLN M 164 35.65 -8.55 9.17
CA GLN M 164 35.58 -7.18 9.68
C GLN M 164 35.16 -6.21 8.62
N GLU M 165 34.43 -5.17 9.00
CA GLU M 165 34.13 -4.11 8.05
C GLU M 165 34.45 -2.80 8.72
N PRO M 166 35.35 -2.01 8.13
CA PRO M 166 35.71 -0.71 8.69
C PRO M 166 34.59 0.31 8.53
N ASP M 167 34.60 1.36 9.34
CA ASP M 167 33.58 2.39 9.23
C ASP M 167 34.15 3.69 8.71
N PRO M 168 33.58 4.21 7.62
CA PRO M 168 34.03 5.52 7.13
C PRO M 168 33.31 6.65 7.85
N LEU M 169 33.51 6.78 9.16
CA LEU M 169 32.92 7.86 9.94
C LEU M 169 31.41 7.78 10.10
N ILE M 170 30.83 6.63 9.78
CA ILE M 170 29.40 6.46 10.00
C ILE M 170 29.18 5.73 11.30
N GLU M 171 29.93 4.65 11.51
CA GLU M 171 29.84 3.95 12.78
C GLU M 171 31.02 4.39 13.61
N ALA M 172 32.01 4.98 12.95
CA ALA M 172 33.21 5.42 13.66
C ALA M 172 32.89 6.53 14.65
N ILE M 173 32.01 7.43 14.27
CA ILE M 173 31.65 8.52 15.16
C ILE M 173 31.02 7.98 16.44
N GLU M 174 30.15 6.98 16.31
CA GLU M 174 29.54 6.38 17.49
C GLU M 174 30.57 5.70 18.36
N GLY M 175 31.48 4.93 17.77
CA GLY M 175 32.56 4.33 18.54
C GLY M 175 32.36 3.08 19.37
N ALA M 176 32.94 1.94 18.95
CA ALA M 176 32.92 0.69 19.76
C ALA M 176 31.67 -0.19 19.81
N ALA M 177 30.60 0.19 19.13
CA ALA M 177 29.41 -0.67 19.09
C ALA M 177 28.84 -1.08 17.72
N PRO M 178 28.98 -0.22 16.70
CA PRO M 178 28.32 -0.61 15.45
C PRO M 178 29.16 -1.11 14.29
N ALA M 179 30.44 -1.44 14.46
CA ALA M 179 31.18 -1.87 13.29
C ALA M 179 30.49 -3.09 12.73
N PHE M 180 30.21 -3.06 11.43
CA PHE M 180 29.47 -4.15 10.82
C PHE M 180 30.30 -5.33 10.41
N ARG M 181 29.69 -6.51 10.31
CA ARG M 181 30.41 -7.66 9.81
C ARG M 181 29.59 -8.38 8.76
N GLY M 182 30.19 -8.68 7.62
CA GLY M 182 29.49 -9.44 6.59
C GLY M 182 28.25 -8.82 6.00
N THR M 183 28.19 -7.50 5.94
CA THR M 183 27.01 -6.83 5.43
C THR M 183 27.37 -6.01 4.21
N ALA M 184 26.63 -6.17 3.13
CA ALA M 184 26.94 -5.43 1.91
C ALA M 184 26.28 -4.07 1.94
N TYR M 185 26.92 -3.11 2.59
CA TYR M 185 26.31 -1.80 2.72
C TYR M 185 27.02 -0.73 1.90
N LEU M 186 26.26 0.00 1.09
CA LEU M 186 26.85 1.05 0.28
C LEU M 186 26.66 2.34 1.04
N VAL M 187 27.75 3.06 1.26
CA VAL M 187 27.65 4.26 2.06
C VAL M 187 27.63 5.48 1.19
N PHE M 188 26.55 6.24 1.25
CA PHE M 188 26.46 7.47 0.49
C PHE M 188 26.57 8.53 1.55
N GLU M 189 27.63 9.34 1.52
CA GLU M 189 27.83 10.30 2.59
C GLU M 189 27.94 11.76 2.20
N ARG M 190 27.14 12.62 2.84
CA ARG M 190 27.24 14.07 2.61
C ARG M 190 27.11 14.43 1.14
N LEU M 191 26.23 13.73 0.43
CA LEU M 191 26.10 13.98 -1.00
C LEU M 191 24.71 14.41 -1.40
N PHE M 192 23.98 15.07 -0.51
CA PHE M 192 22.60 15.39 -0.84
C PHE M 192 22.61 16.19 -2.13
N LEU M 193 21.92 15.68 -3.14
CA LEU M 193 21.82 16.40 -4.41
C LEU M 193 21.01 17.64 -4.21
N SER M 194 19.96 17.55 -3.40
CA SER M 194 19.10 18.69 -3.06
C SER M 194 18.04 19.00 -4.11
N ASP M 195 18.03 18.29 -5.22
CA ASP M 195 16.95 18.47 -6.19
C ASP M 195 15.68 18.00 -5.53
N PHE M 196 15.78 16.89 -4.81
CA PHE M 196 14.64 16.37 -4.08
C PHE M 196 14.45 17.14 -2.79
N GLY M 197 13.30 16.98 -2.16
CA GLY M 197 13.03 17.70 -0.94
C GLY M 197 13.41 16.88 0.28
N ASN M 198 12.54 16.85 1.29
CA ASN M 198 12.86 16.12 2.50
C ASN M 198 13.03 14.65 2.17
N ARG M 199 12.18 14.11 1.33
CA ARG M 199 12.30 12.72 0.92
C ARG M 199 13.46 12.49 -0.04
N VAL M 200 14.13 11.35 0.08
CA VAL M 200 15.19 11.02 -0.85
C VAL M 200 14.75 9.75 -1.58
N PRO M 201 14.81 9.75 -2.91
CA PRO M 201 14.32 8.59 -3.67
C PRO M 201 15.10 7.31 -3.40
N GLN M 202 14.38 6.19 -3.35
CA GLN M 202 15.03 4.91 -3.05
C GLN M 202 16.02 4.56 -4.15
N VAL M 203 17.20 4.11 -3.75
CA VAL M 203 18.23 3.86 -4.76
C VAL M 203 18.34 2.37 -5.03
N ARG M 204 18.18 1.99 -6.29
CA ARG M 204 18.26 0.58 -6.65
C ARG M 204 19.64 0.32 -7.22
N VAL M 205 20.36 -0.60 -6.60
CA VAL M 205 21.71 -0.89 -7.05
C VAL M 205 21.78 -2.33 -7.53
N GLU M 206 22.33 -2.53 -8.71
CA GLU M 206 22.45 -3.88 -9.24
C GLU M 206 23.72 -4.51 -8.71
N VAL M 207 23.59 -5.65 -8.05
CA VAL M 207 24.75 -6.31 -7.47
C VAL M 207 24.72 -7.78 -7.80
N PHE M 208 25.89 -8.42 -7.79
CA PHE M 208 25.93 -9.85 -8.08
C PHE M 208 26.11 -10.65 -6.81
N GLY M 209 25.16 -11.53 -6.53
CA GLY M 209 25.29 -12.41 -5.37
C GLY M 209 26.33 -13.44 -5.71
N GLN M 210 26.99 -14.00 -4.71
CA GLN M 210 28.06 -14.94 -5.01
C GLN M 210 27.45 -16.08 -5.80
N SER M 211 28.08 -16.48 -6.90
CA SER M 211 27.53 -17.50 -7.78
C SER M 211 28.47 -17.55 -8.96
N GLY M 212 27.97 -17.98 -10.11
CA GLY M 212 28.80 -18.06 -11.30
C GLY M 212 30.03 -18.92 -11.10
N GLU M 213 29.82 -20.15 -10.66
CA GLU M 213 30.94 -21.06 -10.43
C GLU M 213 31.70 -21.31 -11.72
N MET M 214 30.98 -21.42 -12.83
CA MET M 214 31.65 -21.58 -14.11
C MET M 214 32.50 -20.35 -14.38
N GLU M 215 31.95 -19.17 -14.08
CA GLU M 215 32.70 -17.93 -14.27
C GLU M 215 33.91 -17.90 -13.34
N LYS M 216 33.75 -18.38 -12.12
CA LYS M 216 34.86 -18.42 -11.18
C LYS M 216 35.96 -19.33 -11.71
N GLY M 217 35.57 -20.46 -12.28
CA GLY M 217 36.55 -21.40 -12.79
C GLY M 217 37.39 -20.85 -13.93
N VAL M 218 36.76 -20.15 -14.87
CA VAL M 218 37.49 -19.63 -16.02
C VAL M 218 38.47 -18.54 -15.59
N THR M 219 39.68 -18.57 -16.15
CA THR M 219 40.68 -17.57 -15.80
C THR M 219 40.82 -16.42 -16.79
N GLY M 220 40.39 -16.64 -18.03
CA GLY M 220 40.55 -15.62 -19.04
C GLY M 220 39.49 -15.49 -20.10
N VAL M 221 39.28 -14.29 -20.62
CA VAL M 221 38.35 -14.08 -21.73
C VAL M 221 39.06 -13.07 -22.60
N CYS M 222 38.96 -13.15 -23.91
CA CYS M 222 39.73 -12.20 -24.72
C CYS M 222 39.20 -10.84 -24.38
N VAL M 223 40.07 -9.92 -24.02
CA VAL M 223 39.60 -8.61 -23.56
C VAL M 223 38.86 -7.75 -24.59
N ILE M 224 39.34 -7.71 -25.82
CA ILE M 224 38.70 -6.81 -26.80
C ILE M 224 38.56 -7.30 -28.25
N PRO M 225 37.65 -8.25 -28.50
CA PRO M 225 37.49 -8.65 -29.90
C PRO M 225 37.04 -7.50 -30.82
N GLY M 226 36.11 -6.67 -30.35
CA GLY M 226 35.63 -5.59 -31.18
C GLY M 226 36.33 -4.32 -30.82
N SER M 227 37.07 -3.74 -31.77
CA SER M 227 37.84 -2.54 -31.46
C SER M 227 37.45 -1.33 -32.30
N THR M 228 37.23 -0.20 -31.65
CA THR M 228 36.88 1.03 -32.36
C THR M 228 38.12 1.84 -32.72
N GLU M 229 37.92 3.03 -33.27
CA GLU M 229 39.05 3.85 -33.70
C GLU M 229 39.95 4.17 -32.52
N PHE M 230 39.36 4.47 -31.38
CA PHE M 230 40.15 4.71 -30.18
C PHE M 230 39.99 3.56 -29.22
N GLY M 231 39.40 2.46 -29.70
CA GLY M 231 39.15 1.29 -28.87
C GLY M 231 39.39 1.31 -27.38
N TYR M 232 40.61 0.98 -26.96
CA TYR M 232 40.87 0.91 -25.53
C TYR M 232 41.38 2.18 -24.86
N MET M 233 40.53 3.17 -24.69
CA MET M 233 40.97 4.36 -23.95
C MET M 233 40.15 4.46 -22.69
N PRO M 234 40.82 4.44 -21.52
CA PRO M 234 40.10 4.49 -20.25
C PRO M 234 39.34 5.80 -20.06
N ALA M 235 39.95 6.91 -20.43
CA ALA M 235 39.25 8.19 -20.35
C ALA M 235 38.25 8.28 -21.50
N PRO M 236 37.11 8.94 -21.25
CA PRO M 236 36.20 9.14 -22.38
C PRO M 236 36.90 10.01 -23.40
N VAL M 237 36.82 9.65 -24.68
CA VAL M 237 37.49 10.41 -25.69
C VAL M 237 36.50 11.41 -26.22
N ARG M 238 36.61 12.67 -25.81
CA ARG M 238 35.63 13.64 -26.23
C ARG M 238 35.73 13.74 -27.72
N GLN M 239 34.59 13.70 -28.40
CA GLN M 239 34.64 13.68 -29.85
C GLN M 239 34.06 14.92 -30.47
N GLN M 240 34.85 15.58 -31.30
CA GLN M 240 34.34 16.74 -32.01
C GLN M 240 33.35 16.20 -33.02
N SER M 241 32.29 16.95 -33.32
CA SER M 241 31.27 16.40 -34.22
C SER M 241 31.84 16.13 -35.59
N LEU M 242 31.45 15.00 -36.17
CA LEU M 242 31.90 14.68 -37.50
C LEU M 242 31.25 15.70 -38.42
N ASP M 243 32.05 16.34 -39.28
CA ASP M 243 31.48 17.27 -40.26
C ASP M 243 30.60 18.37 -39.65
N GLY M 244 29.41 18.55 -40.21
CA GLY M 244 28.47 19.55 -39.71
C GLY M 244 28.93 20.99 -39.69
N ALA M 245 28.69 21.69 -38.57
CA ALA M 245 29.07 23.08 -38.45
C ALA M 245 30.31 23.15 -37.61
N ASP M 246 30.39 24.14 -36.71
CA ASP M 246 31.52 24.18 -35.80
C ASP M 246 31.39 22.90 -35.03
N VAL M 247 32.51 22.27 -34.70
CA VAL M 247 32.42 20.97 -34.06
C VAL M 247 31.67 20.97 -32.74
N VAL M 248 30.85 19.95 -32.54
CA VAL M 248 30.08 19.85 -31.31
C VAL M 248 30.71 18.72 -30.52
N TRP M 249 31.06 18.98 -29.27
CA TRP M 249 31.75 17.96 -28.52
C TRP M 249 30.68 17.08 -27.93
N GLU M 250 30.51 15.89 -28.49
CA GLU M 250 29.45 15.00 -28.05
C GLU M 250 29.81 13.58 -28.44
N GLY M 251 29.04 12.60 -27.96
CA GLY M 251 29.29 11.23 -28.35
C GLY M 251 30.72 10.75 -28.12
N PRO M 252 31.18 10.82 -26.86
CA PRO M 252 32.59 10.47 -26.64
C PRO M 252 32.91 9.06 -27.08
N GLU M 253 34.04 8.88 -27.75
CA GLU M 253 34.40 7.57 -28.27
C GLU M 253 34.69 6.58 -27.17
N ASN M 254 34.33 5.31 -27.40
CA ASN M 254 34.54 4.23 -26.42
C ASN M 254 33.54 4.36 -25.30
N CYS M 255 32.59 5.28 -25.44
CA CYS M 255 31.54 5.42 -24.44
C CYS M 255 30.19 5.35 -25.11
N ASN M 256 29.35 4.42 -24.69
CA ASN M 256 27.99 4.35 -25.20
C ASN M 256 27.21 4.38 -23.93
N ARG M 257 27.90 4.71 -22.85
CA ARG M 257 27.26 4.77 -21.54
C ARG M 257 26.37 5.97 -21.36
N TYR M 258 25.43 5.87 -20.44
CA TYR M 258 24.56 6.99 -20.14
C TYR M 258 25.42 7.74 -19.17
N SER M 259 26.19 7.00 -18.39
CA SER M 259 27.12 7.62 -17.45
C SER M 259 28.09 8.52 -18.19
N ARG M 260 28.45 8.17 -19.43
CA ARG M 260 29.34 9.00 -20.26
C ARG M 260 30.80 8.78 -19.95
N ILE M 261 31.09 7.94 -18.97
CA ILE M 261 32.47 7.59 -18.73
C ILE M 261 32.75 6.52 -19.77
N SER M 262 34.01 6.33 -20.15
CA SER M 262 34.29 5.36 -21.19
C SER M 262 33.86 3.98 -20.74
N ASP M 263 33.33 3.20 -21.67
CA ASP M 263 32.93 1.83 -21.36
C ASP M 263 34.18 1.08 -20.95
N TRP M 264 35.30 1.39 -21.58
CA TRP M 264 36.57 0.77 -21.21
C TRP M 264 36.83 1.14 -19.76
N SER M 265 37.41 0.21 -19.00
CA SER M 265 37.65 0.39 -17.56
C SER M 265 36.34 0.32 -16.79
N LEU M 266 35.26 0.85 -17.35
CA LEU M 266 33.97 0.69 -16.70
C LEU M 266 33.57 -0.79 -16.74
N SER M 267 33.82 -1.43 -17.86
CA SER M 267 33.41 -2.82 -18.00
C SER M 267 34.48 -3.67 -17.39
N MET M 268 35.72 -3.18 -17.37
CA MET M 268 36.77 -3.91 -16.67
C MET M 268 36.40 -4.06 -15.20
N ASP M 269 35.75 -3.05 -14.64
CA ASP M 269 35.37 -3.11 -13.24
C ASP M 269 34.43 -4.27 -13.05
N HIS M 270 33.53 -4.46 -14.01
CA HIS M 270 32.60 -5.58 -13.93
C HIS M 270 33.30 -6.91 -14.07
N LEU M 271 34.25 -7.01 -14.99
CA LEU M 271 34.97 -8.25 -15.19
C LEU M 271 35.68 -8.51 -13.91
N LYS M 272 36.33 -7.50 -13.36
CA LYS M 272 37.22 -7.75 -12.24
C LYS M 272 36.45 -8.31 -11.08
N ASN M 273 35.28 -7.74 -10.81
CA ASN M 273 34.46 -8.21 -9.72
C ASN M 273 33.96 -9.63 -9.95
N THR M 274 33.46 -9.89 -11.16
CA THR M 274 32.95 -11.22 -11.48
C THR M 274 34.01 -12.29 -11.48
N LEU M 275 35.17 -11.98 -12.03
CA LEU M 275 36.21 -12.99 -12.16
C LEU M 275 37.30 -12.84 -11.13
N PRO M 276 37.44 -13.84 -10.26
CA PRO M 276 38.52 -13.81 -9.27
C PRO M 276 39.91 -13.91 -9.89
N ALA M 277 40.08 -14.72 -10.93
CA ALA M 277 41.42 -14.94 -11.49
C ALA M 277 42.09 -13.72 -12.06
N VAL M 278 41.35 -12.86 -12.75
CA VAL M 278 41.90 -11.60 -13.29
C VAL M 278 43.17 -11.74 -14.13
N GLN M 279 43.23 -12.76 -14.98
CA GLN M 279 44.37 -12.89 -15.88
C GLN M 279 43.72 -13.16 -17.22
N THR M 280 42.92 -12.20 -17.67
CA THR M 280 42.19 -12.39 -18.91
C THR M 280 42.64 -11.48 -20.02
N VAL M 281 43.63 -10.64 -19.79
CA VAL M 281 43.95 -9.68 -20.82
C VAL M 281 44.40 -10.29 -22.12
N SER M 282 43.73 -9.89 -23.20
CA SER M 282 44.13 -10.35 -24.51
C SER M 282 43.75 -9.15 -25.35
N LEU M 283 44.71 -8.30 -25.64
CA LEU M 283 44.36 -7.09 -26.37
C LEU M 283 44.44 -7.43 -27.83
N VAL M 284 43.29 -7.45 -28.49
CA VAL M 284 43.27 -7.83 -29.89
C VAL M 284 43.01 -6.62 -30.74
N VAL M 285 43.97 -6.28 -31.60
CA VAL M 285 43.83 -5.13 -32.48
C VAL M 285 42.87 -5.40 -33.61
N ALA M 286 42.06 -4.43 -34.00
CA ALA M 286 41.21 -4.62 -35.17
C ALA M 286 41.97 -4.18 -36.42
N TRP M 287 43.03 -4.91 -36.76
CA TRP M 287 43.84 -4.52 -37.91
C TRP M 287 43.14 -4.81 -39.22
N PHE M 288 43.46 -4.03 -40.25
CA PHE M 288 42.76 -4.19 -41.52
C PHE M 288 43.61 -4.81 -42.61
N GLY M 289 43.04 -5.79 -43.30
CA GLY M 289 43.74 -6.43 -44.41
C GLY M 289 42.76 -6.49 -45.56
N THR M 290 43.25 -6.63 -46.78
CA THR M 290 42.34 -6.60 -47.92
C THR M 290 41.99 -7.97 -48.53
N ASP M 291 42.48 -8.28 -49.73
CA ASP M 291 42.09 -9.51 -50.42
C ASP M 291 42.62 -10.85 -49.92
N LEU M 292 41.90 -11.92 -50.23
CA LEU M 292 42.33 -13.26 -49.82
C LEU M 292 43.66 -13.73 -50.42
N ARG M 293 43.93 -13.40 -51.68
CA ARG M 293 45.20 -13.78 -52.24
C ARG M 293 46.33 -13.12 -51.47
N ALA M 294 47.36 -13.90 -51.12
CA ALA M 294 48.49 -13.34 -50.37
C ALA M 294 49.41 -12.52 -51.26
N GLY M 295 50.20 -11.65 -50.65
CA GLY M 295 51.08 -10.78 -51.42
C GLY M 295 50.32 -9.62 -52.02
N LEU M 296 49.27 -9.90 -52.78
CA LEU M 296 48.45 -8.84 -53.31
C LEU M 296 47.83 -8.12 -52.12
N CYS M 297 47.43 -8.89 -51.11
CA CYS M 297 46.88 -8.29 -49.91
C CYS M 297 47.92 -7.45 -49.20
N ARG M 298 47.51 -6.30 -48.70
CA ARG M 298 48.43 -5.46 -47.94
C ARG M 298 47.83 -5.23 -46.57
N PHE M 299 48.61 -5.42 -45.53
CA PHE M 299 48.08 -5.28 -44.19
C PHE M 299 48.18 -3.83 -43.72
N GLU M 300 47.19 -3.03 -44.09
CA GLU M 300 47.19 -1.62 -43.70
C GLU M 300 45.90 -1.25 -42.99
N PRO M 301 46.00 -0.63 -41.80
CA PRO M 301 44.83 -0.27 -41.02
C PRO M 301 44.04 0.91 -41.59
N ARG M 302 42.74 0.97 -41.33
CA ARG M 302 41.93 2.08 -41.83
C ARG M 302 41.00 2.65 -40.74
N ILE M 303 40.64 3.93 -40.87
CA ILE M 303 39.80 4.58 -39.85
C ILE M 303 38.35 4.16 -39.87
N GLU M 304 37.68 4.33 -38.74
CA GLU M 304 36.26 4.01 -38.68
C GLU M 304 35.46 4.88 -39.62
N LEU M 305 35.74 6.19 -39.63
CA LEU M 305 34.98 7.11 -40.47
C LEU M 305 35.88 8.16 -41.08
N ARG M 306 35.52 8.67 -42.24
CA ARG M 306 36.38 9.63 -42.93
C ARG M 306 36.60 10.90 -42.13
N ALA M 307 35.53 11.40 -41.52
CA ALA M 307 35.67 12.58 -40.69
C ALA M 307 35.78 12.15 -39.24
N LYS M 308 34.74 12.41 -38.45
CA LYS M 308 34.74 12.02 -37.04
C LYS M 308 35.97 12.57 -36.35
N ARG M 309 36.28 13.84 -36.62
CA ARG M 309 37.50 14.41 -36.09
C ARG M 309 37.50 14.41 -34.58
N THR M 310 38.65 14.08 -34.00
CA THR M 310 38.75 14.00 -32.55
C THR M 310 40.06 14.64 -32.13
N SER M 311 40.14 15.06 -30.88
CA SER M 311 41.38 15.64 -30.39
C SER M 311 42.46 14.59 -30.51
N ILE M 312 42.13 13.36 -30.14
CA ILE M 312 43.07 12.27 -30.31
C ILE M 312 43.16 11.90 -31.78
N GLU M 313 44.36 11.57 -32.26
CA GLU M 313 44.51 11.15 -33.64
C GLU M 313 45.23 9.83 -33.69
N TRP M 314 45.04 9.07 -34.76
CA TRP M 314 45.63 7.73 -34.83
C TRP M 314 46.56 7.61 -36.03
N ILE M 315 47.76 7.08 -35.82
CA ILE M 315 48.67 6.86 -36.94
C ILE M 315 49.25 5.47 -36.90
N ALA M 316 48.44 4.45 -37.15
CA ALA M 316 48.99 3.09 -37.20
C ALA M 316 49.60 2.86 -38.56
N ALA M 317 50.82 2.34 -38.59
CA ALA M 317 51.53 2.11 -39.85
C ALA M 317 51.65 3.40 -40.64
N GLY M 318 51.80 4.53 -39.93
CA GLY M 318 51.97 5.81 -40.59
C GLY M 318 50.71 6.37 -41.23
N LEU M 319 49.55 5.82 -40.91
CA LEU M 319 48.34 6.28 -41.56
C LEU M 319 47.50 7.12 -40.61
N ASN M 320 47.32 8.38 -40.94
CA ASN M 320 46.52 9.27 -40.10
C ASN M 320 45.03 9.09 -40.32
N ARG M 321 44.24 9.63 -39.39
CA ARG M 321 42.80 9.53 -39.52
C ARG M 321 42.35 10.22 -40.80
N GLY M 322 42.92 11.38 -41.09
CA GLY M 322 42.61 12.04 -42.34
C GLY M 322 43.06 11.23 -43.54
N SER M 323 44.25 10.64 -43.44
CA SER M 323 44.82 9.87 -44.55
C SER M 323 44.07 8.60 -44.97
N ALA M 324 43.59 7.82 -44.00
CA ALA M 324 42.94 6.53 -44.32
C ALA M 324 41.48 6.63 -44.78
N THR M 325 40.91 5.52 -45.23
CA THR M 325 39.51 5.51 -45.67
C THR M 325 38.62 4.75 -44.68
N GLU M 326 37.35 5.14 -44.60
CA GLU M 326 36.47 4.52 -43.61
C GLU M 326 36.20 3.03 -43.84
N VAL M 327 36.31 2.23 -42.78
CA VAL M 327 35.97 0.82 -42.91
C VAL M 327 34.79 0.46 -42.01
N SER M 328 34.27 1.43 -41.27
CA SER M 328 33.20 1.15 -40.30
C SER M 328 31.86 1.74 -40.66
N ARG M 329 31.61 1.96 -41.95
CA ARG M 329 30.37 2.60 -42.34
C ARG M 329 29.26 1.73 -41.79
N ASP M 330 28.23 2.35 -41.22
CA ASP M 330 27.22 1.56 -40.54
C ASP M 330 26.19 0.96 -41.46
N GLU M 331 26.31 -0.34 -41.68
CA GLU M 331 25.35 -1.06 -42.51
C GLU M 331 25.17 -0.44 -43.88
N ASN M 332 23.92 -0.41 -44.37
CA ASN M 332 23.63 0.14 -45.68
C ASN M 332 24.53 -0.53 -46.71
N ASP M 333 24.73 -1.84 -46.57
CA ASP M 333 25.59 -2.62 -47.50
C ASP M 333 27.07 -2.34 -47.32
N ARG M 334 27.44 -1.67 -46.23
CA ARG M 334 28.85 -1.42 -45.96
C ARG M 334 29.15 -2.00 -44.59
N PRO M 335 30.18 -2.85 -44.51
CA PRO M 335 30.44 -3.50 -43.21
C PRO M 335 30.85 -2.52 -42.13
N ALA M 336 30.32 -2.69 -40.93
CA ALA M 336 30.77 -1.86 -39.82
C ALA M 336 31.96 -2.56 -39.19
N PHE M 337 33.09 -2.58 -39.89
CA PHE M 337 34.28 -3.28 -39.41
C PHE M 337 34.86 -2.72 -38.12
N GLY M 338 34.84 -1.40 -37.98
CA GLY M 338 35.48 -0.78 -36.82
C GLY M 338 36.88 -0.41 -37.27
N SER M 339 37.69 0.10 -36.36
CA SER M 339 39.02 0.55 -36.75
C SER M 339 40.09 0.11 -35.81
N SER M 340 41.34 0.10 -36.28
CA SER M 340 42.43 -0.22 -35.39
C SER M 340 42.46 0.87 -34.34
N PRO M 341 42.66 0.49 -33.08
CA PRO M 341 42.67 1.47 -31.99
C PRO M 341 43.85 2.40 -32.07
N ALA M 342 43.72 3.59 -31.51
CA ALA M 342 44.79 4.58 -31.58
C ALA M 342 46.03 4.11 -30.87
N ASP M 343 47.19 4.56 -31.33
CA ASP M 343 48.44 4.17 -30.72
C ASP M 343 48.43 4.65 -29.30
N VAL M 344 47.91 5.84 -29.07
CA VAL M 344 47.83 6.38 -27.73
C VAL M 344 46.97 5.45 -26.90
N SER M 345 45.87 4.99 -27.48
CA SER M 345 44.96 4.12 -26.75
C SER M 345 45.65 2.83 -26.34
N VAL M 346 46.48 2.28 -27.23
CA VAL M 346 47.16 1.04 -26.91
C VAL M 346 48.07 1.22 -25.71
N VAL M 347 48.83 2.30 -25.68
CA VAL M 347 49.70 2.57 -24.55
C VAL M 347 48.88 2.78 -23.31
N ARG M 348 47.79 3.52 -23.46
CA ARG M 348 46.93 3.82 -22.32
C ARG M 348 46.33 2.54 -21.77
N ALA M 349 45.95 1.63 -22.67
CA ALA M 349 45.32 0.39 -22.25
C ALA M 349 46.28 -0.40 -21.40
N ILE M 350 47.53 -0.48 -21.84
CA ILE M 350 48.51 -1.25 -21.10
C ILE M 350 48.67 -0.58 -19.74
N MET M 351 48.71 0.73 -19.74
CA MET M 351 48.87 1.45 -18.48
C MET M 351 47.71 1.22 -17.51
N ASP M 352 46.47 1.28 -18.00
CA ASP M 352 45.33 0.99 -17.12
C ASP M 352 45.29 -0.46 -16.65
N LEU M 353 45.62 -1.38 -17.55
CA LEU M 353 45.59 -2.79 -17.20
C LEU M 353 46.59 -3.04 -16.10
N LYS M 354 47.75 -2.40 -16.19
CA LYS M 354 48.73 -2.53 -15.13
C LYS M 354 48.12 -1.92 -13.88
N ALA M 355 48.33 -2.54 -12.72
CA ALA M 355 47.80 -2.06 -11.43
C ALA M 355 46.32 -2.38 -11.25
N ARG M 356 45.74 -3.11 -12.18
CA ARG M 356 44.35 -3.53 -12.03
C ARG M 356 44.35 -4.98 -11.63
N GLY M 357 45.53 -5.54 -11.37
CA GLY M 357 45.62 -6.95 -11.02
C GLY M 357 45.55 -7.80 -12.26
N PHE M 358 45.66 -7.19 -13.43
CA PHE M 358 45.52 -7.92 -14.67
C PHE M 358 46.87 -8.12 -15.33
N ARG M 359 47.21 -9.35 -15.66
CA ARG M 359 48.45 -9.57 -16.39
C ARG M 359 48.20 -9.21 -17.83
N VAL M 360 49.05 -8.37 -18.41
CA VAL M 360 48.80 -7.88 -19.77
C VAL M 360 49.54 -8.62 -20.87
N VAL M 361 48.81 -9.16 -21.83
CA VAL M 361 49.46 -9.83 -22.95
C VAL M 361 48.83 -9.29 -24.25
N LEU M 362 49.63 -9.12 -25.29
CA LEU M 362 49.12 -8.55 -26.52
C LEU M 362 48.91 -9.57 -27.63
N TYR M 363 47.73 -9.54 -28.24
CA TYR M 363 47.45 -10.44 -29.35
C TYR M 363 47.35 -9.66 -30.63
N PRO M 364 48.30 -9.84 -31.54
CA PRO M 364 48.11 -9.16 -32.83
C PRO M 364 47.07 -9.91 -33.65
N PHE M 365 46.04 -9.19 -34.10
CA PHE M 365 45.03 -9.81 -34.94
C PHE M 365 44.79 -8.96 -36.16
N VAL M 366 44.81 -9.57 -37.34
CA VAL M 366 44.50 -8.82 -38.54
C VAL M 366 43.27 -9.46 -39.16
N MET M 367 42.25 -8.65 -39.44
CA MET M 367 41.09 -9.22 -40.11
C MET M 367 41.03 -8.65 -41.51
N MET M 368 40.99 -9.54 -42.49
CA MET M 368 40.86 -9.09 -43.85
C MET M 368 39.39 -8.86 -44.09
N ASP M 369 39.04 -7.67 -44.57
CA ASP M 369 37.65 -7.42 -44.91
C ASP M 369 37.60 -6.74 -46.26
N VAL M 370 37.97 -7.45 -47.31
CA VAL M 370 37.86 -6.87 -48.64
C VAL M 370 36.39 -6.73 -48.96
N THR M 371 36.04 -5.70 -49.72
CA THR M 371 34.63 -5.43 -50.01
C THR M 371 34.04 -6.41 -51.00
N ALA M 372 32.73 -6.37 -51.16
CA ALA M 372 32.06 -7.26 -52.10
C ALA M 372 32.13 -6.72 -53.52
N ASP M 373 31.37 -7.33 -54.44
CA ASP M 373 31.33 -6.90 -55.85
C ASP M 373 32.46 -7.43 -56.72
N GLN M 374 33.28 -8.34 -56.20
CA GLN M 374 34.30 -8.96 -57.04
C GLN M 374 33.81 -10.35 -57.41
N ALA M 375 34.48 -11.38 -56.91
CA ALA M 375 34.03 -12.75 -57.17
C ALA M 375 33.90 -13.56 -55.88
N LEU M 376 34.62 -14.67 -55.81
CA LEU M 376 34.57 -15.51 -54.62
C LEU M 376 35.92 -15.47 -53.96
N PRO M 377 35.96 -15.15 -52.67
CA PRO M 377 37.30 -15.03 -52.09
C PRO M 377 38.01 -16.37 -52.12
N SER M 378 39.22 -16.39 -52.64
CA SER M 378 39.97 -17.63 -52.65
C SER M 378 41.45 -17.47 -52.36
N PRO M 379 41.99 -18.32 -51.48
CA PRO M 379 43.43 -18.30 -51.24
C PRO M 379 44.13 -18.78 -52.48
N ALA M 380 43.57 -19.78 -53.14
CA ALA M 380 44.19 -20.38 -54.30
C ALA M 380 43.06 -20.77 -55.23
N GLY M 381 43.36 -21.41 -56.35
CA GLY M 381 42.30 -21.70 -57.29
C GLY M 381 41.89 -20.37 -57.86
N THR M 382 40.64 -19.98 -57.64
CA THR M 382 40.17 -18.74 -58.25
C THR M 382 41.03 -17.57 -57.81
N GLY M 383 41.41 -17.54 -56.54
CA GLY M 383 42.30 -16.50 -56.05
C GLY M 383 41.62 -15.15 -56.08
N ALA M 384 40.30 -15.14 -56.08
CA ALA M 384 39.55 -13.89 -56.15
C ALA M 384 39.28 -13.32 -54.77
N GLN M 385 38.45 -12.28 -54.71
CA GLN M 385 38.18 -11.63 -53.44
C GLN M 385 36.68 -11.61 -53.17
N GLY M 386 36.28 -11.52 -51.91
CA GLY M 386 34.86 -11.61 -51.56
C GLY M 386 34.49 -10.76 -50.37
N ALA M 387 33.21 -10.68 -50.03
CA ALA M 387 32.79 -9.80 -48.96
C ALA M 387 33.44 -10.11 -47.62
N TYR M 388 33.54 -11.38 -47.24
CA TYR M 388 34.27 -11.67 -46.01
C TYR M 388 35.32 -12.75 -46.16
N PRO M 389 36.57 -12.42 -45.82
CA PRO M 389 37.62 -13.44 -45.84
C PRO M 389 38.07 -13.79 -44.43
N TRP M 390 38.08 -15.08 -44.11
CA TRP M 390 38.52 -15.52 -42.79
C TRP M 390 39.99 -15.25 -42.56
N ARG M 391 40.35 -14.86 -41.35
CA ARG M 391 41.74 -14.58 -41.05
C ARG M 391 42.57 -15.83 -41.20
N GLY M 392 43.76 -15.69 -41.79
CA GLY M 392 44.66 -16.82 -41.90
C GLY M 392 44.33 -17.74 -43.05
N ARG M 393 43.35 -17.36 -43.86
CA ARG M 393 43.01 -18.15 -45.03
C ARG M 393 43.88 -17.72 -46.19
N ILE M 394 44.67 -16.67 -46.00
CA ILE M 394 45.47 -16.14 -47.10
C ILE M 394 46.48 -17.15 -47.62
N MET M 395 46.59 -17.26 -48.94
CA MET M 395 47.59 -18.13 -49.53
C MET M 395 48.10 -17.51 -50.82
N PRO M 396 49.36 -17.78 -51.19
CA PRO M 396 49.79 -17.15 -52.43
C PRO M 396 49.67 -18.10 -53.61
N ASP M 397 48.84 -17.75 -54.58
CA ASP M 397 48.66 -18.62 -55.74
C ASP M 397 49.19 -18.08 -57.05
N VAL M 398 49.77 -16.89 -57.07
CA VAL M 398 50.19 -16.35 -58.37
C VAL M 398 51.27 -17.21 -59.02
N THR M 399 52.29 -17.60 -58.26
CA THR M 399 53.32 -18.49 -58.80
C THR M 399 53.96 -19.30 -57.68
N GLY M 400 54.36 -20.53 -57.96
CA GLY M 400 55.02 -21.35 -56.96
C GLY M 400 56.36 -20.79 -56.55
N GLY M 401 57.13 -20.31 -57.51
CA GLY M 401 58.40 -19.68 -57.20
C GLY M 401 58.14 -18.45 -56.38
N ARG M 402 57.07 -17.74 -56.70
CA ARG M 402 56.78 -16.49 -56.03
C ARG M 402 55.97 -16.61 -54.75
N VAL M 403 55.66 -17.82 -54.29
CA VAL M 403 54.94 -17.90 -53.02
C VAL M 403 55.78 -17.26 -51.93
N SER M 404 57.08 -17.51 -51.94
CA SER M 404 57.98 -16.92 -50.96
C SER M 404 58.00 -15.41 -51.13
N ASP M 405 58.08 -14.97 -52.37
CA ASP M 405 58.14 -13.54 -52.64
C ASP M 405 56.88 -12.83 -52.19
N GLN M 406 55.74 -13.45 -52.47
CA GLN M 406 54.47 -12.83 -52.09
C GLN M 406 54.36 -12.70 -50.58
N ILE M 407 54.77 -13.75 -49.86
CA ILE M 407 54.70 -13.72 -48.41
C ILE M 407 55.61 -12.62 -47.87
N ALA M 408 56.81 -12.51 -48.43
CA ALA M 408 57.75 -11.49 -47.98
C ALA M 408 57.19 -10.11 -48.25
N ALA M 409 56.58 -9.92 -49.41
CA ALA M 409 56.00 -8.64 -49.75
C ALA M 409 54.88 -8.28 -48.81
N LEU M 410 54.05 -9.27 -48.47
CA LEU M 410 52.94 -9.03 -47.58
C LEU M 410 53.49 -8.57 -46.23
N MET M 411 54.52 -9.25 -45.75
CA MET M 411 55.12 -8.84 -44.49
C MET M 411 55.79 -7.48 -44.59
N GLY M 412 56.52 -7.24 -45.67
CA GLY M 412 57.28 -6.01 -45.75
C GLY M 412 58.59 -6.28 -45.04
N THR M 413 59.40 -5.24 -44.85
CA THR M 413 60.68 -5.41 -44.15
C THR M 413 60.83 -4.39 -43.05
N ALA M 414 60.05 -4.51 -41.99
CA ALA M 414 60.09 -3.52 -40.91
C ALA M 414 61.34 -3.46 -40.07
N GLN M 415 61.70 -2.26 -39.63
CA GLN M 415 62.84 -2.09 -38.75
C GLN M 415 62.31 -1.20 -37.63
N PRO M 416 62.89 -1.31 -36.42
CA PRO M 416 62.45 -0.42 -35.34
C PRO M 416 62.69 1.04 -35.72
N ASP M 417 63.81 1.32 -36.36
CA ASP M 417 64.13 2.68 -36.79
C ASP M 417 63.14 3.21 -37.80
N ASP M 418 62.54 2.32 -38.59
CA ASP M 418 61.63 2.75 -39.65
C ASP M 418 60.48 3.56 -39.07
N PHE M 419 59.96 3.16 -37.92
CA PHE M 419 58.91 3.95 -37.29
C PHE M 419 59.43 4.75 -36.12
N THR M 420 59.11 6.04 -36.11
CA THR M 420 59.51 6.88 -34.99
C THR M 420 58.27 7.37 -34.30
N ALA M 421 58.24 7.26 -32.98
CA ALA M 421 57.05 7.66 -32.25
C ALA M 421 57.21 9.02 -31.64
N ALA M 422 56.36 9.97 -32.04
CA ALA M 422 56.39 11.27 -31.42
C ALA M 422 55.48 11.25 -30.21
N VAL M 423 55.90 10.59 -29.15
CA VAL M 423 55.10 10.52 -27.95
C VAL M 423 54.97 11.92 -27.38
N THR M 424 53.77 12.28 -26.95
CA THR M 424 53.55 13.60 -26.38
C THR M 424 52.81 13.40 -25.07
N ARG M 425 53.09 14.24 -24.10
CA ARG M 425 52.44 14.12 -22.80
C ARG M 425 51.67 15.40 -22.52
N ASN M 426 50.49 15.27 -21.92
CA ASN M 426 49.65 16.44 -21.66
C ASN M 426 50.04 17.14 -20.37
N LYS M 427 49.21 18.08 -19.94
CA LYS M 427 49.47 18.81 -18.71
C LYS M 427 49.50 17.82 -17.56
N SER M 428 48.61 16.83 -17.59
CA SER M 428 48.61 15.79 -16.57
C SER M 428 49.94 15.05 -16.64
N GLY M 429 50.48 14.91 -17.85
CA GLY M 429 51.72 14.19 -18.02
C GLY M 429 51.50 12.79 -18.57
N GLU M 430 50.25 12.36 -18.66
CA GLU M 430 49.98 11.08 -19.29
C GLU M 430 50.06 11.31 -20.79
N ILE M 431 50.22 10.25 -21.57
CA ILE M 431 50.39 10.46 -23.00
C ILE M 431 49.18 11.18 -23.58
N SER M 432 49.43 12.24 -24.34
CA SER M 432 48.31 12.92 -24.98
C SER M 432 48.23 12.45 -26.41
N GLN M 433 49.35 12.48 -27.11
CA GLN M 433 49.37 12.00 -28.48
C GLN M 433 50.58 11.15 -28.74
N VAL M 434 50.39 9.92 -29.19
CA VAL M 434 51.54 9.13 -29.59
C VAL M 434 51.48 9.16 -31.09
N ASN M 435 52.35 9.95 -31.70
CA ASN M 435 52.38 10.03 -33.15
C ASN M 435 53.35 9.01 -33.69
N LEU M 436 52.95 7.75 -33.75
CA LEU M 436 53.82 6.73 -34.29
C LEU M 436 53.70 6.66 -35.79
N THR M 437 53.97 7.77 -36.46
CA THR M 437 53.97 7.75 -37.91
C THR M 437 55.23 7.01 -38.30
N CYS M 438 55.14 6.20 -39.34
CA CYS M 438 56.34 5.52 -39.81
C CYS M 438 56.72 6.04 -41.17
N PRO M 439 57.94 6.57 -41.28
CA PRO M 439 58.39 6.98 -42.61
C PRO M 439 59.18 5.83 -43.21
N GLY M 440 60.49 6.02 -43.35
CA GLY M 440 61.32 4.93 -43.84
C GLY M 440 60.82 4.46 -45.19
N ALA M 441 60.56 3.17 -45.32
CA ALA M 441 60.14 2.62 -46.59
C ALA M 441 58.66 2.23 -46.61
N PRO M 442 57.95 2.64 -47.67
CA PRO M 442 56.54 2.27 -47.81
C PRO M 442 56.38 0.77 -47.93
N GLY M 443 57.33 0.10 -48.58
CA GLY M 443 57.25 -1.34 -48.78
C GLY M 443 57.24 -2.11 -47.48
N ASP M 444 57.84 -1.55 -46.43
CA ASP M 444 57.89 -2.22 -45.13
C ASP M 444 56.50 -2.48 -44.59
N ALA M 445 55.53 -1.62 -44.92
CA ALA M 445 54.18 -1.77 -44.38
C ALA M 445 53.61 -3.13 -44.70
N GLY M 446 52.93 -3.73 -43.73
CA GLY M 446 52.42 -5.06 -43.93
C GLY M 446 52.52 -5.80 -42.61
N LEU M 447 52.56 -7.12 -42.66
CA LEU M 447 52.58 -7.89 -41.41
C LEU M 447 53.82 -7.64 -40.57
N ARG M 448 54.99 -7.57 -41.19
CA ARG M 448 56.20 -7.34 -40.43
C ARG M 448 56.07 -5.99 -39.76
N ARG M 449 55.59 -5.01 -40.51
CA ARG M 449 55.43 -3.68 -39.96
C ARG M 449 54.43 -3.71 -38.84
N PHE M 450 53.34 -4.43 -39.04
CA PHE M 450 52.30 -4.44 -38.03
C PHE M 450 52.83 -5.00 -36.72
N ILE M 451 53.53 -6.12 -36.81
CA ILE M 451 54.02 -6.76 -35.60
C ILE M 451 55.04 -5.86 -34.92
N LEU M 452 55.95 -5.31 -35.71
CA LEU M 452 56.97 -4.44 -35.16
C LEU M 452 56.38 -3.16 -34.62
N HIS M 453 55.38 -2.62 -35.30
CA HIS M 453 54.73 -1.41 -34.83
C HIS M 453 54.07 -1.67 -33.49
N LEU M 454 53.43 -2.82 -33.36
CA LEU M 454 52.82 -3.17 -32.08
C LEU M 454 53.89 -3.34 -31.02
N ALA M 455 55.01 -3.95 -31.39
CA ALA M 455 56.10 -4.12 -30.44
C ALA M 455 56.61 -2.75 -30.02
N LYS M 456 56.67 -1.83 -30.97
CA LYS M 456 57.10 -0.47 -30.65
C LYS M 456 56.13 0.17 -29.67
N LEU M 457 54.84 -0.05 -29.87
CA LEU M 457 53.84 0.50 -28.94
C LEU M 457 54.04 -0.10 -27.57
N ALA M 458 54.33 -1.40 -27.53
CA ALA M 458 54.58 -2.06 -26.25
C ALA M 458 55.81 -1.46 -25.61
N ASP M 459 56.83 -1.18 -26.42
CA ASP M 459 58.03 -0.54 -25.90
C ASP M 459 57.73 0.84 -25.35
N ILE M 460 56.84 1.58 -26.02
CA ILE M 460 56.47 2.90 -25.54
C ILE M 460 55.83 2.73 -24.18
N ALA M 461 54.98 1.72 -24.04
CA ALA M 461 54.38 1.44 -22.73
C ALA M 461 55.48 1.03 -21.77
N GLY M 462 56.46 0.29 -22.27
CA GLY M 462 57.56 -0.17 -21.44
C GLY M 462 57.76 -1.65 -21.64
N GLY M 463 56.91 -2.47 -21.05
CA GLY M 463 57.02 -3.91 -21.21
C GLY M 463 55.69 -4.63 -21.28
N VAL M 464 55.64 -5.75 -21.99
CA VAL M 464 54.43 -6.55 -22.05
C VAL M 464 54.78 -7.98 -21.66
N ASP M 465 53.91 -8.62 -20.88
CA ASP M 465 54.22 -9.96 -20.42
C ASP M 465 54.35 -10.95 -21.56
N ALA M 466 53.45 -10.86 -22.53
CA ALA M 466 53.48 -11.80 -23.65
C ALA M 466 53.08 -11.20 -24.99
N PHE M 467 53.50 -11.84 -26.07
CA PHE M 467 53.19 -11.36 -27.41
C PHE M 467 52.68 -12.51 -28.26
N LEU M 468 51.96 -12.19 -29.32
CA LEU M 468 51.44 -13.23 -30.20
C LEU M 468 51.94 -12.94 -31.59
N VAL M 469 51.99 -13.96 -32.44
CA VAL M 469 52.37 -13.71 -33.82
C VAL M 469 51.16 -13.75 -34.72
N GLY M 470 50.67 -14.95 -35.03
CA GLY M 470 49.47 -15.07 -35.83
C GLY M 470 48.46 -15.93 -35.11
N THR M 471 47.24 -15.42 -34.95
CA THR M 471 46.25 -16.18 -34.20
C THR M 471 45.91 -17.49 -34.89
N GLU M 472 45.70 -17.46 -36.20
CA GLU M 472 45.47 -18.70 -36.94
C GLU M 472 45.77 -18.52 -38.41
N PHE M 473 47.04 -18.34 -38.76
CA PHE M 473 47.38 -18.22 -40.16
C PHE M 473 47.60 -19.59 -40.75
N ARG M 474 46.55 -20.41 -40.76
CA ARG M 474 46.68 -21.79 -41.25
C ARG M 474 47.01 -21.93 -42.73
N GLY M 475 46.37 -21.13 -43.57
CA GLY M 475 46.62 -21.22 -44.99
C GLY M 475 48.04 -20.82 -45.26
N LEU M 476 48.49 -19.76 -44.60
CA LEU M 476 49.86 -19.33 -44.76
C LEU M 476 50.81 -20.39 -44.21
N SER M 477 50.44 -21.00 -43.09
CA SER M 477 51.30 -21.99 -42.48
C SER M 477 51.51 -23.15 -43.41
N GLN M 478 50.45 -23.60 -44.07
CA GLN M 478 50.62 -24.63 -45.06
C GLN M 478 50.93 -23.98 -46.39
N ALA M 479 52.15 -23.50 -46.54
CA ALA M 479 52.52 -22.94 -47.82
C ALA M 479 53.36 -23.97 -48.51
N TRP M 480 52.83 -24.54 -49.59
CA TRP M 480 53.54 -25.61 -50.27
C TRP M 480 54.78 -25.00 -50.88
N GLU M 481 55.93 -25.62 -50.64
CA GLU M 481 57.17 -25.07 -51.15
C GLU M 481 57.98 -26.15 -51.82
N PRO M 482 58.61 -25.84 -52.96
CA PRO M 482 59.49 -26.85 -53.55
C PRO M 482 60.96 -26.48 -53.44
N GLN M 483 61.73 -27.28 -52.73
CA GLN M 483 63.16 -27.04 -52.64
C GLN M 483 63.82 -28.02 -53.57
N THR M 484 65.11 -28.30 -53.36
CA THR M 484 65.83 -29.25 -54.20
C THR M 484 65.72 -28.82 -55.66
N TYR M 485 65.29 -29.71 -56.55
CA TYR M 485 65.12 -29.28 -57.93
C TYR M 485 63.96 -28.31 -57.99
N ALA M 486 64.20 -27.14 -58.56
CA ALA M 486 63.12 -26.15 -58.71
C ALA M 486 63.13 -25.59 -60.12
N ASP M 487 63.74 -26.31 -61.06
CA ASP M 487 63.86 -25.75 -62.40
C ASP M 487 62.50 -25.49 -63.02
N ALA M 488 62.33 -24.30 -63.59
CA ALA M 488 61.06 -23.94 -64.19
C ALA M 488 61.30 -23.26 -65.51
N TYR M 489 60.36 -23.40 -66.43
CA TYR M 489 60.50 -22.68 -67.68
C TYR M 489 59.44 -21.60 -67.76
N GLU M 490 59.86 -20.34 -67.79
CA GLU M 490 58.89 -19.26 -67.94
C GLU M 490 58.39 -19.26 -69.37
N PHE M 491 57.13 -18.94 -69.58
CA PHE M 491 56.58 -18.98 -70.91
C PHE M 491 56.52 -17.61 -71.55
N LEU M 492 57.18 -16.63 -70.93
CA LEU M 492 57.22 -15.30 -71.50
C LEU M 492 57.92 -15.34 -72.84
N ASN M 493 59.02 -16.07 -72.90
CA ASN M 493 59.73 -16.22 -74.17
C ASN M 493 59.19 -17.40 -74.97
N SER M 494 58.01 -17.24 -75.55
CA SER M 494 57.41 -18.29 -76.38
C SER M 494 57.23 -19.64 -75.69
N SER M 495 57.51 -20.72 -76.42
CA SER M 495 57.37 -22.07 -75.86
C SER M 495 58.63 -22.87 -76.14
N GLU M 496 59.78 -22.22 -76.06
CA GLU M 496 61.02 -22.91 -76.40
C GLU M 496 61.25 -24.11 -75.51
N GLY M 497 61.71 -25.21 -76.11
CA GLY M 497 61.89 -26.44 -75.36
C GLY M 497 60.56 -27.12 -75.12
N TRP M 498 59.62 -26.44 -74.48
CA TRP M 498 58.29 -27.01 -74.28
C TRP M 498 57.37 -26.76 -75.46
N PHE M 499 57.75 -27.23 -76.64
CA PHE M 499 56.89 -27.09 -77.81
C PHE M 499 55.83 -28.17 -77.77
N ALA M 500 54.71 -27.97 -78.46
CA ALA M 500 53.70 -29.03 -78.50
C ALA M 500 53.60 -29.66 -79.88
N GLN M 501 53.89 -30.95 -79.97
CA GLN M 501 53.74 -31.65 -81.24
C GLN M 501 52.27 -31.95 -81.48
N ASN M 502 51.85 -31.90 -82.74
CA ASN M 502 50.46 -32.20 -83.10
C ASN M 502 49.49 -31.31 -82.35
N ALA M 503 49.87 -30.07 -82.12
CA ALA M 503 49.00 -29.13 -81.41
C ALA M 503 49.36 -27.71 -81.79
N ALA M 504 48.43 -26.78 -81.61
CA ALA M 504 48.75 -25.39 -81.88
C ALA M 504 49.13 -24.73 -80.57
N ARG M 505 50.42 -24.48 -80.38
CA ARG M 505 50.88 -23.86 -79.16
C ARG M 505 50.88 -22.35 -79.26
N THR M 506 49.70 -21.74 -79.23
CA THR M 506 49.63 -20.30 -79.27
C THR M 506 50.28 -19.78 -78.00
N HIS M 507 51.07 -18.73 -78.11
CA HIS M 507 51.80 -18.26 -76.95
C HIS M 507 51.37 -16.89 -76.48
N GLU M 508 51.12 -16.76 -75.19
CA GLU M 508 50.78 -15.46 -74.62
C GLU M 508 51.94 -15.17 -73.72
N PRO M 509 52.43 -13.93 -73.71
CA PRO M 509 53.60 -13.77 -72.84
C PRO M 509 53.26 -14.15 -71.41
N GLY M 510 54.09 -14.97 -70.81
CA GLY M 510 53.85 -15.44 -69.44
C GLY M 510 53.01 -16.69 -69.32
N SER M 511 52.50 -17.21 -70.44
CA SER M 511 51.72 -18.45 -70.40
C SER M 511 51.68 -19.18 -71.73
N LEU M 512 51.34 -20.46 -71.70
CA LEU M 512 51.20 -21.15 -72.96
C LEU M 512 49.73 -21.37 -73.16
N LEU M 513 49.14 -20.69 -74.13
CA LEU M 513 47.73 -20.93 -74.43
C LEU M 513 47.66 -22.05 -75.45
N VAL M 514 48.06 -23.25 -75.04
CA VAL M 514 48.09 -24.37 -75.97
C VAL M 514 46.70 -24.86 -76.36
N SER M 515 46.48 -25.12 -77.64
CA SER M 515 45.20 -25.68 -78.07
C SER M 515 45.46 -27.11 -78.46
N ALA M 516 44.74 -28.05 -77.86
CA ALA M 516 44.97 -29.46 -78.12
C ALA M 516 44.19 -29.98 -79.32
N THR M 517 44.70 -29.76 -80.53
CA THR M 517 43.97 -30.17 -81.74
C THR M 517 43.79 -31.69 -81.81
N ALA M 518 44.83 -32.44 -81.47
CA ALA M 518 44.72 -33.90 -81.43
C ALA M 518 43.96 -34.31 -80.18
N ARG M 519 43.41 -35.52 -80.17
CA ARG M 519 42.75 -35.97 -78.96
C ARG M 519 43.74 -36.05 -77.82
N ASP M 520 44.93 -36.57 -78.08
CA ASP M 520 45.97 -36.64 -77.05
C ASP M 520 47.31 -36.12 -77.56
N PRO M 521 47.43 -34.80 -77.71
CA PRO M 521 48.68 -34.23 -78.21
C PRO M 521 49.77 -34.33 -77.17
N ARG M 522 51.01 -34.42 -77.62
CA ARG M 522 52.12 -34.54 -76.69
C ARG M 522 52.94 -33.26 -76.71
N LEU M 523 53.25 -32.74 -75.53
CA LEU M 523 54.06 -31.54 -75.46
C LEU M 523 55.50 -31.95 -75.21
N ILE M 524 56.38 -31.66 -76.16
CA ILE M 524 57.78 -32.02 -76.02
C ILE M 524 58.44 -31.16 -74.96
N SER M 525 59.52 -31.65 -74.37
CA SER M 525 60.18 -30.92 -73.31
C SER M 525 61.59 -30.61 -73.76
N PRO M 526 62.24 -29.64 -73.10
CA PRO M 526 63.63 -29.33 -73.45
C PRO M 526 64.50 -30.55 -73.23
N PRO M 527 65.58 -30.69 -74.00
CA PRO M 527 66.44 -31.88 -73.94
C PRO M 527 67.14 -32.11 -72.60
N LEU M 528 67.27 -31.10 -71.76
CA LEU M 528 68.02 -31.27 -70.52
C LEU M 528 67.47 -32.39 -69.65
N SER M 529 68.36 -33.22 -69.14
CA SER M 529 67.94 -34.34 -68.28
C SER M 529 67.51 -33.90 -66.88
N ILE M 530 66.51 -34.57 -66.32
CA ILE M 530 66.04 -34.22 -64.97
C ILE M 530 66.17 -35.42 -64.03
N ASP M 531 66.88 -35.26 -62.92
CA ASP M 531 67.07 -36.35 -61.98
C ASP M 531 65.78 -36.70 -61.26
N GLY M 532 65.48 -37.99 -61.18
CA GLY M 532 64.27 -38.40 -60.48
C GLY M 532 64.29 -38.10 -59.00
N ALA M 533 65.42 -38.34 -58.35
CA ALA M 533 65.54 -38.09 -56.93
C ALA M 533 65.44 -36.61 -56.59
N ALA M 534 66.09 -35.77 -57.39
CA ALA M 534 66.11 -34.34 -57.10
C ALA M 534 64.72 -33.74 -57.15
N ALA M 535 63.92 -34.16 -58.12
CA ALA M 535 62.59 -33.61 -58.25
C ALA M 535 61.60 -34.49 -57.53
N ARG M 536 60.91 -33.94 -56.53
CA ARG M 536 59.89 -34.73 -55.87
C ARG M 536 58.54 -34.59 -56.55
N TRP M 537 58.35 -33.51 -57.29
CA TRP M 537 57.10 -33.30 -58.03
C TRP M 537 57.28 -32.33 -59.16
N ILE M 538 56.32 -32.27 -60.08
CA ILE M 538 56.40 -31.26 -61.12
C ILE M 538 55.39 -30.23 -60.68
N GLU M 539 55.89 -29.03 -60.35
CA GLU M 539 55.00 -27.96 -59.94
C GLU M 539 54.52 -27.20 -61.16
N ILE M 540 53.63 -27.80 -61.93
CA ILE M 540 53.09 -27.12 -63.10
C ILE M 540 52.21 -25.97 -62.69
N GLU M 541 52.22 -24.90 -63.47
CA GLU M 541 51.33 -23.77 -63.19
C GLU M 541 50.14 -23.93 -64.09
N PHE M 542 50.04 -25.06 -64.78
CA PHE M 542 48.97 -25.24 -65.74
C PHE M 542 47.56 -25.24 -65.18
N ASP M 543 46.65 -24.56 -65.87
CA ASP M 543 45.25 -24.58 -65.48
C ASP M 543 44.55 -24.66 -66.82
N ARG M 544 43.43 -25.35 -66.90
CA ARG M 544 42.79 -25.53 -68.19
C ARG M 544 41.71 -24.47 -68.37
N THR M 545 41.96 -23.52 -69.26
CA THR M 545 40.98 -22.46 -69.49
C THR M 545 39.69 -23.02 -70.03
N SER M 546 39.79 -23.95 -70.99
CA SER M 546 38.61 -24.61 -71.51
C SER M 546 38.26 -25.72 -70.55
N ALA M 547 37.08 -26.30 -70.67
CA ALA M 547 36.76 -27.45 -69.84
C ALA M 547 36.96 -28.71 -70.65
N PRO M 548 37.99 -29.49 -70.30
CA PRO M 548 38.25 -30.75 -70.99
C PRO M 548 38.31 -31.86 -69.99
N VAL M 549 38.87 -33.00 -70.38
CA VAL M 549 39.05 -34.08 -69.43
C VAL M 549 40.53 -34.40 -69.52
N TRP M 550 41.35 -33.60 -68.86
CA TRP M 550 42.80 -33.80 -68.98
C TRP M 550 43.22 -35.16 -68.47
N GLU M 551 44.06 -35.85 -69.24
CA GLU M 551 44.52 -37.19 -68.87
C GLU M 551 45.51 -37.64 -69.93
N GLY M 552 45.76 -38.94 -70.00
CA GLY M 552 46.69 -39.46 -70.98
C GLY M 552 47.98 -39.86 -70.32
N ASN M 553 48.74 -40.75 -70.94
CA ASN M 553 49.95 -41.23 -70.31
C ASN M 553 51.12 -40.38 -70.72
N VAL M 554 51.57 -39.52 -69.82
CA VAL M 554 52.66 -38.64 -70.15
C VAL M 554 53.90 -39.47 -70.40
N TYR M 555 54.64 -39.14 -71.44
CA TYR M 555 55.81 -39.93 -71.77
C TYR M 555 57.01 -39.32 -71.13
N TYR M 556 57.67 -40.07 -70.26
CA TYR M 556 58.88 -39.57 -69.64
C TYR M 556 59.95 -40.46 -70.21
N MET M 557 60.95 -39.88 -70.85
CA MET M 557 62.03 -40.73 -71.31
C MET M 557 63.38 -40.45 -70.70
N THR M 558 63.93 -41.45 -70.03
CA THR M 558 65.27 -41.29 -69.52
C THR M 558 66.12 -41.61 -70.73
N GLU M 559 67.41 -41.32 -70.68
CA GLU M 559 68.23 -41.52 -71.87
C GLU M 559 68.18 -42.97 -72.28
N ASP M 560 68.27 -43.89 -71.32
CA ASP M 560 68.17 -45.31 -71.63
C ASP M 560 66.80 -45.74 -72.15
N HIS M 561 65.74 -45.21 -71.55
CA HIS M 561 64.39 -45.66 -71.93
C HIS M 561 64.04 -45.38 -73.37
N GLY M 562 64.32 -44.17 -73.83
CA GLY M 562 63.94 -43.79 -75.18
C GLY M 562 62.53 -43.25 -75.11
N PHE M 563 62.13 -42.42 -76.06
CA PHE M 563 60.76 -41.95 -76.08
C PHE M 563 59.81 -43.11 -76.28
N ALA M 564 60.17 -44.03 -77.17
CA ALA M 564 59.36 -45.21 -77.39
C ALA M 564 59.40 -46.08 -76.14
N GLY M 565 58.32 -46.77 -75.85
CA GLY M 565 58.26 -47.57 -74.65
C GLY M 565 58.41 -46.70 -73.43
N ALA M 566 59.38 -47.01 -72.56
CA ALA M 566 59.64 -46.22 -71.36
C ALA M 566 58.52 -46.36 -70.34
N PHE M 567 58.43 -45.42 -69.42
CA PHE M 567 57.34 -45.47 -68.47
C PHE M 567 56.40 -44.33 -68.75
N ARG M 568 55.12 -44.63 -68.90
CA ARG M 568 54.15 -43.59 -69.08
C ARG M 568 53.12 -43.70 -67.97
N LYS M 569 52.83 -42.59 -67.30
CA LYS M 569 51.84 -42.62 -66.25
C LYS M 569 50.59 -41.95 -66.74
N VAL M 570 49.48 -42.68 -66.68
CA VAL M 570 48.22 -42.10 -67.10
C VAL M 570 47.67 -41.42 -65.87
N ILE M 571 47.95 -40.12 -65.75
CA ILE M 571 47.47 -39.39 -64.60
C ILE M 571 45.97 -39.21 -64.68
N SER M 572 45.28 -39.47 -63.58
CA SER M 572 43.84 -39.29 -63.55
C SER M 572 43.53 -37.82 -63.53
N ASP M 573 42.32 -37.45 -63.94
CA ASP M 573 41.96 -36.06 -63.83
C ASP M 573 42.05 -35.74 -62.36
N ALA M 574 42.72 -34.64 -62.03
CA ALA M 574 42.91 -34.27 -60.63
C ALA M 574 41.92 -33.19 -60.35
N GLU M 575 40.91 -33.05 -61.20
CA GLU M 575 39.93 -31.98 -61.05
C GLU M 575 40.62 -30.64 -61.13
N ALA M 576 41.57 -30.52 -62.04
CA ALA M 576 42.26 -29.24 -62.23
C ALA M 576 41.19 -28.29 -62.71
N PRO M 577 41.30 -27.00 -62.34
CA PRO M 577 40.19 -26.11 -62.69
C PRO M 577 39.90 -26.09 -64.17
N ALA M 578 38.63 -26.28 -64.52
CA ALA M 578 38.23 -26.26 -65.92
C ALA M 578 37.90 -24.83 -66.26
N ASP M 579 37.90 -23.97 -65.25
CA ASP M 579 37.63 -22.56 -65.46
C ASP M 579 38.93 -21.84 -65.76
N GLY M 580 40.06 -22.54 -65.63
CA GLY M 580 41.35 -21.93 -65.88
C GLY M 580 41.88 -21.09 -64.75
N THR M 581 41.25 -21.18 -63.58
CA THR M 581 41.72 -20.44 -62.43
C THR M 581 43.09 -20.96 -62.05
N ARG M 582 43.96 -20.11 -61.53
CA ARG M 582 45.33 -20.54 -61.30
C ARG M 582 45.41 -21.77 -60.43
N ALA M 583 46.20 -22.73 -60.85
CA ALA M 583 46.35 -23.96 -60.09
C ALA M 583 47.80 -24.32 -59.88
N ARG M 584 48.16 -24.66 -58.65
CA ARG M 584 49.52 -25.13 -58.41
C ARG M 584 49.47 -26.61 -58.68
N MET M 585 49.36 -26.98 -59.95
CA MET M 585 49.22 -28.40 -60.26
C MET M 585 50.48 -29.13 -59.83
N LEU M 586 50.29 -30.27 -59.17
CA LEU M 586 51.43 -31.02 -58.72
C LEU M 586 51.38 -32.44 -59.25
N LEU M 587 52.42 -32.85 -59.96
CA LEU M 587 52.49 -34.23 -60.41
C LEU M 587 53.67 -34.77 -59.66
N ASP M 588 53.47 -35.74 -58.80
CA ASP M 588 54.60 -36.17 -57.99
C ASP M 588 55.58 -37.03 -58.75
N MET M 589 56.82 -36.59 -58.81
CA MET M 589 57.86 -37.37 -59.47
C MET M 589 58.10 -38.66 -58.71
N HIS M 590 58.02 -38.60 -57.39
CA HIS M 590 58.18 -39.80 -56.59
C HIS M 590 57.08 -40.76 -57.00
N ASP M 591 55.87 -40.25 -57.19
CA ASP M 591 54.78 -41.09 -57.68
C ASP M 591 55.08 -41.58 -59.08
N LEU M 592 55.68 -40.73 -59.90
CA LEU M 592 56.00 -41.09 -61.26
C LEU M 592 57.31 -41.85 -61.30
N THR M 593 57.32 -43.07 -60.77
CA THR M 593 58.52 -43.87 -60.85
C THR M 593 58.61 -44.39 -62.27
N LEU M 594 59.75 -44.19 -62.91
CA LEU M 594 59.94 -44.66 -64.28
C LEU M 594 60.37 -46.10 -64.21
N GLY M 595 59.43 -46.98 -63.88
CA GLY M 595 59.76 -48.39 -63.74
C GLY M 595 60.33 -48.73 -62.38
N GLY M 596 60.40 -47.75 -61.47
CA GLY M 596 60.87 -48.05 -60.13
C GLY M 596 61.80 -47.02 -59.51
N ASP M 597 62.56 -47.44 -58.50
CA ASP M 597 63.51 -46.54 -57.85
C ASP M 597 64.65 -46.18 -58.78
N ASP M 598 64.83 -46.94 -59.85
CA ASP M 598 65.87 -46.65 -60.83
C ASP M 598 65.60 -45.29 -61.40
N TRP M 599 64.34 -44.89 -61.44
CA TRP M 599 63.97 -43.58 -61.93
C TRP M 599 64.61 -42.50 -61.11
N ARG M 600 64.71 -42.69 -59.80
CA ARG M 600 65.27 -41.64 -58.98
C ARG M 600 66.68 -41.41 -59.46
N THR M 601 67.43 -42.47 -59.71
CA THR M 601 68.76 -42.33 -60.28
C THR M 601 68.71 -41.82 -61.71
N SER M 602 67.74 -42.31 -62.49
CA SER M 602 67.64 -41.95 -63.90
C SER M 602 67.32 -40.48 -64.14
N THR M 603 67.89 -39.93 -65.21
CA THR M 603 67.61 -38.55 -65.54
C THR M 603 66.83 -38.52 -66.84
N ILE M 604 65.67 -37.87 -66.83
CA ILE M 604 64.82 -37.89 -68.02
C ILE M 604 65.16 -36.75 -68.96
N THR M 605 65.77 -37.09 -70.09
CA THR M 605 66.15 -36.07 -71.06
C THR M 605 64.96 -35.37 -71.68
N ARG M 606 63.94 -36.12 -72.09
CA ARG M 606 62.82 -35.49 -72.78
C ARG M 606 61.47 -35.96 -72.28
N LEU M 607 60.49 -35.07 -72.29
CA LEU M 607 59.16 -35.43 -71.80
C LEU M 607 58.12 -35.12 -72.84
N ARG M 608 57.21 -36.05 -73.11
CA ARG M 608 56.11 -35.76 -74.01
C ARG M 608 54.91 -35.68 -73.10
N PHE M 609 54.28 -34.52 -73.03
CA PHE M 609 53.18 -34.36 -72.10
C PHE M 609 51.90 -34.70 -72.82
N ASP M 610 51.45 -35.95 -72.66
CA ASP M 610 50.23 -36.35 -73.31
C ASP M 610 49.07 -35.64 -72.66
N PHE M 611 48.15 -35.15 -73.47
CA PHE M 611 47.01 -34.43 -72.94
C PHE M 611 45.75 -34.95 -73.57
N SER M 612 45.37 -36.18 -73.25
CA SER M 612 44.11 -36.67 -73.77
C SER M 612 43.07 -35.79 -73.14
N SER M 613 42.16 -35.27 -73.96
CA SER M 613 41.16 -34.34 -73.44
C SER M 613 40.03 -34.20 -74.41
N GLU M 614 40.06 -33.13 -75.20
CA GLU M 614 39.01 -32.87 -76.17
C GLU M 614 39.65 -32.20 -77.36
N SER M 615 38.96 -32.18 -78.50
CA SER M 615 39.50 -31.47 -79.65
C SER M 615 39.61 -30.00 -79.31
N ASP M 616 40.74 -29.39 -79.65
CA ASP M 616 40.96 -27.97 -79.37
C ASP M 616 40.79 -27.59 -77.91
N ALA M 617 41.22 -28.45 -77.00
CA ALA M 617 41.15 -28.11 -75.58
C ALA M 617 42.17 -27.05 -75.26
N VAL M 618 41.80 -26.06 -74.45
CA VAL M 618 42.71 -24.97 -74.17
C VAL M 618 43.23 -25.00 -72.74
N PHE M 619 44.54 -24.93 -72.58
CA PHE M 619 45.13 -24.92 -71.25
C PHE M 619 46.05 -23.73 -71.18
N ARG M 620 46.19 -23.14 -70.01
CA ARG M 620 47.10 -22.02 -69.84
C ARG M 620 48.24 -22.49 -68.96
N ILE M 621 49.46 -22.49 -69.48
CA ILE M 621 50.59 -22.94 -68.69
C ILE M 621 51.58 -21.81 -68.45
N HIS M 622 51.53 -21.23 -67.26
CA HIS M 622 52.47 -20.18 -66.91
C HIS M 622 53.92 -20.63 -66.78
N ALA M 623 54.14 -21.77 -66.14
CA ALA M 623 55.51 -22.27 -65.90
C ALA M 623 55.54 -23.75 -65.59
N ILE M 624 56.73 -24.36 -65.60
CA ILE M 624 56.85 -25.77 -65.25
C ILE M 624 57.92 -25.98 -64.19
N ARG M 625 57.62 -25.60 -62.96
CA ARG M 625 58.58 -25.74 -61.86
C ARG M 625 58.83 -27.17 -61.42
N LEU M 626 60.01 -27.45 -60.88
CA LEU M 626 60.29 -28.78 -60.35
C LEU M 626 60.01 -28.83 -58.84
N GLY M 627 60.19 -30.00 -58.21
CA GLY M 627 59.84 -30.14 -56.80
C GLY M 627 60.89 -30.73 -55.88
N GLY M 628 60.67 -30.63 -54.56
CA GLY M 628 61.63 -31.15 -53.61
C GLY M 628 61.32 -30.98 -52.14
N GLY M 629 62.19 -30.29 -51.41
CA GLY M 629 61.98 -30.08 -49.99
C GLY M 629 60.84 -29.12 -49.74
N ARG M 630 60.27 -29.15 -48.53
CA ARG M 630 59.10 -28.33 -48.26
C ARG M 630 59.29 -27.42 -47.07
N ARG M 631 60.05 -26.35 -47.25
CA ARG M 631 60.20 -25.40 -46.16
C ARG M 631 59.19 -24.30 -46.39
N TYR M 632 58.14 -24.29 -45.59
CA TYR M 632 57.09 -23.31 -45.83
C TYR M 632 57.66 -21.93 -45.58
N PRO M 633 57.44 -21.00 -46.52
CA PRO M 633 58.01 -19.66 -46.39
C PRO M 633 57.52 -18.88 -45.19
N PHE M 634 56.24 -19.03 -44.86
CA PHE M 634 55.67 -18.25 -43.77
C PHE M 634 56.40 -18.60 -42.48
N VAL M 635 56.65 -19.88 -42.26
CA VAL M 635 57.36 -20.29 -41.06
C VAL M 635 58.79 -19.77 -41.01
N ASP M 636 59.49 -19.78 -42.13
CA ASP M 636 60.84 -19.26 -42.17
C ASP M 636 60.83 -17.78 -41.83
N ALA M 637 59.87 -17.07 -42.39
CA ALA M 637 59.74 -15.63 -42.12
C ALA M 637 59.44 -15.43 -40.66
N LEU M 638 58.64 -16.33 -40.08
CA LEU M 638 58.28 -16.20 -38.68
C LEU M 638 59.50 -16.28 -37.79
N ARG M 639 60.44 -17.15 -38.13
CA ARG M 639 61.63 -17.30 -37.31
C ARG M 639 62.39 -15.99 -37.28
N ASP M 640 62.52 -15.35 -38.44
CA ASP M 640 63.22 -14.08 -38.51
C ASP M 640 62.46 -13.03 -37.70
N LEU M 641 61.14 -13.04 -37.82
CA LEU M 641 60.33 -12.07 -37.11
C LEU M 641 60.48 -12.23 -35.62
N ALA M 642 60.56 -13.47 -35.15
CA ALA M 642 60.65 -13.71 -33.72
C ALA M 642 61.91 -13.09 -33.15
N GLN M 643 63.01 -13.18 -33.89
CA GLN M 643 64.25 -12.59 -33.42
C GLN M 643 64.09 -11.09 -33.28
N ASP M 644 63.43 -10.46 -34.24
CA ASP M 644 63.25 -9.01 -34.21
C ASP M 644 62.44 -8.55 -33.01
N VAL M 645 61.35 -9.26 -32.72
CA VAL M 645 60.49 -8.89 -31.60
C VAL M 645 61.27 -9.04 -30.30
N ASP M 646 62.07 -10.10 -30.20
CA ASP M 646 62.84 -10.31 -29.00
C ASP M 646 63.83 -9.16 -28.81
N THR M 647 64.41 -8.69 -29.90
CA THR M 647 65.32 -7.56 -29.79
C THR M 647 64.59 -6.32 -29.30
N ILE M 648 63.41 -6.06 -29.83
CA ILE M 648 62.66 -4.87 -29.42
C ILE M 648 62.29 -4.98 -27.95
N LEU M 649 61.77 -6.14 -27.55
CA LEU M 649 61.43 -6.33 -26.16
C LEU M 649 61.89 -7.69 -25.66
N PRO M 650 62.83 -7.70 -24.71
CA PRO M 650 63.24 -8.97 -24.11
C PRO M 650 62.08 -9.58 -23.34
N THR M 651 61.31 -8.74 -22.66
CA THR M 651 60.19 -9.22 -21.84
C THR M 651 59.09 -9.94 -22.63
N ALA M 652 58.79 -9.46 -23.83
CA ALA M 652 57.71 -10.05 -24.60
C ALA M 652 58.03 -11.50 -24.94
N LYS M 653 57.02 -12.37 -24.81
CA LYS M 653 57.23 -13.77 -25.12
C LYS M 653 56.44 -14.03 -26.38
N ILE M 654 57.10 -14.49 -27.43
CA ILE M 654 56.40 -14.65 -28.71
C ILE M 654 55.79 -16.02 -28.90
N SER M 655 54.49 -16.06 -29.18
CA SER M 655 53.83 -17.33 -29.41
C SER M 655 53.00 -17.28 -30.69
N TYR M 656 53.06 -18.33 -31.49
CA TYR M 656 52.21 -18.36 -32.67
C TYR M 656 51.06 -19.29 -32.35
N ALA M 657 49.85 -18.76 -32.31
CA ALA M 657 48.69 -19.59 -32.06
C ALA M 657 48.39 -20.43 -33.28
N ALA M 658 47.93 -21.66 -33.09
CA ALA M 658 47.72 -22.55 -34.23
C ALA M 658 46.46 -23.37 -34.16
N ASP M 659 46.04 -23.91 -35.31
CA ASP M 659 44.89 -24.80 -35.32
C ASP M 659 45.33 -26.09 -34.66
N TRP M 660 44.36 -26.85 -34.16
CA TRP M 660 44.68 -28.09 -33.48
C TRP M 660 45.40 -29.04 -34.44
N SER M 661 44.94 -29.10 -35.69
CA SER M 661 45.61 -29.93 -36.68
C SER M 661 47.02 -29.40 -36.92
N GLU M 662 47.15 -28.08 -36.98
CA GLU M 662 48.45 -27.45 -37.20
C GLU M 662 49.40 -27.78 -36.06
N TYR M 663 48.87 -27.86 -34.85
CA TYR M 663 49.71 -28.11 -33.69
C TYR M 663 50.44 -29.42 -33.85
N HIS M 664 49.77 -30.43 -34.37
CA HIS M 664 50.44 -31.69 -34.62
C HIS M 664 50.90 -31.66 -36.05
N SER M 665 50.33 -32.52 -36.88
CA SER M 665 50.64 -32.47 -38.29
C SER M 665 49.34 -32.35 -39.03
N HIS M 666 49.24 -31.40 -39.93
CA HIS M 666 48.04 -31.33 -40.73
C HIS M 666 48.24 -32.38 -41.78
N GLN M 667 47.31 -33.31 -41.92
CA GLN M 667 47.49 -34.40 -42.86
C GLN M 667 47.49 -33.89 -44.28
N ASP M 668 48.47 -34.32 -45.05
CA ASP M 668 48.56 -33.87 -46.43
C ASP M 668 49.43 -34.83 -47.21
N ALA M 669 49.37 -34.77 -48.54
CA ALA M 669 50.26 -35.61 -49.32
C ALA M 669 51.52 -34.81 -49.55
N GLY M 670 52.61 -35.22 -48.92
CA GLY M 670 53.88 -34.51 -49.05
C GLY M 670 54.01 -33.42 -48.00
N ASP M 671 52.91 -33.10 -47.31
CA ASP M 671 52.99 -32.13 -46.21
C ASP M 671 52.62 -32.90 -44.96
N LEU M 672 52.70 -34.22 -45.04
CA LEU M 672 52.41 -35.06 -43.88
C LEU M 672 53.54 -34.89 -42.88
N THR M 673 54.65 -34.29 -43.32
CA THR M 673 55.74 -34.02 -42.39
C THR M 673 55.11 -33.16 -41.35
N PHE M 674 55.52 -33.32 -40.10
CA PHE M 674 54.81 -32.61 -39.05
C PHE M 674 54.77 -31.12 -39.20
N HIS M 675 53.59 -30.55 -38.94
CA HIS M 675 53.42 -29.12 -39.07
C HIS M 675 53.83 -28.51 -37.76
N LEU M 676 54.26 -29.34 -36.82
CA LEU M 676 54.77 -28.81 -35.58
C LEU M 676 55.90 -27.97 -36.08
N ASP M 677 55.99 -26.74 -35.59
CA ASP M 677 56.98 -25.84 -36.13
C ASP M 677 58.36 -26.02 -35.58
N PRO M 678 59.38 -26.00 -36.47
CA PRO M 678 60.75 -26.02 -35.98
C PRO M 678 60.90 -24.75 -35.21
N LEU M 679 60.20 -23.69 -35.64
CA LEU M 679 60.23 -22.41 -34.95
C LEU M 679 59.71 -22.51 -33.51
N TRP M 680 58.69 -23.32 -33.28
CA TRP M 680 58.20 -23.49 -31.91
C TRP M 680 59.32 -24.09 -31.10
N ALA M 681 60.04 -25.04 -31.66
CA ALA M 681 61.21 -25.60 -30.97
C ALA M 681 62.27 -24.54 -30.83
N ASP M 682 62.41 -23.68 -31.83
CA ASP M 682 63.48 -22.67 -31.83
C ASP M 682 63.41 -21.67 -30.67
N PRO M 683 64.58 -21.27 -30.15
CA PRO M 683 64.65 -20.35 -29.00
C PRO M 683 64.03 -18.98 -29.24
N ALA M 684 64.11 -18.45 -30.45
CA ALA M 684 63.61 -17.10 -30.68
C ALA M 684 62.14 -17.00 -30.34
N ILE M 685 61.34 -18.00 -30.72
CA ILE M 685 59.95 -17.97 -30.30
C ILE M 685 59.99 -18.36 -28.82
N ASP M 686 59.31 -17.61 -27.97
CA ASP M 686 59.40 -17.88 -26.54
C ASP M 686 58.23 -18.68 -25.97
N PHE M 687 57.23 -18.96 -26.80
CA PHE M 687 56.06 -19.69 -26.33
C PHE M 687 55.39 -20.47 -27.43
N VAL M 688 54.64 -21.51 -27.08
CA VAL M 688 53.87 -22.25 -28.08
C VAL M 688 52.41 -22.11 -27.70
N GLY M 689 51.54 -21.76 -28.64
CA GLY M 689 50.15 -21.53 -28.31
C GLY M 689 49.12 -22.11 -29.26
N ILE M 690 47.92 -22.39 -28.76
CA ILE M 690 46.86 -22.90 -29.63
C ILE M 690 45.58 -22.10 -29.61
N ASP M 691 45.06 -21.78 -30.78
CA ASP M 691 43.76 -21.16 -30.84
C ASP M 691 42.97 -22.43 -30.94
N ASN M 692 42.45 -22.93 -29.84
CA ASN M 692 41.80 -24.23 -29.90
C ASN M 692 40.30 -24.21 -29.80
N TYR M 693 39.64 -24.59 -30.88
CA TYR M 693 38.20 -24.67 -30.87
C TYR M 693 37.86 -26.10 -31.19
N LEU M 694 38.79 -27.01 -30.91
CA LEU M 694 38.54 -28.42 -31.18
C LEU M 694 37.36 -28.89 -30.36
N PRO M 695 36.45 -29.65 -30.97
CA PRO M 695 35.24 -30.06 -30.25
C PRO M 695 35.52 -30.95 -29.06
N LEU M 696 34.94 -30.64 -27.90
CA LEU M 696 35.08 -31.53 -26.76
C LEU M 696 34.39 -32.81 -27.10
N SER M 697 33.22 -32.69 -27.72
CA SER M 697 32.46 -33.86 -28.11
C SER M 697 31.81 -33.40 -29.39
N ASP M 698 31.32 -34.32 -30.19
CA ASP M 698 30.62 -33.91 -31.39
C ASP M 698 29.13 -34.06 -31.24
N TRP M 699 28.40 -32.98 -31.44
CA TRP M 699 26.95 -33.02 -31.27
C TRP M 699 26.30 -33.97 -32.24
N ARG M 700 26.90 -34.14 -33.41
CA ARG M 700 26.28 -35.00 -34.41
C ARG M 700 26.58 -36.45 -34.13
N GLN M 701 26.07 -36.96 -33.02
CA GLN M 701 26.20 -38.37 -32.72
C GLN M 701 24.78 -38.89 -32.67
N GLY M 702 23.82 -38.00 -32.94
CA GLY M 702 22.42 -38.39 -32.91
C GLY M 702 22.02 -38.90 -31.55
N ALA M 703 21.44 -40.10 -31.52
CA ALA M 703 21.00 -40.66 -30.25
C ALA M 703 22.16 -40.83 -29.32
N ASP M 704 23.32 -41.20 -29.86
CA ASP M 704 24.49 -41.45 -29.03
C ASP M 704 25.06 -40.26 -28.27
N HIS M 705 24.65 -39.04 -28.63
CA HIS M 705 25.26 -37.86 -27.99
C HIS M 705 24.51 -37.40 -26.75
N LEU M 706 23.87 -36.24 -26.83
CA LEU M 706 23.17 -35.70 -25.67
C LEU M 706 21.71 -36.03 -25.78
N ASP M 707 21.37 -36.85 -26.77
CA ASP M 707 20.00 -37.31 -26.93
C ASP M 707 19.94 -38.69 -26.33
N TYR M 708 21.01 -39.09 -25.65
CA TYR M 708 21.10 -40.42 -25.06
C TYR M 708 20.57 -40.44 -23.66
N ASP M 709 20.00 -39.35 -23.18
CA ASP M 709 19.62 -39.31 -21.78
C ASP M 709 18.61 -40.38 -21.34
N ALA M 710 17.54 -40.58 -22.08
CA ALA M 710 16.63 -41.66 -21.71
C ALA M 710 17.23 -43.04 -21.91
N THR M 711 17.85 -43.26 -23.07
CA THR M 711 18.40 -44.57 -23.38
C THR M 711 19.57 -45.02 -22.53
N SER M 712 20.52 -44.12 -22.30
CA SER M 712 21.72 -44.49 -21.56
C SER M 712 21.58 -44.13 -20.09
N GLY M 713 20.45 -43.57 -19.72
CA GLY M 713 20.28 -43.13 -18.35
C GLY M 713 21.11 -41.89 -18.08
N ARG M 714 21.46 -41.15 -19.12
CA ARG M 714 22.22 -39.92 -18.91
C ARG M 714 21.35 -38.96 -18.13
N THR M 715 21.95 -38.32 -17.13
CA THR M 715 21.19 -37.42 -16.26
C THR M 715 20.60 -36.17 -16.90
N THR M 716 21.36 -35.50 -17.76
CA THR M 716 20.89 -34.22 -18.30
C THR M 716 21.19 -34.04 -19.79
N PRO M 717 20.41 -33.20 -20.47
CA PRO M 717 20.72 -32.92 -21.87
C PRO M 717 22.11 -32.33 -21.99
N TYR M 718 22.51 -31.44 -21.10
CA TYR M 718 23.88 -30.95 -21.14
C TYR M 718 24.67 -31.66 -20.06
N ASP M 719 25.48 -32.64 -20.43
CA ASP M 719 26.20 -33.41 -19.42
C ASP M 719 27.70 -33.15 -19.47
N LEU M 720 28.24 -32.63 -18.37
CA LEU M 720 29.66 -32.27 -18.35
C LEU M 720 30.56 -33.47 -18.51
N ASP M 721 30.25 -34.55 -17.81
CA ASP M 721 31.13 -35.71 -17.84
C ASP M 721 31.23 -36.29 -19.24
N TYR M 722 30.11 -36.37 -19.94
CA TYR M 722 30.12 -37.00 -21.24
C TYR M 722 31.01 -36.28 -22.26
N LEU M 723 30.92 -34.96 -22.32
CA LEU M 723 31.78 -34.24 -23.24
C LEU M 723 33.23 -34.37 -22.82
N LYS M 724 33.48 -34.29 -21.52
CA LYS M 724 34.85 -34.36 -21.03
C LYS M 724 35.43 -35.71 -21.38
N SER M 725 34.62 -36.75 -21.25
CA SER M 725 35.09 -38.08 -21.58
C SER M 725 35.43 -38.15 -23.05
N ASN M 726 34.62 -37.52 -23.89
CA ASN M 726 34.85 -37.62 -25.33
C ASN M 726 36.20 -37.03 -25.75
N ILE M 727 36.55 -35.86 -25.21
CA ILE M 727 37.85 -35.29 -25.54
C ILE M 727 38.96 -36.17 -25.03
N GLU M 728 38.81 -36.66 -23.79
CA GLU M 728 39.87 -37.46 -23.22
C GLU M 728 40.08 -38.72 -24.01
N GLY M 729 38.99 -39.36 -24.42
CA GLY M 729 39.10 -40.60 -25.16
C GLY M 729 39.79 -40.43 -26.49
N GLY M 730 39.43 -39.37 -27.21
CA GLY M 730 40.08 -39.12 -28.47
C GLY M 730 39.19 -38.42 -29.46
N GLU M 731 38.61 -37.29 -29.09
CA GLU M 731 37.70 -36.67 -30.03
C GLU M 731 38.53 -36.23 -31.22
N TYR M 732 38.19 -36.72 -32.41
CA TYR M 732 38.92 -36.39 -33.64
C TYR M 732 40.24 -37.14 -33.72
N TRP M 733 40.53 -37.98 -32.73
CA TRP M 733 41.73 -38.80 -32.78
C TRP M 733 41.17 -40.12 -33.23
N ASP M 734 40.06 -40.53 -32.62
CA ASP M 734 39.39 -41.73 -33.07
C ASP M 734 37.97 -41.35 -33.44
N TRP M 735 37.68 -40.06 -33.40
CA TRP M 735 36.31 -39.62 -33.66
C TRP M 735 36.14 -38.74 -34.89
N PHE M 736 37.10 -38.77 -35.81
CA PHE M 736 37.01 -37.92 -36.99
C PHE M 736 35.90 -38.36 -37.94
N TYR M 737 35.36 -37.44 -38.71
CA TYR M 737 34.32 -37.81 -39.67
C TYR M 737 34.95 -37.88 -41.04
N ALA M 738 34.90 -39.07 -41.64
CA ALA M 738 35.49 -39.25 -42.96
C ALA M 738 34.78 -38.42 -44.02
N SER M 739 33.46 -38.35 -43.95
CA SER M 739 32.71 -37.66 -44.99
C SER M 739 31.62 -36.77 -44.44
N GLN M 740 31.11 -35.87 -45.28
CA GLN M 740 29.99 -35.04 -44.88
C GLN M 740 28.83 -35.97 -44.61
N GLU M 741 28.73 -37.04 -45.39
CA GLU M 741 27.67 -38.01 -45.19
C GLU M 741 27.77 -38.59 -43.79
N ASP M 742 28.98 -38.80 -43.29
CA ASP M 742 29.15 -39.31 -41.93
C ASP M 742 28.56 -38.36 -40.92
N ARG M 743 28.78 -37.05 -41.10
CA ARG M 743 28.16 -36.07 -40.21
C ARG M 743 26.66 -36.12 -40.35
N ASP M 744 26.19 -36.26 -41.58
CA ASP M 744 24.75 -36.36 -41.82
C ASP M 744 24.17 -37.61 -41.17
N THR M 745 24.92 -38.71 -41.20
CA THR M 745 24.46 -39.96 -40.61
C THR M 745 24.82 -39.99 -39.13
N GLN M 746 25.45 -38.92 -38.65
CA GLN M 746 25.78 -38.81 -37.23
C GLN M 746 26.70 -39.91 -36.69
N THR M 747 27.69 -40.32 -37.48
CA THR M 747 28.65 -41.33 -37.02
C THR M 747 30.11 -40.89 -37.16
N ARG M 748 30.92 -41.17 -36.15
CA ARG M 748 32.33 -40.77 -36.18
C ARG M 748 33.23 -41.94 -36.50
N THR M 749 34.14 -41.76 -37.45
CA THR M 749 35.02 -42.84 -37.86
C THR M 749 36.37 -42.79 -37.15
N PRO M 750 36.78 -43.93 -36.59
CA PRO M 750 38.08 -43.99 -35.91
C PRO M 750 39.29 -43.89 -36.82
N ILE M 751 40.32 -43.17 -36.38
CA ILE M 751 41.55 -43.13 -37.16
C ILE M 751 42.71 -43.63 -36.33
N SER M 752 43.45 -44.60 -36.86
CA SER M 752 44.60 -45.13 -36.15
C SER M 752 45.69 -45.48 -37.15
N ASP M 753 46.93 -45.51 -36.67
CA ASP M 753 48.02 -45.90 -37.55
C ASP M 753 48.55 -47.26 -37.13
N GLY M 754 49.64 -47.28 -36.38
CA GLY M 754 50.23 -48.53 -35.95
C GLY M 754 51.13 -49.08 -37.03
N SER M 755 51.22 -48.37 -38.15
CA SER M 755 52.09 -48.80 -39.24
C SER M 755 53.52 -48.74 -38.77
N TYR M 756 53.86 -47.69 -38.03
CA TYR M 756 55.20 -47.53 -37.51
C TYR M 756 55.24 -47.99 -36.07
N GLY M 757 54.15 -48.59 -35.60
CA GLY M 757 54.07 -49.00 -34.21
C GLY M 757 53.61 -47.82 -33.40
N GLU M 758 53.25 -46.74 -34.08
CA GLU M 758 52.78 -45.55 -33.40
C GLU M 758 51.34 -45.33 -33.76
N PRO M 759 50.51 -44.96 -32.79
CA PRO M 759 49.09 -44.69 -33.05
C PRO M 759 49.00 -43.40 -33.83
N TRP M 760 47.83 -43.06 -34.36
CA TRP M 760 47.77 -41.88 -35.22
C TRP M 760 48.44 -40.80 -34.43
N VAL M 761 49.47 -40.20 -35.01
CA VAL M 761 50.24 -39.22 -34.28
C VAL M 761 49.85 -37.82 -34.69
N PHE M 762 48.90 -37.72 -35.60
CA PHE M 762 48.46 -36.43 -36.10
C PHE M 762 47.19 -36.10 -35.37
N ARG M 763 46.93 -36.81 -34.28
CA ARG M 763 45.67 -36.64 -33.58
C ARG M 763 45.46 -35.20 -33.24
N GLN M 764 44.31 -34.68 -33.62
CA GLN M 764 43.97 -33.32 -33.29
C GLN M 764 43.81 -33.25 -31.80
N LYS M 765 43.26 -34.32 -31.22
CA LYS M 765 42.99 -34.33 -29.79
C LYS M 765 44.19 -34.20 -28.88
N ALA M 766 45.29 -34.89 -29.19
CA ALA M 766 46.40 -34.88 -28.23
C ALA M 766 47.09 -33.54 -28.10
N ILE M 767 47.17 -33.04 -26.87
CA ILE M 767 47.91 -31.80 -26.62
C ILE M 767 48.88 -32.10 -25.51
N ARG M 768 48.36 -32.65 -24.41
CA ARG M 768 49.24 -33.03 -23.30
C ARG M 768 50.13 -34.13 -23.82
N ASP M 769 49.57 -35.05 -24.60
CA ASP M 769 50.36 -36.12 -25.20
C ASP M 769 51.36 -35.54 -26.19
N TRP M 770 50.94 -34.54 -26.94
CA TRP M 770 51.81 -33.92 -27.92
C TRP M 770 53.01 -33.32 -27.20
N HIS M 771 52.78 -32.65 -26.09
CA HIS M 771 53.89 -32.14 -25.29
C HIS M 771 54.70 -33.26 -24.68
N ALA M 772 54.02 -34.30 -24.19
CA ALA M 772 54.71 -35.38 -23.49
C ALA M 772 55.72 -36.10 -24.36
N ASN M 773 55.35 -36.37 -25.61
CA ASN M 773 56.27 -37.05 -26.51
C ASN M 773 56.62 -36.15 -27.68
N ALA M 774 57.91 -36.01 -27.95
CA ALA M 774 58.31 -35.22 -29.10
C ALA M 774 57.75 -35.93 -30.32
N HIS M 775 57.21 -35.18 -31.26
CA HIS M 775 56.56 -35.83 -32.38
C HIS M 775 57.40 -35.81 -33.63
N HIS M 776 57.78 -37.00 -34.11
CA HIS M 776 58.62 -37.09 -35.29
C HIS M 776 57.87 -36.75 -36.55
N ASN M 777 58.58 -36.23 -37.55
CA ASN M 777 57.95 -35.88 -38.82
C ASN M 777 57.51 -37.12 -39.59
N ARG M 778 56.53 -36.97 -40.46
CA ARG M 778 56.08 -38.09 -41.26
C ARG M 778 56.02 -37.63 -42.69
N THR M 779 57.17 -37.30 -43.27
CA THR M 779 57.15 -36.73 -44.62
C THR M 779 56.63 -37.66 -45.70
N ALA M 780 55.73 -37.16 -46.52
CA ALA M 780 55.23 -37.94 -47.65
C ALA M 780 54.73 -39.30 -47.20
N GLY M 781 54.03 -39.35 -46.08
CA GLY M 781 53.62 -40.63 -45.54
C GLY M 781 54.73 -41.36 -44.80
N VAL M 782 55.89 -41.51 -45.42
CA VAL M 782 56.97 -42.26 -44.79
C VAL M 782 57.43 -41.59 -43.49
N ARG M 783 57.68 -42.40 -42.47
CA ARG M 783 58.08 -41.84 -41.17
C ARG M 783 59.49 -41.26 -41.15
N ALA M 784 59.67 -40.18 -40.41
CA ALA M 784 60.99 -39.58 -40.31
C ALA M 784 61.44 -39.61 -38.86
N THR M 785 62.67 -40.04 -38.62
CA THR M 785 63.19 -40.13 -37.26
C THR M 785 63.25 -38.77 -36.58
N THR M 786 63.66 -37.75 -37.32
CA THR M 786 63.80 -36.42 -36.72
C THR M 786 62.46 -35.92 -36.24
N SER M 787 62.47 -35.28 -35.08
CA SER M 787 61.22 -34.80 -34.51
C SER M 787 61.19 -33.29 -34.39
N THR M 788 60.14 -32.67 -34.91
CA THR M 788 60.02 -31.23 -34.72
C THR M 788 59.66 -31.13 -33.25
N GLY M 789 60.02 -30.02 -32.60
CA GLY M 789 59.80 -29.97 -31.16
C GLY M 789 60.57 -31.15 -30.60
N TRP M 790 61.85 -31.26 -30.92
CA TRP M 790 62.64 -32.43 -30.51
C TRP M 790 62.67 -32.60 -29.01
N VAL M 791 62.79 -31.52 -28.26
CA VAL M 791 62.71 -31.68 -26.82
C VAL M 791 61.23 -31.77 -26.50
N PRO M 792 60.83 -32.84 -25.79
CA PRO M 792 59.40 -33.01 -25.51
C PRO M 792 58.91 -31.84 -24.68
N GLY M 793 59.73 -31.42 -23.72
CA GLY M 793 59.34 -30.31 -22.86
C GLY M 793 59.65 -29.02 -23.57
N SER M 794 58.80 -28.65 -24.52
CA SER M 794 58.99 -27.41 -25.26
C SER M 794 58.37 -26.27 -24.47
N LYS M 795 58.32 -25.09 -25.07
CA LYS M 795 57.76 -23.95 -24.37
C LYS M 795 56.33 -24.27 -24.02
N PRO M 796 55.89 -23.84 -22.83
CA PRO M 796 54.55 -24.24 -22.39
C PRO M 796 53.43 -23.85 -23.34
N VAL M 797 52.48 -24.76 -23.50
CA VAL M 797 51.36 -24.52 -24.39
C VAL M 797 50.50 -23.38 -23.86
N TRP M 798 49.87 -22.63 -24.75
CA TRP M 798 49.01 -21.55 -24.33
C TRP M 798 47.59 -21.76 -24.81
N PHE M 799 46.61 -21.64 -23.93
CA PHE M 799 45.23 -21.73 -24.37
C PHE M 799 44.82 -20.35 -24.80
N THR M 800 45.32 -19.92 -25.95
CA THR M 800 45.04 -18.57 -26.38
C THR M 800 43.57 -18.31 -26.63
N GLU M 801 42.89 -19.24 -27.28
CA GLU M 801 41.45 -19.08 -27.49
C GLU M 801 40.68 -20.38 -27.39
N TYR M 802 39.53 -20.35 -26.73
CA TYR M 802 38.69 -21.55 -26.65
C TYR M 802 37.26 -21.18 -26.24
N GLY M 803 36.31 -22.09 -26.46
CA GLY M 803 34.95 -21.84 -26.01
C GLY M 803 33.84 -22.28 -26.94
N CYS M 804 32.64 -22.44 -26.39
CA CYS M 804 31.48 -22.85 -27.19
C CYS M 804 30.90 -21.68 -27.97
N PRO M 805 30.17 -21.98 -29.04
CA PRO M 805 29.51 -20.89 -29.77
C PRO M 805 28.34 -20.31 -29.01
N ALA M 806 27.91 -19.11 -29.40
CA ALA M 806 26.80 -18.45 -28.72
C ALA M 806 25.54 -19.28 -28.80
N VAL M 807 25.30 -19.92 -29.94
CA VAL M 807 24.07 -20.70 -30.14
C VAL M 807 24.02 -22.02 -29.39
N ASP M 808 22.83 -22.62 -29.35
CA ASP M 808 22.67 -23.91 -28.68
C ASP M 808 23.43 -24.99 -29.40
N LEU M 809 23.74 -26.07 -28.69
CA LEU M 809 24.53 -27.16 -29.26
C LEU M 809 25.89 -26.60 -29.64
N GLY M 810 26.34 -26.90 -30.85
CA GLY M 810 27.60 -26.37 -31.29
C GLY M 810 28.81 -27.05 -30.70
N ALA M 811 28.60 -28.19 -30.04
CA ALA M 811 29.73 -28.94 -29.55
C ALA M 811 30.53 -29.36 -30.76
N ASN M 812 29.84 -29.75 -31.82
CA ASN M 812 30.50 -30.16 -33.04
C ASN M 812 31.32 -29.04 -33.66
N ARG M 813 30.80 -27.82 -33.67
CA ARG M 813 31.59 -26.70 -34.18
C ARG M 813 31.71 -25.59 -33.15
N PRO M 814 32.85 -25.54 -32.45
CA PRO M 814 33.08 -24.46 -31.47
C PRO M 814 33.80 -23.27 -32.09
N ASN M 815 34.08 -23.34 -33.39
CA ASN M 815 34.79 -22.26 -34.06
C ASN M 815 33.82 -21.30 -34.72
N VAL M 816 32.52 -21.43 -34.41
CA VAL M 816 31.53 -20.59 -35.04
C VAL M 816 31.40 -19.24 -34.39
N PHE M 817 31.70 -18.18 -35.14
CA PHE M 817 31.54 -16.84 -34.62
C PHE M 817 30.75 -16.12 -35.69
N ALA M 818 29.76 -15.31 -35.30
CA ALA M 818 28.89 -14.70 -36.31
C ALA M 818 29.65 -13.79 -37.28
N ALA M 819 29.34 -13.91 -38.57
CA ALA M 819 30.02 -13.12 -39.60
C ALA M 819 29.26 -13.24 -40.91
N ALA M 820 29.87 -12.78 -42.01
CA ALA M 820 29.22 -12.86 -43.32
C ALA M 820 29.62 -14.12 -44.10
N SER M 821 30.47 -13.96 -45.11
CA SER M 821 30.86 -15.09 -45.95
C SER M 821 32.09 -15.85 -45.44
N SER M 822 32.66 -15.43 -44.33
CA SER M 822 33.88 -16.05 -43.79
C SER M 822 33.64 -17.44 -43.19
N SER M 823 34.72 -18.18 -42.96
CA SER M 823 34.59 -19.55 -42.44
C SER M 823 33.92 -19.62 -41.06
N GLU M 824 34.23 -18.68 -40.18
CA GLU M 824 33.65 -18.68 -38.83
C GLU M 824 32.14 -18.51 -38.85
N SER M 825 31.62 -17.77 -39.82
CA SER M 825 30.18 -17.50 -39.86
C SER M 825 29.34 -18.75 -39.92
N ALA M 826 29.80 -19.76 -40.66
CA ALA M 826 28.99 -20.94 -40.83
C ALA M 826 28.64 -21.55 -39.48
N LEU M 827 27.36 -21.88 -39.30
CA LEU M 827 26.90 -22.43 -38.03
C LEU M 827 27.24 -23.91 -37.87
N PRO M 828 27.08 -24.45 -36.65
CA PRO M 828 27.30 -25.90 -36.52
C PRO M 828 26.26 -26.60 -37.36
N TRP M 829 26.55 -27.81 -37.81
CA TRP M 829 25.65 -28.45 -38.77
C TRP M 829 24.20 -28.65 -38.34
N TYR M 830 23.95 -29.07 -37.11
CA TYR M 830 22.55 -29.17 -36.68
C TYR M 830 22.21 -28.34 -35.44
N SER M 831 22.99 -27.30 -35.17
CA SER M 831 22.76 -26.49 -33.97
C SER M 831 21.42 -25.77 -33.94
N SER M 832 20.81 -25.71 -32.75
CA SER M 832 19.53 -25.02 -32.61
C SER M 832 19.67 -23.53 -32.75
N GLY M 833 18.63 -22.89 -33.29
CA GLY M 833 18.66 -21.44 -33.47
C GLY M 833 18.78 -20.68 -32.18
N LEU M 834 18.09 -21.14 -31.14
CA LEU M 834 18.13 -20.46 -29.85
C LEU M 834 19.53 -20.50 -29.29
N ARG M 835 19.99 -19.38 -28.72
CA ARG M 835 21.31 -19.32 -28.13
C ARG M 835 21.37 -20.07 -26.81
N ASP M 836 22.52 -20.66 -26.49
CA ASP M 836 22.65 -21.29 -25.17
C ASP M 836 23.86 -20.86 -24.36
N ASP M 837 23.63 -20.21 -23.23
CA ASP M 837 24.72 -19.86 -22.31
C ASP M 837 25.22 -21.15 -21.69
N PHE M 838 24.32 -22.10 -21.48
CA PHE M 838 24.68 -23.37 -20.88
C PHE M 838 25.69 -24.12 -21.73
N MET M 839 25.58 -24.01 -23.04
CA MET M 839 26.58 -24.64 -23.90
C MET M 839 27.94 -24.05 -23.61
N GLN M 840 28.01 -22.75 -23.38
CA GLN M 840 29.28 -22.14 -23.01
C GLN M 840 29.75 -22.72 -21.68
N ARG M 841 28.82 -22.94 -20.75
CA ARG M 841 29.17 -23.54 -19.47
C ARG M 841 29.71 -24.93 -19.73
N GLN M 842 29.13 -25.63 -20.69
CA GLN M 842 29.57 -26.97 -21.03
C GLN M 842 31.00 -26.96 -21.54
N TYR M 843 31.41 -25.86 -22.16
CA TYR M 843 32.79 -25.76 -22.60
C TYR M 843 33.52 -25.11 -21.45
N LEU M 844 33.92 -23.86 -21.60
CA LEU M 844 34.64 -23.13 -20.54
C LEU M 844 35.09 -23.88 -19.29
N ARG M 845 34.22 -23.97 -18.27
CA ARG M 845 34.63 -24.60 -17.01
C ARG M 845 34.97 -26.08 -17.15
N ALA M 846 34.19 -26.82 -17.91
CA ALA M 846 34.45 -28.23 -18.10
C ALA M 846 35.79 -28.41 -18.81
N MET M 847 36.07 -27.54 -19.77
CA MET M 847 37.33 -27.62 -20.49
C MET M 847 38.48 -27.38 -19.53
N ALA M 848 38.31 -26.43 -18.61
CA ALA M 848 39.35 -26.16 -17.62
C ALA M 848 39.55 -27.38 -16.75
N GLU M 849 38.45 -28.02 -16.35
CA GLU M 849 38.53 -29.22 -15.54
C GLU M 849 39.23 -30.31 -16.32
N TRP M 850 38.94 -30.41 -17.61
CA TRP M 850 39.57 -31.41 -18.45
C TRP M 850 41.06 -31.19 -18.53
N TRP M 851 41.48 -29.94 -18.63
CA TRP M 851 42.91 -29.65 -18.63
C TRP M 851 43.57 -30.01 -17.31
N THR M 852 42.87 -29.77 -16.21
CA THR M 852 43.40 -30.18 -14.92
C THR M 852 43.50 -31.69 -14.94
N ALA M 853 42.51 -32.34 -15.54
CA ALA M 853 42.51 -33.79 -15.66
C ALA M 853 43.71 -34.27 -16.48
N ASN M 854 44.07 -33.49 -17.50
CA ASN M 854 45.23 -33.85 -18.31
C ASN M 854 46.41 -33.92 -17.37
N GLY M 855 47.26 -34.93 -17.54
CA GLY M 855 48.35 -35.12 -16.59
C GLY M 855 49.29 -33.95 -16.50
N ALA M 856 49.64 -33.37 -17.64
CA ALA M 856 50.47 -32.18 -17.60
C ALA M 856 49.62 -31.02 -18.02
N PRO M 857 49.54 -29.99 -17.19
CA PRO M 857 48.81 -28.79 -17.64
C PRO M 857 49.77 -27.95 -18.45
N ALA M 858 50.13 -28.43 -19.63
CA ALA M 858 51.05 -27.71 -20.48
C ALA M 858 50.41 -26.39 -20.87
N VAL M 859 49.10 -26.42 -21.10
CA VAL M 859 48.37 -25.21 -21.48
C VAL M 859 48.45 -24.19 -20.37
N ASP M 860 48.43 -22.91 -20.72
CA ASP M 860 48.59 -21.89 -19.71
C ASP M 860 47.25 -21.72 -19.05
N LEU M 861 47.09 -22.35 -17.90
CA LEU M 861 45.83 -22.29 -17.18
C LEU M 861 45.58 -20.87 -16.76
N ALA M 862 46.62 -20.18 -16.33
CA ALA M 862 46.49 -18.80 -15.91
C ALA M 862 46.03 -17.95 -17.08
N ASN M 863 46.54 -18.25 -18.27
CA ASN M 863 46.21 -17.45 -19.44
C ASN M 863 45.27 -18.16 -20.40
N CYS M 864 44.31 -18.90 -19.84
CA CYS M 864 43.36 -19.61 -20.67
C CYS M 864 42.32 -18.60 -21.09
N GLN M 865 42.60 -17.83 -22.13
CA GLN M 865 41.69 -16.79 -22.54
C GLN M 865 40.58 -17.34 -23.40
N ALA M 866 39.34 -17.04 -23.04
CA ALA M 866 38.19 -17.47 -23.84
C ALA M 866 38.02 -16.51 -25.00
N TRP M 867 37.19 -16.86 -25.96
CA TRP M 867 37.05 -16.02 -27.15
C TRP M 867 36.52 -14.60 -26.98
N ALA M 868 35.51 -14.38 -26.14
CA ALA M 868 34.91 -13.03 -26.09
C ALA M 868 34.63 -12.25 -24.82
N TRP M 869 35.00 -10.97 -24.78
CA TRP M 869 34.63 -10.09 -23.68
C TRP M 869 34.66 -8.72 -24.36
N ASP M 870 33.85 -7.74 -23.97
CA ASP M 870 33.93 -6.45 -24.64
C ASP M 870 33.41 -5.31 -23.79
N ALA M 871 33.66 -4.07 -24.21
CA ALA M 871 33.11 -2.95 -23.47
C ALA M 871 31.84 -2.37 -24.08
N ARG M 872 31.87 -2.04 -25.37
CA ARG M 872 30.70 -1.40 -26.01
C ARG M 872 29.36 -2.14 -26.18
N PRO M 873 29.37 -3.44 -26.59
CA PRO M 873 28.06 -4.07 -26.86
C PRO M 873 27.12 -4.27 -25.69
N PHE M 874 25.82 -4.28 -25.96
CA PHE M 874 24.82 -4.54 -24.91
C PHE M 874 25.08 -3.66 -23.72
N PRO M 875 25.22 -2.34 -23.94
CA PRO M 875 25.61 -1.56 -22.76
C PRO M 875 24.49 -1.12 -21.85
N GLU M 876 23.71 -2.03 -21.31
CA GLU M 876 22.75 -1.61 -20.30
C GLU M 876 23.74 -1.23 -19.24
N PHE M 877 24.74 -2.08 -19.05
CA PHE M 877 25.84 -1.73 -18.17
C PHE M 877 27.11 -2.29 -18.80
N PRO M 878 27.58 -1.68 -19.90
CA PRO M 878 28.83 -2.12 -20.49
C PRO M 878 29.05 -3.63 -20.57
N LEU M 879 28.23 -4.36 -21.31
CA LEU M 879 28.35 -5.82 -21.35
C LEU M 879 28.21 -6.48 -19.98
N ARG M 880 27.11 -6.22 -19.29
CA ARG M 880 26.88 -6.86 -18.01
C ARG M 880 26.85 -8.38 -18.19
N PRO M 881 27.46 -9.12 -17.25
CA PRO M 881 27.57 -10.58 -17.42
C PRO M 881 26.29 -11.41 -17.33
N ALA M 882 25.45 -11.21 -16.32
CA ALA M 882 24.29 -12.11 -16.18
C ALA M 882 23.16 -11.77 -17.13
N THR M 883 23.41 -11.91 -18.43
CA THR M 883 22.38 -11.67 -19.43
C THR M 883 22.69 -12.67 -20.54
N TRP M 884 21.69 -13.12 -21.28
CA TRP M 884 21.96 -14.13 -22.29
C TRP M 884 22.88 -13.57 -23.36
N SER M 885 22.59 -12.37 -23.84
CA SER M 885 23.39 -11.76 -24.90
C SER M 885 23.07 -10.30 -25.12
N ASP M 886 22.25 -10.04 -26.14
CA ASP M 886 21.92 -8.66 -26.50
C ASP M 886 21.15 -7.84 -25.49
N GLY M 887 21.51 -6.56 -25.35
CA GLY M 887 20.78 -5.67 -24.47
C GLY M 887 20.40 -4.46 -25.27
N PRO M 888 20.78 -3.26 -24.82
CA PRO M 888 20.53 -2.08 -25.65
C PRO M 888 21.70 -1.88 -26.58
N ASP M 889 22.02 -2.88 -27.38
CA ASP M 889 23.15 -2.81 -28.30
C ASP M 889 22.62 -2.42 -29.64
N TRP M 890 21.35 -2.07 -29.70
CA TRP M 890 20.74 -1.82 -31.00
C TRP M 890 21.38 -0.69 -31.79
N ARG M 891 21.80 0.37 -31.11
CA ARG M 891 22.47 1.44 -31.84
C ARG M 891 23.73 0.90 -32.49
N LEU M 892 24.56 0.16 -31.75
CA LEU M 892 25.74 -0.47 -32.34
C LEU M 892 25.47 -1.65 -33.28
N GLY M 893 24.57 -2.54 -32.89
CA GLY M 893 24.28 -3.73 -33.68
C GLY M 893 25.17 -4.88 -33.25
N HIS M 894 24.67 -5.76 -32.38
CA HIS M 894 25.51 -6.86 -31.85
C HIS M 894 24.79 -8.18 -31.59
N TRP M 895 25.51 -9.30 -31.66
CA TRP M 895 24.90 -10.60 -31.39
C TRP M 895 25.85 -11.57 -30.66
N LEU M 896 26.22 -11.34 -29.40
CA LEU M 896 27.12 -12.33 -28.77
C LEU M 896 26.80 -12.85 -27.37
N ASN M 897 26.52 -14.14 -27.25
CA ASN M 897 26.31 -14.77 -25.94
C ASN M 897 27.59 -14.82 -25.13
N GLY M 898 28.72 -15.07 -25.79
CA GLY M 898 29.96 -15.29 -25.07
C GLY M 898 30.53 -14.23 -24.16
N ARG M 899 30.46 -12.97 -24.54
CA ARG M 899 31.06 -11.93 -23.71
C ARG M 899 30.40 -11.89 -22.34
N ALA M 900 29.08 -11.99 -22.30
CA ALA M 900 28.38 -12.03 -21.02
C ALA M 900 28.60 -13.38 -20.33
N GLY M 901 28.74 -13.38 -19.01
CA GLY M 901 28.90 -14.64 -18.30
C GLY M 901 27.76 -15.01 -17.37
N ALA M 902 27.11 -16.14 -17.64
CA ALA M 902 25.97 -16.58 -16.85
C ALA M 902 26.28 -17.20 -15.49
N ALA M 903 25.30 -17.20 -14.59
CA ALA M 903 25.49 -17.81 -13.27
C ALA M 903 24.59 -19.03 -13.10
N PRO M 904 25.20 -20.21 -12.81
CA PRO M 904 24.37 -21.41 -12.71
C PRO M 904 23.51 -21.45 -11.46
N ALA M 905 22.21 -21.63 -11.64
CA ALA M 905 21.30 -21.70 -10.50
C ALA M 905 21.43 -22.90 -9.58
N ALA M 906 21.62 -24.09 -10.15
CA ALA M 906 21.64 -25.30 -9.32
C ALA M 906 22.74 -25.37 -8.27
N GLU M 907 23.95 -24.98 -8.65
CA GLU M 907 25.06 -25.01 -7.71
C GLU M 907 24.79 -24.06 -6.57
N ALA M 908 24.24 -22.89 -6.89
CA ALA M 908 23.98 -21.90 -5.87
C ALA M 908 23.00 -22.45 -4.85
N ILE M 909 22.01 -23.19 -5.33
CA ILE M 909 21.02 -23.73 -4.43
C ILE M 909 21.68 -24.66 -3.43
N THR M 910 22.61 -25.50 -3.88
CA THR M 910 23.21 -26.46 -2.97
C THR M 910 24.00 -25.83 -1.83
N ARG M 911 24.83 -24.83 -2.14
CA ARG M 911 25.57 -24.15 -1.08
C ARG M 911 24.63 -23.39 -0.17
N ARG M 912 23.59 -22.79 -0.74
CA ARG M 912 22.64 -22.03 0.05
C ARG M 912 22.02 -22.96 1.06
N ALA M 913 21.71 -24.17 0.62
CA ALA M 913 21.07 -25.11 1.51
C ALA M 913 21.98 -25.38 2.68
N ILE M 914 23.26 -25.57 2.42
CA ILE M 914 24.17 -25.92 3.50
C ILE M 914 24.25 -24.83 4.55
N THR M 915 24.35 -23.58 4.14
CA THR M 915 24.54 -22.52 5.13
C THR M 915 23.30 -21.72 5.48
N ARG M 916 22.63 -21.17 4.47
CA ARG M 916 21.46 -20.34 4.73
C ARG M 916 20.34 -21.13 5.35
N HIS M 917 20.12 -22.34 4.85
CA HIS M 917 19.03 -23.15 5.36
C HIS M 917 19.52 -24.15 6.39
N GLY M 918 20.81 -24.09 6.70
CA GLY M 918 21.35 -24.96 7.72
C GLY M 918 21.26 -26.44 7.45
N LEU M 919 21.27 -26.82 6.17
CA LEU M 919 21.28 -28.23 5.84
C LEU M 919 22.62 -28.75 6.34
N ILE M 920 22.65 -29.94 6.91
CA ILE M 920 23.90 -30.42 7.50
C ILE M 920 24.82 -31.08 6.49
N SER M 921 25.24 -30.34 5.47
CA SER M 921 26.20 -30.87 4.49
C SER M 921 25.78 -32.19 3.87
N ALA M 922 24.49 -32.37 3.60
CA ALA M 922 24.03 -33.57 2.95
C ALA M 922 24.54 -33.56 1.52
N ASP M 923 24.91 -34.72 0.99
CA ASP M 923 25.34 -34.75 -0.39
C ASP M 923 24.15 -34.37 -1.26
N ILE M 924 24.37 -33.47 -2.20
CA ILE M 924 23.31 -33.10 -3.12
C ILE M 924 23.81 -33.34 -4.53
N ASP M 925 23.04 -34.05 -5.34
CA ASP M 925 23.44 -34.25 -6.72
C ASP M 925 22.53 -33.43 -7.59
N THR M 926 23.13 -32.51 -8.34
CA THR M 926 22.34 -31.64 -9.21
C THR M 926 22.61 -31.93 -10.66
N SER M 927 23.20 -33.09 -10.95
CA SER M 927 23.58 -33.36 -12.33
C SER M 927 22.37 -33.37 -13.25
N ARG M 928 21.28 -34.00 -12.84
CA ARG M 928 20.07 -34.00 -13.65
C ARG M 928 19.56 -32.59 -13.79
N ALA M 929 19.62 -31.83 -12.70
CA ALA M 929 19.11 -30.47 -12.73
C ALA M 929 19.87 -29.60 -13.71
N TYR M 930 19.15 -28.76 -14.44
CA TYR M 930 19.78 -27.88 -15.43
C TYR M 930 19.14 -26.51 -15.46
N GLY M 931 19.82 -25.54 -16.05
CA GLY M 931 19.25 -24.21 -16.18
C GLY M 931 20.02 -23.08 -15.53
N GLN M 932 19.72 -21.86 -15.96
CA GLN M 932 20.43 -20.70 -15.45
C GLN M 932 19.45 -19.66 -14.96
N ALA M 933 19.75 -19.03 -13.83
CA ALA M 933 18.90 -17.95 -13.36
C ALA M 933 19.76 -16.71 -13.33
N ASP M 934 19.31 -15.62 -13.94
CA ASP M 934 20.12 -14.42 -13.99
C ASP M 934 20.34 -13.94 -12.58
N GLY M 935 19.29 -13.92 -11.76
CA GLY M 935 19.45 -13.54 -10.37
C GLY M 935 18.34 -14.01 -9.46
N TYR M 936 18.63 -14.15 -8.18
CA TYR M 936 17.58 -14.49 -7.22
C TYR M 936 17.80 -13.81 -5.89
N ALA M 937 16.74 -13.39 -5.23
CA ALA M 937 16.87 -12.81 -3.90
C ALA M 937 15.92 -13.56 -2.97
N ALA M 938 16.41 -14.03 -1.83
CA ALA M 938 15.51 -14.65 -0.87
C ALA M 938 15.45 -13.81 0.39
N PRO M 939 14.32 -13.13 0.62
CA PRO M 939 14.25 -12.24 1.78
C PRO M 939 14.41 -13.01 3.07
N ALA M 940 13.74 -14.15 3.19
CA ALA M 940 13.92 -14.98 4.37
C ALA M 940 14.29 -16.38 3.91
N PRO M 941 15.40 -16.91 4.44
CA PRO M 941 15.68 -18.29 4.06
C PRO M 941 14.75 -19.22 4.79
N LEU M 942 14.02 -20.03 4.03
CA LEU M 942 13.09 -20.96 4.62
C LEU M 942 13.62 -22.34 4.38
N GLY M 943 12.73 -23.28 4.15
CA GLY M 943 13.18 -24.61 3.80
C GLY M 943 13.88 -24.52 2.47
N LEU M 944 14.89 -25.36 2.25
CA LEU M 944 15.64 -25.30 1.01
C LEU M 944 14.72 -25.58 -0.16
N GLY M 945 13.79 -26.52 0.03
CA GLY M 945 12.85 -26.84 -1.03
C GLY M 945 11.98 -25.64 -1.35
N ASP M 946 11.51 -24.93 -0.34
CA ASP M 946 10.71 -23.74 -0.56
C ASP M 946 11.51 -22.67 -1.27
N TYR M 947 12.77 -22.51 -0.88
CA TYR M 947 13.64 -21.54 -1.51
C TYR M 947 13.82 -21.90 -2.97
N ALA M 948 13.94 -23.19 -3.25
CA ALA M 948 14.16 -23.64 -4.61
C ALA M 948 12.87 -23.93 -5.37
N GLN M 949 11.73 -23.75 -4.73
CA GLN M 949 10.46 -24.02 -5.39
C GLN M 949 10.20 -23.13 -6.61
N PRO M 950 10.50 -21.82 -6.51
CA PRO M 950 10.36 -21.02 -7.73
C PRO M 950 11.35 -21.51 -8.78
N PHE M 951 12.55 -21.88 -8.36
CA PHE M 951 13.56 -22.36 -9.29
C PHE M 951 13.04 -23.60 -9.97
N GLU M 952 12.36 -24.46 -9.23
CA GLU M 952 11.92 -25.71 -9.80
C GLU M 952 10.98 -25.51 -10.97
N VAL M 953 10.01 -24.60 -10.85
CA VAL M 953 9.18 -24.35 -12.02
C VAL M 953 9.91 -23.71 -13.18
N ALA M 954 10.70 -22.66 -12.91
CA ALA M 954 11.36 -21.95 -14.00
C ALA M 954 12.40 -22.77 -14.71
N LEU M 955 13.28 -23.40 -13.94
CA LEU M 955 14.30 -24.27 -14.53
C LEU M 955 13.65 -25.50 -15.10
N GLY M 956 12.60 -26.00 -14.45
CA GLY M 956 11.98 -27.22 -14.88
C GLY M 956 12.61 -28.41 -14.21
N LEU M 957 12.58 -28.43 -12.87
CA LEU M 957 13.15 -29.55 -12.12
C LEU M 957 12.25 -30.08 -11.03
N GLN M 958 12.46 -31.33 -10.64
CA GLN M 958 11.70 -31.90 -9.53
C GLN M 958 12.68 -32.27 -8.44
N THR M 959 12.45 -31.78 -7.22
CA THR M 959 13.36 -32.07 -6.13
C THR M 959 13.10 -33.47 -5.62
N THR M 960 14.15 -34.27 -5.53
CA THR M 960 14.00 -35.63 -5.06
C THR M 960 15.16 -35.97 -4.11
N GLU M 961 14.93 -36.83 -3.13
CA GLU M 961 16.02 -37.27 -2.25
C GLU M 961 16.05 -38.78 -2.14
N THR M 962 17.22 -39.38 -2.36
CA THR M 962 17.35 -40.83 -2.20
C THR M 962 18.49 -41.19 -1.26
N GLY M 963 18.19 -41.99 -0.24
CA GLY M 963 19.22 -42.44 0.68
C GLY M 963 20.01 -41.34 1.38
N GLY M 964 19.33 -40.25 1.73
CA GLY M 964 19.99 -39.16 2.43
C GLY M 964 20.75 -38.23 1.52
N ALA M 965 20.68 -38.47 0.22
CA ALA M 965 21.35 -37.60 -0.73
C ALA M 965 20.30 -37.04 -1.66
N LEU M 966 20.32 -35.73 -1.88
CA LEU M 966 19.27 -35.14 -2.68
C LEU M 966 19.61 -35.24 -4.15
N VAL M 967 18.81 -35.99 -4.88
CA VAL M 967 19.02 -36.13 -6.30
C VAL M 967 18.04 -35.19 -6.97
N ILE M 968 18.50 -34.08 -7.51
CA ILE M 968 17.53 -33.16 -8.07
C ILE M 968 17.39 -33.56 -9.51
N GLU M 969 16.22 -34.09 -9.85
CA GLU M 969 16.02 -34.58 -11.20
C GLU M 969 15.19 -33.58 -11.95
N ALA M 970 15.73 -33.04 -13.02
CA ALA M 970 15.00 -32.05 -13.78
C ALA M 970 13.80 -32.70 -14.45
N LYS M 971 12.71 -31.95 -14.55
CA LYS M 971 11.52 -32.47 -15.19
C LYS M 971 11.90 -32.74 -16.63
N PRO M 972 11.50 -33.90 -17.17
CA PRO M 972 11.92 -34.27 -18.51
C PRO M 972 13.41 -34.13 -18.81
N ALA M 973 14.25 -34.53 -17.86
CA ALA M 973 15.69 -34.53 -18.11
C ALA M 973 16.01 -35.94 -18.53
N ALA M 974 14.99 -36.80 -18.54
CA ALA M 974 15.20 -38.20 -18.86
C ALA M 974 16.29 -38.87 -18.03
N PRO M 975 16.25 -38.69 -16.69
CA PRO M 975 17.38 -39.24 -15.92
C PRO M 975 17.52 -40.74 -16.05
N LEU M 976 16.43 -41.51 -15.96
CA LEU M 976 16.50 -42.94 -16.17
C LEU M 976 15.17 -43.43 -16.73
N ALA M 977 15.19 -44.49 -17.54
CA ALA M 977 13.96 -45.04 -18.06
C ALA M 977 13.78 -46.49 -17.65
N ALA M 978 12.60 -46.83 -17.13
CA ALA M 978 12.33 -48.20 -16.73
C ALA M 978 11.16 -48.75 -17.53
N ASP M 979 11.30 -49.95 -18.06
CA ASP M 979 10.24 -50.51 -18.90
C ASP M 979 9.54 -51.67 -18.23
N VAL M 980 8.22 -51.60 -18.14
CA VAL M 980 7.45 -52.67 -17.50
C VAL M 980 6.27 -53.06 -18.37
N ILE M 981 5.80 -54.30 -18.23
CA ILE M 981 4.71 -54.78 -19.06
C ILE M 981 3.45 -55.00 -18.23
N GLU M 982 2.32 -54.50 -18.71
CA GLU M 982 1.07 -54.65 -17.99
C GLU M 982 0.67 -56.11 -17.85
N ALA M 983 0.89 -56.90 -18.90
CA ALA M 983 0.57 -58.32 -18.84
C ALA M 983 1.40 -58.95 -17.75
N ASP M 984 2.66 -58.54 -17.63
CA ASP M 984 3.52 -59.08 -16.58
C ASP M 984 3.00 -58.75 -15.20
N LEU M 985 2.43 -57.56 -15.02
CA LEU M 985 1.99 -57.16 -13.70
C LEU M 985 0.57 -57.67 -13.46
N VAL M 986 0.44 -58.74 -12.69
CA VAL M 986 -0.88 -59.31 -12.41
C VAL M 986 -1.25 -59.16 -10.94
N ASP M 987 -0.60 -58.23 -10.26
CA ASP M 987 -0.85 -58.06 -8.83
C ASP M 987 -2.31 -57.73 -8.55
N THR M 988 -2.88 -56.85 -9.36
CA THR M 988 -4.28 -56.47 -9.16
C THR M 988 -5.06 -56.61 -10.46
N PRO M 989 -6.37 -56.86 -10.35
CA PRO M 989 -7.18 -56.91 -11.58
C PRO M 989 -7.17 -55.56 -12.29
N ALA M 990 -7.27 -54.47 -11.54
CA ALA M 990 -7.26 -53.14 -12.14
C ALA M 990 -5.86 -52.59 -12.34
N ILE M 991 -5.07 -53.20 -13.21
CA ILE M 991 -3.74 -52.66 -13.51
C ILE M 991 -3.84 -51.70 -14.68
N TYR M 992 -4.97 -51.69 -15.37
CA TYR M 992 -5.14 -50.82 -16.53
C TYR M 992 -5.99 -49.62 -16.17
N THR M 993 -6.20 -49.39 -14.88
CA THR M 993 -6.94 -48.21 -14.48
C THR M 993 -6.16 -47.01 -14.96
N LEU M 994 -6.86 -46.06 -15.58
CA LEU M 994 -6.19 -44.88 -16.10
C LEU M 994 -6.69 -43.67 -15.37
N THR M 995 -5.77 -42.88 -14.82
CA THR M 995 -6.19 -41.64 -14.18
C THR M 995 -6.27 -40.60 -15.27
N ARG M 996 -7.24 -40.75 -16.16
CA ARG M 996 -7.32 -39.84 -17.29
C ARG M 996 -7.59 -38.41 -16.86
N GLY M 997 -6.91 -37.46 -17.50
CA GLY M 997 -7.11 -36.06 -17.17
C GLY M 997 -8.37 -35.42 -17.72
N ALA M 998 -8.97 -34.53 -16.94
CA ALA M 998 -10.14 -33.81 -17.42
C ALA M 998 -9.80 -32.92 -18.61
N LEU M 999 -8.65 -32.26 -18.56
CA LEU M 999 -8.23 -31.34 -19.63
C LEU M 999 -9.22 -30.20 -19.79
N GLU M 1000 -9.88 -29.82 -18.71
CA GLU M 1000 -10.86 -28.75 -18.77
C GLU M 1000 -10.24 -27.40 -18.44
N ASP M 1001 -8.98 -27.39 -18.02
CA ASP M 1001 -8.37 -26.13 -17.60
C ASP M 1001 -6.99 -25.85 -18.18
N THR M 1002 -6.93 -25.51 -19.47
CA THR M 1002 -5.66 -25.16 -20.07
C THR M 1002 -5.65 -23.70 -20.48
N PRO M 1003 -4.65 -22.96 -20.03
CA PRO M 1003 -4.66 -21.52 -20.35
C PRO M 1003 -4.28 -21.24 -21.78
N ALA M 1004 -5.14 -20.54 -22.51
CA ALA M 1004 -4.76 -20.14 -23.86
C ALA M 1004 -3.60 -19.19 -23.69
N ALA M 1005 -3.72 -18.32 -22.70
CA ALA M 1005 -2.65 -17.36 -22.43
C ALA M 1005 -2.16 -17.57 -21.02
N ALA M 1006 -0.85 -17.63 -20.84
CA ALA M 1006 -0.29 -17.80 -19.52
C ALA M 1006 0.79 -16.77 -19.29
N ILE M 1007 0.38 -15.52 -19.07
CA ILE M 1007 1.36 -14.46 -18.90
C ILE M 1007 2.19 -14.68 -17.65
N VAL M 1008 3.49 -14.45 -17.77
CA VAL M 1008 4.36 -14.65 -16.63
C VAL M 1008 5.04 -13.32 -16.34
N ARG M 1009 4.94 -12.87 -15.09
CA ARG M 1009 5.62 -11.64 -14.74
C ARG M 1009 6.95 -12.01 -14.16
N PHE M 1010 8.01 -11.76 -14.91
CA PHE M 1010 9.34 -12.13 -14.46
C PHE M 1010 10.27 -10.95 -14.65
N ARG M 1011 11.22 -10.79 -13.75
CA ARG M 1011 12.19 -9.72 -13.93
C ARG M 1011 13.00 -10.02 -15.17
N ASP M 1012 13.24 -9.01 -16.00
CA ASP M 1012 14.03 -9.22 -17.20
C ASP M 1012 15.36 -8.55 -17.04
N GLY M 1013 16.44 -9.32 -17.13
CA GLY M 1013 17.76 -8.77 -16.93
C GLY M 1013 18.15 -7.72 -17.94
N LEU M 1014 17.85 -7.97 -19.21
CA LEU M 1014 18.20 -7.02 -20.25
C LEU M 1014 17.46 -5.72 -20.06
N SER M 1015 16.19 -5.80 -19.67
CA SER M 1015 15.39 -4.60 -19.47
C SER M 1015 15.59 -4.04 -18.07
N ASP M 1016 16.82 -3.64 -17.75
CA ASP M 1016 17.11 -3.02 -16.44
C ASP M 1016 16.71 -3.87 -15.25
N TYR M 1017 16.82 -5.19 -15.36
CA TYR M 1017 16.52 -6.06 -14.23
C TYR M 1017 15.17 -5.75 -13.63
N GLU M 1018 14.15 -5.59 -14.47
CA GLU M 1018 12.82 -5.20 -13.97
C GLU M 1018 11.72 -6.13 -14.45
N ILE M 1019 10.68 -6.29 -13.63
CA ILE M 1019 9.61 -7.24 -13.97
C ILE M 1019 8.87 -6.90 -15.25
N THR M 1020 8.63 -7.90 -16.09
CA THR M 1020 7.90 -7.71 -17.33
C THR M 1020 7.02 -8.92 -17.56
N ALA M 1021 5.97 -8.79 -18.36
CA ALA M 1021 5.05 -9.90 -18.56
C ALA M 1021 5.17 -10.53 -19.94
N ALA M 1022 5.35 -11.85 -20.00
CA ALA M 1022 5.41 -12.55 -21.28
C ALA M 1022 4.37 -13.64 -21.28
N ARG M 1023 3.54 -13.72 -22.32
CA ARG M 1023 2.45 -14.69 -22.29
C ARG M 1023 2.69 -15.94 -23.10
N ALA M 1024 2.60 -17.08 -22.45
CA ALA M 1024 2.75 -18.34 -23.16
C ALA M 1024 1.57 -18.55 -24.07
N ARG M 1025 1.82 -19.12 -25.24
CA ARG M 1025 0.73 -19.36 -26.18
C ARG M 1025 0.43 -20.84 -26.29
N ILE M 1026 -0.82 -21.21 -26.04
CA ILE M 1026 -1.20 -22.62 -26.11
C ILE M 1026 -1.20 -23.12 -27.55
N GLY M 1027 -0.85 -24.38 -27.74
CA GLY M 1027 -0.85 -24.95 -29.08
C GLY M 1027 -2.24 -25.09 -29.65
N ALA M 1028 -2.40 -24.77 -30.93
CA ALA M 1028 -3.69 -24.92 -31.60
C ALA M 1028 -4.84 -24.19 -30.92
N GLY M 1029 -6.00 -24.86 -30.83
CA GLY M 1029 -7.18 -24.23 -30.25
C GLY M 1029 -7.77 -24.78 -28.97
N LYS M 1030 -7.07 -25.68 -28.29
CA LYS M 1030 -7.68 -26.30 -27.11
C LYS M 1030 -7.35 -25.54 -25.84
N GLU M 1031 -8.36 -24.98 -25.20
CA GLU M 1031 -8.14 -24.22 -23.98
C GLU M 1031 -9.29 -24.29 -22.99
N GLY M 1032 -8.99 -24.11 -21.71
CA GLY M 1032 -10.03 -24.09 -20.70
C GLY M 1032 -9.83 -22.89 -19.79
N GLY M 1033 -10.11 -21.69 -20.29
CA GLY M 1033 -9.87 -20.49 -19.50
C GLY M 1033 -8.42 -20.07 -19.61
N SER M 1034 -8.02 -19.07 -18.85
CA SER M 1034 -6.61 -18.66 -18.84
C SER M 1034 -6.05 -18.47 -17.43
N ALA M 1035 -4.82 -18.94 -17.20
CA ALA M 1035 -4.18 -18.75 -15.90
C ALA M 1035 -2.80 -18.13 -16.05
N THR M 1036 -2.50 -17.11 -15.25
CA THR M 1036 -1.21 -16.42 -15.36
C THR M 1036 -0.39 -16.54 -14.09
N ALA M 1037 0.90 -16.86 -14.22
CA ALA M 1037 1.75 -17.06 -13.03
C ALA M 1037 2.95 -16.14 -12.91
N ASP M 1038 3.10 -15.46 -11.77
CA ASP M 1038 4.25 -14.58 -11.54
C ASP M 1038 5.53 -15.37 -11.30
N LEU M 1039 6.68 -14.84 -11.72
CA LEU M 1039 7.95 -15.51 -11.47
C LEU M 1039 8.96 -14.64 -10.73
N ALA M 1040 9.47 -15.11 -9.59
CA ALA M 1040 10.48 -14.38 -8.84
C ALA M 1040 11.79 -14.28 -9.58
N LEU M 1041 12.16 -15.33 -10.28
CA LEU M 1041 13.46 -15.36 -10.94
C LEU M 1041 13.69 -14.29 -11.99
N VAL M 1042 14.88 -13.71 -12.00
CA VAL M 1042 15.20 -12.77 -13.05
C VAL M 1042 15.61 -13.63 -14.21
N LEU M 1043 15.01 -13.40 -15.38
CA LEU M 1043 15.32 -14.22 -16.53
C LEU M 1043 15.56 -13.34 -17.74
N ASP M 1044 16.38 -13.82 -18.66
CA ASP M 1044 16.65 -13.07 -19.88
C ASP M 1044 15.47 -13.12 -20.82
N GLY M 1045 15.44 -12.22 -21.81
CA GLY M 1045 14.35 -12.19 -22.76
C GLY M 1045 14.25 -13.47 -23.54
N ASP M 1046 15.39 -14.06 -23.90
CA ASP M 1046 15.38 -15.32 -24.61
C ASP M 1046 14.73 -16.39 -23.75
N ARG M 1047 15.08 -16.42 -22.47
CA ARG M 1047 14.44 -17.37 -21.57
C ARG M 1047 12.97 -17.05 -21.44
N GLY M 1048 12.66 -15.76 -21.40
CA GLY M 1048 11.27 -15.35 -21.26
C GLY M 1048 10.44 -15.79 -22.43
N ASN M 1049 9.23 -16.27 -22.16
CA ASN M 1049 8.31 -16.72 -23.21
C ASN M 1049 8.69 -18.08 -23.74
N ALA M 1050 9.73 -18.68 -23.17
CA ALA M 1050 10.09 -20.03 -23.57
C ALA M 1050 9.69 -20.98 -22.46
N ALA M 1051 10.05 -20.62 -21.23
CA ALA M 1051 9.76 -21.48 -20.09
C ALA M 1051 8.27 -21.64 -19.89
N ALA M 1052 7.54 -20.54 -20.02
CA ALA M 1052 6.10 -20.58 -19.83
C ALA M 1052 5.48 -21.47 -20.89
N GLU M 1053 5.95 -21.34 -22.12
CA GLU M 1053 5.42 -22.16 -23.20
C GLU M 1053 5.71 -23.64 -22.95
N MET M 1054 6.89 -23.93 -22.43
CA MET M 1054 7.25 -25.32 -22.13
C MET M 1054 6.29 -25.85 -21.10
N VAL M 1055 5.97 -25.03 -20.10
CA VAL M 1055 5.10 -25.48 -19.04
C VAL M 1055 3.72 -25.85 -19.58
N LEU M 1056 3.21 -25.07 -20.53
CA LEU M 1056 1.91 -25.36 -21.08
C LEU M 1056 1.93 -26.70 -21.77
N ARG M 1057 2.97 -26.94 -22.56
CA ARG M 1057 3.06 -28.19 -23.30
C ARG M 1057 3.20 -29.39 -22.39
N ALA M 1058 4.01 -29.26 -21.35
CA ALA M 1058 4.25 -30.38 -20.45
C ALA M 1058 2.95 -30.78 -19.77
N ALA M 1059 2.16 -29.79 -19.38
CA ALA M 1059 0.90 -30.07 -18.71
C ALA M 1059 -0.08 -30.82 -19.59
N LEU M 1060 -0.11 -30.50 -20.87
CA LEU M 1060 -1.02 -31.20 -21.77
C LEU M 1060 -0.67 -32.67 -21.80
N THR M 1061 0.63 -32.99 -21.86
CA THR M 1061 1.05 -34.37 -21.80
C THR M 1061 0.70 -34.97 -20.45
N SER M 1062 0.85 -34.18 -19.40
CA SER M 1062 0.62 -34.67 -18.04
C SER M 1062 -0.79 -35.14 -17.73
N ARG M 1063 -1.81 -34.51 -18.31
CA ARG M 1063 -3.17 -34.86 -17.92
C ARG M 1063 -3.50 -36.33 -18.12
N GLU M 1064 -3.12 -36.92 -19.24
CA GLU M 1064 -3.34 -38.36 -19.39
C GLU M 1064 -2.49 -39.07 -18.36
N SER M 1065 -3.07 -40.01 -17.62
CA SER M 1065 -2.32 -40.67 -16.55
C SER M 1065 -2.76 -42.11 -16.30
N LEU M 1066 -1.94 -42.88 -15.59
CA LEU M 1066 -2.26 -44.29 -15.31
C LEU M 1066 -2.02 -44.64 -13.85
N SER M 1067 -2.67 -45.70 -13.36
CA SER M 1067 -2.47 -46.14 -11.97
C SER M 1067 -2.19 -47.63 -11.86
N VAL M 1068 -0.99 -48.05 -12.25
CA VAL M 1068 -0.61 -49.47 -12.19
C VAL M 1068 -0.19 -49.96 -10.81
N THR M 1069 -0.21 -51.27 -10.58
CA THR M 1069 0.24 -51.83 -9.31
C THR M 1069 1.52 -52.61 -9.55
N LEU M 1070 2.53 -52.42 -8.70
CA LEU M 1070 3.84 -53.04 -8.91
C LEU M 1070 4.18 -54.13 -7.90
N PRO M 1071 4.89 -55.17 -8.36
CA PRO M 1071 5.34 -56.23 -7.44
C PRO M 1071 6.49 -55.80 -6.53
N ARG M 1072 6.65 -56.49 -5.41
CA ARG M 1072 7.75 -56.20 -4.48
C ARG M 1072 9.08 -56.46 -5.15
N SER M 1073 9.14 -57.47 -6.01
CA SER M 1073 10.40 -57.83 -6.66
C SER M 1073 10.95 -56.66 -7.45
N ALA M 1074 10.06 -55.88 -8.07
CA ALA M 1074 10.51 -54.73 -8.83
C ALA M 1074 10.74 -53.55 -7.90
N THR M 1075 11.94 -53.49 -7.31
CA THR M 1075 12.29 -52.39 -6.41
C THR M 1075 12.97 -51.27 -7.18
N THR M 1076 13.18 -51.47 -8.47
CA THR M 1076 13.90 -50.48 -9.27
C THR M 1076 13.20 -49.13 -9.33
N LEU M 1077 11.88 -49.15 -9.44
CA LEU M 1077 11.15 -47.90 -9.57
C LEU M 1077 11.28 -47.01 -8.36
N ARG M 1078 11.47 -45.72 -8.59
CA ARG M 1078 11.58 -44.77 -7.50
C ARG M 1078 10.63 -43.64 -7.82
N PRO M 1079 10.11 -42.96 -6.80
CA PRO M 1079 9.23 -41.86 -7.19
C PRO M 1079 9.98 -40.82 -7.99
N GLY M 1080 9.37 -40.32 -9.05
CA GLY M 1080 10.02 -39.34 -9.90
C GLY M 1080 10.85 -39.95 -11.01
N SER M 1081 10.98 -41.27 -11.03
CA SER M 1081 11.70 -41.92 -12.11
C SER M 1081 10.88 -41.93 -13.39
N LEU M 1082 11.53 -41.71 -14.52
CA LEU M 1082 10.83 -41.79 -15.80
C LEU M 1082 10.53 -43.25 -16.12
N VAL M 1083 9.38 -43.51 -16.72
CA VAL M 1083 9.00 -44.87 -17.04
C VAL M 1083 8.48 -45.00 -18.45
N GLU M 1084 8.57 -46.18 -19.02
CA GLU M 1084 8.01 -46.41 -20.34
C GLU M 1084 7.18 -47.67 -20.23
N VAL M 1085 6.03 -47.56 -19.57
CA VAL M 1085 5.21 -48.75 -19.34
C VAL M 1085 4.38 -49.14 -20.55
N THR M 1086 4.44 -50.41 -20.93
CA THR M 1086 3.59 -50.87 -22.01
C THR M 1086 2.16 -50.83 -21.50
N LEU M 1087 1.23 -50.48 -22.38
CA LEU M 1087 -0.15 -50.36 -21.97
C LEU M 1087 -0.90 -51.64 -22.25
N GLY M 1088 -0.18 -52.68 -22.66
CA GLY M 1088 -0.83 -53.90 -23.05
C GLY M 1088 -1.22 -53.74 -24.50
N THR M 1089 -2.49 -53.42 -24.74
CA THR M 1089 -2.95 -53.27 -26.11
C THR M 1089 -2.23 -52.14 -26.82
N GLU M 1090 -2.04 -51.01 -26.14
CA GLU M 1090 -1.32 -49.89 -26.72
C GLU M 1090 0.19 -49.99 -26.58
N ALA M 1091 0.92 -49.23 -27.37
CA ALA M 1091 2.37 -49.21 -27.28
C ALA M 1091 2.80 -48.49 -26.01
N ARG M 1092 4.03 -48.69 -25.59
CA ARG M 1092 4.47 -48.10 -24.33
C ARG M 1092 4.36 -46.60 -24.34
N ARG M 1093 3.88 -46.04 -23.24
CA ARG M 1093 3.69 -44.61 -23.14
C ARG M 1093 4.66 -44.06 -22.12
N LEU M 1094 5.34 -42.97 -22.46
CA LEU M 1094 6.26 -42.38 -21.53
C LEU M 1094 5.47 -41.93 -20.32
N PHE M 1095 6.00 -42.22 -19.15
CA PHE M 1095 5.29 -41.89 -17.93
C PHE M 1095 6.28 -41.41 -16.91
N LEU M 1096 5.83 -40.71 -15.89
CA LEU M 1096 6.73 -40.33 -14.82
C LEU M 1096 6.11 -40.84 -13.54
N VAL M 1097 6.88 -41.57 -12.74
CA VAL M 1097 6.36 -42.02 -11.47
C VAL M 1097 6.11 -40.79 -10.61
N ASP M 1098 4.95 -40.72 -9.98
CA ASP M 1098 4.72 -39.62 -9.06
C ASP M 1098 4.95 -40.11 -7.65
N ARG M 1099 4.36 -41.25 -7.31
CA ARG M 1099 4.58 -41.84 -5.99
C ARG M 1099 4.47 -43.35 -6.06
N VAL M 1100 5.25 -44.05 -5.26
CA VAL M 1100 5.12 -45.51 -5.20
C VAL M 1100 5.00 -45.95 -3.77
N VAL M 1101 4.12 -46.90 -3.49
CA VAL M 1101 4.05 -47.46 -2.14
C VAL M 1101 5.10 -48.54 -2.10
N ASP M 1102 6.38 -48.17 -2.06
CA ASP M 1102 7.41 -49.18 -2.13
C ASP M 1102 7.30 -50.12 -0.95
N GLY M 1103 7.40 -51.42 -1.20
CA GLY M 1103 7.21 -52.39 -0.13
C GLY M 1103 6.58 -53.61 -0.76
N GLN M 1104 5.86 -54.40 0.02
CA GLN M 1104 5.31 -55.64 -0.53
C GLN M 1104 4.34 -55.34 -1.67
N ALA M 1105 3.47 -54.37 -1.49
CA ALA M 1105 2.59 -54.00 -2.58
C ALA M 1105 2.83 -52.56 -2.93
N ARG M 1106 3.10 -52.28 -4.19
CA ARG M 1106 3.40 -50.92 -4.59
C ARG M 1106 2.37 -50.39 -5.55
N GLU M 1107 1.84 -49.21 -5.28
CA GLU M 1107 0.90 -48.62 -6.22
C GLU M 1107 1.62 -47.48 -6.88
N VAL M 1108 1.63 -47.46 -8.20
CA VAL M 1108 2.39 -46.45 -8.90
C VAL M 1108 1.49 -45.45 -9.60
N THR M 1109 1.78 -44.17 -9.42
CA THR M 1109 1.03 -43.15 -10.11
C THR M 1109 1.87 -42.73 -11.29
N LEU M 1110 1.30 -42.79 -12.49
CA LEU M 1110 2.07 -42.50 -13.69
C LEU M 1110 1.52 -41.26 -14.37
N ARG M 1111 2.38 -40.31 -14.68
CA ARG M 1111 1.94 -39.11 -15.37
C ARG M 1111 2.62 -38.99 -16.72
N GLY M 1112 1.85 -38.82 -17.78
CA GLY M 1112 2.45 -38.77 -19.11
C GLY M 1112 3.37 -37.58 -19.24
N PHE M 1113 4.55 -37.78 -19.82
CA PHE M 1113 5.47 -36.67 -20.03
C PHE M 1113 6.26 -36.80 -21.32
N ASP M 1114 6.62 -35.67 -21.91
CA ASP M 1114 7.39 -35.70 -23.15
C ASP M 1114 8.67 -34.90 -23.06
N ARG M 1115 9.79 -35.50 -23.44
CA ARG M 1115 11.06 -34.77 -23.47
C ARG M 1115 10.97 -33.69 -24.52
N ALA M 1116 10.33 -34.02 -25.64
CA ALA M 1116 10.17 -33.04 -26.71
C ALA M 1116 9.36 -31.85 -26.25
N ALA M 1117 8.34 -32.10 -25.43
CA ALA M 1117 7.51 -31.00 -24.94
C ALA M 1117 8.39 -30.07 -24.13
N TYR M 1118 9.31 -30.62 -23.36
CA TYR M 1118 10.23 -29.79 -22.59
C TYR M 1118 11.21 -28.97 -23.43
N ALA M 1119 11.53 -29.42 -24.65
CA ALA M 1119 12.52 -28.71 -25.44
C ALA M 1119 12.06 -27.27 -25.65
N PRO M 1120 12.96 -26.30 -25.45
CA PRO M 1120 12.57 -24.89 -25.52
C PRO M 1120 12.37 -24.22 -26.87
N SER M 1121 11.36 -23.35 -26.97
CA SER M 1121 11.16 -22.57 -28.19
C SER M 1121 12.32 -21.63 -28.39
N GLY M 1122 12.85 -21.09 -27.31
CA GLY M 1122 13.93 -20.10 -27.40
C GLY M 1122 13.45 -18.68 -27.18
N GLY M 1123 12.15 -18.45 -27.14
CA GLY M 1123 11.65 -17.13 -26.81
C GLY M 1123 11.63 -16.08 -27.90
N VAL M 1124 11.12 -14.89 -27.56
CA VAL M 1124 11.10 -13.79 -28.53
C VAL M 1124 12.29 -12.84 -28.40
N PHE M 1125 13.04 -12.95 -27.30
CA PHE M 1125 14.21 -12.08 -27.09
C PHE M 1125 13.86 -10.60 -27.18
N LYS M 1126 12.73 -10.21 -26.60
CA LYS M 1126 12.30 -8.81 -26.67
C LYS M 1126 13.23 -7.87 -25.94
N ALA M 1127 13.56 -6.74 -26.55
CA ALA M 1127 14.41 -5.74 -25.89
C ALA M 1127 14.12 -4.34 -26.44
N ALA M 1128 14.44 -3.30 -25.67
CA ALA M 1128 14.19 -1.93 -26.10
C ALA M 1128 15.42 -1.03 -25.95
N ARG M 1129 15.60 -0.12 -26.90
CA ARG M 1129 16.74 0.80 -26.84
C ARG M 1129 16.62 1.79 -25.69
N ALA M 1130 17.73 2.05 -25.00
CA ALA M 1130 17.70 3.04 -23.92
C ALA M 1130 18.80 4.09 -24.08
N GLY M 1131 18.41 5.36 -24.08
CA GLY M 1131 19.40 6.43 -24.12
C GLY M 1131 19.04 7.51 -23.11
N ARG M 1132 20.02 7.98 -22.35
CA ARG M 1132 19.76 9.03 -21.36
C ARG M 1132 20.95 9.90 -20.97
N LEU M 1133 20.70 11.07 -20.39
CA LEU M 1133 21.77 11.98 -19.91
C LEU M 1133 22.47 12.84 -20.96
N GLN M 1134 23.46 13.62 -20.54
CA GLN M 1134 24.14 14.53 -21.46
C GLN M 1134 25.65 14.54 -21.27
N GLY M 1135 26.38 15.00 -22.28
CA GLY M 1135 27.84 15.04 -22.22
C GLY M 1135 28.39 16.44 -22.24
N SER M 1136 29.55 16.64 -21.62
CA SER M 1136 30.15 17.97 -21.55
C SER M 1136 30.53 18.52 -22.92
N THR M 1137 30.36 19.82 -23.10
CA THR M 1137 30.71 20.46 -24.36
C THR M 1137 31.41 21.77 -24.08
N SER M 1138 32.11 22.33 -25.06
CA SER M 1138 32.72 23.63 -24.85
C SER M 1138 31.86 24.68 -25.54
N SER M 1139 31.32 25.63 -24.77
CA SER M 1139 30.46 26.64 -25.34
C SER M 1139 31.20 27.67 -26.17
N LEU M 1140 30.64 28.05 -27.31
CA LEU M 1140 31.25 29.09 -28.12
C LEU M 1140 30.76 30.43 -27.63
N THR M 1141 31.21 30.84 -26.45
CA THR M 1141 30.77 32.10 -25.86
C THR M 1141 31.30 33.30 -26.64
N ARG M 1142 30.47 34.32 -26.81
CA ARG M 1142 30.88 35.52 -27.54
C ARG M 1142 30.90 36.71 -26.60
N PHE M 1143 32.01 37.44 -26.58
CA PHE M 1143 32.13 38.60 -25.71
C PHE M 1143 31.62 39.85 -26.40
N LEU M 1144 30.30 40.04 -26.39
CA LEU M 1144 29.70 41.20 -27.05
C LEU M 1144 30.03 42.51 -26.39
N ASP M 1145 30.23 43.56 -27.18
CA ASP M 1145 30.41 44.87 -26.61
C ASP M 1145 29.55 45.85 -27.38
N LEU M 1146 28.23 45.67 -27.30
CA LEU M 1146 27.32 46.56 -27.99
C LEU M 1146 27.20 47.91 -27.28
N PRO M 1147 26.89 48.97 -28.02
CA PRO M 1147 26.67 50.25 -27.34
C PRO M 1147 25.49 50.17 -26.40
N LEU M 1148 25.60 50.78 -25.23
CA LEU M 1148 24.53 50.69 -24.25
C LEU M 1148 23.25 51.33 -24.74
N LEU M 1149 22.12 50.74 -24.39
CA LEU M 1149 20.84 51.23 -24.90
C LEU M 1149 19.83 51.43 -23.79
N PRO M 1150 18.77 52.21 -24.06
CA PRO M 1150 17.73 52.40 -23.05
C PRO M 1150 17.00 51.10 -22.74
N GLY M 1151 16.52 50.96 -21.51
CA GLY M 1151 15.88 49.72 -21.11
C GLY M 1151 16.88 48.76 -20.50
N VAL M 1152 18.13 49.22 -20.35
CA VAL M 1152 19.15 48.38 -19.73
C VAL M 1152 19.51 48.96 -18.36
N ASP M 1153 19.37 48.15 -17.31
CA ASP M 1153 19.70 48.61 -15.95
C ASP M 1153 21.20 48.70 -15.68
N ALA M 1154 21.63 49.70 -14.90
CA ALA M 1154 23.04 49.81 -14.51
C ALA M 1154 24.07 49.76 -15.65
N PRO M 1155 23.86 50.53 -16.73
CA PRO M 1155 24.77 50.39 -17.87
C PRO M 1155 26.05 51.20 -17.77
N GLU M 1156 26.99 50.77 -16.94
CA GLU M 1156 28.27 51.46 -16.87
C GLU M 1156 29.39 50.48 -17.15
N TRP M 1157 29.45 49.41 -16.37
CA TRP M 1157 30.51 48.43 -16.51
C TRP M 1157 30.05 47.17 -17.19
N GLU M 1158 28.85 47.19 -17.76
CA GLU M 1158 28.31 45.95 -18.32
C GLU M 1158 29.14 45.33 -19.42
N GLY M 1159 29.37 44.03 -19.32
CA GLY M 1159 30.09 43.31 -20.36
C GLY M 1159 29.19 42.21 -20.82
N PHE M 1160 28.96 42.10 -22.12
CA PHE M 1160 27.99 41.12 -22.60
C PHE M 1160 28.64 39.82 -23.04
N ILE M 1161 28.17 38.70 -22.49
CA ILE M 1161 28.73 37.40 -22.84
C ILE M 1161 27.71 36.33 -23.19
N ALA M 1162 27.03 36.46 -24.31
CA ALA M 1162 26.09 35.41 -24.73
C ALA M 1162 26.87 34.16 -25.07
N ALA M 1163 26.34 32.99 -24.72
CA ALA M 1163 27.08 31.76 -24.93
C ALA M 1163 26.41 30.82 -25.92
N HIS M 1164 27.16 30.36 -26.92
CA HIS M 1164 26.59 29.38 -27.84
C HIS M 1164 26.98 27.99 -27.39
N ALA M 1165 26.08 27.33 -26.69
CA ALA M 1165 26.36 25.96 -26.27
C ALA M 1165 26.24 25.04 -27.47
N GLU M 1166 27.04 23.99 -27.51
CA GLU M 1166 26.92 23.03 -28.59
C GLU M 1166 26.04 21.91 -28.09
N PRO M 1167 24.76 21.92 -28.50
CA PRO M 1167 23.82 20.92 -28.01
C PRO M 1167 23.93 20.67 -26.51
N TRP M 1168 23.96 21.74 -25.72
CA TRP M 1168 24.12 21.59 -24.28
C TRP M 1168 22.92 22.12 -23.54
N PRO M 1169 22.38 21.30 -22.62
CA PRO M 1169 21.25 21.75 -21.82
C PRO M 1169 21.66 22.08 -20.39
N GLY M 1170 21.21 23.22 -19.89
CA GLY M 1170 21.51 23.56 -18.52
C GLY M 1170 22.34 24.80 -18.32
N ALA M 1171 22.60 25.15 -17.06
CA ALA M 1171 23.33 26.37 -16.76
C ALA M 1171 24.76 26.38 -17.28
N MET M 1172 25.19 27.54 -17.77
CA MET M 1172 26.56 27.67 -18.24
C MET M 1172 27.22 28.64 -17.29
N LEU M 1173 28.34 28.26 -16.70
CA LEU M 1173 28.93 29.14 -15.70
C LEU M 1173 30.11 29.91 -16.26
N HIS M 1174 30.03 31.23 -16.21
CA HIS M 1174 31.13 32.04 -16.69
C HIS M 1174 31.80 32.68 -15.50
N SER M 1175 33.08 32.40 -15.32
CA SER M 1175 33.80 32.92 -14.17
C SER M 1175 34.95 33.78 -14.63
N ARG M 1176 35.11 34.96 -14.03
CA ARG M 1176 36.15 35.86 -14.48
C ARG M 1176 37.33 35.88 -13.51
N GLY M 1177 38.51 35.57 -14.01
CA GLY M 1177 39.69 35.63 -13.17
C GLY M 1177 40.74 36.55 -13.76
N SER M 1178 41.22 37.49 -12.95
CA SER M 1178 42.24 38.41 -13.42
C SER M 1178 43.50 37.64 -13.77
N THR M 1179 43.82 36.65 -12.96
CA THR M 1179 45.03 35.87 -13.18
C THR M 1179 45.04 35.13 -14.50
N PRO M 1180 46.20 35.12 -15.17
CA PRO M 1180 46.33 34.38 -16.43
C PRO M 1180 46.11 32.90 -16.21
N GLU M 1181 46.63 32.37 -15.11
CA GLU M 1181 46.53 30.94 -14.85
C GLU M 1181 45.08 30.50 -14.74
N GLY M 1182 44.25 31.29 -14.09
CA GLY M 1182 42.83 30.95 -14.04
C GLY M 1182 42.17 30.85 -12.68
N SER M 1183 42.48 31.75 -11.76
CA SER M 1183 41.76 31.75 -10.49
C SER M 1183 40.49 32.54 -10.69
N PHE M 1184 39.58 31.99 -11.48
CA PHE M 1184 38.34 32.71 -11.79
C PHE M 1184 37.32 32.79 -10.67
N THR M 1185 36.60 33.89 -10.60
CA THR M 1185 35.54 34.03 -9.59
C THR M 1185 34.25 34.08 -10.38
N LEU M 1186 33.23 33.35 -9.95
CA LEU M 1186 32.02 33.28 -10.76
C LEU M 1186 31.45 34.66 -10.99
N ALA M 1187 31.20 34.98 -12.26
CA ALA M 1187 30.61 36.27 -12.57
C ALA M 1187 29.31 36.15 -13.35
N ALA M 1188 29.05 34.99 -13.95
CA ALA M 1188 27.86 34.87 -14.79
C ALA M 1188 27.25 33.48 -14.92
N GLU M 1189 25.94 33.42 -15.21
CA GLU M 1189 25.29 32.13 -15.46
C GLU M 1189 24.40 32.25 -16.69
N ALA M 1190 24.44 31.27 -17.58
CA ALA M 1190 23.65 31.34 -18.81
C ALA M 1190 22.63 30.21 -18.92
N ASP M 1191 21.39 30.54 -19.23
CA ASP M 1191 20.33 29.52 -19.28
C ASP M 1191 20.49 28.43 -20.33
N ALA M 1192 20.84 28.82 -21.55
CA ALA M 1192 20.91 27.85 -22.65
C ALA M 1192 21.73 28.44 -23.75
N ARG M 1193 21.94 27.68 -24.82
CA ARG M 1193 22.65 28.23 -25.95
C ARG M 1193 21.87 29.43 -26.43
N ALA M 1194 22.54 30.57 -26.58
CA ALA M 1194 21.89 31.77 -27.06
C ALA M 1194 21.75 31.66 -28.56
N THR M 1195 20.84 32.39 -29.16
CA THR M 1195 20.78 32.38 -30.61
C THR M 1195 22.00 33.13 -31.09
N ILE M 1196 22.78 32.52 -31.96
CA ILE M 1196 24.00 33.16 -32.46
C ILE M 1196 24.01 32.98 -33.96
N GLY M 1197 24.72 33.85 -34.66
CA GLY M 1197 24.82 33.74 -36.10
C GLY M 1197 26.22 34.02 -36.60
N ARG M 1198 26.57 33.46 -37.76
CA ARG M 1198 27.87 33.74 -38.34
C ARG M 1198 27.64 34.45 -39.66
N THR M 1199 28.21 35.64 -39.81
CA THR M 1199 28.03 36.40 -41.04
C THR M 1199 28.73 35.73 -42.18
N THR M 1200 28.08 35.66 -43.34
CA THR M 1200 28.73 35.10 -44.52
C THR M 1200 29.03 36.17 -45.56
N ALA M 1201 28.76 37.43 -45.23
CA ALA M 1201 28.94 38.50 -46.23
C ALA M 1201 29.57 39.79 -45.72
N ALA M 1202 30.16 40.56 -46.61
CA ALA M 1202 30.76 41.83 -46.22
C ALA M 1202 29.90 42.97 -46.74
N LEU M 1203 29.52 43.89 -45.86
CA LEU M 1203 28.62 44.97 -46.27
C LEU M 1203 29.16 46.37 -46.04
N PRO M 1204 29.04 47.24 -47.05
CA PRO M 1204 29.45 48.64 -46.87
C PRO M 1204 28.48 49.34 -45.92
N PRO M 1205 28.96 50.36 -45.20
CA PRO M 1205 28.07 50.97 -44.21
C PRO M 1205 26.79 51.56 -44.79
N ALA M 1206 25.67 51.26 -44.16
CA ALA M 1206 24.39 51.79 -44.63
C ALA M 1206 24.20 53.22 -44.14
N PRO M 1207 23.39 54.02 -44.85
CA PRO M 1207 23.11 55.37 -44.37
C PRO M 1207 22.37 55.34 -43.04
N ALA M 1208 22.71 56.24 -42.13
CA ALA M 1208 22.11 56.22 -40.81
C ALA M 1208 20.62 56.53 -40.77
N HIS M 1209 19.84 55.75 -40.01
CA HIS M 1209 18.41 56.01 -39.82
C HIS M 1209 17.47 55.72 -40.98
N VAL M 1210 17.98 55.09 -42.03
CA VAL M 1210 17.12 54.70 -43.14
C VAL M 1210 17.26 53.21 -43.33
N TRP M 1211 16.14 52.52 -43.48
CA TRP M 1211 16.24 51.10 -43.75
C TRP M 1211 16.97 50.95 -45.06
N THR M 1212 17.95 50.07 -45.09
CA THR M 1212 18.68 49.82 -46.33
C THR M 1212 18.63 48.34 -46.61
N PRO M 1213 18.17 47.95 -47.79
CA PRO M 1213 18.04 46.50 -48.01
C PRO M 1213 19.32 45.86 -48.48
N GLY M 1214 20.38 45.93 -47.67
CA GLY M 1214 21.59 45.24 -48.03
C GLY M 1214 21.27 43.77 -47.89
N PRO M 1215 21.76 42.94 -48.82
CA PRO M 1215 21.45 41.53 -48.58
C PRO M 1215 22.50 40.99 -47.64
N LEU M 1216 22.13 40.78 -46.39
CA LEU M 1216 23.09 40.30 -45.42
C LEU M 1216 22.70 38.89 -45.07
N VAL M 1217 23.56 37.94 -45.36
CA VAL M 1217 23.20 36.56 -45.12
C VAL M 1217 23.98 36.04 -43.93
N VAL M 1218 23.27 35.59 -42.91
CA VAL M 1218 23.93 35.12 -41.71
C VAL M 1218 23.54 33.69 -41.41
N THR M 1219 24.52 32.79 -41.36
CA THR M 1219 24.23 31.41 -40.99
C THR M 1219 23.94 31.40 -39.51
N LEU M 1220 23.01 30.58 -39.04
CA LEU M 1220 22.66 30.66 -37.62
C LEU M 1220 23.27 29.54 -36.81
N PHE M 1221 24.14 29.91 -35.87
CA PHE M 1221 24.76 28.91 -35.01
C PHE M 1221 23.70 28.22 -34.18
N SER M 1222 22.78 29.00 -33.63
CA SER M 1222 21.69 28.43 -32.85
C SER M 1222 20.47 29.30 -33.06
N GLY M 1223 19.28 28.70 -32.99
CA GLY M 1223 18.06 29.48 -33.10
C GLY M 1223 17.65 29.81 -34.51
N ALA M 1224 16.52 30.52 -34.67
CA ALA M 1224 16.07 30.94 -35.98
C ALA M 1224 15.68 32.41 -35.98
N LEU M 1225 16.02 33.12 -37.04
CA LEU M 1225 15.64 34.53 -37.14
C LEU M 1225 14.16 34.71 -37.45
N VAL M 1226 13.62 35.88 -37.12
CA VAL M 1226 12.21 36.14 -37.39
C VAL M 1226 12.02 37.36 -38.29
N GLY M 1227 11.22 37.21 -39.34
CA GLY M 1227 10.92 38.35 -40.19
C GLY M 1227 9.72 39.02 -39.58
N ARG M 1228 9.79 40.34 -39.38
CA ARG M 1228 8.70 41.01 -38.69
C ARG M 1228 8.36 42.37 -39.27
N PRO M 1229 7.17 42.91 -38.92
CA PRO M 1229 6.84 44.26 -39.38
C PRO M 1229 7.81 45.29 -38.84
N ASP M 1230 8.09 46.34 -39.62
CA ASP M 1230 9.03 47.37 -39.22
C ASP M 1230 8.63 48.08 -37.94
N LEU M 1231 7.33 48.24 -37.70
CA LEU M 1231 6.86 48.95 -36.53
C LEU M 1231 7.34 48.26 -35.25
N ASP M 1232 7.33 46.93 -35.23
CA ASP M 1232 7.76 46.21 -34.05
C ASP M 1232 9.22 46.52 -33.79
N VAL M 1233 10.02 46.54 -34.85
CA VAL M 1233 11.43 46.85 -34.70
C VAL M 1233 11.64 48.28 -34.22
N LEU M 1234 10.78 49.20 -34.66
CA LEU M 1234 10.92 50.61 -34.27
C LEU M 1234 10.83 50.74 -32.76
N ASP M 1235 9.87 50.06 -32.14
CA ASP M 1235 9.85 50.07 -30.67
C ASP M 1235 11.04 49.33 -30.14
N GLY M 1236 11.45 48.30 -30.86
CA GLY M 1236 12.64 47.55 -30.49
C GLY M 1236 12.36 46.07 -30.46
N ALA M 1237 12.62 45.40 -31.57
CA ALA M 1237 12.39 43.96 -31.64
C ALA M 1237 13.52 43.24 -32.38
N ASN M 1238 13.64 43.48 -33.69
CA ASN M 1238 14.64 42.77 -34.51
C ASN M 1238 16.02 43.43 -34.50
N ALA M 1239 16.75 43.30 -33.41
CA ALA M 1239 18.10 43.86 -33.36
C ALA M 1239 19.15 42.80 -33.11
N LEU M 1240 20.16 42.75 -33.95
CA LEU M 1240 21.22 41.76 -33.80
C LEU M 1240 22.59 42.43 -33.80
N ALA M 1241 23.45 42.06 -32.85
CA ALA M 1241 24.74 42.71 -32.76
C ALA M 1241 25.85 41.91 -33.42
N ILE M 1242 26.36 42.42 -34.53
CA ILE M 1242 27.45 41.75 -35.24
C ILE M 1242 28.79 42.04 -34.58
N GLN M 1243 29.74 41.12 -34.70
CA GLN M 1243 31.06 41.40 -34.18
C GLN M 1243 31.61 42.47 -35.09
N HIS M 1244 32.18 43.51 -34.51
CA HIS M 1244 32.65 44.61 -35.32
C HIS M 1244 33.91 45.21 -34.74
N PRO M 1245 34.68 45.94 -35.56
CA PRO M 1245 35.83 46.61 -34.98
C PRO M 1245 35.33 47.57 -33.92
N ASP M 1246 36.06 47.72 -32.81
CA ASP M 1246 35.61 48.55 -31.70
C ASP M 1246 34.28 48.01 -31.17
N GLY M 1247 33.30 48.88 -31.01
CA GLY M 1247 32.01 48.45 -30.49
C GLY M 1247 31.31 47.48 -31.43
N TRP M 1248 30.64 46.48 -30.86
CA TRP M 1248 29.89 45.57 -31.70
C TRP M 1248 28.79 46.35 -32.35
N GLU M 1249 28.50 46.08 -33.61
CA GLU M 1249 27.52 46.88 -34.32
C GLU M 1249 26.17 46.19 -34.36
N VAL M 1250 25.14 46.86 -33.89
CA VAL M 1250 23.81 46.25 -33.85
C VAL M 1250 22.87 46.93 -34.85
N VAL M 1251 22.22 46.12 -35.69
CA VAL M 1251 21.36 46.69 -36.71
C VAL M 1251 19.90 46.37 -36.43
N GLN M 1252 19.06 47.39 -36.41
CA GLN M 1252 17.64 47.15 -36.25
C GLN M 1252 16.98 46.91 -37.60
N PHE M 1253 17.32 45.80 -38.24
CA PHE M 1253 16.73 45.49 -39.54
C PHE M 1253 15.26 45.17 -39.36
N ARG M 1254 14.42 45.60 -40.31
CA ARG M 1254 13.00 45.35 -40.18
C ARG M 1254 12.69 43.87 -40.22
N GLU M 1255 13.33 43.14 -41.12
CA GLU M 1255 12.99 41.72 -41.26
C GLU M 1255 14.13 40.85 -41.74
N ALA M 1256 14.03 39.55 -41.48
CA ALA M 1256 15.04 38.62 -41.97
C ALA M 1256 14.33 37.54 -42.79
N THR M 1257 14.88 37.22 -43.96
CA THR M 1257 14.22 36.24 -44.83
C THR M 1257 15.07 34.97 -44.99
N LEU M 1258 14.48 33.82 -44.72
CA LEU M 1258 15.26 32.58 -44.77
C LEU M 1258 15.72 32.28 -46.18
N THR M 1259 17.00 31.96 -46.34
CA THR M 1259 17.49 31.56 -47.65
C THR M 1259 17.91 30.11 -47.54
N ALA M 1260 18.23 29.69 -46.31
CA ALA M 1260 18.63 28.31 -46.06
C ALA M 1260 18.29 28.14 -44.60
N ASP M 1261 18.26 26.92 -44.09
CA ASP M 1261 17.82 26.77 -42.73
C ASP M 1261 18.75 27.55 -41.81
N ARG M 1262 20.05 27.39 -42.00
CA ARG M 1262 20.99 28.20 -41.22
C ARG M 1262 20.99 29.66 -41.64
N THR M 1263 20.94 29.93 -42.94
CA THR M 1263 21.07 31.30 -43.40
C THR M 1263 19.81 32.15 -43.46
N TRP M 1264 19.86 33.32 -42.84
CA TRP M 1264 18.73 34.23 -42.88
C TRP M 1264 19.22 35.55 -43.46
N ARG M 1265 18.48 36.10 -44.42
CA ARG M 1265 18.91 37.33 -45.06
C ARG M 1265 18.27 38.54 -44.42
N LEU M 1266 19.06 39.30 -43.67
CA LEU M 1266 18.55 40.50 -43.03
C LEU M 1266 18.29 41.57 -44.06
N GLU M 1267 17.21 42.32 -43.90
CA GLU M 1267 16.85 43.36 -44.86
C GLU M 1267 16.40 44.62 -44.15
N GLY M 1268 16.47 45.77 -44.83
CA GLY M 1268 16.13 47.01 -44.19
C GLY M 1268 16.99 47.31 -43.00
N LEU M 1269 18.30 47.08 -43.12
CA LEU M 1269 19.21 47.30 -42.02
C LEU M 1269 19.16 48.74 -41.57
N LEU M 1270 19.18 48.96 -40.26
CA LEU M 1270 19.12 50.32 -39.73
C LEU M 1270 20.41 50.65 -39.02
N ARG M 1271 20.97 51.81 -39.31
CA ARG M 1271 22.26 52.17 -38.73
C ARG M 1271 22.22 53.51 -38.02
N GLY M 1272 23.18 53.77 -37.15
CA GLY M 1272 23.25 55.04 -36.46
C GLY M 1272 22.47 55.15 -35.16
N GLN M 1273 21.82 54.06 -34.75
CA GLN M 1273 21.11 54.08 -33.49
C GLN M 1273 22.15 53.86 -32.40
N ARG M 1274 22.21 54.78 -31.43
CA ARG M 1274 23.21 54.69 -30.38
C ARG M 1274 24.59 54.55 -31.00
N GLY M 1275 24.86 55.34 -32.05
CA GLY M 1275 26.13 55.25 -32.73
C GLY M 1275 26.44 53.92 -33.37
N THR M 1276 25.41 53.26 -33.87
CA THR M 1276 25.63 52.00 -34.58
C THR M 1276 26.48 52.32 -35.80
N ASP M 1277 26.17 53.42 -36.47
CA ASP M 1277 26.93 53.83 -37.66
C ASP M 1277 28.35 54.22 -37.36
N GLY M 1278 28.63 54.67 -36.14
CA GLY M 1278 29.96 55.17 -35.86
C GLY M 1278 31.06 54.15 -36.07
N ILE M 1279 30.87 52.91 -35.64
CA ILE M 1279 31.87 51.87 -35.93
C ILE M 1279 31.96 51.53 -37.41
N VAL M 1280 30.82 51.47 -38.10
CA VAL M 1280 30.81 51.12 -39.53
C VAL M 1280 31.48 52.11 -40.48
N GLY M 1281 31.38 53.40 -40.21
CA GLY M 1281 31.91 54.35 -41.17
C GLY M 1281 33.39 54.20 -41.44
N PRO M 1282 34.22 54.03 -40.40
CA PRO M 1282 35.63 53.76 -40.71
C PRO M 1282 35.85 52.44 -41.44
N ALA M 1283 35.17 51.38 -41.00
CA ALA M 1283 35.39 50.07 -41.61
C ALA M 1283 34.12 49.36 -42.06
N PRO M 1284 34.09 48.93 -43.33
CA PRO M 1284 32.94 48.15 -43.80
C PRO M 1284 32.89 46.81 -43.09
N LEU M 1285 31.70 46.25 -42.90
CA LEU M 1285 31.60 45.01 -42.14
C LEU M 1285 32.40 43.89 -42.78
N PRO M 1286 33.12 43.10 -41.95
CA PRO M 1286 33.91 41.97 -42.47
C PRO M 1286 33.05 40.82 -42.96
N ALA M 1287 33.60 39.99 -43.83
CA ALA M 1287 32.81 38.89 -44.39
C ALA M 1287 32.34 37.95 -43.31
N GLY M 1288 33.20 37.65 -42.34
CA GLY M 1288 32.79 36.79 -41.23
C GLY M 1288 32.77 37.50 -39.90
N ALA M 1289 31.63 37.44 -39.21
CA ALA M 1289 31.49 38.06 -37.90
C ALA M 1289 30.48 37.28 -37.09
N ALA M 1290 30.52 37.42 -35.76
CA ALA M 1290 29.54 36.74 -34.93
C ALA M 1290 28.37 37.66 -34.62
N VAL M 1291 27.17 37.25 -34.98
CA VAL M 1291 26.00 38.10 -34.78
C VAL M 1291 25.09 37.52 -33.71
N VAL M 1292 24.79 38.30 -32.68
CA VAL M 1292 23.96 37.80 -31.60
C VAL M 1292 22.69 38.62 -31.39
N ALA M 1293 21.54 37.96 -31.35
CA ALA M 1293 20.28 38.64 -31.10
C ALA M 1293 20.19 39.08 -29.66
N ILE M 1294 19.46 40.16 -29.39
CA ILE M 1294 19.27 40.55 -28.01
C ILE M 1294 18.37 39.50 -27.37
N ASP M 1295 18.77 39.00 -26.20
CA ASP M 1295 17.99 37.94 -25.54
C ASP M 1295 18.21 37.87 -24.04
N THR M 1296 17.34 37.15 -23.34
CA THR M 1296 17.51 36.96 -21.90
C THR M 1296 18.80 36.22 -21.62
N ALA M 1297 19.17 35.29 -22.49
CA ALA M 1297 20.38 34.50 -22.29
C ALA M 1297 21.62 35.37 -22.22
N LEU M 1298 21.64 36.46 -22.98
CA LEU M 1298 22.78 37.37 -22.96
C LEU M 1298 22.99 37.86 -21.55
N VAL M 1299 24.25 37.84 -21.08
CA VAL M 1299 24.52 38.22 -19.71
C VAL M 1299 25.44 39.45 -19.65
N ALA M 1300 25.02 40.49 -18.94
CA ALA M 1300 25.82 41.72 -18.91
C ALA M 1300 26.40 42.15 -17.57
N ALA M 1301 25.86 41.65 -16.47
CA ALA M 1301 26.31 42.09 -15.14
C ALA M 1301 27.48 41.32 -14.55
N GLY M 1302 27.74 41.53 -13.26
CA GLY M 1302 28.82 40.82 -12.61
C GLY M 1302 30.17 41.47 -12.77
N LEU M 1303 30.20 42.69 -13.31
CA LEU M 1303 31.46 43.39 -13.51
C LEU M 1303 31.56 44.61 -12.60
N SER M 1304 32.65 44.72 -11.86
CA SER M 1304 32.86 45.91 -11.04
C SER M 1304 33.29 47.04 -11.95
N ALA M 1305 33.19 48.27 -11.47
CA ALA M 1305 33.56 49.43 -12.29
C ALA M 1305 35.02 49.36 -12.68
N ASP M 1306 35.87 48.88 -11.78
CA ASP M 1306 37.30 48.76 -12.07
C ASP M 1306 37.62 47.78 -13.19
N ASP M 1307 36.86 46.71 -13.33
CA ASP M 1307 37.18 45.67 -14.32
C ASP M 1307 37.27 46.09 -15.80
N PRO M 1308 36.36 46.97 -16.27
CA PRO M 1308 36.53 47.36 -17.67
C PRO M 1308 37.85 48.04 -17.94
N GLY M 1309 38.44 47.76 -19.10
CA GLY M 1309 39.74 48.32 -19.43
C GLY M 1309 40.86 47.39 -18.99
N ARG M 1310 40.50 46.30 -18.33
CA ARG M 1310 41.50 45.32 -17.93
C ARG M 1310 41.13 44.02 -18.60
N ALA M 1311 42.10 43.36 -19.23
CA ALA M 1311 41.81 42.13 -19.95
C ALA M 1311 41.82 40.93 -19.01
N LEU M 1312 40.80 40.84 -18.15
CA LEU M 1312 40.72 39.71 -17.24
C LEU M 1312 40.37 38.44 -17.99
N TRP M 1313 41.03 37.34 -17.63
CA TRP M 1313 40.75 36.08 -18.29
C TRP M 1313 39.35 35.63 -17.90
N TRP M 1314 38.58 35.16 -18.87
CA TRP M 1314 37.21 34.79 -18.59
C TRP M 1314 36.95 33.34 -18.89
N ARG M 1315 36.53 32.57 -17.89
CA ARG M 1315 36.17 31.18 -18.15
C ARG M 1315 34.83 31.28 -18.86
N SER M 1316 34.69 30.57 -19.97
CA SER M 1316 33.47 30.68 -20.76
C SER M 1316 32.93 29.33 -21.16
N GLY M 1317 32.35 28.60 -20.20
CA GLY M 1317 31.90 27.26 -20.50
C GLY M 1317 30.80 26.77 -19.58
N PRO M 1318 30.34 25.53 -19.79
CA PRO M 1318 29.32 24.95 -18.91
C PRO M 1318 29.85 24.79 -17.51
N ASP M 1319 28.97 24.67 -16.53
CA ASP M 1319 29.41 24.64 -15.14
C ASP M 1319 30.39 23.50 -14.87
N ALA M 1320 30.13 22.33 -15.44
CA ALA M 1320 31.03 21.20 -15.24
C ALA M 1320 32.40 21.51 -15.82
N ALA M 1321 32.42 22.13 -17.00
CA ALA M 1321 33.69 22.49 -17.62
C ALA M 1321 34.38 23.56 -16.80
N SER M 1322 35.69 23.44 -16.64
CA SER M 1322 36.45 24.43 -15.89
C SER M 1322 37.87 24.51 -16.42
N LEU M 1323 38.55 25.62 -16.15
CA LEU M 1323 39.95 25.76 -16.57
C LEU M 1323 40.11 25.63 -18.07
N ALA M 1324 40.91 24.67 -18.52
CA ALA M 1324 41.07 24.45 -19.95
C ALA M 1324 39.75 24.05 -20.60
N ALA M 1325 38.94 23.24 -19.91
CA ALA M 1325 37.68 22.75 -20.51
C ALA M 1325 36.72 23.87 -20.87
N ALA M 1326 36.61 24.88 -20.02
CA ALA M 1326 35.77 26.02 -20.36
C ALA M 1326 36.73 27.03 -20.90
N PRO M 1327 36.54 27.47 -22.15
CA PRO M 1327 37.58 28.35 -22.71
C PRO M 1327 37.85 29.57 -21.84
N LEU M 1328 39.11 29.82 -21.55
CA LEU M 1328 39.46 30.95 -20.72
C LEU M 1328 40.16 31.97 -21.59
N ARG M 1329 39.56 33.14 -21.74
CA ARG M 1329 40.13 34.14 -22.63
C ARG M 1329 40.27 35.49 -21.95
N PRO M 1330 41.46 36.10 -22.06
CA PRO M 1330 41.53 37.44 -21.47
C PRO M 1330 40.67 38.40 -22.28
N HIS M 1331 39.82 39.16 -21.62
CA HIS M 1331 38.92 40.07 -22.34
C HIS M 1331 38.61 41.35 -21.60
N THR M 1332 38.36 42.42 -22.34
CA THR M 1332 38.03 43.69 -21.72
C THR M 1332 36.78 44.28 -22.36
N PHE M 1333 36.01 45.03 -21.59
CA PHE M 1333 34.80 45.64 -22.12
C PHE M 1333 34.85 47.15 -22.04
N THR M 1334 34.47 47.84 -23.11
CA THR M 1334 34.58 49.29 -23.14
C THR M 1334 33.25 50.01 -23.31
N ALA M 1335 32.18 49.48 -22.73
CA ALA M 1335 30.85 50.08 -22.92
C ALA M 1335 30.76 51.53 -22.42
N ALA M 1336 31.38 51.82 -21.27
CA ALA M 1336 31.39 53.19 -20.79
C ALA M 1336 32.16 54.05 -21.78
N GLY M 1337 33.25 53.54 -22.34
CA GLY M 1337 34.01 54.26 -23.34
C GLY M 1337 33.17 54.47 -24.59
N LEU M 1338 32.23 53.58 -24.85
CA LEU M 1338 31.38 53.65 -26.04
C LEU M 1338 30.40 54.81 -25.95
N ARG M 1339 30.33 55.49 -24.80
CA ARG M 1339 29.39 56.57 -24.61
C ARG M 1339 29.57 57.67 -25.64
N ALA M 1340 28.48 58.35 -26.00
CA ALA M 1340 28.51 59.38 -27.04
C ALA M 1340 28.97 58.79 -28.35
N PHE M 1341 28.53 57.57 -28.63
CA PHE M 1341 28.87 56.90 -29.88
C PHE M 1341 28.39 57.60 -31.14
N PRO M 1342 27.15 58.15 -31.14
CA PRO M 1342 26.81 58.82 -32.39
C PRO M 1342 27.70 60.02 -32.56
N PRO M 1343 28.19 60.25 -33.79
CA PRO M 1343 28.97 61.46 -33.99
C PRO M 1343 28.08 62.66 -33.75
N ALA M 1344 28.63 63.70 -33.14
CA ALA M 1344 27.84 64.87 -32.87
C ALA M 1344 27.39 65.39 -34.21
N HIS M 1345 26.14 65.82 -34.31
CA HIS M 1345 25.63 66.22 -35.60
C HIS M 1345 26.55 67.32 -36.07
N LEU M 1346 27.01 67.22 -37.31
CA LEU M 1346 28.00 68.20 -37.77
C LEU M 1346 27.45 69.17 -38.78
N ARG M 1347 27.61 70.44 -38.51
CA ARG M 1347 27.16 71.46 -39.44
C ARG M 1347 28.32 72.42 -39.64
N ALA M 1348 29.36 71.96 -40.30
CA ALA M 1348 30.51 72.83 -40.53
C ALA M 1348 30.15 73.87 -41.57
N VAL M 1349 30.45 75.13 -41.29
CA VAL M 1349 30.20 76.18 -42.27
C VAL M 1349 31.47 76.93 -42.61
N VAL M 1350 31.88 76.88 -43.87
CA VAL M 1350 33.06 77.63 -44.29
C VAL M 1350 32.75 79.11 -44.26
N THR M 1351 33.68 79.91 -43.78
CA THR M 1351 33.48 81.35 -43.73
C THR M 1351 34.76 82.07 -44.13
N GLY M 1352 34.66 83.35 -44.48
CA GLY M 1352 35.83 84.10 -44.91
C GLY M 1352 36.86 84.15 -43.81
N GLY M 1353 38.14 84.10 -44.17
CA GLY M 1353 39.17 84.03 -43.16
C GLY M 1353 39.28 82.60 -42.70
N GLY M 1354 38.70 81.68 -43.46
CA GLY M 1354 38.74 80.28 -43.11
C GLY M 1354 38.13 80.03 -41.75
N ASP M 1355 37.05 80.75 -41.45
CA ASP M 1355 36.39 80.58 -40.17
C ASP M 1355 35.35 79.48 -40.23
N THR M 1356 35.79 78.24 -40.34
CA THR M 1356 34.81 77.18 -40.48
C THR M 1356 34.32 76.77 -39.11
N SER M 1357 33.04 76.98 -38.87
CA SER M 1357 32.49 76.65 -37.57
C SER M 1357 31.86 75.29 -37.67
N LEU M 1358 32.50 74.31 -37.04
CA LEU M 1358 31.99 72.97 -37.11
C LEU M 1358 31.03 72.77 -35.97
N SER M 1359 29.77 73.08 -36.22
CA SER M 1359 28.76 72.93 -35.18
C SER M 1359 28.64 71.46 -34.85
N TRP M 1360 28.53 71.15 -33.58
CA TRP M 1360 28.47 69.76 -33.17
C TRP M 1360 27.33 69.50 -32.22
N VAL M 1361 26.11 69.42 -32.74
CA VAL M 1361 24.96 69.24 -31.87
C VAL M 1361 25.19 67.93 -31.14
N PRO M 1362 25.04 67.94 -29.81
CA PRO M 1362 25.38 66.72 -29.08
C PRO M 1362 24.51 65.54 -29.44
N ARG M 1363 25.15 64.38 -29.64
CA ARG M 1363 24.40 63.17 -29.92
C ARG M 1363 24.73 62.25 -28.78
N SER M 1364 23.72 61.71 -28.12
CA SER M 1364 23.98 60.89 -26.94
C SER M 1364 23.67 59.42 -27.14
N ARG M 1365 24.67 58.57 -26.91
CA ARG M 1365 24.45 57.13 -27.07
C ARG M 1365 23.46 56.49 -26.11
N LEU M 1366 23.55 56.81 -24.82
CA LEU M 1366 22.69 56.14 -23.86
C LEU M 1366 21.22 56.43 -24.07
N VAL M 1367 20.88 57.71 -24.25
CA VAL M 1367 19.49 58.05 -24.55
C VAL M 1367 19.14 57.54 -25.94
N GLY M 1368 20.10 57.61 -26.86
CA GLY M 1368 19.84 57.24 -28.24
C GLY M 1368 19.77 58.51 -29.05
N THR M 1369 19.52 58.39 -30.36
CA THR M 1369 19.51 59.58 -31.20
C THR M 1369 18.15 60.24 -31.14
N THR M 1370 17.85 60.86 -30.02
CA THR M 1370 16.56 61.51 -29.85
C THR M 1370 16.39 62.74 -30.71
N TRP M 1371 15.22 62.92 -31.27
CA TRP M 1371 14.94 64.09 -32.08
C TRP M 1371 13.95 64.86 -31.27
N PRO M 1372 14.14 66.19 -31.17
CA PRO M 1372 13.20 66.86 -30.28
C PRO M 1372 11.78 66.60 -30.72
N ASP M 1373 10.95 66.15 -29.78
CA ASP M 1373 9.58 65.81 -30.11
C ASP M 1373 8.67 66.38 -29.05
N ASN M 1374 7.57 66.99 -29.46
CA ASN M 1374 6.60 67.53 -28.51
C ASN M 1374 7.27 68.46 -27.52
N GLY M 1375 8.21 69.27 -28.00
CA GLY M 1375 8.88 70.23 -27.14
C GLY M 1375 9.92 69.68 -26.18
N ALA M 1376 10.38 68.45 -26.38
CA ALA M 1376 11.44 67.93 -25.52
C ALA M 1376 12.76 67.78 -26.26
N PRO M 1377 13.78 68.53 -25.81
CA PRO M 1377 15.11 68.47 -26.46
C PRO M 1377 15.92 67.23 -26.10
N ILE M 1378 16.89 66.88 -26.94
CA ILE M 1378 17.73 65.73 -26.66
C ILE M 1378 18.58 65.98 -25.41
N PRO M 1379 18.63 65.00 -24.48
CA PRO M 1379 19.43 65.13 -23.27
C PRO M 1379 20.84 64.57 -23.41
N SER M 1380 21.65 64.70 -22.37
CA SER M 1380 23.02 64.19 -22.40
C SER M 1380 23.11 62.77 -21.85
N GLY M 1381 23.70 62.62 -20.66
CA GLY M 1381 23.88 61.30 -20.08
C GLY M 1381 25.19 60.66 -20.49
N GLU M 1382 25.96 61.34 -21.32
CA GLU M 1382 27.28 60.84 -21.70
C GLU M 1382 28.30 61.67 -20.97
N GLY M 1383 27.86 62.41 -19.95
CA GLY M 1383 28.75 63.31 -19.26
C GLY M 1383 29.26 64.36 -20.21
N LEU M 1384 30.56 64.56 -20.27
CA LEU M 1384 31.11 65.61 -21.11
C LEU M 1384 31.89 65.02 -22.28
N GLU M 1385 31.61 65.49 -23.48
CA GLU M 1385 32.29 64.98 -24.67
C GLU M 1385 32.92 66.07 -25.50
N ARG M 1386 34.20 65.93 -25.85
CA ARG M 1386 34.80 66.91 -26.73
C ARG M 1386 34.80 66.38 -28.15
N TYR M 1387 33.95 66.93 -28.99
CA TYR M 1387 33.87 66.46 -30.36
C TYR M 1387 35.11 66.89 -31.13
N GLN M 1388 35.57 66.06 -32.06
CA GLN M 1388 36.83 66.37 -32.73
C GLN M 1388 36.71 66.58 -34.23
N VAL M 1389 37.57 67.42 -34.78
CA VAL M 1389 37.56 67.67 -36.22
C VAL M 1389 38.79 67.06 -36.86
N THR M 1390 38.59 66.29 -37.91
CA THR M 1390 39.73 65.72 -38.62
C THR M 1390 39.96 66.56 -39.85
N ILE M 1391 41.18 67.07 -40.01
CA ILE M 1391 41.51 67.88 -41.17
C ILE M 1391 41.42 67.02 -42.43
N GLY M 1392 40.78 67.54 -43.46
CA GLY M 1392 40.63 66.79 -44.70
C GLY M 1392 41.90 66.43 -45.46
N PRO M 1393 42.84 67.38 -45.57
CA PRO M 1393 44.10 67.01 -46.23
C PRO M 1393 44.90 65.90 -45.55
N THR M 1394 44.99 65.90 -44.23
CA THR M 1394 45.85 64.92 -43.55
C THR M 1394 45.13 64.06 -42.52
N ALA M 1395 45.46 62.77 -42.48
CA ALA M 1395 44.78 61.86 -41.58
C ALA M 1395 44.97 62.28 -40.13
N ALA M 1396 46.18 62.68 -39.78
CA ALA M 1396 46.40 63.21 -38.45
C ALA M 1396 46.03 64.66 -38.63
N PRO M 1397 45.09 65.16 -37.82
CA PRO M 1397 44.68 66.53 -38.10
C PRO M 1397 45.84 67.50 -37.95
N VAL M 1398 46.03 68.37 -38.94
CA VAL M 1398 47.08 69.38 -38.85
C VAL M 1398 46.72 70.27 -37.68
N ARG M 1399 45.44 70.59 -37.53
CA ARG M 1399 45.02 71.36 -36.39
C ARG M 1399 44.07 70.44 -35.64
N VAL M 1400 44.40 70.16 -34.38
CA VAL M 1400 43.58 69.23 -33.63
C VAL M 1400 42.72 70.00 -32.66
N ILE M 1401 41.42 70.00 -32.88
CA ILE M 1401 40.53 70.67 -31.96
C ILE M 1401 39.48 69.73 -31.42
N LEU M 1402 39.46 69.54 -30.11
CA LEU M 1402 38.42 68.73 -29.51
C LEU M 1402 37.69 69.72 -28.63
N ALA M 1403 36.40 69.90 -28.84
CA ALA M 1403 35.70 70.91 -28.07
C ALA M 1403 34.48 70.40 -27.36
N ASP M 1404 34.39 70.66 -26.06
CA ASP M 1404 33.19 70.29 -25.33
C ASP M 1404 32.05 71.09 -25.91
N THR M 1405 32.31 72.36 -26.22
CA THR M 1405 31.30 73.20 -26.86
C THR M 1405 31.06 72.70 -28.27
N PRO M 1406 29.80 72.72 -28.72
CA PRO M 1406 29.49 72.29 -30.07
C PRO M 1406 30.15 73.15 -31.14
N ALA M 1407 30.15 74.46 -30.96
CA ALA M 1407 30.70 75.34 -31.99
C ALA M 1407 32.22 75.34 -31.96
N ALA M 1408 32.84 75.16 -33.11
CA ALA M 1408 34.30 75.21 -33.19
C ALA M 1408 34.79 76.05 -34.37
N THR M 1409 34.68 77.36 -34.27
CA THR M 1409 35.07 78.21 -35.39
C THR M 1409 36.56 78.12 -35.67
N TYR M 1410 36.92 77.96 -36.94
CA TYR M 1410 38.33 77.89 -37.32
C TYR M 1410 38.93 79.27 -37.53
N THR M 1411 40.25 79.34 -37.63
CA THR M 1411 40.92 80.63 -37.82
C THR M 1411 41.85 80.65 -39.02
N ALA M 1412 42.05 81.83 -39.59
CA ALA M 1412 42.96 81.98 -40.73
C ALA M 1412 44.38 81.63 -40.35
N ALA M 1413 44.78 81.97 -39.13
CA ALA M 1413 46.16 81.75 -38.73
C ALA M 1413 46.59 80.29 -38.78
N GLU M 1414 45.73 79.37 -38.35
CA GLU M 1414 46.08 77.96 -38.46
C GLU M 1414 46.27 77.56 -39.91
N ARG M 1415 45.38 78.02 -40.77
CA ARG M 1415 45.48 77.71 -42.19
C ARG M 1415 46.75 78.30 -42.75
N ALA M 1416 47.10 79.52 -42.34
CA ALA M 1416 48.34 80.12 -42.78
C ALA M 1416 49.57 79.37 -42.30
N ALA M 1417 49.59 78.97 -41.03
CA ALA M 1417 50.75 78.30 -40.47
C ALA M 1417 51.01 76.94 -41.12
N ASP M 1418 49.95 76.16 -41.30
CA ASP M 1418 50.09 74.85 -41.91
C ASP M 1418 49.30 74.83 -43.20
N GLY M 1419 48.69 73.70 -43.52
CA GLY M 1419 47.81 73.67 -44.69
C GLY M 1419 46.44 73.13 -44.34
N ILE M 1420 45.40 73.96 -44.49
CA ILE M 1420 44.03 73.47 -44.26
C ILE M 1420 43.19 73.81 -45.49
N ALA M 1421 42.54 72.80 -46.06
CA ALA M 1421 41.68 73.05 -47.22
C ALA M 1421 40.43 73.83 -46.85
N ALA M 1422 39.97 74.71 -47.74
CA ALA M 1422 38.73 75.44 -47.49
C ALA M 1422 37.47 74.55 -47.39
N PRO M 1423 37.34 73.53 -48.27
CA PRO M 1423 36.19 72.64 -48.11
C PRO M 1423 36.64 71.34 -47.47
N PHE M 1424 37.65 71.39 -46.60
CA PHE M 1424 38.20 70.17 -46.03
C PHE M 1424 37.16 69.29 -45.36
N ARG M 1425 37.24 68.00 -45.61
CA ARG M 1425 36.31 67.08 -44.99
C ARG M 1425 36.62 66.98 -43.52
N VAL M 1426 35.59 66.94 -42.69
CA VAL M 1426 35.82 66.80 -41.26
C VAL M 1426 35.15 65.52 -40.77
N ALA M 1427 35.90 64.71 -40.04
CA ALA M 1427 35.33 63.49 -39.49
C ALA M 1427 35.26 63.66 -37.99
N VAL M 1428 34.09 63.44 -37.42
CA VAL M 1428 33.94 63.64 -36.00
C VAL M 1428 34.50 62.46 -35.24
N SER M 1429 35.40 62.74 -34.29
CA SER M 1429 35.91 61.67 -33.45
C SER M 1429 35.31 62.04 -32.13
N GLN M 1430 34.57 61.13 -31.51
CA GLN M 1430 33.88 61.49 -30.29
C GLN M 1430 34.69 61.33 -29.01
N ILE M 1431 35.76 62.11 -28.87
CA ILE M 1431 36.56 62.03 -27.65
C ILE M 1431 35.72 62.48 -26.46
N SER M 1432 35.81 61.76 -25.36
CA SER M 1432 34.97 62.09 -24.21
C SER M 1432 35.78 62.49 -23.01
N GLU M 1433 35.41 63.59 -22.37
CA GLU M 1433 36.09 64.00 -21.15
C GLU M 1433 35.88 62.93 -20.10
N THR M 1434 34.67 62.41 -20.04
CA THR M 1434 34.36 61.40 -19.03
C THR M 1434 35.19 60.14 -19.20
N THR M 1435 35.35 59.70 -20.44
CA THR M 1435 36.09 58.47 -20.70
C THR M 1435 37.19 58.66 -21.72
N GLY M 1436 37.08 57.95 -22.84
CA GLY M 1436 38.07 58.03 -23.90
C GLY M 1436 37.26 58.22 -25.16
N PRO M 1437 37.94 58.36 -26.31
CA PRO M 1437 37.16 58.63 -27.52
C PRO M 1437 36.11 57.58 -27.77
N GLY M 1438 34.91 58.00 -28.16
CA GLY M 1438 33.80 57.09 -28.34
C GLY M 1438 33.16 57.27 -29.69
N ALA N 2 -26.30 -42.72 -9.35
CA ALA N 2 -27.28 -41.74 -8.94
C ALA N 2 -26.79 -40.93 -7.75
N THR N 3 -26.16 -41.61 -6.79
CA THR N 3 -25.66 -40.92 -5.60
C THR N 3 -24.21 -40.49 -5.77
N VAL N 4 -23.60 -40.83 -6.91
CA VAL N 4 -22.18 -40.52 -7.08
C VAL N 4 -21.88 -39.04 -7.06
N LEU N 5 -20.82 -38.65 -6.34
CA LEU N 5 -20.38 -37.25 -6.27
C LEU N 5 -21.28 -36.29 -5.52
N LEU N 6 -22.52 -36.14 -5.99
CA LEU N 6 -23.43 -35.18 -5.36
C LEU N 6 -23.70 -35.56 -3.93
N ALA N 7 -23.99 -36.85 -3.72
CA ALA N 7 -24.28 -37.31 -2.38
C ALA N 7 -23.09 -38.00 -1.76
N ALA N 8 -22.02 -38.12 -2.53
CA ALA N 8 -20.88 -38.84 -2.02
C ALA N 8 -19.81 -37.84 -1.63
N ALA N 9 -19.11 -37.31 -2.62
CA ALA N 9 -18.09 -36.34 -2.33
C ALA N 9 -18.74 -35.10 -1.73
N GLY N 10 -19.85 -34.67 -2.32
CA GLY N 10 -20.56 -33.51 -1.82
C GLY N 10 -21.12 -33.73 -0.44
N GLY N 11 -21.64 -34.92 -0.20
CA GLY N 11 -22.20 -35.23 1.10
C GLY N 11 -21.11 -35.16 2.15
N ALA N 12 -19.93 -35.65 1.80
CA ALA N 12 -18.83 -35.66 2.75
C ALA N 12 -18.45 -34.24 3.15
N ILE N 13 -18.42 -33.33 2.17
CA ILE N 13 -18.08 -31.95 2.50
C ILE N 13 -19.13 -31.37 3.42
N GLY N 14 -20.39 -31.63 3.14
CA GLY N 14 -21.43 -31.03 3.94
C GLY N 14 -21.37 -31.47 5.38
N THR N 15 -21.16 -32.76 5.60
CA THR N 15 -21.11 -33.27 6.95
C THR N 15 -19.93 -32.71 7.70
N SER N 16 -18.77 -32.68 7.05
CA SER N 16 -17.58 -32.16 7.68
C SER N 16 -17.73 -30.68 7.97
N LEU N 17 -18.31 -29.95 7.02
CA LEU N 17 -18.47 -28.51 7.20
C LEU N 17 -19.37 -28.21 8.38
N GLY N 18 -20.46 -28.95 8.50
CA GLY N 18 -21.38 -28.73 9.60
C GLY N 18 -20.69 -29.00 10.90
N GLY N 19 -19.90 -30.07 10.93
CA GLY N 19 -19.18 -30.40 12.15
C GLY N 19 -18.22 -29.31 12.52
N ALA N 20 -17.49 -28.79 11.53
CA ALA N 20 -16.58 -27.69 11.79
C ALA N 20 -17.25 -26.40 12.23
N LEU N 21 -18.35 -26.04 11.58
CA LEU N 21 -19.02 -24.78 11.90
C LEU N 21 -19.59 -24.74 13.30
N PHE N 22 -20.19 -25.84 13.73
CA PHE N 22 -20.77 -25.90 15.07
C PHE N 22 -19.74 -26.53 15.98
N GLY N 23 -18.54 -26.75 15.47
CA GLY N 23 -17.51 -27.41 16.23
C GLY N 23 -16.84 -26.68 17.35
N ILE N 24 -16.11 -27.44 18.18
CA ILE N 24 -15.42 -26.85 19.31
C ILE N 24 -14.48 -25.77 18.82
N SER N 25 -14.45 -24.63 19.50
CA SER N 25 -13.62 -23.51 19.06
C SER N 25 -12.51 -23.20 20.05
N ALA N 43 -0.29 -21.91 16.39
CA ALA N 43 1.04 -21.74 15.86
C ALA N 43 1.96 -22.78 16.46
N ARG N 44 3.07 -23.09 15.81
CA ARG N 44 4.03 -24.03 16.38
C ARG N 44 4.56 -23.42 17.66
N LEU N 45 4.79 -22.11 17.66
CA LEU N 45 5.24 -21.43 18.87
C LEU N 45 4.16 -21.54 19.95
N SER N 46 2.90 -21.41 19.56
CA SER N 46 1.82 -21.47 20.54
C SER N 46 1.76 -22.82 21.22
N GLY N 47 1.90 -23.90 20.46
CA GLY N 47 1.91 -25.23 21.04
C GLY N 47 0.57 -25.77 21.50
N GLY N 48 -0.10 -25.04 22.38
CA GLY N 48 -1.38 -25.48 22.93
C GLY N 48 -2.45 -25.64 21.88
N GLY N 49 -2.47 -24.76 20.89
CA GLY N 49 -3.53 -24.81 19.90
C GLY N 49 -4.70 -23.97 20.36
N THR N 50 -4.51 -23.22 21.44
CA THR N 50 -5.56 -22.34 21.93
C THR N 50 -5.83 -21.29 20.87
N ILE N 51 -7.09 -20.89 20.73
CA ILE N 51 -7.44 -19.96 19.66
C ILE N 51 -6.68 -18.66 19.82
N LYS N 52 -6.10 -18.17 18.73
CA LYS N 52 -5.29 -16.97 18.80
C LYS N 52 -5.45 -16.07 17.59
N GLN N 53 -5.19 -14.78 17.77
CA GLN N 53 -5.26 -13.87 16.65
C GLN N 53 -3.82 -13.45 16.34
N THR N 54 -3.41 -13.59 15.09
CA THR N 54 -2.05 -13.21 14.71
C THR N 54 -1.90 -11.70 14.89
N GLY N 55 -0.76 -11.26 15.38
CA GLY N 55 -0.60 -9.83 15.66
C GLY N 55 -0.68 -8.95 14.44
N PRO N 56 -1.51 -7.89 14.51
CA PRO N 56 -1.66 -6.95 13.40
C PRO N 56 -0.63 -5.84 13.41
N ARG N 57 -0.43 -5.17 12.28
CA ARG N 57 0.48 -4.03 12.22
C ARG N 57 -0.07 -2.97 13.16
N LEU N 58 -1.39 -2.80 13.16
CA LEU N 58 -2.03 -1.85 14.06
C LEU N 58 -1.58 -0.39 13.93
N ASP N 59 -1.21 0.23 15.03
CA ASP N 59 -0.85 1.65 15.03
C ASP N 59 0.36 2.05 14.17
N SER N 60 1.36 1.19 14.09
CA SER N 60 2.57 1.56 13.36
C SER N 60 2.25 1.91 11.92
N LEU N 61 2.91 2.93 11.38
CA LEU N 61 2.64 3.40 10.01
C LEU N 61 1.21 3.89 9.81
N GLU N 62 0.64 4.49 10.85
CA GLU N 62 -0.71 5.03 10.72
C GLU N 62 -0.74 6.27 9.85
N VAL N 63 -1.78 6.40 9.03
CA VAL N 63 -1.92 7.58 8.19
C VAL N 63 -3.34 8.11 8.31
N MET N 64 -3.49 9.43 8.22
CA MET N 64 -4.83 10.01 8.27
C MET N 64 -5.64 9.57 7.07
N VAL N 65 -6.90 9.24 7.29
CA VAL N 65 -7.75 8.76 6.19
C VAL N 65 -8.96 9.66 5.98
N SER N 66 -9.15 10.12 4.75
CA SER N 66 -10.30 10.96 4.44
C SER N 66 -11.64 10.27 4.62
N GLN N 67 -11.73 8.99 4.23
CA GLN N 67 -12.99 8.26 4.31
C GLN N 67 -13.49 8.07 5.75
N GLU N 68 -14.79 8.21 5.95
CA GLU N 68 -15.37 8.06 7.30
C GLU N 68 -15.94 6.69 7.59
N GLY N 69 -15.81 5.76 6.66
CA GLY N 69 -16.32 4.42 6.86
C GLY N 69 -15.65 3.76 8.04
N THR N 70 -14.34 3.97 8.18
CA THR N 70 -13.60 3.33 9.26
C THR N 70 -14.07 3.76 10.64
N PRO N 71 -14.22 2.79 11.55
CA PRO N 71 -14.60 3.12 12.93
C PRO N 71 -13.47 3.74 13.71
N LEU N 72 -13.79 4.53 14.72
CA LEU N 72 -12.76 5.17 15.54
C LEU N 72 -12.01 4.20 16.44
N ALA N 73 -10.79 4.54 16.82
CA ALA N 73 -9.96 3.64 17.63
C ALA N 73 -10.48 3.29 19.01
N ASP N 74 -11.07 4.26 19.72
CA ASP N 74 -11.62 4.02 21.06
C ASP N 74 -10.59 3.39 21.99
N ILE N 75 -9.38 3.94 22.05
CA ILE N 75 -8.32 3.32 22.86
C ILE N 75 -8.61 3.26 24.36
N SER N 76 -8.20 2.15 24.99
CA SER N 76 -8.39 2.00 26.42
C SER N 76 -7.08 2.15 27.18
N GLY N 77 -6.00 2.50 26.47
CA GLY N 77 -4.71 2.68 27.09
C GLY N 77 -3.92 3.77 26.42
N ARG N 78 -2.63 3.89 26.72
CA ARG N 78 -1.84 4.98 26.17
C ARG N 78 -1.28 4.62 24.81
N VAL N 79 -1.97 4.99 23.74
CA VAL N 79 -1.47 4.75 22.40
C VAL N 79 -1.39 6.03 21.56
N ALA N 80 -0.43 6.10 20.64
CA ALA N 80 -0.38 7.26 19.75
C ALA N 80 -1.12 6.93 18.46
N VAL N 81 -2.13 7.72 18.13
CA VAL N 81 -2.92 7.45 16.95
C VAL N 81 -2.94 8.60 15.97
N ALA N 82 -2.65 8.33 14.69
CA ALA N 82 -2.74 9.37 13.68
C ALA N 82 -4.19 9.81 13.54
N GLY N 83 -5.12 8.86 13.56
CA GLY N 83 -6.53 9.18 13.47
C GLY N 83 -7.03 9.40 12.06
N THR N 84 -8.26 9.85 11.92
CA THR N 84 -8.83 10.12 10.59
C THR N 84 -9.30 11.56 10.53
N VAL N 85 -8.98 12.24 9.42
CA VAL N 85 -9.34 13.65 9.34
C VAL N 85 -10.85 13.76 9.40
N ILE N 86 -11.34 14.65 10.25
CA ILE N 86 -12.77 14.81 10.41
C ILE N 86 -13.13 16.29 10.32
N TRP N 87 -14.16 16.63 9.56
CA TRP N 87 -14.63 18.01 9.51
C TRP N 87 -13.59 19.07 9.23
N ALA N 88 -12.74 18.85 8.24
CA ALA N 88 -11.81 19.91 7.88
C ALA N 88 -12.68 21.06 7.38
N THR N 89 -12.37 22.29 7.79
CA THR N 89 -13.22 23.41 7.38
C THR N 89 -12.81 23.90 6.02
N LYS N 90 -13.07 23.10 5.00
CA LYS N 90 -12.72 23.48 3.64
C LYS N 90 -11.25 23.84 3.58
N LEU N 91 -10.94 24.96 2.96
CA LEU N 91 -9.55 25.42 2.87
C LEU N 91 -9.58 26.92 2.75
N GLU N 92 -8.50 27.60 3.15
CA GLU N 92 -8.46 29.04 2.94
C GLU N 92 -7.54 29.32 1.77
N GLU N 93 -8.12 29.66 0.63
CA GLU N 93 -7.31 29.92 -0.56
C GLU N 93 -6.87 31.37 -0.67
N ILE N 94 -5.91 31.79 0.15
CA ILE N 94 -5.48 33.17 0.13
C ILE N 94 -4.85 33.55 -1.20
N ALA N 95 -3.98 32.71 -1.74
CA ALA N 95 -3.41 32.95 -3.08
C ALA N 95 -3.32 31.65 -3.86
N ARG N 96 -4.15 31.49 -4.88
CA ARG N 96 -4.16 30.23 -5.62
C ARG N 96 -2.84 29.96 -6.33
N THR N 97 -2.26 31.00 -6.91
CA THR N 97 -1.02 30.82 -7.66
C THR N 97 -0.04 31.96 -7.44
N THR N 98 1.24 31.73 -7.71
CA THR N 98 2.25 32.77 -7.56
C THR N 98 3.03 32.91 -8.87
N SER N 99 3.64 34.07 -9.11
CA SER N 99 4.32 34.30 -10.39
C SER N 99 5.75 34.79 -10.25
N THR N 100 6.56 34.62 -11.28
CA THR N 100 7.98 35.02 -11.21
C THR N 100 8.31 36.25 -12.03
N ARG N 101 8.96 37.23 -11.41
CA ARG N 101 9.31 38.48 -12.10
C ARG N 101 10.39 38.33 -13.16
N VAL N 102 10.24 39.03 -14.27
CA VAL N 102 11.29 39.02 -15.29
C VAL N 102 12.05 40.34 -15.20
N GLY N 103 11.76 41.13 -14.17
CA GLY N 103 12.44 42.40 -13.99
C GLY N 103 12.26 43.38 -15.13
N SER N 104 13.36 43.92 -15.62
CA SER N 104 13.30 44.92 -16.69
C SER N 104 12.70 44.39 -17.98
N GLY N 105 13.00 43.16 -18.35
CA GLY N 105 12.52 42.64 -19.62
C GLY N 105 11.02 42.62 -19.73
N LYS N 106 10.33 42.20 -18.68
CA LYS N 106 8.87 42.26 -18.69
C LYS N 106 8.34 43.04 -17.50
N SER N 107 8.10 42.34 -16.39
CA SER N 107 7.61 43.00 -15.19
C SER N 107 8.34 42.52 -13.95
N SER N 108 8.66 43.44 -13.05
CA SER N 108 9.31 43.05 -11.79
C SER N 108 8.27 42.88 -10.69
N GLN N 109 7.00 43.10 -11.02
CA GLN N 109 5.94 43.05 -10.02
C GLN N 109 5.23 41.70 -9.91
N LYS N 110 5.65 40.72 -10.70
CA LYS N 110 5.01 39.40 -10.70
C LYS N 110 5.10 38.63 -9.37
N VAL N 111 6.23 38.75 -8.67
CA VAL N 111 6.42 37.97 -7.44
C VAL N 111 5.43 38.27 -6.32
N LYS N 112 4.98 37.22 -5.62
CA LYS N 112 4.03 37.39 -4.52
C LYS N 112 4.55 36.84 -3.19
N SER N 113 4.44 37.62 -2.13
CA SER N 113 4.92 37.19 -0.82
C SER N 113 3.80 36.72 0.09
N THR N 114 2.61 36.55 -0.46
CA THR N 114 1.45 36.18 0.35
C THR N 114 1.51 34.78 0.94
N ASN N 115 0.80 34.58 2.05
CA ASN N 115 0.80 33.28 2.73
C ASN N 115 0.18 32.17 1.89
N PHE N 116 0.66 30.94 2.09
CA PHE N 116 0.14 29.81 1.32
C PHE N 116 -1.28 29.41 1.70
N ASP N 117 -1.96 28.73 0.78
CA ASP N 117 -3.35 28.36 0.99
C ASP N 117 -3.60 27.14 1.83
N TYR N 118 -4.86 26.74 1.95
CA TYR N 118 -5.23 25.52 2.68
C TYR N 118 -5.17 25.61 4.20
N ALA N 119 -5.09 26.83 4.74
CA ALA N 119 -5.14 26.94 6.20
C ALA N 119 -6.54 26.52 6.54
N ALA N 120 -6.69 25.59 7.48
CA ALA N 120 -8.02 25.06 7.78
C ALA N 120 -8.09 24.47 9.15
N SER N 121 -9.30 24.21 9.62
CA SER N 121 -9.45 23.56 10.90
C SER N 121 -9.49 22.08 10.65
N PHE N 122 -8.41 21.38 10.96
CA PHE N 122 -8.40 19.95 10.79
C PHE N 122 -8.82 19.36 12.11
N ALA N 123 -10.10 19.01 12.23
CA ALA N 123 -10.58 18.43 13.45
C ALA N 123 -10.45 16.92 13.45
N VAL N 124 -9.22 16.41 13.44
CA VAL N 124 -9.02 14.98 13.39
C VAL N 124 -9.58 14.39 14.66
N SER N 125 -10.35 13.31 14.53
CA SER N 125 -10.86 12.66 15.72
C SER N 125 -10.14 11.34 15.91
N LEU N 126 -9.36 11.25 16.98
CA LEU N 126 -8.63 10.02 17.24
C LEU N 126 -9.52 8.84 17.60
N GLY N 127 -10.48 9.08 18.49
CA GLY N 127 -11.35 8.00 18.92
C GLY N 127 -12.61 8.49 19.61
N GLU N 128 -13.62 7.63 19.72
CA GLU N 128 -14.82 8.01 20.46
C GLU N 128 -14.61 7.80 21.95
N GLY N 129 -15.40 8.48 22.78
CA GLY N 129 -15.30 8.33 24.21
C GLY N 129 -14.40 9.34 24.88
N PRO N 130 -14.51 9.46 26.22
CA PRO N 130 -13.69 10.44 26.96
C PRO N 130 -12.21 10.09 26.88
N LEU N 131 -11.36 11.10 26.75
CA LEU N 131 -9.92 10.87 26.63
C LEU N 131 -9.11 11.84 27.48
N ASN N 132 -7.89 11.45 27.81
CA ASN N 132 -7.04 12.29 28.66
C ASN N 132 -5.58 12.10 28.28
N GLY N 133 -4.68 12.87 28.87
CA GLY N 133 -3.26 12.72 28.60
C GLY N 133 -2.77 12.98 27.19
N ILE N 134 -3.30 14.02 26.55
CA ILE N 134 -2.85 14.39 25.22
C ILE N 134 -1.46 15.00 25.29
N GLY N 135 -0.49 14.42 24.58
CA GLY N 135 0.86 14.92 24.61
C GLY N 135 1.71 14.43 23.46
N ARG N 136 2.89 15.00 23.26
CA ARG N 136 3.81 14.49 22.23
C ARG N 136 3.20 14.34 20.84
N ILE N 137 2.56 15.39 20.35
CA ILE N 137 1.89 15.31 19.05
C ILE N 137 2.63 16.07 17.94
N PHE N 138 2.84 15.43 16.78
CA PHE N 138 3.44 16.13 15.64
C PHE N 138 3.16 15.42 14.32
N LEU N 139 3.01 16.19 13.25
CA LEU N 139 2.81 15.60 11.93
C LEU N 139 4.01 14.82 11.43
N ASP N 140 5.20 15.38 11.61
CA ASP N 140 6.41 14.73 11.13
C ASP N 140 7.49 14.74 12.20
N GLY N 141 7.29 13.98 13.25
CA GLY N 141 8.26 13.92 14.32
C GLY N 141 7.56 13.71 15.63
N GLN N 142 8.32 13.65 16.72
CA GLN N 142 7.71 13.51 18.03
C GLN N 142 6.88 14.72 18.48
N VAL N 143 7.38 15.95 18.29
CA VAL N 143 6.67 17.14 18.80
C VAL N 143 7.02 18.46 18.13
N ARG N 144 6.16 19.47 18.29
CA ARG N 144 6.44 20.81 17.77
C ARG N 144 6.68 21.63 19.03
N ASP N 145 7.42 22.73 18.94
CA ASP N 145 7.72 23.45 20.17
C ASP N 145 6.48 24.08 20.79
N LEU N 146 6.20 23.75 22.05
CA LEU N 146 5.06 24.34 22.77
C LEU N 146 5.26 25.82 23.05
N SER N 147 6.47 26.19 23.45
CA SER N 147 6.73 27.59 23.75
C SER N 147 6.52 28.37 22.48
N GLU N 148 7.02 27.83 21.38
CA GLU N 148 6.83 28.47 20.09
C GLU N 148 5.36 28.51 19.68
N MET N 149 4.64 27.41 19.89
CA MET N 149 3.27 27.38 19.43
C MET N 149 2.19 27.16 20.47
N ILE N 150 1.27 28.10 20.57
CA ILE N 150 0.13 27.93 21.47
C ILE N 150 -0.97 27.56 20.52
N SER N 151 -0.60 27.30 19.26
CA SER N 151 -1.56 26.95 18.23
C SER N 151 -2.61 28.01 18.00
N GLU N 152 -3.87 27.60 17.98
CA GLU N 152 -4.96 28.54 17.72
C GLU N 152 -5.55 28.99 19.03
N ASN N 153 -6.73 28.49 19.35
CA ASN N 153 -7.35 28.83 20.61
C ASN N 153 -6.76 27.90 21.64
N ARG N 154 -5.50 28.14 22.00
CA ARG N 154 -4.83 27.32 23.02
C ARG N 154 -4.90 25.82 22.75
N VAL N 155 -4.54 25.40 21.53
CA VAL N 155 -4.51 23.96 21.20
C VAL N 155 -5.83 23.29 21.51
N ARG N 156 -6.93 23.81 20.98
CA ARG N 156 -8.24 23.26 21.32
C ARG N 156 -8.40 21.79 21.01
N PHE N 157 -8.93 21.04 21.98
CA PHE N 157 -9.16 19.61 21.78
C PHE N 157 -10.38 19.29 22.63
N TYR N 158 -11.19 18.32 22.22
CA TYR N 158 -12.32 17.94 23.04
C TYR N 158 -12.10 16.54 23.56
N PRO N 159 -12.13 16.37 24.89
CA PRO N 159 -11.81 15.05 25.44
C PRO N 159 -12.78 13.95 25.06
N GLY N 160 -14.09 14.19 25.13
CA GLY N 160 -15.04 13.19 24.73
C GLY N 160 -16.30 13.32 25.56
N THR N 161 -16.87 14.51 25.63
CA THR N 161 -18.01 14.69 26.51
C THR N 161 -19.24 14.14 25.84
N GLU N 162 -19.83 13.12 26.45
CA GLU N 162 -20.99 12.48 25.88
C GLU N 162 -22.16 13.42 25.80
N ASP N 163 -22.33 14.25 26.82
CA ASP N 163 -23.49 15.12 26.85
C ASP N 163 -23.54 16.07 25.68
N GLN N 164 -22.43 16.75 25.38
CA GLN N 164 -22.37 17.64 24.22
C GLN N 164 -20.96 18.04 23.89
N GLU N 165 -20.70 18.43 22.66
CA GLU N 165 -19.39 18.97 22.33
C GLU N 165 -19.62 20.31 21.67
N PRO N 166 -19.06 21.38 22.23
CA PRO N 166 -19.19 22.71 21.65
C PRO N 166 -18.38 22.87 20.39
N ASP N 167 -18.71 23.86 19.58
CA ASP N 167 -17.99 24.05 18.32
C ASP N 167 -17.03 25.22 18.36
N PRO N 168 -15.74 24.95 18.16
CA PRO N 168 -14.77 26.06 18.08
C PRO N 168 -14.67 26.60 16.66
N LEU N 169 -15.73 27.21 16.16
CA LEU N 169 -15.72 27.81 14.82
C LEU N 169 -15.49 26.83 13.70
N ILE N 170 -15.85 25.57 13.89
CA ILE N 170 -15.75 24.62 12.79
C ILE N 170 -17.17 24.23 12.47
N GLU N 171 -17.89 23.68 13.43
CA GLU N 171 -19.30 23.43 13.21
C GLU N 171 -19.92 24.80 13.19
N ALA N 172 -19.43 25.70 14.05
CA ALA N 172 -20.03 27.03 14.19
C ALA N 172 -20.03 27.93 12.95
N ILE N 173 -18.97 27.89 12.15
CA ILE N 173 -18.98 28.67 10.90
C ILE N 173 -20.11 28.15 10.03
N GLU N 174 -20.41 26.86 10.13
CA GLU N 174 -21.47 26.28 9.33
C GLU N 174 -22.81 26.33 10.07
N GLY N 175 -22.87 27.07 11.16
CA GLY N 175 -24.10 27.15 11.93
C GLY N 175 -24.29 26.05 12.94
N ALA N 176 -23.20 25.39 13.34
CA ALA N 176 -23.27 24.31 14.34
C ALA N 176 -24.20 23.21 13.88
N ALA N 177 -24.13 22.87 12.60
CA ALA N 177 -25.01 21.84 12.05
C ALA N 177 -24.85 20.44 12.65
N PRO N 178 -23.61 20.00 12.94
CA PRO N 178 -23.53 18.69 13.59
C PRO N 178 -22.70 18.72 14.86
N ALA N 179 -23.26 19.20 15.97
CA ALA N 179 -22.51 19.17 17.20
C ALA N 179 -22.21 17.73 17.55
N PHE N 180 -20.95 17.46 17.91
CA PHE N 180 -20.56 16.10 18.23
C PHE N 180 -20.83 15.71 19.66
N ARG N 181 -20.83 14.42 19.95
CA ARG N 181 -20.98 13.99 21.34
C ARG N 181 -20.11 12.79 21.61
N GLY N 182 -19.49 12.76 22.79
CA GLY N 182 -18.67 11.61 23.16
C GLY N 182 -17.60 11.31 22.15
N THR N 183 -16.99 12.34 21.59
CA THR N 183 -15.97 12.15 20.59
C THR N 183 -14.71 12.92 20.96
N ALA N 184 -13.57 12.28 20.85
CA ALA N 184 -12.33 12.99 21.12
C ALA N 184 -11.80 13.54 19.82
N TYR N 185 -11.95 14.83 19.60
CA TYR N 185 -11.40 15.44 18.40
C TYR N 185 -10.53 16.64 18.71
N LEU N 186 -9.35 16.68 18.11
CA LEU N 186 -8.45 17.80 18.33
C LEU N 186 -8.66 18.76 17.20
N VAL N 187 -8.96 20.01 17.53
CA VAL N 187 -9.24 20.97 16.49
C VAL N 187 -8.05 21.87 16.30
N PHE N 188 -7.47 21.82 15.10
CA PHE N 188 -6.34 22.69 14.81
C PHE N 188 -6.77 23.63 13.73
N GLU N 189 -6.85 24.92 14.00
CA GLU N 189 -7.38 25.86 13.02
C GLU N 189 -6.48 26.99 12.57
N ARG N 190 -6.40 27.22 11.26
CA ARG N 190 -5.63 28.35 10.72
C ARG N 190 -4.19 28.37 11.17
N LEU N 191 -3.59 27.19 11.29
CA LEU N 191 -2.20 27.12 11.70
C LEU N 191 -1.32 26.52 10.62
N PHE N 192 -1.74 26.62 9.37
CA PHE N 192 -0.97 25.96 8.33
C PHE N 192 0.43 26.52 8.39
N LEU N 193 1.41 25.64 8.57
CA LEU N 193 2.80 26.06 8.59
C LEU N 193 3.19 26.51 7.20
N SER N 194 2.68 25.81 6.19
CA SER N 194 2.92 26.17 4.79
C SER N 194 4.28 25.72 4.26
N ASP N 195 5.08 25.03 5.08
CA ASP N 195 6.33 24.49 4.57
C ASP N 195 5.93 23.46 3.55
N PHE N 196 4.90 22.69 3.88
CA PHE N 196 4.38 21.69 2.95
C PHE N 196 3.53 22.38 1.90
N GLY N 197 3.24 21.68 0.81
CA GLY N 197 2.48 22.27 -0.27
C GLY N 197 1.00 21.97 -0.14
N ASN N 198 0.37 21.57 -1.23
CA ASN N 198 -1.06 21.32 -1.20
C ASN N 198 -1.37 20.23 -0.20
N ARG N 199 -0.54 19.19 -0.17
CA ARG N 199 -0.71 18.11 0.80
C ARG N 199 -0.32 18.55 2.21
N VAL N 200 -1.05 18.07 3.22
CA VAL N 200 -0.68 18.37 4.60
C VAL N 200 -0.38 17.03 5.29
N PRO N 201 0.77 16.95 5.98
CA PRO N 201 1.17 15.67 6.59
C PRO N 201 0.27 15.17 7.70
N GLN N 202 0.06 13.85 7.75
CA GLN N 202 -0.77 13.26 8.80
C GLN N 202 -0.13 13.46 10.15
N VAL N 203 -0.94 13.72 11.17
CA VAL N 203 -0.38 14.01 12.49
C VAL N 203 -0.65 12.91 13.50
N ARG N 204 0.40 12.44 14.17
CA ARG N 204 0.24 11.40 15.17
C ARG N 204 0.18 12.03 16.54
N VAL N 205 -0.90 11.79 17.28
CA VAL N 205 -1.06 12.38 18.60
C VAL N 205 -1.10 11.29 19.65
N GLU N 206 -0.48 11.54 20.80
CA GLU N 206 -0.45 10.52 21.84
C GLU N 206 -1.47 10.83 22.91
N VAL N 207 -2.36 9.90 23.17
CA VAL N 207 -3.38 10.10 24.18
C VAL N 207 -3.48 8.92 25.13
N PHE N 208 -4.02 9.14 26.31
CA PHE N 208 -4.21 8.05 27.27
C PHE N 208 -5.65 7.62 27.32
N GLY N 209 -5.90 6.34 27.04
CA GLY N 209 -7.26 5.82 27.14
C GLY N 209 -7.63 5.73 28.60
N GLN N 210 -8.91 5.92 28.92
CA GLN N 210 -9.29 5.93 30.32
C GLN N 210 -8.98 4.58 30.95
N SER N 211 -8.37 4.60 32.14
CA SER N 211 -7.95 3.38 32.81
C SER N 211 -7.28 3.82 34.10
N GLY N 212 -6.24 3.12 34.51
CA GLY N 212 -5.52 3.52 35.71
C GLY N 212 -6.41 3.61 36.93
N GLU N 213 -7.19 2.56 37.17
CA GLU N 213 -8.12 2.57 38.30
C GLU N 213 -7.38 2.70 39.63
N MET N 214 -6.23 2.05 39.76
CA MET N 214 -5.44 2.20 40.97
C MET N 214 -5.01 3.64 41.11
N GLU N 215 -4.63 4.26 39.99
CA GLU N 215 -4.22 5.66 40.02
C GLU N 215 -5.39 6.53 40.42
N LYS N 216 -6.58 6.21 39.94
CA LYS N 216 -7.77 7.00 40.25
C LYS N 216 -8.01 6.98 41.74
N GLY N 217 -7.80 5.84 42.35
CA GLY N 217 -7.99 5.71 43.78
C GLY N 217 -7.06 6.60 44.59
N VAL N 218 -5.82 6.73 44.16
CA VAL N 218 -4.86 7.50 44.95
C VAL N 218 -4.98 9.00 44.73
N THR N 219 -5.33 9.74 45.78
CA THR N 219 -5.47 11.18 45.68
C THR N 219 -4.20 11.98 45.41
N GLY N 220 -3.09 11.59 46.05
CA GLY N 220 -1.87 12.37 45.92
C GLY N 220 -0.55 11.63 45.81
N VAL N 221 0.47 12.28 45.27
CA VAL N 221 1.82 11.71 45.16
C VAL N 221 2.74 12.83 45.58
N CYS N 222 4.00 12.54 45.91
CA CYS N 222 4.90 13.65 46.21
C CYS N 222 5.01 14.45 44.92
N VAL N 223 4.79 15.76 44.98
CA VAL N 223 4.79 16.53 43.74
C VAL N 223 6.12 16.64 43.00
N ILE N 224 7.22 16.86 43.69
CA ILE N 224 8.53 16.89 43.04
C ILE N 224 9.70 16.55 43.99
N PRO N 225 10.08 15.27 44.05
CA PRO N 225 11.20 14.88 44.92
C PRO N 225 12.54 15.49 44.56
N GLY N 226 12.87 15.58 43.28
CA GLY N 226 14.17 16.07 42.87
C GLY N 226 14.11 17.54 42.52
N SER N 227 14.97 18.35 43.11
CA SER N 227 14.90 19.79 42.87
C SER N 227 16.08 20.39 42.14
N THR N 228 15.80 21.14 41.07
CA THR N 228 16.85 21.80 40.31
C THR N 228 17.23 23.13 40.93
N GLU N 229 18.25 23.78 40.37
CA GLU N 229 18.70 25.06 40.91
C GLU N 229 17.57 26.07 40.86
N PHE N 230 16.84 26.11 39.76
CA PHE N 230 15.69 26.99 39.66
C PHE N 230 14.43 26.16 39.63
N GLY N 231 14.56 24.88 39.95
CA GLY N 231 13.44 23.96 39.98
C GLY N 231 12.08 24.35 39.47
N TYR N 232 11.26 24.92 40.34
CA TYR N 232 9.88 25.21 39.95
C TYR N 232 9.63 26.52 39.25
N MET N 233 10.01 26.64 38.00
CA MET N 233 9.68 27.85 37.28
C MET N 233 8.68 27.46 36.20
N PRO N 234 7.47 28.02 36.28
CA PRO N 234 6.47 27.74 35.25
C PRO N 234 6.92 28.26 33.90
N ALA N 235 7.52 29.45 33.87
CA ALA N 235 8.08 29.95 32.62
C ALA N 235 9.43 29.30 32.42
N PRO N 236 9.82 29.06 31.15
CA PRO N 236 11.16 28.53 30.96
C PRO N 236 12.19 29.54 31.46
N VAL N 237 13.21 29.07 32.15
CA VAL N 237 14.25 29.98 32.61
C VAL N 237 15.32 30.01 31.56
N ARG N 238 15.46 31.14 30.87
CA ARG N 238 16.45 31.24 29.83
C ARG N 238 17.81 31.11 30.48
N GLN N 239 18.68 30.31 29.87
CA GLN N 239 19.97 30.09 30.50
C GLN N 239 21.08 30.75 29.73
N GLN N 240 21.81 31.63 30.38
CA GLN N 240 22.95 32.25 29.76
C GLN N 240 24.05 31.20 29.79
N SER N 241 25.07 31.32 28.94
CA SER N 241 26.07 30.27 28.95
C SER N 241 26.70 30.24 30.30
N LEU N 242 26.89 29.06 30.86
CA LEU N 242 27.61 28.98 32.12
C LEU N 242 28.98 29.49 31.75
N ASP N 243 29.54 30.39 32.55
CA ASP N 243 30.83 31.00 32.21
C ASP N 243 30.75 31.62 30.82
N GLY N 244 31.74 31.34 29.96
CA GLY N 244 31.71 31.86 28.60
C GLY N 244 32.18 33.29 28.47
N ALA N 245 32.11 33.84 27.26
CA ALA N 245 32.46 35.24 27.07
C ALA N 245 31.14 35.97 27.07
N ASP N 246 30.75 36.51 25.92
CA ASP N 246 29.42 37.09 25.86
C ASP N 246 28.57 35.85 26.03
N VAL N 247 27.52 35.94 26.82
CA VAL N 247 26.74 34.75 27.10
C VAL N 247 26.03 34.11 25.93
N VAL N 248 25.99 32.78 25.92
CA VAL N 248 25.33 32.05 24.85
C VAL N 248 24.06 31.45 25.43
N TRP N 249 22.92 31.68 24.80
CA TRP N 249 21.70 31.16 25.40
C TRP N 249 21.48 29.76 24.91
N GLU N 250 21.75 28.79 25.77
CA GLU N 250 21.60 27.39 25.41
C GLU N 250 21.24 26.64 26.67
N GLY N 251 20.68 25.44 26.53
CA GLY N 251 20.39 24.64 27.71
C GLY N 251 19.58 25.31 28.79
N PRO N 252 18.42 25.89 28.44
CA PRO N 252 17.69 26.67 29.44
C PRO N 252 17.25 25.85 30.65
N GLU N 253 17.34 26.44 31.84
CA GLU N 253 17.00 25.72 33.06
C GLU N 253 15.54 25.33 33.08
N ASN N 254 15.25 24.09 33.48
CA ASN N 254 13.88 23.60 33.55
C ASN N 254 13.25 23.63 32.17
N CYS N 255 14.07 23.60 31.14
CA CYS N 255 13.55 23.65 29.79
C CYS N 255 14.40 22.71 28.94
N ASN N 256 14.35 21.42 29.26
CA ASN N 256 15.09 20.45 28.48
C ASN N 256 14.15 19.94 27.42
N ARG N 257 12.91 20.43 27.47
CA ARG N 257 11.90 19.97 26.53
C ARG N 257 12.13 20.38 25.09
N TYR N 258 11.78 19.50 24.16
CA TYR N 258 11.87 19.83 22.75
C TYR N 258 10.83 20.89 22.56
N SER N 259 9.71 20.74 23.23
CA SER N 259 8.65 21.74 23.17
C SER N 259 9.23 23.08 23.60
N ARG N 260 10.17 23.07 24.55
CA ARG N 260 10.83 24.29 25.00
C ARG N 260 9.97 25.08 25.95
N ILE N 261 8.82 24.53 26.31
CA ILE N 261 8.02 25.16 27.33
C ILE N 261 8.63 24.56 28.59
N SER N 262 8.49 25.21 29.73
CA SER N 262 9.16 24.69 30.92
C SER N 262 8.66 23.31 31.29
N ASP N 263 9.56 22.46 31.75
CA ASP N 263 9.17 21.12 32.18
C ASP N 263 8.22 21.29 33.34
N TRP N 264 8.50 22.24 34.22
CA TRP N 264 7.58 22.53 35.32
C TRP N 264 6.30 23.04 34.70
N SER N 265 5.15 22.77 35.32
CA SER N 265 3.84 23.13 34.77
C SER N 265 3.42 22.15 33.68
N LEU N 266 4.30 21.85 32.74
CA LEU N 266 4.00 20.81 31.76
C LEU N 266 3.85 19.49 32.48
N SER N 267 4.73 19.25 33.45
CA SER N 267 4.63 18.03 34.26
C SER N 267 3.34 18.05 35.03
N MET N 268 2.97 19.23 35.53
CA MET N 268 1.72 19.37 36.26
C MET N 268 0.55 19.07 35.35
N ASP N 269 0.67 19.44 34.07
CA ASP N 269 -0.41 19.20 33.15
C ASP N 269 -0.50 17.71 32.89
N HIS N 270 0.64 17.03 32.94
CA HIS N 270 0.64 15.59 32.77
C HIS N 270 -0.06 14.96 33.95
N LEU N 271 0.25 15.46 35.14
CA LEU N 271 -0.35 14.93 36.35
C LEU N 271 -1.83 15.15 36.42
N LYS N 272 -2.29 16.30 35.94
CA LYS N 272 -3.71 16.55 35.89
C LYS N 272 -4.35 15.60 34.92
N ASN N 273 -3.70 15.40 33.77
CA ASN N 273 -4.25 14.52 32.78
C ASN N 273 -4.29 13.09 33.28
N THR N 274 -3.20 12.63 33.88
CA THR N 274 -3.15 11.26 34.35
C THR N 274 -4.10 11.01 35.50
N LEU N 275 -4.15 11.94 36.44
CA LEU N 275 -4.98 11.70 37.62
C LEU N 275 -6.07 12.74 37.81
N PRO N 276 -7.33 12.28 37.90
CA PRO N 276 -8.45 13.18 38.15
C PRO N 276 -8.43 13.86 39.50
N ALA N 277 -7.99 13.18 40.55
CA ALA N 277 -8.08 13.75 41.91
C ALA N 277 -7.33 15.07 42.12
N VAL N 278 -6.13 15.20 41.56
CA VAL N 278 -5.37 16.46 41.63
C VAL N 278 -5.16 17.09 43.01
N GLN N 279 -4.86 16.27 44.02
CA GLN N 279 -4.55 16.83 45.34
C GLN N 279 -3.25 16.18 45.68
N THR N 280 -2.21 16.51 44.92
CA THR N 280 -0.92 15.87 45.11
C THR N 280 0.23 16.78 45.48
N VAL N 281 -0.02 17.97 45.99
CA VAL N 281 1.13 18.84 46.20
C VAL N 281 1.95 18.56 47.43
N SER N 282 3.15 18.05 47.22
CA SER N 282 4.06 17.82 48.31
C SER N 282 5.37 18.36 47.81
N LEU N 283 5.50 19.68 47.76
CA LEU N 283 6.71 20.26 47.20
C LEU N 283 7.87 19.83 48.05
N VAL N 284 8.93 19.34 47.43
CA VAL N 284 10.09 18.87 48.17
C VAL N 284 11.29 19.70 47.74
N VAL N 285 12.00 20.28 48.70
CA VAL N 285 13.14 21.12 48.38
C VAL N 285 14.44 20.35 48.59
N ALA N 286 15.41 20.53 47.70
CA ALA N 286 16.71 19.87 47.88
C ALA N 286 17.65 20.68 48.77
N TRP N 287 17.35 20.75 50.07
CA TRP N 287 18.22 21.47 50.98
C TRP N 287 19.49 20.70 51.27
N PHE N 288 20.57 21.40 51.60
CA PHE N 288 21.85 20.72 51.79
C PHE N 288 22.34 20.68 53.23
N GLY N 289 22.82 19.51 53.65
CA GLY N 289 23.37 19.36 54.99
C GLY N 289 24.71 18.67 54.86
N THR N 290 25.58 18.80 55.86
CA THR N 290 26.91 18.23 55.73
C THR N 290 27.15 16.90 56.45
N ASP N 291 27.91 16.88 57.54
CA ASP N 291 28.26 15.60 58.20
C ASP N 291 27.18 14.86 58.97
N LEU N 292 27.34 13.54 59.09
CA LEU N 292 26.37 12.72 59.82
C LEU N 292 26.25 13.05 61.31
N ARG N 293 27.36 13.35 61.98
CA ARG N 293 27.26 13.73 63.37
C ARG N 293 26.47 15.03 63.51
N ALA N 294 25.57 15.06 64.48
CA ALA N 294 24.74 16.26 64.68
C ALA N 294 25.49 17.41 65.34
N GLY N 295 24.97 18.62 65.20
CA GLY N 295 25.64 19.79 65.75
C GLY N 295 26.78 20.28 64.91
N LEU N 296 27.75 19.41 64.62
CA LEU N 296 28.83 19.78 63.73
C LEU N 296 28.20 20.05 62.38
N CYS N 297 27.22 19.24 62.01
CA CYS N 297 26.52 19.46 60.75
C CYS N 297 25.79 20.78 60.76
N ARG N 298 25.85 21.50 59.65
CA ARG N 298 25.14 22.77 59.54
C ARG N 298 24.29 22.73 58.29
N PHE N 299 23.04 23.15 58.40
CA PHE N 299 22.14 23.04 57.25
C PHE N 299 22.18 24.30 56.41
N GLU N 300 22.94 24.26 55.31
CA GLU N 300 23.04 25.42 54.43
C GLU N 300 22.85 25.02 52.97
N PRO N 301 22.02 25.76 52.22
CA PRO N 301 21.74 25.41 50.82
C PRO N 301 22.95 25.67 49.91
N ARG N 302 23.12 24.87 48.87
CA ARG N 302 24.23 25.08 47.93
C ARG N 302 23.83 24.97 46.47
N ILE N 303 24.54 25.67 45.59
CA ILE N 303 24.21 25.68 44.15
C ILE N 303 24.51 24.41 43.40
N GLU N 304 23.78 24.18 42.31
CA GLU N 304 24.06 23.03 41.47
C GLU N 304 25.43 23.16 40.85
N LEU N 305 25.75 24.34 40.34
CA LEU N 305 27.03 24.53 39.65
C LEU N 305 27.65 25.88 40.02
N ARG N 306 28.97 25.97 39.92
CA ARG N 306 29.66 27.20 40.34
C ARG N 306 29.23 28.45 39.58
N ALA N 307 29.07 28.34 38.27
CA ALA N 307 28.65 29.48 37.47
C ALA N 307 27.20 29.31 37.05
N LYS N 308 26.98 28.53 35.99
CA LYS N 308 25.62 28.26 35.54
C LYS N 308 24.81 29.53 35.37
N ARG N 309 25.34 30.50 34.64
CA ARG N 309 24.66 31.79 34.51
C ARG N 309 23.26 31.64 33.96
N THR N 310 22.31 32.36 34.53
CA THR N 310 20.92 32.22 34.12
C THR N 310 20.28 33.59 34.13
N SER N 311 19.13 33.72 33.48
CA SER N 311 18.42 34.99 33.49
C SER N 311 18.08 35.32 34.93
N ILE N 312 17.68 34.31 35.69
CA ILE N 312 17.40 34.53 37.09
C ILE N 312 18.67 34.30 37.89
N GLU N 313 18.94 35.15 38.88
CA GLU N 313 20.11 34.96 39.73
C GLU N 313 19.69 34.29 41.03
N TRP N 314 20.49 33.36 41.52
CA TRP N 314 20.11 32.61 42.71
C TRP N 314 20.67 33.22 43.98
N ILE N 315 19.80 33.68 44.87
CA ILE N 315 20.26 34.20 46.15
C ILE N 315 19.41 33.62 47.27
N ALA N 316 19.54 32.32 47.50
CA ALA N 316 18.78 31.71 48.58
C ALA N 316 19.55 31.87 49.87
N ALA N 317 18.87 32.33 50.91
CA ALA N 317 19.52 32.56 52.21
C ALA N 317 20.68 33.53 52.07
N GLY N 318 20.54 34.52 51.18
CA GLY N 318 21.58 35.50 50.99
C GLY N 318 22.86 34.87 50.48
N LEU N 319 22.75 33.76 49.74
CA LEU N 319 23.93 33.15 49.17
C LEU N 319 23.87 33.25 47.67
N ASN N 320 24.86 33.89 47.08
CA ASN N 320 24.90 34.04 45.64
C ASN N 320 25.29 32.73 44.98
N ARG N 321 24.98 32.59 43.70
CA ARG N 321 25.39 31.40 42.98
C ARG N 321 26.90 31.37 43.01
N GLY N 322 27.52 32.52 42.80
CA GLY N 322 28.96 32.60 42.91
C GLY N 322 29.46 32.30 44.30
N SER N 323 28.77 32.81 45.32
CA SER N 323 29.22 32.63 46.70
C SER N 323 29.24 31.18 47.18
N ALA N 324 28.21 30.40 46.85
CA ALA N 324 28.11 29.02 47.32
C ALA N 324 28.99 28.05 46.50
N THR N 325 29.15 26.82 47.00
CA THR N 325 29.96 25.82 46.29
C THR N 325 29.07 24.75 45.66
N GLU N 326 29.42 24.30 44.46
CA GLU N 326 28.58 23.34 43.77
C GLU N 326 28.45 22.01 44.51
N VAL N 327 27.24 21.50 44.61
CA VAL N 327 27.05 20.19 45.22
C VAL N 327 26.58 19.19 44.18
N SER N 328 26.25 19.67 42.98
CA SER N 328 25.68 18.80 41.97
C SER N 328 26.63 18.44 40.84
N ARG N 329 27.92 18.52 41.09
CA ARG N 329 28.88 18.25 40.03
C ARG N 329 28.50 16.88 39.55
N ASP N 330 28.38 16.71 38.24
CA ASP N 330 27.89 15.44 37.72
C ASP N 330 28.96 14.59 37.09
N GLU N 331 28.99 13.31 37.46
CA GLU N 331 29.95 12.37 36.91
C GLU N 331 31.34 12.63 37.47
N ASN N 332 32.35 11.98 36.90
CA ASN N 332 33.72 12.13 37.39
C ASN N 332 33.74 11.83 38.87
N ASP N 333 33.00 10.80 39.30
CA ASP N 333 32.92 10.42 40.71
C ASP N 333 32.40 11.53 41.61
N ARG N 334 31.50 12.36 41.09
CA ARG N 334 30.89 13.40 41.90
C ARG N 334 29.39 13.23 41.85
N PRO N 335 28.75 13.16 43.03
CA PRO N 335 27.30 12.97 43.07
C PRO N 335 26.53 14.14 42.49
N ALA N 336 25.50 13.88 41.70
CA ALA N 336 24.66 14.95 41.20
C ALA N 336 23.59 15.21 42.24
N PHE N 337 23.93 15.97 43.27
CA PHE N 337 22.99 16.25 44.35
C PHE N 337 21.77 17.03 43.91
N GLY N 338 21.95 17.97 43.00
CA GLY N 338 20.84 18.83 42.60
C GLY N 338 20.98 20.06 43.47
N SER N 339 20.05 21.01 43.36
CA SER N 339 20.21 22.23 44.12
C SER N 339 18.95 22.73 44.76
N SER N 340 19.09 23.53 45.80
CA SER N 340 17.93 24.12 46.41
C SER N 340 17.31 25.02 45.37
N PRO N 341 15.99 24.99 45.25
CA PRO N 341 15.29 25.82 44.26
C PRO N 341 15.37 27.29 44.61
N ALA N 342 15.29 28.15 43.60
CA ALA N 342 15.37 29.58 43.83
C ALA N 342 14.17 30.07 44.62
N ASP N 343 14.35 31.15 45.37
CA ASP N 343 13.26 31.71 46.15
C ASP N 343 12.17 32.13 45.21
N VAL N 344 12.54 32.70 44.08
CA VAL N 344 11.56 33.13 43.10
C VAL N 344 10.80 31.91 42.65
N SER N 345 11.51 30.82 42.42
CA SER N 345 10.87 29.61 41.94
C SER N 345 9.86 29.09 42.95
N VAL N 346 10.19 29.15 44.23
CA VAL N 346 9.29 28.65 45.26
C VAL N 346 7.99 29.45 45.29
N VAL N 347 8.09 30.77 45.24
CA VAL N 347 6.90 31.60 45.22
C VAL N 347 6.12 31.33 43.95
N ARG N 348 6.84 31.21 42.84
CA ARG N 348 6.20 30.94 41.56
C ARG N 348 5.49 29.61 41.60
N ALA N 349 6.09 28.63 42.26
CA ALA N 349 5.49 27.31 42.31
C ALA N 349 4.13 27.37 42.97
N ILE N 350 4.04 28.11 44.05
CA ILE N 350 2.78 28.22 44.74
C ILE N 350 1.80 28.88 43.79
N MET N 351 2.26 29.90 43.09
CA MET N 351 1.40 30.61 42.17
C MET N 351 0.88 29.73 41.03
N ASP N 352 1.74 28.93 40.41
CA ASP N 352 1.26 28.02 39.37
C ASP N 352 0.37 26.92 39.90
N LEU N 353 0.69 26.40 41.08
CA LEU N 353 -0.10 25.34 41.67
C LEU N 353 -1.50 25.86 41.94
N LYS N 354 -1.58 27.11 42.37
CA LYS N 354 -2.88 27.72 42.58
C LYS N 354 -3.59 27.80 41.24
N ALA N 355 -4.89 27.54 41.23
CA ALA N 355 -5.71 27.58 40.00
C ALA N 355 -5.56 26.33 39.14
N ARG N 356 -4.80 25.35 39.62
CA ARG N 356 -4.70 24.09 38.91
C ARG N 356 -5.53 23.06 39.63
N GLY N 357 -6.32 23.50 40.61
CA GLY N 357 -7.11 22.57 41.39
C GLY N 357 -6.24 21.79 42.34
N PHE N 358 -5.06 22.31 42.64
CA PHE N 358 -4.11 21.59 43.48
C PHE N 358 -3.99 22.27 44.84
N ARG N 359 -4.02 21.48 45.91
CA ARG N 359 -3.87 22.04 47.25
C ARG N 359 -2.42 21.95 47.69
N VAL N 360 -1.78 23.10 47.92
CA VAL N 360 -0.35 23.10 48.26
C VAL N 360 0.02 22.73 49.68
N VAL N 361 0.97 21.82 49.83
CA VAL N 361 1.46 21.46 51.16
C VAL N 361 2.97 21.61 51.17
N LEU N 362 3.52 22.16 52.24
CA LEU N 362 4.96 22.41 52.30
C LEU N 362 5.72 21.28 52.93
N TYR N 363 6.70 20.74 52.21
CA TYR N 363 7.54 19.67 52.76
C TYR N 363 8.99 20.11 52.68
N PRO N 364 9.74 19.94 53.77
CA PRO N 364 11.17 20.27 53.70
C PRO N 364 12.06 19.04 53.74
N PHE N 365 12.95 18.92 52.77
CA PHE N 365 13.87 17.80 52.78
C PHE N 365 15.30 18.31 52.82
N VAL N 366 16.05 17.89 53.83
CA VAL N 366 17.45 18.27 53.86
C VAL N 366 18.21 16.97 53.73
N MET N 367 19.07 16.87 52.73
CA MET N 367 19.84 15.67 52.57
C MET N 367 21.29 15.96 52.88
N MET N 368 21.84 15.22 53.83
CA MET N 368 23.25 15.39 54.12
C MET N 368 24.01 14.78 52.97
N ASP N 369 24.98 15.49 52.45
CA ASP N 369 25.82 14.91 51.41
C ASP N 369 27.25 15.26 51.76
N VAL N 370 27.76 14.66 52.83
CA VAL N 370 29.10 14.99 53.26
C VAL N 370 30.12 14.43 52.28
N THR N 371 31.29 15.03 52.21
CA THR N 371 32.27 14.63 51.21
C THR N 371 32.80 13.22 51.26
N ALA N 372 33.08 12.67 50.08
CA ALA N 372 33.65 11.33 49.98
C ALA N 372 35.13 11.37 50.31
N ASP N 373 35.75 10.20 50.43
CA ASP N 373 37.19 10.11 50.71
C ASP N 373 37.57 10.45 52.14
N GLN N 374 36.61 10.39 53.05
CA GLN N 374 36.94 10.60 54.46
C GLN N 374 37.03 9.23 55.11
N ALA N 375 36.10 8.90 56.01
CA ALA N 375 36.10 7.56 56.59
C ALA N 375 34.72 6.90 56.51
N LEU N 376 34.16 6.54 57.66
CA LEU N 376 32.84 5.93 57.67
C LEU N 376 31.86 6.90 58.29
N PRO N 377 30.79 7.23 57.56
CA PRO N 377 29.92 8.25 58.15
C PRO N 377 29.24 7.71 59.39
N SER N 378 29.36 8.42 60.50
CA SER N 378 28.65 7.99 61.69
C SER N 378 28.14 9.10 62.56
N PRO N 379 26.86 9.06 62.93
CA PRO N 379 26.36 10.04 63.89
C PRO N 379 26.98 9.76 65.24
N ALA N 380 27.13 8.48 65.57
CA ALA N 380 27.64 8.09 66.87
C ALA N 380 28.68 7.03 66.62
N GLY N 381 29.44 6.64 67.63
CA GLY N 381 30.52 5.71 67.38
C GLY N 381 31.62 6.40 66.63
N THR N 382 31.92 5.97 65.41
CA THR N 382 33.07 6.54 64.70
C THR N 382 32.98 8.05 64.53
N GLY N 383 31.81 8.57 64.20
CA GLY N 383 31.65 10.02 64.12
C GLY N 383 32.30 10.61 62.89
N ALA N 384 32.69 9.76 61.94
CA ALA N 384 33.37 10.24 60.75
C ALA N 384 32.43 10.61 59.63
N GLN N 385 32.98 10.86 58.44
CA GLN N 385 32.15 11.28 57.30
C GLN N 385 32.25 10.31 56.12
N GLY N 386 31.19 10.22 55.33
CA GLY N 386 31.17 9.29 54.21
C GLY N 386 30.48 9.88 52.99
N ALA N 387 30.63 9.25 51.84
CA ALA N 387 30.08 9.84 50.63
C ALA N 387 28.56 10.04 50.68
N TYR N 388 27.83 9.04 51.14
CA TYR N 388 26.38 9.17 51.24
C TYR N 388 25.86 8.94 52.65
N PRO N 389 25.17 9.94 53.20
CA PRO N 389 24.56 9.77 54.53
C PRO N 389 23.03 9.86 54.49
N TRP N 390 22.36 8.86 55.07
CA TRP N 390 20.90 8.85 55.09
C TRP N 390 20.30 9.99 55.92
N ARG N 391 19.23 10.59 55.44
CA ARG N 391 18.59 11.69 56.16
C ARG N 391 17.99 11.22 57.46
N GLY N 392 18.11 12.04 58.50
CA GLY N 392 17.49 11.70 59.76
C GLY N 392 18.27 10.72 60.60
N ARG N 393 19.49 10.41 60.20
CA ARG N 393 20.33 9.54 61.00
C ARG N 393 21.18 10.38 61.94
N ILE N 394 21.06 11.70 61.87
CA ILE N 394 21.93 12.56 62.65
C ILE N 394 21.83 12.41 64.16
N MET N 395 22.97 12.32 64.84
CA MET N 395 23.00 12.23 66.29
C MET N 395 24.38 12.69 66.73
N PRO N 396 24.52 13.14 67.98
CA PRO N 396 25.88 13.47 68.44
C PRO N 396 26.34 12.60 69.60
N ASP N 397 27.50 11.97 69.47
CA ASP N 397 28.03 11.17 70.58
C ASP N 397 29.15 11.82 71.39
N VAL N 398 29.52 13.05 71.08
CA VAL N 398 30.65 13.65 71.77
C VAL N 398 30.49 13.85 73.28
N THR N 399 29.36 14.40 73.73
CA THR N 399 29.11 14.55 75.17
C THR N 399 27.62 14.49 75.47
N GLY N 400 27.27 13.82 76.57
CA GLY N 400 25.86 13.69 76.92
C GLY N 400 25.19 15.00 77.24
N GLY N 401 25.86 15.85 77.99
CA GLY N 401 25.31 17.16 78.29
C GLY N 401 25.23 17.98 77.03
N ARG N 402 26.24 17.85 76.18
CA ARG N 402 26.29 18.65 74.96
C ARG N 402 25.32 18.29 73.85
N VAL N 403 24.67 17.14 73.92
CA VAL N 403 23.83 16.76 72.80
C VAL N 403 22.73 17.81 72.59
N SER N 404 22.14 18.30 73.68
CA SER N 404 21.11 19.31 73.56
C SER N 404 21.67 20.58 72.95
N ASP N 405 22.86 20.97 73.40
CA ASP N 405 23.48 22.17 72.89
C ASP N 405 23.79 22.04 71.41
N GLN N 406 24.29 20.88 71.02
CA GLN N 406 24.65 20.66 69.62
C GLN N 406 23.44 20.75 68.71
N ILE N 407 22.34 20.15 69.13
CA ILE N 407 21.13 20.19 68.32
C ILE N 407 20.66 21.62 68.17
N ALA N 408 20.69 22.38 69.26
CA ALA N 408 20.28 23.77 69.21
C ALA N 408 21.18 24.57 68.30
N ALA N 409 22.48 24.30 68.36
CA ALA N 409 23.43 25.00 67.51
C ALA N 409 23.16 24.70 66.05
N LEU N 410 22.85 23.45 65.75
CA LEU N 410 22.60 23.06 64.38
C LEU N 410 21.38 23.83 63.90
N MET N 411 20.35 23.93 64.71
CA MET N 411 19.18 24.70 64.35
C MET N 411 19.50 26.17 64.21
N GLY N 412 20.27 26.70 65.14
CA GLY N 412 20.52 28.14 65.13
C GLY N 412 19.38 28.82 65.86
N THR N 413 19.35 30.15 65.83
CA THR N 413 18.28 30.88 66.51
C THR N 413 17.67 31.89 65.56
N ALA N 414 16.92 31.39 64.59
CA ALA N 414 16.32 32.26 63.59
C ALA N 414 15.17 33.14 64.06
N GLN N 415 15.09 34.35 63.52
CA GLN N 415 13.97 35.23 63.84
C GLN N 415 13.43 35.69 62.50
N PRO N 416 12.09 35.77 62.36
CA PRO N 416 11.52 36.12 61.05
C PRO N 416 11.99 37.49 60.61
N ASP N 417 12.11 38.42 61.55
CA ASP N 417 12.57 39.77 61.24
C ASP N 417 13.97 39.77 60.68
N ASP N 418 14.81 38.87 61.16
CA ASP N 418 16.21 38.87 60.74
C ASP N 418 16.35 38.71 59.24
N PHE N 419 15.56 37.84 58.63
CA PHE N 419 15.64 37.70 57.19
C PHE N 419 14.66 38.60 56.48
N THR N 420 15.15 39.32 55.48
CA THR N 420 14.29 40.20 54.71
C THR N 420 14.33 39.73 53.27
N ALA N 421 13.16 39.65 52.64
CA ALA N 421 13.10 39.16 51.27
C ALA N 421 12.99 40.32 50.30
N ALA N 422 13.93 40.39 49.36
CA ALA N 422 13.87 41.44 48.35
C ALA N 422 13.01 41.00 47.18
N VAL N 423 11.71 40.97 47.39
CA VAL N 423 10.80 40.61 46.32
C VAL N 423 10.81 41.71 45.26
N THR N 424 10.87 41.32 44.00
CA THR N 424 10.85 42.30 42.92
C THR N 424 9.90 41.77 41.87
N ARG N 425 9.28 42.67 41.11
CA ARG N 425 8.33 42.26 40.09
C ARG N 425 8.74 42.84 38.75
N ASN N 426 8.52 42.08 37.67
CA ASN N 426 8.92 42.53 36.35
C ASN N 426 7.89 43.42 35.69
N LYS N 427 8.07 43.69 34.39
CA LYS N 427 7.13 44.51 33.65
C LYS N 427 5.78 43.82 33.68
N SER N 428 5.77 42.50 33.56
CA SER N 428 4.53 41.75 33.63
C SER N 428 3.93 41.95 35.02
N GLY N 429 4.78 42.08 36.03
CA GLY N 429 4.30 42.25 37.39
C GLY N 429 4.39 40.98 38.18
N GLU N 430 4.73 39.88 37.54
CA GLU N 430 4.96 38.64 38.28
C GLU N 430 6.33 38.78 38.91
N ILE N 431 6.63 38.00 39.94
CA ILE N 431 7.89 38.19 40.61
C ILE N 431 9.04 37.98 39.64
N SER N 432 9.97 38.93 39.59
CA SER N 432 11.12 38.76 38.73
C SER N 432 12.29 38.27 39.55
N GLN N 433 12.56 38.93 40.65
CA GLN N 433 13.64 38.51 41.51
C GLN N 433 13.24 38.48 42.95
N VAL N 434 13.40 37.34 43.61
CA VAL N 434 13.14 37.31 45.04
C VAL N 434 14.43 36.85 45.67
N ASN N 435 15.00 37.67 46.55
CA ASN N 435 16.19 37.24 47.25
C ASN N 435 15.90 37.30 48.72
N LEU N 436 16.02 36.18 49.40
CA LEU N 436 15.83 36.21 50.83
C LEU N 436 17.21 36.34 51.41
N THR N 437 17.47 37.47 52.03
CA THR N 437 18.79 37.71 52.58
C THR N 437 18.68 37.93 54.08
N CYS N 438 19.48 37.19 54.83
CA CYS N 438 19.46 37.36 56.27
C CYS N 438 20.83 37.80 56.75
N PRO N 439 20.87 38.92 57.49
CA PRO N 439 22.15 39.29 58.07
C PRO N 439 22.18 38.74 59.47
N GLY N 440 22.13 39.60 60.48
CA GLY N 440 22.05 39.13 61.83
C GLY N 440 23.22 38.23 62.17
N ALA N 441 22.92 37.03 62.67
CA ALA N 441 23.97 36.12 63.05
C ALA N 441 24.12 34.95 62.09
N PRO N 442 25.35 34.67 61.67
CA PRO N 442 25.61 33.52 60.79
C PRO N 442 25.23 32.23 61.49
N GLY N 443 25.44 32.16 62.80
CA GLY N 443 25.15 30.96 63.55
C GLY N 443 23.68 30.56 63.49
N ASP N 444 22.80 31.53 63.31
CA ASP N 444 21.38 31.24 63.21
C ASP N 444 21.09 30.29 62.05
N ALA N 445 21.87 30.41 60.97
CA ALA N 445 21.62 29.56 59.81
C ALA N 445 21.69 28.11 60.22
N GLY N 446 20.72 27.33 59.77
CA GLY N 446 20.66 25.94 60.19
C GLY N 446 19.23 25.51 60.01
N LEU N 447 18.83 24.47 60.73
CA LEU N 447 17.48 23.95 60.58
C LEU N 447 16.41 24.98 60.97
N ARG N 448 16.63 25.70 62.06
CA ARG N 448 15.66 26.70 62.48
C ARG N 448 15.56 27.77 61.40
N ARG N 449 16.71 28.18 60.88
CA ARG N 449 16.69 29.19 59.83
C ARG N 449 16.00 28.66 58.61
N PHE N 450 16.26 27.40 58.28
CA PHE N 450 15.66 26.83 57.09
C PHE N 450 14.16 26.82 57.23
N ILE N 451 13.68 26.39 58.40
CA ILE N 451 12.25 26.30 58.60
C ILE N 451 11.64 27.68 58.52
N LEU N 452 12.28 28.64 59.18
CA LEU N 452 11.78 30.00 59.17
C LEU N 452 11.83 30.62 57.79
N HIS N 453 12.90 30.34 57.04
CA HIS N 453 13.01 30.86 55.68
C HIS N 453 11.90 30.28 54.83
N LEU N 454 11.61 29.00 55.02
CA LEU N 454 10.54 28.36 54.26
C LEU N 454 9.23 29.03 54.61
N ALA N 455 9.03 29.32 55.90
CA ALA N 455 7.81 29.98 56.33
C ALA N 455 7.74 31.37 55.72
N LYS N 456 8.87 32.06 55.66
CA LYS N 456 8.90 33.39 55.08
C LYS N 456 8.53 33.35 53.61
N LEU N 457 9.02 32.35 52.88
CA LEU N 457 8.68 32.22 51.47
C LEU N 457 7.20 31.94 51.34
N ALA N 458 6.67 31.11 52.23
CA ALA N 458 5.24 30.81 52.20
C ALA N 458 4.45 32.08 52.47
N ASP N 459 4.92 32.90 53.39
CA ASP N 459 4.26 34.16 53.67
C ASP N 459 4.29 35.08 52.47
N ILE N 460 5.42 35.10 51.75
CA ILE N 460 5.53 35.92 50.56
C ILE N 460 4.50 35.43 49.56
N ALA N 461 4.36 34.11 49.43
CA ALA N 461 3.35 33.56 48.56
C ALA N 461 1.97 33.94 49.09
N GLY N 462 1.82 33.92 50.41
CA GLY N 462 0.54 34.25 51.02
C GLY N 462 0.15 33.21 52.03
N GLY N 463 -0.35 32.07 51.57
CA GLY N 463 -0.76 31.01 52.48
C GLY N 463 -0.49 29.60 51.98
N VAL N 464 -0.26 28.68 52.92
CA VAL N 464 -0.08 27.28 52.54
C VAL N 464 -0.99 26.43 53.42
N ASP N 465 -1.55 25.37 52.86
CA ASP N 465 -2.48 24.56 53.62
C ASP N 465 -1.86 23.89 54.84
N ALA N 466 -0.66 23.34 54.68
CA ALA N 466 0.00 22.68 55.79
C ALA N 466 1.51 22.87 55.84
N PHE N 467 2.08 22.76 57.02
CA PHE N 467 3.51 22.93 57.18
C PHE N 467 4.13 21.66 57.73
N LEU N 468 5.21 21.20 57.12
CA LEU N 468 5.90 20.02 57.61
C LEU N 468 7.22 20.51 58.18
N VAL N 469 7.60 19.99 59.35
CA VAL N 469 8.84 20.43 59.97
C VAL N 469 10.03 19.53 59.68
N GLY N 470 9.90 18.23 59.92
CA GLY N 470 10.98 17.31 59.59
C GLY N 470 10.48 16.08 58.88
N THR N 471 11.07 15.75 57.74
CA THR N 471 10.56 14.60 56.99
C THR N 471 10.74 13.30 57.75
N GLU N 472 11.93 13.06 58.31
CA GLU N 472 12.14 11.88 59.13
C GLU N 472 13.39 12.01 59.99
N PHE N 473 13.38 12.88 60.99
CA PHE N 473 14.57 13.08 61.77
C PHE N 473 14.62 12.04 62.88
N ARG N 474 14.81 10.78 62.51
CA ARG N 474 14.76 9.70 63.49
C ARG N 474 15.85 9.74 64.56
N GLY N 475 17.08 10.01 64.17
CA GLY N 475 18.17 10.01 65.13
C GLY N 475 17.93 11.10 66.14
N LEU N 476 17.52 12.27 65.68
CA LEU N 476 17.22 13.37 66.57
C LEU N 476 16.03 13.02 67.44
N SER N 477 15.03 12.35 66.86
CA SER N 477 13.83 12.01 67.61
C SER N 477 14.10 11.11 68.79
N GLN N 478 14.99 10.15 68.61
CA GLN N 478 15.34 9.31 69.74
C GLN N 478 16.41 10.04 70.52
N ALA N 479 16.05 10.55 71.69
CA ALA N 479 17.00 11.35 72.44
C ALA N 479 17.14 10.93 73.89
N TRP N 480 18.36 10.86 74.38
CA TRP N 480 18.57 10.53 75.77
C TRP N 480 19.08 11.78 76.46
N GLU N 481 18.36 12.24 77.46
CA GLU N 481 18.77 13.44 78.18
C GLU N 481 18.83 13.15 79.67
N PRO N 482 19.91 13.57 80.31
CA PRO N 482 19.88 13.32 81.75
C PRO N 482 19.21 14.47 82.49
N GLN N 483 18.02 14.24 83.02
CA GLN N 483 17.34 15.26 83.81
C GLN N 483 17.77 15.06 85.25
N THR N 484 17.10 15.71 86.19
CA THR N 484 17.39 15.49 87.62
C THR N 484 18.87 15.74 87.90
N TYR N 485 19.54 14.78 88.53
CA TYR N 485 20.97 14.93 88.77
C TYR N 485 21.70 14.65 87.48
N ALA N 486 22.53 15.61 87.04
CA ALA N 486 23.31 15.43 85.84
C ALA N 486 24.76 15.72 86.13
N ASP N 487 25.18 15.54 87.38
CA ASP N 487 26.54 15.93 87.73
C ASP N 487 27.57 15.17 86.91
N ALA N 488 28.54 15.90 86.37
CA ALA N 488 29.58 15.28 85.56
C ALA N 488 30.89 15.93 85.94
N TYR N 489 31.99 15.21 85.76
CA TYR N 489 33.27 15.83 86.02
C TYR N 489 34.02 16.03 84.73
N GLU N 490 34.31 17.29 84.39
CA GLU N 490 35.11 17.54 83.20
C GLU N 490 36.54 17.15 83.56
N PHE N 491 37.25 16.55 82.63
CA PHE N 491 38.58 16.06 82.95
C PHE N 491 39.70 16.98 82.47
N LEU N 492 39.35 18.20 82.12
CA LEU N 492 40.37 19.16 81.70
C LEU N 492 41.32 19.38 82.86
N ASN N 493 40.77 19.48 84.06
CA ASN N 493 41.62 19.64 85.23
C ASN N 493 42.08 18.28 85.72
N SER N 494 42.97 17.64 84.97
CA SER N 494 43.53 16.34 85.38
C SER N 494 42.49 15.27 85.69
N SER N 495 42.68 14.57 86.80
CA SER N 495 41.76 13.51 87.20
C SER N 495 41.35 13.68 88.64
N GLU N 496 41.11 14.92 89.06
CA GLU N 496 40.78 15.17 90.46
C GLU N 496 39.48 14.48 90.84
N GLY N 497 39.42 13.96 92.07
CA GLY N 497 38.25 13.21 92.49
C GLY N 497 38.29 11.82 91.90
N TRP N 498 38.37 11.72 90.57
CA TRP N 498 38.48 10.42 89.92
C TRP N 498 39.91 9.96 89.86
N PHE N 499 40.53 9.70 91.01
CA PHE N 499 41.89 9.21 91.04
C PHE N 499 41.92 7.74 90.72
N ALA N 500 43.08 7.22 90.33
CA ALA N 500 43.18 5.79 90.10
C ALA N 500 44.13 5.21 91.14
N GLN N 501 43.69 4.16 91.83
CA GLN N 501 44.55 3.52 92.82
C GLN N 501 44.99 2.21 92.23
N ASN N 502 46.27 1.88 92.39
CA ASN N 502 46.84 0.65 91.79
C ASN N 502 46.93 0.87 90.29
N ALA N 503 46.82 2.13 89.87
CA ALA N 503 46.89 2.46 88.45
C ALA N 503 47.33 3.91 88.40
N ALA N 504 47.80 4.34 87.24
CA ALA N 504 48.23 5.72 87.10
C ALA N 504 47.16 6.51 86.38
N ARG N 505 46.71 7.60 87.00
CA ARG N 505 45.67 8.43 86.39
C ARG N 505 46.24 9.47 85.45
N THR N 506 46.81 9.03 84.33
CA THR N 506 47.30 9.98 83.34
C THR N 506 46.10 10.61 82.68
N HIS N 507 46.20 11.86 82.28
CA HIS N 507 45.02 12.52 81.73
C HIS N 507 45.25 13.22 80.41
N GLU N 508 44.21 13.34 79.62
CA GLU N 508 44.31 14.07 78.37
C GLU N 508 43.44 15.26 78.67
N PRO N 509 43.83 16.45 78.23
CA PRO N 509 42.93 17.54 78.64
C PRO N 509 41.53 17.25 78.13
N GLY N 510 40.54 17.35 79.02
CA GLY N 510 39.17 17.04 78.64
C GLY N 510 38.84 15.56 78.69
N SER N 511 39.77 14.74 79.14
CA SER N 511 39.57 13.28 79.17
C SER N 511 40.44 12.59 80.20
N LEU N 512 40.13 11.35 80.52
CA LEU N 512 41.03 10.64 81.41
C LEU N 512 41.74 9.66 80.50
N LEU N 513 43.03 9.86 80.28
CA LEU N 513 43.79 8.90 79.49
C LEU N 513 44.31 7.84 80.45
N VAL N 514 43.42 7.13 81.10
CA VAL N 514 43.85 6.17 82.12
C VAL N 514 44.59 4.98 81.54
N SER N 515 45.68 4.58 82.20
CA SER N 515 46.40 3.39 81.76
C SER N 515 46.16 2.36 82.84
N ALA N 516 45.62 1.21 82.47
CA ALA N 516 45.30 0.18 83.46
C ALA N 516 46.50 -0.70 83.78
N THR N 517 47.43 -0.19 84.58
CA THR N 517 48.65 -0.96 84.88
C THR N 517 48.33 -2.26 85.60
N ALA N 518 47.39 -2.21 86.55
CA ALA N 518 46.99 -3.42 87.25
C ALA N 518 46.17 -4.31 86.33
N ARG N 519 46.23 -5.63 86.56
CA ARG N 519 45.41 -6.54 85.76
C ARG N 519 43.94 -6.23 86.00
N ASP N 520 43.59 -5.91 87.24
CA ASP N 520 42.22 -5.57 87.56
C ASP N 520 42.24 -4.23 88.26
N PRO N 521 42.41 -3.14 87.49
CA PRO N 521 42.54 -1.82 88.10
C PRO N 521 41.25 -1.27 88.69
N ARG N 522 41.37 -0.45 89.73
CA ARG N 522 40.20 0.18 90.30
C ARG N 522 40.37 1.69 90.20
N LEU N 523 39.36 2.38 89.69
CA LEU N 523 39.45 3.82 89.58
C LEU N 523 38.52 4.45 90.58
N ILE N 524 39.07 5.22 91.51
CA ILE N 524 38.27 5.84 92.57
C ILE N 524 37.43 7.00 92.07
N SER N 525 36.37 7.33 92.78
CA SER N 525 35.48 8.42 92.39
C SER N 525 35.54 9.47 93.48
N PRO N 526 35.09 10.70 93.19
CA PRO N 526 35.22 11.77 94.18
C PRO N 526 34.48 11.43 95.47
N PRO N 527 34.96 11.94 96.60
CA PRO N 527 34.39 11.57 97.91
C PRO N 527 32.91 11.87 98.14
N LEU N 528 32.33 12.83 97.42
CA LEU N 528 30.95 13.21 97.69
C LEU N 528 29.99 12.04 97.55
N SER N 529 29.07 11.90 98.51
CA SER N 529 28.09 10.82 98.47
C SER N 529 27.00 11.08 97.45
N ILE N 530 26.62 10.05 96.71
CA ILE N 530 25.56 10.20 95.69
C ILE N 530 24.41 9.24 95.92
N ASP N 531 23.18 9.75 96.00
CA ASP N 531 22.03 8.88 96.17
C ASP N 531 21.76 8.06 94.91
N GLY N 532 21.54 6.77 95.07
CA GLY N 532 21.22 5.93 93.92
C GLY N 532 19.90 6.35 93.32
N ALA N 533 18.92 6.65 94.16
CA ALA N 533 17.62 7.10 93.68
C ALA N 533 17.67 8.44 92.98
N ALA N 534 18.48 9.36 93.47
CA ALA N 534 18.48 10.71 92.91
C ALA N 534 18.86 10.77 91.43
N ALA N 535 19.84 9.97 91.03
CA ALA N 535 20.20 9.94 89.62
C ALA N 535 19.63 8.69 88.99
N ARG N 536 18.88 8.85 87.90
CA ARG N 536 18.34 7.69 87.22
C ARG N 536 19.40 6.78 86.64
N TRP N 537 20.45 7.37 86.08
CA TRP N 537 21.51 6.57 85.49
C TRP N 537 22.92 7.11 85.63
N ILE N 538 23.91 6.27 85.46
CA ILE N 538 25.29 6.74 85.48
C ILE N 538 25.73 6.75 84.04
N GLU N 539 26.17 7.90 83.54
CA GLU N 539 26.59 8.00 82.16
C GLU N 539 28.07 8.29 82.10
N ILE N 540 28.78 7.54 81.26
CA ILE N 540 30.20 7.76 81.12
C ILE N 540 30.50 8.07 79.67
N GLU N 541 31.47 8.96 79.45
CA GLU N 541 31.88 9.28 78.08
C GLU N 541 33.04 8.39 77.74
N PHE N 542 33.33 7.43 78.61
CA PHE N 542 34.50 6.58 78.40
C PHE N 542 34.46 5.74 77.14
N ASP N 543 35.57 5.71 76.42
CA ASP N 543 35.67 4.86 75.25
C ASP N 543 37.03 4.21 75.41
N ARG N 544 37.15 2.92 75.13
CA ARG N 544 38.42 2.27 75.38
C ARG N 544 39.28 2.39 74.14
N THR N 545 40.30 3.24 74.19
CA THR N 545 41.15 3.44 73.03
C THR N 545 41.90 2.18 72.69
N SER N 546 42.41 1.47 73.70
CA SER N 546 43.05 0.19 73.47
C SER N 546 41.94 -0.82 73.34
N ALA N 547 42.25 -2.03 72.88
CA ALA N 547 41.23 -3.06 72.85
C ALA N 547 41.37 -3.93 74.07
N PRO N 548 40.36 -3.93 74.94
CA PRO N 548 40.40 -4.72 76.16
C PRO N 548 39.10 -5.46 76.36
N VAL N 549 38.96 -6.14 77.48
CA VAL N 549 37.69 -6.77 77.78
C VAL N 549 37.33 -6.26 79.15
N TRP N 550 36.82 -5.03 79.22
CA TRP N 550 36.56 -4.46 80.53
C TRP N 550 35.60 -5.35 81.25
N GLU N 551 35.92 -5.68 82.50
CA GLU N 551 35.10 -6.62 83.23
C GLU N 551 35.25 -6.46 84.73
N GLY N 552 34.41 -7.16 85.48
CA GLY N 552 34.47 -7.05 86.91
C GLY N 552 33.23 -6.32 87.36
N ASN N 553 33.14 -6.03 88.64
CA ASN N 553 31.96 -5.37 89.17
C ASN N 553 32.33 -4.03 89.76
N VAL N 554 31.62 -2.98 89.35
CA VAL N 554 31.93 -1.66 89.85
C VAL N 554 31.68 -1.68 91.35
N TYR N 555 32.60 -1.09 92.10
CA TYR N 555 32.46 -1.14 93.55
C TYR N 555 31.96 0.19 94.07
N TYR N 556 30.77 0.19 94.64
CA TYR N 556 30.20 1.42 95.15
C TYR N 556 30.26 1.34 96.65
N MET N 557 30.84 2.33 97.30
CA MET N 557 30.82 2.30 98.74
C MET N 557 29.82 3.27 99.32
N THR N 558 28.78 2.74 99.93
CA THR N 558 27.84 3.60 100.60
C THR N 558 28.55 3.91 101.90
N GLU N 559 28.21 5.01 102.55
CA GLU N 559 28.95 5.38 103.73
C GLU N 559 28.86 4.28 104.78
N ASP N 560 27.65 3.75 104.99
CA ASP N 560 27.51 2.64 105.92
C ASP N 560 28.19 1.37 105.44
N HIS N 561 28.03 1.05 104.17
CA HIS N 561 28.58 -0.19 103.64
C HIS N 561 30.10 -0.24 103.65
N GLY N 562 30.75 0.84 103.23
CA GLY N 562 32.20 0.88 103.18
C GLY N 562 32.70 0.30 101.87
N PHE N 563 33.95 0.60 101.50
CA PHE N 563 34.50 -0.02 100.31
C PHE N 563 34.62 -1.51 100.50
N ALA N 564 35.04 -1.92 101.70
CA ALA N 564 35.10 -3.34 102.00
C ALA N 564 33.68 -3.86 102.13
N GLY N 565 33.46 -5.13 101.81
CA GLY N 565 32.13 -5.69 101.87
C GLY N 565 31.18 -5.00 100.92
N ALA N 566 30.07 -4.49 101.45
CA ALA N 566 29.06 -3.83 100.61
C ALA N 566 28.53 -4.79 99.57
N PHE N 567 28.35 -4.30 98.36
CA PHE N 567 27.95 -5.17 97.28
C PHE N 567 28.50 -4.66 95.98
N ARG N 568 28.68 -5.54 95.00
CA ARG N 568 29.17 -5.12 93.71
C ARG N 568 28.20 -5.57 92.63
N LYS N 569 27.84 -4.68 91.72
CA LYS N 569 27.00 -5.09 90.61
C LYS N 569 27.90 -5.27 89.42
N VAL N 570 27.90 -6.47 88.85
CA VAL N 570 28.78 -6.73 87.72
C VAL N 570 28.42 -5.88 86.53
N ILE N 571 29.42 -5.32 85.89
CA ILE N 571 29.15 -4.54 84.69
C ILE N 571 29.48 -5.40 83.50
N SER N 572 28.48 -5.70 82.69
CA SER N 572 28.71 -6.54 81.52
C SER N 572 29.48 -5.77 80.49
N ASP N 573 30.22 -6.49 79.64
CA ASP N 573 30.89 -5.79 78.57
C ASP N 573 29.78 -5.18 77.74
N ALA N 574 29.91 -3.90 77.41
CA ALA N 574 28.87 -3.23 76.67
C ALA N 574 29.29 -3.17 75.22
N GLU N 575 30.32 -3.93 74.87
CA GLU N 575 30.85 -3.90 73.52
C GLU N 575 31.26 -2.47 73.21
N ALA N 576 31.89 -1.83 74.19
CA ALA N 576 32.38 -0.47 73.98
C ALA N 576 33.42 -0.55 72.91
N PRO N 577 33.57 0.51 72.11
CA PRO N 577 34.49 0.37 70.97
C PRO N 577 35.91 -0.01 71.33
N ALA N 578 36.45 -1.02 70.68
CA ALA N 578 37.84 -1.41 70.88
C ALA N 578 38.66 -0.25 70.36
N ASP N 579 38.18 0.36 69.29
CA ASP N 579 38.86 1.51 68.71
C ASP N 579 38.92 2.67 69.67
N GLY N 580 37.87 2.87 70.47
CA GLY N 580 37.84 4.02 71.34
C GLY N 580 37.12 5.19 70.72
N THR N 581 36.37 4.92 69.65
CA THR N 581 35.61 5.99 69.00
C THR N 581 34.60 6.52 70.00
N ARG N 582 34.30 7.82 69.91
CA ARG N 582 33.44 8.42 70.91
C ARG N 582 32.11 7.72 71.04
N ALA N 583 31.74 7.42 72.27
CA ALA N 583 30.50 6.69 72.50
C ALA N 583 29.89 7.08 73.83
N ARG N 584 28.60 6.82 73.99
CA ARG N 584 27.95 7.10 75.25
C ARG N 584 27.80 5.79 75.97
N MET N 585 28.34 5.70 77.17
CA MET N 585 28.17 4.49 77.94
C MET N 585 27.15 4.82 79.01
N LEU N 586 26.01 4.14 78.99
CA LEU N 586 24.97 4.46 79.94
C LEU N 586 24.52 3.26 80.74
N LEU N 587 24.55 3.36 82.07
CA LEU N 587 24.03 2.28 82.90
C LEU N 587 23.02 2.89 83.84
N ASP N 588 21.81 2.37 83.85
CA ASP N 588 20.81 2.89 84.76
C ASP N 588 21.21 2.60 86.19
N MET N 589 20.99 3.55 87.08
CA MET N 589 21.27 3.33 88.50
C MET N 589 20.36 2.23 88.99
N HIS N 590 19.12 2.20 88.51
CA HIS N 590 18.23 1.12 88.87
C HIS N 590 18.83 -0.20 88.41
N ASP N 591 19.42 -0.19 87.21
CA ASP N 591 20.08 -1.39 86.70
C ASP N 591 21.25 -1.79 87.58
N LEU N 592 22.00 -0.81 88.06
CA LEU N 592 23.15 -1.12 88.91
C LEU N 592 22.67 -1.25 90.33
N THR N 593 22.42 -2.47 90.78
CA THR N 593 21.88 -2.66 92.12
C THR N 593 22.88 -3.33 93.04
N LEU N 594 23.09 -2.74 94.22
CA LEU N 594 23.98 -3.36 95.20
C LEU N 594 23.15 -4.34 96.00
N GLY N 595 22.64 -5.38 95.34
CA GLY N 595 21.83 -6.36 96.01
C GLY N 595 20.39 -5.92 96.19
N GLY N 596 20.04 -4.75 95.67
CA GLY N 596 18.66 -4.29 95.77
C GLY N 596 18.43 -2.80 95.64
N ASP N 597 17.26 -2.35 96.08
CA ASP N 597 16.92 -0.93 96.04
C ASP N 597 17.54 -0.22 97.22
N ASP N 598 18.18 -0.98 98.11
CA ASP N 598 18.87 -0.38 99.24
C ASP N 598 19.95 0.52 98.69
N TRP N 599 20.56 0.11 97.58
CA TRP N 599 21.57 0.94 96.95
C TRP N 599 20.94 2.25 96.51
N ARG N 600 19.74 2.20 95.96
CA ARG N 600 19.08 3.41 95.52
C ARG N 600 18.85 4.32 96.72
N THR N 601 18.39 3.76 97.83
CA THR N 601 18.22 4.55 99.04
C THR N 601 19.55 5.06 99.60
N SER N 602 20.59 4.24 99.55
CA SER N 602 21.89 4.61 100.09
C SER N 602 22.66 5.64 99.25
N THR N 603 23.56 6.36 99.89
CA THR N 603 24.38 7.33 99.16
C THR N 603 25.80 6.82 99.09
N ILE N 604 26.38 6.78 97.91
CA ILE N 604 27.72 6.21 97.76
C ILE N 604 28.80 7.29 97.78
N THR N 605 29.66 7.26 98.79
CA THR N 605 30.74 8.23 98.84
C THR N 605 31.76 8.07 97.72
N ARG N 606 32.19 6.84 97.43
CA ARG N 606 33.22 6.63 96.41
C ARG N 606 32.95 5.39 95.56
N LEU N 607 33.36 5.44 94.29
CA LEU N 607 33.11 4.32 93.39
C LEU N 607 34.40 3.83 92.80
N ARG N 608 34.64 2.53 92.84
CA ARG N 608 35.81 1.97 92.18
C ARG N 608 35.36 1.38 90.87
N PHE N 609 35.78 1.97 89.76
CA PHE N 609 35.44 1.41 88.47
C PHE N 609 36.20 0.10 88.34
N ASP N 610 35.55 -0.92 87.82
CA ASP N 610 36.29 -2.15 87.58
C ASP N 610 36.60 -2.24 86.12
N PHE N 611 37.88 -2.27 85.79
CA PHE N 611 38.28 -2.29 84.39
C PHE N 611 39.17 -3.47 84.11
N SER N 612 38.94 -4.58 84.81
CA SER N 612 39.85 -5.70 84.65
C SER N 612 39.91 -6.09 83.19
N SER N 613 41.11 -6.21 82.66
CA SER N 613 41.28 -6.52 81.24
C SER N 613 42.70 -6.96 80.99
N GLU N 614 43.52 -6.03 80.53
CA GLU N 614 44.91 -6.34 80.21
C GLU N 614 45.80 -5.27 80.82
N SER N 615 47.08 -5.56 80.96
CA SER N 615 48.01 -4.57 81.49
C SER N 615 48.08 -3.37 80.58
N ASP N 616 48.11 -2.17 81.18
CA ASP N 616 48.19 -0.92 80.41
C ASP N 616 47.07 -0.71 79.40
N ALA N 617 45.85 -1.12 79.75
CA ALA N 617 44.71 -0.87 78.87
C ALA N 617 44.41 0.62 78.87
N VAL N 618 44.06 1.17 77.71
CA VAL N 618 43.85 2.61 77.63
C VAL N 618 42.38 2.96 77.48
N PHE N 619 41.92 3.93 78.27
CA PHE N 619 40.52 4.33 78.22
C PHE N 619 40.46 5.83 78.05
N ARG N 620 39.32 6.35 77.60
CA ARG N 620 39.20 7.78 77.36
C ARG N 620 37.97 8.34 78.04
N ILE N 621 38.06 8.56 79.35
CA ILE N 621 36.89 9.02 80.08
C ILE N 621 36.78 10.53 80.09
N HIS N 622 36.06 11.07 79.12
CA HIS N 622 35.88 12.52 79.04
C HIS N 622 35.06 13.10 80.20
N ALA N 623 33.98 12.43 80.58
CA ALA N 623 33.11 12.94 81.64
C ALA N 623 32.30 11.84 82.30
N ILE N 624 31.71 12.13 83.47
CA ILE N 624 30.88 11.15 84.16
C ILE N 624 29.53 11.73 84.56
N ARG N 625 28.65 11.91 83.58
CA ARG N 625 27.33 12.51 83.85
C ARG N 625 26.40 11.67 84.68
N LEU N 626 25.62 12.30 85.55
CA LEU N 626 24.61 11.58 86.31
C LEU N 626 23.33 11.55 85.48
N GLY N 627 22.28 10.88 85.94
CA GLY N 627 21.08 10.74 85.12
C GLY N 627 19.71 11.11 85.61
N GLY N 628 18.79 11.34 84.69
CA GLY N 628 17.41 11.66 85.06
C GLY N 628 16.57 11.32 83.86
N GLY N 629 15.26 11.29 83.98
CA GLY N 629 14.44 10.85 82.86
C GLY N 629 14.68 11.66 81.61
N ARG N 630 14.81 10.98 80.48
CA ARG N 630 15.14 11.67 79.23
C ARG N 630 14.10 12.63 78.73
N ARG N 631 14.56 13.78 78.25
CA ARG N 631 13.65 14.74 77.65
C ARG N 631 14.20 14.94 76.26
N TYR N 632 13.35 14.91 75.24
CA TYR N 632 13.88 15.00 73.88
C TYR N 632 14.03 16.46 73.49
N PRO N 633 15.28 16.90 73.29
CA PRO N 633 15.54 18.30 72.94
C PRO N 633 14.90 18.66 71.62
N PHE N 634 14.94 17.73 70.67
CA PHE N 634 14.40 18.00 69.36
C PHE N 634 12.92 18.31 69.51
N VAL N 635 12.22 17.53 70.32
CA VAL N 635 10.80 17.77 70.54
C VAL N 635 10.54 19.12 71.22
N ASP N 636 11.35 19.47 72.21
CA ASP N 636 11.15 20.74 72.89
C ASP N 636 11.35 21.89 71.94
N ALA N 637 12.39 21.79 71.11
CA ALA N 637 12.67 22.83 70.14
C ALA N 637 11.53 22.90 69.16
N LEU N 638 11.00 21.74 68.79
CA LEU N 638 9.92 21.70 67.82
C LEU N 638 8.70 22.42 68.36
N ARG N 639 8.42 22.26 69.65
CA ARG N 639 7.24 22.89 70.22
C ARG N 639 7.35 24.39 70.10
N ASP N 640 8.52 24.93 70.42
CA ASP N 640 8.72 26.37 70.31
C ASP N 640 8.60 26.79 68.86
N LEU N 641 9.19 26.00 67.96
CA LEU N 641 9.15 26.34 66.55
C LEU N 641 7.73 26.35 66.04
N ALA N 642 6.91 25.41 66.51
CA ALA N 642 5.54 25.31 66.04
C ALA N 642 4.78 26.58 66.38
N GLN N 643 5.02 27.12 67.57
CA GLN N 643 4.33 28.33 67.96
C GLN N 643 4.71 29.46 67.01
N ASP N 644 5.99 29.56 66.69
CA ASP N 644 6.45 30.64 65.81
C ASP N 644 5.87 30.52 64.41
N VAL N 645 5.84 29.30 63.87
CA VAL N 645 5.33 29.10 62.53
C VAL N 645 3.85 29.44 62.48
N ASP N 646 3.13 29.08 63.54
CA ASP N 646 1.71 29.37 63.59
C ASP N 646 1.47 30.87 63.55
N THR N 647 2.31 31.62 64.25
CA THR N 647 2.18 33.07 64.20
C THR N 647 2.44 33.59 62.79
N ILE N 648 3.48 33.06 62.15
CA ILE N 648 3.80 33.51 60.80
C ILE N 648 2.66 33.17 59.85
N LEU N 649 2.16 31.95 59.93
CA LEU N 649 1.03 31.56 59.11
C LEU N 649 0.00 30.81 59.92
N PRO N 650 -1.18 31.41 60.12
CA PRO N 650 -2.26 30.70 60.80
C PRO N 650 -2.74 29.52 59.99
N THR N 651 -2.83 29.70 58.68
CA THR N 651 -3.35 28.64 57.80
C THR N 651 -2.52 27.36 57.81
N ALA N 652 -1.21 27.49 57.87
CA ALA N 652 -0.35 26.31 57.82
C ALA N 652 -0.61 25.41 59.01
N LYS N 653 -0.70 24.12 58.76
CA LYS N 653 -0.92 23.18 59.84
C LYS N 653 0.41 22.55 60.13
N ILE N 654 0.97 22.85 61.29
CA ILE N 654 2.31 22.36 61.59
C ILE N 654 2.28 20.87 61.88
N SER N 655 3.16 20.12 61.23
CA SER N 655 3.22 18.67 61.43
C SER N 655 4.64 18.18 61.32
N TYR N 656 4.95 17.09 62.00
CA TYR N 656 6.27 16.51 61.85
C TYR N 656 6.05 15.10 61.32
N ALA N 657 6.62 14.80 60.15
CA ALA N 657 6.50 13.46 59.61
C ALA N 657 7.40 12.51 60.41
N ALA N 658 6.91 11.30 60.66
CA ALA N 658 7.68 10.39 61.49
C ALA N 658 7.72 8.96 60.99
N ASP N 659 8.70 8.20 61.43
CA ASP N 659 8.76 6.79 61.06
C ASP N 659 7.66 6.06 61.79
N TRP N 660 7.22 4.93 61.25
CA TRP N 660 6.22 4.13 61.94
C TRP N 660 6.80 3.67 63.26
N SER N 661 8.07 3.31 63.26
CA SER N 661 8.73 2.90 64.49
C SER N 661 8.75 4.07 65.46
N GLU N 662 8.99 5.27 64.94
CA GLU N 662 9.02 6.45 65.79
C GLU N 662 7.68 6.69 66.45
N TYR N 663 6.59 6.43 65.74
CA TYR N 663 5.28 6.70 66.27
C TYR N 663 5.05 5.90 67.53
N HIS N 664 5.41 4.63 67.49
CA HIS N 664 5.24 3.77 68.66
C HIS N 664 6.35 3.94 69.68
N SER N 665 6.09 3.56 70.93
CA SER N 665 7.09 3.70 71.97
C SER N 665 8.31 2.89 71.65
N HIS N 666 9.48 3.50 71.81
CA HIS N 666 10.72 2.76 71.57
C HIS N 666 11.00 1.78 72.69
N GLN N 667 11.51 0.59 72.35
CA GLN N 667 11.71 -0.42 73.38
C GLN N 667 13.05 -0.28 74.09
N ASP N 668 13.21 0.79 74.84
CA ASP N 668 14.42 0.97 75.62
C ASP N 668 13.90 1.40 76.97
N ALA N 669 14.57 1.03 78.06
CA ALA N 669 14.10 1.54 79.33
C ALA N 669 14.26 3.04 79.29
N GLY N 670 13.21 3.77 79.64
CA GLY N 670 13.25 5.23 79.60
C GLY N 670 12.79 5.78 78.27
N ASP N 671 12.70 4.95 77.24
CA ASP N 671 12.15 5.39 75.96
C ASP N 671 10.91 4.58 75.80
N LEU N 672 10.67 3.70 76.76
CA LEU N 672 9.48 2.85 76.72
C LEU N 672 8.25 3.70 76.96
N THR N 673 8.44 4.88 77.53
CA THR N 673 7.33 5.80 77.67
C THR N 673 6.90 6.01 76.25
N PHE N 674 5.61 6.10 76.00
CA PHE N 674 5.18 6.16 74.61
C PHE N 674 5.79 7.30 73.82
N HIS N 675 6.22 6.99 72.60
CA HIS N 675 6.91 7.98 71.80
C HIS N 675 6.05 8.99 71.07
N LEU N 676 4.73 8.84 71.11
CA LEU N 676 3.91 9.87 70.49
C LEU N 676 4.27 11.14 71.21
N ASP N 677 4.54 12.18 70.45
CA ASP N 677 5.01 13.42 71.07
C ASP N 677 4.01 14.17 71.89
N PRO N 678 4.48 14.74 73.01
CA PRO N 678 3.60 15.63 73.79
C PRO N 678 3.32 16.80 72.88
N LEU N 679 4.28 17.14 72.04
CA LEU N 679 4.10 18.23 71.07
C LEU N 679 2.97 17.93 70.09
N TRP N 680 2.85 16.67 69.66
CA TRP N 680 1.75 16.33 68.78
C TRP N 680 0.45 16.58 69.52
N ALA N 681 0.40 16.23 70.80
CA ALA N 681 -0.77 16.53 71.60
C ALA N 681 -0.93 18.04 71.73
N ASP N 682 0.18 18.77 71.82
CA ASP N 682 0.14 20.21 72.02
C ASP N 682 -0.56 20.98 70.91
N PRO N 683 -1.31 22.04 71.27
CA PRO N 683 -2.07 22.83 70.30
C PRO N 683 -1.24 23.49 69.21
N ALA N 684 -0.03 23.93 69.52
CA ALA N 684 0.75 24.66 68.52
C ALA N 684 0.97 23.82 67.28
N ILE N 685 1.29 22.55 67.44
CA ILE N 685 1.39 21.68 66.25
C ILE N 685 -0.06 21.41 65.85
N ASP N 686 -0.37 21.59 64.57
CA ASP N 686 -1.76 21.41 64.15
C ASP N 686 -2.05 20.08 63.46
N PHE N 687 -1.02 19.26 63.24
CA PHE N 687 -1.21 18.01 62.54
C PHE N 687 -0.21 16.95 62.97
N VAL N 688 -0.56 15.67 62.78
CA VAL N 688 0.39 14.60 63.08
C VAL N 688 0.60 13.83 61.79
N GLY N 689 1.86 13.56 61.43
CA GLY N 689 2.12 12.90 60.16
C GLY N 689 3.07 11.72 60.18
N ILE N 690 2.85 10.75 59.30
CA ILE N 690 3.76 9.61 59.20
C ILE N 690 4.37 9.45 57.83
N ASP N 691 5.69 9.34 57.76
CA ASP N 691 6.30 9.05 56.48
C ASP N 691 6.23 7.54 56.60
N ASN N 692 5.32 6.92 55.87
CA ASN N 692 5.16 5.49 56.06
C ASN N 692 5.62 4.61 54.94
N TYR N 693 6.60 3.78 55.23
CA TYR N 693 7.06 2.82 54.24
C TYR N 693 6.97 1.46 54.87
N LEU N 694 6.15 1.34 55.91
CA LEU N 694 6.04 0.07 56.62
C LEU N 694 5.54 -1.00 55.67
N PRO N 695 6.16 -2.19 55.70
CA PRO N 695 5.75 -3.25 54.78
C PRO N 695 4.34 -3.71 55.02
N LEU N 696 3.53 -3.84 53.98
CA LEU N 696 2.20 -4.40 54.15
C LEU N 696 2.33 -5.85 54.53
N SER N 697 3.28 -6.53 53.91
CA SER N 697 3.48 -7.95 54.16
C SER N 697 4.93 -8.20 53.87
N ASP N 698 5.45 -9.35 54.29
CA ASP N 698 6.81 -9.68 53.93
C ASP N 698 6.84 -10.76 52.87
N TRP N 699 7.36 -10.42 51.70
CA TRP N 699 7.42 -11.37 50.59
C TRP N 699 8.30 -12.54 50.93
N ARG N 700 9.37 -12.29 51.67
CA ARG N 700 10.32 -13.35 51.94
C ARG N 700 9.92 -14.29 53.05
N GLN N 701 8.86 -15.05 52.83
CA GLN N 701 8.50 -16.06 53.81
C GLN N 701 8.77 -17.34 53.04
N GLY N 702 9.45 -17.19 51.90
CA GLY N 702 9.71 -18.35 51.06
C GLY N 702 8.41 -18.96 50.64
N ALA N 703 8.28 -20.27 50.83
CA ALA N 703 7.07 -20.96 50.42
C ALA N 703 5.85 -20.43 51.13
N ASP N 704 5.99 -20.08 52.40
CA ASP N 704 4.83 -19.67 53.20
C ASP N 704 4.07 -18.46 52.67
N HIS N 705 4.74 -17.53 52.02
CA HIS N 705 4.05 -16.31 51.60
C HIS N 705 3.44 -16.35 50.22
N LEU N 706 4.01 -15.62 49.28
CA LEU N 706 3.42 -15.53 47.95
C LEU N 706 3.90 -16.63 47.05
N ASP N 707 4.71 -17.54 47.58
CA ASP N 707 5.13 -18.70 46.81
C ASP N 707 4.20 -19.84 47.19
N TYR N 708 3.16 -19.54 47.95
CA TYR N 708 2.20 -20.55 48.39
C TYR N 708 1.02 -20.59 47.48
N ASP N 709 1.11 -19.98 46.29
CA ASP N 709 -0.07 -19.90 45.43
C ASP N 709 -0.66 -21.25 45.06
N ALA N 710 0.15 -22.24 44.72
CA ALA N 710 -0.42 -23.55 44.43
C ALA N 710 -1.06 -24.18 45.66
N THR N 711 -0.38 -24.11 46.80
CA THR N 711 -0.90 -24.72 48.02
C THR N 711 -2.17 -24.07 48.53
N SER N 712 -2.20 -22.75 48.49
CA SER N 712 -3.36 -22.03 49.00
C SER N 712 -4.38 -21.81 47.89
N GLY N 713 -4.05 -22.28 46.68
CA GLY N 713 -4.92 -22.03 45.55
C GLY N 713 -5.03 -20.55 45.31
N ARG N 714 -3.95 -19.81 45.59
CA ARG N 714 -3.98 -18.38 45.36
C ARG N 714 -4.03 -18.09 43.88
N THR N 715 -4.94 -17.22 43.50
CA THR N 715 -5.13 -16.90 42.10
C THR N 715 -3.96 -16.22 41.39
N THR N 716 -3.29 -15.30 42.08
CA THR N 716 -2.23 -14.52 41.43
C THR N 716 -0.93 -14.64 42.23
N PRO N 717 0.22 -14.43 41.57
CA PRO N 717 1.50 -14.58 42.28
C PRO N 717 1.55 -13.64 43.45
N TYR N 718 1.06 -12.41 43.28
CA TYR N 718 0.98 -11.49 44.41
C TYR N 718 -0.48 -11.17 44.58
N ASP N 719 -1.03 -11.36 45.78
CA ASP N 719 -2.45 -11.15 45.99
C ASP N 719 -2.73 -9.97 46.87
N LEU N 720 -3.57 -9.05 46.40
CA LEU N 720 -3.85 -7.84 47.16
C LEU N 720 -4.47 -8.17 48.49
N ASP N 721 -5.41 -9.10 48.48
CA ASP N 721 -6.08 -9.48 49.72
C ASP N 721 -5.09 -10.07 50.71
N TYR N 722 -4.16 -10.89 50.23
CA TYR N 722 -3.19 -11.50 51.11
C TYR N 722 -2.31 -10.44 51.76
N LEU N 723 -1.86 -9.46 50.98
CA LEU N 723 -1.06 -8.40 51.54
C LEU N 723 -1.88 -7.60 52.53
N LYS N 724 -3.13 -7.31 52.18
CA LYS N 724 -3.98 -6.51 53.03
C LYS N 724 -4.20 -7.21 54.35
N SER N 725 -4.40 -8.52 54.29
CA SER N 725 -4.63 -9.28 55.50
C SER N 725 -3.41 -9.18 56.39
N ASN N 726 -2.22 -9.23 55.81
CA ASN N 726 -1.03 -9.21 56.63
C ASN N 726 -0.88 -7.92 57.45
N ILE N 727 -1.14 -6.77 56.83
CA ILE N 727 -1.05 -5.52 57.58
C ILE N 727 -2.07 -5.46 58.67
N GLU N 728 -3.30 -5.85 58.35
CA GLU N 728 -4.37 -5.79 59.34
C GLU N 728 -4.10 -6.75 60.48
N GLY N 729 -3.63 -7.96 60.16
CA GLY N 729 -3.42 -8.96 61.18
C GLY N 729 -2.37 -8.57 62.20
N GLY N 730 -1.27 -8.00 61.73
CA GLY N 730 -0.20 -7.67 62.65
C GLY N 730 1.14 -7.68 61.99
N GLU N 731 1.31 -6.93 60.91
CA GLU N 731 2.63 -6.86 60.32
C GLU N 731 3.57 -6.26 61.32
N TYR N 732 4.73 -6.88 61.50
CA TYR N 732 5.71 -6.43 62.49
C TYR N 732 5.14 -6.49 63.89
N TRP N 733 4.16 -7.37 64.10
CA TRP N 733 3.62 -7.57 65.43
C TRP N 733 3.76 -9.07 65.55
N ASP N 734 2.76 -9.81 65.08
CA ASP N 734 2.89 -11.26 65.03
C ASP N 734 3.96 -11.56 64.02
N TRP N 735 4.00 -10.77 62.95
CA TRP N 735 4.96 -11.02 61.88
C TRP N 735 6.33 -10.43 62.15
N PHE N 736 6.50 -9.81 63.31
CA PHE N 736 7.79 -9.23 63.64
C PHE N 736 8.84 -10.32 63.66
N TYR N 737 10.01 -10.02 63.11
CA TYR N 737 11.09 -10.99 63.08
C TYR N 737 12.07 -10.64 64.18
N ALA N 738 12.37 -11.60 65.04
CA ALA N 738 13.26 -11.34 66.16
C ALA N 738 14.67 -10.96 65.73
N SER N 739 15.19 -11.63 64.70
CA SER N 739 16.57 -11.39 64.29
C SER N 739 16.69 -11.34 62.78
N GLN N 740 17.81 -10.85 62.27
CA GLN N 740 18.03 -10.86 60.83
C GLN N 740 18.04 -12.30 60.39
N GLU N 741 18.60 -13.18 61.22
CA GLU N 741 18.60 -14.60 60.90
C GLU N 741 17.16 -15.08 60.79
N ASP N 742 16.29 -14.59 61.66
CA ASP N 742 14.88 -14.97 61.62
C ASP N 742 14.25 -14.57 60.31
N ARG N 743 14.57 -13.38 59.81
CA ARG N 743 14.06 -12.97 58.50
C ARG N 743 14.59 -13.90 57.42
N ASP N 744 15.86 -14.24 57.51
CA ASP N 744 16.46 -15.17 56.54
C ASP N 744 15.82 -16.55 56.63
N THR N 745 15.52 -17.00 57.83
CA THR N 745 14.94 -18.33 58.03
C THR N 745 13.42 -18.23 57.99
N GLN N 746 12.89 -17.06 57.66
CA GLN N 746 11.44 -16.87 57.54
C GLN N 746 10.61 -17.25 58.77
N THR N 747 11.09 -16.89 59.96
CA THR N 747 10.31 -17.14 61.18
C THR N 747 9.91 -15.86 61.86
N ARG N 748 8.63 -15.72 62.17
CA ARG N 748 8.15 -14.49 62.79
C ARG N 748 7.75 -14.70 64.23
N THR N 749 8.22 -13.83 65.11
CA THR N 749 7.88 -13.94 66.52
C THR N 749 6.89 -12.86 66.91
N PRO N 750 5.72 -13.26 67.43
CA PRO N 750 4.73 -12.28 67.89
C PRO N 750 5.20 -11.53 69.13
N ILE N 751 4.91 -10.24 69.20
CA ILE N 751 5.27 -9.51 70.41
C ILE N 751 4.01 -9.07 71.16
N SER N 752 3.81 -9.60 72.36
CA SER N 752 2.67 -9.20 73.16
C SER N 752 3.02 -9.29 74.64
N ASP N 753 2.41 -8.46 75.47
CA ASP N 753 2.65 -8.57 76.90
C ASP N 753 1.42 -9.02 77.66
N GLY N 754 0.48 -8.11 77.90
CA GLY N 754 -0.69 -8.44 78.68
C GLY N 754 -0.34 -8.41 80.15
N SER N 755 0.86 -7.96 80.47
CA SER N 755 1.29 -7.87 81.86
C SER N 755 0.44 -6.87 82.60
N TYR N 756 0.12 -5.76 81.94
CA TYR N 756 -0.72 -4.73 82.53
C TYR N 756 -2.15 -5.01 82.14
N GLY N 757 -2.38 -6.14 81.48
CA GLY N 757 -3.71 -6.47 81.00
C GLY N 757 -3.89 -5.83 79.64
N GLU N 758 -2.82 -5.25 79.12
CA GLU N 758 -2.90 -4.61 77.83
C GLU N 758 -2.01 -5.31 76.82
N PRO N 759 -2.56 -5.63 75.65
CA PRO N 759 -1.77 -6.26 74.58
C PRO N 759 -0.84 -5.21 74.02
N TRP N 760 0.17 -5.62 73.27
CA TRP N 760 1.12 -4.65 72.79
C TRP N 760 0.35 -3.58 72.06
N VAL N 761 0.56 -2.33 72.44
CA VAL N 761 -0.08 -1.24 71.73
C VAL N 761 1.07 -0.55 71.03
N PHE N 762 2.27 -1.08 71.24
CA PHE N 762 3.46 -0.52 70.64
C PHE N 762 3.64 -1.21 69.31
N ARG N 763 2.74 -2.12 68.99
CA ARG N 763 2.87 -2.88 67.76
C ARG N 763 2.83 -1.94 66.58
N GLN N 764 3.67 -2.20 65.60
CA GLN N 764 3.72 -1.35 64.41
C GLN N 764 2.38 -1.41 63.71
N LYS N 765 1.70 -2.54 63.83
CA LYS N 765 0.43 -2.72 63.16
C LYS N 765 -0.59 -1.68 63.61
N ALA N 766 -0.63 -1.37 64.90
CA ALA N 766 -1.64 -0.43 65.37
C ALA N 766 -1.44 0.95 64.77
N ILE N 767 -2.51 1.55 64.25
CA ILE N 767 -2.41 2.93 63.75
C ILE N 767 -3.65 3.66 64.22
N ARG N 768 -4.80 3.30 63.67
CA ARG N 768 -6.04 3.89 64.12
C ARG N 768 -6.21 3.46 65.56
N ASP N 769 -5.88 2.21 65.86
CA ASP N 769 -5.95 1.70 67.22
C ASP N 769 -4.96 2.44 68.10
N TRP N 770 -3.77 2.69 67.57
CA TRP N 770 -2.75 3.38 68.34
C TRP N 770 -3.25 4.77 68.69
N HIS N 771 -3.88 5.45 67.74
CA HIS N 771 -4.46 6.76 68.03
C HIS N 771 -5.59 6.62 69.03
N ALA N 772 -6.41 5.59 68.86
CA ALA N 772 -7.57 5.40 69.73
C ALA N 772 -7.20 5.18 71.17
N ASN N 773 -6.16 4.39 71.43
CA ASN N 773 -5.83 4.09 72.79
C ASN N 773 -4.93 5.13 73.40
N ALA N 774 -5.33 5.68 74.55
CA ALA N 774 -4.46 6.60 75.24
C ALA N 774 -3.30 5.72 75.64
N HIS N 775 -2.08 6.21 75.46
CA HIS N 775 -0.96 5.33 75.72
C HIS N 775 -0.17 5.64 76.96
N HIS N 776 -0.16 4.72 77.90
CA HIS N 776 0.56 4.92 79.16
C HIS N 776 2.06 4.84 78.98
N ASN N 777 2.79 5.60 79.77
CA ASN N 777 4.24 5.50 79.71
C ASN N 777 4.64 4.12 80.19
N ARG N 778 5.54 3.47 79.46
CA ARG N 778 5.98 2.14 79.85
C ARG N 778 7.42 2.16 80.29
N THR N 779 7.95 3.34 80.57
CA THR N 779 9.37 3.46 80.87
C THR N 779 9.82 2.59 82.04
N ALA N 780 11.00 1.99 81.91
CA ALA N 780 11.52 1.11 82.95
C ALA N 780 10.57 -0.03 83.26
N GLY N 781 9.92 -0.55 82.22
CA GLY N 781 8.99 -1.64 82.40
C GLY N 781 7.66 -1.27 83.02
N VAL N 782 7.69 -0.64 84.20
CA VAL N 782 6.45 -0.33 84.90
C VAL N 782 5.54 0.63 84.12
N ARG N 783 4.25 0.31 84.06
CA ARG N 783 3.29 1.17 83.37
C ARG N 783 2.97 2.41 84.19
N ALA N 784 2.55 3.48 83.53
CA ALA N 784 2.28 4.73 84.23
C ALA N 784 0.83 5.13 84.12
N THR N 785 0.27 5.65 85.21
CA THR N 785 -1.13 6.06 85.20
C THR N 785 -1.34 7.16 84.17
N THR N 786 -0.39 8.09 84.11
CA THR N 786 -0.48 9.16 83.12
C THR N 786 -0.33 8.55 81.73
N SER N 787 -1.07 9.07 80.77
CA SER N 787 -0.96 8.57 79.42
C SER N 787 -0.25 9.55 78.52
N THR N 788 0.86 9.14 77.92
CA THR N 788 1.54 9.98 76.96
C THR N 788 0.61 10.15 75.77
N GLY N 789 -0.11 9.08 75.44
CA GLY N 789 -0.98 9.12 74.28
C GLY N 789 -2.06 10.16 74.33
N TRP N 790 -2.27 10.83 73.21
CA TRP N 790 -3.30 11.84 73.14
C TRP N 790 -4.65 11.18 73.05
N VAL N 791 -5.71 11.94 73.32
CA VAL N 791 -7.05 11.38 73.32
C VAL N 791 -7.40 10.86 71.93
N PRO N 792 -8.24 9.81 71.89
CA PRO N 792 -8.58 9.23 70.59
C PRO N 792 -9.24 10.25 69.69
N GLY N 793 -8.96 10.19 68.40
CA GLY N 793 -9.52 11.16 67.48
C GLY N 793 -9.19 12.59 67.83
N SER N 794 -7.94 12.85 68.18
CA SER N 794 -7.51 14.22 68.48
C SER N 794 -6.97 14.83 67.20
N LYS N 795 -5.67 15.06 67.15
CA LYS N 795 -5.08 15.58 65.91
C LYS N 795 -5.11 14.49 64.86
N PRO N 796 -5.61 14.82 63.66
CA PRO N 796 -5.73 13.79 62.63
C PRO N 796 -4.38 13.32 62.13
N VAL N 797 -4.25 12.01 61.95
CA VAL N 797 -3.00 11.45 61.44
C VAL N 797 -2.86 11.74 59.95
N TRP N 798 -1.63 11.81 59.46
CA TRP N 798 -1.42 12.03 58.03
C TRP N 798 -0.52 10.97 57.45
N PHE N 799 -0.95 10.29 56.40
CA PHE N 799 -0.07 9.34 55.74
C PHE N 799 0.71 10.17 54.73
N THR N 800 1.74 10.86 55.19
CA THR N 800 2.49 11.74 54.31
C THR N 800 3.14 10.97 53.18
N GLU N 801 3.64 9.76 53.45
CA GLU N 801 4.19 8.94 52.38
C GLU N 801 3.61 7.53 52.38
N TYR N 802 3.34 6.99 51.19
CA TYR N 802 2.87 5.60 51.10
C TYR N 802 3.17 4.98 49.74
N GLY N 803 3.11 3.65 49.64
CA GLY N 803 3.32 2.98 48.37
C GLY N 803 4.44 1.95 48.28
N CYS N 804 4.44 1.16 47.21
CA CYS N 804 5.44 0.11 47.02
C CYS N 804 6.81 0.65 46.63
N PRO N 805 7.86 -0.15 46.86
CA PRO N 805 9.17 0.29 46.38
C PRO N 805 9.21 0.17 44.87
N ALA N 806 10.15 0.85 44.25
CA ALA N 806 10.22 0.86 42.80
C ALA N 806 10.40 -0.55 42.24
N VAL N 807 11.24 -1.36 42.88
CA VAL N 807 11.52 -2.71 42.37
C VAL N 807 10.41 -3.73 42.56
N ASP N 808 10.48 -4.84 41.83
CA ASP N 808 9.50 -5.91 41.98
C ASP N 808 9.64 -6.47 43.37
N LEU N 809 8.54 -6.95 43.94
CA LEU N 809 8.54 -7.45 45.30
C LEU N 809 8.96 -6.28 46.17
N GLY N 810 9.96 -6.49 47.01
CA GLY N 810 10.40 -5.44 47.89
C GLY N 810 9.35 -5.17 48.94
N ALA N 811 8.50 -6.17 49.17
CA ALA N 811 7.43 -6.01 50.14
C ALA N 811 8.06 -5.76 51.49
N ASN N 812 9.16 -6.44 51.77
CA ASN N 812 9.86 -6.24 53.03
C ASN N 812 10.40 -4.83 53.19
N ARG N 813 10.91 -4.23 52.11
CA ARG N 813 11.52 -2.90 52.24
C ARG N 813 10.99 -1.84 51.29
N PRO N 814 9.78 -1.33 51.54
CA PRO N 814 9.29 -0.22 50.71
C PRO N 814 10.20 0.98 50.87
N ASN N 815 10.74 1.19 52.06
CA ASN N 815 11.58 2.35 52.34
C ASN N 815 12.83 2.39 51.46
N VAL N 816 13.38 1.24 51.15
CA VAL N 816 14.55 1.21 50.28
C VAL N 816 14.18 1.87 48.96
N PHE N 817 15.03 2.77 48.48
CA PHE N 817 14.79 3.43 47.20
C PHE N 817 16.13 3.48 46.50
N ALA N 818 16.13 3.55 45.18
CA ALA N 818 17.40 3.51 44.46
C ALA N 818 18.30 4.71 44.76
N ALA N 819 19.59 4.46 44.95
CA ALA N 819 20.55 5.55 45.20
C ALA N 819 21.92 5.14 44.67
N ALA N 820 22.80 6.11 44.41
CA ALA N 820 24.11 5.77 43.85
C ALA N 820 25.01 4.93 44.76
N SER N 821 25.14 5.34 46.02
CA SER N 821 26.00 4.60 46.95
C SER N 821 25.40 4.49 48.34
N SER N 822 24.14 4.87 48.49
CA SER N 822 23.52 4.88 49.82
C SER N 822 23.16 3.50 50.35
N SER N 823 22.87 3.43 51.65
CA SER N 823 22.43 2.17 52.23
C SER N 823 21.13 1.77 51.55
N GLU N 824 20.28 2.75 51.27
CA GLU N 824 19.00 2.47 50.62
C GLU N 824 19.14 1.91 49.21
N SER N 825 20.28 2.12 48.57
CA SER N 825 20.50 1.61 47.21
C SER N 825 20.36 0.11 47.24
N ALA N 826 20.83 -0.52 48.31
CA ALA N 826 20.77 -1.96 48.40
C ALA N 826 19.33 -2.40 48.31
N LEU N 827 19.08 -3.47 47.56
CA LEU N 827 17.72 -3.94 47.34
C LEU N 827 17.14 -4.59 48.57
N PRO N 828 15.81 -4.76 48.61
CA PRO N 828 15.19 -5.47 49.73
C PRO N 828 15.69 -6.89 49.73
N TRP N 829 15.59 -7.61 50.84
CA TRP N 829 16.24 -8.92 50.92
C TRP N 829 15.89 -9.98 49.88
N TYR N 830 14.63 -10.15 49.53
CA TYR N 830 14.31 -11.09 48.46
C TYR N 830 13.76 -10.42 47.21
N SER N 831 13.85 -9.11 47.13
CA SER N 831 13.27 -8.39 45.99
C SER N 831 13.89 -8.72 44.65
N SER N 832 13.05 -8.82 43.63
CA SER N 832 13.55 -9.10 42.28
C SER N 832 14.31 -7.92 41.72
N GLY N 833 15.32 -8.20 40.91
CA GLY N 833 16.09 -7.13 40.28
C GLY N 833 15.23 -6.29 39.36
N LEU N 834 14.35 -6.94 38.61
CA LEU N 834 13.45 -6.20 37.73
C LEU N 834 12.49 -5.37 38.56
N ARG N 835 12.12 -4.20 38.07
CA ARG N 835 11.14 -3.38 38.77
C ARG N 835 9.75 -3.85 38.45
N ASP N 836 8.77 -3.53 39.31
CA ASP N 836 7.39 -3.86 38.94
C ASP N 836 6.40 -2.73 39.18
N ASP N 837 5.80 -2.22 38.11
CA ASP N 837 4.74 -1.23 38.29
C ASP N 837 3.55 -1.93 38.91
N PHE N 838 3.36 -3.19 38.52
CA PHE N 838 2.25 -3.96 39.06
C PHE N 838 2.40 -4.12 40.57
N MET N 839 3.62 -4.25 41.06
CA MET N 839 3.83 -4.33 42.50
C MET N 839 3.31 -3.06 43.16
N GLN N 840 3.55 -1.92 42.52
CA GLN N 840 3.01 -0.67 43.05
C GLN N 840 1.50 -0.72 43.04
N ARG N 841 0.91 -1.28 42.00
CA ARG N 841 -0.54 -1.43 41.94
C ARG N 841 -0.99 -2.32 43.07
N GLN N 842 -0.22 -3.36 43.36
CA GLN N 842 -0.55 -4.28 44.44
C GLN N 842 -0.57 -3.55 45.75
N TYR N 843 0.24 -2.50 45.87
CA TYR N 843 0.26 -1.70 47.08
C TYR N 843 -0.77 -0.62 46.81
N LEU N 844 -0.33 0.61 46.57
CA LEU N 844 -1.23 1.74 46.29
C LEU N 844 -2.74 1.55 46.50
N ARG N 845 -3.44 0.98 45.53
CA ARG N 845 -4.89 0.86 45.66
C ARG N 845 -5.31 0.02 46.85
N ALA N 846 -4.60 -1.08 47.09
CA ALA N 846 -4.91 -1.92 48.24
C ALA N 846 -4.72 -1.15 49.52
N MET N 847 -3.67 -0.34 49.59
CA MET N 847 -3.42 0.46 50.77
C MET N 847 -4.56 1.45 50.98
N ALA N 848 -5.04 2.04 49.90
CA ALA N 848 -6.15 2.98 50.00
C ALA N 848 -7.37 2.25 50.54
N GLU N 849 -7.61 1.05 50.02
CA GLU N 849 -8.74 0.26 50.48
C GLU N 849 -8.54 -0.09 51.94
N TRP N 850 -7.31 -0.41 52.32
CA TRP N 850 -7.03 -0.80 53.70
C TRP N 850 -7.30 0.34 54.66
N TRP N 851 -6.92 1.56 54.31
CA TRP N 851 -7.24 2.68 55.18
C TRP N 851 -8.73 2.94 55.25
N THR N 852 -9.43 2.77 54.13
CA THR N 852 -10.87 2.91 54.15
C THR N 852 -11.41 1.81 55.06
N ALA N 853 -10.79 0.63 54.98
CA ALA N 853 -11.20 -0.48 55.82
C ALA N 853 -11.01 -0.15 57.30
N ASN N 854 -9.96 0.58 57.63
CA ASN N 854 -9.68 0.90 59.02
C ASN N 854 -10.90 1.60 59.55
N GLY N 855 -11.31 1.25 60.77
CA GLY N 855 -12.55 1.80 61.29
C GLY N 855 -12.57 3.30 61.43
N ALA N 856 -11.49 3.89 61.92
CA ALA N 856 -11.44 5.33 61.98
C ALA N 856 -10.45 5.77 60.93
N PRO N 857 -10.91 6.56 59.97
CA PRO N 857 -9.94 7.09 59.01
C PRO N 857 -9.35 8.34 59.60
N ALA N 858 -8.51 8.20 60.61
CA ALA N 858 -7.86 9.35 61.21
C ALA N 858 -7.01 9.95 60.13
N VAL N 859 -6.38 9.11 59.34
CA VAL N 859 -5.63 9.61 58.20
C VAL N 859 -6.66 10.16 57.22
N ASP N 860 -6.43 11.36 56.70
CA ASP N 860 -7.33 11.90 55.71
C ASP N 860 -6.71 11.58 54.38
N LEU N 861 -7.29 10.64 53.65
CA LEU N 861 -6.66 10.19 52.42
C LEU N 861 -6.52 11.28 51.37
N ALA N 862 -7.54 12.12 51.24
CA ALA N 862 -7.47 13.21 50.28
C ALA N 862 -6.32 14.12 50.64
N ASN N 863 -6.18 14.42 51.93
CA ASN N 863 -5.09 15.25 52.38
C ASN N 863 -3.75 14.55 52.16
N CYS N 864 -3.72 13.24 52.38
CA CYS N 864 -2.47 12.48 52.25
C CYS N 864 -1.91 12.33 50.84
N GLN N 865 -0.59 12.19 50.74
CA GLN N 865 0.05 12.09 49.44
C GLN N 865 1.01 10.91 49.40
N ALA N 866 1.35 10.45 48.19
CA ALA N 866 2.28 9.35 48.05
C ALA N 866 3.67 9.82 47.70
N TRP N 867 4.32 9.18 46.73
CA TRP N 867 5.70 9.52 46.41
C TRP N 867 6.07 9.59 44.92
N ALA N 868 7.13 10.32 44.58
CA ALA N 868 7.66 10.39 43.20
C ALA N 868 6.93 10.92 41.97
N TRP N 869 7.28 12.14 41.56
CA TRP N 869 6.76 12.69 40.29
C TRP N 869 7.80 13.72 39.88
N ASP N 870 8.61 13.45 38.85
CA ASP N 870 9.66 14.43 38.52
C ASP N 870 9.73 14.90 37.08
N ALA N 871 9.62 16.20 36.88
CA ALA N 871 9.72 16.74 35.53
C ALA N 871 11.08 16.60 34.85
N ARG N 872 12.16 16.84 35.58
CA ARG N 872 13.49 16.83 34.96
C ARG N 872 14.04 15.51 34.33
N PRO N 873 13.92 14.35 35.04
CA PRO N 873 14.41 13.15 34.34
C PRO N 873 13.42 12.69 33.28
N PHE N 874 13.77 11.66 32.51
CA PHE N 874 12.83 11.12 31.52
C PHE N 874 12.24 12.18 30.60
N PRO N 875 13.08 12.96 29.89
CA PRO N 875 12.58 14.08 29.07
C PRO N 875 11.68 13.82 27.86
N GLU N 876 11.72 12.66 27.21
CA GLU N 876 10.95 12.49 25.96
C GLU N 876 9.49 12.77 26.24
N PHE N 877 8.96 12.21 27.31
CA PHE N 877 7.62 12.56 27.71
C PHE N 877 7.93 12.91 29.12
N PRO N 878 7.63 14.15 29.53
CA PRO N 878 8.03 14.44 30.90
C PRO N 878 7.31 13.47 31.80
N LEU N 879 8.04 12.83 32.71
CA LEU N 879 7.42 11.82 33.57
C LEU N 879 6.66 10.76 32.78
N ARG N 880 7.29 10.17 31.76
CA ARG N 880 6.57 9.22 30.91
C ARG N 880 6.06 8.03 31.70
N PRO N 881 4.79 7.66 31.48
CA PRO N 881 4.22 6.49 32.14
C PRO N 881 4.67 5.22 31.44
N ALA N 882 4.81 5.26 30.12
CA ALA N 882 5.17 4.07 29.34
C ALA N 882 6.46 3.36 29.75
N THR N 883 7.50 4.12 30.03
CA THR N 883 8.72 3.51 30.54
C THR N 883 8.51 3.35 32.01
N TRP N 884 8.68 2.16 32.55
CA TRP N 884 8.55 2.09 33.99
C TRP N 884 9.80 2.38 34.81
N SER N 885 10.97 2.51 34.21
CA SER N 885 12.15 2.86 35.02
C SER N 885 13.06 3.97 34.51
N ASP N 886 13.94 3.67 33.55
CA ASP N 886 14.89 4.66 33.02
C ASP N 886 14.28 5.61 32.02
N GLY N 887 15.01 6.66 31.66
CA GLY N 887 14.53 7.64 30.71
C GLY N 887 15.54 8.02 29.66
N PRO N 888 15.19 9.01 28.82
CA PRO N 888 16.13 9.51 27.81
C PRO N 888 17.02 10.57 28.39
N ASP N 889 17.04 10.69 29.73
CA ASP N 889 17.86 11.68 30.39
C ASP N 889 19.28 11.18 30.50
N TRP N 890 20.02 11.26 29.41
CA TRP N 890 21.39 10.78 29.41
C TRP N 890 22.22 11.61 30.38
N ARG N 891 22.04 12.92 30.35
CA ARG N 891 22.75 13.77 31.28
C ARG N 891 22.34 13.49 32.72
N LEU N 892 21.05 13.37 32.97
CA LEU N 892 20.57 13.11 34.33
C LEU N 892 20.93 11.73 34.88
N GLY N 893 20.89 10.71 34.03
CA GLY N 893 21.19 9.35 34.48
C GLY N 893 20.33 8.81 35.59
N HIS N 894 19.02 9.02 35.51
CA HIS N 894 18.11 8.57 36.57
C HIS N 894 17.33 7.31 36.19
N TRP N 895 17.20 6.38 37.13
CA TRP N 895 16.54 5.11 36.85
C TRP N 895 15.48 4.82 37.92
N LEU N 896 14.34 5.49 37.85
CA LEU N 896 13.34 5.31 38.92
C LEU N 896 11.96 4.80 38.50
N ASN N 897 11.54 3.67 39.07
CA ASN N 897 10.20 3.13 38.81
C ASN N 897 9.01 3.91 39.38
N GLY N 898 9.15 4.48 40.57
CA GLY N 898 8.01 5.11 41.23
C GLY N 898 7.26 6.22 40.54
N ARG N 899 7.97 7.12 39.87
CA ARG N 899 7.30 8.25 39.24
C ARG N 899 6.32 7.78 38.17
N ALA N 900 6.73 6.82 37.35
CA ALA N 900 5.88 6.32 36.28
C ALA N 900 4.67 5.54 36.79
N GLY N 901 3.52 5.70 36.14
CA GLY N 901 2.34 4.95 36.50
C GLY N 901 1.78 4.20 35.31
N ALA N 902 1.42 2.94 35.47
CA ALA N 902 0.90 2.15 34.35
C ALA N 902 -0.53 1.67 34.51
N ALA N 903 -1.34 1.83 33.46
CA ALA N 903 -2.73 1.40 33.50
C ALA N 903 -2.85 -0.12 33.59
N PRO N 904 -3.75 -0.62 34.44
CA PRO N 904 -3.95 -2.07 34.49
C PRO N 904 -4.77 -2.58 33.31
N ALA N 905 -4.20 -3.53 32.58
CA ALA N 905 -4.91 -4.09 31.43
C ALA N 905 -6.16 -4.90 31.75
N ALA N 906 -6.10 -5.72 32.78
CA ALA N 906 -7.23 -6.61 33.08
C ALA N 906 -8.54 -5.92 33.40
N GLU N 907 -8.50 -4.87 34.22
CA GLU N 907 -9.71 -4.15 34.56
C GLU N 907 -10.29 -3.51 33.32
N ALA N 908 -9.43 -2.99 32.46
CA ALA N 908 -9.91 -2.32 31.25
C ALA N 908 -10.67 -3.30 30.40
N ILE N 909 -10.19 -4.54 30.33
CA ILE N 909 -10.83 -5.54 29.52
C ILE N 909 -12.25 -5.76 30.01
N THR N 910 -12.43 -5.83 31.32
CA THR N 910 -13.76 -6.12 31.85
C THR N 910 -14.79 -5.04 31.53
N ARG N 911 -14.43 -3.78 31.70
CA ARG N 911 -15.36 -2.71 31.37
C ARG N 911 -15.64 -2.65 29.88
N ARG N 912 -14.62 -2.91 29.08
CA ARG N 912 -14.77 -2.87 27.63
C ARG N 912 -15.78 -3.93 27.26
N ALA N 913 -15.68 -5.09 27.92
CA ALA N 913 -16.59 -6.16 27.60
C ALA N 913 -18.01 -5.72 27.87
N ILE N 914 -18.22 -5.06 28.99
CA ILE N 914 -19.57 -4.67 29.36
C ILE N 914 -20.19 -3.72 28.34
N THR N 915 -19.42 -2.73 27.89
CA THR N 915 -20.01 -1.74 27.00
C THR N 915 -19.69 -1.92 25.51
N ARG N 916 -18.40 -1.99 25.18
CA ARG N 916 -18.01 -2.11 23.78
C ARG N 916 -18.49 -3.42 23.18
N HIS N 917 -18.35 -4.49 23.94
CA HIS N 917 -18.73 -5.80 23.44
C HIS N 917 -20.14 -6.16 23.88
N GLY N 918 -20.78 -5.26 24.61
CA GLY N 918 -22.16 -5.49 25.00
C GLY N 918 -22.38 -6.69 25.90
N LEU N 919 -21.39 -7.06 26.70
CA LEU N 919 -21.59 -8.13 27.65
C LEU N 919 -22.61 -7.62 28.64
N ILE N 920 -23.55 -8.47 29.05
CA ILE N 920 -24.61 -7.99 29.93
C ILE N 920 -24.23 -7.99 31.40
N SER N 921 -23.20 -7.24 31.75
CA SER N 921 -22.79 -7.11 33.16
C SER N 921 -22.57 -8.45 33.84
N ALA N 922 -22.01 -9.42 33.12
CA ALA N 922 -21.72 -10.71 33.71
C ALA N 922 -20.59 -10.50 34.69
N ASP N 923 -20.61 -11.24 35.80
CA ASP N 923 -19.52 -11.14 36.74
C ASP N 923 -18.26 -11.61 36.06
N ILE N 924 -17.18 -10.84 36.18
CA ILE N 924 -15.91 -11.25 35.61
C ILE N 924 -14.89 -11.19 36.73
N ASP N 925 -14.12 -12.25 36.90
CA ASP N 925 -13.12 -12.29 37.95
C ASP N 925 -11.75 -12.16 37.34
N THR N 926 -11.02 -11.12 37.74
CA THR N 926 -9.68 -10.89 37.21
C THR N 926 -8.62 -11.15 38.26
N SER N 927 -9.00 -11.79 39.36
CA SER N 927 -8.05 -11.99 40.44
C SER N 927 -6.86 -12.80 39.96
N ARG N 928 -7.10 -13.86 39.21
CA ARG N 928 -5.99 -14.64 38.66
C ARG N 928 -5.19 -13.79 37.70
N ALA N 929 -5.88 -12.97 36.92
CA ALA N 929 -5.18 -12.17 35.92
C ALA N 929 -4.18 -11.22 36.55
N TYR N 930 -3.00 -11.13 35.95
CA TYR N 930 -1.96 -10.23 36.46
C TYR N 930 -1.23 -9.57 35.30
N GLY N 931 -0.59 -8.44 35.55
CA GLY N 931 0.16 -7.77 34.52
C GLY N 931 -0.57 -6.64 33.82
N GLN N 932 0.18 -5.75 33.18
CA GLN N 932 -0.43 -4.61 32.53
C GLN N 932 0.26 -4.26 31.23
N ALA N 933 -0.44 -3.51 30.37
CA ALA N 933 0.16 -3.10 29.11
C ALA N 933 0.08 -1.59 29.00
N ASP N 934 1.06 -0.97 28.34
CA ASP N 934 1.08 0.49 28.29
C ASP N 934 -0.17 1.02 27.59
N GLY N 935 -0.54 0.43 26.46
CA GLY N 935 -1.75 0.85 25.80
C GLY N 935 -2.34 -0.13 24.80
N TYR N 936 -3.63 -0.05 24.55
CA TYR N 936 -4.24 -0.88 23.52
C TYR N 936 -5.23 -0.12 22.67
N ALA N 937 -5.20 -0.36 21.35
CA ALA N 937 -6.17 0.27 20.48
C ALA N 937 -6.89 -0.82 19.70
N ALA N 938 -8.22 -0.82 19.71
CA ALA N 938 -8.93 -1.79 18.88
C ALA N 938 -9.75 -1.03 17.86
N PRO N 939 -9.43 -1.20 16.57
CA PRO N 939 -10.16 -0.41 15.57
C PRO N 939 -11.63 -0.77 15.55
N ALA N 940 -11.94 -2.07 15.58
CA ALA N 940 -13.33 -2.48 15.65
C ALA N 940 -13.49 -3.49 16.77
N PRO N 941 -14.42 -3.23 17.70
CA PRO N 941 -14.65 -4.25 18.72
C PRO N 941 -15.14 -5.55 18.15
N LEU N 942 -14.56 -6.64 18.61
CA LEU N 942 -14.99 -7.96 18.16
C LEU N 942 -15.49 -8.62 19.40
N GLY N 943 -15.42 -9.94 19.45
CA GLY N 943 -15.79 -10.63 20.67
C GLY N 943 -14.78 -10.28 21.73
N LEU N 944 -15.19 -10.30 22.98
CA LEU N 944 -14.28 -9.89 24.05
C LEU N 944 -13.06 -10.80 24.07
N GLY N 945 -13.26 -12.09 23.83
CA GLY N 945 -12.14 -13.01 23.79
C GLY N 945 -11.19 -12.66 22.66
N ASP N 946 -11.73 -12.33 21.50
CA ASP N 946 -10.88 -11.91 20.38
C ASP N 946 -10.16 -10.62 20.71
N TYR N 947 -10.87 -9.70 21.36
CA TYR N 947 -10.28 -8.43 21.74
C TYR N 947 -9.15 -8.68 22.72
N ALA N 948 -9.34 -9.64 23.60
CA ALA N 948 -8.33 -9.94 24.60
C ALA N 948 -7.37 -11.05 24.18
N GLN N 949 -7.49 -11.53 22.95
CA GLN N 949 -6.55 -12.56 22.49
C GLN N 949 -5.10 -12.06 22.49
N PRO N 950 -4.85 -10.84 21.99
CA PRO N 950 -3.47 -10.35 22.11
C PRO N 950 -3.09 -10.21 23.58
N PHE N 951 -4.03 -9.76 24.40
CA PHE N 951 -3.76 -9.56 25.82
C PHE N 951 -3.38 -10.87 26.46
N GLU N 952 -4.05 -11.94 26.07
CA GLU N 952 -3.79 -13.21 26.73
C GLU N 952 -2.36 -13.68 26.57
N VAL N 953 -1.82 -13.59 25.36
CA VAL N 953 -0.41 -13.94 25.19
C VAL N 953 0.52 -12.95 25.89
N ALA N 954 0.24 -11.66 25.77
CA ALA N 954 1.13 -10.65 26.32
C ALA N 954 1.23 -10.70 27.84
N LEU N 955 0.11 -10.86 28.51
CA LEU N 955 0.11 -10.87 29.96
C LEU N 955 0.09 -12.29 30.49
N GLY N 956 0.24 -13.26 29.60
CA GLY N 956 0.26 -14.64 30.03
C GLY N 956 -0.93 -15.10 30.84
N LEU N 957 -2.13 -14.83 30.35
CA LEU N 957 -3.34 -15.31 31.04
C LEU N 957 -4.24 -16.11 30.12
N GLN N 958 -5.05 -17.00 30.70
CA GLN N 958 -5.98 -17.79 29.91
C GLN N 958 -7.41 -17.53 30.38
N THR N 959 -8.31 -17.24 29.44
CA THR N 959 -9.68 -16.89 29.82
C THR N 959 -10.60 -18.08 29.91
N THR N 960 -11.29 -18.21 31.04
CA THR N 960 -12.24 -19.30 31.21
C THR N 960 -13.54 -18.77 31.80
N GLU N 961 -14.64 -19.48 31.60
CA GLU N 961 -15.90 -19.08 32.22
C GLU N 961 -16.45 -20.22 33.07
N THR N 962 -16.71 -19.94 34.35
CA THR N 962 -17.30 -20.96 35.21
C THR N 962 -18.59 -20.47 35.85
N GLY N 963 -19.67 -21.20 35.68
CA GLY N 963 -20.94 -20.83 36.29
C GLY N 963 -21.43 -19.45 35.92
N GLY N 964 -21.22 -19.04 34.67
CA GLY N 964 -21.67 -17.74 34.21
C GLY N 964 -20.75 -16.60 34.59
N ALA N 965 -19.62 -16.91 35.22
CA ALA N 965 -18.67 -15.89 35.61
C ALA N 965 -17.34 -16.15 34.94
N LEU N 966 -16.78 -15.13 34.31
CA LEU N 966 -15.53 -15.33 33.57
C LEU N 966 -14.34 -15.21 34.49
N VAL N 967 -13.55 -16.27 34.60
CA VAL N 967 -12.35 -16.20 35.41
C VAL N 967 -11.16 -16.25 34.46
N ILE N 968 -10.34 -15.22 34.51
CA ILE N 968 -9.18 -15.22 33.63
C ILE N 968 -8.02 -15.74 34.43
N GLU N 969 -7.60 -16.96 34.18
CA GLU N 969 -6.53 -17.54 34.98
C GLU N 969 -5.20 -17.39 34.31
N ALA N 970 -4.29 -16.70 34.98
CA ALA N 970 -2.98 -16.48 34.39
C ALA N 970 -2.24 -17.79 34.24
N LYS N 971 -1.56 -17.96 33.12
CA LYS N 971 -0.79 -19.16 32.88
C LYS N 971 0.32 -19.24 33.91
N PRO N 972 0.53 -20.43 34.50
CA PRO N 972 1.53 -20.58 35.56
C PRO N 972 1.48 -19.54 36.66
N ALA N 973 0.29 -19.19 37.13
CA ALA N 973 0.17 -18.28 38.26
C ALA N 973 -0.22 -19.18 39.41
N ALA N 974 -0.23 -20.49 39.17
CA ALA N 974 -0.64 -21.45 40.19
C ALA N 974 -2.05 -21.18 40.75
N PRO N 975 -3.03 -20.86 39.89
CA PRO N 975 -4.34 -20.51 40.46
C PRO N 975 -5.01 -21.65 41.21
N LEU N 976 -4.96 -22.87 40.68
CA LEU N 976 -5.61 -24.00 41.32
C LEU N 976 -4.72 -25.24 41.34
N ALA N 977 -4.81 -26.04 42.41
CA ALA N 977 -4.05 -27.28 42.46
C ALA N 977 -4.92 -28.47 42.88
N ALA N 978 -4.79 -29.59 42.17
CA ALA N 978 -5.52 -30.80 42.55
C ALA N 978 -4.62 -32.02 42.41
N ASP N 979 -4.92 -33.09 43.12
CA ASP N 979 -4.06 -34.27 43.08
C ASP N 979 -4.74 -35.52 42.55
N VAL N 980 -4.10 -36.19 41.59
CA VAL N 980 -4.66 -37.43 41.05
C VAL N 980 -3.62 -38.53 41.04
N ILE N 981 -4.06 -39.77 41.18
CA ILE N 981 -3.13 -40.89 41.23
C ILE N 981 -3.41 -41.88 40.10
N GLU N 982 -2.36 -42.37 39.45
CA GLU N 982 -2.54 -43.30 38.34
C GLU N 982 -3.23 -44.57 38.79
N ALA N 983 -2.86 -45.06 39.96
CA ALA N 983 -3.51 -46.24 40.52
C ALA N 983 -4.97 -45.95 40.75
N ASP N 984 -5.27 -44.75 41.21
CA ASP N 984 -6.66 -44.36 41.47
C ASP N 984 -7.47 -44.39 40.19
N LEU N 985 -6.88 -43.97 39.08
CA LEU N 985 -7.63 -43.91 37.83
C LEU N 985 -7.60 -45.25 37.14
N VAL N 986 -8.64 -46.06 37.35
CA VAL N 986 -8.72 -47.36 36.72
C VAL N 986 -9.81 -47.39 35.68
N ASP N 987 -10.29 -46.22 35.29
CA ASP N 987 -11.38 -46.14 34.33
C ASP N 987 -11.02 -46.76 33.00
N THR N 988 -9.82 -46.51 32.52
CA THR N 988 -9.40 -47.01 31.20
C THR N 988 -8.06 -47.72 31.26
N PRO N 989 -7.85 -48.70 30.38
CA PRO N 989 -6.54 -49.35 30.34
C PRO N 989 -5.44 -48.37 29.96
N ALA N 990 -5.69 -47.51 28.98
CA ALA N 990 -4.69 -46.53 28.57
C ALA N 990 -4.74 -45.26 29.40
N ILE N 991 -4.41 -45.35 30.68
CA ILE N 991 -4.37 -44.18 31.53
C ILE N 991 -2.99 -43.53 31.50
N TYR N 992 -2.01 -44.23 30.94
CA TYR N 992 -0.65 -43.71 30.89
C TYR N 992 -0.29 -43.25 29.49
N THR N 993 -1.30 -43.06 28.64
CA THR N 993 -1.02 -42.58 27.31
C THR N 993 -0.38 -41.20 27.43
N LEU N 994 0.68 -40.97 26.67
CA LEU N 994 1.39 -39.70 26.76
C LEU N 994 1.38 -38.98 25.44
N THR N 995 0.94 -37.72 25.45
CA THR N 995 1.01 -36.94 24.23
C THR N 995 2.37 -36.27 24.19
N ARG N 996 3.42 -37.05 24.02
CA ARG N 996 4.76 -36.49 24.06
C ARG N 996 4.97 -35.53 22.90
N GLY N 997 5.60 -34.40 23.17
CA GLY N 997 5.85 -33.43 22.12
C GLY N 997 6.85 -33.90 21.09
N ALA N 998 6.59 -33.60 19.83
CA ALA N 998 7.52 -33.96 18.78
C ALA N 998 8.83 -33.22 18.95
N LEU N 999 8.75 -31.93 19.30
CA LEU N 999 9.94 -31.09 19.46
C LEU N 999 10.55 -30.82 18.10
N GLU N 1000 9.81 -31.13 17.04
CA GLU N 1000 10.27 -30.88 15.68
C GLU N 1000 10.38 -29.39 15.44
N ASP N 1001 9.45 -28.62 16.00
CA ASP N 1001 9.44 -27.19 15.72
C ASP N 1001 9.46 -26.30 16.93
N THR N 1002 10.62 -26.13 17.56
CA THR N 1002 10.73 -25.21 18.67
C THR N 1002 11.54 -24.03 18.17
N PRO N 1003 11.00 -22.82 18.32
CA PRO N 1003 11.74 -21.69 17.73
C PRO N 1003 13.08 -21.42 18.37
N ALA N 1004 14.14 -21.34 17.57
CA ALA N 1004 15.44 -20.98 18.10
C ALA N 1004 15.35 -19.54 18.54
N ALA N 1005 14.70 -18.73 17.72
CA ALA N 1005 14.55 -17.32 18.03
C ALA N 1005 13.12 -16.91 17.80
N ALA N 1006 12.62 -16.01 18.65
CA ALA N 1006 11.26 -15.55 18.50
C ALA N 1006 11.22 -14.03 18.55
N ILE N 1007 11.59 -13.40 17.44
CA ILE N 1007 11.53 -11.95 17.41
C ILE N 1007 10.08 -11.49 17.56
N VAL N 1008 9.87 -10.46 18.37
CA VAL N 1008 8.53 -9.96 18.58
C VAL N 1008 8.51 -8.51 18.20
N ARG N 1009 7.59 -8.13 17.31
CA ARG N 1009 7.47 -6.73 16.97
C ARG N 1009 6.40 -6.15 17.85
N PHE N 1010 6.82 -5.31 18.79
CA PHE N 1010 5.88 -4.72 19.72
C PHE N 1010 6.11 -3.23 19.76
N ARG N 1011 5.04 -2.46 19.89
CA ARG N 1011 5.21 -1.03 20.01
C ARG N 1011 5.94 -0.75 21.31
N ASP N 1012 6.93 0.14 21.25
CA ASP N 1012 7.67 0.49 22.45
C ASP N 1012 7.29 1.90 22.82
N GLY N 1013 6.68 2.07 23.98
CA GLY N 1013 6.25 3.40 24.40
C GLY N 1013 7.40 4.35 24.56
N LEU N 1014 8.50 3.85 25.14
CA LEU N 1014 9.66 4.70 25.36
C LEU N 1014 10.23 5.20 24.05
N SER N 1015 10.28 4.34 23.05
CA SER N 1015 10.79 4.74 21.75
C SER N 1015 9.70 5.40 20.94
N ASP N 1016 9.17 6.51 21.47
CA ASP N 1016 8.08 7.24 20.81
C ASP N 1016 6.98 6.36 20.29
N TYR N 1017 6.50 5.43 21.12
CA TYR N 1017 5.35 4.62 20.74
C TYR N 1017 5.50 3.99 19.37
N GLU N 1018 6.66 3.42 19.10
CA GLU N 1018 6.92 2.85 17.78
C GLU N 1018 7.30 1.38 17.86
N ILE N 1019 6.82 0.60 16.91
CA ILE N 1019 7.11 -0.84 16.89
C ILE N 1019 8.59 -1.17 16.80
N THR N 1020 9.05 -2.12 17.61
CA THR N 1020 10.45 -2.53 17.58
C THR N 1020 10.52 -4.04 17.76
N ALA N 1021 11.61 -4.67 17.30
CA ALA N 1021 11.71 -6.13 17.37
C ALA N 1021 12.72 -6.63 18.39
N ALA N 1022 12.30 -7.54 19.26
CA ALA N 1022 13.21 -8.13 20.24
C ALA N 1022 13.13 -9.64 20.13
N ARG N 1023 14.27 -10.33 20.06
CA ARG N 1023 14.22 -11.77 19.83
C ARG N 1023 14.56 -12.65 21.03
N ALA N 1024 13.68 -13.58 21.34
CA ALA N 1024 13.94 -14.52 22.43
C ALA N 1024 15.00 -15.52 22.02
N ARG N 1025 15.79 -16.00 22.98
CA ARG N 1025 16.80 -17.00 22.67
C ARG N 1025 16.48 -18.35 23.31
N ILE N 1026 16.53 -19.41 22.51
CA ILE N 1026 16.25 -20.74 23.02
C ILE N 1026 17.32 -21.18 24.01
N GLY N 1027 16.91 -21.90 25.05
CA GLY N 1027 17.87 -22.38 26.03
C GLY N 1027 18.80 -23.44 25.49
N ALA N 1028 20.07 -23.36 25.86
CA ALA N 1028 21.05 -24.37 25.44
C ALA N 1028 21.12 -24.59 23.94
N GLY N 1029 21.14 -25.86 23.51
CA GLY N 1029 21.27 -26.15 22.09
C GLY N 1029 20.14 -26.82 21.34
N LYS N 1030 18.96 -26.94 21.94
CA LYS N 1030 17.89 -27.68 21.28
C LYS N 1030 16.86 -26.76 20.63
N GLU N 1031 16.69 -26.90 19.31
CA GLU N 1031 15.73 -26.06 18.60
C GLU N 1031 15.25 -26.72 17.31
N GLY N 1032 14.09 -26.28 16.82
CA GLY N 1032 13.57 -26.80 15.56
C GLY N 1032 13.10 -25.70 14.64
N GLY N 1033 14.04 -24.95 14.05
CA GLY N 1033 13.66 -23.84 13.18
C GLY N 1033 13.38 -22.61 14.01
N SER N 1034 12.92 -21.53 13.37
CA SER N 1034 12.60 -20.30 14.10
C SER N 1034 11.20 -19.76 13.82
N ALA N 1035 10.47 -19.39 14.87
CA ALA N 1035 9.15 -18.78 14.68
C ALA N 1035 9.06 -17.45 15.39
N THR N 1036 8.58 -16.42 14.70
CA THR N 1036 8.49 -15.08 15.28
C THR N 1036 7.05 -14.55 15.31
N ALA N 1037 6.65 -13.93 16.42
CA ALA N 1037 5.27 -13.43 16.54
C ALA N 1037 5.11 -11.92 16.80
N ASP N 1038 4.30 -11.25 15.99
CA ASP N 1038 4.03 -9.82 16.19
C ASP N 1038 3.15 -9.57 17.41
N LEU N 1039 3.38 -8.46 18.12
CA LEU N 1039 2.51 -8.14 19.25
C LEU N 1039 1.79 -6.81 19.05
N ALA N 1040 0.46 -6.82 19.10
CA ALA N 1040 -0.32 -5.59 18.99
C ALA N 1040 -0.11 -4.67 20.16
N LEU N 1041 0.00 -5.23 21.36
CA LEU N 1041 0.12 -4.42 22.56
C LEU N 1041 1.34 -3.53 22.65
N VAL N 1042 1.17 -2.33 23.19
CA VAL N 1042 2.31 -1.46 23.40
C VAL N 1042 2.90 -1.91 24.71
N LEU N 1043 4.19 -2.22 24.71
CA LEU N 1043 4.83 -2.72 25.92
C LEU N 1043 6.15 -2.02 26.12
N ASP N 1044 6.63 -1.99 27.37
CA ASP N 1044 7.91 -1.37 27.66
C ASP N 1044 9.08 -2.20 27.18
N GLY N 1045 10.23 -1.56 26.99
CA GLY N 1045 11.43 -2.27 26.54
C GLY N 1045 11.84 -3.30 27.55
N ASP N 1046 11.69 -2.98 28.82
CA ASP N 1046 12.01 -3.93 29.87
C ASP N 1046 11.11 -5.14 29.69
N ARG N 1047 9.83 -4.92 29.41
CA ARG N 1047 8.94 -6.03 29.15
C ARG N 1047 9.34 -6.77 27.90
N GLY N 1048 9.77 -6.03 26.89
CA GLY N 1048 10.15 -6.64 25.64
C GLY N 1048 11.32 -7.59 25.80
N ASN N 1049 11.25 -8.75 25.16
CA ASN N 1049 12.32 -9.76 25.21
C ASN N 1049 12.24 -10.56 26.50
N ALA N 1050 11.30 -10.22 27.37
CA ALA N 1050 11.11 -11.01 28.58
C ALA N 1050 9.92 -11.88 28.32
N ALA N 1051 8.86 -11.27 27.77
CA ALA N 1051 7.65 -12.01 27.48
C ALA N 1051 7.92 -13.06 26.42
N ALA N 1052 8.69 -12.69 25.40
CA ALA N 1052 9.00 -13.63 24.33
C ALA N 1052 9.77 -14.81 24.89
N GLU N 1053 10.73 -14.53 25.77
CA GLU N 1053 11.51 -15.59 26.36
C GLU N 1053 10.64 -16.50 27.22
N MET N 1054 9.71 -15.90 27.95
CA MET N 1054 8.81 -16.69 28.77
C MET N 1054 7.97 -17.60 27.89
N VAL N 1055 7.51 -17.07 26.77
CA VAL N 1055 6.68 -17.86 25.87
C VAL N 1055 7.49 -19.04 25.34
N LEU N 1056 8.75 -18.80 25.00
CA LEU N 1056 9.58 -19.87 24.48
C LEU N 1056 9.76 -20.96 25.52
N ARG N 1057 10.02 -20.56 26.76
CA ARG N 1057 10.19 -21.54 27.83
C ARG N 1057 8.90 -22.30 28.06
N ALA N 1058 7.78 -21.60 28.03
CA ALA N 1058 6.49 -22.23 28.25
C ALA N 1058 6.23 -23.26 27.17
N ALA N 1059 6.62 -22.95 25.94
CA ALA N 1059 6.35 -23.86 24.83
C ALA N 1059 7.04 -25.20 25.05
N LEU N 1060 8.27 -25.17 25.55
CA LEU N 1060 8.99 -26.41 25.79
C LEU N 1060 8.27 -27.26 26.83
N THR N 1061 7.83 -26.63 27.91
CA THR N 1061 7.11 -27.35 28.94
C THR N 1061 5.82 -27.89 28.36
N SER N 1062 5.16 -27.09 27.53
CA SER N 1062 3.91 -27.49 26.92
C SER N 1062 4.06 -28.71 26.02
N ARG N 1063 5.19 -28.82 25.33
CA ARG N 1063 5.33 -29.91 24.38
C ARG N 1063 5.18 -31.25 25.09
N GLU N 1064 5.76 -31.40 26.26
CA GLU N 1064 5.54 -32.63 27.00
C GLU N 1064 4.09 -32.65 27.47
N SER N 1065 3.37 -33.74 27.22
CA SER N 1065 1.95 -33.80 27.57
C SER N 1065 1.43 -35.21 27.88
N LEU N 1066 0.28 -35.30 28.55
CA LEU N 1066 -0.28 -36.61 28.91
C LEU N 1066 -1.78 -36.72 28.65
N SER N 1067 -2.28 -37.94 28.47
CA SER N 1067 -3.72 -38.14 28.29
C SER N 1067 -4.27 -39.14 29.32
N VAL N 1068 -5.37 -38.81 29.97
CA VAL N 1068 -5.92 -39.67 31.02
C VAL N 1068 -7.45 -39.61 31.12
N THR N 1069 -8.07 -40.61 31.72
CA THR N 1069 -9.53 -40.61 31.90
C THR N 1069 -9.87 -40.53 33.38
N LEU N 1070 -10.94 -39.82 33.73
CA LEU N 1070 -11.27 -39.60 35.14
C LEU N 1070 -12.68 -40.00 35.53
N PRO N 1071 -12.89 -40.32 36.82
CA PRO N 1071 -14.23 -40.66 37.30
C PRO N 1071 -15.18 -39.48 37.47
N ARG N 1072 -16.48 -39.76 37.47
CA ARG N 1072 -17.48 -38.71 37.67
C ARG N 1072 -17.33 -38.09 39.04
N SER N 1073 -16.96 -38.89 40.03
CA SER N 1073 -16.85 -38.41 41.40
C SER N 1073 -15.84 -37.28 41.48
N ALA N 1074 -14.78 -37.35 40.69
CA ALA N 1074 -13.80 -36.27 40.68
C ALA N 1074 -14.31 -35.15 39.79
N THR N 1075 -15.25 -34.37 40.32
CA THR N 1075 -15.81 -33.24 39.56
C THR N 1075 -15.00 -31.99 39.84
N THR N 1076 -14.03 -32.09 40.73
CA THR N 1076 -13.23 -30.94 41.10
C THR N 1076 -12.46 -30.39 39.91
N LEU N 1077 -11.96 -31.27 39.06
CA LEU N 1077 -11.16 -30.81 37.93
C LEU N 1077 -11.94 -29.94 36.99
N ARG N 1078 -11.33 -28.85 36.55
CA ARG N 1078 -11.98 -27.94 35.62
C ARG N 1078 -11.03 -27.68 34.48
N PRO N 1079 -11.54 -27.37 33.28
CA PRO N 1079 -10.60 -27.05 32.23
C PRO N 1079 -9.81 -25.81 32.58
N GLY N 1080 -8.52 -25.80 32.28
CA GLY N 1080 -7.68 -24.65 32.62
C GLY N 1080 -7.16 -24.66 34.04
N SER N 1081 -7.34 -25.76 34.75
CA SER N 1081 -6.88 -25.84 36.13
C SER N 1081 -5.66 -26.72 36.26
N LEU N 1082 -4.62 -26.22 36.91
CA LEU N 1082 -3.40 -26.98 37.08
C LEU N 1082 -3.59 -28.18 37.99
N VAL N 1083 -2.92 -29.27 37.67
CA VAL N 1083 -3.02 -30.48 38.47
C VAL N 1083 -1.67 -31.08 38.70
N GLU N 1084 -1.51 -31.79 39.80
CA GLU N 1084 -0.27 -32.51 40.00
C GLU N 1084 -0.71 -33.91 39.65
N VAL N 1085 -0.02 -34.54 38.71
CA VAL N 1085 -0.46 -35.85 38.26
C VAL N 1085 0.55 -36.92 38.59
N THR N 1086 0.10 -37.98 39.26
CA THR N 1086 1.00 -39.07 39.60
C THR N 1086 1.52 -39.70 38.32
N LEU N 1087 2.81 -40.00 38.29
CA LEU N 1087 3.42 -40.54 37.08
C LEU N 1087 3.71 -42.03 37.24
N GLY N 1088 3.00 -42.70 38.14
CA GLY N 1088 3.29 -44.10 38.39
C GLY N 1088 4.68 -44.20 38.97
N THR N 1089 5.54 -44.99 38.34
CA THR N 1089 6.88 -45.21 38.88
C THR N 1089 7.66 -43.91 38.97
N GLU N 1090 7.54 -43.06 37.97
CA GLU N 1090 8.22 -41.77 37.97
C GLU N 1090 7.57 -40.80 38.95
N ALA N 1091 8.31 -39.79 39.39
CA ALA N 1091 7.77 -38.80 40.31
C ALA N 1091 6.66 -38.00 39.66
N ARG N 1092 5.68 -37.57 40.45
CA ARG N 1092 4.53 -36.88 39.88
C ARG N 1092 4.91 -35.62 39.13
N ARG N 1093 4.27 -35.39 37.99
CA ARG N 1093 4.59 -34.23 37.17
C ARG N 1093 3.41 -33.29 37.06
N LEU N 1094 3.65 -31.99 37.28
CA LEU N 1094 2.59 -31.02 37.15
C LEU N 1094 2.07 -30.95 35.72
N PHE N 1095 0.76 -30.85 35.57
CA PHE N 1095 0.16 -30.76 34.26
C PHE N 1095 -1.00 -29.77 34.36
N LEU N 1096 -1.43 -29.23 33.24
CA LEU N 1096 -2.58 -28.34 33.27
C LEU N 1096 -3.71 -28.95 32.46
N VAL N 1097 -4.91 -29.02 33.04
CA VAL N 1097 -6.04 -29.54 32.30
C VAL N 1097 -6.33 -28.60 31.16
N ASP N 1098 -6.50 -29.12 29.96
CA ASP N 1098 -6.86 -28.27 28.84
C ASP N 1098 -8.35 -28.41 28.60
N ARG N 1099 -8.83 -29.65 28.55
CA ARG N 1099 -10.26 -29.89 28.37
C ARG N 1099 -10.66 -31.18 29.07
N VAL N 1100 -11.89 -31.24 29.57
CA VAL N 1100 -12.37 -32.48 30.19
C VAL N 1100 -13.74 -32.87 29.68
N VAL N 1101 -13.98 -34.16 29.49
CA VAL N 1101 -15.32 -34.60 29.10
C VAL N 1101 -16.13 -34.77 30.37
N ASP N 1102 -16.44 -33.67 31.05
CA ASP N 1102 -17.12 -33.79 32.34
C ASP N 1102 -18.51 -34.38 32.20
N GLY N 1103 -18.83 -35.34 33.05
CA GLY N 1103 -20.14 -35.95 33.02
C GLY N 1103 -20.07 -37.30 33.71
N GLN N 1104 -19.87 -38.37 32.95
CA GLN N 1104 -19.70 -39.66 33.59
C GLN N 1104 -18.23 -40.05 33.59
N ALA N 1105 -17.60 -40.00 32.42
CA ALA N 1105 -16.18 -40.28 32.36
C ALA N 1105 -15.52 -39.10 31.70
N ARG N 1106 -14.51 -38.54 32.34
CA ARG N 1106 -13.90 -37.35 31.79
C ARG N 1106 -12.52 -37.61 31.23
N GLU N 1107 -12.35 -37.43 29.93
CA GLU N 1107 -11.03 -37.57 29.35
C GLU N 1107 -10.33 -36.26 29.58
N VAL N 1108 -9.12 -36.32 30.10
CA VAL N 1108 -8.41 -35.10 30.44
C VAL N 1108 -7.21 -34.88 29.56
N THR N 1109 -7.07 -33.67 29.03
CA THR N 1109 -5.90 -33.34 28.24
C THR N 1109 -4.95 -32.62 29.17
N LEU N 1110 -3.73 -33.11 29.29
CA LEU N 1110 -2.79 -32.51 30.23
C LEU N 1110 -1.63 -31.90 29.50
N ARG N 1111 -1.31 -30.64 29.80
CA ARG N 1111 -0.16 -30.00 29.18
C ARG N 1111 0.81 -29.55 30.26
N GLY N 1112 2.08 -29.91 30.12
CA GLY N 1112 3.04 -29.57 31.14
C GLY N 1112 3.21 -28.07 31.28
N PHE N 1113 3.23 -27.58 32.52
CA PHE N 1113 3.44 -26.15 32.74
C PHE N 1113 4.32 -25.88 33.96
N ASP N 1114 5.12 -24.83 33.90
CA ASP N 1114 6.01 -24.52 35.01
C ASP N 1114 5.88 -23.08 35.48
N ARG N 1115 5.78 -22.88 36.78
CA ARG N 1115 5.73 -21.52 37.33
C ARG N 1115 7.03 -20.84 37.02
N ALA N 1116 8.13 -21.59 37.14
CA ALA N 1116 9.45 -21.05 36.85
C ALA N 1116 9.54 -20.60 35.39
N ALA N 1117 8.93 -21.35 34.49
CA ALA N 1117 8.97 -21.01 33.08
C ALA N 1117 8.35 -19.65 32.88
N TYR N 1118 7.26 -19.38 33.60
CA TYR N 1118 6.61 -18.08 33.50
C TYR N 1118 7.22 -16.97 34.34
N ALA N 1119 8.20 -17.30 35.18
CA ALA N 1119 8.88 -16.25 35.95
C ALA N 1119 9.60 -15.31 35.00
N PRO N 1120 9.52 -14.01 35.25
CA PRO N 1120 10.09 -13.04 34.32
C PRO N 1120 11.60 -12.81 34.36
N SER N 1121 12.26 -12.85 33.20
CA SER N 1121 13.69 -12.53 33.14
C SER N 1121 13.92 -11.07 33.49
N GLY N 1122 13.01 -10.20 33.05
CA GLY N 1122 13.18 -8.77 33.27
C GLY N 1122 13.66 -8.00 32.04
N GLY N 1123 14.05 -8.70 30.98
CA GLY N 1123 14.41 -8.02 29.74
C GLY N 1123 15.78 -7.40 29.60
N VAL N 1124 16.06 -6.84 28.42
CA VAL N 1124 17.35 -6.18 28.20
C VAL N 1124 17.31 -4.67 28.35
N PHE N 1125 16.11 -4.08 28.35
CA PHE N 1125 15.97 -2.63 28.51
C PHE N 1125 16.79 -1.81 27.53
N LYS N 1126 16.78 -2.19 26.26
CA LYS N 1126 17.57 -1.49 25.26
C LYS N 1126 17.09 -0.05 25.06
N ALA N 1127 18.03 0.88 24.92
CA ALA N 1127 17.68 2.27 24.70
C ALA N 1127 18.57 2.93 23.63
N ALA N 1128 18.02 3.89 22.89
CA ALA N 1128 18.81 4.58 21.86
C ALA N 1128 18.83 6.08 22.06
N ARG N 1129 20.02 6.68 21.98
CA ARG N 1129 20.16 8.12 22.17
C ARG N 1129 19.52 8.94 21.05
N ALA N 1130 18.91 10.06 21.42
CA ALA N 1130 18.31 10.94 20.42
C ALA N 1130 18.50 12.41 20.75
N GLY N 1131 18.66 13.25 19.74
CA GLY N 1131 18.78 14.69 19.96
C GLY N 1131 17.75 15.42 19.13
N ARG N 1132 16.98 16.33 19.72
CA ARG N 1132 15.91 16.98 18.96
C ARG N 1132 15.85 18.52 18.98
N LEU N 1133 15.70 19.13 17.80
CA LEU N 1133 15.51 20.60 17.70
C LEU N 1133 16.68 21.53 17.97
N GLN N 1134 16.39 22.82 18.13
CA GLN N 1134 17.45 23.81 18.35
C GLN N 1134 17.09 24.76 19.47
N GLY N 1135 18.08 25.41 20.07
CA GLY N 1135 17.83 26.30 21.19
C GLY N 1135 17.81 27.77 20.83
N SER N 1136 16.79 28.48 21.30
CA SER N 1136 16.67 29.91 21.01
C SER N 1136 17.74 30.73 21.70
N THR N 1137 18.12 31.84 21.07
CA THR N 1137 19.16 32.69 21.64
C THR N 1137 18.83 34.15 21.44
N SER N 1138 19.51 35.05 22.16
CA SER N 1138 19.30 36.47 21.89
C SER N 1138 20.49 36.89 21.04
N SER N 1139 20.23 37.37 19.83
CA SER N 1139 21.33 37.72 18.92
C SER N 1139 22.12 38.95 19.33
N LEU N 1140 23.43 38.88 19.18
CA LEU N 1140 24.27 40.04 19.46
C LEU N 1140 24.36 40.86 18.20
N THR N 1141 23.35 41.67 17.93
CA THR N 1141 23.35 42.48 16.72
C THR N 1141 24.44 43.54 16.79
N ARG N 1142 25.18 43.71 15.71
CA ARG N 1142 26.24 44.71 15.66
C ARG N 1142 25.89 45.72 14.59
N PHE N 1143 26.02 47.00 14.92
CA PHE N 1143 25.67 48.03 13.97
C PHE N 1143 26.96 48.55 13.38
N LEU N 1144 27.07 48.53 12.06
CA LEU N 1144 28.33 48.92 11.42
C LEU N 1144 28.17 50.19 10.65
N ASP N 1145 29.20 51.04 10.70
CA ASP N 1145 29.15 52.27 9.92
C ASP N 1145 30.43 52.42 9.13
N LEU N 1146 30.66 51.51 8.18
CA LEU N 1146 31.83 51.63 7.33
C LEU N 1146 31.55 52.58 6.17
N PRO N 1147 32.59 53.18 5.60
CA PRO N 1147 32.32 54.01 4.42
C PRO N 1147 31.77 53.15 3.30
N LEU N 1148 30.84 53.68 2.53
CA LEU N 1148 30.24 52.91 1.44
C LEU N 1148 31.29 52.62 0.38
N LEU N 1149 31.21 51.44 -0.22
CA LEU N 1149 32.24 51.04 -1.18
C LEU N 1149 31.67 50.57 -2.50
N PRO N 1150 32.50 50.61 -3.57
CA PRO N 1150 32.06 50.13 -4.87
C PRO N 1150 31.78 48.64 -4.88
N GLY N 1151 30.90 48.18 -5.77
CA GLY N 1151 30.51 46.78 -5.80
C GLY N 1151 29.29 46.56 -4.93
N VAL N 1152 28.77 47.64 -4.35
CA VAL N 1152 27.55 47.53 -3.55
C VAL N 1152 26.47 48.33 -4.26
N ASP N 1153 25.32 47.72 -4.47
CA ASP N 1153 24.22 48.42 -5.14
C ASP N 1153 23.58 49.50 -4.27
N ALA N 1154 23.26 50.65 -4.87
CA ALA N 1154 22.58 51.73 -4.14
C ALA N 1154 23.21 52.16 -2.81
N PRO N 1155 24.53 52.39 -2.78
CA PRO N 1155 25.16 52.69 -1.50
C PRO N 1155 25.10 54.16 -1.07
N GLU N 1156 23.95 54.61 -0.57
CA GLU N 1156 23.87 55.97 -0.07
C GLU N 1156 23.40 56.02 1.37
N TRP N 1157 22.20 55.52 1.62
CA TRP N 1157 21.62 55.57 2.95
C TRP N 1157 21.76 54.24 3.66
N GLU N 1158 22.50 53.31 3.06
CA GLU N 1158 22.56 51.97 3.63
C GLU N 1158 23.12 51.89 5.04
N GLY N 1159 22.47 51.09 5.88
CA GLY N 1159 22.94 50.91 7.25
C GLY N 1159 23.30 49.46 7.45
N PHE N 1160 24.49 49.19 7.97
CA PHE N 1160 24.94 47.82 8.10
C PHE N 1160 24.61 47.20 9.46
N ILE N 1161 23.92 46.07 9.45
CA ILE N 1161 23.51 45.44 10.70
C ILE N 1161 23.80 43.95 10.80
N ALA N 1162 25.07 43.56 10.92
CA ALA N 1162 25.40 42.16 11.11
C ALA N 1162 24.91 41.68 12.46
N ALA N 1163 24.45 40.44 12.54
CA ALA N 1163 23.97 39.90 13.80
C ALA N 1163 24.73 38.65 14.22
N HIS N 1164 25.19 38.60 15.46
CA HIS N 1164 25.85 37.39 15.94
C HIS N 1164 24.93 36.56 16.80
N ALA N 1165 24.40 35.48 16.24
CA ALA N 1165 23.59 34.58 17.04
C ALA N 1165 24.52 33.79 17.93
N GLU N 1166 24.05 33.38 19.10
CA GLU N 1166 24.88 32.55 19.95
C GLU N 1166 24.47 31.11 19.73
N PRO N 1167 25.29 30.35 18.98
CA PRO N 1167 24.96 28.98 18.67
C PRO N 1167 23.52 28.77 18.22
N TRP N 1168 23.02 29.65 17.38
CA TRP N 1168 21.66 29.53 16.88
C TRP N 1168 21.63 29.71 15.37
N PRO N 1169 20.94 28.81 14.67
CA PRO N 1169 20.80 29.00 13.23
C PRO N 1169 19.38 29.36 12.86
N GLY N 1170 19.19 30.43 12.10
CA GLY N 1170 17.86 30.76 11.65
C GLY N 1170 17.67 32.24 11.38
N ALA N 1171 16.46 32.61 10.97
CA ALA N 1171 16.19 34.00 10.64
C ALA N 1171 16.32 34.92 11.83
N MET N 1172 16.92 36.08 11.62
CA MET N 1172 17.02 37.05 12.70
C MET N 1172 16.26 38.26 12.24
N LEU N 1173 15.30 38.73 13.04
CA LEU N 1173 14.49 39.83 12.58
C LEU N 1173 14.89 41.12 13.27
N HIS N 1174 15.31 42.10 12.47
CA HIS N 1174 15.68 43.37 13.04
C HIS N 1174 14.63 44.38 12.65
N SER N 1175 14.00 44.97 13.66
CA SER N 1175 12.93 45.91 13.38
C SER N 1175 13.30 47.25 13.98
N ARG N 1176 13.12 48.31 13.21
CA ARG N 1176 13.52 49.62 13.69
C ARG N 1176 12.32 50.46 14.07
N GLY N 1177 12.31 50.96 15.30
CA GLY N 1177 11.23 51.83 15.72
C GLY N 1177 11.75 53.16 16.17
N SER N 1178 11.22 54.24 15.62
CA SER N 1178 11.65 55.57 16.01
C SER N 1178 11.32 55.77 17.48
N THR N 1179 10.16 55.28 17.89
CA THR N 1179 9.74 55.45 19.28
C THR N 1179 10.67 54.76 20.26
N PRO N 1180 10.95 55.42 21.38
CA PRO N 1180 11.78 54.79 22.42
C PRO N 1180 11.11 53.55 22.98
N GLU N 1181 9.80 53.60 23.15
CA GLU N 1181 9.09 52.47 23.75
C GLU N 1181 9.24 51.22 22.90
N GLY N 1182 9.17 51.35 21.57
CA GLY N 1182 9.41 50.20 20.73
C GLY N 1182 8.36 49.83 19.72
N SER N 1183 7.75 50.80 19.04
CA SER N 1183 6.81 50.47 17.98
C SER N 1183 7.63 50.24 16.72
N PHE N 1184 8.41 49.17 16.70
CA PHE N 1184 9.28 48.89 15.57
C PHE N 1184 8.63 48.39 14.30
N THR N 1185 9.22 48.71 13.16
CA THR N 1185 8.70 48.20 11.89
C THR N 1185 9.81 47.35 11.31
N LEU N 1186 9.50 46.18 10.78
CA LEU N 1186 10.55 45.29 10.32
C LEU N 1186 11.41 45.95 9.28
N ALA N 1187 12.72 45.87 9.46
CA ALA N 1187 13.63 46.44 8.49
C ALA N 1187 14.61 45.42 7.93
N ALA N 1188 14.91 44.37 8.68
CA ALA N 1188 15.94 43.43 8.22
C ALA N 1188 15.79 41.97 8.61
N GLU N 1189 16.34 41.07 7.80
CA GLU N 1189 16.34 39.64 8.14
C GLU N 1189 17.75 39.07 7.95
N ALA N 1190 18.22 38.28 8.89
CA ALA N 1190 19.57 37.72 8.81
C ALA N 1190 19.60 36.19 8.77
N ASP N 1191 20.34 35.61 7.84
CA ASP N 1191 20.37 34.16 7.68
C ASP N 1191 20.93 33.36 8.85
N ALA N 1192 22.06 33.79 9.41
CA ALA N 1192 22.71 33.03 10.46
C ALA N 1192 23.64 33.93 11.22
N ARG N 1193 24.28 33.41 12.26
CA ARG N 1193 25.24 34.22 12.98
C ARG N 1193 26.31 34.62 11.99
N ALA N 1194 26.61 35.92 11.93
CA ALA N 1194 27.66 36.40 11.05
C ALA N 1194 28.99 36.15 11.72
N THR N 1195 30.07 36.10 10.95
CA THR N 1195 31.36 35.97 11.61
C THR N 1195 31.64 37.28 12.30
N ILE N 1196 31.98 37.21 13.58
CA ILE N 1196 32.23 38.43 14.36
C ILE N 1196 33.50 38.23 15.14
N GLY N 1197 34.15 39.31 15.53
CA GLY N 1197 35.37 39.22 16.31
C GLY N 1197 35.46 40.28 17.38
N ARG N 1198 36.24 40.02 18.43
CA ARG N 1198 36.46 41.01 19.46
C ARG N 1198 37.95 41.33 19.48
N THR N 1199 38.30 42.60 19.34
CA THR N 1199 39.71 42.95 19.30
C THR N 1199 40.37 42.72 20.65
N THR N 1200 41.57 42.15 20.63
CA THR N 1200 42.31 41.97 21.88
C THR N 1200 43.53 42.87 21.96
N ALA N 1201 43.73 43.71 20.95
CA ALA N 1201 44.94 44.54 20.92
C ALA N 1201 44.75 45.98 20.48
N ALA N 1202 45.66 46.86 20.87
CA ALA N 1202 45.58 48.25 20.48
C ALA N 1202 46.62 48.55 19.41
N LEU N 1203 46.21 49.13 18.30
CA LEU N 1203 47.13 49.36 17.19
C LEU N 1203 47.33 50.81 16.84
N PRO N 1204 48.59 51.25 16.73
CA PRO N 1204 48.87 52.63 16.30
C PRO N 1204 48.49 52.81 14.83
N PRO N 1205 48.14 54.04 14.44
CA PRO N 1205 47.69 54.26 13.06
C PRO N 1205 48.77 53.92 12.03
N ALA N 1206 48.36 53.35 10.91
CA ALA N 1206 49.33 52.93 9.90
C ALA N 1206 49.19 53.76 8.63
N PRO N 1207 50.30 54.00 7.93
CA PRO N 1207 50.25 54.86 6.74
C PRO N 1207 49.36 54.29 5.65
N ALA N 1208 48.64 55.16 4.96
CA ALA N 1208 47.72 54.70 3.92
C ALA N 1208 48.37 54.06 2.71
N HIS N 1209 47.72 53.07 2.11
CA HIS N 1209 48.19 52.42 0.86
C HIS N 1209 49.33 51.40 1.01
N VAL N 1210 49.75 51.11 2.23
CA VAL N 1210 50.83 50.16 2.43
C VAL N 1210 50.43 49.03 3.34
N TRP N 1211 50.76 47.80 2.96
CA TRP N 1211 50.50 46.70 3.86
C TRP N 1211 51.41 46.96 5.05
N THR N 1212 50.86 46.85 6.25
CA THR N 1212 51.65 47.09 7.44
C THR N 1212 51.53 45.90 8.37
N PRO N 1213 52.67 45.39 8.85
CA PRO N 1213 52.57 44.19 9.67
C PRO N 1213 52.26 44.49 11.13
N GLY N 1214 51.14 45.14 11.40
CA GLY N 1214 50.76 45.37 12.77
C GLY N 1214 50.36 44.03 13.33
N PRO N 1215 50.74 43.74 14.57
CA PRO N 1215 50.27 42.46 15.08
C PRO N 1215 48.92 42.67 15.74
N LEU N 1216 47.86 42.33 15.04
CA LEU N 1216 46.53 42.53 15.58
C LEU N 1216 45.86 41.19 15.77
N VAL N 1217 45.49 40.88 17.01
CA VAL N 1217 44.89 39.59 17.28
C VAL N 1217 43.44 39.81 17.67
N VAL N 1218 42.54 39.14 16.97
CA VAL N 1218 41.12 39.32 17.24
C VAL N 1218 40.48 38.01 17.64
N THR N 1219 39.87 37.96 18.83
CA THR N 1219 39.17 36.75 19.25
C THR N 1219 37.93 36.65 18.39
N LEU N 1220 37.54 35.44 17.98
CA LEU N 1220 36.41 35.35 17.06
C LEU N 1220 35.13 34.87 17.69
N PHE N 1221 34.10 35.72 17.68
CA PHE N 1221 32.81 35.29 18.20
C PHE N 1221 32.31 34.17 17.32
N SER N 1222 32.47 34.34 16.00
CA SER N 1222 32.04 33.31 15.07
C SER N 1222 32.96 33.32 13.87
N GLY N 1223 33.08 32.19 13.18
CA GLY N 1223 33.88 32.14 11.96
C GLY N 1223 35.38 31.96 12.17
N ALA N 1224 36.12 31.86 11.07
CA ALA N 1224 37.57 31.73 11.15
C ALA N 1224 38.25 32.61 10.11
N LEU N 1225 39.38 33.20 10.48
CA LEU N 1225 40.13 34.02 9.52
C LEU N 1225 40.94 33.17 8.55
N VAL N 1226 41.34 33.76 7.43
CA VAL N 1226 42.11 33.01 6.43
C VAL N 1226 43.26 33.81 5.82
N GLY N 1227 44.33 33.13 5.42
CA GLY N 1227 45.43 33.80 4.74
C GLY N 1227 45.00 34.10 3.31
N ARG N 1228 45.51 35.18 2.73
CA ARG N 1228 45.06 35.55 1.39
C ARG N 1228 46.17 35.66 0.35
N PRO N 1229 45.92 35.19 -0.88
CA PRO N 1229 46.90 35.35 -1.95
C PRO N 1229 47.09 36.81 -2.26
N ASP N 1230 48.28 37.22 -2.71
CA ASP N 1230 48.54 38.64 -2.93
C ASP N 1230 47.61 39.28 -3.96
N LEU N 1231 47.33 38.58 -5.05
CA LEU N 1231 46.40 39.11 -6.04
C LEU N 1231 45.03 39.30 -5.41
N ASP N 1232 44.64 38.35 -4.57
CA ASP N 1232 43.35 38.44 -3.90
C ASP N 1232 43.27 39.67 -3.03
N VAL N 1233 44.34 39.98 -2.29
CA VAL N 1233 44.33 41.20 -1.50
C VAL N 1233 44.24 42.44 -2.38
N LEU N 1234 44.90 42.42 -3.53
CA LEU N 1234 44.88 43.59 -4.40
C LEU N 1234 43.48 43.89 -4.88
N ASP N 1235 42.74 42.87 -5.33
CA ASP N 1235 41.34 43.10 -5.67
C ASP N 1235 40.58 43.38 -4.39
N GLY N 1236 40.98 42.72 -3.32
CA GLY N 1236 40.32 42.87 -2.03
C GLY N 1236 39.43 41.69 -1.81
N ALA N 1237 39.91 40.70 -1.07
CA ALA N 1237 39.12 39.54 -0.75
C ALA N 1237 39.04 39.37 0.75
N ASN N 1238 40.09 39.81 1.45
CA ASN N 1238 40.08 39.73 2.89
C ASN N 1238 39.93 41.11 3.47
N ALA N 1239 38.75 41.42 3.97
CA ALA N 1239 38.50 42.72 4.56
C ALA N 1239 37.82 42.58 5.91
N LEU N 1240 38.32 43.28 6.91
CA LEU N 1240 37.70 43.22 8.22
C LEU N 1240 37.30 44.63 8.62
N ALA N 1241 36.06 44.80 9.04
CA ALA N 1241 35.61 46.10 9.49
C ALA N 1241 35.61 46.12 11.00
N ILE N 1242 36.26 47.10 11.61
CA ILE N 1242 36.38 47.13 13.05
C ILE N 1242 35.72 48.36 13.64
N GLN N 1243 35.15 48.22 14.83
CA GLN N 1243 34.57 49.37 15.49
C GLN N 1243 35.71 50.32 15.75
N HIS N 1244 35.49 51.59 15.47
CA HIS N 1244 36.56 52.56 15.61
C HIS N 1244 35.99 53.84 16.15
N PRO N 1245 36.87 54.71 16.67
CA PRO N 1245 36.32 56.01 17.06
C PRO N 1245 35.70 56.62 15.84
N ASP N 1246 34.55 57.29 15.99
CA ASP N 1246 33.81 57.84 14.85
C ASP N 1246 33.41 56.70 13.91
N GLY N 1247 33.70 56.85 12.62
CA GLY N 1247 33.31 55.84 11.64
C GLY N 1247 34.01 54.51 11.81
N TRP N 1248 33.32 53.43 11.48
CA TRP N 1248 33.94 52.10 11.55
C TRP N 1248 35.11 52.08 10.59
N GLU N 1249 36.20 51.44 10.99
CA GLU N 1249 37.38 51.42 10.16
C GLU N 1249 37.61 50.04 9.59
N VAL N 1250 37.82 49.95 8.28
CA VAL N 1250 37.99 48.64 7.67
C VAL N 1250 39.45 48.44 7.25
N VAL N 1251 40.02 47.31 7.65
CA VAL N 1251 41.41 47.03 7.34
C VAL N 1251 41.50 45.84 6.40
N GLN N 1252 42.28 45.97 5.34
CA GLN N 1252 42.46 44.87 4.43
C GLN N 1252 43.72 44.16 4.85
N PHE N 1253 43.64 42.86 5.12
CA PHE N 1253 44.82 42.17 5.63
C PHE N 1253 45.41 41.18 4.64
N ARG N 1254 46.72 41.28 4.44
CA ARG N 1254 47.39 40.40 3.49
C ARG N 1254 47.25 38.96 3.92
N GLU N 1255 47.42 38.70 5.21
CA GLU N 1255 47.33 37.34 5.70
C GLU N 1255 46.86 37.27 7.14
N ALA N 1256 46.31 36.13 7.54
CA ALA N 1256 45.90 35.96 8.93
C ALA N 1256 46.59 34.72 9.48
N THR N 1257 47.18 34.83 10.66
CA THR N 1257 47.87 33.70 11.26
C THR N 1257 47.19 33.27 12.55
N LEU N 1258 46.87 31.98 12.67
CA LEU N 1258 46.16 31.52 13.84
C LEU N 1258 47.09 31.45 15.03
N THR N 1259 46.72 32.10 16.13
CA THR N 1259 47.51 31.98 17.34
C THR N 1259 46.69 31.13 18.27
N ALA N 1260 45.38 31.17 18.09
CA ALA N 1260 44.46 30.37 18.91
C ALA N 1260 43.24 30.23 18.03
N ASP N 1261 42.36 29.30 18.32
CA ASP N 1261 41.23 29.12 17.43
C ASP N 1261 40.43 30.40 17.38
N ARG N 1262 40.16 30.99 18.55
CA ARG N 1262 39.48 32.27 18.58
C ARG N 1262 40.33 33.40 18.04
N THR N 1263 41.61 33.43 18.41
CA THR N 1263 42.43 34.58 18.02
C THR N 1263 43.32 34.41 16.81
N TRP N 1264 43.14 35.29 15.83
CA TRP N 1264 43.95 35.22 14.62
C TRP N 1264 44.71 36.53 14.47
N ARG N 1265 46.00 36.44 14.18
CA ARG N 1265 46.81 37.64 14.06
C ARG N 1265 46.86 38.13 12.63
N LEU N 1266 46.23 39.27 12.37
CA LEU N 1266 46.23 39.84 11.03
C LEU N 1266 47.57 40.46 10.69
N GLU N 1267 47.94 40.41 9.42
CA GLU N 1267 49.20 40.99 8.98
C GLU N 1267 48.98 41.70 7.66
N GLY N 1268 49.88 42.60 7.29
CA GLY N 1268 49.69 43.37 6.08
C GLY N 1268 48.43 44.20 6.11
N LEU N 1269 48.14 44.80 7.26
CA LEU N 1269 46.96 45.63 7.42
C LEU N 1269 46.99 46.83 6.49
N LEU N 1270 45.84 47.18 5.92
CA LEU N 1270 45.81 48.30 4.99
C LEU N 1270 44.85 49.39 5.42
N ARG N 1271 45.27 50.64 5.30
CA ARG N 1271 44.45 51.76 5.74
C ARG N 1271 44.30 52.77 4.62
N GLY N 1272 43.33 53.67 4.73
CA GLY N 1272 43.16 54.71 3.72
C GLY N 1272 42.25 54.43 2.54
N GLN N 1273 41.54 53.32 2.58
CA GLN N 1273 40.61 53.03 1.51
C GLN N 1273 39.34 53.82 1.74
N ARG N 1274 39.01 54.71 0.81
CA ARG N 1274 37.80 55.53 0.93
C ARG N 1274 37.72 56.24 2.27
N GLY N 1275 38.83 56.84 2.70
CA GLY N 1275 38.84 57.55 3.96
C GLY N 1275 38.98 56.70 5.21
N THR N 1276 39.41 55.46 5.03
CA THR N 1276 39.59 54.57 6.17
C THR N 1276 40.64 55.15 7.09
N ASP N 1277 41.70 55.72 6.53
CA ASP N 1277 42.77 56.30 7.34
C ASP N 1277 42.32 57.49 8.17
N GLY N 1278 41.31 58.22 7.71
CA GLY N 1278 40.92 59.42 8.43
C GLY N 1278 40.49 59.20 9.86
N ILE N 1279 39.70 58.16 10.15
CA ILE N 1279 39.38 57.87 11.55
C ILE N 1279 40.59 57.44 12.37
N VAL N 1280 41.48 56.65 11.79
CA VAL N 1280 42.67 56.15 12.50
C VAL N 1280 43.67 57.21 12.94
N GLY N 1281 43.88 58.24 12.13
CA GLY N 1281 44.92 59.20 12.47
C GLY N 1281 44.80 59.95 13.79
N PRO N 1282 43.60 60.43 14.13
CA PRO N 1282 43.51 61.07 15.44
C PRO N 1282 43.77 60.14 16.62
N ALA N 1283 43.22 58.93 16.59
CA ALA N 1283 43.37 58.04 17.73
C ALA N 1283 43.84 56.63 17.39
N PRO N 1284 44.82 56.11 18.17
CA PRO N 1284 45.25 54.73 17.95
C PRO N 1284 44.09 53.80 18.28
N LEU N 1285 43.98 52.67 17.58
CA LEU N 1285 42.84 51.79 17.79
C LEU N 1285 42.77 51.30 19.23
N PRO N 1286 41.56 51.26 19.81
CA PRO N 1286 41.39 50.79 21.20
C PRO N 1286 41.65 49.30 21.34
N ALA N 1287 42.03 48.87 22.55
CA ALA N 1287 42.36 47.46 22.75
C ALA N 1287 41.19 46.54 22.46
N GLY N 1288 39.99 46.92 22.87
CA GLY N 1288 38.82 46.11 22.57
C GLY N 1288 37.78 46.80 21.72
N ALA N 1289 37.40 46.18 20.61
CA ALA N 1289 36.35 46.75 19.75
C ALA N 1289 35.63 45.61 19.04
N ALA N 1290 34.40 45.85 18.61
CA ALA N 1290 33.69 44.83 17.84
C ALA N 1290 34.21 44.81 16.42
N VAL N 1291 34.55 43.62 15.92
CA VAL N 1291 35.07 43.50 14.57
C VAL N 1291 34.16 42.62 13.74
N VAL N 1292 33.70 43.09 12.59
CA VAL N 1292 32.90 42.24 11.73
C VAL N 1292 33.56 42.06 10.37
N ALA N 1293 33.72 40.81 9.95
CA ALA N 1293 34.29 40.54 8.63
C ALA N 1293 33.33 40.96 7.55
N ILE N 1294 33.83 41.40 6.42
CA ILE N 1294 32.93 41.71 5.33
C ILE N 1294 32.43 40.38 4.79
N ASP N 1295 31.11 40.24 4.67
CA ASP N 1295 30.54 38.97 4.24
C ASP N 1295 29.19 39.09 3.55
N THR N 1296 28.76 38.05 2.86
CA THR N 1296 27.46 38.05 2.20
C THR N 1296 26.35 38.19 3.22
N ALA N 1297 26.51 37.58 4.39
CA ALA N 1297 25.48 37.62 5.42
C ALA N 1297 25.15 39.03 5.89
N LEU N 1298 26.13 39.92 5.86
CA LEU N 1298 25.91 41.28 6.35
C LEU N 1298 24.76 41.95 5.61
N VAL N 1299 23.89 42.62 6.35
CA VAL N 1299 22.72 43.23 5.74
C VAL N 1299 22.82 44.76 5.76
N ALA N 1300 22.72 45.40 4.60
CA ALA N 1300 22.88 46.86 4.53
C ALA N 1300 21.67 47.67 4.07
N ALA N 1301 20.70 47.03 3.42
CA ALA N 1301 19.57 47.76 2.86
C ALA N 1301 18.40 48.03 3.81
N GLY N 1302 17.31 48.57 3.29
CA GLY N 1302 16.14 48.84 4.11
C GLY N 1302 16.09 50.18 4.80
N LEU N 1303 17.03 51.06 4.48
CA LEU N 1303 17.04 52.39 5.08
C LEU N 1303 16.69 53.48 4.08
N SER N 1304 15.68 54.28 4.38
CA SER N 1304 15.32 55.40 3.52
C SER N 1304 16.28 56.54 3.78
N ALA N 1305 16.30 57.54 2.90
CA ALA N 1305 17.23 58.65 3.05
C ALA N 1305 17.00 59.41 4.34
N ASP N 1306 15.75 59.56 4.76
CA ASP N 1306 15.43 60.27 5.99
C ASP N 1306 16.02 59.65 7.26
N ASP N 1307 16.05 58.32 7.32
CA ASP N 1307 16.50 57.65 8.56
C ASP N 1307 17.93 57.92 9.07
N PRO N 1308 18.93 58.02 8.17
CA PRO N 1308 20.26 58.31 8.72
C PRO N 1308 20.32 59.62 9.46
N GLY N 1309 21.08 59.66 10.55
CA GLY N 1309 21.18 60.86 11.36
C GLY N 1309 20.12 60.87 12.45
N ARG N 1310 19.27 59.85 12.49
CA ARG N 1310 18.27 59.76 13.55
C ARG N 1310 18.54 58.47 14.31
N ALA N 1311 18.62 58.56 15.63
CA ALA N 1311 18.93 57.38 16.43
C ALA N 1311 17.67 56.57 16.72
N LEU N 1312 17.14 55.91 15.70
CA LEU N 1312 15.95 55.09 15.88
C LEU N 1312 16.28 53.87 16.71
N TRP N 1313 15.39 53.52 17.64
CA TRP N 1313 15.61 52.34 18.46
C TRP N 1313 15.53 51.10 17.59
N TRP N 1314 16.43 50.16 17.82
CA TRP N 1314 16.46 48.98 16.97
C TRP N 1314 16.25 47.71 17.74
N ARG N 1315 15.23 46.93 17.38
CA ARG N 1315 15.03 45.64 18.02
C ARG N 1315 16.21 44.78 17.61
N SER N 1316 16.77 44.01 18.55
CA SER N 1316 17.97 43.24 18.24
C SER N 1316 17.84 41.79 18.63
N GLY N 1317 17.09 41.02 17.85
CA GLY N 1317 16.85 39.63 18.20
C GLY N 1317 16.49 38.76 17.03
N PRO N 1318 16.42 37.45 17.25
CA PRO N 1318 15.99 36.53 16.19
C PRO N 1318 14.51 36.68 15.93
N ASP N 1319 14.01 36.08 14.86
CA ASP N 1319 12.62 36.28 14.49
C ASP N 1319 11.70 35.86 15.63
N ALA N 1320 12.02 34.77 16.30
CA ALA N 1320 11.20 34.33 17.41
C ALA N 1320 11.18 35.36 18.53
N ALA N 1321 12.33 35.96 18.84
CA ALA N 1321 12.36 36.98 19.87
C ALA N 1321 11.61 38.20 19.36
N SER N 1322 10.80 38.79 20.24
CA SER N 1322 10.04 39.96 19.85
C SER N 1322 9.89 40.91 21.03
N LEU N 1323 9.67 42.19 20.75
CA LEU N 1323 9.43 43.16 21.83
C LEU N 1323 10.55 43.21 22.84
N ALA N 1324 10.22 43.03 24.11
CA ALA N 1324 11.22 43.10 25.18
C ALA N 1324 12.29 42.05 25.00
N ALA N 1325 11.93 40.87 24.49
CA ALA N 1325 12.89 39.78 24.36
C ALA N 1325 14.06 40.21 23.48
N ALA N 1326 13.80 40.96 22.43
CA ALA N 1326 14.89 41.47 21.63
C ALA N 1326 15.23 42.87 22.11
N PRO N 1327 16.46 43.08 22.57
CA PRO N 1327 16.81 44.38 23.14
C PRO N 1327 16.72 45.51 22.11
N LEU N 1328 16.23 46.67 22.54
CA LEU N 1328 16.11 47.79 21.63
C LEU N 1328 17.19 48.81 21.90
N ARG N 1329 17.99 49.11 20.89
CA ARG N 1329 19.05 50.10 21.05
C ARG N 1329 18.89 51.23 20.06
N PRO N 1330 18.85 52.47 20.55
CA PRO N 1330 18.78 53.54 19.56
C PRO N 1330 20.07 53.61 18.75
N HIS N 1331 19.94 53.66 17.44
CA HIS N 1331 21.14 53.68 16.60
C HIS N 1331 20.96 54.52 15.35
N THR N 1332 22.06 55.12 14.88
CA THR N 1332 22.01 55.93 13.67
C THR N 1332 23.12 55.51 12.74
N PHE N 1333 22.90 55.66 11.44
CA PHE N 1333 23.93 55.32 10.49
C PHE N 1333 24.41 56.57 9.77
N THR N 1334 25.72 56.78 9.75
CA THR N 1334 26.27 58.01 9.16
C THR N 1334 27.03 57.75 7.86
N ALA N 1335 26.75 56.65 7.18
CA ALA N 1335 27.49 56.30 5.96
C ALA N 1335 27.36 57.36 4.87
N ALA N 1336 26.18 57.94 4.71
CA ALA N 1336 26.02 59.02 3.74
C ALA N 1336 26.89 60.19 4.16
N GLY N 1337 26.94 60.48 5.45
CA GLY N 1337 27.80 61.53 5.96
C GLY N 1337 29.23 61.16 5.66
N LEU N 1338 29.54 59.88 5.73
CA LEU N 1338 30.91 59.39 5.49
C LEU N 1338 31.32 59.58 4.04
N ARG N 1339 30.38 59.90 3.16
CA ARG N 1339 30.75 60.18 1.78
C ARG N 1339 31.72 61.35 1.77
N ALA N 1340 32.68 61.36 0.83
CA ALA N 1340 33.72 62.40 0.79
C ALA N 1340 34.72 62.25 1.92
N PHE N 1341 34.82 61.04 2.45
CA PHE N 1341 35.78 60.76 3.54
C PHE N 1341 37.28 60.91 3.28
N PRO N 1342 37.77 60.49 2.10
CA PRO N 1342 39.23 60.60 1.96
C PRO N 1342 39.70 62.03 2.03
N PRO N 1343 40.75 62.27 2.82
CA PRO N 1343 41.29 63.63 2.87
C PRO N 1343 41.94 63.99 1.56
N ALA N 1344 41.75 65.22 1.12
CA ALA N 1344 42.41 65.64 -0.09
C ALA N 1344 43.89 65.65 0.19
N HIS N 1345 44.69 65.21 -0.77
CA HIS N 1345 46.12 65.12 -0.54
C HIS N 1345 46.61 66.52 -0.26
N LEU N 1346 47.44 66.70 0.76
CA LEU N 1346 47.82 68.05 1.13
C LEU N 1346 49.24 68.40 0.73
N ARG N 1347 49.40 69.53 0.05
CA ARG N 1347 50.72 69.97 -0.34
C ARG N 1347 50.81 71.43 0.09
N ALA N 1348 50.87 71.66 1.38
CA ALA N 1348 50.95 73.03 1.88
C ALA N 1348 52.29 73.64 1.51
N VAL N 1349 52.27 74.89 1.05
CA VAL N 1349 53.50 75.59 0.71
C VAL N 1349 53.61 76.88 1.49
N VAL N 1350 54.71 77.08 2.19
CA VAL N 1350 54.93 78.35 2.87
C VAL N 1350 55.12 79.40 1.79
N THR N 1351 54.53 80.56 1.96
CA THR N 1351 54.67 81.63 0.97
C THR N 1351 55.01 82.97 1.62
N GLY N 1352 55.63 83.86 0.86
CA GLY N 1352 56.05 85.13 1.40
C GLY N 1352 54.95 86.03 1.89
N GLY N 1353 55.21 86.77 2.97
CA GLY N 1353 54.19 87.64 3.54
C GLY N 1353 53.29 86.86 4.46
N GLY N 1354 53.58 85.57 4.66
CA GLY N 1354 52.76 84.74 5.50
C GLY N 1354 51.52 84.27 4.78
N ASP N 1355 51.47 84.51 3.47
CA ASP N 1355 50.33 84.08 2.69
C ASP N 1355 50.52 82.65 2.22
N THR N 1356 50.61 81.70 3.16
CA THR N 1356 50.89 80.32 2.78
C THR N 1356 49.78 79.72 1.93
N SER N 1357 50.16 78.99 0.90
CA SER N 1357 49.16 78.39 0.03
C SER N 1357 49.14 76.89 0.23
N LEU N 1358 47.96 76.35 0.52
CA LEU N 1358 47.85 74.91 0.75
C LEU N 1358 47.14 74.30 -0.43
N SER N 1359 47.75 73.28 -1.01
CA SER N 1359 47.16 72.67 -2.20
C SER N 1359 46.58 71.33 -1.89
N TRP N 1360 45.34 71.11 -2.31
CA TRP N 1360 44.68 69.86 -2.00
C TRP N 1360 44.29 69.08 -3.25
N VAL N 1361 44.63 67.80 -3.31
CA VAL N 1361 44.21 67.00 -4.45
C VAL N 1361 42.95 66.28 -4.04
N PRO N 1362 41.83 66.59 -4.67
CA PRO N 1362 40.57 66.00 -4.22
C PRO N 1362 40.53 64.49 -4.31
N ARG N 1363 39.98 63.85 -3.30
CA ARG N 1363 39.87 62.41 -3.30
C ARG N 1363 38.40 62.04 -3.19
N SER N 1364 37.95 61.13 -4.05
CA SER N 1364 36.53 60.80 -4.06
C SER N 1364 36.24 59.47 -3.38
N ARG N 1365 35.33 59.48 -2.41
CA ARG N 1365 35.00 58.27 -1.69
C ARG N 1365 34.40 57.19 -2.57
N LEU N 1366 33.50 57.58 -3.48
CA LEU N 1366 32.83 56.57 -4.28
C LEU N 1366 33.80 55.80 -5.14
N VAL N 1367 34.70 56.50 -5.83
CA VAL N 1367 35.73 55.81 -6.59
C VAL N 1367 36.73 55.10 -5.70
N GLY N 1368 37.10 55.72 -4.58
CA GLY N 1368 38.14 55.16 -3.74
C GLY N 1368 39.37 56.02 -3.93
N THR N 1369 40.54 55.56 -3.47
CA THR N 1369 41.76 56.31 -3.72
C THR N 1369 42.26 55.98 -5.10
N THR N 1370 41.57 56.49 -6.13
CA THR N 1370 41.93 56.19 -7.50
C THR N 1370 43.24 56.81 -7.92
N TRP N 1371 44.05 56.05 -8.65
CA TRP N 1371 45.29 56.59 -9.16
C TRP N 1371 45.17 56.57 -10.66
N PRO N 1372 45.53 57.68 -11.31
CA PRO N 1372 45.33 57.68 -12.75
C PRO N 1372 46.11 56.55 -13.37
N ASP N 1373 45.47 55.79 -14.25
CA ASP N 1373 46.13 54.67 -14.89
C ASP N 1373 45.70 54.66 -16.35
N ASN N 1374 46.54 54.12 -17.21
CA ASN N 1374 46.23 54.06 -18.65
C ASN N 1374 46.00 55.45 -19.19
N GLY N 1375 46.72 56.43 -18.67
CA GLY N 1375 46.55 57.81 -19.11
C GLY N 1375 45.12 58.29 -18.94
N ALA N 1376 44.46 57.89 -17.85
CA ALA N 1376 43.10 58.33 -17.61
C ALA N 1376 43.04 59.13 -16.32
N PRO N 1377 42.48 60.34 -16.39
CA PRO N 1377 42.42 61.21 -15.20
C PRO N 1377 41.52 60.64 -14.11
N ILE N 1378 41.87 60.89 -12.85
CA ILE N 1378 41.07 60.38 -11.75
C ILE N 1378 39.68 61.00 -11.81
N PRO N 1379 38.63 60.17 -11.68
CA PRO N 1379 37.26 60.67 -11.71
C PRO N 1379 36.82 61.32 -10.41
N SER N 1380 35.84 62.21 -10.49
CA SER N 1380 35.31 62.86 -9.28
C SER N 1380 34.06 62.12 -8.83
N GLY N 1381 32.91 62.77 -8.96
CA GLY N 1381 31.66 62.16 -8.54
C GLY N 1381 31.42 62.26 -7.05
N GLU N 1382 32.24 63.04 -6.37
CA GLU N 1382 32.07 63.23 -4.92
C GLU N 1382 31.32 64.51 -4.63
N GLY N 1383 30.81 65.15 -5.68
CA GLY N 1383 30.14 66.42 -5.50
C GLY N 1383 31.10 67.45 -4.95
N LEU N 1384 30.72 68.15 -3.88
CA LEU N 1384 31.57 69.21 -3.37
C LEU N 1384 32.17 68.88 -2.01
N GLU N 1385 33.48 68.97 -1.89
CA GLU N 1385 34.13 68.74 -0.61
C GLU N 1385 35.00 69.92 -0.26
N ARG N 1386 34.88 70.43 0.96
CA ARG N 1386 35.71 71.55 1.37
C ARG N 1386 36.79 71.02 2.29
N TYR N 1387 38.04 71.33 1.98
CA TYR N 1387 39.12 70.75 2.77
C TYR N 1387 39.61 71.73 3.81
N GLN N 1388 39.45 71.38 5.07
CA GLN N 1388 39.85 72.27 6.15
C GLN N 1388 41.33 72.29 6.43
N VAL N 1389 41.84 73.43 6.91
CA VAL N 1389 43.24 73.50 7.30
C VAL N 1389 43.27 73.76 8.80
N THR N 1390 44.03 72.96 9.53
CA THR N 1390 44.14 73.17 10.96
C THR N 1390 45.43 73.89 11.24
N ILE N 1391 45.36 75.01 11.94
CA ILE N 1391 46.56 75.73 12.28
C ILE N 1391 47.40 74.88 13.23
N GLY N 1392 48.70 74.78 12.96
CA GLY N 1392 49.57 73.99 13.81
C GLY N 1392 49.71 74.50 15.24
N PRO N 1393 49.88 75.82 15.42
CA PRO N 1393 49.92 76.33 16.79
C PRO N 1393 48.63 76.14 17.59
N THR N 1394 47.47 76.36 16.98
CA THR N 1394 46.23 76.30 17.74
C THR N 1394 45.25 75.21 17.29
N ALA N 1395 44.72 74.44 18.24
CA ALA N 1395 43.83 73.33 17.89
C ALA N 1395 42.58 73.79 17.18
N ALA N 1396 41.98 74.88 17.64
CA ALA N 1396 40.83 75.41 16.92
C ALA N 1396 41.48 76.45 16.04
N PRO N 1397 41.40 76.28 14.73
CA PRO N 1397 42.14 77.22 13.89
C PRO N 1397 41.67 78.65 14.07
N VAL N 1398 42.61 79.57 14.25
CA VAL N 1398 42.24 80.97 14.39
C VAL N 1398 41.61 81.37 13.08
N ARG N 1399 42.20 80.91 11.98
CA ARG N 1399 41.60 81.17 10.68
C ARG N 1399 41.18 79.83 10.14
N VAL N 1400 39.90 79.71 9.82
CA VAL N 1400 39.40 78.44 9.34
C VAL N 1400 39.11 78.56 7.86
N ILE N 1401 39.82 77.78 7.06
CA ILE N 1401 39.52 77.79 5.64
C ILE N 1401 39.15 76.41 5.17
N LEU N 1402 37.92 76.25 4.69
CA LEU N 1402 37.53 74.97 4.12
C LEU N 1402 37.19 75.36 2.71
N ALA N 1403 37.83 74.75 1.74
CA ALA N 1403 37.60 75.18 0.36
C ALA N 1403 37.26 74.07 -0.60
N ASP N 1404 36.20 74.26 -1.37
CA ASP N 1404 35.89 73.27 -2.40
C ASP N 1404 37.06 73.32 -3.37
N THR N 1405 37.55 74.53 -3.64
CA THR N 1405 38.70 74.69 -4.51
C THR N 1405 39.93 74.05 -3.90
N PRO N 1406 40.77 73.43 -4.74
CA PRO N 1406 41.96 72.74 -4.22
C PRO N 1406 42.93 73.66 -3.48
N ALA N 1407 43.14 74.86 -3.99
CA ALA N 1407 44.13 75.73 -3.37
C ALA N 1407 43.53 76.78 -2.46
N ALA N 1408 44.02 76.85 -1.23
CA ALA N 1408 43.55 77.86 -0.29
C ALA N 1408 44.74 78.69 0.14
N THR N 1409 44.59 80.02 0.14
CA THR N 1409 45.73 80.87 0.48
C THR N 1409 45.54 81.67 1.76
N TYR N 1410 46.55 81.65 2.63
CA TYR N 1410 46.50 82.41 3.87
C TYR N 1410 46.73 83.88 3.58
N THR N 1411 46.43 84.73 4.55
CA THR N 1411 46.64 86.17 4.36
C THR N 1411 47.60 86.74 5.39
N ALA N 1412 48.28 87.81 5.02
CA ALA N 1412 49.21 88.45 5.93
C ALA N 1412 48.50 89.00 7.15
N ALA N 1413 47.32 89.58 6.96
CA ALA N 1413 46.63 90.23 8.07
C ALA N 1413 46.24 89.31 9.23
N GLU N 1414 45.72 88.11 8.93
CA GLU N 1414 45.39 87.18 10.00
C GLU N 1414 46.65 86.77 10.74
N ARG N 1415 47.72 86.51 9.99
CA ARG N 1415 48.98 86.13 10.62
C ARG N 1415 49.49 87.27 11.48
N ALA N 1416 49.35 88.49 11.00
CA ALA N 1416 49.77 89.64 11.79
C ALA N 1416 48.94 89.76 13.07
N ALA N 1417 47.61 89.60 12.94
CA ALA N 1417 46.75 89.71 14.11
C ALA N 1417 47.03 88.61 15.13
N ASP N 1418 47.15 87.38 14.66
CA ASP N 1418 47.46 86.27 15.54
C ASP N 1418 48.59 85.47 14.92
N GLY N 1419 49.66 85.22 15.68
CA GLY N 1419 50.79 84.54 15.08
C GLY N 1419 50.51 83.13 14.62
N ILE N 1420 50.94 82.80 13.41
CA ILE N 1420 50.77 81.44 12.90
C ILE N 1420 52.15 80.98 12.45
N ALA N 1421 52.54 79.77 12.83
CA ALA N 1421 53.89 79.29 12.50
C ALA N 1421 54.07 79.15 10.99
N ALA N 1422 55.25 79.50 10.49
CA ALA N 1422 55.54 79.36 9.06
C ALA N 1422 55.49 77.91 8.55
N PRO N 1423 56.02 76.94 9.31
CA PRO N 1423 55.88 75.56 8.85
C PRO N 1423 54.75 74.88 9.59
N PHE N 1424 53.71 75.62 9.96
CA PHE N 1424 52.64 75.04 10.77
C PHE N 1424 52.04 73.80 10.16
N ARG N 1425 51.84 72.79 10.99
CA ARG N 1425 51.25 71.55 10.51
C ARG N 1425 49.78 71.78 10.24
N VAL N 1426 49.29 71.21 9.15
CA VAL N 1426 47.88 71.33 8.83
C VAL N 1426 47.23 69.96 8.78
N ALA N 1427 46.09 69.82 9.44
CA ALA N 1427 45.39 68.56 9.41
C ALA N 1427 44.14 68.75 8.59
N VAL N 1428 43.95 67.87 7.61
CA VAL N 1428 42.79 68.02 6.73
C VAL N 1428 41.56 67.48 7.41
N SER N 1429 40.53 68.30 7.51
CA SER N 1429 39.28 67.82 8.05
C SER N 1429 38.44 67.77 6.80
N GLN N 1430 37.86 66.62 6.51
CA GLN N 1430 37.13 66.48 5.26
C GLN N 1430 35.69 66.95 5.31
N ILE N 1431 35.49 68.26 5.48
CA ILE N 1431 34.14 68.77 5.47
C ILE N 1431 33.55 68.55 4.08
N SER N 1432 32.30 68.09 4.04
CA SER N 1432 31.69 67.85 2.77
C SER N 1432 30.55 68.84 2.57
N GLU N 1433 30.65 69.63 1.52
CA GLU N 1433 29.56 70.55 1.20
C GLU N 1433 28.34 69.73 0.86
N THR N 1434 28.55 68.61 0.16
CA THR N 1434 27.44 67.79 -0.26
C THR N 1434 26.64 67.23 0.90
N THR N 1435 27.32 66.78 1.96
CA THR N 1435 26.61 66.18 3.08
C THR N 1435 26.81 66.94 4.38
N GLY N 1436 27.88 66.61 5.09
CA GLY N 1436 28.12 67.24 6.38
C GLY N 1436 29.61 67.42 6.61
N PRO N 1437 29.99 68.25 7.58
CA PRO N 1437 31.40 68.41 7.89
C PRO N 1437 32.04 67.10 8.30
N GLY N 1438 33.29 66.87 7.90
CA GLY N 1438 33.95 65.60 8.17
C GLY N 1438 35.29 65.84 8.85
N ALA O 2 1.30 -53.19 8.91
CA ALA O 2 2.54 -53.91 9.15
C ALA O 2 3.74 -53.12 8.67
N THR O 3 3.52 -52.13 7.81
CA THR O 3 4.65 -51.30 7.41
C THR O 3 4.72 -50.04 8.29
N VAL O 4 4.46 -48.86 7.73
CA VAL O 4 4.64 -47.65 8.56
C VAL O 4 3.48 -46.65 8.67
N LEU O 5 3.41 -45.69 7.75
CA LEU O 5 2.36 -44.66 7.84
C LEU O 5 1.31 -44.79 6.76
N LEU O 6 1.45 -44.04 5.68
CA LEU O 6 0.46 -44.05 4.61
C LEU O 6 -0.91 -43.77 5.19
N ALA O 7 -1.74 -44.79 5.29
CA ALA O 7 -3.11 -44.60 5.73
C ALA O 7 -3.21 -43.92 7.09
N ALA O 8 -2.22 -44.15 7.94
CA ALA O 8 -2.28 -43.58 9.27
C ALA O 8 -2.36 -42.07 9.17
N ALA O 9 -1.57 -41.45 8.28
CA ALA O 9 -1.71 -40.01 8.08
C ALA O 9 -1.91 -39.59 6.62
N GLY O 10 -0.98 -39.97 5.75
CA GLY O 10 -1.08 -39.60 4.35
C GLY O 10 -2.26 -40.17 3.62
N GLY O 11 -2.57 -41.44 3.86
CA GLY O 11 -3.74 -42.06 3.26
C GLY O 11 -4.96 -41.38 3.81
N ALA O 12 -4.94 -41.06 5.10
CA ALA O 12 -6.06 -40.37 5.71
C ALA O 12 -6.22 -39.02 5.03
N ILE O 13 -5.10 -38.38 4.72
CA ILE O 13 -5.16 -37.09 4.05
C ILE O 13 -5.84 -37.30 2.71
N GLY O 14 -5.44 -38.34 1.98
CA GLY O 14 -6.00 -38.52 0.65
C GLY O 14 -7.48 -38.79 0.69
N THR O 15 -7.92 -39.65 1.59
CA THR O 15 -9.33 -40.00 1.62
C THR O 15 -10.18 -38.81 2.00
N SER O 16 -9.77 -38.08 3.03
CA SER O 16 -10.53 -36.93 3.46
C SER O 16 -10.52 -35.84 2.40
N LEU O 17 -9.35 -35.61 1.81
CA LEU O 17 -9.23 -34.56 0.82
C LEU O 17 -10.00 -34.80 -0.46
N GLY O 18 -10.02 -36.04 -0.93
CA GLY O 18 -10.64 -36.29 -2.21
C GLY O 18 -12.11 -35.94 -2.29
N GLY O 19 -12.87 -36.30 -1.26
CA GLY O 19 -14.27 -35.92 -1.27
C GLY O 19 -14.46 -34.42 -1.22
N ALA O 20 -13.72 -33.75 -0.35
CA ALA O 20 -13.82 -32.30 -0.23
C ALA O 20 -13.35 -31.55 -1.46
N LEU O 21 -12.24 -31.97 -2.05
CA LEU O 21 -11.67 -31.26 -3.19
C LEU O 21 -12.56 -31.26 -4.41
N PHE O 22 -13.21 -32.38 -4.67
CA PHE O 22 -14.05 -32.47 -5.85
C PHE O 22 -15.42 -32.97 -5.45
N GLY O 23 -16.17 -32.10 -4.79
CA GLY O 23 -17.50 -32.47 -4.34
C GLY O 23 -18.53 -31.58 -5.02
N ILE O 24 -19.68 -31.41 -4.37
CA ILE O 24 -20.71 -30.55 -4.91
C ILE O 24 -20.19 -29.12 -5.03
N SER O 25 -20.56 -28.44 -6.11
CA SER O 25 -20.10 -27.08 -6.30
C SER O 25 -21.22 -26.11 -5.92
N ALA O 43 -23.01 -15.74 3.77
CA ALA O 43 -23.03 -14.65 4.74
C ALA O 43 -23.65 -15.14 6.03
N ARG O 44 -23.19 -14.61 7.15
CA ARG O 44 -23.70 -15.05 8.44
C ARG O 44 -25.18 -14.72 8.52
N LEU O 45 -25.56 -13.55 8.04
CA LEU O 45 -26.95 -13.16 8.03
C LEU O 45 -27.76 -14.07 7.10
N SER O 46 -27.19 -14.39 5.93
CA SER O 46 -27.90 -15.20 4.95
C SER O 46 -28.25 -16.60 5.43
N GLY O 47 -27.33 -17.27 6.11
CA GLY O 47 -27.56 -18.65 6.54
C GLY O 47 -27.40 -19.65 5.41
N GLY O 48 -28.07 -19.43 4.29
CA GLY O 48 -27.98 -20.32 3.15
C GLY O 48 -26.58 -20.35 2.61
N GLY O 49 -25.88 -19.23 2.66
CA GLY O 49 -24.55 -19.16 2.07
C GLY O 49 -24.62 -19.36 0.59
N THR O 50 -25.67 -18.84 -0.04
CA THR O 50 -25.78 -18.92 -1.49
C THR O 50 -24.60 -18.17 -2.03
N ILE O 51 -23.99 -18.65 -3.10
CA ILE O 51 -22.77 -18.02 -3.56
C ILE O 51 -22.98 -16.71 -4.27
N LYS O 52 -22.48 -15.64 -3.68
CA LYS O 52 -22.56 -14.33 -4.31
C LYS O 52 -21.25 -13.67 -3.96
N GLN O 53 -20.74 -12.82 -4.84
CA GLN O 53 -19.46 -12.19 -4.58
C GLN O 53 -19.73 -10.78 -4.12
N THR O 54 -19.35 -10.48 -2.88
CA THR O 54 -19.52 -9.12 -2.40
C THR O 54 -18.63 -8.25 -3.23
N GLY O 55 -19.14 -7.11 -3.65
CA GLY O 55 -18.35 -6.25 -4.52
C GLY O 55 -17.14 -5.63 -3.88
N PRO O 56 -16.04 -5.52 -4.62
CA PRO O 56 -14.84 -4.85 -4.11
C PRO O 56 -14.97 -3.34 -4.21
N ARG O 57 -13.96 -2.62 -3.75
CA ARG O 57 -13.99 -1.16 -3.80
C ARG O 57 -14.08 -0.67 -5.24
N LEU O 58 -13.53 -1.44 -6.19
CA LEU O 58 -13.60 -1.10 -7.61
C LEU O 58 -12.90 0.20 -7.99
N ASP O 59 -13.61 1.13 -8.63
CA ASP O 59 -12.98 2.35 -9.11
C ASP O 59 -12.64 3.41 -8.06
N SER O 60 -13.06 3.19 -6.82
CA SER O 60 -12.72 4.13 -5.76
C SER O 60 -11.21 4.23 -5.64
N LEU O 61 -10.70 5.45 -5.50
CA LEU O 61 -9.25 5.67 -5.40
C LEU O 61 -8.49 5.05 -6.57
N GLU O 62 -9.04 5.18 -7.77
CA GLU O 62 -8.35 4.66 -8.94
C GLU O 62 -7.06 5.43 -9.13
N VAL O 63 -6.01 4.74 -9.54
CA VAL O 63 -4.72 5.40 -9.70
C VAL O 63 -4.16 5.14 -11.09
N MET O 64 -3.32 6.06 -11.57
CA MET O 64 -2.77 5.91 -12.91
C MET O 64 -1.54 5.03 -12.86
N VAL O 65 -1.74 3.72 -12.90
CA VAL O 65 -0.61 2.82 -12.90
C VAL O 65 0.12 2.98 -14.23
N SER O 66 1.43 3.16 -14.17
CA SER O 66 2.20 3.36 -15.39
C SER O 66 2.14 2.13 -16.29
N GLN O 67 2.23 0.95 -15.69
CA GLN O 67 2.23 -0.29 -16.47
C GLN O 67 0.89 -0.53 -17.15
N GLU O 68 0.92 -0.91 -18.43
CA GLU O 68 -0.31 -1.23 -19.15
C GLU O 68 -0.50 -2.73 -19.30
N GLY O 69 0.38 -3.51 -18.69
CA GLY O 69 0.31 -4.96 -18.76
C GLY O 69 -0.97 -5.47 -18.13
N THR O 70 -1.42 -4.82 -17.06
CA THR O 70 -2.64 -5.24 -16.40
C THR O 70 -3.81 -5.13 -17.35
N PRO O 71 -4.75 -6.08 -17.27
CA PRO O 71 -5.90 -6.07 -18.18
C PRO O 71 -6.72 -4.82 -17.98
N LEU O 72 -7.26 -4.29 -19.06
CA LEU O 72 -7.99 -3.04 -18.97
C LEU O 72 -9.32 -3.14 -18.24
N ALA O 73 -9.82 -2.01 -17.73
CA ALA O 73 -11.05 -2.02 -16.94
C ALA O 73 -12.28 -2.52 -17.68
N ASP O 74 -12.40 -2.21 -18.97
CA ASP O 74 -13.52 -2.75 -19.76
C ASP O 74 -14.85 -2.44 -19.11
N ILE O 75 -15.07 -1.19 -18.71
CA ILE O 75 -16.29 -0.84 -18.00
C ILE O 75 -17.58 -1.10 -18.78
N SER O 76 -18.58 -1.64 -18.11
CA SER O 76 -19.86 -1.91 -18.77
C SER O 76 -20.91 -0.89 -18.38
N GLY O 77 -20.53 0.11 -17.61
CA GLY O 77 -21.49 1.10 -17.12
C GLY O 77 -20.76 2.38 -16.82
N ARG O 78 -21.47 3.39 -16.30
CA ARG O 78 -20.82 4.67 -16.07
C ARG O 78 -20.00 4.63 -14.79
N VAL O 79 -18.68 4.70 -14.94
CA VAL O 79 -17.79 4.70 -13.79
C VAL O 79 -16.66 5.68 -14.05
N ALA O 80 -16.02 6.17 -12.99
CA ALA O 80 -14.89 7.07 -13.16
C ALA O 80 -13.60 6.29 -13.02
N VAL O 81 -12.80 6.27 -14.07
CA VAL O 81 -11.57 5.48 -14.04
C VAL O 81 -10.34 6.33 -14.27
N ALA O 82 -9.34 6.21 -13.39
CA ALA O 82 -8.09 6.90 -13.62
C ALA O 82 -7.44 6.33 -14.87
N GLY O 83 -7.52 5.00 -15.02
CA GLY O 83 -6.95 4.35 -16.18
C GLY O 83 -5.49 3.98 -16.05
N THR O 84 -4.93 3.36 -17.09
CA THR O 84 -3.53 2.97 -17.08
C THR O 84 -2.82 3.74 -18.16
N VAL O 85 -1.68 4.35 -17.83
CA VAL O 85 -0.97 5.12 -18.82
C VAL O 85 -0.48 4.19 -19.91
N ILE O 86 -0.76 4.54 -21.16
CA ILE O 86 -0.32 3.74 -22.27
C ILE O 86 0.41 4.66 -23.22
N TRP O 87 1.61 4.28 -23.65
CA TRP O 87 2.31 5.07 -24.65
C TRP O 87 2.48 6.55 -24.34
N ALA O 88 2.85 6.88 -23.11
CA ALA O 88 3.12 8.28 -22.84
C ALA O 88 4.30 8.57 -23.74
N THR O 89 4.33 9.71 -24.40
CA THR O 89 5.39 9.95 -25.36
C THR O 89 6.66 10.45 -24.71
N LYS O 90 7.35 9.57 -24.00
CA LYS O 90 8.63 9.93 -23.40
C LYS O 90 8.49 11.18 -22.55
N LEU O 91 9.38 12.13 -22.77
CA LEU O 91 9.34 13.36 -22.00
C LEU O 91 9.74 14.54 -22.85
N GLU O 92 9.26 15.73 -22.50
CA GLU O 92 9.72 16.91 -23.22
C GLU O 92 10.62 17.66 -22.26
N GLU O 93 11.93 17.53 -22.43
CA GLU O 93 12.85 18.19 -21.52
C GLU O 93 13.16 19.60 -21.97
N ILE O 94 12.19 20.50 -21.89
CA ILE O 94 12.42 21.84 -22.39
C ILE O 94 13.51 22.60 -21.63
N ALA O 95 13.44 22.61 -20.29
CA ALA O 95 14.46 23.25 -19.47
C ALA O 95 14.32 22.87 -17.99
N ARG O 96 14.98 21.82 -17.54
CA ARG O 96 14.78 21.37 -16.15
C ARG O 96 15.22 22.33 -15.05
N THR O 97 16.36 23.01 -15.22
CA THR O 97 16.87 23.83 -14.14
C THR O 97 16.56 25.32 -14.23
N THR O 98 15.99 25.88 -13.17
CA THR O 98 15.73 27.33 -13.14
C THR O 98 16.43 27.89 -11.90
N SER O 99 17.13 28.99 -12.04
CA SER O 99 17.91 29.56 -10.92
C SER O 99 17.66 31.05 -10.74
N THR O 100 18.00 31.60 -9.58
CA THR O 100 17.79 33.02 -9.33
C THR O 100 19.08 33.78 -8.98
N ARG O 101 19.19 35.02 -9.42
CA ARG O 101 20.39 35.82 -9.18
C ARG O 101 20.62 36.29 -7.76
N VAL O 102 21.88 36.43 -7.36
CA VAL O 102 22.19 36.98 -6.04
C VAL O 102 22.58 38.44 -6.23
N GLY O 103 22.41 38.96 -7.43
CA GLY O 103 22.74 40.34 -7.71
C GLY O 103 24.19 40.75 -7.56
N SER O 104 24.43 41.85 -6.87
CA SER O 104 25.80 42.37 -6.75
C SER O 104 26.79 41.45 -6.06
N GLY O 105 26.36 40.77 -5.00
CA GLY O 105 27.28 39.92 -4.26
C GLY O 105 27.86 38.82 -5.11
N LYS O 106 27.03 38.22 -5.95
CA LYS O 106 27.51 37.19 -6.86
C LYS O 106 27.26 37.59 -8.30
N SER O 107 26.42 36.82 -8.98
CA SER O 107 26.09 37.13 -10.36
C SER O 107 24.64 37.59 -10.47
N SER O 108 24.42 38.69 -11.18
CA SER O 108 23.07 39.23 -11.31
C SER O 108 22.32 38.67 -12.52
N GLN O 109 22.97 37.82 -13.29
CA GLN O 109 22.35 37.29 -14.51
C GLN O 109 21.82 35.86 -14.38
N LYS O 110 21.82 35.32 -13.17
CA LYS O 110 21.39 33.93 -12.98
C LYS O 110 19.90 33.62 -13.13
N VAL O 111 19.05 34.64 -13.14
CA VAL O 111 17.61 34.39 -13.18
C VAL O 111 17.10 33.65 -14.41
N LYS O 112 16.26 32.64 -14.22
CA LYS O 112 15.67 31.91 -15.35
C LYS O 112 14.17 31.68 -15.12
N SER O 113 13.38 31.70 -16.19
CA SER O 113 11.92 31.54 -16.07
C SER O 113 11.45 30.22 -16.66
N THR O 114 12.33 29.23 -16.74
CA THR O 114 11.99 27.97 -17.40
C THR O 114 10.81 27.19 -16.85
N ASN O 115 9.99 26.65 -17.75
CA ASN O 115 8.83 25.84 -17.34
C ASN O 115 9.16 24.40 -17.02
N PHE O 116 8.22 23.70 -16.39
CA PHE O 116 8.44 22.29 -16.05
C PHE O 116 8.60 21.41 -17.27
N ASP O 117 9.45 20.39 -17.16
CA ASP O 117 9.73 19.49 -18.27
C ASP O 117 8.83 18.27 -18.30
N TYR O 118 9.25 17.24 -19.03
CA TYR O 118 8.49 15.99 -19.11
C TYR O 118 7.04 16.10 -19.54
N ALA O 119 6.76 16.98 -20.50
CA ALA O 119 5.40 17.05 -21.02
C ALA O 119 5.26 15.88 -21.98
N ALA O 120 4.20 15.10 -21.84
CA ALA O 120 4.05 13.91 -22.67
C ALA O 120 2.63 13.63 -23.05
N SER O 121 2.45 12.84 -24.10
CA SER O 121 1.10 12.45 -24.51
C SER O 121 0.70 11.25 -23.68
N PHE O 122 0.32 11.48 -22.43
CA PHE O 122 -0.11 10.37 -21.62
C PHE O 122 -1.44 9.97 -22.19
N ALA O 123 -1.55 8.72 -22.59
CA ALA O 123 -2.83 8.25 -23.06
C ALA O 123 -3.28 7.23 -22.05
N VAL O 124 -4.40 7.48 -21.41
CA VAL O 124 -4.83 6.57 -20.38
C VAL O 124 -6.01 5.81 -20.93
N SER O 125 -5.85 4.50 -21.04
CA SER O 125 -6.96 3.71 -21.53
C SER O 125 -7.88 3.42 -20.36
N LEU O 126 -9.15 3.74 -20.53
CA LEU O 126 -10.12 3.52 -19.48
C LEU O 126 -10.65 2.12 -19.62
N GLY O 127 -10.23 1.42 -20.68
CA GLY O 127 -10.66 0.06 -20.89
C GLY O 127 -10.90 -0.22 -22.36
N GLU O 128 -10.95 -1.49 -22.72
CA GLU O 128 -11.20 -1.85 -24.11
C GLU O 128 -12.68 -1.77 -24.49
N GLY O 129 -12.95 -1.65 -25.79
CA GLY O 129 -14.32 -1.54 -26.25
C GLY O 129 -14.73 -0.09 -26.44
N PRO O 130 -15.75 0.14 -27.27
CA PRO O 130 -16.23 1.51 -27.51
C PRO O 130 -16.79 2.14 -26.25
N LEU O 131 -16.46 3.40 -26.03
CA LEU O 131 -16.91 4.09 -24.82
C LEU O 131 -17.56 5.42 -25.18
N ASN O 132 -18.53 5.84 -24.40
CA ASN O 132 -19.25 7.08 -24.69
C ASN O 132 -19.48 7.83 -23.38
N GLY O 133 -20.12 8.99 -23.46
CA GLY O 133 -20.43 9.76 -22.26
C GLY O 133 -19.24 10.21 -21.45
N ILE O 134 -18.18 10.63 -22.12
CA ILE O 134 -17.02 11.16 -21.42
C ILE O 134 -17.42 12.43 -20.68
N GLY O 135 -17.07 12.52 -19.41
CA GLY O 135 -17.41 13.69 -18.60
C GLY O 135 -16.68 13.76 -17.29
N ARG O 136 -16.75 14.89 -16.58
CA ARG O 136 -16.19 14.96 -15.23
C ARG O 136 -14.74 14.49 -15.11
N ILE O 137 -13.86 14.99 -15.97
CA ILE O 137 -12.48 14.50 -15.95
C ILE O 137 -11.48 15.47 -15.33
N PHE O 138 -10.78 15.05 -14.28
CA PHE O 138 -9.73 15.90 -13.70
C PHE O 138 -8.65 15.12 -12.97
N LEU O 139 -7.41 15.61 -13.03
CA LEU O 139 -6.31 14.96 -12.32
C LEU O 139 -6.43 15.04 -10.80
N ASP O 140 -6.83 16.21 -10.29
CA ASP O 140 -6.91 16.37 -8.85
C ASP O 140 -8.23 17.00 -8.45
N GLY O 141 -9.31 16.26 -8.66
CA GLY O 141 -10.62 16.78 -8.33
C GLY O 141 -11.62 16.30 -9.34
N GLN O 142 -12.87 16.73 -9.22
CA GLN O 142 -13.86 16.36 -10.22
C GLN O 142 -13.67 16.97 -11.61
N VAL O 143 -13.31 18.25 -11.72
CA VAL O 143 -13.20 18.91 -13.03
C VAL O 143 -12.33 20.17 -13.11
N ARG O 144 -11.95 20.57 -14.33
CA ARG O 144 -11.16 21.80 -14.54
C ARG O 144 -12.04 22.73 -15.34
N ASP O 145 -11.77 24.04 -15.34
CA ASP O 145 -12.67 24.94 -16.04
C ASP O 145 -12.65 24.69 -17.53
N LEU O 146 -13.81 24.35 -18.11
CA LEU O 146 -13.90 24.18 -19.55
C LEU O 146 -13.78 25.52 -20.26
N SER O 147 -14.42 26.53 -19.69
CA SER O 147 -14.39 27.84 -20.33
C SER O 147 -12.96 28.32 -20.37
N GLU O 148 -12.24 28.15 -19.26
CA GLU O 148 -10.84 28.53 -19.23
C GLU O 148 -9.97 27.68 -20.16
N MET O 149 -10.19 26.37 -20.17
CA MET O 149 -9.33 25.51 -20.97
C MET O 149 -10.00 24.35 -21.67
N ILE O 150 -9.54 24.03 -22.87
CA ILE O 150 -10.06 22.90 -23.59
C ILE O 150 -8.92 21.91 -23.65
N SER O 151 -8.06 21.93 -22.63
CA SER O 151 -6.91 21.05 -22.57
C SER O 151 -5.97 21.30 -23.74
N GLU O 152 -5.65 20.24 -24.48
CA GLU O 152 -4.71 20.38 -25.58
C GLU O 152 -5.47 20.62 -26.86
N ASN O 153 -5.49 19.63 -27.74
CA ASN O 153 -6.24 19.76 -28.97
C ASN O 153 -7.67 19.37 -28.66
N ARG O 154 -8.40 20.28 -28.02
CA ARG O 154 -9.80 20.02 -27.68
C ARG O 154 -9.99 18.72 -26.90
N VAL O 155 -9.16 18.50 -25.89
CA VAL O 155 -9.30 17.29 -25.04
C VAL O 155 -9.36 16.01 -25.85
N ARG O 156 -8.36 15.76 -26.69
CA ARG O 156 -8.44 14.59 -27.55
C ARG O 156 -8.61 13.30 -26.77
N PHE O 157 -9.56 12.48 -27.19
CA PHE O 157 -9.82 11.21 -26.52
C PHE O 157 -10.24 10.23 -27.60
N TYR O 158 -9.94 8.97 -27.43
CA TYR O 158 -10.39 7.99 -28.39
C TYR O 158 -11.44 7.11 -27.76
N PRO O 159 -12.60 7.00 -28.41
CA PRO O 159 -13.70 6.24 -27.81
C PRO O 159 -13.35 4.78 -27.59
N GLY O 160 -12.67 4.17 -28.54
CA GLY O 160 -12.36 2.76 -28.42
C GLY O 160 -12.90 2.08 -29.63
N THR O 161 -12.77 2.72 -30.79
CA THR O 161 -13.33 2.14 -31.99
C THR O 161 -12.56 0.88 -32.28
N GLU O 162 -13.27 -0.23 -32.38
CA GLU O 162 -12.60 -1.51 -32.60
C GLU O 162 -11.89 -1.59 -33.94
N ASP O 163 -12.51 -1.07 -34.97
CA ASP O 163 -11.93 -1.21 -36.29
C ASP O 163 -10.57 -0.54 -36.45
N GLN O 164 -10.46 0.71 -36.02
CA GLN O 164 -9.20 1.42 -36.12
C GLN O 164 -9.14 2.62 -35.23
N GLU O 165 -7.96 2.94 -34.71
CA GLU O 165 -7.81 4.18 -33.97
C GLU O 165 -6.60 4.86 -34.55
N PRO O 166 -6.79 6.05 -35.13
CA PRO O 166 -5.67 6.80 -35.70
C PRO O 166 -4.79 7.39 -34.61
N ASP O 167 -3.57 7.76 -34.96
CA ASP O 167 -2.66 8.28 -33.96
C ASP O 167 -2.43 9.77 -34.11
N PRO O 168 -2.72 10.54 -33.06
CA PRO O 168 -2.42 11.97 -33.12
C PRO O 168 -0.98 12.25 -32.73
N LEU O 169 -0.01 11.72 -33.49
CA LEU O 169 1.42 11.96 -33.24
C LEU O 169 1.96 11.33 -31.98
N ILE O 170 1.21 10.43 -31.36
CA ILE O 170 1.73 9.73 -30.20
C ILE O 170 2.24 8.39 -30.66
N GLU O 171 1.45 7.68 -31.45
CA GLU O 171 1.92 6.42 -32.00
C GLU O 171 2.47 6.70 -33.38
N ALA O 172 2.04 7.82 -33.96
CA ALA O 172 2.46 8.17 -35.30
C ALA O 172 3.95 8.40 -35.38
N ILE O 173 4.51 9.06 -34.36
CA ILE O 173 5.92 9.38 -34.42
C ILE O 173 6.78 8.11 -34.49
N GLU O 174 6.46 7.11 -33.68
CA GLU O 174 7.20 5.85 -33.79
C GLU O 174 6.92 5.17 -35.10
N GLY O 175 5.65 5.02 -35.45
CA GLY O 175 5.28 4.46 -36.74
C GLY O 175 5.29 2.96 -36.91
N ALA O 176 4.35 2.39 -37.66
CA ALA O 176 4.37 0.96 -38.01
C ALA O 176 4.06 -0.12 -36.95
N ALA O 177 3.75 0.28 -35.72
CA ALA O 177 3.48 -0.69 -34.67
C ALA O 177 2.44 -0.36 -33.58
N PRO O 178 2.26 0.93 -33.25
CA PRO O 178 1.33 1.16 -32.14
C PRO O 178 -0.07 1.64 -32.46
N ALA O 179 -0.54 1.60 -33.71
CA ALA O 179 -1.90 2.02 -33.92
C ALA O 179 -2.77 1.09 -33.10
N PHE O 180 -3.73 1.65 -32.38
CA PHE O 180 -4.54 0.83 -31.49
C PHE O 180 -5.90 0.51 -32.07
N ARG O 181 -6.51 -0.56 -31.59
CA ARG O 181 -7.87 -0.85 -32.01
C ARG O 181 -8.70 -1.09 -30.76
N GLY O 182 -9.72 -0.27 -30.53
CA GLY O 182 -10.61 -0.52 -29.42
C GLY O 182 -10.20 -0.13 -28.01
N THR O 183 -9.05 0.48 -27.85
CA THR O 183 -8.66 0.95 -26.52
C THR O 183 -9.21 2.34 -26.32
N ALA O 184 -9.88 2.57 -25.20
CA ALA O 184 -10.41 3.89 -24.93
C ALA O 184 -9.34 4.77 -24.33
N TYR O 185 -8.37 5.18 -25.14
CA TYR O 185 -7.28 5.97 -24.60
C TYR O 185 -7.54 7.45 -24.75
N LEU O 186 -7.43 8.17 -23.64
CA LEU O 186 -7.66 9.61 -23.67
C LEU O 186 -6.30 10.21 -23.84
N VAL O 187 -6.11 10.95 -24.92
CA VAL O 187 -4.78 11.47 -25.19
C VAL O 187 -4.59 12.86 -24.63
N PHE O 188 -3.77 12.97 -23.60
CA PHE O 188 -3.48 14.28 -23.03
C PHE O 188 -2.11 14.58 -23.57
N GLU O 189 -2.01 15.53 -24.50
CA GLU O 189 -0.72 15.76 -25.14
C GLU O 189 -0.07 17.11 -24.94
N ARG O 190 1.18 17.14 -24.46
CA ARG O 190 1.91 18.39 -24.33
C ARG O 190 1.16 19.43 -23.52
N LEU O 191 0.49 18.98 -22.47
CA LEU O 191 -0.33 19.90 -21.68
C LEU O 191 0.14 20.04 -20.25
N PHE O 192 1.43 19.82 -19.99
CA PHE O 192 1.86 19.84 -18.60
C PHE O 192 1.49 21.17 -18.01
N LEU O 193 0.66 21.14 -16.97
CA LEU O 193 0.25 22.37 -16.29
C LEU O 193 1.44 22.96 -15.56
N SER O 194 2.27 22.09 -14.96
CA SER O 194 3.46 22.51 -14.23
C SER O 194 3.21 22.93 -12.79
N ASP O 195 1.95 22.96 -12.36
CA ASP O 195 1.67 23.24 -10.95
C ASP O 195 2.22 22.06 -10.18
N PHE O 196 2.02 20.87 -10.71
CA PHE O 196 2.54 19.68 -10.07
C PHE O 196 4.02 19.49 -10.33
N GLY O 197 4.65 18.58 -9.60
CA GLY O 197 6.06 18.33 -9.77
C GLY O 197 6.27 17.26 -10.83
N ASN O 198 7.26 16.39 -10.62
CA ASN O 198 7.55 15.37 -11.61
C ASN O 198 6.33 14.49 -11.80
N ARG O 199 5.69 14.12 -10.71
CA ARG O 199 4.47 13.33 -10.80
C ARG O 199 3.28 14.14 -11.28
N VAL O 200 2.38 13.52 -12.04
CA VAL O 200 1.16 14.20 -12.45
C VAL O 200 0.03 13.40 -11.81
N PRO O 201 -0.91 14.08 -11.15
CA PRO O 201 -1.98 13.36 -10.44
C PRO O 201 -2.85 12.51 -11.36
N GLN O 202 -3.28 11.35 -10.87
CA GLN O 202 -4.05 10.45 -11.71
C GLN O 202 -5.32 11.13 -12.18
N VAL O 203 -5.61 11.03 -13.46
CA VAL O 203 -6.77 11.74 -13.97
C VAL O 203 -7.97 10.83 -14.01
N ARG O 204 -8.99 11.18 -13.24
CA ARG O 204 -10.17 10.33 -13.18
C ARG O 204 -11.18 10.89 -14.13
N VAL O 205 -11.54 10.10 -15.13
CA VAL O 205 -12.49 10.56 -16.13
C VAL O 205 -13.72 9.69 -16.04
N GLU O 206 -14.88 10.32 -15.95
CA GLU O 206 -16.12 9.56 -15.88
C GLU O 206 -16.52 9.21 -17.30
N VAL O 207 -16.71 7.92 -17.55
CA VAL O 207 -17.07 7.48 -18.89
C VAL O 207 -18.20 6.47 -18.81
N PHE O 208 -18.97 6.34 -19.87
CA PHE O 208 -20.07 5.40 -19.88
C PHE O 208 -19.73 4.20 -20.73
N GLY O 209 -19.79 3.00 -20.14
CA GLY O 209 -19.56 1.79 -20.89
C GLY O 209 -20.78 1.58 -21.76
N GLN O 210 -20.63 0.92 -22.90
CA GLN O 210 -21.76 0.78 -23.78
C GLN O 210 -22.85 0.06 -23.01
N SER O 211 -24.07 0.59 -23.02
CA SER O 211 -25.15 0.03 -22.23
C SER O 211 -26.36 0.92 -22.46
N GLY O 212 -27.16 1.13 -21.43
CA GLY O 212 -28.31 2.01 -21.57
C GLY O 212 -29.23 1.58 -22.69
N GLU O 213 -29.66 0.33 -22.68
CA GLU O 213 -30.54 -0.18 -23.72
C GLU O 213 -31.84 0.60 -23.76
N MET O 214 -32.36 0.98 -22.61
CA MET O 214 -33.57 1.79 -22.58
C MET O 214 -33.30 3.10 -23.30
N GLU O 215 -32.13 3.69 -23.04
CA GLU O 215 -31.77 4.93 -23.69
C GLU O 215 -31.63 4.72 -25.20
N LYS O 216 -31.04 3.60 -25.61
CA LYS O 216 -30.89 3.30 -27.02
C LYS O 216 -32.25 3.14 -27.68
N GLY O 217 -33.17 2.48 -27.00
CA GLY O 217 -34.49 2.27 -27.55
C GLY O 217 -35.23 3.57 -27.78
N VAL O 218 -35.12 4.50 -26.83
CA VAL O 218 -35.78 5.80 -26.97
C VAL O 218 -35.13 6.64 -28.07
N THR O 219 -35.92 7.43 -28.78
CA THR O 219 -35.35 8.32 -29.80
C THR O 219 -35.39 9.79 -29.42
N GLY O 220 -36.20 10.15 -28.42
CA GLY O 220 -36.34 11.54 -28.04
C GLY O 220 -36.79 11.81 -26.62
N VAL O 221 -36.55 13.02 -26.12
CA VAL O 221 -36.97 13.42 -24.77
C VAL O 221 -37.26 14.90 -24.92
N CYS O 222 -37.88 15.55 -23.94
CA CYS O 222 -38.05 16.99 -24.10
C CYS O 222 -36.68 17.61 -23.92
N VAL O 223 -36.23 18.36 -24.91
CA VAL O 223 -34.87 18.93 -24.85
C VAL O 223 -34.61 19.97 -23.76
N ILE O 224 -35.57 20.87 -23.52
CA ILE O 224 -35.40 21.89 -22.50
C ILE O 224 -36.69 22.26 -21.73
N PRO O 225 -37.11 21.41 -20.79
CA PRO O 225 -38.35 21.69 -20.06
C PRO O 225 -38.25 22.97 -19.26
N GLY O 226 -37.12 23.18 -18.60
CA GLY O 226 -36.97 24.37 -17.78
C GLY O 226 -36.14 25.40 -18.50
N SER O 227 -36.72 26.57 -18.71
CA SER O 227 -36.02 27.61 -19.46
C SER O 227 -35.80 28.87 -18.63
N THR O 228 -34.56 29.35 -18.59
CA THR O 228 -34.22 30.56 -17.85
C THR O 228 -34.33 31.80 -18.71
N GLU O 229 -33.85 32.93 -18.20
CA GLU O 229 -33.94 34.19 -18.93
C GLU O 229 -33.22 34.08 -20.24
N PHE O 230 -32.06 33.43 -20.24
CA PHE O 230 -31.32 33.21 -21.48
C PHE O 230 -31.36 31.75 -21.84
N GLY O 231 -32.24 31.00 -21.18
CA GLY O 231 -32.36 29.57 -21.41
C GLY O 231 -31.36 28.84 -22.28
N TYR O 232 -31.63 28.77 -23.57
CA TYR O 232 -30.74 28.04 -24.47
C TYR O 232 -29.63 28.86 -25.11
N MET O 233 -28.63 29.27 -24.34
CA MET O 233 -27.50 29.96 -24.96
C MET O 233 -26.24 29.12 -24.79
N PRO O 234 -25.62 28.75 -25.92
CA PRO O 234 -24.42 27.91 -25.86
C PRO O 234 -23.25 28.61 -25.16
N ALA O 235 -23.06 29.89 -25.43
CA ALA O 235 -22.02 30.63 -24.74
C ALA O 235 -22.45 30.92 -23.31
N PRO O 236 -21.49 30.89 -22.37
CA PRO O 236 -21.89 31.27 -21.02
C PRO O 236 -22.28 32.73 -21.05
N VAL O 237 -23.39 33.07 -20.41
CA VAL O 237 -23.86 34.45 -20.46
C VAL O 237 -23.33 35.18 -19.25
N ARG O 238 -22.29 35.98 -19.45
CA ARG O 238 -21.70 36.68 -18.34
C ARG O 238 -22.73 37.66 -17.82
N GLN O 239 -22.93 37.67 -16.51
CA GLN O 239 -23.95 38.53 -15.96
C GLN O 239 -23.34 39.58 -15.07
N GLN O 240 -23.67 40.84 -15.33
CA GLN O 240 -23.19 41.90 -14.47
C GLN O 240 -23.90 41.69 -13.15
N SER O 241 -23.25 42.03 -12.03
CA SER O 241 -23.85 41.73 -10.74
C SER O 241 -25.19 42.42 -10.62
N LEU O 242 -26.18 41.70 -10.11
CA LEU O 242 -27.49 42.28 -9.93
C LEU O 242 -27.34 43.31 -8.84
N ASP O 243 -27.80 44.53 -9.08
CA ASP O 243 -27.76 45.56 -8.04
C ASP O 243 -26.39 45.71 -7.41
N GLY O 244 -26.34 45.71 -6.08
CA GLY O 244 -25.07 45.80 -5.36
C GLY O 244 -24.23 47.03 -5.62
N ALA O 245 -22.94 46.82 -5.87
CA ALA O 245 -22.04 47.93 -6.11
C ALA O 245 -21.79 48.05 -7.60
N ASP O 246 -20.57 48.39 -8.00
CA ASP O 246 -20.26 48.42 -9.41
C ASP O 246 -20.43 47.00 -9.89
N VAL O 247 -20.90 46.83 -11.11
CA VAL O 247 -21.21 45.48 -11.57
C VAL O 247 -20.04 44.52 -11.57
N VAL O 248 -20.29 43.28 -11.14
CA VAL O 248 -19.25 42.27 -11.12
C VAL O 248 -19.60 41.29 -12.21
N TRP O 249 -18.67 41.02 -13.11
CA TRP O 249 -18.98 40.16 -14.24
C TRP O 249 -18.84 38.69 -13.90
N GLU O 250 -19.76 38.18 -13.09
CA GLU O 250 -19.74 36.78 -12.72
C GLU O 250 -21.05 36.15 -13.12
N GLY O 251 -21.48 35.12 -12.41
CA GLY O 251 -22.80 34.53 -12.68
C GLY O 251 -23.14 34.09 -14.09
N PRO O 252 -22.29 33.25 -14.71
CA PRO O 252 -22.66 32.92 -16.09
C PRO O 252 -24.03 32.26 -16.13
N GLU O 253 -24.91 32.76 -16.99
CA GLU O 253 -26.25 32.21 -17.06
C GLU O 253 -26.30 30.92 -17.85
N ASN O 254 -27.22 30.03 -17.50
CA ASN O 254 -27.36 28.73 -18.17
C ASN O 254 -26.18 27.87 -17.81
N CYS O 255 -25.40 28.29 -16.81
CA CYS O 255 -24.26 27.51 -16.37
C CYS O 255 -24.29 27.28 -14.88
N ASN O 256 -24.27 26.03 -14.45
CA ASN O 256 -24.19 25.74 -13.03
C ASN O 256 -22.90 24.96 -12.90
N ARG O 257 -22.19 24.79 -14.02
CA ARG O 257 -20.99 23.98 -14.02
C ARG O 257 -19.78 24.52 -13.29
N TYR O 258 -19.02 23.62 -12.68
CA TYR O 258 -17.78 24.02 -12.03
C TYR O 258 -16.88 24.54 -13.14
N SER O 259 -16.98 23.91 -14.30
CA SER O 259 -16.17 24.32 -15.45
C SER O 259 -16.47 25.75 -15.84
N ARG O 260 -17.72 26.20 -15.63
CA ARG O 260 -18.12 27.59 -15.92
C ARG O 260 -18.48 27.81 -17.36
N ILE O 261 -18.36 26.78 -18.19
CA ILE O 261 -18.82 26.90 -19.56
C ILE O 261 -20.32 26.67 -19.46
N SER O 262 -21.10 27.18 -20.41
CA SER O 262 -22.54 27.05 -20.27
C SER O 262 -22.96 25.59 -20.26
N ASP O 263 -23.91 25.25 -19.41
CA ASP O 263 -24.41 23.87 -19.36
C ASP O 263 -25.07 23.55 -20.67
N TRP O 264 -25.72 24.52 -21.30
CA TRP O 264 -26.31 24.28 -22.61
C TRP O 264 -25.18 23.92 -23.55
N SER O 265 -25.42 23.02 -24.50
CA SER O 265 -24.35 22.51 -25.39
C SER O 265 -23.53 21.46 -24.67
N LEU O 266 -23.07 21.73 -23.45
CA LEU O 266 -22.37 20.71 -22.68
C LEU O 266 -23.36 19.58 -22.42
N SER O 267 -24.60 19.94 -22.09
CA SER O 267 -25.63 18.93 -21.87
C SER O 267 -25.84 18.18 -23.16
N MET O 268 -25.84 18.91 -24.27
CA MET O 268 -26.04 18.29 -25.56
C MET O 268 -24.94 17.28 -25.81
N ASP O 269 -23.72 17.59 -25.40
CA ASP O 269 -22.62 16.67 -25.60
C ASP O 269 -22.88 15.36 -24.88
N HIS O 270 -23.31 15.44 -23.63
CA HIS O 270 -23.62 14.22 -22.89
C HIS O 270 -24.78 13.49 -23.53
N LEU O 271 -25.80 14.22 -23.92
CA LEU O 271 -26.97 13.60 -24.54
C LEU O 271 -26.58 12.91 -25.83
N LYS O 272 -25.74 13.57 -26.61
CA LYS O 272 -25.35 13.00 -27.90
C LYS O 272 -24.60 11.72 -27.66
N ASN O 273 -23.71 11.74 -26.68
CA ASN O 273 -22.92 10.56 -26.41
C ASN O 273 -23.79 9.40 -25.97
N THR O 274 -24.70 9.65 -25.04
CA THR O 274 -25.58 8.61 -24.56
C THR O 274 -26.59 8.15 -25.58
N LEU O 275 -27.19 9.09 -26.31
CA LEU O 275 -28.26 8.71 -27.22
C LEU O 275 -27.85 8.75 -28.69
N PRO O 276 -27.88 7.60 -29.34
CA PRO O 276 -27.56 7.53 -30.77
C PRO O 276 -28.57 8.26 -31.67
N ALA O 277 -29.86 8.16 -31.36
CA ALA O 277 -30.90 8.73 -32.24
C ALA O 277 -30.84 10.24 -32.43
N VAL O 278 -30.58 10.99 -31.36
CA VAL O 278 -30.45 12.45 -31.44
C VAL O 278 -31.59 13.18 -32.13
N GLN O 279 -32.83 12.81 -31.82
CA GLN O 279 -33.97 13.54 -32.35
C GLN O 279 -34.83 13.79 -31.15
N THR O 280 -34.28 14.58 -30.22
CA THR O 280 -34.99 14.87 -29.00
C THR O 280 -35.32 16.35 -28.92
N VAL O 281 -35.06 17.09 -29.98
CA VAL O 281 -35.26 18.51 -29.84
C VAL O 281 -36.69 18.85 -29.53
N SER O 282 -36.90 19.54 -28.42
CA SER O 282 -38.22 19.97 -28.04
C SER O 282 -37.93 21.24 -27.31
N LEU O 283 -37.87 22.34 -28.04
CA LEU O 283 -37.51 23.60 -27.38
C LEU O 283 -38.76 24.19 -26.80
N VAL O 284 -39.09 23.77 -25.59
CA VAL O 284 -40.31 24.24 -24.98
C VAL O 284 -40.01 25.55 -24.28
N VAL O 285 -40.56 26.63 -24.80
CA VAL O 285 -40.32 27.93 -24.22
C VAL O 285 -40.99 28.08 -22.87
N ALA O 286 -40.35 28.75 -21.93
CA ALA O 286 -41.00 29.00 -20.65
C ALA O 286 -41.81 30.29 -20.78
N TRP O 287 -42.82 30.28 -21.64
CA TRP O 287 -43.61 31.48 -21.85
C TRP O 287 -44.50 31.76 -20.67
N PHE O 288 -44.76 33.02 -20.39
CA PHE O 288 -45.55 33.36 -19.22
C PHE O 288 -46.98 33.73 -19.54
N GLY O 289 -47.90 33.16 -18.78
CA GLY O 289 -49.32 33.47 -18.96
C GLY O 289 -49.82 33.74 -17.57
N THR O 290 -50.98 34.38 -17.44
CA THR O 290 -51.44 34.73 -16.11
C THR O 290 -52.59 33.87 -15.57
N ASP O 291 -53.82 34.37 -15.58
CA ASP O 291 -54.95 33.63 -14.97
C ASP O 291 -55.56 32.46 -15.74
N LEU O 292 -56.39 31.67 -15.05
CA LEU O 292 -57.00 30.50 -15.69
C LEU O 292 -58.29 30.80 -16.46
N ARG O 293 -58.75 32.05 -16.44
CA ARG O 293 -59.92 32.40 -17.23
C ARG O 293 -59.46 32.93 -18.57
N ALA O 294 -59.99 32.37 -19.66
CA ALA O 294 -59.56 32.80 -20.99
C ALA O 294 -60.03 34.21 -21.31
N GLY O 295 -59.30 34.91 -22.16
CA GLY O 295 -59.63 36.30 -22.45
C GLY O 295 -59.10 37.20 -21.37
N LEU O 296 -59.46 36.93 -20.12
CA LEU O 296 -58.91 37.72 -19.02
C LEU O 296 -57.41 37.48 -19.01
N CYS O 297 -57.01 36.23 -19.24
CA CYS O 297 -55.59 35.91 -19.30
C CYS O 297 -54.94 36.53 -20.51
N ARG O 298 -53.72 37.03 -20.34
CA ARG O 298 -52.98 37.58 -21.47
C ARG O 298 -51.64 36.87 -21.51
N PHE O 299 -51.24 36.41 -22.69
CA PHE O 299 -50.00 35.65 -22.78
C PHE O 299 -48.81 36.57 -22.94
N GLU O 300 -48.33 37.11 -21.82
CA GLU O 300 -47.18 37.99 -21.87
C GLU O 300 -46.06 37.50 -20.98
N PRO O 301 -44.85 37.37 -21.54
CA PRO O 301 -43.70 36.85 -20.79
C PRO O 301 -43.11 37.85 -19.79
N ARG O 302 -42.44 37.35 -18.76
CA ARG O 302 -41.83 38.23 -17.77
C ARG O 302 -40.40 37.79 -17.43
N ILE O 303 -39.55 38.70 -16.96
CA ILE O 303 -38.15 38.36 -16.68
C ILE O 303 -37.94 37.49 -15.46
N GLU O 304 -36.82 36.80 -15.40
CA GLU O 304 -36.52 35.98 -14.25
C GLU O 304 -36.40 36.85 -13.02
N LEU O 305 -35.68 37.96 -13.14
CA LEU O 305 -35.48 38.85 -12.01
C LEU O 305 -35.51 40.29 -12.50
N ARG O 306 -35.93 41.22 -11.65
CA ARG O 306 -36.07 42.60 -12.07
C ARG O 306 -34.73 43.21 -12.50
N ALA O 307 -33.68 42.93 -11.75
CA ALA O 307 -32.37 43.44 -12.10
C ALA O 307 -31.60 42.37 -12.84
N LYS O 308 -30.56 41.84 -12.21
CA LYS O 308 -29.74 40.80 -12.84
C LYS O 308 -29.29 41.28 -14.20
N ARG O 309 -28.79 42.51 -14.27
CA ARG O 309 -28.45 43.08 -15.56
C ARG O 309 -27.42 42.27 -16.31
N THR O 310 -27.64 42.11 -17.61
CA THR O 310 -26.74 41.30 -18.41
C THR O 310 -26.47 42.05 -19.69
N SER O 311 -25.36 41.74 -20.34
CA SER O 311 -25.07 42.38 -21.61
C SER O 311 -26.17 42.01 -22.56
N ILE O 312 -26.57 40.74 -22.53
CA ILE O 312 -27.69 40.30 -23.36
C ILE O 312 -29.01 40.81 -22.81
N GLU O 313 -29.94 41.15 -23.70
CA GLU O 313 -31.26 41.58 -23.26
C GLU O 313 -32.33 40.77 -23.97
N TRP O 314 -33.51 40.69 -23.38
CA TRP O 314 -34.57 39.86 -23.96
C TRP O 314 -35.81 40.69 -24.23
N ILE O 315 -36.40 40.55 -25.42
CA ILE O 315 -37.64 41.25 -25.72
C ILE O 315 -38.70 40.35 -26.33
N ALA O 316 -39.22 39.42 -25.54
CA ALA O 316 -40.30 38.59 -26.06
C ALA O 316 -41.60 39.34 -25.97
N ALA O 317 -42.37 39.36 -27.06
CA ALA O 317 -43.63 40.09 -27.11
C ALA O 317 -43.43 41.55 -26.74
N GLY O 318 -42.28 42.12 -27.14
CA GLY O 318 -42.02 43.52 -26.88
C GLY O 318 -41.66 43.89 -25.45
N LEU O 319 -41.37 42.90 -24.61
CA LEU O 319 -41.10 43.22 -23.21
C LEU O 319 -39.62 43.08 -22.92
N ASN O 320 -38.99 44.19 -22.55
CA ASN O 320 -37.56 44.18 -22.27
C ASN O 320 -37.21 43.66 -20.89
N ARG O 321 -35.93 43.34 -20.69
CA ARG O 321 -35.49 42.87 -19.38
C ARG O 321 -35.75 43.96 -18.36
N GLY O 322 -35.44 45.20 -18.70
CA GLY O 322 -35.77 46.29 -17.81
C GLY O 322 -37.27 46.46 -17.66
N SER O 323 -38.01 46.31 -18.76
CA SER O 323 -39.46 46.52 -18.73
C SER O 323 -40.36 45.59 -17.91
N ALA O 324 -40.08 44.29 -17.91
CA ALA O 324 -40.98 43.33 -17.23
C ALA O 324 -40.81 43.13 -15.72
N THR O 325 -41.52 42.16 -15.16
CA THR O 325 -41.43 41.89 -13.71
C THR O 325 -40.91 40.47 -13.46
N GLU O 326 -40.30 40.26 -12.30
CA GLU O 326 -39.70 38.96 -12.02
C GLU O 326 -40.70 37.81 -11.88
N VAL O 327 -40.42 36.68 -12.55
CA VAL O 327 -41.27 35.51 -12.37
C VAL O 327 -40.50 34.36 -11.75
N SER O 328 -39.21 34.57 -11.48
CA SER O 328 -38.38 33.48 -10.96
C SER O 328 -37.81 33.75 -9.58
N ARG O 329 -38.59 34.41 -8.74
CA ARG O 329 -38.11 34.75 -7.41
C ARG O 329 -37.78 33.47 -6.68
N ASP O 330 -36.76 33.49 -5.84
CA ASP O 330 -36.30 32.24 -5.22
C ASP O 330 -37.14 31.78 -4.05
N GLU O 331 -38.25 31.12 -4.37
CA GLU O 331 -39.11 30.56 -3.32
C GLU O 331 -39.55 31.57 -2.29
N ASN O 332 -39.55 31.16 -1.03
CA ASN O 332 -40.00 32.05 0.05
C ASN O 332 -41.38 32.56 -0.30
N ASP O 333 -42.26 31.67 -0.80
CA ASP O 333 -43.63 32.03 -1.19
C ASP O 333 -43.74 32.72 -2.55
N ARG O 334 -42.63 32.81 -3.28
CA ARG O 334 -42.68 33.39 -4.61
C ARG O 334 -42.19 32.34 -5.58
N PRO O 335 -43.01 32.01 -6.59
CA PRO O 335 -42.62 30.91 -7.48
C PRO O 335 -41.38 31.16 -8.31
N ALA O 336 -40.49 30.19 -8.41
CA ALA O 336 -39.34 30.33 -9.30
C ALA O 336 -39.71 29.80 -10.67
N PHE O 337 -40.62 30.47 -11.37
CA PHE O 337 -41.08 29.98 -12.66
C PHE O 337 -40.01 29.93 -13.76
N GLY O 338 -39.19 30.97 -13.85
CA GLY O 338 -38.17 31.01 -14.88
C GLY O 338 -38.64 31.83 -16.07
N SER O 339 -37.78 32.71 -16.58
CA SER O 339 -38.18 33.58 -17.68
C SER O 339 -38.17 32.94 -19.04
N SER O 340 -38.86 33.56 -19.99
CA SER O 340 -38.80 33.07 -21.35
C SER O 340 -37.39 33.35 -21.82
N PRO O 341 -36.81 32.44 -22.61
CA PRO O 341 -35.44 32.61 -23.09
C PRO O 341 -35.31 33.79 -24.05
N ALA O 342 -34.13 34.37 -24.10
CA ALA O 342 -33.91 35.53 -24.96
C ALA O 342 -34.07 35.20 -26.41
N ASP O 343 -34.44 36.20 -27.21
CA ASP O 343 -34.64 35.98 -28.63
C ASP O 343 -33.32 35.53 -29.22
N VAL O 344 -32.24 36.13 -28.77
CA VAL O 344 -30.93 35.75 -29.26
C VAL O 344 -30.68 34.30 -28.91
N SER O 345 -31.07 33.90 -27.71
CA SER O 345 -30.84 32.54 -27.28
C SER O 345 -31.57 31.57 -28.19
N VAL O 346 -32.79 31.90 -28.58
CA VAL O 346 -33.57 31.02 -29.43
C VAL O 346 -32.87 30.81 -30.77
N VAL O 347 -32.38 31.90 -31.36
CA VAL O 347 -31.68 31.77 -32.63
C VAL O 347 -30.41 30.98 -32.44
N ARG O 348 -29.70 31.25 -31.35
CA ARG O 348 -28.45 30.55 -31.09
C ARG O 348 -28.71 29.07 -30.89
N ALA O 349 -29.80 28.74 -30.21
CA ALA O 349 -30.11 27.35 -29.95
C ALA O 349 -30.34 26.62 -31.24
N ILE O 350 -31.08 27.25 -32.15
CA ILE O 350 -31.35 26.60 -33.42
C ILE O 350 -30.03 26.40 -34.12
N MET O 351 -29.17 27.40 -34.06
CA MET O 351 -27.88 27.31 -34.72
C MET O 351 -26.99 26.19 -34.14
N ASP O 352 -26.90 26.07 -32.82
CA ASP O 352 -26.13 24.97 -32.24
C ASP O 352 -26.73 23.59 -32.52
N LEU O 353 -28.05 23.51 -32.45
CA LEU O 353 -28.72 22.24 -32.70
C LEU O 353 -28.45 21.82 -34.13
N LYS O 354 -28.48 22.78 -35.04
CA LYS O 354 -28.16 22.46 -36.42
C LYS O 354 -26.71 22.03 -36.49
N ALA O 355 -26.41 21.00 -37.30
CA ALA O 355 -25.04 20.48 -37.47
C ALA O 355 -24.59 19.61 -36.32
N ARG O 356 -25.48 19.35 -35.36
CA ARG O 356 -25.14 18.45 -34.27
C ARG O 356 -25.88 17.14 -34.44
N GLY O 357 -26.55 16.98 -35.57
CA GLY O 357 -27.31 15.77 -35.82
C GLY O 357 -28.68 15.83 -35.17
N PHE O 358 -29.00 16.97 -34.57
CA PHE O 358 -30.26 17.11 -33.89
C PHE O 358 -31.23 17.73 -34.87
N ARG O 359 -32.40 17.11 -35.04
CA ARG O 359 -33.39 17.72 -35.91
C ARG O 359 -34.15 18.72 -35.07
N VAL O 360 -34.10 20.00 -35.43
CA VAL O 360 -34.71 21.02 -34.60
C VAL O 360 -36.18 21.27 -34.83
N VAL O 361 -36.99 21.05 -33.79
CA VAL O 361 -38.40 21.36 -33.90
C VAL O 361 -38.75 22.27 -32.74
N LEU O 362 -39.43 23.38 -33.02
CA LEU O 362 -39.75 24.33 -31.98
C LEU O 362 -41.08 23.98 -31.35
N TYR O 363 -41.13 23.93 -30.02
CA TYR O 363 -42.39 23.67 -29.35
C TYR O 363 -42.85 24.91 -28.63
N PRO O 364 -43.91 25.55 -29.13
CA PRO O 364 -44.40 26.68 -28.35
C PRO O 364 -45.11 26.16 -27.13
N PHE O 365 -44.68 26.60 -25.96
CA PHE O 365 -45.34 26.21 -24.73
C PHE O 365 -45.58 27.44 -23.89
N VAL O 366 -46.80 27.62 -23.42
CA VAL O 366 -47.05 28.73 -22.53
C VAL O 366 -47.48 28.16 -21.20
N MET O 367 -46.82 28.55 -20.13
CA MET O 367 -47.26 28.08 -18.83
C MET O 367 -47.80 29.26 -18.06
N MET O 368 -49.03 29.15 -17.62
CA MET O 368 -49.61 30.21 -16.83
C MET O 368 -49.18 29.98 -15.41
N ASP O 369 -48.62 30.99 -14.77
CA ASP O 369 -48.28 30.85 -13.36
C ASP O 369 -48.73 32.07 -12.61
N VAL O 370 -50.03 32.30 -12.54
CA VAL O 370 -50.51 33.41 -11.73
C VAL O 370 -50.32 32.99 -10.30
N THR O 371 -50.09 33.94 -9.41
CA THR O 371 -49.82 33.61 -8.02
C THR O 371 -51.08 33.33 -7.25
N ALA O 372 -50.95 33.05 -5.97
CA ALA O 372 -52.10 32.77 -5.12
C ALA O 372 -52.75 34.05 -4.63
N ASP O 373 -53.57 33.95 -3.58
CA ASP O 373 -54.26 35.11 -2.99
C ASP O 373 -55.55 35.49 -3.70
N GLN O 374 -55.98 34.70 -4.66
CA GLN O 374 -57.27 34.95 -5.30
C GLN O 374 -58.23 33.89 -4.77
N ALA O 375 -58.65 32.96 -5.63
CA ALA O 375 -59.52 31.88 -5.17
C ALA O 375 -59.01 30.53 -5.62
N LEU O 376 -59.83 29.80 -6.37
CA LEU O 376 -59.44 28.49 -6.87
C LEU O 376 -59.31 28.58 -8.37
N PRO O 377 -58.18 28.12 -8.93
CA PRO O 377 -58.08 28.32 -10.36
C PRO O 377 -59.16 27.56 -11.10
N SER O 378 -59.88 28.25 -11.98
CA SER O 378 -60.96 27.59 -12.70
C SER O 378 -61.08 28.05 -14.14
N PRO O 379 -61.25 27.10 -15.07
CA PRO O 379 -61.49 27.48 -16.46
C PRO O 379 -62.81 28.19 -16.57
N ALA O 380 -63.82 27.66 -15.89
CA ALA O 380 -65.17 28.20 -16.02
C ALA O 380 -65.84 27.94 -14.69
N GLY O 381 -67.16 28.11 -14.62
CA GLY O 381 -67.80 27.95 -13.34
C GLY O 381 -67.32 29.14 -12.53
N THR O 382 -66.59 28.86 -11.46
CA THR O 382 -66.06 29.94 -10.65
C THR O 382 -65.18 30.81 -11.52
N GLY O 383 -64.38 30.20 -12.39
CA GLY O 383 -63.55 30.96 -13.31
C GLY O 383 -62.55 31.80 -12.56
N ALA O 384 -62.17 31.36 -11.37
CA ALA O 384 -61.23 32.11 -10.56
C ALA O 384 -59.79 31.75 -10.87
N GLN O 385 -58.86 32.32 -10.13
CA GLN O 385 -57.44 32.09 -10.40
C GLN O 385 -56.76 31.48 -9.19
N GLY O 386 -55.64 30.79 -9.38
CA GLY O 386 -55.00 30.09 -8.28
C GLY O 386 -53.49 30.00 -8.38
N ALA O 387 -52.84 29.36 -7.41
CA ALA O 387 -51.38 29.32 -7.39
C ALA O 387 -50.80 28.70 -8.64
N TYR O 388 -51.37 27.60 -9.13
CA TYR O 388 -50.87 27.07 -10.40
C TYR O 388 -51.98 26.79 -11.39
N PRO O 389 -51.91 27.44 -12.55
CA PRO O 389 -52.90 27.15 -13.60
C PRO O 389 -52.29 26.24 -14.66
N TRP O 390 -52.91 25.08 -14.89
CA TRP O 390 -52.40 24.16 -15.89
C TRP O 390 -52.60 24.68 -17.30
N ARG O 391 -51.64 24.43 -18.17
CA ARG O 391 -51.77 24.86 -19.55
C ARG O 391 -52.92 24.12 -20.18
N GLY O 392 -53.71 24.83 -20.97
CA GLY O 392 -54.83 24.19 -21.66
C GLY O 392 -56.02 24.02 -20.77
N ARG O 393 -55.97 24.56 -19.58
CA ARG O 393 -57.12 24.51 -18.69
C ARG O 393 -57.87 25.83 -18.74
N ILE O 394 -57.51 26.69 -19.68
CA ILE O 394 -58.19 27.96 -19.83
C ILE O 394 -59.52 27.82 -20.56
N MET O 395 -60.57 28.45 -20.05
CA MET O 395 -61.85 28.44 -20.76
C MET O 395 -62.49 29.81 -20.62
N PRO O 396 -63.31 30.21 -21.61
CA PRO O 396 -63.97 31.50 -21.42
C PRO O 396 -65.35 31.38 -20.80
N ASP O 397 -65.51 31.90 -19.58
CA ASP O 397 -66.82 31.86 -18.95
C ASP O 397 -67.51 33.21 -18.72
N VAL O 398 -66.93 34.31 -19.20
CA VAL O 398 -67.63 35.56 -18.97
C VAL O 398 -68.98 35.59 -19.69
N THR O 399 -69.00 35.19 -20.96
CA THR O 399 -70.27 35.11 -21.69
C THR O 399 -70.19 34.07 -22.79
N GLY O 400 -71.29 33.38 -23.06
CA GLY O 400 -71.31 32.42 -24.14
C GLY O 400 -71.14 33.10 -25.48
N GLY O 401 -71.80 34.24 -25.65
CA GLY O 401 -71.66 35.01 -26.87
C GLY O 401 -70.24 35.48 -27.01
N ARG O 402 -69.63 35.83 -25.89
CA ARG O 402 -68.28 36.38 -25.94
C ARG O 402 -67.17 35.35 -25.90
N VAL O 403 -67.48 34.06 -25.95
CA VAL O 403 -66.39 33.10 -25.86
C VAL O 403 -65.44 33.33 -27.03
N SER O 404 -66.00 33.62 -28.21
CA SER O 404 -65.17 33.90 -29.37
C SER O 404 -64.35 35.16 -29.15
N ASP O 405 -64.97 36.17 -28.60
CA ASP O 405 -64.26 37.43 -28.34
C ASP O 405 -63.15 37.22 -27.33
N GLN O 406 -63.41 36.43 -26.30
CA GLN O 406 -62.39 36.16 -25.29
C GLN O 406 -61.23 35.41 -25.91
N ILE O 407 -61.53 34.44 -26.78
CA ILE O 407 -60.48 33.69 -27.46
C ILE O 407 -59.66 34.63 -28.33
N ALA O 408 -60.34 35.56 -29.03
CA ALA O 408 -59.64 36.50 -29.88
C ALA O 408 -58.74 37.39 -29.04
N ALA O 409 -59.24 37.82 -27.89
CA ALA O 409 -58.46 38.68 -27.01
C ALA O 409 -57.22 37.95 -26.53
N LEU O 410 -57.39 36.68 -26.18
CA LEU O 410 -56.26 35.90 -25.71
C LEU O 410 -55.23 35.78 -26.82
N MET O 411 -55.68 35.48 -28.03
CA MET O 411 -54.76 35.37 -29.15
C MET O 411 -54.13 36.69 -29.58
N GLY O 412 -54.93 37.74 -29.68
CA GLY O 412 -54.41 38.97 -30.22
C GLY O 412 -54.51 38.83 -31.74
N THR O 413 -53.98 39.80 -32.48
CA THR O 413 -54.00 39.71 -33.95
C THR O 413 -52.62 40.00 -34.53
N ALA O 414 -51.68 39.09 -34.34
CA ALA O 414 -50.30 39.32 -34.79
C ALA O 414 -50.03 39.34 -36.28
N GLN O 415 -49.05 40.14 -36.69
CA GLN O 415 -48.64 40.18 -38.09
C GLN O 415 -47.12 40.05 -38.03
N PRO O 416 -46.49 39.51 -39.08
CA PRO O 416 -45.03 39.44 -39.08
C PRO O 416 -44.42 40.82 -39.00
N ASP O 417 -44.99 41.77 -39.72
CA ASP O 417 -44.50 43.15 -39.71
C ASP O 417 -44.64 43.80 -38.34
N ASP O 418 -45.61 43.35 -37.55
CA ASP O 418 -45.86 43.97 -36.26
C ASP O 418 -44.62 43.91 -35.40
N PHE O 419 -43.92 42.79 -35.43
CA PHE O 419 -42.67 42.71 -34.69
C PHE O 419 -41.51 42.99 -35.62
N THR O 420 -40.63 43.89 -35.21
CA THR O 420 -39.47 44.19 -36.02
C THR O 420 -38.24 43.61 -35.36
N ALA O 421 -37.46 42.87 -36.13
CA ALA O 421 -36.29 42.23 -35.55
C ALA O 421 -35.05 43.06 -35.78
N ALA O 422 -34.55 43.69 -34.73
CA ALA O 422 -33.30 44.42 -34.87
C ALA O 422 -32.16 43.46 -34.56
N VAL O 423 -31.91 42.52 -35.46
CA VAL O 423 -30.84 41.57 -35.25
C VAL O 423 -29.52 42.32 -35.24
N THR O 424 -28.66 42.01 -34.29
CA THR O 424 -27.36 42.66 -34.23
C THR O 424 -26.33 41.57 -34.18
N ARG O 425 -25.22 41.76 -34.88
CA ARG O 425 -24.18 40.76 -34.91
C ARG O 425 -22.94 41.34 -34.26
N ASN O 426 -22.20 40.52 -33.53
CA ASN O 426 -21.03 41.01 -32.81
C ASN O 426 -19.81 41.09 -33.71
N LYS O 427 -18.65 41.33 -33.10
CA LYS O 427 -17.41 41.40 -33.86
C LYS O 427 -17.20 40.08 -34.56
N SER O 428 -17.51 38.98 -33.88
CA SER O 428 -17.41 37.66 -34.49
C SER O 428 -18.37 37.60 -35.67
N GLY O 429 -19.52 38.25 -35.54
CA GLY O 429 -20.52 38.21 -36.60
C GLY O 429 -21.65 37.28 -36.26
N GLU O 430 -21.54 36.55 -35.17
CA GLU O 430 -22.66 35.73 -34.73
C GLU O 430 -23.65 36.66 -34.05
N ILE O 431 -24.89 36.22 -33.87
CA ILE O 431 -25.88 37.13 -33.32
C ILE O 431 -25.44 37.59 -31.95
N SER O 432 -25.47 38.90 -31.72
CA SER O 432 -25.15 39.40 -30.39
C SER O 432 -26.42 39.82 -29.69
N GLN O 433 -27.21 40.64 -30.36
CA GLN O 433 -28.48 41.05 -29.79
C GLN O 433 -29.59 40.96 -30.81
N VAL O 434 -30.58 40.13 -30.58
CA VAL O 434 -31.70 40.15 -31.50
C VAL O 434 -32.75 40.96 -30.77
N ASN O 435 -32.91 42.21 -31.18
CA ASN O 435 -33.91 43.05 -30.57
C ASN O 435 -35.22 42.88 -31.29
N LEU O 436 -35.86 41.73 -31.10
CA LEU O 436 -37.14 41.51 -31.74
C LEU O 436 -38.24 42.09 -30.87
N THR O 437 -38.19 43.40 -30.65
CA THR O 437 -39.25 44.05 -29.91
C THR O 437 -40.45 44.06 -30.81
N CYS O 438 -41.63 43.87 -30.24
CA CYS O 438 -42.82 43.96 -31.05
C CYS O 438 -43.59 45.20 -30.69
N PRO O 439 -43.65 46.16 -31.61
CA PRO O 439 -44.48 47.35 -31.35
C PRO O 439 -45.80 47.16 -32.05
N GLY O 440 -46.04 47.95 -33.09
CA GLY O 440 -47.26 47.78 -33.85
C GLY O 440 -48.44 47.93 -32.93
N ALA O 441 -49.33 46.95 -32.93
CA ALA O 441 -50.51 47.02 -32.09
C ALA O 441 -50.32 46.27 -30.78
N PRO O 442 -50.61 46.93 -29.66
CA PRO O 442 -50.51 46.30 -28.33
C PRO O 442 -51.47 45.14 -28.19
N GLY O 443 -52.65 45.24 -28.80
CA GLY O 443 -53.67 44.20 -28.68
C GLY O 443 -53.21 42.86 -29.25
N ASP O 444 -52.26 42.89 -30.17
CA ASP O 444 -51.77 41.66 -30.79
C ASP O 444 -51.15 40.73 -29.77
N ALA O 445 -50.59 41.28 -28.68
CA ALA O 445 -49.91 40.44 -27.70
C ALA O 445 -50.82 39.34 -27.20
N GLY O 446 -50.30 38.14 -27.08
CA GLY O 446 -51.12 37.02 -26.68
C GLY O 446 -50.66 35.81 -27.45
N LEU O 447 -51.53 34.82 -27.60
CA LEU O 447 -51.12 33.59 -28.27
C LEU O 447 -50.71 33.80 -29.72
N ARG O 448 -51.46 34.60 -30.46
CA ARG O 448 -51.14 34.80 -31.86
C ARG O 448 -49.77 35.44 -31.92
N ARG O 449 -49.55 36.44 -31.07
CA ARG O 449 -48.28 37.13 -31.06
C ARG O 449 -47.18 36.17 -30.69
N PHE O 450 -47.42 35.34 -29.68
CA PHE O 450 -46.37 34.47 -29.23
C PHE O 450 -45.96 33.52 -30.33
N ILE O 451 -46.93 32.90 -30.98
CA ILE O 451 -46.60 31.93 -32.01
C ILE O 451 -45.93 32.60 -33.19
N LEU O 452 -46.48 33.73 -33.61
CA LEU O 452 -45.91 34.45 -34.73
C LEU O 452 -44.52 34.97 -34.40
N HIS O 453 -44.33 35.43 -33.17
CA HIS O 453 -43.03 35.92 -32.74
C HIS O 453 -42.04 34.79 -32.79
N LEU O 454 -42.45 33.60 -32.34
CA LEU O 454 -41.57 32.45 -32.40
C LEU O 454 -41.26 32.09 -33.84
N ALA O 455 -42.27 32.18 -34.71
CA ALA O 455 -42.04 31.90 -36.11
C ALA O 455 -41.06 32.90 -36.67
N LYS O 456 -41.18 34.15 -36.23
CA LYS O 456 -40.23 35.18 -36.66
C LYS O 456 -38.83 34.85 -36.19
N LEU O 457 -38.70 34.35 -34.96
CA LEU O 457 -37.39 33.95 -34.46
C LEU O 457 -36.84 32.83 -35.30
N ALA O 458 -37.68 31.89 -35.68
CA ALA O 458 -37.26 30.78 -36.54
C ALA O 458 -36.84 31.33 -37.88
N ASP O 459 -37.57 32.32 -38.37
CA ASP O 459 -37.20 32.95 -39.64
C ASP O 459 -35.86 33.64 -39.52
N ILE O 460 -35.60 34.26 -38.37
CA ILE O 460 -34.32 34.93 -38.16
C ILE O 460 -33.23 33.89 -38.25
N ALA O 461 -33.47 32.72 -37.65
CA ALA O 461 -32.50 31.63 -37.77
C ALA O 461 -32.41 31.23 -39.23
N GLY O 462 -33.54 31.25 -39.92
CA GLY O 462 -33.56 30.86 -41.32
C GLY O 462 -34.70 29.88 -41.51
N GLY O 463 -34.49 28.64 -41.09
CA GLY O 463 -35.56 27.65 -41.19
C GLY O 463 -35.61 26.73 -40.00
N VAL O 464 -36.80 26.23 -39.69
CA VAL O 464 -36.93 25.26 -38.61
C VAL O 464 -37.59 24.01 -39.19
N ASP O 465 -37.09 22.84 -38.82
CA ASP O 465 -37.62 21.62 -39.42
C ASP O 465 -39.10 21.41 -39.10
N ALA O 466 -39.49 21.67 -37.86
CA ALA O 466 -40.88 21.49 -37.47
C ALA O 466 -41.37 22.50 -36.46
N PHE O 467 -42.68 22.65 -36.35
CA PHE O 467 -43.26 23.63 -35.43
C PHE O 467 -44.40 23.00 -34.64
N LEU O 468 -44.78 23.63 -33.53
CA LEU O 468 -45.88 23.12 -32.75
C LEU O 468 -46.89 24.24 -32.59
N VAL O 469 -48.13 23.92 -32.30
CA VAL O 469 -49.10 24.97 -32.05
C VAL O 469 -49.40 25.04 -30.56
N GLY O 470 -50.24 24.14 -30.06
CA GLY O 470 -50.52 24.10 -28.64
C GLY O 470 -50.26 22.70 -28.12
N THR O 471 -49.46 22.59 -27.07
CA THR O 471 -49.12 21.26 -26.58
C THR O 471 -50.35 20.51 -26.06
N GLU O 472 -51.19 21.17 -25.27
CA GLU O 472 -52.42 20.53 -24.83
C GLU O 472 -53.46 21.54 -24.40
N PHE O 473 -54.01 22.30 -25.33
CA PHE O 473 -55.08 23.22 -24.96
C PHE O 473 -56.43 22.54 -25.01
N ARG O 474 -56.62 21.52 -24.19
CA ARG O 474 -57.87 20.76 -24.20
C ARG O 474 -59.10 21.55 -23.80
N GLY O 475 -59.00 22.33 -22.73
CA GLY O 475 -60.12 23.11 -22.27
C GLY O 475 -60.50 24.13 -23.32
N LEU O 476 -59.49 24.77 -23.89
CA LEU O 476 -59.75 25.72 -24.95
C LEU O 476 -60.34 25.01 -26.15
N SER O 477 -59.84 23.83 -26.46
CA SER O 477 -60.33 23.10 -27.63
C SER O 477 -61.79 22.80 -27.45
N GLN O 478 -62.18 22.40 -26.25
CA GLN O 478 -63.60 22.22 -26.01
C GLN O 478 -64.20 23.54 -25.57
N ALA O 479 -64.33 24.47 -26.50
CA ALA O 479 -64.98 25.72 -26.16
C ALA O 479 -66.39 25.53 -26.66
N TRP O 480 -67.33 25.39 -25.73
CA TRP O 480 -68.70 25.12 -26.13
C TRP O 480 -69.19 26.31 -26.90
N GLU O 481 -69.77 26.07 -28.07
CA GLU O 481 -70.23 27.18 -28.89
C GLU O 481 -71.64 26.97 -29.35
N PRO O 482 -72.46 28.04 -29.29
CA PRO O 482 -73.80 27.88 -29.85
C PRO O 482 -73.94 28.63 -31.16
N GLN O 483 -74.15 27.90 -32.25
CA GLN O 483 -74.38 28.54 -33.54
C GLN O 483 -75.86 28.45 -33.83
N THR O 484 -76.23 28.57 -35.09
CA THR O 484 -77.65 28.50 -35.48
C THR O 484 -78.41 29.57 -34.69
N TYR O 485 -79.47 29.18 -33.99
CA TYR O 485 -80.15 30.18 -33.19
C TYR O 485 -79.23 30.60 -32.05
N ALA O 486 -79.01 31.91 -31.93
CA ALA O 486 -78.16 32.40 -30.85
C ALA O 486 -78.81 33.60 -30.17
N ASP O 487 -80.12 33.76 -30.34
CA ASP O 487 -80.76 34.95 -29.78
C ASP O 487 -80.58 35.01 -28.28
N ALA O 488 -80.16 36.16 -27.79
CA ALA O 488 -79.93 36.31 -26.37
C ALA O 488 -80.54 37.60 -25.88
N TYR O 489 -81.10 37.58 -24.67
CA TYR O 489 -81.59 38.82 -24.13
C TYR O 489 -80.66 39.26 -23.03
N GLU O 490 -79.95 40.37 -23.25
CA GLU O 490 -79.10 40.90 -22.20
C GLU O 490 -79.97 41.52 -21.13
N PHE O 491 -79.51 41.47 -19.90
CA PHE O 491 -80.30 42.04 -18.81
C PHE O 491 -79.74 43.39 -18.41
N LEU O 492 -78.91 43.97 -19.27
CA LEU O 492 -78.40 45.29 -18.99
C LEU O 492 -79.57 46.25 -18.93
N ASN O 493 -80.49 46.13 -19.87
CA ASN O 493 -81.66 46.99 -19.87
C ASN O 493 -82.88 46.30 -19.27
N SER O 494 -83.05 46.40 -17.95
CA SER O 494 -84.25 45.86 -17.29
C SER O 494 -84.53 44.38 -17.49
N SER O 495 -85.82 44.03 -17.53
CA SER O 495 -86.22 42.65 -17.77
C SER O 495 -87.32 42.67 -18.82
N GLU O 496 -87.19 43.55 -19.80
CA GLU O 496 -88.26 43.69 -20.79
C GLU O 496 -88.51 42.38 -21.49
N GLY O 497 -89.77 42.01 -21.63
CA GLY O 497 -90.09 40.72 -22.21
C GLY O 497 -89.88 39.61 -21.22
N TRP O 498 -88.66 39.49 -20.68
CA TRP O 498 -88.38 38.48 -19.67
C TRP O 498 -88.74 38.94 -18.27
N PHE O 499 -89.99 39.30 -18.05
CA PHE O 499 -90.44 39.71 -16.72
C PHE O 499 -90.71 38.50 -15.85
N ALA O 500 -90.68 38.66 -14.54
CA ALA O 500 -91.01 37.53 -13.67
C ALA O 500 -92.33 37.70 -12.96
N GLN O 501 -93.28 36.81 -13.22
CA GLN O 501 -94.55 36.86 -12.52
C GLN O 501 -94.39 36.23 -11.15
N ASN O 502 -95.09 36.77 -10.15
CA ASN O 502 -95.05 36.23 -8.79
C ASN O 502 -93.64 36.20 -8.23
N ALA O 503 -92.83 37.18 -8.60
CA ALA O 503 -91.46 37.26 -8.10
C ALA O 503 -90.98 38.68 -8.07
N ALA O 504 -89.99 38.97 -7.23
CA ALA O 504 -89.42 40.31 -7.23
C ALA O 504 -88.23 40.30 -8.15
N ARG O 505 -88.41 40.81 -9.36
CA ARG O 505 -87.32 40.83 -10.33
C ARG O 505 -86.47 42.08 -10.18
N THR O 506 -85.67 42.14 -9.13
CA THR O 506 -84.78 43.29 -8.98
C THR O 506 -83.81 43.23 -10.13
N HIS O 507 -83.54 44.37 -10.74
CA HIS O 507 -82.68 44.37 -11.91
C HIS O 507 -81.36 45.07 -11.68
N GLU O 508 -80.27 44.42 -12.06
CA GLU O 508 -78.97 45.04 -11.95
C GLU O 508 -78.50 45.13 -13.39
N PRO O 509 -77.89 46.25 -13.76
CA PRO O 509 -77.51 46.23 -15.17
C PRO O 509 -76.54 45.09 -15.44
N GLY O 510 -76.80 44.31 -16.47
CA GLY O 510 -75.95 43.18 -16.80
C GLY O 510 -76.37 41.85 -16.21
N SER O 511 -77.26 41.85 -15.24
CA SER O 511 -77.77 40.58 -14.69
C SER O 511 -79.15 40.75 -14.08
N LEU O 512 -79.97 39.71 -14.11
CA LEU O 512 -81.25 39.82 -13.45
C LEU O 512 -81.07 39.27 -12.07
N LEU O 513 -81.10 40.14 -11.07
CA LEU O 513 -81.01 39.67 -9.69
C LEU O 513 -82.41 39.34 -9.24
N VAL O 514 -82.99 38.28 -9.80
CA VAL O 514 -84.37 37.97 -9.47
C VAL O 514 -84.51 37.15 -8.20
N SER O 515 -85.37 37.60 -7.29
CA SER O 515 -85.63 36.85 -6.07
C SER O 515 -86.93 36.11 -6.26
N ALA O 516 -86.94 34.80 -6.07
CA ALA O 516 -88.13 34.02 -6.32
C ALA O 516 -89.05 33.95 -5.10
N THR O 517 -89.94 34.92 -4.94
CA THR O 517 -90.81 34.95 -3.76
C THR O 517 -91.77 33.76 -3.69
N ALA O 518 -92.36 33.38 -4.82
CA ALA O 518 -93.23 32.21 -4.84
C ALA O 518 -92.39 30.94 -4.83
N ARG O 519 -93.00 29.81 -4.51
CA ARG O 519 -92.24 28.57 -4.55
C ARG O 519 -91.75 28.28 -5.97
N ASP O 520 -92.62 28.47 -6.96
CA ASP O 520 -92.22 28.26 -8.35
C ASP O 520 -92.64 29.42 -9.23
N PRO O 521 -92.00 30.58 -9.09
CA PRO O 521 -92.44 31.73 -9.89
C PRO O 521 -92.12 31.50 -11.34
N ARG O 522 -92.99 31.98 -12.21
CA ARG O 522 -92.78 31.78 -13.63
C ARG O 522 -92.20 33.04 -14.23
N LEU O 523 -91.09 32.91 -14.94
CA LEU O 523 -90.51 34.07 -15.58
C LEU O 523 -91.03 34.10 -17.00
N ILE O 524 -91.86 35.08 -17.31
CA ILE O 524 -92.42 35.18 -18.64
C ILE O 524 -91.34 35.58 -19.62
N SER O 525 -91.50 35.23 -20.88
CA SER O 525 -90.50 35.52 -21.88
C SER O 525 -91.16 36.33 -22.96
N PRO O 526 -90.38 37.07 -23.76
CA PRO O 526 -90.97 37.94 -24.77
C PRO O 526 -91.72 37.15 -25.83
N PRO O 527 -92.67 37.78 -26.52
CA PRO O 527 -93.52 37.07 -27.49
C PRO O 527 -92.81 36.49 -28.71
N LEU O 528 -91.56 36.83 -28.95
CA LEU O 528 -90.88 36.35 -30.14
C LEU O 528 -90.89 34.83 -30.22
N SER O 529 -91.20 34.29 -31.38
CA SER O 529 -91.27 32.85 -31.56
C SER O 529 -89.90 32.20 -31.76
N ILE O 530 -89.67 31.06 -31.13
CA ILE O 530 -88.38 30.36 -31.27
C ILE O 530 -88.54 29.02 -31.96
N ASP O 531 -87.87 28.83 -33.09
CA ASP O 531 -87.98 27.58 -33.83
C ASP O 531 -87.32 26.45 -33.06
N GLY O 532 -88.01 25.31 -32.97
CA GLY O 532 -87.46 24.18 -32.26
C GLY O 532 -86.21 23.61 -32.86
N ALA O 533 -86.20 23.47 -34.19
CA ALA O 533 -85.02 22.95 -34.87
C ALA O 533 -83.82 23.86 -34.76
N ALA O 534 -84.03 25.16 -34.92
CA ALA O 534 -82.92 26.09 -34.92
C ALA O 534 -82.21 26.11 -33.57
N ALA O 535 -82.98 26.05 -32.49
CA ALA O 535 -82.38 26.10 -31.17
C ALA O 535 -82.11 24.70 -30.69
N ARG O 536 -80.86 24.39 -30.39
CA ARG O 536 -80.56 23.08 -29.83
C ARG O 536 -80.48 23.13 -28.32
N TRP O 537 -80.30 24.33 -27.76
CA TRP O 537 -80.28 24.48 -26.31
C TRP O 537 -80.56 25.91 -25.90
N ILE O 538 -80.86 26.14 -24.64
CA ILE O 538 -81.00 27.51 -24.18
C ILE O 538 -79.74 27.73 -23.38
N GLU O 539 -78.90 28.63 -23.86
CA GLU O 539 -77.67 28.94 -23.15
C GLU O 539 -77.92 30.01 -22.12
N ILE O 540 -78.59 29.65 -21.04
CA ILE O 540 -78.84 30.60 -19.98
C ILE O 540 -77.54 30.95 -19.28
N GLU O 541 -77.41 32.20 -18.88
CA GLU O 541 -76.22 32.62 -18.13
C GLU O 541 -76.58 32.63 -16.67
N PHE O 542 -77.73 32.07 -16.33
CA PHE O 542 -78.19 32.12 -14.95
C PHE O 542 -77.32 31.37 -13.95
N ASP O 543 -77.05 32.00 -12.82
CA ASP O 543 -76.32 31.34 -11.76
C ASP O 543 -77.10 31.71 -10.52
N ARG O 544 -77.36 30.77 -9.64
CA ARG O 544 -78.18 31.10 -8.49
C ARG O 544 -77.27 31.65 -7.42
N THR O 545 -77.39 32.95 -7.13
CA THR O 545 -76.57 33.54 -6.08
C THR O 545 -76.92 32.92 -4.74
N SER O 546 -78.22 32.74 -4.49
CA SER O 546 -78.65 32.09 -3.26
C SER O 546 -78.54 30.59 -3.50
N ALA O 547 -78.59 29.80 -2.44
CA ALA O 547 -78.61 28.36 -2.64
C ALA O 547 -80.02 27.86 -2.44
N PRO O 548 -80.69 27.48 -3.54
CA PRO O 548 -82.05 26.95 -3.44
C PRO O 548 -82.06 25.56 -4.03
N VAL O 549 -83.22 25.13 -4.51
CA VAL O 549 -83.29 23.85 -5.19
C VAL O 549 -83.93 24.18 -6.51
N TRP O 550 -83.14 24.74 -7.43
CA TRP O 550 -83.72 25.17 -8.70
C TRP O 550 -84.31 24.01 -9.47
N GLU O 551 -85.49 24.22 -10.05
CA GLU O 551 -86.20 23.16 -10.78
C GLU O 551 -87.54 23.72 -11.19
N GLY O 552 -88.52 22.84 -11.40
CA GLY O 552 -89.85 23.27 -11.77
C GLY O 552 -90.16 22.98 -13.22
N ASN O 553 -91.44 22.87 -13.54
CA ASN O 553 -91.82 22.53 -14.90
C ASN O 553 -91.94 23.78 -15.71
N VAL O 554 -90.90 24.12 -16.45
CA VAL O 554 -90.91 25.36 -17.20
C VAL O 554 -92.02 25.25 -18.22
N TYR O 555 -92.81 26.30 -18.35
CA TYR O 555 -93.93 26.25 -19.25
C TYR O 555 -93.49 26.76 -20.60
N TYR O 556 -93.54 25.88 -21.59
CA TYR O 556 -93.15 26.27 -22.92
C TYR O 556 -94.42 26.28 -23.73
N MET O 557 -94.77 27.43 -24.28
CA MET O 557 -95.95 27.47 -25.12
C MET O 557 -95.64 27.84 -26.56
N THR O 558 -96.00 26.96 -27.48
CA THR O 558 -95.82 27.27 -28.87
C THR O 558 -97.08 28.00 -29.30
N GLU O 559 -97.19 28.36 -30.56
CA GLU O 559 -98.34 29.15 -30.98
C GLU O 559 -99.65 28.42 -30.71
N ASP O 560 -99.71 27.13 -31.00
CA ASP O 560 -100.93 26.37 -30.73
C ASP O 560 -101.01 25.68 -29.37
N HIS O 561 -99.88 25.58 -28.67
CA HIS O 561 -99.88 24.85 -27.41
C HIS O 561 -100.76 25.51 -26.38
N GLY O 562 -100.65 26.83 -26.27
CA GLY O 562 -101.40 27.56 -25.25
C GLY O 562 -100.54 27.54 -24.01
N PHE O 563 -100.64 28.55 -23.15
CA PHE O 563 -99.88 28.49 -21.91
C PHE O 563 -100.36 27.35 -21.02
N ALA O 564 -101.67 27.17 -20.95
CA ALA O 564 -102.23 26.07 -20.17
C ALA O 564 -101.88 24.76 -20.85
N GLY O 565 -101.69 23.70 -20.08
CA GLY O 565 -101.28 22.44 -20.67
C GLY O 565 -99.95 22.63 -21.34
N ALA O 566 -99.86 22.33 -22.63
CA ALA O 566 -98.63 22.51 -23.40
C ALA O 566 -97.55 21.54 -22.96
N PHE O 567 -96.31 21.88 -23.24
CA PHE O 567 -95.23 21.03 -22.76
C PHE O 567 -94.55 21.67 -21.59
N ARG O 568 -94.51 20.95 -20.47
CA ARG O 568 -93.80 21.46 -19.32
C ARG O 568 -92.70 20.47 -19.02
N LYS O 569 -91.47 20.95 -18.94
CA LYS O 569 -90.39 20.05 -18.62
C LYS O 569 -89.90 20.37 -17.22
N VAL O 570 -89.97 19.39 -16.33
CA VAL O 570 -89.49 19.58 -14.98
C VAL O 570 -88.01 19.29 -14.95
N ILE O 571 -87.20 20.20 -15.47
CA ILE O 571 -85.77 20.00 -15.39
C ILE O 571 -85.38 20.00 -13.93
N SER O 572 -84.60 19.02 -13.52
CA SER O 572 -84.19 18.91 -12.13
C SER O 572 -83.00 19.79 -11.86
N ASP O 573 -82.60 19.87 -10.61
CA ASP O 573 -81.40 20.63 -10.30
C ASP O 573 -80.28 19.98 -11.10
N ALA O 574 -79.52 20.80 -11.79
CA ALA O 574 -78.41 20.30 -12.61
C ALA O 574 -77.17 20.65 -11.83
N GLU O 575 -77.33 20.95 -10.55
CA GLU O 575 -76.21 21.36 -9.71
C GLU O 575 -75.58 22.63 -10.26
N ALA O 576 -76.42 23.56 -10.72
CA ALA O 576 -75.91 24.83 -11.17
C ALA O 576 -75.31 25.50 -9.95
N PRO O 577 -74.25 26.30 -10.16
CA PRO O 577 -73.60 26.84 -8.95
C PRO O 577 -74.55 27.59 -8.05
N ALA O 578 -74.54 27.23 -6.77
CA ALA O 578 -75.40 27.87 -5.79
C ALA O 578 -74.67 29.04 -5.18
N ASP O 579 -73.41 29.20 -5.55
CA ASP O 579 -72.63 30.31 -5.06
C ASP O 579 -72.78 31.51 -5.98
N GLY O 580 -73.48 31.31 -7.10
CA GLY O 580 -73.68 32.38 -8.05
C GLY O 580 -72.52 32.59 -9.01
N THR O 581 -71.55 31.68 -8.99
CA THR O 581 -70.43 31.78 -9.94
C THR O 581 -70.99 31.54 -11.32
N ARG O 582 -70.39 32.14 -12.34
CA ARG O 582 -71.00 32.05 -13.66
C ARG O 582 -71.26 30.64 -14.12
N ALA O 583 -72.46 30.40 -14.62
CA ALA O 583 -72.81 29.09 -15.10
C ALA O 583 -73.31 29.18 -16.51
N ARG O 584 -72.72 28.40 -17.42
CA ARG O 584 -73.23 28.37 -18.77
C ARG O 584 -74.31 27.31 -18.77
N MET O 585 -75.44 27.61 -18.14
CA MET O 585 -76.48 26.60 -18.03
C MET O 585 -76.98 26.28 -19.42
N LEU O 586 -77.11 25.00 -19.71
CA LEU O 586 -77.63 24.61 -21.01
C LEU O 586 -78.90 23.84 -20.82
N LEU O 587 -80.00 24.36 -21.34
CA LEU O 587 -81.25 23.61 -21.27
C LEU O 587 -81.41 23.15 -22.69
N ASP O 588 -81.31 21.85 -22.93
CA ASP O 588 -81.32 21.42 -24.32
C ASP O 588 -82.69 21.52 -24.93
N MET O 589 -82.80 22.32 -25.99
CA MET O 589 -84.05 22.44 -26.71
C MET O 589 -84.37 21.13 -27.39
N HIS O 590 -83.34 20.45 -27.87
CA HIS O 590 -83.55 19.15 -28.50
C HIS O 590 -84.17 18.26 -27.45
N ASP O 591 -83.67 18.31 -26.22
CA ASP O 591 -84.28 17.56 -25.13
C ASP O 591 -85.69 18.06 -24.85
N LEU O 592 -85.87 19.38 -24.93
CA LEU O 592 -87.17 19.97 -24.63
C LEU O 592 -88.07 19.85 -25.85
N THR O 593 -88.55 18.64 -26.13
CA THR O 593 -89.46 18.49 -27.23
C THR O 593 -90.82 18.95 -26.76
N LEU O 594 -91.42 19.89 -27.47
CA LEU O 594 -92.74 20.38 -27.10
C LEU O 594 -93.74 19.43 -27.69
N GLY O 595 -93.87 18.27 -27.07
CA GLY O 595 -94.78 17.25 -27.58
C GLY O 595 -94.19 16.38 -28.67
N GLY O 596 -92.92 16.57 -29.03
CA GLY O 596 -92.31 15.68 -30.00
C GLY O 596 -91.48 16.35 -31.07
N ASP O 597 -91.31 15.69 -32.21
CA ASP O 597 -90.58 16.28 -33.33
C ASP O 597 -91.33 17.47 -33.90
N ASP O 598 -92.63 17.55 -33.65
CA ASP O 598 -93.44 18.67 -34.12
C ASP O 598 -92.90 19.92 -33.49
N TRP O 599 -92.25 19.80 -32.35
CA TRP O 599 -91.65 20.94 -31.69
C TRP O 599 -90.60 21.58 -32.57
N ARG O 600 -89.87 20.78 -33.33
CA ARG O 600 -88.81 21.34 -34.14
C ARG O 600 -89.47 22.33 -35.08
N THR O 601 -90.57 21.93 -35.70
CA THR O 601 -91.32 22.85 -36.54
C THR O 601 -91.96 23.97 -35.71
N SER O 602 -92.47 23.62 -34.54
CA SER O 602 -93.18 24.60 -33.71
C SER O 602 -92.29 25.72 -33.20
N THR O 603 -92.85 26.92 -33.15
CA THR O 603 -92.09 28.06 -32.66
C THR O 603 -92.75 28.55 -31.38
N ILE O 604 -91.97 28.66 -30.31
CA ILE O 604 -92.60 29.02 -29.05
C ILE O 604 -92.70 30.52 -28.89
N THR O 605 -93.93 31.03 -28.93
CA THR O 605 -94.13 32.46 -28.73
C THR O 605 -93.76 32.93 -27.34
N ARG O 606 -94.21 32.21 -26.31
CA ARG O 606 -93.97 32.67 -24.95
C ARG O 606 -93.51 31.57 -24.02
N LEU O 607 -92.63 31.92 -23.08
CA LEU O 607 -92.10 30.94 -22.17
C LEU O 607 -92.29 31.37 -20.74
N ARG O 608 -92.83 30.49 -19.90
CA ARG O 608 -92.92 30.84 -18.49
C ARG O 608 -91.85 29.99 -17.84
N PHE O 609 -90.84 30.62 -17.26
CA PHE O 609 -89.76 29.84 -16.70
C PHE O 609 -90.08 29.56 -15.26
N ASP O 610 -90.71 28.41 -15.02
CA ASP O 610 -91.03 28.05 -13.65
C ASP O 610 -89.74 27.81 -12.92
N PHE O 611 -89.64 28.32 -11.70
CA PHE O 611 -88.41 28.19 -10.95
C PHE O 611 -88.72 27.68 -9.57
N SER O 612 -89.12 26.41 -9.46
CA SER O 612 -89.36 25.86 -8.16
C SER O 612 -88.03 25.91 -7.46
N SER O 613 -88.00 26.43 -6.25
CA SER O 613 -86.75 26.59 -5.54
C SER O 613 -87.01 26.79 -4.07
N GLU O 614 -86.96 28.05 -3.66
CA GLU O 614 -87.17 28.38 -2.26
C GLU O 614 -87.76 29.78 -2.23
N SER O 615 -88.35 30.18 -1.11
CA SER O 615 -88.86 31.54 -1.01
C SER O 615 -87.70 32.51 -1.11
N ASP O 616 -87.88 33.58 -1.87
CA ASP O 616 -86.85 34.60 -2.03
C ASP O 616 -85.51 34.04 -2.50
N ALA O 617 -85.53 33.16 -3.49
CA ALA O 617 -84.30 32.56 -3.97
C ALA O 617 -83.70 33.44 -5.05
N VAL O 618 -82.55 34.03 -4.76
CA VAL O 618 -81.92 34.92 -5.72
C VAL O 618 -81.19 34.19 -6.84
N PHE O 619 -81.35 34.68 -8.06
CA PHE O 619 -80.64 34.10 -9.19
C PHE O 619 -80.00 35.27 -9.89
N ARG O 620 -78.88 35.05 -10.56
CA ARG O 620 -78.28 36.11 -11.34
C ARG O 620 -78.32 35.68 -12.79
N ILE O 621 -79.08 36.38 -13.61
CA ILE O 621 -79.18 35.98 -15.00
C ILE O 621 -78.59 37.04 -15.90
N HIS O 622 -77.38 36.81 -16.36
CA HIS O 622 -76.74 37.76 -17.26
C HIS O 622 -77.39 37.85 -18.63
N ALA O 623 -77.76 36.70 -19.22
CA ALA O 623 -78.34 36.67 -20.56
C ALA O 623 -79.09 35.38 -20.83
N ILE O 624 -79.86 35.35 -21.92
CA ILE O 624 -80.57 34.11 -22.28
C ILE O 624 -80.29 33.74 -23.73
N ARG O 625 -79.08 33.24 -24.00
CA ARG O 625 -78.71 32.87 -25.36
C ARG O 625 -79.38 31.62 -25.88
N LEU O 626 -79.55 31.52 -27.20
CA LEU O 626 -80.11 30.30 -27.78
C LEU O 626 -78.99 29.35 -28.22
N GLY O 627 -79.33 28.17 -28.71
CA GLY O 627 -78.30 27.17 -29.05
C GLY O 627 -78.36 26.56 -30.43
N GLY O 628 -77.29 25.88 -30.84
CA GLY O 628 -77.26 25.30 -32.17
C GLY O 628 -76.00 24.56 -32.55
N GLY O 629 -75.33 25.02 -33.61
CA GLY O 629 -74.11 24.37 -34.06
C GLY O 629 -72.97 24.59 -33.09
N ARG O 630 -71.94 23.76 -33.16
CA ARG O 630 -70.87 23.86 -32.19
C ARG O 630 -69.52 24.03 -32.86
N ARG O 631 -69.25 25.20 -33.40
CA ARG O 631 -67.94 25.44 -33.97
C ARG O 631 -67.10 26.09 -32.91
N TYR O 632 -66.18 25.34 -32.33
CA TYR O 632 -65.41 25.89 -31.22
C TYR O 632 -64.51 26.99 -31.74
N PRO O 633 -64.53 28.15 -31.07
CA PRO O 633 -63.76 29.32 -31.53
C PRO O 633 -62.27 29.11 -31.55
N PHE O 634 -61.74 28.42 -30.55
CA PHE O 634 -60.30 28.26 -30.46
C PHE O 634 -59.79 27.53 -31.69
N VAL O 635 -60.51 26.50 -32.10
CA VAL O 635 -60.12 25.74 -33.28
C VAL O 635 -60.16 26.58 -34.56
N ASP O 636 -61.20 27.39 -34.70
CA ASP O 636 -61.31 28.25 -35.89
C ASP O 636 -60.14 29.21 -35.92
N ALA O 637 -59.81 29.77 -34.76
CA ALA O 637 -58.69 30.70 -34.67
C ALA O 637 -57.42 29.96 -35.02
N LEU O 638 -57.34 28.71 -34.59
CA LEU O 638 -56.14 27.91 -34.85
C LEU O 638 -55.93 27.74 -36.35
N ARG O 639 -57.01 27.56 -37.11
CA ARG O 639 -56.88 27.38 -38.54
C ARG O 639 -56.25 28.63 -39.13
N ASP O 640 -56.72 29.79 -38.68
CA ASP O 640 -56.16 31.04 -39.18
C ASP O 640 -54.70 31.16 -38.78
N LEU O 641 -54.39 30.77 -37.55
CA LEU O 641 -53.03 30.86 -37.06
C LEU O 641 -52.11 29.99 -37.89
N ALA O 642 -52.58 28.81 -38.26
CA ALA O 642 -51.74 27.89 -39.02
C ALA O 642 -51.35 28.50 -40.35
N GLN O 643 -52.30 29.18 -41.00
CA GLN O 643 -52.00 29.81 -42.26
C GLN O 643 -50.92 30.86 -42.07
N ASP O 644 -51.03 31.64 -40.99
CA ASP O 644 -50.05 32.69 -40.74
C ASP O 644 -48.64 32.17 -40.52
N VAL O 645 -48.52 31.09 -39.74
CA VAL O 645 -47.20 30.52 -39.47
C VAL O 645 -46.60 30.00 -40.77
N ASP O 646 -47.42 29.38 -41.60
CA ASP O 646 -46.93 28.87 -42.87
C ASP O 646 -46.45 30.02 -43.74
N THR O 647 -47.16 31.14 -43.69
CA THR O 647 -46.73 32.29 -44.47
C THR O 647 -45.36 32.78 -44.01
N ILE O 648 -45.15 32.87 -42.70
CA ILE O 648 -43.85 33.28 -42.20
C ILE O 648 -42.79 32.28 -42.57
N LEU O 649 -43.07 31.00 -42.35
CA LEU O 649 -42.12 29.96 -42.70
C LEU O 649 -42.78 28.78 -43.36
N PRO O 650 -42.51 28.56 -44.64
CA PRO O 650 -43.04 27.36 -45.30
C PRO O 650 -42.42 26.12 -44.68
N THR O 651 -41.14 26.19 -44.32
CA THR O 651 -40.43 25.03 -43.76
C THR O 651 -41.01 24.51 -42.45
N ALA O 652 -41.46 25.41 -41.59
CA ALA O 652 -42.00 25.00 -40.30
C ALA O 652 -43.21 24.12 -40.54
N LYS O 653 -43.29 22.99 -39.84
CA LYS O 653 -44.42 22.10 -40.01
C LYS O 653 -45.25 22.21 -38.77
N ILE O 654 -46.44 22.79 -38.87
CA ILE O 654 -47.22 23.04 -37.67
C ILE O 654 -48.01 21.82 -37.21
N SER O 655 -47.86 21.46 -35.94
CA SER O 655 -48.61 20.35 -35.39
C SER O 655 -49.29 20.78 -34.10
N TYR O 656 -50.57 20.49 -33.95
CA TYR O 656 -51.21 20.80 -32.68
C TYR O 656 -51.24 19.52 -31.88
N ALA O 657 -50.50 19.51 -30.78
CA ALA O 657 -50.51 18.33 -29.91
C ALA O 657 -51.82 18.29 -29.14
N ALA O 658 -52.33 17.08 -28.89
CA ALA O 658 -53.63 16.97 -28.24
C ALA O 658 -53.73 15.82 -27.27
N ASP O 659 -54.74 15.86 -26.41
CA ASP O 659 -54.96 14.74 -25.50
C ASP O 659 -55.46 13.59 -26.33
N TRP O 660 -55.30 12.37 -25.83
CA TRP O 660 -55.75 11.21 -26.56
C TRP O 660 -57.25 11.26 -26.78
N SER O 661 -57.99 11.71 -25.77
CA SER O 661 -59.43 11.87 -25.93
C SER O 661 -59.72 12.91 -26.99
N GLU O 662 -58.95 14.00 -26.98
CA GLU O 662 -59.13 15.06 -27.96
C GLU O 662 -58.85 14.53 -29.35
N TYR O 663 -57.89 13.62 -29.46
CA TYR O 663 -57.51 13.11 -30.77
C TYR O 663 -58.70 12.46 -31.44
N HIS O 664 -59.49 11.72 -30.68
CA HIS O 664 -60.70 11.15 -31.25
C HIS O 664 -61.82 12.06 -30.90
N SER O 665 -62.75 11.59 -30.08
CA SER O 665 -63.81 12.46 -29.62
C SER O 665 -63.77 12.42 -28.12
N HIS O 666 -63.73 13.57 -27.49
CA HIS O 666 -63.80 13.56 -26.04
C HIS O 666 -65.28 13.38 -25.80
N GLN O 667 -65.65 12.38 -25.01
CA GLN O 667 -67.06 12.11 -24.82
C GLN O 667 -67.72 13.28 -24.12
N ASP O 668 -68.86 13.71 -24.65
CA ASP O 668 -69.53 14.86 -24.08
C ASP O 668 -71.00 14.83 -24.44
N ALA O 669 -71.82 15.60 -23.73
CA ALA O 669 -73.22 15.68 -24.09
C ALA O 669 -73.39 16.91 -24.94
N GLY O 670 -73.67 16.71 -26.22
CA GLY O 670 -73.81 17.83 -27.14
C GLY O 670 -72.48 18.16 -27.78
N ASP O 671 -71.39 17.62 -27.24
CA ASP O 671 -70.08 17.81 -27.85
C ASP O 671 -69.58 16.42 -28.19
N LEU O 672 -70.49 15.47 -28.29
CA LEU O 672 -70.14 14.11 -28.67
C LEU O 672 -69.63 14.09 -30.10
N THR O 673 -69.95 15.15 -30.85
CA THR O 673 -69.45 15.25 -32.21
C THR O 673 -67.97 15.15 -32.07
N PHE O 674 -67.31 14.49 -33.01
CA PHE O 674 -65.89 14.25 -32.83
C PHE O 674 -65.08 15.49 -32.59
N HIS O 675 -64.17 15.41 -31.63
CA HIS O 675 -63.34 16.56 -31.28
C HIS O 675 -62.16 16.53 -32.21
N LEU O 676 -62.16 15.58 -33.13
CA LEU O 676 -61.10 15.51 -34.11
C LEU O 676 -61.15 16.87 -34.75
N ASP O 677 -60.00 17.52 -34.84
CA ASP O 677 -60.01 18.89 -35.34
C ASP O 677 -60.19 19.06 -36.82
N PRO O 678 -61.04 20.00 -37.22
CA PRO O 678 -61.15 20.33 -38.64
C PRO O 678 -59.81 20.88 -39.03
N LEU O 679 -59.12 21.53 -38.08
CA LEU O 679 -57.81 22.09 -38.33
C LEU O 679 -56.78 21.02 -38.71
N TRP O 680 -56.84 19.86 -38.07
CA TRP O 680 -55.92 18.79 -38.45
C TRP O 680 -56.20 18.43 -39.88
N ALA O 681 -57.48 18.33 -40.22
CA ALA O 681 -57.86 18.03 -41.60
C ALA O 681 -57.39 19.15 -42.52
N ASP O 682 -57.42 20.39 -42.04
CA ASP O 682 -57.04 21.54 -42.88
C ASP O 682 -55.60 21.47 -43.38
N PRO O 683 -55.37 21.88 -44.64
CA PRO O 683 -54.04 21.80 -45.24
C PRO O 683 -52.97 22.63 -44.55
N ALA O 684 -53.32 23.79 -44.02
CA ALA O 684 -52.30 24.66 -43.43
C ALA O 684 -51.56 23.98 -42.29
N ILE O 685 -52.27 23.26 -41.43
CA ILE O 685 -51.56 22.50 -40.40
C ILE O 685 -50.79 21.43 -41.16
N ASP O 686 -49.52 21.23 -40.83
CA ASP O 686 -48.73 20.27 -41.59
C ASP O 686 -48.57 18.91 -40.92
N PHE O 687 -48.94 18.81 -39.66
CA PHE O 687 -48.78 17.55 -38.94
C PHE O 687 -49.84 17.41 -37.88
N VAL O 688 -50.10 16.17 -37.46
CA VAL O 688 -51.04 15.98 -36.36
C VAL O 688 -50.24 15.35 -35.25
N GLY O 689 -50.35 15.89 -34.04
CA GLY O 689 -49.52 15.39 -32.96
C GLY O 689 -50.25 15.08 -31.67
N ILE O 690 -49.70 14.17 -30.87
CA ILE O 690 -50.31 13.88 -29.58
C ILE O 690 -49.38 14.07 -28.40
N ASP O 691 -49.83 14.78 -27.38
CA ASP O 691 -49.05 14.87 -26.17
C ASP O 691 -49.60 13.65 -25.50
N ASN O 692 -49.06 12.48 -25.81
CA ASN O 692 -49.67 11.26 -25.30
C ASN O 692 -49.08 10.73 -24.01
N TYR O 693 -49.82 10.88 -22.93
CA TYR O 693 -49.39 10.35 -21.66
C TYR O 693 -50.40 9.28 -21.30
N LEU O 694 -51.07 8.73 -22.31
CA LEU O 694 -52.10 7.74 -22.05
C LEU O 694 -51.47 6.53 -21.37
N PRO O 695 -52.13 6.00 -20.34
CA PRO O 695 -51.53 4.89 -19.58
C PRO O 695 -51.34 3.64 -20.40
N LEU O 696 -50.15 3.04 -20.35
CA LEU O 696 -49.93 1.77 -21.03
C LEU O 696 -50.79 0.73 -20.37
N SER O 697 -50.81 0.77 -19.05
CA SER O 697 -51.58 -0.20 -18.29
C SER O 697 -51.93 0.57 -17.05
N ASP O 698 -52.89 0.09 -16.28
CA ASP O 698 -53.29 0.85 -15.12
C ASP O 698 -52.88 0.18 -13.83
N TRP O 699 -52.16 0.92 -12.98
CA TRP O 699 -51.67 0.35 -11.74
C TRP O 699 -52.79 -0.03 -10.81
N ARG O 700 -53.97 0.57 -11.01
CA ARG O 700 -55.10 0.21 -10.18
C ARG O 700 -55.72 -1.07 -10.70
N GLN O 701 -54.96 -2.15 -10.68
CA GLN O 701 -55.51 -3.45 -11.05
C GLN O 701 -55.23 -4.37 -9.88
N GLY O 702 -54.50 -3.86 -8.89
CA GLY O 702 -54.19 -4.67 -7.72
C GLY O 702 -53.40 -5.91 -8.06
N ALA O 703 -53.91 -7.06 -7.64
CA ALA O 703 -53.24 -8.32 -7.92
C ALA O 703 -53.13 -8.49 -9.41
N ASP O 704 -54.16 -8.08 -10.14
CA ASP O 704 -54.19 -8.25 -11.58
C ASP O 704 -53.10 -7.49 -12.34
N HIS O 705 -52.45 -6.53 -11.70
CA HIS O 705 -51.47 -5.72 -12.41
C HIS O 705 -50.06 -6.31 -12.32
N LEU O 706 -49.17 -5.64 -11.61
CA LEU O 706 -47.79 -6.10 -11.53
C LEU O 706 -47.58 -6.86 -10.23
N ASP O 707 -48.68 -7.10 -9.52
CA ASP O 707 -48.63 -7.86 -8.27
C ASP O 707 -49.07 -9.28 -8.57
N TYR O 708 -49.15 -9.62 -9.85
CA TYR O 708 -49.60 -10.94 -10.25
C TYR O 708 -48.49 -11.96 -10.29
N ASP O 709 -47.29 -11.58 -9.89
CA ASP O 709 -46.17 -12.50 -10.03
C ASP O 709 -46.36 -13.82 -9.32
N ALA O 710 -46.82 -13.78 -8.08
CA ALA O 710 -47.06 -15.03 -7.37
C ALA O 710 -48.16 -15.88 -7.98
N THR O 711 -49.29 -15.28 -8.33
CA THR O 711 -50.41 -16.08 -8.81
C THR O 711 -50.39 -16.35 -10.30
N SER O 712 -50.26 -15.29 -11.09
CA SER O 712 -50.21 -15.44 -12.54
C SER O 712 -48.97 -16.14 -13.00
N GLY O 713 -47.85 -15.94 -12.30
CA GLY O 713 -46.62 -16.48 -12.80
C GLY O 713 -45.82 -15.39 -13.46
N ARG O 714 -46.24 -14.15 -13.27
CA ARG O 714 -45.53 -13.03 -13.85
C ARG O 714 -44.10 -13.03 -13.35
N THR O 715 -43.15 -12.89 -14.27
CA THR O 715 -41.74 -12.92 -13.88
C THR O 715 -41.27 -11.77 -13.01
N THR O 716 -41.69 -10.55 -13.32
CA THR O 716 -41.20 -9.38 -12.59
C THR O 716 -42.26 -8.30 -12.41
N PRO O 717 -42.11 -7.44 -11.40
CA PRO O 717 -43.04 -6.32 -11.23
C PRO O 717 -42.85 -5.31 -12.36
N TYR O 718 -41.80 -5.46 -13.14
CA TYR O 718 -41.54 -4.58 -14.26
C TYR O 718 -41.78 -5.26 -15.59
N ASP O 719 -42.73 -6.21 -15.66
CA ASP O 719 -42.87 -6.95 -16.90
C ASP O 719 -43.26 -6.06 -18.07
N LEU O 720 -42.44 -6.05 -19.10
CA LEU O 720 -42.70 -5.22 -20.27
C LEU O 720 -43.90 -5.68 -21.07
N ASP O 721 -44.03 -6.99 -21.24
CA ASP O 721 -45.09 -7.52 -22.07
C ASP O 721 -46.46 -7.18 -21.53
N TYR O 722 -46.62 -7.26 -20.22
CA TYR O 722 -47.94 -7.04 -19.65
C TYR O 722 -48.47 -5.64 -19.92
N LEU O 723 -47.64 -4.63 -19.72
CA LEU O 723 -48.08 -3.28 -19.99
C LEU O 723 -48.36 -3.09 -21.47
N LYS O 724 -47.47 -3.62 -22.31
CA LYS O 724 -47.62 -3.45 -23.74
C LYS O 724 -48.91 -4.10 -24.20
N SER O 725 -49.21 -5.27 -23.65
CA SER O 725 -50.42 -5.97 -24.01
C SER O 725 -51.63 -5.13 -23.61
N ASN O 726 -51.55 -4.50 -22.45
CA ASN O 726 -52.70 -3.75 -21.97
C ASN O 726 -53.06 -2.58 -22.89
N ILE O 727 -52.06 -1.83 -23.36
CA ILE O 727 -52.38 -0.77 -24.31
C ILE O 727 -52.92 -1.34 -25.58
N GLU O 728 -52.31 -2.41 -26.07
CA GLU O 728 -52.73 -2.94 -27.35
C GLU O 728 -54.17 -3.42 -27.28
N GLY O 729 -54.54 -4.06 -26.18
CA GLY O 729 -55.88 -4.57 -26.05
C GLY O 729 -56.91 -3.47 -26.06
N GLY O 730 -56.63 -2.39 -25.33
CA GLY O 730 -57.53 -1.27 -25.35
C GLY O 730 -57.55 -0.49 -24.06
N GLU O 731 -56.40 -0.04 -23.59
CA GLU O 731 -56.42 0.64 -22.30
C GLU O 731 -57.21 1.91 -22.50
N TYR O 732 -58.29 2.09 -21.75
CA TYR O 732 -59.14 3.27 -21.84
C TYR O 732 -60.01 3.24 -23.10
N TRP O 733 -59.93 2.17 -23.88
CA TRP O 733 -60.80 2.02 -25.04
C TRP O 733 -61.81 1.04 -24.51
N ASP O 734 -61.33 -0.01 -23.86
CA ASP O 734 -62.23 -0.94 -23.22
C ASP O 734 -61.79 -1.09 -21.77
N TRP O 735 -60.95 -0.17 -21.30
CA TRP O 735 -60.45 -0.28 -19.92
C TRP O 735 -60.68 0.96 -19.07
N PHE O 736 -61.71 1.74 -19.37
CA PHE O 736 -61.93 2.99 -18.64
C PHE O 736 -62.42 2.78 -17.22
N TYR O 737 -62.27 3.79 -16.38
CA TYR O 737 -62.80 3.67 -15.04
C TYR O 737 -64.05 4.51 -14.97
N ALA O 738 -65.18 3.87 -14.69
CA ALA O 738 -66.45 4.60 -14.60
C ALA O 738 -66.47 5.60 -13.47
N SER O 739 -65.91 5.23 -12.33
CA SER O 739 -65.98 6.09 -11.17
C SER O 739 -64.72 6.01 -10.33
N GLN O 740 -64.59 6.90 -9.36
CA GLN O 740 -63.45 6.86 -8.46
C GLN O 740 -63.47 5.54 -7.74
N GLU O 741 -64.66 5.03 -7.44
CA GLU O 741 -64.76 3.79 -6.68
C GLU O 741 -64.07 2.63 -7.39
N ASP O 742 -64.19 2.50 -8.71
CA ASP O 742 -63.47 1.42 -9.38
C ASP O 742 -61.96 1.56 -9.29
N ARG O 743 -61.44 2.78 -9.39
CA ARG O 743 -60.00 2.97 -9.21
C ARG O 743 -59.65 2.56 -7.80
N ASP O 744 -60.49 2.94 -6.86
CA ASP O 744 -60.27 2.56 -5.46
C ASP O 744 -60.35 1.05 -5.29
N THR O 745 -61.27 0.39 -6.01
CA THR O 745 -61.44 -1.05 -5.90
C THR O 745 -60.53 -1.77 -6.88
N GLN O 746 -59.66 -1.01 -7.56
CA GLN O 746 -58.68 -1.62 -8.47
C GLN O 746 -59.22 -2.46 -9.63
N THR O 747 -60.31 -2.01 -10.26
CA THR O 747 -60.83 -2.71 -11.44
C THR O 747 -61.19 -1.76 -12.58
N ARG O 748 -61.00 -2.19 -13.83
CA ARG O 748 -61.29 -1.32 -14.97
C ARG O 748 -62.54 -1.76 -15.71
N THR O 749 -63.45 -0.83 -15.96
CA THR O 749 -64.69 -1.16 -16.65
C THR O 749 -64.57 -1.07 -18.16
N PRO O 750 -65.04 -2.10 -18.86
CA PRO O 750 -65.01 -2.06 -20.33
C PRO O 750 -65.97 -1.09 -20.98
N ILE O 751 -65.56 -0.45 -22.07
CA ILE O 751 -66.47 0.43 -22.80
C ILE O 751 -66.57 0.01 -24.26
N SER O 752 -67.79 -0.16 -24.74
CA SER O 752 -67.99 -0.49 -26.15
C SER O 752 -69.35 0.01 -26.58
N ASP O 753 -69.53 0.20 -27.88
CA ASP O 753 -70.84 0.61 -28.37
C ASP O 753 -71.46 -0.49 -29.20
N GLY O 754 -71.18 -0.49 -30.50
CA GLY O 754 -71.73 -1.50 -31.39
C GLY O 754 -73.14 -1.12 -31.81
N SER O 755 -73.62 0.01 -31.31
CA SER O 755 -74.97 0.47 -31.64
C SER O 755 -75.05 0.79 -33.12
N TYR O 756 -74.02 1.41 -33.65
CA TYR O 756 -74.01 1.79 -35.05
C TYR O 756 -73.27 0.77 -35.88
N GLY O 757 -72.90 -0.35 -35.27
CA GLY O 757 -72.11 -1.34 -35.98
C GLY O 757 -70.67 -0.92 -35.81
N GLU O 758 -70.43 0.12 -35.03
CA GLU O 758 -69.09 0.58 -34.78
C GLU O 758 -68.95 0.51 -33.29
N PRO O 759 -67.76 0.15 -32.80
CA PRO O 759 -67.56 -0.03 -31.36
C PRO O 759 -67.28 1.33 -30.74
N TRP O 760 -66.39 1.39 -29.77
CA TRP O 760 -66.19 2.67 -29.12
C TRP O 760 -65.30 3.42 -30.08
N VAL O 761 -65.91 4.23 -30.94
CA VAL O 761 -65.17 4.96 -31.95
C VAL O 761 -64.32 6.06 -31.35
N PHE O 762 -64.62 6.45 -30.13
CA PHE O 762 -63.90 7.53 -29.47
C PHE O 762 -62.79 6.93 -28.66
N ARG O 763 -62.34 5.74 -29.02
CA ARG O 763 -61.35 5.06 -28.21
C ARG O 763 -60.17 5.94 -27.95
N GLN O 764 -59.86 6.11 -26.67
CA GLN O 764 -58.71 6.89 -26.31
C GLN O 764 -57.49 6.16 -26.78
N LYS O 765 -57.51 4.84 -26.62
CA LYS O 765 -56.35 4.05 -26.98
C LYS O 765 -55.96 4.07 -28.44
N ALA O 766 -56.93 3.98 -29.35
CA ALA O 766 -56.55 3.86 -30.75
C ALA O 766 -55.90 5.10 -31.33
N ILE O 767 -54.72 4.91 -31.91
CA ILE O 767 -54.05 6.03 -32.57
C ILE O 767 -53.74 5.53 -33.96
N ARG O 768 -53.21 4.31 -34.04
CA ARG O 768 -52.93 3.72 -35.35
C ARG O 768 -54.25 3.53 -36.05
N ASP O 769 -55.26 3.06 -35.31
CA ASP O 769 -56.58 2.89 -35.87
C ASP O 769 -57.17 4.23 -36.25
N TRP O 770 -56.92 5.24 -35.42
CA TRP O 770 -57.44 6.57 -35.69
C TRP O 770 -56.90 7.09 -37.01
N HIS O 771 -55.61 6.90 -37.26
CA HIS O 771 -55.02 7.31 -38.52
C HIS O 771 -55.61 6.49 -39.65
N ALA O 772 -55.73 5.19 -39.43
CA ALA O 772 -56.25 4.30 -40.47
C ALA O 772 -57.70 4.54 -40.85
N ASN O 773 -58.54 4.85 -39.88
CA ASN O 773 -59.95 5.00 -40.17
C ASN O 773 -60.40 6.43 -40.19
N ALA O 774 -61.28 6.77 -41.12
CA ALA O 774 -61.82 8.11 -41.12
C ALA O 774 -62.95 8.03 -40.14
N HIS O 775 -62.71 8.51 -38.93
CA HIS O 775 -63.74 8.37 -37.90
C HIS O 775 -64.81 9.42 -38.08
N HIS O 776 -66.04 8.97 -38.17
CA HIS O 776 -67.17 9.88 -38.38
C HIS O 776 -67.54 10.64 -37.12
N ASN O 777 -68.23 11.76 -37.28
CA ASN O 777 -68.70 12.50 -36.11
C ASN O 777 -69.82 11.74 -35.43
N ARG O 778 -70.04 12.00 -34.15
CA ARG O 778 -71.14 11.37 -33.44
C ARG O 778 -71.81 12.53 -32.78
N THR O 779 -72.46 13.37 -33.56
CA THR O 779 -72.99 14.61 -32.98
C THR O 779 -74.06 14.48 -31.92
N ALA O 780 -73.80 15.03 -30.74
CA ALA O 780 -74.82 15.08 -29.69
C ALA O 780 -75.47 13.73 -29.43
N GLY O 781 -74.69 12.66 -29.43
CA GLY O 781 -75.32 11.37 -29.26
C GLY O 781 -75.45 10.69 -30.60
N VAL O 782 -76.50 11.05 -31.35
CA VAL O 782 -76.76 10.39 -32.63
C VAL O 782 -75.58 10.47 -33.59
N ARG O 783 -75.26 9.36 -34.24
CA ARG O 783 -74.11 9.32 -35.13
C ARG O 783 -74.25 10.17 -36.37
N ALA O 784 -73.14 10.74 -36.83
CA ALA O 784 -73.16 11.55 -38.03
C ALA O 784 -72.42 10.81 -39.11
N THR O 785 -73.01 10.74 -40.30
CA THR O 785 -72.39 10.02 -41.39
C THR O 785 -71.05 10.61 -41.78
N THR O 786 -70.97 11.95 -41.80
CA THR O 786 -69.76 12.59 -42.24
C THR O 786 -68.59 12.30 -41.33
N SER O 787 -67.46 11.95 -41.91
CA SER O 787 -66.27 11.74 -41.11
C SER O 787 -65.68 13.10 -40.80
N THR O 788 -64.88 13.21 -39.75
CA THR O 788 -64.21 14.47 -39.50
C THR O 788 -62.97 14.47 -40.36
N GLY O 789 -63.15 14.45 -41.68
CA GLY O 789 -62.03 14.37 -42.58
C GLY O 789 -61.22 13.15 -42.24
N TRP O 790 -59.90 13.32 -42.15
CA TRP O 790 -59.02 12.21 -41.74
C TRP O 790 -59.11 10.83 -42.35
N VAL O 791 -58.97 10.77 -43.66
CA VAL O 791 -59.02 9.51 -44.38
C VAL O 791 -57.76 8.74 -44.02
N PRO O 792 -57.66 7.46 -44.42
CA PRO O 792 -56.50 6.69 -43.98
C PRO O 792 -55.19 7.37 -44.28
N GLY O 793 -55.05 8.09 -45.39
CA GLY O 793 -53.83 8.83 -45.63
C GLY O 793 -53.88 10.14 -44.87
N SER O 794 -53.87 10.07 -43.54
CA SER O 794 -53.89 11.25 -42.70
C SER O 794 -52.48 11.80 -42.53
N LYS O 795 -52.36 13.05 -42.06
CA LYS O 795 -51.03 13.59 -41.79
C LYS O 795 -50.41 12.72 -40.71
N PRO O 796 -49.11 12.45 -40.81
CA PRO O 796 -48.52 11.51 -39.86
C PRO O 796 -48.65 11.93 -38.42
N VAL O 797 -48.98 10.98 -37.57
CA VAL O 797 -49.12 11.26 -36.15
C VAL O 797 -47.75 11.60 -35.59
N TRP O 798 -47.71 12.47 -34.58
CA TRP O 798 -46.44 12.84 -33.99
C TRP O 798 -46.41 12.49 -32.53
N PHE O 799 -45.37 11.79 -32.09
CA PHE O 799 -45.25 11.53 -30.66
C PHE O 799 -44.58 12.72 -30.04
N THR O 800 -45.32 13.81 -29.90
CA THR O 800 -44.72 15.03 -29.39
C THR O 800 -44.23 14.87 -27.97
N GLU O 801 -45.02 14.24 -27.12
CA GLU O 801 -44.61 14.02 -25.74
C GLU O 801 -45.13 12.73 -25.16
N TYR O 802 -44.30 12.04 -24.37
CA TYR O 802 -44.73 10.82 -23.70
C TYR O 802 -43.79 10.53 -22.54
N GLY O 803 -44.18 9.64 -21.63
CA GLY O 803 -43.27 9.27 -20.56
C GLY O 803 -43.91 8.79 -19.28
N CYS O 804 -43.10 8.51 -18.28
CA CYS O 804 -43.60 8.01 -17.00
C CYS O 804 -43.08 8.92 -15.91
N PRO O 805 -43.77 8.97 -14.77
CA PRO O 805 -43.35 9.89 -13.71
C PRO O 805 -42.03 9.49 -13.05
N ALA O 806 -41.40 10.45 -12.41
CA ALA O 806 -40.12 10.21 -11.75
C ALA O 806 -40.26 9.14 -10.68
N VAL O 807 -41.38 9.15 -9.96
CA VAL O 807 -41.59 8.20 -8.87
C VAL O 807 -42.05 6.83 -9.29
N ASP O 808 -42.26 5.96 -8.31
CA ASP O 808 -42.70 4.59 -8.60
C ASP O 808 -44.11 4.52 -9.10
N LEU O 809 -44.49 3.37 -9.65
CA LEU O 809 -45.82 3.18 -10.23
C LEU O 809 -46.01 4.15 -11.38
N GLY O 810 -47.15 4.83 -11.40
CA GLY O 810 -47.37 5.81 -12.44
C GLY O 810 -47.83 5.23 -13.75
N ALA O 811 -48.07 3.92 -13.80
CA ALA O 811 -48.63 3.37 -15.02
C ALA O 811 -49.99 3.99 -15.16
N ASN O 812 -50.73 4.07 -14.06
CA ASN O 812 -52.06 4.69 -14.09
C ASN O 812 -52.01 6.18 -14.43
N ARG O 813 -51.03 6.91 -13.89
CA ARG O 813 -50.89 8.31 -14.23
C ARG O 813 -49.50 8.60 -14.78
N PRO O 814 -49.37 8.68 -16.11
CA PRO O 814 -48.07 8.97 -16.74
C PRO O 814 -47.87 10.45 -17.01
N ASN O 815 -48.82 11.29 -16.64
CA ASN O 815 -48.73 12.72 -16.91
C ASN O 815 -48.30 13.50 -15.68
N VAL O 816 -47.74 12.82 -14.70
CA VAL O 816 -47.40 13.49 -13.45
C VAL O 816 -46.09 14.23 -13.47
N PHE O 817 -46.14 15.54 -13.49
CA PHE O 817 -44.93 16.32 -13.37
C PHE O 817 -45.35 17.20 -12.22
N ALA O 818 -44.76 17.01 -11.05
CA ALA O 818 -45.25 17.76 -9.89
C ALA O 818 -45.06 19.26 -9.92
N ALA O 819 -46.11 20.00 -9.58
CA ALA O 819 -46.00 21.46 -9.51
C ALA O 819 -46.66 21.89 -8.21
N ALA O 820 -47.67 22.75 -8.30
CA ALA O 820 -48.40 23.14 -7.10
C ALA O 820 -49.86 22.70 -7.15
N SER O 821 -50.73 23.55 -7.71
CA SER O 821 -52.15 23.22 -7.82
C SER O 821 -52.57 22.79 -9.22
N SER O 822 -51.61 22.66 -10.13
CA SER O 822 -51.93 22.29 -11.51
C SER O 822 -52.29 20.81 -11.68
N SER O 823 -52.89 20.47 -12.81
CA SER O 823 -53.31 19.09 -13.04
C SER O 823 -52.14 18.10 -13.04
N GLU O 824 -51.01 18.51 -13.61
CA GLU O 824 -49.82 17.64 -13.64
C GLU O 824 -49.29 17.34 -12.24
N SER O 825 -49.51 18.25 -11.29
CA SER O 825 -48.98 18.06 -9.94
C SER O 825 -49.50 16.80 -9.29
N ALA O 826 -50.76 16.46 -9.54
CA ALA O 826 -51.35 15.31 -8.87
C ALA O 826 -50.58 14.03 -9.18
N LEU O 827 -50.29 13.26 -8.14
CA LEU O 827 -49.55 12.01 -8.29
C LEU O 827 -50.46 10.86 -8.70
N PRO O 828 -49.88 9.69 -9.05
CA PRO O 828 -50.76 8.55 -9.33
C PRO O 828 -51.52 8.20 -8.09
N TRP O 829 -52.68 7.57 -8.22
CA TRP O 829 -53.53 7.36 -7.05
C TRP O 829 -52.91 6.59 -5.89
N TYR O 830 -52.18 5.52 -6.16
CA TYR O 830 -51.51 4.82 -5.08
C TYR O 830 -50.00 4.72 -5.26
N SER O 831 -49.41 5.70 -5.92
CA SER O 831 -47.97 5.65 -6.21
C SER O 831 -47.09 5.61 -4.99
N SER O 832 -46.05 4.78 -5.04
CA SER O 832 -45.09 4.72 -3.94
C SER O 832 -44.21 5.96 -3.92
N GLY O 833 -43.79 6.36 -2.72
CA GLY O 833 -42.94 7.52 -2.58
C GLY O 833 -41.60 7.37 -3.27
N LEU O 834 -41.03 6.16 -3.22
CA LEU O 834 -39.71 5.94 -3.79
C LEU O 834 -39.70 6.22 -5.27
N ARG O 835 -38.67 6.93 -5.73
CA ARG O 835 -38.56 7.23 -7.15
C ARG O 835 -38.18 5.99 -7.94
N ASP O 836 -38.75 5.83 -9.13
CA ASP O 836 -38.33 4.72 -9.97
C ASP O 836 -37.96 5.11 -11.38
N ASP O 837 -36.71 4.84 -11.77
CA ASP O 837 -36.33 5.10 -13.16
C ASP O 837 -36.75 3.88 -13.95
N PHE O 838 -36.98 2.77 -13.25
CA PHE O 838 -37.46 1.58 -13.92
C PHE O 838 -38.85 1.81 -14.48
N MET O 839 -39.66 2.57 -13.76
CA MET O 839 -40.98 2.90 -14.28
C MET O 839 -40.83 3.68 -15.57
N GLN O 840 -39.84 4.58 -15.62
CA GLN O 840 -39.58 5.31 -16.85
C GLN O 840 -39.16 4.32 -17.93
N ARG O 841 -38.37 3.31 -17.56
CA ARG O 841 -37.95 2.28 -18.51
C ARG O 841 -39.19 1.56 -18.99
N GLN O 842 -40.14 1.35 -18.09
CA GLN O 842 -41.38 0.66 -18.43
C GLN O 842 -42.16 1.43 -19.49
N TYR O 843 -42.04 2.75 -19.48
CA TYR O 843 -42.68 3.52 -20.53
C TYR O 843 -41.66 3.66 -21.64
N LEU O 844 -41.11 4.85 -21.81
CA LEU O 844 -40.12 5.12 -22.86
C LEU O 844 -39.82 4.03 -23.90
N ARG O 845 -38.87 3.15 -23.61
CA ARG O 845 -38.48 2.13 -24.59
C ARG O 845 -39.59 1.14 -24.94
N ALA O 846 -40.32 0.69 -23.93
CA ALA O 846 -41.40 -0.26 -24.17
C ALA O 846 -42.47 0.39 -25.03
N MET O 847 -42.74 1.66 -24.78
CA MET O 847 -43.74 2.37 -25.57
C MET O 847 -43.31 2.43 -27.02
N ALA O 848 -42.02 2.66 -27.26
CA ALA O 848 -41.52 2.69 -28.62
C ALA O 848 -41.70 1.33 -29.26
N GLU O 849 -41.41 0.28 -28.50
CA GLU O 849 -41.58 -1.07 -29.02
C GLU O 849 -43.04 -1.32 -29.33
N TRP O 850 -43.93 -0.81 -28.48
CA TRP O 850 -45.35 -0.97 -28.70
C TRP O 850 -45.78 -0.29 -29.99
N TRP O 851 -45.24 0.88 -30.27
CA TRP O 851 -45.55 1.54 -31.52
C TRP O 851 -45.06 0.76 -32.72
N THR O 852 -43.88 0.15 -32.62
CA THR O 852 -43.42 -0.70 -33.69
C THR O 852 -44.39 -1.86 -33.80
N ALA O 853 -44.86 -2.34 -32.66
CA ALA O 853 -45.84 -3.43 -32.64
C ALA O 853 -47.12 -3.01 -33.33
N ASN O 854 -47.50 -1.74 -33.19
CA ASN O 854 -48.70 -1.25 -33.84
C ASN O 854 -48.54 -1.48 -35.31
N GLY O 855 -49.60 -1.90 -35.98
CA GLY O 855 -49.48 -2.25 -37.38
C GLY O 855 -48.96 -1.13 -38.24
N ALA O 856 -49.46 0.08 -38.01
CA ALA O 856 -48.92 1.21 -38.74
C ALA O 856 -48.21 2.08 -37.74
N PRO O 857 -46.91 2.36 -38.00
CA PRO O 857 -46.25 3.30 -37.10
C PRO O 857 -46.56 4.70 -37.57
N ALA O 858 -47.80 5.12 -37.40
CA ALA O 858 -48.23 6.46 -37.83
C ALA O 858 -47.48 7.51 -37.05
N VAL O 859 -47.24 7.22 -35.77
CA VAL O 859 -46.52 8.17 -34.92
C VAL O 859 -45.13 8.39 -35.47
N ASP O 860 -44.57 9.58 -35.23
CA ASP O 860 -43.27 9.86 -35.80
C ASP O 860 -42.28 9.18 -34.90
N LEU O 861 -41.87 7.99 -35.29
CA LEU O 861 -40.94 7.23 -34.49
C LEU O 861 -39.62 7.97 -34.41
N ALA O 862 -39.20 8.53 -35.54
CA ALA O 862 -37.95 9.26 -35.56
C ALA O 862 -38.06 10.44 -34.62
N ASN O 863 -39.16 11.18 -34.71
CA ASN O 863 -39.37 12.28 -33.79
C ASN O 863 -40.18 11.85 -32.59
N CYS O 864 -39.72 10.85 -31.87
CA CYS O 864 -40.42 10.43 -30.66
C CYS O 864 -39.93 11.22 -29.48
N GLN O 865 -40.18 12.53 -29.49
CA GLN O 865 -39.78 13.35 -28.37
C GLN O 865 -40.59 12.93 -27.17
N ALA O 866 -39.95 12.85 -26.02
CA ALA O 866 -40.65 12.42 -24.84
C ALA O 866 -40.63 13.52 -23.79
N TRP O 867 -40.10 13.21 -22.61
CA TRP O 867 -40.12 14.20 -21.56
C TRP O 867 -38.85 14.36 -20.75
N ALA O 868 -38.55 15.60 -20.37
CA ALA O 868 -37.40 15.89 -19.50
C ALA O 868 -35.95 15.61 -19.86
N TRP O 869 -35.20 16.64 -20.23
CA TRP O 869 -33.75 16.51 -20.39
C TRP O 869 -33.33 17.91 -20.07
N ASP O 870 -32.41 18.12 -19.14
CA ASP O 870 -32.09 19.51 -18.79
C ASP O 870 -30.63 19.73 -18.46
N ALA O 871 -30.17 20.97 -18.56
CA ALA O 871 -28.77 21.23 -18.33
C ALA O 871 -28.45 21.67 -16.90
N ARG O 872 -29.12 22.72 -16.42
CA ARG O 872 -28.90 23.22 -15.06
C ARG O 872 -29.29 22.34 -13.86
N PRO O 873 -30.46 21.67 -13.91
CA PRO O 873 -30.86 20.91 -12.72
C PRO O 873 -29.91 19.76 -12.43
N PHE O 874 -29.74 19.44 -11.15
CA PHE O 874 -28.84 18.34 -10.77
C PHE O 874 -27.49 18.51 -11.41
N PRO O 875 -26.88 19.71 -11.36
CA PRO O 875 -25.63 19.97 -12.08
C PRO O 875 -24.71 18.81 -12.42
N GLU O 876 -23.72 18.51 -11.58
CA GLU O 876 -22.75 17.47 -11.91
C GLU O 876 -22.26 17.84 -13.28
N PHE O 877 -22.28 16.89 -14.22
CA PHE O 877 -21.96 17.25 -15.58
C PHE O 877 -23.35 17.36 -16.14
N PRO O 878 -23.82 18.59 -16.43
CA PRO O 878 -25.17 18.82 -16.93
C PRO O 878 -26.14 17.64 -16.87
N LEU O 879 -26.58 17.27 -15.67
CA LEU O 879 -27.54 16.18 -15.52
C LEU O 879 -27.14 14.85 -16.14
N ARG O 880 -26.06 14.26 -15.66
CA ARG O 880 -25.57 13.01 -16.26
C ARG O 880 -26.66 11.92 -16.27
N PRO O 881 -26.78 11.20 -17.38
CA PRO O 881 -27.85 10.19 -17.51
C PRO O 881 -27.85 8.96 -16.61
N ALA O 882 -26.71 8.31 -16.36
CA ALA O 882 -26.75 7.07 -15.60
C ALA O 882 -26.81 7.33 -14.11
N THR O 883 -27.95 7.81 -13.64
CA THR O 883 -28.15 8.15 -12.23
C THR O 883 -29.65 8.11 -12.05
N TRP O 884 -30.13 8.48 -10.86
CA TRP O 884 -31.56 8.40 -10.61
C TRP O 884 -32.26 9.73 -10.87
N SER O 885 -32.18 10.65 -9.92
CA SER O 885 -32.81 11.95 -10.11
C SER O 885 -32.01 13.11 -9.59
N ASP O 886 -31.90 13.22 -8.27
CA ASP O 886 -31.25 14.39 -7.69
C ASP O 886 -29.74 14.34 -7.67
N GLY O 887 -29.10 15.34 -8.26
CA GLY O 887 -27.65 15.44 -8.23
C GLY O 887 -27.37 16.55 -7.24
N PRO O 888 -26.37 17.39 -7.52
CA PRO O 888 -26.17 18.52 -6.62
C PRO O 888 -27.11 19.64 -7.04
N ASP O 889 -28.41 19.41 -6.97
CA ASP O 889 -29.40 20.40 -7.43
C ASP O 889 -29.79 21.30 -6.31
N TRP O 890 -29.11 21.19 -5.19
CA TRP O 890 -29.50 21.97 -4.02
C TRP O 890 -29.45 23.45 -4.26
N ARG O 891 -28.60 23.88 -5.19
CA ARG O 891 -28.55 25.29 -5.54
C ARG O 891 -29.90 25.76 -6.09
N LEU O 892 -30.52 24.95 -6.95
CA LEU O 892 -31.84 25.31 -7.49
C LEU O 892 -33.03 24.60 -6.86
N GLY O 893 -32.96 23.28 -6.72
CA GLY O 893 -34.05 22.50 -6.14
C GLY O 893 -34.90 21.87 -7.23
N HIS O 894 -34.73 20.58 -7.47
CA HIS O 894 -35.46 19.90 -8.57
C HIS O 894 -35.90 18.48 -8.28
N TRP O 895 -36.93 18.01 -9.00
CA TRP O 895 -37.45 16.65 -8.79
C TRP O 895 -37.66 15.91 -10.12
N LEU O 896 -36.60 15.46 -10.79
CA LEU O 896 -36.85 14.69 -12.02
C LEU O 896 -35.99 13.47 -12.31
N ASN O 897 -36.61 12.31 -12.52
CA ASN O 897 -35.85 11.13 -12.93
C ASN O 897 -35.85 11.07 -14.43
N GLY O 898 -36.72 11.85 -15.07
CA GLY O 898 -36.86 11.79 -16.51
C GLY O 898 -35.62 12.18 -17.29
N ARG O 899 -34.95 13.23 -16.84
CA ARG O 899 -33.76 13.70 -17.52
C ARG O 899 -32.63 12.69 -17.51
N ALA O 900 -32.43 12.02 -16.38
CA ALA O 900 -31.34 11.08 -16.28
C ALA O 900 -31.80 9.73 -16.82
N GLY O 901 -31.13 9.23 -17.85
CA GLY O 901 -31.49 7.94 -18.41
C GLY O 901 -30.64 6.85 -17.82
N ALA O 902 -31.23 6.07 -16.92
CA ALA O 902 -30.48 5.02 -16.23
C ALA O 902 -30.15 3.82 -17.11
N ALA O 903 -29.08 3.10 -16.76
CA ALA O 903 -28.67 1.95 -17.56
C ALA O 903 -29.10 0.63 -16.93
N PRO O 904 -29.87 -0.16 -17.68
CA PRO O 904 -30.38 -1.42 -17.11
C PRO O 904 -29.27 -2.45 -16.92
N ALA O 905 -29.16 -2.98 -15.72
CA ALA O 905 -28.13 -3.98 -15.43
C ALA O 905 -28.24 -5.34 -16.10
N ALA O 906 -29.44 -5.90 -16.18
CA ALA O 906 -29.58 -7.27 -16.70
C ALA O 906 -29.15 -7.51 -18.15
N GLU O 907 -29.53 -6.62 -19.05
CA GLU O 907 -29.19 -6.78 -20.45
C GLU O 907 -27.69 -6.74 -20.62
N ALA O 908 -27.03 -5.86 -19.89
CA ALA O 908 -25.59 -5.70 -20.03
C ALA O 908 -24.91 -7.00 -19.68
N ILE O 909 -25.40 -7.68 -18.65
CA ILE O 909 -24.77 -8.91 -18.23
C ILE O 909 -24.83 -9.93 -19.36
N THR O 910 -25.96 -10.01 -20.05
CA THR O 910 -26.09 -11.04 -21.07
C THR O 910 -25.12 -10.88 -22.23
N ARG O 911 -24.98 -9.66 -22.76
CA ARG O 911 -24.02 -9.44 -23.84
C ARG O 911 -22.61 -9.63 -23.37
N ARG O 912 -22.33 -9.19 -22.14
CA ARG O 912 -20.99 -9.30 -21.60
C ARG O 912 -20.64 -10.77 -21.52
N ALA O 913 -21.61 -11.58 -21.12
CA ALA O 913 -21.35 -12.99 -21.00
C ALA O 913 -20.97 -13.55 -22.34
N ILE O 914 -21.68 -13.13 -23.39
CA ILE O 914 -21.42 -13.69 -24.71
C ILE O 914 -20.01 -13.40 -25.19
N THR O 915 -19.54 -12.17 -25.01
CA THR O 915 -18.24 -11.84 -25.56
C THR O 915 -17.09 -11.85 -24.57
N ARG O 916 -17.23 -11.12 -23.47
CA ARG O 916 -16.16 -11.05 -22.48
C ARG O 916 -15.90 -12.38 -21.83
N HIS O 917 -16.98 -13.10 -21.51
CA HIS O 917 -16.84 -14.37 -20.82
C HIS O 917 -16.98 -15.53 -21.78
N GLY O 918 -17.07 -15.25 -23.07
CA GLY O 918 -17.13 -16.31 -24.06
C GLY O 918 -18.30 -17.26 -23.97
N LEU O 919 -19.46 -16.77 -23.56
CA LEU O 919 -20.66 -17.61 -23.55
C LEU O 919 -20.99 -17.88 -25.00
N ILE O 920 -21.49 -19.07 -25.30
CA ILE O 920 -21.74 -19.41 -26.70
C ILE O 920 -23.11 -18.97 -27.16
N SER O 921 -23.49 -17.73 -26.84
CA SER O 921 -24.78 -17.18 -27.28
C SER O 921 -25.95 -18.06 -26.88
N ALA O 922 -25.87 -18.72 -25.74
CA ALA O 922 -26.98 -19.51 -25.25
C ALA O 922 -28.03 -18.52 -24.80
N ASP O 923 -29.30 -18.86 -24.98
CA ASP O 923 -30.32 -17.90 -24.63
C ASP O 923 -30.26 -17.63 -23.14
N ILE O 924 -30.26 -16.36 -22.77
CA ILE O 924 -30.28 -16.03 -21.36
C ILE O 924 -31.60 -15.32 -21.19
N ASP O 925 -32.43 -15.81 -20.28
CA ASP O 925 -33.68 -15.14 -20.05
C ASP O 925 -33.58 -14.33 -18.79
N THR O 926 -33.73 -13.02 -18.91
CA THR O 926 -33.60 -12.14 -17.77
C THR O 926 -34.94 -11.53 -17.41
N SER O 927 -36.02 -12.15 -17.85
CA SER O 927 -37.32 -11.55 -17.61
C SER O 927 -37.57 -11.40 -16.12
N ARG O 928 -37.28 -12.43 -15.34
CA ARG O 928 -37.41 -12.31 -13.89
C ARG O 928 -36.44 -11.29 -13.38
N ALA O 929 -35.23 -11.29 -13.93
CA ALA O 929 -34.20 -10.39 -13.45
C ALA O 929 -34.57 -8.93 -13.63
N TYR O 930 -34.19 -8.10 -12.68
CA TYR O 930 -34.52 -6.68 -12.73
C TYR O 930 -33.37 -5.90 -12.13
N GLY O 931 -33.51 -4.60 -12.03
CA GLY O 931 -32.49 -3.78 -11.40
C GLY O 931 -31.72 -2.89 -12.33
N GLN O 932 -31.14 -1.83 -11.76
CA GLN O 932 -30.42 -0.86 -12.57
C GLN O 932 -29.05 -0.66 -11.97
N ALA O 933 -28.03 -0.55 -12.82
CA ALA O 933 -26.71 -0.24 -12.31
C ALA O 933 -26.28 1.10 -12.88
N ASP O 934 -25.88 2.03 -12.01
CA ASP O 934 -25.38 3.29 -12.53
C ASP O 934 -24.14 2.97 -13.33
N GLY O 935 -23.27 2.13 -12.79
CA GLY O 935 -22.10 1.71 -13.53
C GLY O 935 -21.43 0.46 -13.03
N TYR O 936 -20.68 -0.22 -13.90
CA TYR O 936 -19.91 -1.37 -13.45
C TYR O 936 -18.60 -1.49 -14.22
N ALA O 937 -17.56 -1.97 -13.58
CA ALA O 937 -16.29 -2.19 -14.27
C ALA O 937 -15.82 -3.60 -14.03
N ALA O 938 -15.41 -4.31 -15.08
CA ALA O 938 -14.85 -5.64 -14.88
C ALA O 938 -13.41 -5.67 -15.34
N PRO O 939 -12.46 -5.51 -14.40
CA PRO O 939 -11.04 -5.46 -14.79
C PRO O 939 -10.62 -6.76 -15.44
N ALA O 940 -11.01 -7.89 -14.85
CA ALA O 940 -10.72 -9.17 -15.48
C ALA O 940 -12.04 -9.87 -15.67
N PRO O 941 -12.37 -10.21 -16.91
CA PRO O 941 -13.61 -10.98 -17.06
C PRO O 941 -13.38 -12.43 -16.74
N LEU O 942 -14.02 -12.89 -15.67
CA LEU O 942 -13.87 -14.26 -15.26
C LEU O 942 -15.11 -15.00 -15.69
N GLY O 943 -15.59 -15.88 -14.84
CA GLY O 943 -16.84 -16.56 -15.15
C GLY O 943 -17.97 -15.57 -15.17
N LEU O 944 -18.93 -15.79 -16.05
CA LEU O 944 -20.06 -14.87 -16.15
C LEU O 944 -20.84 -14.82 -14.86
N GLY O 945 -20.98 -15.97 -14.20
CA GLY O 945 -21.70 -15.99 -12.93
C GLY O 945 -20.98 -15.15 -11.90
N ASP O 946 -19.66 -15.25 -11.85
CA ASP O 946 -18.89 -14.43 -10.93
C ASP O 946 -19.01 -12.95 -11.27
N TYR O 947 -19.01 -12.63 -12.55
CA TYR O 947 -19.14 -11.25 -12.99
C TYR O 947 -20.48 -10.73 -12.53
N ALA O 948 -21.51 -11.56 -12.63
CA ALA O 948 -22.85 -11.14 -12.25
C ALA O 948 -23.14 -11.34 -10.77
N GLN O 949 -22.19 -11.92 -10.04
CA GLN O 949 -22.43 -12.19 -8.63
C GLN O 949 -22.66 -10.94 -7.78
N PRO O 950 -21.87 -9.87 -8.00
CA PRO O 950 -22.20 -8.65 -7.26
C PRO O 950 -23.57 -8.13 -7.65
N PHE O 951 -23.91 -8.23 -8.93
CA PHE O 951 -25.21 -7.78 -9.40
C PHE O 951 -26.27 -8.58 -8.69
N GLU O 952 -26.03 -9.87 -8.51
CA GLU O 952 -27.04 -10.71 -7.91
C GLU O 952 -27.40 -10.26 -6.52
N VAL O 953 -26.42 -9.94 -5.69
CA VAL O 953 -26.79 -9.42 -4.38
C VAL O 953 -27.46 -8.05 -4.41
N ALA O 954 -26.90 -7.10 -5.16
CA ALA O 954 -27.46 -5.75 -5.12
C ALA O 954 -28.84 -5.60 -5.72
N LEU O 955 -29.02 -6.11 -6.92
CA LEU O 955 -30.33 -6.07 -7.55
C LEU O 955 -31.24 -7.04 -6.84
N GLY O 956 -30.69 -8.18 -6.44
CA GLY O 956 -31.48 -9.20 -5.81
C GLY O 956 -31.88 -10.18 -6.90
N LEU O 957 -30.96 -11.06 -7.27
CA LEU O 957 -31.23 -12.05 -8.30
C LEU O 957 -30.57 -13.38 -8.02
N GLN O 958 -31.12 -14.45 -8.57
CA GLN O 958 -30.48 -15.76 -8.44
C GLN O 958 -30.28 -16.30 -9.83
N THR O 959 -29.09 -16.78 -10.14
CA THR O 959 -28.83 -17.26 -11.50
C THR O 959 -28.97 -18.76 -11.58
N THR O 960 -29.81 -19.23 -12.49
CA THR O 960 -30.02 -20.66 -12.66
C THR O 960 -30.02 -20.98 -14.14
N GLU O 961 -29.70 -22.21 -14.50
CA GLU O 961 -29.76 -22.61 -15.91
C GLU O 961 -30.64 -23.84 -16.07
N THR O 962 -31.62 -23.78 -16.98
CA THR O 962 -32.45 -24.96 -17.25
C THR O 962 -32.41 -25.31 -18.72
N GLY O 963 -32.01 -26.54 -19.04
CA GLY O 963 -32.01 -26.99 -20.42
C GLY O 963 -31.18 -26.14 -21.38
N GLY O 964 -30.05 -25.63 -20.91
CA GLY O 964 -29.18 -24.82 -21.76
C GLY O 964 -29.61 -23.37 -21.86
N ALA O 965 -30.65 -22.98 -21.12
CA ALA O 965 -31.11 -21.60 -21.15
C ALA O 965 -30.92 -21.03 -19.76
N LEU O 966 -30.33 -19.85 -19.66
CA LEU O 966 -30.04 -19.31 -18.35
C LEU O 966 -31.22 -18.53 -17.81
N VAL O 967 -31.86 -19.07 -16.79
CA VAL O 967 -32.99 -18.38 -16.19
C VAL O 967 -32.48 -17.62 -15.01
N ILE O 968 -32.44 -16.31 -15.09
CA ILE O 968 -32.03 -15.55 -13.93
C ILE O 968 -33.31 -15.25 -13.19
N GLU O 969 -33.55 -15.97 -12.12
CA GLU O 969 -34.77 -15.78 -11.36
C GLU O 969 -34.41 -14.81 -10.27
N ALA O 970 -34.96 -13.61 -10.34
CA ALA O 970 -34.59 -12.60 -9.37
C ALA O 970 -35.02 -13.02 -7.98
N LYS O 971 -34.20 -12.69 -6.99
CA LYS O 971 -34.52 -13.07 -5.62
C LYS O 971 -35.83 -12.40 -5.27
N PRO O 972 -36.77 -13.14 -4.68
CA PRO O 972 -38.09 -12.59 -4.41
C PRO O 972 -38.75 -11.85 -5.56
N ALA O 973 -38.66 -12.39 -6.78
CA ALA O 973 -39.35 -11.79 -7.90
C ALA O 973 -40.63 -12.58 -8.06
N ALA O 974 -40.78 -13.62 -7.25
CA ALA O 974 -41.96 -14.47 -7.32
C ALA O 974 -42.27 -14.96 -8.73
N PRO O 975 -41.29 -15.60 -9.40
CA PRO O 975 -41.65 -15.97 -10.78
C PRO O 975 -42.83 -16.91 -10.78
N LEU O 976 -42.84 -17.94 -9.95
CA LEU O 976 -44.01 -18.80 -9.82
C LEU O 976 -43.95 -19.50 -8.48
N ALA O 977 -45.08 -19.73 -7.84
CA ALA O 977 -45.09 -20.47 -6.59
C ALA O 977 -45.91 -21.74 -6.78
N ALA O 978 -45.34 -22.88 -6.39
CA ALA O 978 -46.05 -24.14 -6.56
C ALA O 978 -46.57 -24.60 -5.23
N ASP O 979 -47.85 -24.95 -5.18
CA ASP O 979 -48.44 -25.32 -3.90
C ASP O 979 -48.46 -26.83 -3.75
N VAL O 980 -47.88 -27.33 -2.67
CA VAL O 980 -47.84 -28.76 -2.43
C VAL O 980 -48.30 -29.07 -1.02
N ILE O 981 -48.85 -30.26 -0.82
CA ILE O 981 -49.38 -30.60 0.50
C ILE O 981 -48.53 -31.64 1.19
N GLU O 982 -48.18 -31.37 2.44
CA GLU O 982 -47.35 -32.31 3.20
C GLU O 982 -48.05 -33.64 3.41
N ALA O 983 -49.35 -33.60 3.66
CA ALA O 983 -50.10 -34.84 3.84
C ALA O 983 -50.00 -35.65 2.56
N ASP O 984 -50.09 -34.97 1.42
CA ASP O 984 -49.97 -35.65 0.13
C ASP O 984 -48.61 -36.29 -0.04
N LEU O 985 -47.56 -35.63 0.44
CA LEU O 985 -46.21 -36.16 0.25
C LEU O 985 -45.88 -37.14 1.36
N VAL O 986 -46.02 -38.42 1.09
CA VAL O 986 -45.77 -39.44 2.11
C VAL O 986 -44.53 -40.27 1.79
N ASP O 987 -43.65 -39.75 0.95
CA ASP O 987 -42.49 -40.51 0.54
C ASP O 987 -41.61 -40.89 1.73
N THR O 988 -41.42 -39.96 2.65
CA THR O 988 -40.60 -40.24 3.83
C THR O 988 -41.35 -39.86 5.11
N PRO O 989 -41.05 -40.54 6.22
CA PRO O 989 -41.68 -40.15 7.48
C PRO O 989 -41.29 -38.73 7.91
N ALA O 990 -40.02 -38.36 7.74
CA ALA O 990 -39.56 -37.03 8.12
C ALA O 990 -39.77 -36.01 7.02
N ILE O 991 -41.00 -35.75 6.64
CA ILE O 991 -41.28 -34.72 5.65
C ILE O 991 -41.49 -33.39 6.36
N TYR O 992 -41.61 -33.43 7.67
CA TYR O 992 -41.86 -32.22 8.43
C TYR O 992 -40.60 -31.76 9.16
N THR O 993 -39.46 -32.29 8.78
CA THR O 993 -38.23 -31.82 9.37
C THR O 993 -38.11 -30.34 9.03
N LEU O 994 -37.78 -29.51 10.02
CA LEU O 994 -37.65 -28.09 9.79
C LEU O 994 -36.19 -27.74 9.88
N THR O 995 -35.64 -27.18 8.82
CA THR O 995 -34.25 -26.74 8.89
C THR O 995 -34.21 -25.32 9.40
N ARG O 996 -34.72 -25.10 10.61
CA ARG O 996 -34.78 -23.74 11.14
C ARG O 996 -33.39 -23.19 11.42
N GLY O 997 -33.21 -21.89 11.16
CA GLY O 997 -31.92 -21.26 11.38
C GLY O 997 -31.62 -20.91 12.81
N ALA O 998 -30.36 -20.65 13.12
CA ALA O 998 -30.00 -20.21 14.46
C ALA O 998 -30.64 -18.89 14.81
N LEU O 999 -30.66 -17.95 13.86
CA LEU O 999 -31.21 -16.61 14.10
C LEU O 999 -30.36 -15.89 15.13
N GLU O 1000 -29.11 -16.31 15.28
CA GLU O 1000 -28.23 -15.71 16.26
C GLU O 1000 -27.29 -14.71 15.63
N ASP O 1001 -27.35 -14.55 14.31
CA ASP O 1001 -26.41 -13.66 13.64
C ASP O 1001 -27.03 -12.69 12.65
N THR O 1002 -27.72 -11.67 13.16
CA THR O 1002 -28.29 -10.66 12.26
C THR O 1002 -27.64 -9.31 12.51
N PRO O 1003 -27.12 -8.68 11.46
CA PRO O 1003 -26.43 -7.43 11.74
C PRO O 1003 -27.38 -6.32 12.11
N ALA O 1004 -27.16 -5.68 13.25
CA ALA O 1004 -27.97 -4.52 13.60
C ALA O 1004 -27.64 -3.47 12.57
N ALA O 1005 -26.37 -3.35 12.26
CA ALA O 1005 -25.94 -2.37 11.27
C ALA O 1005 -25.24 -3.08 10.14
N ALA O 1006 -25.60 -2.74 8.92
CA ALA O 1006 -24.94 -3.33 7.76
C ALA O 1006 -24.50 -2.25 6.81
N ILE O 1007 -23.43 -1.55 7.18
CA ILE O 1007 -22.96 -0.47 6.32
C ILE O 1007 -22.50 -1.05 4.99
N VAL O 1008 -22.87 -0.38 3.90
CA VAL O 1008 -22.51 -0.88 2.60
C VAL O 1008 -21.68 0.17 1.90
N ARG O 1009 -20.50 -0.21 1.45
CA ARG O 1009 -19.66 0.75 0.77
C ARG O 1009 -19.92 0.62 -0.71
N PHE O 1010 -20.65 1.58 -1.26
CA PHE O 1010 -21.00 1.52 -2.66
C PHE O 1010 -20.68 2.86 -3.29
N ARG O 1011 -20.22 2.83 -4.54
CA ARG O 1011 -19.99 4.09 -5.22
C ARG O 1011 -21.32 4.78 -5.38
N ASP O 1012 -21.36 6.07 -5.11
CA ASP O 1012 -22.61 6.81 -5.26
C ASP O 1012 -22.51 7.68 -6.48
N GLY O 1013 -23.36 7.43 -7.46
CA GLY O 1013 -23.29 8.19 -8.70
C GLY O 1013 -23.56 9.66 -8.50
N LEU O 1014 -24.55 9.99 -7.69
CA LEU O 1014 -24.87 11.38 -7.44
C LEU O 1014 -23.73 12.08 -6.73
N SER O 1015 -23.09 11.39 -5.78
CA SER O 1015 -21.95 11.99 -5.10
C SER O 1015 -20.67 11.77 -5.87
N ASP O 1016 -20.61 12.30 -7.09
CA ASP O 1016 -19.40 12.21 -7.91
C ASP O 1016 -18.85 10.81 -8.13
N TYR O 1017 -19.74 9.82 -8.27
CA TYR O 1017 -19.30 8.46 -8.56
C TYR O 1017 -18.21 7.98 -7.60
N GLU O 1018 -18.41 8.20 -6.31
CA GLU O 1018 -17.39 7.84 -5.33
C GLU O 1018 -17.95 6.95 -4.22
N ILE O 1019 -17.13 6.03 -3.74
CA ILE O 1019 -17.62 5.08 -2.73
C ILE O 1019 -18.05 5.76 -1.44
N THR O 1020 -19.21 5.36 -0.93
CA THR O 1020 -19.71 5.92 0.32
C THR O 1020 -20.38 4.80 1.10
N ALA O 1021 -20.50 4.97 2.41
CA ALA O 1021 -21.07 3.90 3.23
C ALA O 1021 -22.49 4.20 3.65
N ALA O 1022 -23.40 3.27 3.43
CA ALA O 1022 -24.79 3.45 3.87
C ALA O 1022 -25.13 2.32 4.80
N ARG O 1023 -25.59 2.62 6.01
CA ARG O 1023 -25.83 1.56 6.96
C ARG O 1023 -27.26 1.07 6.97
N ALA O 1024 -27.44 -0.20 6.60
CA ALA O 1024 -28.78 -0.76 6.63
C ALA O 1024 -29.19 -0.91 8.07
N ARG O 1025 -30.45 -0.57 8.37
CA ARG O 1025 -30.90 -0.63 9.74
C ARG O 1025 -31.82 -1.82 9.94
N ILE O 1026 -31.46 -2.69 10.88
CA ILE O 1026 -32.28 -3.85 11.17
C ILE O 1026 -33.59 -3.43 11.85
N GLY O 1027 -34.67 -4.13 11.54
CA GLY O 1027 -35.95 -3.81 12.15
C GLY O 1027 -36.02 -4.12 13.62
N ALA O 1028 -36.65 -3.23 14.39
CA ALA O 1028 -36.84 -3.46 15.82
C ALA O 1028 -35.56 -3.75 16.60
N GLY O 1029 -35.61 -4.76 17.46
CA GLY O 1029 -34.46 -5.07 18.30
C GLY O 1029 -33.75 -6.39 18.08
N LYS O 1030 -34.04 -7.09 16.99
CA LYS O 1030 -33.44 -8.42 16.82
C LYS O 1030 -32.10 -8.33 16.11
N GLU O 1031 -31.02 -8.56 16.85
CA GLU O 1031 -29.69 -8.48 16.27
C GLU O 1031 -28.72 -9.50 16.84
N GLY O 1032 -27.78 -9.95 16.01
CA GLY O 1032 -26.75 -10.86 16.49
C GLY O 1032 -25.40 -10.41 15.99
N GLY O 1033 -24.87 -9.33 16.56
CA GLY O 1033 -23.60 -8.80 16.08
C GLY O 1033 -23.85 -7.90 14.88
N SER O 1034 -22.78 -7.41 14.25
CA SER O 1034 -22.95 -6.60 13.04
C SER O 1034 -22.03 -7.01 11.89
N ALA O 1035 -22.56 -7.07 10.67
CA ALA O 1035 -21.74 -7.39 9.50
C ALA O 1035 -21.95 -6.34 8.42
N THR O 1036 -20.86 -5.88 7.81
CA THR O 1036 -20.94 -4.84 6.79
C THR O 1036 -20.45 -5.35 5.43
N ALA O 1037 -21.20 -5.08 4.36
CA ALA O 1037 -20.81 -5.61 3.05
C ALA O 1037 -20.46 -4.56 2.00
N ASP O 1038 -19.28 -4.68 1.40
CA ASP O 1038 -18.86 -3.76 0.34
C ASP O 1038 -19.59 -4.00 -0.98
N LEU O 1039 -19.85 -2.95 -1.76
CA LEU O 1039 -20.48 -3.13 -3.06
C LEU O 1039 -19.73 -2.52 -4.24
N ALA O 1040 -19.40 -3.33 -5.24
CA ALA O 1040 -18.75 -2.82 -6.45
C ALA O 1040 -19.65 -1.93 -7.25
N LEU O 1041 -20.92 -2.30 -7.31
CA LEU O 1041 -21.84 -1.56 -8.16
C LEU O 1041 -22.00 -0.11 -7.78
N VAL O 1042 -22.01 0.77 -8.78
CA VAL O 1042 -22.26 2.16 -8.49
C VAL O 1042 -23.76 2.24 -8.38
N LEU O 1043 -24.25 2.81 -7.30
CA LEU O 1043 -25.68 2.90 -7.10
C LEU O 1043 -26.04 4.29 -6.67
N ASP O 1044 -27.26 4.70 -6.97
CA ASP O 1044 -27.71 6.03 -6.56
C ASP O 1044 -28.01 6.07 -5.08
N GLY O 1045 -28.11 7.27 -4.52
CA GLY O 1045 -28.42 7.41 -3.10
C GLY O 1045 -29.76 6.81 -2.77
N ASP O 1046 -30.73 6.95 -3.68
CA ASP O 1046 -32.03 6.35 -3.46
C ASP O 1046 -31.90 4.84 -3.38
N ARG O 1047 -31.11 4.25 -4.25
CA ARG O 1047 -30.88 2.81 -4.19
C ARG O 1047 -30.13 2.47 -2.92
N GLY O 1048 -29.18 3.31 -2.55
CA GLY O 1048 -28.43 3.09 -1.33
C GLY O 1048 -29.33 3.15 -0.13
N ASN O 1049 -29.11 2.27 0.83
CA ASN O 1049 -29.91 2.25 2.06
C ASN O 1049 -31.30 1.72 1.81
N ALA O 1050 -31.53 1.19 0.62
CA ALA O 1050 -32.83 0.58 0.35
C ALA O 1050 -32.53 -0.88 0.08
N ALA O 1051 -31.63 -1.14 -0.85
CA ALA O 1051 -31.26 -2.50 -1.17
C ALA O 1051 -30.60 -3.18 0.02
N ALA O 1052 -29.75 -2.43 0.71
CA ALA O 1052 -29.06 -2.98 1.86
C ALA O 1052 -30.07 -3.35 2.93
N GLU O 1053 -31.06 -2.48 3.13
CA GLU O 1053 -32.09 -2.75 4.11
C GLU O 1053 -32.93 -3.97 3.74
N MET O 1054 -33.20 -4.13 2.44
CA MET O 1054 -34.02 -5.24 1.99
C MET O 1054 -33.36 -6.55 2.34
N VAL O 1055 -32.05 -6.62 2.16
CA VAL O 1055 -31.38 -7.89 2.39
C VAL O 1055 -31.52 -8.35 3.84
N LEU O 1056 -31.44 -7.43 4.78
CA LEU O 1056 -31.51 -7.82 6.18
C LEU O 1056 -32.87 -8.44 6.46
N ARG O 1057 -33.92 -7.80 5.98
CA ARG O 1057 -35.27 -8.29 6.24
C ARG O 1057 -35.53 -9.64 5.61
N ALA O 1058 -35.08 -9.81 4.37
CA ALA O 1058 -35.31 -11.06 3.67
C ALA O 1058 -34.62 -12.20 4.36
N ALA O 1059 -33.42 -11.95 4.87
CA ALA O 1059 -32.65 -13.00 5.52
C ALA O 1059 -33.28 -13.57 6.78
N LEU O 1060 -33.97 -12.75 7.56
CA LEU O 1060 -34.65 -13.27 8.73
C LEU O 1060 -35.68 -14.30 8.31
N THR O 1061 -36.41 -14.00 7.24
CA THR O 1061 -37.39 -14.96 6.72
C THR O 1061 -36.66 -16.19 6.25
N SER O 1062 -35.49 -16.00 5.65
CA SER O 1062 -34.70 -17.12 5.15
C SER O 1062 -34.29 -18.06 6.27
N ARG O 1063 -34.01 -17.53 7.45
CA ARG O 1063 -33.53 -18.37 8.53
C ARG O 1063 -34.57 -19.44 8.84
N GLU O 1064 -35.84 -19.07 8.86
CA GLU O 1064 -36.86 -20.11 9.04
C GLU O 1064 -36.85 -20.96 7.77
N SER O 1065 -36.75 -22.28 7.91
CA SER O 1065 -36.66 -23.15 6.72
C SER O 1065 -37.16 -24.58 6.96
N LEU O 1066 -37.41 -25.32 5.88
CA LEU O 1066 -37.94 -26.69 6.00
C LEU O 1066 -37.32 -27.69 5.04
N SER O 1067 -37.40 -28.97 5.36
CA SER O 1067 -36.89 -30.00 4.44
C SER O 1067 -37.99 -31.01 4.10
N VAL O 1068 -38.17 -31.31 2.82
CA VAL O 1068 -39.26 -32.21 2.41
C VAL O 1068 -38.85 -33.16 1.29
N THR O 1069 -39.58 -34.26 1.12
CA THR O 1069 -39.29 -35.21 0.05
C THR O 1069 -40.39 -35.19 -1.00
N LEU O 1070 -40.01 -35.15 -2.28
CA LEU O 1070 -40.98 -35.05 -3.36
C LEU O 1070 -41.07 -36.32 -4.18
N PRO O 1071 -42.28 -36.67 -4.64
CA PRO O 1071 -42.44 -37.84 -5.50
C PRO O 1071 -41.87 -37.66 -6.89
N ARG O 1072 -41.52 -38.75 -7.55
CA ARG O 1072 -41.01 -38.70 -8.92
C ARG O 1072 -42.06 -38.10 -9.82
N SER O 1073 -43.32 -38.39 -9.54
CA SER O 1073 -44.41 -37.92 -10.38
C SER O 1073 -44.42 -36.41 -10.47
N ALA O 1074 -44.11 -35.73 -9.38
CA ALA O 1074 -44.04 -34.28 -9.44
C ALA O 1074 -42.68 -33.87 -9.96
N THR O 1075 -42.62 -33.46 -11.22
CA THR O 1075 -41.36 -33.01 -11.81
C THR O 1075 -41.36 -31.50 -11.90
N THR O 1076 -42.41 -30.87 -11.41
CA THR O 1076 -42.54 -29.43 -11.55
C THR O 1076 -41.46 -28.63 -10.85
N LEU O 1077 -41.08 -29.04 -9.65
CA LEU O 1077 -40.10 -28.25 -8.89
C LEU O 1077 -38.73 -28.22 -9.52
N ARG O 1078 -38.13 -27.04 -9.56
CA ARG O 1078 -36.79 -26.90 -10.11
C ARG O 1078 -35.98 -26.14 -9.07
N PRO O 1079 -34.68 -26.45 -8.95
CA PRO O 1079 -33.97 -25.72 -7.89
C PRO O 1079 -33.96 -24.22 -8.15
N GLY O 1080 -34.14 -23.43 -7.10
CA GLY O 1080 -34.20 -21.98 -7.26
C GLY O 1080 -35.60 -21.48 -7.56
N SER O 1081 -36.57 -22.37 -7.66
CA SER O 1081 -37.95 -21.97 -7.88
C SER O 1081 -38.62 -21.52 -6.58
N LEU O 1082 -39.82 -20.97 -6.67
CA LEU O 1082 -40.55 -20.56 -5.48
C LEU O 1082 -41.67 -21.53 -5.16
N VAL O 1083 -41.92 -21.77 -3.88
CA VAL O 1083 -42.95 -22.73 -3.49
C VAL O 1083 -43.85 -22.23 -2.38
N GLU O 1084 -45.03 -22.82 -2.27
CA GLU O 1084 -45.93 -22.47 -1.18
C GLU O 1084 -46.39 -23.77 -0.55
N VAL O 1085 -45.51 -24.42 0.21
CA VAL O 1085 -45.85 -25.73 0.76
C VAL O 1085 -46.65 -25.68 2.05
N THR O 1086 -47.77 -26.40 2.08
CA THR O 1086 -48.54 -26.48 3.31
C THR O 1086 -47.74 -27.28 4.31
N LEU O 1087 -47.82 -26.89 5.57
CA LEU O 1087 -47.11 -27.62 6.61
C LEU O 1087 -48.04 -28.67 7.19
N GLY O 1088 -49.27 -28.72 6.67
CA GLY O 1088 -50.27 -29.63 7.19
C GLY O 1088 -50.80 -29.16 8.52
N THR O 1089 -49.96 -29.05 9.54
CA THR O 1089 -50.38 -28.49 10.81
C THR O 1089 -50.72 -27.02 10.61
N GLU O 1090 -49.94 -26.34 9.78
CA GLU O 1090 -50.13 -24.91 9.55
C GLU O 1090 -50.35 -24.60 8.08
N ALA O 1091 -50.82 -23.38 7.79
CA ALA O 1091 -51.10 -22.99 6.41
C ALA O 1091 -49.83 -22.86 5.59
N ARG O 1092 -49.97 -22.85 4.27
CA ARG O 1092 -48.78 -22.85 3.41
C ARG O 1092 -47.85 -21.69 3.70
N ARG O 1093 -46.56 -21.99 3.76
CA ARG O 1093 -45.58 -20.97 4.06
C ARG O 1093 -44.79 -20.74 2.80
N LEU O 1094 -44.55 -19.48 2.47
CA LEU O 1094 -43.81 -19.17 1.26
C LEU O 1094 -42.44 -19.79 1.42
N PHE O 1095 -41.98 -20.45 0.37
CA PHE O 1095 -40.71 -21.15 0.44
C PHE O 1095 -39.97 -20.96 -0.85
N LEU O 1096 -38.66 -21.16 -0.82
CA LEU O 1096 -37.90 -21.08 -2.06
C LEU O 1096 -37.20 -22.42 -2.21
N VAL O 1097 -37.38 -23.06 -3.37
CA VAL O 1097 -36.67 -24.29 -3.61
C VAL O 1097 -35.20 -23.93 -3.65
N ASP O 1098 -34.36 -24.69 -2.96
CA ASP O 1098 -32.93 -24.43 -3.06
C ASP O 1098 -32.27 -25.51 -3.88
N ARG O 1099 -32.49 -26.77 -3.51
CA ARG O 1099 -31.96 -27.87 -4.30
C ARG O 1099 -32.92 -29.04 -4.31
N VAL O 1100 -33.11 -29.66 -5.47
CA VAL O 1100 -33.95 -30.85 -5.52
C VAL O 1100 -33.13 -31.96 -6.14
N VAL O 1101 -33.10 -33.14 -5.52
CA VAL O 1101 -32.42 -34.26 -6.13
C VAL O 1101 -33.39 -34.88 -7.10
N ASP O 1102 -33.61 -34.24 -8.24
CA ASP O 1102 -34.63 -34.75 -9.16
C ASP O 1102 -34.32 -36.16 -9.57
N GLY O 1103 -35.33 -37.02 -9.54
CA GLY O 1103 -35.10 -38.42 -9.82
C GLY O 1103 -36.28 -39.13 -9.20
N GLN O 1104 -36.12 -40.41 -8.88
CA GLN O 1104 -37.20 -41.14 -8.25
C GLN O 1104 -37.55 -40.50 -6.91
N ALA O 1105 -36.53 -40.18 -6.12
CA ALA O 1105 -36.82 -39.48 -4.89
C ALA O 1105 -36.12 -38.14 -4.94
N ARG O 1106 -36.88 -37.07 -4.75
CA ARG O 1106 -36.30 -35.76 -4.78
C ARG O 1106 -36.43 -35.14 -3.41
N GLU O 1107 -35.32 -34.73 -2.82
CA GLU O 1107 -35.41 -34.05 -1.54
C GLU O 1107 -35.30 -32.58 -1.81
N VAL O 1108 -36.27 -31.82 -1.30
CA VAL O 1108 -36.30 -30.40 -1.59
C VAL O 1108 -35.91 -29.57 -0.39
N THR O 1109 -34.99 -28.64 -0.59
CA THR O 1109 -34.61 -27.75 0.50
C THR O 1109 -35.49 -26.53 0.35
N LEU O 1110 -36.17 -26.14 1.41
CA LEU O 1110 -37.09 -25.02 1.32
C LEU O 1110 -36.61 -23.88 2.19
N ARG O 1111 -36.57 -22.67 1.63
CA ARG O 1111 -36.15 -21.52 2.41
C ARG O 1111 -37.27 -20.51 2.50
N GLY O 1112 -37.61 -20.09 3.71
CA GLY O 1112 -38.68 -19.13 3.87
C GLY O 1112 -38.28 -17.84 3.20
N PHE O 1113 -39.20 -17.22 2.47
CA PHE O 1113 -38.90 -15.93 1.87
C PHE O 1113 -40.10 -15.02 1.79
N ASP O 1114 -39.86 -13.71 1.80
CA ASP O 1114 -40.97 -12.76 1.70
C ASP O 1114 -40.80 -11.78 0.55
N ARG O 1115 -41.79 -11.72 -0.34
CA ARG O 1115 -41.75 -10.74 -1.42
C ARG O 1115 -41.84 -9.35 -0.86
N ALA O 1116 -42.66 -9.19 0.18
CA ALA O 1116 -42.82 -7.89 0.80
C ALA O 1116 -41.51 -7.38 1.37
N ALA O 1117 -40.72 -8.28 1.94
CA ALA O 1117 -39.43 -7.89 2.51
C ALA O 1117 -38.58 -7.30 1.42
N TYR O 1118 -38.64 -7.88 0.22
CA TYR O 1118 -37.89 -7.34 -0.90
C TYR O 1118 -38.34 -5.96 -1.40
N ALA O 1119 -39.58 -5.56 -1.12
CA ALA O 1119 -39.99 -4.21 -1.51
C ALA O 1119 -39.10 -3.19 -0.84
N PRO O 1120 -38.63 -2.19 -1.60
CA PRO O 1120 -37.66 -1.23 -1.05
C PRO O 1120 -38.17 -0.06 -0.22
N SER O 1121 -37.38 0.36 0.77
CA SER O 1121 -37.72 1.54 1.56
C SER O 1121 -37.67 2.79 0.69
N GLY O 1122 -36.74 2.81 -0.26
CA GLY O 1122 -36.54 3.98 -1.10
C GLY O 1122 -35.32 4.78 -0.73
N GLY O 1123 -34.68 4.49 0.39
CA GLY O 1123 -33.42 5.13 0.72
C GLY O 1123 -33.44 6.54 1.27
N VAL O 1124 -32.27 7.10 1.53
CA VAL O 1124 -32.19 8.46 2.02
C VAL O 1124 -31.82 9.48 0.95
N PHE O 1125 -31.52 9.01 -0.26
CA PHE O 1125 -31.19 9.92 -1.38
C PHE O 1125 -30.08 10.90 -1.04
N LYS O 1126 -29.04 10.43 -0.37
CA LYS O 1126 -27.98 11.33 0.06
C LYS O 1126 -27.19 11.95 -1.08
N ALA O 1127 -26.96 13.26 -1.03
CA ALA O 1127 -26.15 13.93 -2.05
C ALA O 1127 -25.57 15.20 -1.45
N ALA O 1128 -24.48 15.72 -2.03
CA ALA O 1128 -23.83 16.89 -1.46
C ALA O 1128 -23.66 18.04 -2.45
N ARG O 1129 -23.95 19.26 -2.01
CA ARG O 1129 -23.77 20.44 -2.87
C ARG O 1129 -22.30 20.67 -3.15
N ALA O 1130 -22.00 21.12 -4.36
CA ALA O 1130 -20.61 21.42 -4.69
C ALA O 1130 -20.47 22.86 -5.16
N GLY O 1131 -19.90 23.05 -6.35
CA GLY O 1131 -19.68 24.39 -6.87
C GLY O 1131 -18.24 24.77 -6.61
N ARG O 1132 -17.43 24.82 -7.66
CA ARG O 1132 -16.02 25.11 -7.48
C ARG O 1132 -15.42 25.88 -8.65
N LEU O 1133 -14.25 26.47 -8.47
CA LEU O 1133 -13.55 27.22 -9.54
C LEU O 1133 -14.07 28.64 -9.74
N GLN O 1134 -13.55 29.36 -10.74
CA GLN O 1134 -13.94 30.75 -10.94
C GLN O 1134 -14.13 31.14 -12.39
N GLY O 1135 -14.83 32.25 -12.63
CA GLY O 1135 -15.06 32.72 -13.99
C GLY O 1135 -14.41 34.07 -14.21
N SER O 1136 -14.06 34.38 -15.45
CA SER O 1136 -13.36 35.63 -15.75
C SER O 1136 -14.19 36.88 -15.51
N THR O 1137 -13.53 37.96 -15.08
CA THR O 1137 -14.22 39.21 -14.81
C THR O 1137 -13.40 40.34 -15.41
N SER O 1138 -13.98 41.52 -15.54
CA SER O 1138 -13.19 42.65 -16.02
C SER O 1138 -12.77 43.50 -14.84
N SER O 1139 -11.47 43.64 -14.61
CA SER O 1139 -10.98 44.41 -13.49
C SER O 1139 -11.14 45.91 -13.70
N LEU O 1140 -11.55 46.62 -12.65
CA LEU O 1140 -11.65 48.08 -12.76
C LEU O 1140 -10.31 48.68 -12.43
N THR O 1141 -9.34 48.51 -13.32
CA THR O 1141 -8.00 49.02 -13.07
C THR O 1141 -7.95 50.54 -13.12
N ARG O 1142 -7.18 51.14 -12.22
CA ARG O 1142 -7.07 52.60 -12.18
C ARG O 1142 -5.66 53.02 -12.56
N PHE O 1143 -5.55 53.94 -13.51
CA PHE O 1143 -4.24 54.40 -13.96
C PHE O 1143 -3.75 55.56 -13.11
N LEU O 1144 -3.24 55.26 -11.92
CA LEU O 1144 -2.76 56.30 -11.02
C LEU O 1144 -1.57 57.05 -11.53
N ASP O 1145 -1.55 58.36 -11.32
CA ASP O 1145 -0.37 59.13 -11.67
C ASP O 1145 -0.09 60.07 -10.51
N LEU O 1146 0.22 59.50 -9.35
CA LEU O 1146 0.52 60.32 -8.17
C LEU O 1146 1.92 60.93 -8.27
N PRO O 1147 2.14 62.06 -7.59
CA PRO O 1147 3.49 62.63 -7.58
C PRO O 1147 4.46 61.67 -6.94
N LEU O 1148 5.65 61.56 -7.51
CA LEU O 1148 6.64 60.64 -6.98
C LEU O 1148 7.09 61.05 -5.59
N LEU O 1149 7.35 60.06 -4.75
CA LEU O 1149 7.71 60.36 -3.37
C LEU O 1149 9.01 59.66 -3.01
N PRO O 1150 9.67 60.13 -1.94
CA PRO O 1150 10.87 59.40 -1.53
C PRO O 1150 10.52 57.97 -1.14
N GLY O 1151 11.41 57.03 -1.42
CA GLY O 1151 11.10 55.64 -1.16
C GLY O 1151 10.52 54.95 -2.37
N VAL O 1152 10.48 55.64 -3.51
CA VAL O 1152 10.01 55.02 -4.75
C VAL O 1152 11.20 54.67 -5.62
N ASP O 1153 11.35 53.40 -5.97
CA ASP O 1153 12.45 52.96 -6.82
C ASP O 1153 12.30 53.37 -8.28
N ALA O 1154 13.39 53.76 -8.93
CA ALA O 1154 13.34 54.10 -10.38
C ALA O 1154 12.24 55.09 -10.76
N PRO O 1155 12.14 56.23 -10.06
CA PRO O 1155 11.02 57.13 -10.31
C PRO O 1155 11.17 58.09 -11.49
N GLU O 1156 11.12 57.58 -12.71
CA GLU O 1156 11.15 58.47 -13.87
C GLU O 1156 9.94 58.24 -14.73
N TRP O 1157 9.77 56.99 -15.16
CA TRP O 1157 8.66 56.66 -16.07
C TRP O 1157 7.57 55.88 -15.37
N GLU O 1158 7.59 55.82 -14.06
CA GLU O 1158 6.62 54.98 -13.37
C GLU O 1158 5.19 55.37 -13.62
N GLY O 1159 4.36 54.38 -13.97
CA GLY O 1159 2.95 54.64 -14.16
C GLY O 1159 2.25 53.66 -13.27
N PHE O 1160 1.45 54.13 -12.35
CA PHE O 1160 0.82 53.23 -11.38
C PHE O 1160 -0.50 52.68 -11.90
N ILE O 1161 -0.68 51.37 -11.81
CA ILE O 1161 -1.93 50.75 -12.24
C ILE O 1161 -2.53 49.77 -11.26
N ALA O 1162 -3.04 50.26 -10.13
CA ALA O 1162 -3.69 49.36 -9.19
C ALA O 1162 -4.96 48.84 -9.81
N ALA O 1163 -5.26 47.56 -9.61
CA ALA O 1163 -6.44 46.99 -10.27
C ALA O 1163 -7.54 46.60 -9.32
N HIS O 1164 -8.75 47.10 -9.55
CA HIS O 1164 -9.88 46.69 -8.72
C HIS O 1164 -10.54 45.49 -9.36
N ALA O 1165 -10.07 44.30 -9.02
CA ALA O 1165 -10.68 43.10 -9.57
C ALA O 1165 -12.07 42.95 -8.99
N GLU O 1166 -13.00 42.47 -9.80
CA GLU O 1166 -14.34 42.24 -9.29
C GLU O 1166 -14.42 40.81 -8.81
N PRO O 1167 -14.26 40.59 -7.50
CA PRO O 1167 -14.27 39.24 -6.96
C PRO O 1167 -13.46 38.25 -7.81
N TRP O 1168 -12.23 38.61 -8.15
CA TRP O 1168 -11.43 37.75 -9.02
C TRP O 1168 -10.24 37.20 -8.28
N PRO O 1169 -10.07 35.89 -8.32
CA PRO O 1169 -8.88 35.32 -7.71
C PRO O 1169 -7.85 34.94 -8.75
N GLY O 1170 -6.68 35.58 -8.69
CA GLY O 1170 -5.63 35.23 -9.62
C GLY O 1170 -4.79 36.41 -10.01
N ALA O 1171 -3.78 36.18 -10.84
CA ALA O 1171 -2.94 37.26 -11.31
C ALA O 1171 -3.67 38.16 -12.29
N MET O 1172 -3.34 39.44 -12.28
CA MET O 1172 -3.96 40.36 -13.22
C MET O 1172 -2.87 40.76 -14.18
N LEU O 1173 -3.08 40.55 -15.47
CA LEU O 1173 -2.01 40.85 -16.41
C LEU O 1173 -2.25 42.18 -17.07
N HIS O 1174 -1.31 43.10 -16.88
CA HIS O 1174 -1.43 44.38 -17.53
C HIS O 1174 -0.43 44.44 -18.65
N SER O 1175 -0.92 44.51 -19.88
CA SER O 1175 -0.03 44.50 -21.02
C SER O 1175 -0.19 45.79 -21.78
N ARG O 1176 0.92 46.43 -22.12
CA ARG O 1176 0.82 47.72 -22.78
C ARG O 1176 1.18 47.65 -24.24
N GLY O 1177 0.25 48.03 -25.10
CA GLY O 1177 0.55 48.07 -26.53
C GLY O 1177 0.22 49.44 -27.09
N SER O 1178 1.19 50.06 -27.74
CA SER O 1178 0.97 51.40 -28.29
C SER O 1178 -0.12 51.37 -29.32
N THR O 1179 -0.16 50.30 -30.11
CA THR O 1179 -1.15 50.21 -31.17
C THR O 1179 -2.58 50.23 -30.68
N PRO O 1180 -3.45 50.95 -31.40
CA PRO O 1180 -4.87 51.01 -31.04
C PRO O 1180 -5.51 49.64 -31.13
N GLU O 1181 -5.14 48.86 -32.14
CA GLU O 1181 -5.76 47.56 -32.33
C GLU O 1181 -5.52 46.66 -31.12
N GLY O 1182 -4.33 46.68 -30.56
CA GLY O 1182 -4.09 45.91 -29.36
C GLY O 1182 -2.95 44.92 -29.35
N SER O 1183 -1.81 45.27 -29.93
CA SER O 1183 -0.65 44.38 -29.84
C SER O 1183 0.04 44.66 -28.52
N PHE O 1184 -0.60 44.33 -27.42
CA PHE O 1184 -0.04 44.61 -26.11
C PHE O 1184 1.14 43.72 -25.73
N THR O 1185 2.13 44.30 -25.06
CA THR O 1185 3.26 43.51 -24.59
C THR O 1185 3.20 43.59 -23.08
N LEU O 1186 3.37 42.47 -22.40
CA LEU O 1186 3.20 42.48 -20.95
C LEU O 1186 4.15 43.48 -20.33
N ALA O 1187 3.60 44.37 -19.52
CA ALA O 1187 4.44 45.34 -18.83
C ALA O 1187 4.30 45.22 -17.32
N ALA O 1188 3.16 44.70 -16.87
CA ALA O 1188 2.91 44.65 -15.42
C ALA O 1188 2.02 43.49 -14.97
N GLU O 1189 2.16 43.08 -13.72
CA GLU O 1189 1.27 42.07 -13.17
C GLU O 1189 0.77 42.46 -11.79
N ALA O 1190 -0.53 42.28 -11.53
CA ALA O 1190 -1.10 42.69 -10.25
C ALA O 1190 -1.55 41.48 -9.42
N ASP O 1191 -1.22 41.47 -8.14
CA ASP O 1191 -1.54 40.32 -7.29
C ASP O 1191 -3.03 40.02 -7.09
N ALA O 1192 -3.83 41.03 -6.82
CA ALA O 1192 -5.25 40.81 -6.51
C ALA O 1192 -5.96 42.14 -6.60
N ARG O 1193 -7.24 42.16 -6.27
CA ARG O 1193 -7.92 43.44 -6.25
C ARG O 1193 -7.22 44.32 -5.24
N ALA O 1194 -6.85 45.53 -5.67
CA ALA O 1194 -6.20 46.47 -4.78
C ALA O 1194 -7.25 47.15 -3.96
N THR O 1195 -6.89 47.72 -2.83
CA THR O 1195 -7.88 48.47 -2.10
C THR O 1195 -8.11 49.75 -2.86
N ILE O 1196 -9.36 50.04 -3.19
CA ILE O 1196 -9.70 51.23 -3.95
C ILE O 1196 -10.87 51.88 -3.24
N GLY O 1197 -11.08 53.16 -3.47
CA GLY O 1197 -12.19 53.86 -2.87
C GLY O 1197 -12.84 54.79 -3.85
N ARG O 1198 -14.12 55.11 -3.65
CA ARG O 1198 -14.81 56.05 -4.52
C ARG O 1198 -15.27 57.23 -3.69
N THR O 1199 -14.83 58.42 -4.06
CA THR O 1199 -15.21 59.61 -3.31
C THR O 1199 -16.67 59.93 -3.51
N THR O 1200 -17.36 60.27 -2.42
CA THR O 1200 -18.75 60.67 -2.54
C THR O 1200 -18.90 62.16 -2.25
N ALA O 1201 -17.79 62.87 -2.06
CA ALA O 1201 -17.87 64.28 -1.69
C ALA O 1201 -16.89 65.20 -2.41
N ALA O 1202 -17.21 66.48 -2.50
CA ALA O 1202 -16.31 67.44 -3.14
C ALA O 1202 -15.66 68.31 -2.08
N LEU O 1203 -14.34 68.40 -2.11
CA LEU O 1203 -13.64 69.15 -1.07
C LEU O 1203 -12.77 70.27 -1.60
N PRO O 1204 -12.88 71.47 -1.00
CA PRO O 1204 -11.99 72.57 -1.38
C PRO O 1204 -10.59 72.27 -0.88
N PRO O 1205 -9.57 72.85 -1.51
CA PRO O 1205 -8.21 72.47 -1.08
C PRO O 1205 -7.95 72.74 0.39
N ALA O 1206 -7.40 71.76 1.09
CA ALA O 1206 -7.06 71.93 2.50
C ALA O 1206 -5.83 72.81 2.63
N PRO O 1207 -5.68 73.51 3.77
CA PRO O 1207 -4.44 74.28 3.93
C PRO O 1207 -3.24 73.36 3.92
N ALA O 1208 -2.18 73.76 3.25
CA ALA O 1208 -1.02 72.88 3.11
C ALA O 1208 -0.27 72.59 4.40
N HIS O 1209 0.06 71.33 4.64
CA HIS O 1209 0.86 70.92 5.81
C HIS O 1209 0.17 70.95 7.17
N VAL O 1210 -1.13 71.16 7.18
CA VAL O 1210 -1.86 71.13 8.44
C VAL O 1210 -3.00 70.15 8.29
N TRP O 1211 -3.24 69.35 9.31
CA TRP O 1211 -4.36 68.42 9.25
C TRP O 1211 -5.64 69.24 9.18
N THR O 1212 -6.54 68.86 8.29
CA THR O 1212 -7.81 69.55 8.19
C THR O 1212 -8.91 68.52 8.29
N PRO O 1213 -9.84 68.72 9.23
CA PRO O 1213 -10.85 67.66 9.38
C PRO O 1213 -12.01 67.80 8.41
N GLY O 1214 -11.76 67.80 7.12
CA GLY O 1214 -12.84 67.82 6.17
C GLY O 1214 -13.50 66.47 6.26
N PRO O 1215 -14.83 66.43 6.16
CA PRO O 1215 -15.39 65.08 6.20
C PRO O 1215 -15.38 64.54 4.79
N LEU O 1216 -14.39 63.70 4.48
CA LEU O 1216 -14.29 63.18 3.14
C LEU O 1216 -14.86 61.79 3.17
N VAL O 1217 -16.02 61.60 2.58
CA VAL O 1217 -16.65 60.30 2.65
C VAL O 1217 -16.30 59.52 1.41
N VAL O 1218 -15.62 58.39 1.60
CA VAL O 1218 -15.20 57.59 0.46
C VAL O 1218 -15.73 56.17 0.59
N THR O 1219 -16.44 55.70 -0.42
CA THR O 1219 -16.95 54.33 -0.39
C THR O 1219 -15.87 53.44 -0.93
N LEU O 1220 -15.40 52.49 -0.14
CA LEU O 1220 -14.26 51.70 -0.59
C LEU O 1220 -14.68 50.67 -1.61
N PHE O 1221 -14.11 50.76 -2.80
CA PHE O 1221 -14.42 49.79 -3.85
C PHE O 1221 -13.99 48.42 -3.40
N SER O 1222 -12.80 48.33 -2.81
CA SER O 1222 -12.33 47.06 -2.28
C SER O 1222 -11.60 47.33 -0.98
N GLY O 1223 -11.68 46.40 -0.03
CA GLY O 1223 -10.94 46.55 1.20
C GLY O 1223 -11.58 47.52 2.19
N ALA O 1224 -10.89 47.80 3.29
CA ALA O 1224 -11.40 48.76 4.25
C ALA O 1224 -10.29 49.70 4.69
N LEU O 1225 -10.64 50.95 4.97
CA LEU O 1225 -9.64 51.91 5.44
C LEU O 1225 -9.31 51.73 6.92
N VAL O 1226 -8.21 52.33 7.36
CA VAL O 1226 -7.82 52.20 8.75
C VAL O 1226 -7.69 53.55 9.45
N GLY O 1227 -8.30 53.70 10.62
CA GLY O 1227 -8.15 54.93 11.38
C GLY O 1227 -6.90 54.73 12.21
N ARG O 1228 -5.97 55.66 12.16
CA ARG O 1228 -4.70 55.46 12.85
C ARG O 1228 -4.12 56.72 13.49
N PRO O 1229 -3.15 56.53 14.40
CA PRO O 1229 -2.48 57.71 14.97
C PRO O 1229 -1.75 58.52 13.91
N ASP O 1230 -1.70 59.82 14.09
CA ASP O 1230 -1.06 60.70 13.12
C ASP O 1230 0.43 60.42 12.95
N LEU O 1231 1.07 59.94 14.01
CA LEU O 1231 2.50 59.69 13.95
C LEU O 1231 2.85 58.67 12.88
N ASP O 1232 2.04 57.63 12.74
CA ASP O 1232 2.29 56.63 11.71
C ASP O 1232 2.20 57.26 10.34
N VAL O 1233 1.19 58.11 10.13
CA VAL O 1233 1.06 58.81 8.86
C VAL O 1233 2.22 59.79 8.65
N LEU O 1234 2.74 60.36 9.73
CA LEU O 1234 3.88 61.26 9.62
C LEU O 1234 5.08 60.52 9.05
N ASP O 1235 5.28 59.27 9.46
CA ASP O 1235 6.36 58.48 8.86
C ASP O 1235 5.86 57.81 7.58
N GLY O 1236 4.57 58.00 7.28
CA GLY O 1236 3.98 57.44 6.07
C GLY O 1236 3.19 56.19 6.30
N ALA O 1237 1.87 56.33 6.42
CA ALA O 1237 1.00 55.17 6.58
C ALA O 1237 -0.32 55.37 5.85
N ASN O 1238 -1.14 56.29 6.36
CA ASN O 1238 -2.46 56.51 5.75
C ASN O 1238 -2.41 57.49 4.59
N ALA O 1239 -1.85 57.06 3.46
CA ALA O 1239 -1.81 57.92 2.29
C ALA O 1239 -2.62 57.30 1.17
N LEU O 1240 -3.59 58.05 0.66
CA LEU O 1240 -4.45 57.54 -0.40
C LEU O 1240 -4.47 58.52 -1.57
N ALA O 1241 -4.27 58.02 -2.78
CA ALA O 1241 -4.21 58.92 -3.94
C ALA O 1241 -5.55 59.00 -4.66
N ILE O 1242 -6.23 60.13 -4.52
CA ILE O 1242 -7.50 60.34 -5.20
C ILE O 1242 -7.29 60.66 -6.66
N GLN O 1243 -8.24 60.29 -7.51
CA GLN O 1243 -8.11 60.66 -8.92
C GLN O 1243 -8.22 62.17 -8.96
N HIS O 1244 -7.30 62.80 -9.67
CA HIS O 1244 -7.29 64.26 -9.68
C HIS O 1244 -6.78 64.78 -11.00
N PRO O 1245 -7.10 66.05 -11.30
CA PRO O 1245 -6.53 66.61 -12.52
C PRO O 1245 -5.02 66.62 -12.38
N ASP O 1246 -4.29 66.37 -13.46
CA ASP O 1246 -2.82 66.26 -13.39
C ASP O 1246 -2.43 65.15 -12.44
N GLY O 1247 -1.53 65.44 -11.52
CA GLY O 1247 -1.10 64.42 -10.57
C GLY O 1247 -2.25 63.98 -9.69
N TRP O 1248 -2.33 62.69 -9.43
CA TRP O 1248 -3.37 62.21 -8.53
C TRP O 1248 -3.04 62.77 -7.17
N GLU O 1249 -4.02 63.31 -6.47
CA GLU O 1249 -3.72 63.95 -5.20
C GLU O 1249 -3.71 62.93 -4.08
N VAL O 1250 -2.59 62.85 -3.35
CA VAL O 1250 -2.48 61.89 -2.28
C VAL O 1250 -2.48 62.60 -0.94
N VAL O 1251 -3.39 62.22 -0.05
CA VAL O 1251 -3.50 62.91 1.23
C VAL O 1251 -3.03 62.06 2.38
N GLN O 1252 -2.11 62.59 3.18
CA GLN O 1252 -1.70 61.85 4.37
C GLN O 1252 -2.62 62.21 5.52
N PHE O 1253 -3.88 61.82 5.43
CA PHE O 1253 -4.81 62.09 6.52
C PHE O 1253 -4.43 61.25 7.72
N ARG O 1254 -4.57 61.82 8.91
CA ARG O 1254 -4.19 61.09 10.10
C ARG O 1254 -5.05 59.87 10.27
N GLU O 1255 -6.35 60.01 10.05
CA GLU O 1255 -7.25 58.88 10.29
C GLU O 1255 -8.47 58.86 9.40
N ALA O 1256 -9.11 57.70 9.30
CA ALA O 1256 -10.35 57.60 8.54
C ALA O 1256 -11.39 57.02 9.47
N THR O 1257 -12.61 57.56 9.44
CA THR O 1257 -13.65 57.09 10.36
C THR O 1257 -14.77 56.38 9.61
N LEU O 1258 -15.07 55.14 9.99
CA LEU O 1258 -16.09 54.40 9.27
C LEU O 1258 -17.44 55.04 9.48
N THR O 1259 -18.16 55.28 8.39
CA THR O 1259 -19.51 55.82 8.52
C THR O 1259 -20.48 54.80 7.98
N ALA O 1260 -19.98 53.90 7.15
CA ALA O 1260 -20.83 52.88 6.53
C ALA O 1260 -19.95 51.72 6.16
N ASP O 1261 -20.53 50.64 5.65
CA ASP O 1261 -19.74 49.46 5.37
C ASP O 1261 -18.61 49.73 4.40
N ARG O 1262 -18.89 50.46 3.33
CA ARG O 1262 -17.82 50.83 2.42
C ARG O 1262 -17.34 52.23 2.70
N THR O 1263 -18.19 53.07 3.26
CA THR O 1263 -17.81 54.46 3.44
C THR O 1263 -16.91 54.75 4.63
N TRP O 1264 -15.81 55.45 4.37
CA TRP O 1264 -14.91 55.83 5.43
C TRP O 1264 -14.67 57.32 5.31
N ARG O 1265 -14.75 58.03 6.43
CA ARG O 1265 -14.58 59.48 6.40
C ARG O 1265 -13.15 59.84 6.72
N LEU O 1266 -12.39 60.20 5.70
CA LEU O 1266 -11.01 60.59 5.91
C LEU O 1266 -11.00 61.90 6.66
N GLU O 1267 -10.15 62.01 7.67
CA GLU O 1267 -10.13 63.22 8.49
C GLU O 1267 -8.71 63.66 8.77
N GLY O 1268 -8.54 64.92 9.14
CA GLY O 1268 -7.20 65.43 9.33
C GLY O 1268 -6.39 65.34 8.06
N LEU O 1269 -7.02 65.68 6.93
CA LEU O 1269 -6.35 65.59 5.64
C LEU O 1269 -5.12 66.47 5.65
N LEU O 1270 -4.01 65.95 5.13
CA LEU O 1270 -2.79 66.72 5.05
C LEU O 1270 -2.46 66.96 3.61
N ARG O 1271 -2.16 68.19 3.24
CA ARG O 1271 -1.92 68.52 1.84
C ARG O 1271 -0.59 69.23 1.64
N GLY O 1272 -0.12 69.28 0.41
CA GLY O 1272 1.12 69.98 0.12
C GLY O 1272 2.39 69.17 0.25
N GLN O 1273 2.25 67.89 0.56
CA GLN O 1273 3.42 67.05 0.64
C GLN O 1273 3.76 66.67 -0.79
N ARG O 1274 4.97 66.99 -1.23
CA ARG O 1274 5.37 66.72 -2.61
C ARG O 1274 4.35 67.33 -3.55
N GLY O 1275 3.93 68.56 -3.27
CA GLY O 1275 2.92 69.22 -4.09
C GLY O 1275 1.59 68.55 -4.14
N THR O 1276 1.18 67.94 -3.05
CA THR O 1276 -0.15 67.34 -3.01
C THR O 1276 -1.15 68.47 -3.16
N ASP O 1277 -0.90 69.60 -2.48
CA ASP O 1277 -1.77 70.76 -2.60
C ASP O 1277 -1.66 71.42 -3.96
N GLY O 1278 -0.56 71.20 -4.66
CA GLY O 1278 -0.36 71.89 -5.92
C GLY O 1278 -1.44 71.60 -6.93
N ILE O 1279 -1.86 70.34 -7.08
CA ILE O 1279 -2.98 70.04 -7.96
C ILE O 1279 -4.30 70.63 -7.47
N VAL O 1280 -4.54 70.56 -6.15
CA VAL O 1280 -5.80 71.05 -5.58
C VAL O 1280 -6.05 72.55 -5.68
N GLY O 1281 -5.01 73.37 -5.57
CA GLY O 1281 -5.26 74.80 -5.56
C GLY O 1281 -5.95 75.29 -6.83
N PRO O 1282 -5.46 74.86 -8.00
CA PRO O 1282 -6.21 75.22 -9.21
C PRO O 1282 -7.60 74.62 -9.24
N ALA O 1283 -7.72 73.34 -8.90
CA ALA O 1283 -9.03 72.67 -8.96
C ALA O 1283 -9.39 71.95 -7.68
N PRO O 1284 -10.53 72.33 -7.07
CA PRO O 1284 -11.00 71.63 -5.87
C PRO O 1284 -11.42 70.21 -6.21
N LEU O 1285 -11.30 69.28 -5.27
CA LEU O 1285 -11.61 67.88 -5.58
C LEU O 1285 -13.05 67.70 -6.02
N PRO O 1286 -13.27 66.90 -7.07
CA PRO O 1286 -14.64 66.64 -7.56
C PRO O 1286 -15.44 65.71 -6.65
N ALA O 1287 -16.76 65.70 -6.80
CA ALA O 1287 -17.58 64.89 -5.92
C ALA O 1287 -17.24 63.42 -6.04
N GLY O 1288 -16.99 62.95 -7.26
CA GLY O 1288 -16.58 61.57 -7.44
C GLY O 1288 -15.18 61.40 -7.98
N ALA O 1289 -14.35 60.62 -7.27
CA ALA O 1289 -12.99 60.36 -7.73
C ALA O 1289 -12.58 58.98 -7.24
N ALA O 1290 -11.59 58.38 -7.88
CA ALA O 1290 -11.10 57.09 -7.42
C ALA O 1290 -9.93 57.26 -6.47
N VAL O 1291 -10.10 56.86 -5.22
CA VAL O 1291 -9.05 57.04 -4.23
C VAL O 1291 -8.36 55.72 -3.98
N VAL O 1292 -7.06 55.66 -4.21
CA VAL O 1292 -6.37 54.39 -4.07
C VAL O 1292 -5.30 54.41 -2.99
N ALA O 1293 -5.37 53.47 -2.06
CA ALA O 1293 -4.35 53.37 -1.02
C ALA O 1293 -3.05 52.91 -1.62
N ILE O 1294 -1.93 53.38 -1.10
CA ILE O 1294 -0.66 52.88 -1.59
C ILE O 1294 -0.58 51.42 -1.17
N ASP O 1295 -0.22 50.53 -2.11
CA ASP O 1295 -0.18 49.11 -1.81
C ASP O 1295 0.76 48.32 -2.71
N THR O 1296 1.03 47.08 -2.33
CA THR O 1296 1.89 46.21 -3.15
C THR O 1296 1.24 45.98 -4.51
N ALA O 1297 -0.08 45.87 -4.54
CA ALA O 1297 -0.79 45.60 -5.78
C ALA O 1297 -0.55 46.71 -6.80
N LEU O 1298 -0.40 47.94 -6.34
CA LEU O 1298 -0.12 49.04 -7.25
C LEU O 1298 1.13 48.70 -8.01
N VAL O 1299 1.10 48.86 -9.33
CA VAL O 1299 2.25 48.48 -10.14
C VAL O 1299 2.74 49.64 -11.00
N ALA O 1300 4.02 50.00 -10.85
CA ALA O 1300 4.56 51.14 -11.60
C ALA O 1300 5.69 50.82 -12.56
N ALA O 1301 6.31 49.65 -12.41
CA ALA O 1301 7.46 49.29 -13.25
C ALA O 1301 7.13 48.73 -14.63
N GLY O 1302 8.14 48.53 -15.46
CA GLY O 1302 7.92 47.98 -16.79
C GLY O 1302 7.71 49.00 -17.88
N LEU O 1303 7.92 50.28 -17.57
CA LEU O 1303 7.73 51.33 -18.56
C LEU O 1303 9.06 51.86 -19.07
N SER O 1304 9.21 51.96 -20.38
CA SER O 1304 10.43 52.55 -20.93
C SER O 1304 10.37 54.06 -20.78
N ALA O 1305 11.51 54.73 -20.88
CA ALA O 1305 11.55 56.18 -20.75
C ALA O 1305 10.72 56.84 -21.84
N ASP O 1306 10.76 56.28 -23.05
CA ASP O 1306 9.99 56.82 -24.16
C ASP O 1306 8.47 56.75 -23.96
N ASP O 1307 7.99 55.75 -23.23
CA ASP O 1307 6.54 55.57 -23.09
C ASP O 1307 5.74 56.74 -22.50
N PRO O 1308 6.27 57.43 -21.47
CA PRO O 1308 5.49 58.57 -20.99
C PRO O 1308 5.27 59.63 -22.06
N GLY O 1309 4.10 60.24 -22.07
CA GLY O 1309 3.78 61.23 -23.08
C GLY O 1309 3.18 60.60 -24.32
N ARG O 1310 3.06 59.28 -24.32
CA ARG O 1310 2.44 58.58 -25.44
C ARG O 1310 1.25 57.86 -24.89
N ALA O 1311 0.10 57.96 -25.56
CA ALA O 1311 -1.11 57.32 -25.06
C ALA O 1311 -1.15 55.87 -25.48
N LEU O 1312 -0.26 55.06 -24.91
CA LEU O 1312 -0.24 53.66 -25.26
C LEU O 1312 -1.47 52.97 -24.71
N TRP O 1313 -2.09 52.14 -25.53
CA TRP O 1313 -3.27 51.43 -25.07
C TRP O 1313 -2.80 50.41 -24.04
N TRP O 1314 -3.47 50.37 -22.90
CA TRP O 1314 -3.02 49.48 -21.86
C TRP O 1314 -4.07 48.44 -21.59
N ARG O 1315 -3.74 47.17 -21.77
CA ARG O 1315 -4.69 46.14 -21.42
C ARG O 1315 -4.62 46.13 -19.91
N SER O 1316 -5.78 46.22 -19.25
CA SER O 1316 -5.79 46.33 -17.81
C SER O 1316 -6.80 45.39 -17.19
N GLY O 1317 -6.51 44.10 -17.18
CA GLY O 1317 -7.49 43.14 -16.68
C GLY O 1317 -6.84 41.86 -16.24
N PRO O 1318 -7.66 40.87 -15.84
CA PRO O 1318 -7.14 39.59 -15.36
C PRO O 1318 -6.40 38.87 -16.46
N ASP O 1319 -5.50 37.96 -16.09
CA ASP O 1319 -4.66 37.32 -17.09
C ASP O 1319 -5.46 36.59 -18.17
N ALA O 1320 -6.52 35.90 -17.78
CA ALA O 1320 -7.35 35.22 -18.77
C ALA O 1320 -7.98 36.23 -19.72
N ALA O 1321 -8.45 37.34 -19.18
CA ALA O 1321 -9.09 38.36 -20.00
C ALA O 1321 -8.09 39.04 -20.93
N SER O 1322 -8.52 39.37 -22.14
CA SER O 1322 -7.64 40.08 -23.08
C SER O 1322 -8.41 41.04 -23.97
N LEU O 1323 -7.74 42.06 -24.50
CA LEU O 1323 -8.39 42.98 -25.45
C LEU O 1323 -9.60 43.68 -24.87
N ALA O 1324 -10.78 43.46 -25.44
CA ALA O 1324 -11.98 44.05 -24.86
C ALA O 1324 -12.20 43.54 -23.44
N ALA O 1325 -11.97 42.25 -23.21
CA ALA O 1325 -12.24 41.66 -21.89
C ALA O 1325 -11.38 42.27 -20.78
N ALA O 1326 -10.10 42.49 -21.05
CA ALA O 1326 -9.28 43.17 -20.06
C ALA O 1326 -9.24 44.54 -20.67
N PRO O 1327 -9.88 45.52 -20.03
CA PRO O 1327 -10.02 46.81 -20.72
C PRO O 1327 -8.72 47.38 -21.25
N LEU O 1328 -8.74 47.74 -22.54
CA LEU O 1328 -7.55 48.28 -23.16
C LEU O 1328 -7.81 49.76 -23.32
N ARG O 1329 -7.03 50.58 -22.63
CA ARG O 1329 -7.27 52.02 -22.67
C ARG O 1329 -6.04 52.79 -23.05
N PRO O 1330 -6.16 53.69 -24.03
CA PRO O 1330 -4.97 54.49 -24.30
C PRO O 1330 -4.66 55.38 -23.10
N HIS O 1331 -3.43 55.35 -22.61
CA HIS O 1331 -3.10 56.13 -21.43
C HIS O 1331 -1.68 56.64 -21.43
N THR O 1332 -1.45 57.77 -20.77
CA THR O 1332 -0.12 58.33 -20.68
C THR O 1332 0.19 58.71 -19.24
N PHE O 1333 1.46 58.64 -18.86
CA PHE O 1333 1.85 58.96 -17.49
C PHE O 1333 2.88 60.07 -17.49
N THR O 1334 2.77 60.99 -16.54
CA THR O 1334 3.67 62.15 -16.51
C THR O 1334 4.39 62.32 -15.18
N ALA O 1335 4.83 61.23 -14.57
CA ALA O 1335 5.47 61.33 -13.25
C ALA O 1335 6.73 62.19 -13.26
N ALA O 1336 7.56 62.05 -14.29
CA ALA O 1336 8.73 62.91 -14.40
C ALA O 1336 8.27 64.34 -14.57
N GLY O 1337 7.20 64.55 -15.34
CA GLY O 1337 6.65 65.88 -15.53
C GLY O 1337 6.12 66.45 -14.22
N LEU O 1338 5.72 65.58 -13.30
CA LEU O 1338 5.16 66.01 -12.02
C LEU O 1338 6.22 66.60 -11.10
N ARG O 1339 7.48 66.55 -11.51
CA ARG O 1339 8.57 67.03 -10.67
C ARG O 1339 8.42 68.49 -10.24
N ALA O 1340 8.94 68.82 -9.06
CA ALA O 1340 8.82 70.17 -8.53
C ALA O 1340 7.36 70.56 -8.37
N PHE O 1341 6.54 69.62 -7.92
CA PHE O 1341 5.13 69.89 -7.72
C PHE O 1341 4.81 70.96 -6.69
N PRO O 1342 5.52 70.99 -5.54
CA PRO O 1342 5.14 72.09 -4.66
C PRO O 1342 5.52 73.39 -5.32
N PRO O 1343 4.65 74.40 -5.23
CA PRO O 1343 5.06 75.69 -5.79
C PRO O 1343 6.26 76.18 -5.03
N ALA O 1344 7.20 76.81 -5.72
CA ALA O 1344 8.40 77.26 -5.07
C ALA O 1344 7.95 78.24 -4.01
N HIS O 1345 8.58 78.21 -2.84
CA HIS O 1345 8.12 79.04 -1.76
C HIS O 1345 8.14 80.45 -2.29
N LEU O 1346 7.04 81.17 -2.12
CA LEU O 1346 6.96 82.48 -2.73
C LEU O 1346 7.09 83.58 -1.70
N ARG O 1347 8.07 84.45 -1.89
CA ARG O 1347 8.24 85.56 -0.99
C ARG O 1347 8.37 86.78 -1.86
N ALA O 1348 7.27 87.18 -2.51
CA ALA O 1348 7.31 88.34 -3.36
C ALA O 1348 7.45 89.56 -2.48
N VAL O 1349 8.42 90.42 -2.78
CA VAL O 1349 8.56 91.65 -2.02
C VAL O 1349 8.37 92.85 -2.92
N VAL O 1350 7.26 93.55 -2.76
CA VAL O 1350 7.04 94.76 -3.55
C VAL O 1350 8.02 95.81 -3.08
N THR O 1351 8.61 96.54 -4.03
CA THR O 1351 9.57 97.58 -3.68
C THR O 1351 9.29 98.79 -4.56
N GLY O 1352 9.85 99.94 -4.22
CA GLY O 1352 9.60 101.15 -4.98
C GLY O 1352 10.02 100.95 -6.41
N GLY O 1353 9.27 101.51 -7.35
CA GLY O 1353 9.55 101.26 -8.75
C GLY O 1353 8.93 99.94 -9.14
N GLY O 1354 8.00 99.45 -8.30
CA GLY O 1354 7.34 98.19 -8.58
C GLY O 1354 8.34 97.07 -8.70
N ASP O 1355 9.37 97.10 -7.86
CA ASP O 1355 10.40 96.08 -7.91
C ASP O 1355 10.02 94.88 -7.07
N THR O 1356 9.04 94.09 -7.52
CA THR O 1356 8.61 92.98 -6.71
C THR O 1356 9.57 91.83 -6.95
N SER O 1357 10.29 91.44 -5.91
CA SER O 1357 11.22 90.34 -6.06
C SER O 1357 10.48 89.11 -5.61
N LEU O 1358 10.08 88.29 -6.56
CA LEU O 1358 9.32 87.11 -6.22
C LEU O 1358 10.29 86.01 -5.91
N SER O 1359 10.75 85.97 -4.66
CA SER O 1359 11.70 84.96 -4.27
C SER O 1359 11.02 83.63 -4.40
N TRP O 1360 11.73 82.64 -4.92
CA TRP O 1360 11.13 81.36 -5.15
C TRP O 1360 12.00 80.24 -4.61
N VAL O 1361 12.02 80.06 -3.30
CA VAL O 1361 12.88 79.05 -2.72
C VAL O 1361 12.44 77.74 -3.33
N PRO O 1362 13.41 76.96 -3.84
CA PRO O 1362 12.97 75.75 -4.53
C PRO O 1362 12.23 74.78 -3.65
N ARG O 1363 11.10 74.28 -4.13
CA ARG O 1363 10.37 73.29 -3.38
C ARG O 1363 10.46 72.07 -4.26
N SER O 1364 10.97 70.97 -3.73
CA SER O 1364 11.21 69.80 -4.58
C SER O 1364 10.27 68.65 -4.29
N ARG O 1365 9.55 68.19 -5.31
CA ARG O 1365 8.65 67.06 -5.12
C ARG O 1365 9.31 65.72 -4.81
N LEU O 1366 10.35 65.35 -5.55
CA LEU O 1366 10.94 64.03 -5.34
C LEU O 1366 11.58 63.85 -3.99
N VAL O 1367 12.37 64.81 -3.55
CA VAL O 1367 12.94 64.73 -2.21
C VAL O 1367 11.84 64.89 -1.18
N GLY O 1368 10.88 65.76 -1.46
CA GLY O 1368 9.82 66.04 -0.50
C GLY O 1368 10.00 67.48 -0.08
N THR O 1369 9.07 68.02 0.69
CA THR O 1369 9.17 69.40 1.14
C THR O 1369 10.04 69.47 2.38
N THR O 1370 11.34 69.23 2.21
CA THR O 1370 12.25 69.22 3.34
C THR O 1370 12.45 70.59 3.94
N TRP O 1371 12.53 70.66 5.26
CA TRP O 1371 12.76 71.92 5.93
C TRP O 1371 14.11 71.74 6.55
N PRO O 1372 14.96 72.78 6.49
CA PRO O 1372 16.29 72.50 7.03
C PRO O 1372 16.16 72.04 8.46
N ASP O 1373 16.74 70.87 8.75
CA ASP O 1373 16.66 70.32 10.08
C ASP O 1373 18.05 69.88 10.45
N ASN O 1374 18.56 70.35 11.58
CA ASN O 1374 19.89 69.95 12.01
C ASN O 1374 20.86 70.15 10.86
N GLY O 1375 20.84 71.31 10.22
CA GLY O 1375 21.67 71.53 9.05
C GLY O 1375 21.42 70.62 7.86
N ALA O 1376 20.16 70.36 7.53
CA ALA O 1376 19.84 69.57 6.35
C ALA O 1376 18.89 70.34 5.44
N PRO O 1377 19.42 71.28 4.65
CA PRO O 1377 18.57 72.12 3.79
C PRO O 1377 17.96 71.40 2.60
N ILE O 1378 16.85 71.92 2.08
CA ILE O 1378 16.18 71.28 0.96
C ILE O 1378 17.08 71.28 -0.28
N PRO O 1379 17.21 70.13 -0.94
CA PRO O 1379 18.01 70.03 -2.16
C PRO O 1379 17.17 70.12 -3.43
N SER O 1380 17.74 69.73 -4.56
CA SER O 1380 17.00 69.75 -5.82
C SER O 1380 16.37 68.39 -6.11
N GLY O 1381 16.90 67.68 -7.10
CA GLY O 1381 16.34 66.38 -7.47
C GLY O 1381 15.24 66.50 -8.50
N GLU O 1382 14.89 67.73 -8.87
CA GLU O 1382 13.89 67.95 -9.91
C GLU O 1382 14.62 68.53 -11.09
N GLY O 1383 15.94 68.35 -11.12
CA GLY O 1383 16.72 68.98 -12.16
C GLY O 1383 16.59 70.47 -11.99
N LEU O 1384 16.25 71.17 -13.06
CA LEU O 1384 16.15 72.63 -12.98
C LEU O 1384 14.72 73.09 -13.20
N GLU O 1385 14.25 74.02 -12.39
CA GLU O 1385 12.88 74.51 -12.50
C GLU O 1385 12.82 76.01 -12.73
N ARG O 1386 12.11 76.45 -13.76
CA ARG O 1386 11.94 77.89 -13.92
C ARG O 1386 10.62 78.26 -13.30
N TYR O 1387 10.66 78.84 -12.12
CA TYR O 1387 9.43 79.18 -11.43
C TYR O 1387 8.75 80.33 -12.15
N GLN O 1388 7.42 80.30 -12.23
CA GLN O 1388 6.72 81.30 -13.02
C GLN O 1388 5.84 82.22 -12.20
N VAL O 1389 5.73 83.46 -12.64
CA VAL O 1389 4.87 84.41 -11.95
C VAL O 1389 3.63 84.67 -12.78
N THR O 1390 2.47 84.53 -12.17
CA THR O 1390 1.24 84.81 -12.89
C THR O 1390 0.79 86.19 -12.48
N ILE O 1391 0.62 87.08 -13.45
CA ILE O 1391 0.22 88.43 -13.14
C ILE O 1391 -1.20 88.43 -12.57
N GLY O 1392 -1.41 89.18 -11.50
CA GLY O 1392 -2.73 89.23 -10.88
C GLY O 1392 -3.86 89.82 -11.68
N PRO O 1393 -3.62 90.93 -12.40
CA PRO O 1393 -4.68 91.47 -13.25
C PRO O 1393 -5.16 90.54 -14.36
N THR O 1394 -4.26 89.84 -15.04
CA THR O 1394 -4.70 89.03 -16.18
C THR O 1394 -4.33 87.55 -16.07
N ALA O 1395 -5.23 86.68 -16.51
CA ALA O 1395 -4.98 85.24 -16.38
C ALA O 1395 -3.74 84.84 -17.15
N ALA O 1396 -3.59 85.36 -18.36
CA ALA O 1396 -2.36 85.10 -19.09
C ALA O 1396 -1.44 86.16 -18.55
N PRO O 1397 -0.27 85.77 -18.04
CA PRO O 1397 0.53 86.82 -17.42
C PRO O 1397 0.91 87.89 -18.43
N VAL O 1398 0.69 89.15 -18.07
CA VAL O 1398 1.08 90.25 -18.95
C VAL O 1398 2.59 90.20 -19.08
N ARG O 1399 3.27 89.93 -17.98
CA ARG O 1399 4.70 89.77 -18.04
C ARG O 1399 4.92 88.32 -17.71
N VAL O 1400 5.48 87.57 -18.65
CA VAL O 1400 5.69 86.16 -18.41
C VAL O 1400 7.14 85.95 -18.06
N ILE O 1401 7.40 85.67 -16.79
CA ILE O 1401 8.77 85.39 -16.39
C ILE O 1401 8.87 84.03 -15.77
N LEU O 1402 9.65 83.15 -16.39
CA LEU O 1402 9.89 81.86 -15.78
C LEU O 1402 11.35 81.96 -15.46
N ALA O 1403 11.71 81.85 -14.19
CA ALA O 1403 13.10 82.06 -13.83
C ALA O 1403 13.71 80.90 -13.11
N ASP O 1404 14.84 80.41 -13.61
CA ASP O 1404 15.55 79.36 -12.90
C ASP O 1404 15.98 79.92 -11.56
N THR O 1405 16.44 81.16 -11.56
CA THR O 1405 16.83 81.82 -10.32
C THR O 1405 15.60 82.02 -9.46
N PRO O 1406 15.73 81.77 -8.16
CA PRO O 1406 14.59 82.00 -7.27
C PRO O 1406 14.15 83.45 -7.24
N ALA O 1407 15.11 84.38 -7.19
CA ALA O 1407 14.75 85.79 -7.10
C ALA O 1407 14.40 86.35 -8.45
N ALA O 1408 13.25 87.01 -8.55
CA ALA O 1408 12.84 87.61 -9.80
C ALA O 1408 12.36 89.05 -9.63
N THR O 1409 13.29 89.98 -9.43
CA THR O 1409 12.88 91.36 -9.19
C THR O 1409 12.16 91.96 -10.38
N TYR O 1410 11.03 92.63 -10.11
CA TYR O 1410 10.26 93.26 -11.18
C TYR O 1410 10.74 94.67 -11.47
N THR O 1411 10.27 95.25 -12.57
CA THR O 1411 10.66 96.61 -12.93
C THR O 1411 9.49 97.53 -13.21
N ALA O 1412 9.70 98.83 -13.00
CA ALA O 1412 8.65 99.81 -13.28
C ALA O 1412 8.29 99.84 -14.75
N ALA O 1413 9.27 99.63 -15.61
CA ALA O 1413 9.03 99.71 -17.05
C ALA O 1413 8.00 98.71 -17.54
N GLU O 1414 8.03 97.48 -17.03
CA GLU O 1414 7.01 96.53 -17.43
C GLU O 1414 5.63 97.01 -17.01
N ARG O 1415 5.52 97.53 -15.80
CA ARG O 1415 4.25 98.03 -15.32
C ARG O 1415 3.79 99.19 -16.17
N ALA O 1416 4.72 100.06 -16.54
CA ALA O 1416 4.36 101.18 -17.41
C ALA O 1416 3.93 100.72 -18.79
N ALA O 1417 4.66 99.79 -19.38
CA ALA O 1417 4.34 99.34 -20.74
C ALA O 1417 3.00 98.63 -20.83
N ASP O 1418 2.72 97.75 -19.88
CA ASP O 1418 1.45 97.03 -19.86
C ASP O 1418 0.73 97.40 -18.60
N GLY O 1419 0.02 96.47 -17.99
CA GLY O 1419 -0.59 96.76 -16.71
C GLY O 1419 -0.22 95.73 -15.66
N ILE O 1420 0.50 96.14 -14.62
CA ILE O 1420 0.81 95.22 -13.52
C ILE O 1420 0.42 95.88 -12.21
N ALA O 1421 -0.40 95.21 -11.42
CA ALA O 1421 -0.81 95.76 -10.13
C ALA O 1421 0.32 95.72 -9.11
N ALA O 1422 0.39 96.72 -8.24
CA ALA O 1422 1.41 96.71 -7.17
C ALA O 1422 1.27 95.55 -6.18
N PRO O 1423 0.04 95.21 -5.76
CA PRO O 1423 -0.10 94.04 -4.89
C PRO O 1423 -0.62 92.86 -5.70
N PHE O 1424 -0.24 92.78 -6.98
CA PHE O 1424 -0.79 91.74 -7.83
C PHE O 1424 -0.56 90.36 -7.28
N ARG O 1425 -1.59 89.53 -7.35
CA ARG O 1425 -1.49 88.17 -6.87
C ARG O 1425 -0.57 87.41 -7.81
N VAL O 1426 0.32 86.61 -7.25
CA VAL O 1426 1.20 85.81 -8.09
C VAL O 1426 1.00 84.33 -7.80
N ALA O 1427 0.80 83.53 -8.84
CA ALA O 1427 0.66 82.10 -8.64
C ALA O 1427 1.87 81.47 -9.27
N VAL O 1428 2.53 80.57 -8.54
CA VAL O 1428 3.73 79.99 -9.06
C VAL O 1428 3.34 78.82 -9.93
N SER O 1429 3.64 78.91 -11.22
CA SER O 1429 3.39 77.79 -12.09
C SER O 1429 4.75 77.14 -12.08
N GLN O 1430 4.80 75.86 -11.74
CA GLN O 1430 6.10 75.23 -11.61
C GLN O 1430 6.69 74.68 -12.91
N ILE O 1431 6.92 75.55 -13.89
CA ILE O 1431 7.51 75.11 -15.14
C ILE O 1431 8.94 74.63 -14.88
N SER O 1432 9.32 73.52 -15.50
CA SER O 1432 10.64 72.97 -15.23
C SER O 1432 11.48 72.94 -16.48
N GLU O 1433 12.76 73.27 -16.35
CA GLU O 1433 13.67 73.18 -17.49
C GLU O 1433 13.72 71.74 -17.93
N THR O 1434 13.75 70.83 -16.97
CA THR O 1434 13.84 69.42 -17.30
C THR O 1434 12.65 68.92 -18.09
N THR O 1435 11.45 69.34 -17.70
CA THR O 1435 10.25 68.90 -18.38
C THR O 1435 9.37 70.06 -18.81
N GLY O 1436 8.12 70.06 -18.37
CA GLY O 1436 7.20 71.13 -18.67
C GLY O 1436 6.75 71.67 -17.33
N PRO O 1437 5.60 72.35 -17.29
CA PRO O 1437 5.11 72.78 -15.98
C PRO O 1437 4.93 71.57 -15.08
N GLY O 1438 5.33 71.69 -13.83
CA GLY O 1438 5.28 70.55 -12.92
C GLY O 1438 4.60 70.90 -11.63
N MET P 1 -23.13 -28.96 44.35
CA MET P 1 -22.55 -30.18 43.78
C MET P 1 -21.43 -30.77 44.62
N THR P 2 -21.03 -30.12 45.70
CA THR P 2 -20.04 -30.74 46.58
C THR P 2 -20.62 -31.99 47.17
N ASP P 3 -21.86 -31.91 47.65
CA ASP P 3 -22.54 -33.08 48.16
C ASP P 3 -22.84 -34.04 47.03
N TYR P 4 -23.10 -33.51 45.83
CA TYR P 4 -23.34 -34.36 44.67
C TYR P 4 -22.08 -35.19 44.40
N THR P 5 -20.91 -34.58 44.56
CA THR P 5 -19.66 -35.33 44.41
C THR P 5 -19.64 -36.42 45.47
N ASP P 6 -20.08 -36.08 46.68
CA ASP P 6 -20.14 -37.07 47.76
C ASP P 6 -21.11 -38.18 47.39
N HIS P 7 -22.22 -37.82 46.76
CA HIS P 7 -23.21 -38.82 46.35
C HIS P 7 -22.56 -39.79 45.36
N LEU P 8 -21.78 -39.27 44.43
CA LEU P 8 -21.07 -40.13 43.49
C LEU P 8 -20.06 -41.00 44.23
N ALA P 9 -19.37 -40.42 45.20
CA ALA P 9 -18.37 -41.17 45.94
C ALA P 9 -19.02 -42.30 46.72
N THR P 10 -20.15 -42.04 47.37
CA THR P 10 -20.88 -43.09 48.05
C THR P 10 -21.40 -44.09 47.05
N GLY P 11 -21.82 -43.59 45.89
CA GLY P 11 -22.42 -44.47 44.90
C GLY P 11 -23.91 -44.42 45.09
N CYS P 12 -24.37 -43.73 46.14
CA CYS P 12 -25.80 -43.57 46.34
C CYS P 12 -26.25 -42.31 45.62
N THR P 13 -26.21 -42.34 44.30
CA THR P 13 -26.58 -41.15 43.53
C THR P 13 -27.64 -41.43 42.51
N THR P 14 -28.68 -40.62 42.48
CA THR P 14 -29.65 -40.76 41.42
C THR P 14 -29.71 -39.41 40.74
N LEU P 15 -29.57 -39.39 39.42
CA LEU P 15 -29.50 -38.10 38.74
C LEU P 15 -30.85 -37.47 38.51
N ALA P 16 -31.01 -36.23 38.98
CA ALA P 16 -32.27 -35.51 38.78
C ALA P 16 -32.02 -34.16 38.16
N ARG P 17 -30.97 -34.04 37.35
CA ARG P 17 -30.64 -32.72 36.82
C ARG P 17 -31.82 -32.16 36.07
N CYS P 18 -32.16 -30.91 36.36
CA CYS P 18 -33.33 -30.32 35.74
C CYS P 18 -32.87 -29.24 34.79
N TYR P 19 -33.28 -29.36 33.53
CA TYR P 19 -32.85 -28.39 32.54
C TYR P 19 -33.80 -27.20 32.53
N ILE P 20 -33.71 -26.35 33.54
CA ILE P 20 -34.63 -25.24 33.62
C ILE P 20 -34.39 -24.36 32.42
N LEU P 21 -35.46 -24.00 31.72
CA LEU P 21 -35.30 -23.24 30.50
C LEU P 21 -36.06 -21.94 30.56
N THR P 22 -35.37 -20.82 30.39
CA THR P 22 -36.06 -19.55 30.36
C THR P 22 -35.98 -19.03 28.94
N ARG P 23 -37.13 -18.86 28.30
CA ARG P 23 -37.13 -18.41 26.91
C ARG P 23 -37.01 -16.91 26.79
N ARG P 24 -37.03 -16.40 25.57
CA ARG P 24 -36.96 -14.96 25.38
C ARG P 24 -38.16 -14.33 26.06
N ASP P 25 -39.31 -14.99 26.00
CA ASP P 25 -40.49 -14.50 26.71
C ASP P 25 -40.22 -14.49 28.20
N GLY P 26 -39.45 -15.47 28.68
CA GLY P 26 -39.17 -15.58 30.10
C GLY P 26 -39.97 -16.66 30.77
N VAL P 27 -40.78 -17.38 30.00
CA VAL P 27 -41.50 -18.51 30.58
C VAL P 27 -40.48 -19.58 30.95
N VAL P 28 -40.69 -20.27 32.07
CA VAL P 28 -39.72 -21.27 32.52
C VAL P 28 -40.23 -22.72 32.45
N MET P 29 -39.43 -23.62 31.91
CA MET P 29 -39.80 -25.04 31.80
C MET P 29 -38.84 -25.91 32.59
N GLY P 30 -39.35 -26.75 33.49
CA GLY P 30 -38.45 -27.61 34.23
C GLY P 30 -37.62 -28.62 33.47
N PHE P 31 -38.21 -29.41 32.58
CA PHE P 31 -37.44 -30.34 31.74
C PHE P 31 -36.46 -31.26 32.50
N THR P 32 -36.84 -31.82 33.63
CA THR P 32 -35.87 -32.62 34.39
C THR P 32 -35.51 -33.97 33.77
N ASP P 33 -34.25 -34.36 33.89
CA ASP P 33 -33.85 -35.66 33.40
C ASP P 33 -34.53 -36.79 34.17
N HIS P 34 -34.69 -36.64 35.49
CA HIS P 34 -35.28 -37.71 36.29
C HIS P 34 -36.71 -37.92 35.88
N ASP P 35 -37.10 -39.18 35.72
CA ASP P 35 -38.44 -39.49 35.28
C ASP P 35 -39.50 -39.05 36.28
N ARG P 36 -39.25 -39.27 37.55
CA ARG P 36 -40.18 -38.78 38.57
C ARG P 36 -40.01 -37.27 38.64
N ASP P 37 -41.11 -36.53 38.66
CA ASP P 37 -41.03 -35.08 38.69
C ASP P 37 -40.45 -34.63 40.02
N ILE P 38 -39.55 -33.66 39.97
CA ILE P 38 -38.95 -33.17 41.20
C ILE P 38 -39.16 -31.67 41.38
N ASP P 39 -39.71 -31.28 42.52
CA ASP P 39 -39.90 -29.86 42.80
C ASP P 39 -38.68 -29.28 43.48
N LEU P 40 -37.62 -29.06 42.72
CA LEU P 40 -36.42 -28.49 43.28
C LEU P 40 -36.59 -26.99 43.47
N ASP P 41 -36.29 -26.50 44.67
CA ASP P 41 -36.38 -25.06 44.93
C ASP P 41 -37.73 -24.49 44.56
N GLY P 42 -38.81 -25.19 44.92
CA GLY P 42 -40.14 -24.75 44.55
C GLY P 42 -40.52 -25.08 43.12
N THR P 43 -39.68 -24.70 42.16
CA THR P 43 -39.99 -24.94 40.76
C THR P 43 -40.09 -26.43 40.53
N ARG P 44 -41.11 -26.84 39.78
CA ARG P 44 -41.29 -28.25 39.52
C ARG P 44 -40.74 -28.57 38.17
N CYS P 45 -39.82 -29.53 38.12
CA CYS P 45 -39.31 -29.95 36.85
C CYS P 45 -39.92 -31.31 36.63
N ALA P 46 -40.62 -31.49 35.53
CA ALA P 46 -41.22 -32.77 35.21
C ALA P 46 -40.37 -33.29 34.09
N ALA P 47 -40.34 -34.60 33.87
CA ALA P 47 -39.44 -35.09 32.85
C ALA P 47 -39.87 -34.43 31.56
N GLY P 48 -41.16 -34.44 31.25
CA GLY P 48 -41.64 -33.70 30.10
C GLY P 48 -40.87 -33.94 28.82
N ALA P 49 -40.56 -35.19 28.48
CA ALA P 49 -39.73 -35.47 27.31
C ALA P 49 -38.45 -34.63 27.34
N ALA P 50 -37.71 -34.73 28.44
CA ALA P 50 -36.51 -33.89 28.59
C ALA P 50 -35.52 -34.07 27.47
N LEU P 51 -34.94 -32.98 27.01
CA LEU P 51 -34.00 -33.04 25.90
C LEU P 51 -32.85 -33.94 26.30
N ASP P 52 -32.46 -34.84 25.41
CA ASP P 52 -31.42 -35.80 25.75
C ASP P 52 -30.00 -35.28 25.60
N ALA P 53 -29.17 -35.56 26.60
CA ALA P 53 -27.77 -35.15 26.52
C ALA P 53 -26.87 -36.39 26.56
N SER P 54 -26.05 -36.58 25.54
CA SER P 54 -25.24 -37.80 25.48
C SER P 54 -23.73 -37.61 25.42
N THR P 55 -23.21 -36.85 24.45
CA THR P 55 -21.77 -36.72 24.30
C THR P 55 -21.31 -35.45 24.98
N ALA P 56 -20.63 -35.58 26.10
CA ALA P 56 -20.28 -34.38 26.86
C ALA P 56 -19.19 -33.52 26.29
N ALA P 57 -19.49 -32.25 26.04
CA ALA P 57 -18.46 -31.34 25.59
C ALA P 57 -18.31 -30.37 26.73
N ARG P 58 -17.18 -30.39 27.40
CA ARG P 58 -16.98 -29.40 28.44
C ARG P 58 -15.67 -28.67 28.32
N SER P 59 -15.75 -27.39 28.06
CA SER P 59 -14.54 -26.58 28.01
C SER P 59 -15.00 -25.42 28.84
N LEU P 60 -14.12 -24.85 29.64
CA LEU P 60 -14.58 -23.79 30.54
C LEU P 60 -14.63 -22.46 29.82
N GLY P 61 -15.43 -22.35 28.77
CA GLY P 61 -15.60 -21.07 28.10
C GLY P 61 -14.49 -20.74 27.12
N ILE P 62 -13.42 -21.53 27.11
CA ILE P 62 -12.38 -21.33 26.11
C ILE P 62 -13.10 -21.65 24.85
N THR P 63 -13.91 -22.70 24.91
CA THR P 63 -14.73 -23.06 23.79
C THR P 63 -16.14 -22.99 24.31
N PRO P 64 -17.00 -22.22 23.64
CA PRO P 64 -18.38 -22.27 24.10
C PRO P 64 -18.94 -23.62 23.70
N ASP P 65 -19.56 -24.33 24.63
CA ASP P 65 -20.07 -25.65 24.32
C ASP P 65 -21.52 -25.52 23.95
N ASP P 66 -21.82 -25.76 22.69
CA ASP P 66 -23.21 -25.71 22.26
C ASP P 66 -23.73 -27.13 22.28
N MET P 67 -24.38 -27.52 23.36
CA MET P 67 -24.81 -28.90 23.47
C MET P 67 -25.99 -29.11 22.54
N ASP P 68 -25.93 -30.14 21.71
CA ASP P 68 -27.04 -30.42 20.82
C ASP P 68 -28.06 -31.22 21.57
N ALA P 69 -28.73 -30.57 22.51
CA ALA P 69 -29.70 -31.26 23.32
C ALA P 69 -30.98 -31.31 22.53
N GLY P 70 -31.02 -32.22 21.57
CA GLY P 70 -32.22 -32.37 20.78
C GLY P 70 -32.92 -33.55 21.40
N GLY P 71 -34.16 -33.35 21.78
CA GLY P 71 -34.89 -34.41 22.47
C GLY P 71 -36.19 -34.52 21.74
N ALA P 72 -36.99 -35.52 22.06
CA ALA P 72 -38.28 -35.59 21.43
C ALA P 72 -38.99 -34.30 21.80
N LEU P 73 -39.61 -33.66 20.82
CA LEU P 73 -40.28 -32.41 21.09
C LEU P 73 -41.42 -32.67 22.02
N SER P 74 -41.56 -31.83 23.03
CA SER P 74 -42.69 -31.97 23.91
C SER P 74 -43.60 -30.85 23.53
N ALA P 75 -44.80 -31.19 23.07
CA ALA P 75 -45.74 -30.18 22.63
C ALA P 75 -46.15 -29.29 23.79
N ASP P 76 -46.40 -29.90 24.94
CA ASP P 76 -46.80 -29.12 26.10
C ASP P 76 -45.73 -28.18 26.52
N ALA P 77 -44.51 -28.68 26.63
CA ALA P 77 -43.39 -27.85 27.03
C ALA P 77 -43.03 -26.80 26.01
N ILE P 78 -42.97 -27.19 24.74
CA ILE P 78 -42.52 -26.26 23.70
C ILE P 78 -43.49 -26.25 22.51
N THR P 79 -43.77 -25.07 21.98
CA THR P 79 -44.66 -24.97 20.83
C THR P 79 -43.93 -24.60 19.54
N GLU P 80 -44.24 -25.31 18.46
CA GLU P 80 -43.60 -25.05 17.18
C GLU P 80 -43.91 -23.66 16.65
N ALA P 81 -45.15 -23.20 16.84
CA ALA P 81 -45.51 -21.87 16.39
C ALA P 81 -44.68 -20.83 17.11
N ASP P 82 -44.47 -21.02 18.41
CA ASP P 82 -43.62 -20.11 19.17
C ASP P 82 -42.20 -20.19 18.67
N LEU P 83 -41.74 -21.38 18.30
CA LEU P 83 -40.41 -21.52 17.74
C LEU P 83 -40.32 -20.74 16.45
N ARG P 84 -41.36 -20.82 15.62
CA ARG P 84 -41.38 -20.05 14.38
C ARG P 84 -41.39 -18.58 14.73
N ALA P 85 -42.14 -18.22 15.77
CA ALA P 85 -42.17 -16.84 16.23
C ALA P 85 -40.80 -16.42 16.70
N GLY P 86 -40.06 -17.36 17.29
CA GLY P 86 -38.74 -17.04 17.80
C GLY P 86 -38.77 -16.70 19.27
N ARG P 87 -39.93 -16.89 19.91
CA ARG P 87 -40.00 -16.68 21.35
C ARG P 87 -39.08 -17.70 21.99
N TYR P 88 -39.12 -18.93 21.48
CA TYR P 88 -38.21 -19.96 21.98
C TYR P 88 -36.76 -19.71 21.58
N ASP P 89 -36.55 -19.02 20.47
CA ASP P 89 -35.19 -18.71 20.05
C ASP P 89 -34.55 -17.82 21.10
N GLY P 90 -33.24 -17.95 21.28
CA GLY P 90 -32.56 -17.18 22.31
C GLY P 90 -33.06 -17.51 23.70
N ALA P 91 -33.42 -18.77 23.92
CA ALA P 91 -33.84 -19.19 25.25
C ALA P 91 -32.62 -19.50 26.08
N GLN P 92 -32.54 -18.93 27.28
CA GLN P 92 -31.44 -19.24 28.15
C GLN P 92 -31.82 -20.38 29.07
N VAL P 93 -31.15 -21.51 28.92
CA VAL P 93 -31.44 -22.64 29.75
C VAL P 93 -30.27 -22.88 30.68
N GLU P 94 -30.55 -22.85 31.97
CA GLU P 94 -29.49 -23.08 32.93
C GLU P 94 -29.60 -24.53 33.31
N VAL P 95 -28.54 -25.28 33.07
CA VAL P 95 -28.59 -26.69 33.38
C VAL P 95 -28.10 -26.82 34.80
N TRP P 96 -28.99 -27.20 35.70
CA TRP P 96 -28.61 -27.33 37.08
C TRP P 96 -28.62 -28.80 37.39
N GLU P 97 -27.50 -29.33 37.87
CA GLU P 97 -27.46 -30.72 38.25
C GLU P 97 -28.06 -30.86 39.62
N VAL P 98 -29.03 -31.75 39.74
CA VAL P 98 -29.68 -31.97 41.03
C VAL P 98 -29.68 -33.45 41.25
N ASN P 99 -29.83 -33.87 42.50
CA ASN P 99 -29.91 -35.29 42.78
C ASN P 99 -31.26 -35.65 43.35
N TRP P 100 -31.84 -36.74 42.88
CA TRP P 100 -33.12 -37.19 43.41
C TRP P 100 -32.91 -37.55 44.87
N THR P 101 -31.75 -38.12 45.19
CA THR P 101 -31.45 -38.47 46.55
C THR P 101 -31.49 -37.22 47.41
N ASP P 102 -30.88 -36.13 46.94
CA ASP P 102 -30.99 -34.89 47.69
C ASP P 102 -31.39 -33.68 46.87
N PRO P 103 -32.60 -33.15 47.11
CA PRO P 103 -33.05 -31.95 46.42
C PRO P 103 -32.19 -30.75 46.77
N ALA P 104 -31.70 -30.70 48.00
CA ALA P 104 -30.94 -29.52 48.44
C ALA P 104 -29.70 -29.26 47.61
N VAL P 105 -29.00 -30.30 47.19
CA VAL P 105 -27.77 -30.06 46.46
C VAL P 105 -28.05 -29.81 45.00
N ARG P 106 -28.01 -28.55 44.60
CA ARG P 106 -28.19 -28.24 43.20
C ARG P 106 -27.00 -27.41 42.78
N GLY P 107 -26.27 -27.89 41.78
CA GLY P 107 -25.15 -27.14 41.28
C GLY P 107 -25.32 -26.99 39.80
N ARG P 108 -25.12 -25.81 39.28
CA ARG P 108 -25.37 -25.61 37.86
C ARG P 108 -24.21 -26.23 37.12
N LEU P 109 -24.50 -27.24 36.29
CA LEU P 109 -23.44 -27.83 35.49
C LEU P 109 -22.94 -26.77 34.54
N GLY P 110 -23.85 -26.05 33.90
CA GLY P 110 -23.47 -24.99 33.00
C GLY P 110 -24.61 -24.05 32.71
N VAL P 111 -24.30 -22.85 32.24
CA VAL P 111 -25.35 -21.92 31.85
C VAL P 111 -25.32 -21.93 30.33
N TYR P 112 -26.47 -22.15 29.70
CA TYR P 112 -26.48 -22.28 28.25
C TYR P 112 -27.59 -21.51 27.61
N THR P 113 -27.43 -21.15 26.35
CA THR P 113 -28.48 -20.46 25.63
C THR P 113 -28.77 -21.23 24.36
N ILE P 114 -30.02 -21.56 24.11
CA ILE P 114 -30.32 -22.23 22.85
C ILE P 114 -30.00 -21.23 21.75
N GLY P 115 -29.22 -21.67 20.77
CA GLY P 115 -28.89 -20.80 19.67
C GLY P 115 -29.38 -21.35 18.36
N GLN P 116 -28.90 -22.53 18.00
CA GLN P 116 -29.28 -23.11 16.71
C GLN P 116 -30.35 -24.12 16.97
N VAL P 117 -31.53 -23.87 16.42
CA VAL P 117 -32.64 -24.76 16.69
C VAL P 117 -33.25 -25.33 15.42
N GLU P 118 -33.50 -26.63 15.39
CA GLU P 118 -34.09 -27.27 14.22
C GLU P 118 -35.22 -28.12 14.72
N ARG P 119 -36.15 -28.47 13.84
CA ARG P 119 -37.31 -29.24 14.26
C ARG P 119 -37.54 -30.47 13.40
N GLY P 120 -38.31 -31.41 13.91
CA GLY P 120 -38.61 -32.63 13.18
C GLY P 120 -40.12 -32.76 13.34
N PRO P 121 -40.74 -33.70 12.64
CA PRO P 121 -42.20 -33.74 12.72
C PRO P 121 -42.69 -33.97 14.15
N LEU P 122 -42.07 -34.89 14.87
CA LEU P 122 -42.43 -35.12 16.27
C LEU P 122 -41.26 -34.91 17.22
N ALA P 123 -40.13 -34.42 16.71
CA ALA P 123 -38.94 -34.26 17.53
C ALA P 123 -38.28 -32.92 17.28
N PHE P 124 -37.36 -32.51 18.14
CA PHE P 124 -36.63 -31.27 17.88
C PHE P 124 -35.14 -31.44 18.12
N ARG P 125 -34.33 -30.65 17.44
CA ARG P 125 -32.89 -30.69 17.67
C ARG P 125 -32.42 -29.27 18.01
N ALA P 126 -31.79 -29.07 19.17
CA ALA P 126 -31.40 -27.72 19.56
C ALA P 126 -29.98 -27.62 20.09
N GLU P 127 -29.27 -26.57 19.71
CA GLU P 127 -27.91 -26.38 20.21
C GLU P 127 -27.90 -25.37 21.32
N LEU P 128 -27.51 -25.80 22.51
CA LEU P 128 -27.47 -24.93 23.67
C LEU P 128 -26.10 -24.30 23.82
N ARG P 129 -25.83 -23.23 23.09
CA ARG P 129 -24.52 -22.58 23.14
C ARG P 129 -24.25 -21.90 24.47
N THR P 130 -23.01 -21.92 24.91
CA THR P 130 -22.65 -21.24 26.15
C THR P 130 -22.68 -19.72 25.95
N ARG P 131 -22.78 -18.98 27.04
CA ARG P 131 -22.86 -17.52 26.96
C ARG P 131 -21.68 -16.80 26.27
N PRO P 132 -20.46 -17.34 26.38
CA PRO P 132 -19.40 -16.64 25.65
C PRO P 132 -19.68 -16.51 24.17
N ALA P 133 -20.31 -17.49 23.53
CA ALA P 133 -20.51 -17.40 22.09
C ALA P 133 -21.33 -16.18 21.68
N LEU P 134 -22.42 -15.91 22.39
CA LEU P 134 -23.21 -14.71 22.10
C LEU P 134 -22.42 -13.46 22.41
N TRP P 135 -21.68 -13.47 23.52
CA TRP P 135 -20.87 -12.32 23.89
C TRP P 135 -19.83 -12.07 22.83
N ASN P 136 -19.31 -13.15 22.24
CA ASN P 136 -18.27 -13.02 21.24
C ASN P 136 -18.73 -12.47 19.88
N ARG P 137 -20.03 -12.31 19.69
CA ARG P 137 -20.48 -11.71 18.45
C ARG P 137 -19.86 -10.33 18.32
N PRO P 138 -19.38 -9.98 17.11
CA PRO P 138 -18.67 -8.70 16.97
C PRO P 138 -19.51 -7.53 16.53
N GLU P 139 -19.67 -6.54 17.40
CA GLU P 139 -20.38 -5.31 17.01
C GLU P 139 -19.59 -4.38 16.12
N GLY P 140 -18.33 -4.11 16.49
CA GLY P 140 -17.47 -3.25 15.69
C GLY P 140 -17.48 -1.76 15.99
N ARG P 141 -18.46 -1.26 16.73
CA ARG P 141 -18.46 0.16 17.14
C ARG P 141 -18.22 1.11 15.98
N ILE P 142 -18.86 0.87 14.84
CA ILE P 142 -18.59 1.69 13.67
C ILE P 142 -18.96 3.14 13.87
N HIS P 143 -18.09 4.04 13.42
CA HIS P 143 -18.41 5.47 13.51
C HIS P 143 -18.44 6.02 12.09
N THR P 144 -19.54 6.67 11.72
CA THR P 144 -19.70 7.11 10.34
C THR P 144 -20.66 8.29 10.20
N ALA P 145 -20.92 8.76 8.97
CA ALA P 145 -21.72 9.97 8.77
C ALA P 145 -23.15 10.02 9.32
N LEU P 146 -23.93 8.95 9.20
CA LEU P 146 -25.32 9.02 9.64
C LEU P 146 -25.41 9.07 11.16
N CYS P 147 -26.52 9.57 11.67
CA CYS P 147 -26.68 9.57 13.11
C CYS P 147 -26.57 8.13 13.52
N ASP P 148 -25.82 7.85 14.56
CA ASP P 148 -25.67 6.49 15.04
C ASP P 148 -26.62 6.36 16.20
N VAL P 149 -27.55 7.31 16.30
CA VAL P 149 -28.54 7.28 17.38
C VAL P 149 -29.31 5.97 17.25
N ASP P 150 -29.60 5.56 16.02
CA ASP P 150 -30.33 4.31 15.79
C ASP P 150 -31.69 4.40 16.44
N ARG P 151 -32.05 3.39 17.23
CA ARG P 151 -33.34 3.41 17.88
C ARG P 151 -33.35 4.59 18.81
N LEU P 152 -34.41 5.38 18.75
CA LEU P 152 -34.49 6.59 19.56
C LEU P 152 -34.78 6.30 21.03
N GLY P 153 -34.41 7.22 21.90
CA GLY P 153 -34.71 7.07 23.30
C GLY P 153 -33.73 6.23 24.11
N ASP P 154 -32.63 5.82 23.47
CA ASP P 154 -31.62 5.08 24.21
C ASP P 154 -30.87 6.03 25.12
N HIS P 155 -30.15 5.49 26.09
CA HIS P 155 -29.46 6.33 27.04
C HIS P 155 -28.47 7.21 26.32
N ARG P 156 -27.77 6.67 25.33
CA ARG P 156 -26.86 7.49 24.55
C ARG P 156 -27.63 8.54 23.76
N CYS P 157 -28.75 8.14 23.15
CA CYS P 157 -29.51 9.07 22.32
C CYS P 157 -30.08 10.22 23.11
N LYS P 158 -30.57 9.95 24.32
CA LYS P 158 -31.18 10.99 25.15
C LYS P 158 -32.28 11.66 24.36
N LEU P 159 -33.03 10.89 23.59
CA LEU P 159 -34.09 11.45 22.77
C LEU P 159 -35.28 11.87 23.59
N ALA P 160 -35.82 13.04 23.31
CA ALA P 160 -37.01 13.50 24.03
C ALA P 160 -38.19 12.60 23.74
N LEU P 161 -38.35 12.19 22.48
CA LEU P 161 -39.44 11.29 22.11
C LEU P 161 -40.76 11.90 22.51
N GLY P 162 -41.57 11.19 23.28
CA GLY P 162 -42.80 11.78 23.77
C GLY P 162 -43.95 12.05 22.83
N PRO P 163 -44.25 13.34 22.57
CA PRO P 163 -45.44 13.67 21.78
C PRO P 163 -45.54 13.07 20.39
N TRP P 164 -44.47 12.97 19.63
CA TRP P 164 -44.62 12.46 18.27
C TRP P 164 -45.18 11.03 18.24
N GLN P 165 -44.76 10.18 19.19
CA GLN P 165 -45.25 8.80 19.24
C GLN P 165 -46.75 8.72 19.48
N SER P 166 -47.43 7.79 18.82
CA SER P 166 -48.88 7.68 18.94
C SER P 166 -49.37 6.23 19.02
N ALA P 167 -50.59 6.02 19.50
CA ALA P 167 -51.14 4.66 19.61
C ALA P 167 -52.31 4.42 18.68
N ALA P 168 -52.31 3.29 17.97
CA ALA P 168 -53.37 3.02 16.98
C ALA P 168 -53.94 1.61 17.04
N THR P 169 -55.13 1.43 16.49
CA THR P 169 -55.72 0.09 16.44
C THR P 169 -55.89 -0.33 14.98
N VAL P 170 -55.53 -1.57 14.66
CA VAL P 170 -55.58 -2.01 13.27
C VAL P 170 -57.00 -2.00 12.73
N ILE P 171 -57.19 -1.47 11.53
CA ILE P 171 -58.51 -1.51 10.92
C ILE P 171 -58.65 -2.67 9.92
N GLU P 172 -57.56 -3.01 9.24
CA GLU P 172 -57.59 -4.09 8.28
C GLU P 172 -56.36 -4.95 8.45
N ALA P 173 -56.52 -6.27 8.39
CA ALA P 173 -55.36 -7.14 8.48
C ALA P 173 -54.86 -7.47 7.08
N ASP P 174 -53.74 -6.87 6.69
CA ASP P 174 -53.17 -7.11 5.38
C ASP P 174 -51.78 -7.71 5.48
N GLY P 175 -51.48 -8.37 6.58
CA GLY P 175 -50.14 -8.89 6.77
C GLY P 175 -49.16 -7.73 6.83
N ALA P 176 -48.17 -7.72 5.97
CA ALA P 176 -47.16 -6.68 6.00
C ALA P 176 -47.77 -5.30 5.78
N ASP P 177 -48.78 -5.21 4.92
CA ASP P 177 -49.35 -3.90 4.59
C ASP P 177 -50.63 -3.55 5.33
N LEU P 178 -50.79 -4.04 6.55
CA LEU P 178 -52.05 -3.83 7.26
C LEU P 178 -52.44 -2.37 7.41
N ILE P 179 -53.72 -2.09 7.16
CA ILE P 179 -54.20 -0.72 7.31
C ILE P 179 -54.65 -0.53 8.75
N VAL P 180 -54.28 0.60 9.35
CA VAL P 180 -54.60 0.83 10.74
C VAL P 180 -55.39 2.13 10.89
N SER P 181 -56.07 2.29 12.01
CA SER P 181 -56.87 3.48 12.25
C SER P 181 -56.48 4.13 13.56
N GLY P 182 -56.81 5.41 13.74
CA GLY P 182 -56.41 6.11 14.94
C GLY P 182 -55.10 6.86 14.79
N LEU P 183 -54.57 6.92 13.57
CA LEU P 183 -53.35 7.67 13.34
C LEU P 183 -53.62 8.90 12.49
N ASP P 184 -53.11 10.04 12.92
CA ASP P 184 -53.32 11.28 12.20
C ASP P 184 -52.53 11.34 10.90
N GLU P 185 -52.95 12.20 9.98
CA GLU P 185 -52.22 12.36 8.73
C GLU P 185 -50.81 12.85 9.01
N THR P 186 -50.67 13.78 9.96
CA THR P 186 -49.35 14.26 10.35
C THR P 186 -48.51 13.13 10.91
N ALA P 187 -49.14 12.25 11.69
CA ALA P 187 -48.43 11.12 12.28
C ALA P 187 -47.87 10.22 11.18
N SER P 188 -48.62 10.05 10.10
CA SER P 188 -48.11 9.26 8.98
C SER P 188 -46.87 9.92 8.41
N ASN P 189 -45.87 9.12 8.04
CA ASN P 189 -44.61 9.60 7.46
C ASN P 189 -43.67 10.09 8.55
N ILE P 190 -44.12 10.07 9.80
CA ILE P 190 -43.24 10.39 10.90
C ILE P 190 -42.95 9.03 11.46
N PHE P 191 -43.83 8.08 11.16
CA PHE P 191 -43.64 6.72 11.61
C PHE P 191 -42.95 5.94 10.51
N ASP P 192 -42.60 6.61 9.42
CA ASP P 192 -41.87 5.94 8.36
C ASP P 192 -40.54 5.51 8.95
N ARG P 193 -40.12 4.28 8.67
CA ARG P 193 -38.88 3.73 9.24
C ARG P 193 -39.06 3.50 10.73
N GLY P 194 -40.31 3.52 11.18
CA GLY P 194 -40.62 3.33 12.58
C GLY P 194 -40.91 1.90 12.95
N VAL P 195 -41.44 1.67 14.14
CA VAL P 195 -41.82 0.33 14.56
C VAL P 195 -43.27 0.38 15.01
N LEU P 196 -43.96 -0.76 14.95
CA LEU P 196 -45.37 -0.76 15.32
C LEU P 196 -45.59 -1.84 16.35
N ASP P 197 -45.15 -1.58 17.57
CA ASP P 197 -45.26 -2.57 18.62
C ASP P 197 -46.72 -2.88 18.86
N TRP P 198 -47.07 -4.16 18.91
CA TRP P 198 -48.49 -4.48 19.04
C TRP P 198 -48.82 -4.83 20.46
N THR P 199 -49.46 -3.90 21.16
CA THR P 199 -49.88 -4.19 22.51
C THR P 199 -50.89 -5.33 22.48
N GLY P 200 -51.82 -5.27 21.54
CA GLY P 200 -52.80 -6.32 21.39
C GLY P 200 -52.21 -7.57 20.78
N GLY P 201 -52.76 -8.73 21.16
CA GLY P 201 -52.29 -9.98 20.57
C GLY P 201 -51.07 -10.59 21.21
N ALA P 202 -50.57 -11.66 20.62
CA ALA P 202 -49.40 -12.37 21.17
C ALA P 202 -48.14 -11.53 21.18
N ASN P 203 -48.04 -10.57 20.25
CA ASN P 203 -46.83 -9.78 20.16
C ASN P 203 -46.56 -9.05 21.45
N ALA P 204 -47.60 -8.51 22.08
CA ALA P 204 -47.44 -7.88 23.39
C ALA P 204 -46.33 -6.84 23.39
N GLY P 205 -46.36 -5.91 22.44
CA GLY P 205 -45.31 -4.92 22.34
C GLY P 205 -44.19 -5.28 21.39
N THR P 206 -44.33 -6.38 20.67
CA THR P 206 -43.32 -6.72 19.68
C THR P 206 -43.79 -6.10 18.37
N GLY P 207 -42.95 -5.29 17.76
CA GLY P 207 -43.36 -4.61 16.55
C GLY P 207 -42.51 -4.79 15.32
N SER P 208 -43.14 -5.12 14.19
CA SER P 208 -42.40 -5.20 12.95
C SER P 208 -42.05 -3.79 12.52
N ASP P 209 -40.89 -3.63 11.88
CA ASP P 209 -40.50 -2.32 11.43
C ASP P 209 -41.47 -1.84 10.38
N ILE P 210 -41.82 -0.56 10.42
CA ILE P 210 -42.70 -0.01 9.41
C ILE P 210 -41.85 0.51 8.27
N ARG P 211 -41.84 -0.22 7.15
CA ARG P 211 -41.10 0.25 6.00
C ARG P 211 -41.68 1.53 5.46
N VAL P 212 -43.00 1.58 5.35
CA VAL P 212 -43.65 2.76 4.79
C VAL P 212 -44.86 3.11 5.63
N ALA P 213 -45.10 4.40 5.84
CA ALA P 213 -46.29 4.82 6.59
C ALA P 213 -47.02 5.84 5.74
N ARG P 214 -47.77 5.36 4.76
CA ARG P 214 -48.46 6.27 3.85
C ARG P 214 -49.92 6.42 4.21
N PRO P 215 -50.37 7.67 4.41
CA PRO P 215 -51.75 7.89 4.81
C PRO P 215 -52.75 7.49 3.74
N VAL P 216 -53.84 6.84 4.13
CA VAL P 216 -54.87 6.40 3.18
C VAL P 216 -56.23 6.62 3.82
N ALA P 217 -57.30 6.29 3.10
CA ALA P 217 -58.63 6.40 3.66
C ALA P 217 -58.78 5.44 4.83
N GLY P 218 -59.60 5.80 5.81
CA GLY P 218 -59.75 4.96 6.99
C GLY P 218 -58.48 4.76 7.79
N GLY P 219 -57.70 5.82 7.96
CA GLY P 219 -56.48 5.73 8.73
C GLY P 219 -55.28 5.37 7.89
N VAL P 220 -54.12 5.27 8.50
CA VAL P 220 -52.91 5.03 7.73
C VAL P 220 -52.65 3.58 7.39
N ARG P 221 -52.41 3.29 6.11
CA ARG P 221 -52.03 1.94 5.77
C ARG P 221 -50.58 1.84 6.18
N VAL P 222 -50.24 0.83 6.95
CA VAL P 222 -48.88 0.72 7.42
C VAL P 222 -48.24 -0.43 6.68
N SER P 223 -47.20 -0.13 5.91
CA SER P 223 -46.49 -1.19 5.22
C SER P 223 -45.30 -1.54 6.04
N LEU P 224 -45.37 -2.67 6.73
CA LEU P 224 -44.25 -3.11 7.53
C LEU P 224 -43.18 -3.69 6.64
N TRP P 225 -41.95 -3.67 7.11
CA TRP P 225 -40.86 -4.25 6.34
C TRP P 225 -41.15 -5.73 6.20
N SER P 226 -41.65 -6.35 7.26
CA SER P 226 -41.94 -7.77 7.23
C SER P 226 -43.31 -8.09 7.79
N ALA P 227 -43.85 -9.25 7.42
CA ALA P 227 -45.13 -9.66 7.96
C ALA P 227 -45.00 -9.84 9.46
N PRO P 228 -46.03 -9.46 10.23
CA PRO P 228 -45.94 -9.54 11.69
C PRO P 228 -45.76 -10.95 12.21
N PRO P 229 -44.93 -11.11 13.25
CA PRO P 229 -44.83 -12.45 13.84
C PRO P 229 -46.18 -12.75 14.47
N PHE P 230 -46.76 -13.93 14.18
CA PHE P 230 -48.08 -14.33 14.72
C PHE P 230 -49.13 -13.68 13.83
N PRO P 231 -50.32 -14.30 13.71
CA PRO P 231 -51.26 -13.60 12.85
C PRO P 231 -51.92 -12.46 13.59
N ILE P 232 -51.78 -11.24 13.09
CA ILE P 232 -52.32 -10.10 13.83
C ILE P 232 -53.74 -9.81 13.39
N THR P 233 -54.67 -9.94 14.33
CA THR P 233 -56.07 -9.67 14.03
C THR P 233 -56.37 -8.18 13.94
N ALA P 234 -57.38 -7.82 13.16
CA ALA P 234 -57.78 -6.41 13.10
C ALA P 234 -58.31 -5.98 14.45
N GLY P 235 -58.01 -4.74 14.84
CA GLY P 235 -58.45 -4.23 16.13
C GLY P 235 -57.47 -4.50 17.24
N ASP P 236 -56.37 -5.19 16.93
CA ASP P 236 -55.34 -5.40 17.94
C ASP P 236 -54.73 -4.04 18.25
N THR P 237 -54.49 -3.77 19.53
CA THR P 237 -53.87 -2.51 19.90
C THR P 237 -52.43 -2.46 19.43
N ALA P 238 -51.99 -1.29 18.99
CA ALA P 238 -50.60 -1.14 18.57
C ALA P 238 -50.07 0.20 18.99
N ASN P 239 -48.77 0.29 19.19
CA ASN P 239 -48.18 1.57 19.51
C ASN P 239 -47.29 1.91 18.36
N ALA P 240 -47.59 3.00 17.68
CA ALA P 240 -46.77 3.43 16.56
C ALA P 240 -45.55 4.15 17.09
N THR P 241 -44.39 3.85 16.53
CA THR P 241 -43.16 4.46 17.00
C THR P 241 -42.57 5.31 15.90
N VAL P 242 -42.17 6.53 16.24
CA VAL P 242 -41.59 7.42 15.25
C VAL P 242 -40.32 6.81 14.71
N GLY P 243 -40.13 6.90 13.40
CA GLY P 243 -38.93 6.38 12.80
C GLY P 243 -38.07 7.49 12.28
N CYS P 244 -36.80 7.49 12.65
CA CYS P 244 -35.90 8.52 12.17
C CYS P 244 -34.97 7.91 11.17
N ASP P 245 -34.84 8.54 10.02
CA ASP P 245 -33.93 8.05 8.99
C ASP P 245 -32.52 8.15 9.52
N ARG P 246 -32.27 9.07 10.45
CA ARG P 246 -30.94 9.28 11.05
C ARG P 246 -30.05 10.05 10.11
N THR P 247 -30.62 10.58 9.04
CA THR P 247 -29.84 11.44 8.18
C THR P 247 -29.68 12.68 9.01
N ALA P 248 -28.62 13.43 8.80
CA ALA P 248 -28.39 14.58 9.66
C ALA P 248 -29.57 15.52 9.53
N ASP P 249 -30.06 15.70 8.31
CA ASP P 249 -31.21 16.56 8.10
C ASP P 249 -32.44 16.01 8.81
N THR P 250 -32.66 14.70 8.68
CA THR P 250 -33.80 14.08 9.34
C THR P 250 -33.67 14.19 10.85
N CYS P 251 -32.48 13.95 11.36
CA CYS P 251 -32.26 14.00 12.79
C CYS P 251 -32.56 15.42 13.24
N ARG P 252 -32.05 16.39 12.51
CA ARG P 252 -32.28 17.79 12.86
C ARG P 252 -33.74 18.18 12.77
N ASN P 253 -34.40 17.78 11.69
CA ASN P 253 -35.78 18.21 11.52
C ASN P 253 -36.68 17.63 12.58
N ARG P 254 -36.55 16.33 12.82
CA ARG P 254 -37.44 15.69 13.77
C ARG P 254 -37.21 16.12 15.21
N PHE P 255 -35.94 16.12 15.63
CA PHE P 255 -35.65 16.48 17.02
C PHE P 255 -34.50 17.46 17.23
N ASP P 256 -33.56 17.52 16.28
CA ASP P 256 -32.39 18.38 16.44
C ASP P 256 -31.62 18.16 17.73
N ASN P 257 -31.32 16.91 18.06
CA ASN P 257 -30.53 16.63 19.24
C ASN P 257 -29.06 16.79 18.92
N LEU P 258 -28.61 18.02 18.74
CA LEU P 258 -27.21 18.27 18.42
C LEU P 258 -26.37 17.75 19.54
N ALA P 259 -26.86 17.89 20.77
CA ALA P 259 -26.12 17.45 21.93
C ALA P 259 -25.82 15.97 21.84
N ASN P 260 -26.78 15.18 21.34
CA ASN P 260 -26.59 13.74 21.25
C ASN P 260 -26.88 13.13 19.87
N PHE P 261 -26.46 13.80 18.80
CA PHE P 261 -26.66 13.26 17.46
C PHE P 261 -25.96 11.95 17.15
N ARG P 262 -24.71 11.79 17.59
CA ARG P 262 -23.92 10.59 17.26
C ARG P 262 -23.77 10.53 15.75
N GLY P 263 -23.75 11.69 15.10
CA GLY P 263 -23.62 11.74 13.66
C GLY P 263 -22.45 12.60 13.28
N PHE P 264 -21.64 12.13 12.33
CA PHE P 264 -20.49 12.90 11.87
C PHE P 264 -20.54 12.97 10.36
N PRO P 265 -21.53 13.68 9.80
CA PRO P 265 -21.71 13.71 8.34
C PRO P 265 -20.93 14.72 7.50
N LEU P 266 -20.71 15.93 8.00
CA LEU P 266 -20.08 16.95 7.15
C LEU P 266 -18.59 16.99 7.37
N MET P 267 -17.84 16.80 6.30
CA MET P 267 -16.39 16.76 6.43
C MET P 267 -15.66 17.93 5.76
N MET Q 1 22.21 -55.25 -1.15
CA MET Q 1 20.78 -55.46 -1.32
C MET Q 1 20.48 -55.67 -2.80
N THR Q 2 21.51 -55.52 -3.64
CA THR Q 2 21.32 -55.81 -5.06
C THR Q 2 21.00 -57.28 -5.18
N ASP Q 3 21.72 -58.11 -4.43
CA ASP Q 3 21.44 -59.54 -4.43
C ASP Q 3 20.05 -59.78 -3.86
N TYR Q 4 19.65 -58.98 -2.88
CA TYR Q 4 18.31 -59.11 -2.32
C TYR Q 4 17.26 -58.88 -3.39
N THR Q 5 17.50 -57.93 -4.30
CA THR Q 5 16.57 -57.75 -5.40
C THR Q 5 16.54 -59.01 -6.24
N ASP Q 6 17.70 -59.62 -6.46
CA ASP Q 6 17.75 -60.89 -7.18
C ASP Q 6 17.01 -61.95 -6.38
N HIS Q 7 17.17 -61.92 -5.07
CA HIS Q 7 16.48 -62.86 -4.20
C HIS Q 7 14.99 -62.67 -4.33
N LEU Q 8 14.56 -61.42 -4.46
CA LEU Q 8 13.14 -61.15 -4.64
C LEU Q 8 12.65 -61.79 -5.92
N ALA Q 9 13.46 -61.71 -6.97
CA ALA Q 9 13.09 -62.33 -8.23
C ALA Q 9 12.95 -63.84 -8.08
N THR Q 10 13.89 -64.47 -7.38
CA THR Q 10 13.77 -65.90 -7.12
C THR Q 10 12.57 -66.18 -6.25
N GLY Q 11 12.32 -65.29 -5.29
CA GLY Q 11 11.22 -65.49 -4.37
C GLY Q 11 11.70 -66.19 -3.12
N CYS Q 12 12.95 -66.62 -3.12
CA CYS Q 12 13.51 -67.24 -1.92
C CYS Q 12 14.12 -66.18 -1.03
N THR Q 13 13.28 -65.30 -0.47
CA THR Q 13 13.78 -64.24 0.38
C THR Q 13 13.10 -64.20 1.72
N THR Q 14 13.87 -64.17 2.80
CA THR Q 14 13.24 -64.00 4.10
C THR Q 14 13.74 -62.68 4.62
N LEU Q 15 12.84 -61.77 4.94
CA LEU Q 15 13.27 -60.44 5.36
C LEU Q 15 13.92 -60.39 6.72
N ALA Q 16 15.08 -59.75 6.80
CA ALA Q 16 15.77 -59.60 8.07
C ALA Q 16 16.10 -58.15 8.33
N ARG Q 17 15.31 -57.23 7.80
CA ARG Q 17 15.65 -55.82 7.92
C ARG Q 17 15.76 -55.40 9.37
N CYS Q 18 16.80 -54.65 9.68
CA CYS Q 18 17.02 -54.24 11.06
C CYS Q 18 16.90 -52.74 11.19
N TYR Q 19 16.06 -52.30 12.12
CA TYR Q 19 15.86 -50.86 12.31
C TYR Q 19 16.86 -50.26 13.26
N ILE Q 20 18.11 -50.12 12.82
CA ILE Q 20 19.13 -49.53 13.68
C ILE Q 20 18.81 -48.06 13.93
N LEU Q 21 18.90 -47.64 15.19
CA LEU Q 21 18.56 -46.27 15.53
C LEU Q 21 19.67 -45.59 16.30
N THR Q 22 20.08 -44.40 15.86
CA THR Q 22 21.08 -43.65 16.62
C THR Q 22 20.42 -42.40 17.16
N ARG Q 23 20.38 -42.27 18.47
CA ARG Q 23 19.77 -41.08 19.08
C ARG Q 23 20.80 -39.98 19.27
N ARG Q 24 20.42 -38.93 19.98
CA ARG Q 24 21.37 -37.86 20.26
C ARG Q 24 22.50 -38.47 21.08
N ASP Q 25 22.18 -39.37 21.99
CA ASP Q 25 23.21 -40.06 22.76
C ASP Q 25 24.07 -40.87 21.81
N GLY Q 26 23.44 -41.45 20.78
CA GLY Q 26 24.17 -42.26 19.83
C GLY Q 26 24.15 -43.73 20.14
N VAL Q 27 23.45 -44.12 21.20
CA VAL Q 27 23.32 -45.53 21.50
C VAL Q 27 22.51 -46.17 20.38
N VAL Q 28 22.89 -47.39 19.97
CA VAL Q 28 22.21 -48.03 18.84
C VAL Q 28 21.44 -49.28 19.23
N MET Q 29 20.16 -49.35 18.86
CA MET Q 29 19.39 -50.55 19.13
C MET Q 29 19.01 -51.17 17.80
N GLY Q 30 19.37 -52.44 17.60
CA GLY Q 30 19.10 -53.05 16.33
C GLY Q 30 17.63 -53.20 15.98
N PHE Q 31 16.82 -53.66 16.94
CA PHE Q 31 15.39 -53.76 16.71
C PHE Q 31 15.08 -54.48 15.41
N THR Q 32 15.77 -55.59 15.14
CA THR Q 32 15.58 -56.26 13.84
C THR Q 32 14.20 -56.84 13.64
N ASP Q 33 13.70 -56.70 12.42
CA ASP Q 33 12.38 -57.26 12.09
C ASP Q 33 12.39 -58.79 12.22
N HIS Q 34 13.49 -59.43 11.79
CA HIS Q 34 13.53 -60.88 11.83
C HIS Q 34 13.44 -61.35 13.26
N ASP Q 35 12.62 -62.36 13.50
CA ASP Q 35 12.44 -62.85 14.86
C ASP Q 35 13.71 -63.43 15.46
N ARG Q 36 14.52 -64.10 14.66
CA ARG Q 36 15.81 -64.55 15.17
C ARG Q 36 16.77 -63.39 14.99
N ASP Q 37 17.51 -63.03 16.03
CA ASP Q 37 18.40 -61.87 15.94
C ASP Q 37 19.50 -62.09 14.91
N ILE Q 38 19.78 -61.06 14.13
CA ILE Q 38 20.81 -61.16 13.11
C ILE Q 38 21.81 -60.02 13.25
N ASP Q 39 23.10 -60.31 13.17
CA ASP Q 39 24.10 -59.26 13.23
C ASP Q 39 24.48 -58.94 11.80
N LEU Q 40 24.30 -57.68 11.41
CA LEU Q 40 24.56 -57.33 10.02
C LEU Q 40 25.60 -56.23 9.88
N ASP Q 41 26.62 -56.48 9.06
CA ASP Q 41 27.65 -55.48 8.80
C ASP Q 41 28.30 -54.92 10.06
N GLY Q 42 28.59 -55.79 11.02
CA GLY Q 42 29.26 -55.34 12.24
C GLY Q 42 28.34 -54.73 13.28
N THR Q 43 27.04 -54.71 13.00
CA THR Q 43 26.09 -54.20 13.97
C THR Q 43 25.21 -55.32 14.41
N ARG Q 44 25.18 -55.58 15.71
CA ARG Q 44 24.31 -56.62 16.22
C ARG Q 44 22.91 -56.06 16.28
N CYS Q 45 21.97 -56.74 15.67
CA CYS Q 45 20.60 -56.29 15.80
C CYS Q 45 19.88 -57.33 16.61
N ALA Q 46 19.49 -56.97 17.81
CA ALA Q 46 18.76 -57.89 18.66
C ALA Q 46 17.36 -57.99 18.13
N ALA Q 47 16.68 -59.09 18.43
CA ALA Q 47 15.30 -59.20 18.00
C ALA Q 47 14.41 -58.47 18.98
N GLY Q 48 14.61 -57.17 19.13
CA GLY Q 48 13.75 -56.37 19.98
C GLY Q 48 12.49 -56.24 19.16
N ALA Q 49 11.37 -55.93 19.79
CA ALA Q 49 10.14 -55.89 19.04
C ALA Q 49 10.30 -54.92 17.89
N ALA Q 50 9.99 -55.37 16.68
CA ALA Q 50 10.12 -54.52 15.52
C ALA Q 50 9.04 -53.47 15.51
N LEU Q 51 9.33 -52.30 14.94
CA LEU Q 51 8.30 -51.29 14.85
C LEU Q 51 7.56 -51.45 13.54
N ASP Q 52 6.37 -52.03 13.59
CA ASP Q 52 5.58 -52.25 12.39
C ASP Q 52 4.18 -51.70 12.62
N ALA Q 53 3.67 -50.90 11.68
CA ALA Q 53 2.35 -50.29 11.90
C ALA Q 53 1.31 -50.52 10.82
N SER Q 54 1.30 -49.68 9.79
CA SER Q 54 0.25 -49.79 8.76
C SER Q 54 0.76 -50.03 7.35
N THR Q 55 1.04 -48.96 6.63
CA THR Q 55 1.46 -49.11 5.24
C THR Q 55 2.61 -48.18 4.93
N ALA Q 56 3.45 -48.55 3.96
CA ALA Q 56 4.62 -47.74 3.68
C ALA Q 56 4.26 -46.41 3.04
N ALA Q 57 4.83 -45.33 3.53
CA ALA Q 57 4.60 -44.04 2.88
C ALA Q 57 5.90 -43.71 2.18
N ARG Q 58 5.90 -43.79 0.86
CA ARG Q 58 7.14 -43.56 0.16
C ARG Q 58 7.07 -42.55 -0.95
N SER Q 59 7.80 -41.46 -0.82
CA SER Q 59 7.87 -40.47 -1.88
C SER Q 59 9.35 -40.19 -1.84
N LEU Q 60 9.97 -39.92 -2.97
CA LEU Q 60 11.42 -39.74 -2.95
C LEU Q 60 11.80 -38.33 -2.57
N GLY Q 61 11.37 -37.85 -1.41
CA GLY Q 61 11.78 -36.54 -0.94
C GLY Q 61 11.02 -35.39 -1.56
N ILE Q 62 10.16 -35.67 -2.53
CA ILE Q 62 9.32 -34.61 -3.09
C ILE Q 62 8.43 -34.21 -1.97
N THR Q 63 7.94 -35.21 -1.24
CA THR Q 63 7.11 -34.95 -0.10
C THR Q 63 7.88 -35.55 1.07
N PRO Q 64 8.11 -34.76 2.12
CA PRO Q 64 8.77 -35.40 3.26
C PRO Q 64 7.82 -36.43 3.87
N ASP Q 65 8.31 -37.63 4.14
CA ASP Q 65 7.43 -38.67 4.66
C ASP Q 65 7.78 -39.02 6.07
N ASP Q 66 6.81 -38.98 6.95
CA ASP Q 66 7.05 -39.40 8.32
C ASP Q 66 6.48 -40.79 8.36
N MET Q 67 7.27 -41.74 8.82
CA MET Q 67 6.81 -43.12 8.81
C MET Q 67 6.34 -43.46 10.21
N ASP Q 68 5.05 -43.71 10.38
CA ASP Q 68 4.53 -43.94 11.73
C ASP Q 68 4.68 -45.37 12.18
N ALA Q 69 5.91 -45.82 12.35
CA ALA Q 69 6.14 -47.16 12.85
C ALA Q 69 5.65 -47.26 14.27
N GLY Q 70 4.98 -48.35 14.61
CA GLY Q 70 4.52 -48.53 15.97
C GLY Q 70 5.30 -49.67 16.58
N GLY Q 71 6.00 -49.38 17.67
CA GLY Q 71 6.82 -50.40 18.30
C GLY Q 71 6.40 -50.66 19.71
N ALA Q 72 6.25 -51.94 20.04
CA ALA Q 72 5.92 -52.27 21.41
C ALA Q 72 7.09 -51.80 22.25
N LEU Q 73 6.81 -51.14 23.37
CA LEU Q 73 7.89 -50.61 24.18
C LEU Q 73 8.74 -51.75 24.69
N SER Q 74 10.04 -51.61 24.58
CA SER Q 74 10.94 -52.62 25.14
C SER Q 74 11.73 -51.88 26.18
N ALA Q 75 11.77 -52.40 27.40
CA ALA Q 75 12.45 -51.68 28.46
C ALA Q 75 13.93 -51.51 28.16
N ASP Q 76 14.56 -52.58 27.67
CA ASP Q 76 15.97 -52.51 27.35
C ASP Q 76 16.23 -51.52 26.23
N ALA Q 77 15.44 -51.60 25.17
CA ALA Q 77 15.62 -50.70 24.04
C ALA Q 77 15.27 -49.24 24.34
N ILE Q 78 14.17 -49.01 25.05
CA ILE Q 78 13.74 -47.65 25.32
C ILE Q 78 13.32 -47.41 26.76
N THR Q 79 13.65 -46.25 27.29
CA THR Q 79 13.23 -45.91 28.65
C THR Q 79 12.35 -44.66 28.61
N GLU Q 80 11.22 -44.71 29.31
CA GLU Q 80 10.29 -43.58 29.29
C GLU Q 80 10.90 -42.31 29.86
N ALA Q 81 11.67 -42.45 30.93
CA ALA Q 81 12.28 -41.28 31.55
C ALA Q 81 13.23 -40.62 30.58
N ASP Q 82 14.01 -41.43 29.86
CA ASP Q 82 14.91 -40.88 28.85
C ASP Q 82 14.13 -40.23 27.73
N LEU Q 83 13.00 -40.83 27.36
CA LEU Q 83 12.16 -40.24 26.33
C LEU Q 83 11.66 -38.89 26.81
N ARG Q 84 11.26 -38.81 28.07
CA ARG Q 84 10.80 -37.54 28.63
C ARG Q 84 11.95 -36.56 28.63
N ALA Q 85 13.14 -37.05 28.95
CA ALA Q 85 14.32 -36.19 28.95
C ALA Q 85 14.57 -35.69 27.55
N GLY Q 86 14.28 -36.52 26.55
CA GLY Q 86 14.52 -36.14 25.17
C GLY Q 86 15.84 -36.60 24.64
N ARG Q 87 16.56 -37.41 25.41
CA ARG Q 87 17.80 -37.98 24.88
C ARG Q 87 17.38 -38.84 23.71
N TYR Q 88 16.29 -39.58 23.89
CA TYR Q 88 15.76 -40.38 22.79
C TYR Q 88 15.26 -39.50 21.65
N ASP Q 89 14.65 -38.37 21.99
CA ASP Q 89 14.10 -37.49 20.97
C ASP Q 89 15.20 -36.98 20.06
N GLY Q 90 14.88 -36.77 18.78
CA GLY Q 90 15.89 -36.36 17.83
C GLY Q 90 16.64 -37.56 17.29
N ALA Q 91 16.16 -38.76 17.59
CA ALA Q 91 16.81 -39.97 17.12
C ALA Q 91 16.78 -40.11 15.62
N GLN Q 92 17.86 -40.63 15.05
CA GLN Q 92 17.91 -40.86 13.62
C GLN Q 92 17.96 -42.36 13.40
N VAL Q 93 17.01 -42.88 12.63
CA VAL Q 93 16.96 -44.31 12.41
C VAL Q 93 17.20 -44.64 10.96
N GLU Q 94 18.14 -45.54 10.71
CA GLU Q 94 18.40 -45.96 9.35
C GLU Q 94 17.85 -47.36 9.21
N VAL Q 95 16.97 -47.56 8.24
CA VAL Q 95 16.41 -48.88 8.03
C VAL Q 95 17.29 -49.55 7.01
N TRP Q 96 17.97 -50.60 7.43
CA TRP Q 96 18.82 -51.33 6.51
C TRP Q 96 18.13 -52.65 6.25
N GLU Q 97 17.88 -52.95 4.99
CA GLU Q 97 17.19 -54.18 4.64
C GLU Q 97 18.20 -55.27 4.41
N VAL Q 98 18.02 -56.39 5.10
CA VAL Q 98 18.95 -57.49 4.99
C VAL Q 98 18.14 -58.74 4.73
N ASN Q 99 18.79 -59.77 4.21
CA ASN Q 99 18.10 -61.03 3.98
C ASN Q 99 18.56 -62.07 4.97
N TRP Q 100 17.62 -62.77 5.60
CA TRP Q 100 18.01 -63.85 6.50
C TRP Q 100 18.70 -64.89 5.64
N THR Q 101 18.18 -65.10 4.43
CA THR Q 101 18.79 -66.06 3.53
C THR Q 101 20.22 -65.65 3.21
N ASP Q 102 20.44 -64.36 2.94
CA ASP Q 102 21.81 -63.91 2.72
C ASP Q 102 22.22 -62.78 3.64
N PRO Q 103 23.08 -63.09 4.62
CA PRO Q 103 23.57 -62.08 5.56
C PRO Q 103 24.39 -61.00 4.90
N ALA Q 104 25.18 -61.35 3.90
CA ALA Q 104 26.09 -60.38 3.28
C ALA Q 104 25.45 -59.14 2.66
N VAL Q 105 24.33 -59.30 1.97
CA VAL Q 105 23.79 -58.13 1.28
C VAL Q 105 22.89 -57.29 2.17
N ARG Q 106 23.37 -56.11 2.53
CA ARG Q 106 22.58 -55.21 3.34
C ARG Q 106 22.52 -53.87 2.63
N GLY Q 107 21.33 -53.36 2.43
CA GLY Q 107 21.19 -52.05 1.80
C GLY Q 107 20.22 -51.23 2.60
N ARG Q 108 20.45 -49.92 2.67
CA ARG Q 108 19.59 -49.10 3.49
C ARG Q 108 18.37 -48.75 2.70
N LEU Q 109 17.21 -49.25 3.13
CA LEU Q 109 15.97 -48.94 2.46
C LEU Q 109 15.70 -47.45 2.58
N GLY Q 110 15.89 -46.91 3.77
CA GLY Q 110 15.69 -45.49 3.97
C GLY Q 110 16.38 -44.93 5.19
N VAL Q 111 16.60 -43.61 5.20
CA VAL Q 111 17.16 -42.98 6.39
C VAL Q 111 16.07 -42.04 6.88
N TYR Q 112 15.72 -42.16 8.15
CA TYR Q 112 14.61 -41.35 8.67
C TYR Q 112 14.91 -40.86 10.06
N THR Q 113 14.26 -39.78 10.46
CA THR Q 113 14.48 -39.23 11.79
C THR Q 113 13.20 -39.29 12.59
N ILE Q 114 13.26 -39.87 13.78
CA ILE Q 114 12.08 -39.90 14.63
C ILE Q 114 11.73 -38.47 14.99
N GLY Q 115 10.47 -38.10 14.84
CA GLY Q 115 10.05 -36.77 15.21
C GLY Q 115 8.96 -36.75 16.25
N GLN Q 116 7.80 -37.31 15.91
CA GLN Q 116 6.67 -37.25 16.85
C GLN Q 116 6.52 -38.57 17.55
N VAL Q 117 6.51 -38.53 18.87
CA VAL Q 117 6.41 -39.76 19.65
C VAL Q 117 5.15 -39.76 20.49
N GLU Q 118 4.38 -40.83 20.41
CA GLU Q 118 3.21 -40.94 21.25
C GLU Q 118 3.43 -42.15 22.13
N ARG Q 119 3.26 -41.99 23.42
CA ARG Q 119 3.53 -43.09 24.33
C ARG Q 119 2.26 -43.68 24.89
N GLY Q 120 2.32 -44.93 25.28
CA GLY Q 120 1.16 -45.61 25.83
C GLY Q 120 1.71 -46.28 27.07
N PRO Q 121 0.84 -46.84 27.92
CA PRO Q 121 1.41 -47.38 29.15
C PRO Q 121 2.44 -48.48 28.87
N LEU Q 122 2.14 -49.37 27.92
CA LEU Q 122 3.05 -50.46 27.60
C LEU Q 122 3.60 -50.46 26.18
N ALA Q 123 3.18 -49.51 25.35
CA ALA Q 123 3.62 -49.49 23.95
C ALA Q 123 3.81 -48.08 23.44
N PHE Q 124 4.59 -47.90 22.38
CA PHE Q 124 4.75 -46.57 21.80
C PHE Q 124 4.67 -46.49 20.28
N ARG Q 125 4.26 -45.35 19.76
CA ARG Q 125 4.19 -45.16 18.32
C ARG Q 125 5.01 -43.92 17.96
N ALA Q 126 5.85 -44.02 16.92
CA ALA Q 126 6.71 -42.89 16.57
C ALA Q 126 6.71 -42.58 15.08
N GLU Q 127 6.87 -41.30 14.74
CA GLU Q 127 6.86 -40.90 13.33
C GLU Q 127 8.27 -40.68 12.83
N LEU Q 128 8.67 -41.46 11.83
CA LEU Q 128 10.00 -41.34 11.27
C LEU Q 128 10.05 -40.35 10.12
N ARG Q 129 10.09 -39.06 10.44
CA ARG Q 129 10.10 -38.04 9.40
C ARG Q 129 11.37 -38.05 8.57
N THR Q 130 11.25 -37.75 7.28
CA THR Q 130 12.43 -37.70 6.43
C THR Q 130 13.28 -36.46 6.71
N ARG Q 131 14.53 -36.49 6.28
CA ARG Q 131 15.43 -35.36 6.50
C ARG Q 131 14.96 -34.04 5.87
N PRO Q 132 14.30 -34.10 4.70
CA PRO Q 132 13.82 -32.81 4.19
C PRO Q 132 12.93 -32.07 5.18
N ALA Q 133 12.09 -32.76 5.95
CA ALA Q 133 11.18 -32.03 6.84
C ALA Q 133 11.95 -31.19 7.85
N LEU Q 134 13.00 -31.75 8.44
CA LEU Q 134 13.83 -30.99 9.37
C LEU Q 134 14.52 -29.84 8.65
N TRP Q 135 15.00 -30.12 7.45
CA TRP Q 135 15.65 -29.08 6.66
C TRP Q 135 14.66 -27.99 6.33
N ASN Q 136 13.41 -28.36 6.11
CA ASN Q 136 12.37 -27.39 5.74
C ASN Q 136 12.07 -26.33 6.80
N ARG Q 137 12.41 -26.59 8.05
CA ARG Q 137 12.21 -25.56 9.07
C ARG Q 137 12.95 -24.30 8.68
N PRO Q 138 12.32 -23.13 8.85
CA PRO Q 138 12.94 -21.89 8.38
C PRO Q 138 13.62 -21.01 9.40
N GLU Q 139 14.94 -20.83 9.28
CA GLU Q 139 15.64 -19.91 10.17
C GLU Q 139 15.24 -18.47 9.91
N GLY Q 140 15.18 -18.08 8.64
CA GLY Q 140 14.75 -16.74 8.27
C GLY Q 140 15.81 -15.64 8.17
N ARG Q 141 16.99 -15.85 8.72
CA ARG Q 141 18.10 -14.87 8.58
C ARG Q 141 17.76 -13.42 8.89
N ILE Q 142 17.02 -13.17 9.96
CA ILE Q 142 16.62 -11.80 10.30
C ILE Q 142 17.79 -11.01 10.87
N HIS Q 143 17.98 -9.77 10.41
CA HIS Q 143 19.03 -8.95 11.01
C HIS Q 143 18.52 -7.60 11.50
N THR Q 144 18.48 -7.40 12.82
CA THR Q 144 18.08 -6.11 13.38
C THR Q 144 18.56 -5.89 14.80
N ALA Q 145 18.80 -4.65 15.20
CA ALA Q 145 19.12 -4.34 16.61
C ALA Q 145 20.26 -5.08 17.30
N LEU Q 146 19.93 -6.03 18.16
CA LEU Q 146 20.95 -6.70 18.98
C LEU Q 146 22.09 -7.41 18.28
N CYS Q 147 23.28 -7.36 18.88
CA CYS Q 147 24.45 -8.00 18.26
C CYS Q 147 24.31 -9.49 18.17
N ASP Q 148 24.98 -10.08 17.19
CA ASP Q 148 24.89 -11.51 17.01
C ASP Q 148 26.04 -12.19 17.71
N VAL Q 149 26.66 -11.49 18.67
CA VAL Q 149 27.68 -12.15 19.46
C VAL Q 149 26.84 -13.25 20.02
N ASP Q 150 25.63 -12.93 20.52
CA ASP Q 150 24.70 -13.98 20.92
C ASP Q 150 25.31 -15.03 21.79
N ARG Q 151 25.12 -16.29 21.39
CA ARG Q 151 25.72 -17.37 22.13
C ARG Q 151 27.21 -17.19 21.97
N LEU Q 152 27.92 -17.19 23.08
CA LEU Q 152 29.35 -16.95 23.02
C LEU Q 152 30.09 -18.11 22.39
N GLY Q 153 31.16 -17.81 21.67
CA GLY Q 153 31.96 -18.87 21.06
C GLY Q 153 31.45 -19.34 19.73
N ASP Q 154 30.39 -18.72 19.23
CA ASP Q 154 29.89 -19.07 17.90
C ASP Q 154 30.97 -18.66 16.93
N HIS Q 155 31.19 -19.45 15.89
CA HIS Q 155 32.27 -19.15 14.96
C HIS Q 155 32.09 -17.79 14.28
N ARG Q 156 30.88 -17.48 13.84
CA ARG Q 156 30.64 -16.16 13.25
C ARG Q 156 30.81 -15.09 14.31
N CYS Q 157 30.33 -15.36 15.52
CA CYS Q 157 30.45 -14.40 16.62
C CYS Q 157 31.90 -14.17 17.00
N LYS Q 158 32.73 -15.21 16.92
CA LYS Q 158 34.17 -15.09 17.22
C LYS Q 158 34.44 -14.52 18.61
N LEU Q 159 33.70 -15.00 19.60
CA LEU Q 159 33.91 -14.54 20.97
C LEU Q 159 35.26 -14.92 21.50
N ALA Q 160 35.84 -14.06 22.34
CA ALA Q 160 37.14 -14.36 22.94
C ALA Q 160 37.07 -15.60 23.82
N LEU Q 161 35.95 -15.80 24.52
CA LEU Q 161 35.80 -16.93 25.44
C LEU Q 161 36.87 -16.81 26.51
N GLY Q 162 37.63 -17.87 26.73
CA GLY Q 162 38.72 -17.77 27.68
C GLY Q 162 38.38 -17.50 29.13
N PRO Q 163 38.85 -16.36 29.66
CA PRO Q 163 38.69 -16.08 31.10
C PRO Q 163 37.29 -16.04 31.69
N TRP Q 164 36.29 -15.52 31.00
CA TRP Q 164 34.98 -15.42 31.65
C TRP Q 164 34.38 -16.76 32.08
N GLN Q 165 34.57 -17.81 31.29
CA GLN Q 165 34.00 -19.11 31.63
C GLN Q 165 34.54 -19.63 32.96
N SER Q 166 33.69 -20.27 33.75
CA SER Q 166 34.11 -20.73 35.08
C SER Q 166 33.67 -22.15 35.41
N ALA Q 167 34.28 -22.74 36.43
CA ALA Q 167 33.91 -24.10 36.86
C ALA Q 167 33.24 -24.06 38.22
N ALA Q 168 32.10 -24.74 38.37
CA ALA Q 168 31.36 -24.70 39.64
C ALA Q 168 30.77 -26.04 40.05
N THR Q 169 30.37 -26.16 41.31
CA THR Q 169 29.70 -27.39 41.77
C THR Q 169 28.45 -26.96 42.53
N VAL Q 170 27.45 -27.83 42.62
CA VAL Q 170 26.21 -27.39 43.26
C VAL Q 170 26.20 -27.62 44.76
N ILE Q 171 26.12 -26.54 45.52
CA ILE Q 171 26.02 -26.68 46.97
C ILE Q 171 24.71 -27.37 47.36
N GLU Q 172 23.62 -27.00 46.69
CA GLU Q 172 22.32 -27.55 47.03
C GLU Q 172 21.55 -27.81 45.76
N ALA Q 173 20.64 -28.78 45.79
CA ALA Q 173 19.80 -29.01 44.62
C ALA Q 173 18.38 -28.52 44.89
N ASP Q 174 17.94 -27.52 44.14
CA ASP Q 174 16.59 -26.99 44.31
C ASP Q 174 15.84 -26.91 42.99
N GLY Q 175 16.14 -27.82 42.07
CA GLY Q 175 15.52 -27.73 40.76
C GLY Q 175 15.98 -26.43 40.12
N ALA Q 176 15.03 -25.59 39.73
CA ALA Q 176 15.38 -24.34 39.05
C ALA Q 176 16.23 -23.42 39.91
N ASP Q 177 16.00 -23.40 41.22
CA ASP Q 177 16.70 -22.45 42.09
C ASP Q 177 17.89 -23.01 42.86
N LEU Q 178 18.54 -24.04 42.32
CA LEU Q 178 19.63 -24.67 43.06
C LEU Q 178 20.74 -23.72 43.46
N ILE Q 179 21.20 -23.83 44.70
CA ILE Q 179 22.31 -23.00 45.15
C ILE Q 179 23.61 -23.64 44.68
N VAL Q 180 24.55 -22.83 44.21
CA VAL Q 180 25.79 -23.39 43.69
C VAL Q 180 27.00 -22.82 44.42
N SER Q 181 28.12 -23.53 44.34
CA SER Q 181 29.33 -23.10 45.02
C SER Q 181 30.49 -23.09 44.04
N GLY Q 182 31.56 -22.38 44.39
CA GLY Q 182 32.69 -22.26 43.48
C GLY Q 182 32.50 -21.11 42.53
N LEU Q 183 31.48 -20.31 42.76
CA LEU Q 183 31.24 -19.14 41.91
C LEU Q 183 31.45 -17.88 42.71
N ASP Q 184 32.23 -16.96 42.15
CA ASP Q 184 32.51 -15.70 42.84
C ASP Q 184 31.33 -14.76 42.84
N GLU Q 185 31.29 -13.83 43.77
CA GLU Q 185 30.22 -12.82 43.78
C GLU Q 185 30.31 -12.02 42.51
N THR Q 186 31.53 -11.73 42.06
CA THR Q 186 31.72 -11.01 40.80
C THR Q 186 31.15 -11.81 39.63
N ALA Q 187 31.31 -13.12 39.67
CA ALA Q 187 30.80 -13.97 38.60
C ALA Q 187 29.29 -13.86 38.49
N SER Q 188 28.61 -13.76 39.62
CA SER Q 188 27.16 -13.56 39.59
C SER Q 188 26.82 -12.25 38.94
N ASN Q 189 25.75 -12.23 38.13
CA ASN Q 189 25.30 -11.02 37.41
C ASN Q 189 26.13 -10.81 36.16
N ILE Q 190 27.13 -11.66 35.96
CA ILE Q 190 27.91 -11.60 34.73
C ILE Q 190 27.54 -12.91 34.09
N PHE Q 191 27.08 -13.85 34.92
CA PHE Q 191 26.64 -15.14 34.41
C PHE Q 191 25.15 -15.08 34.23
N ASP Q 192 24.57 -13.91 34.46
CA ASP Q 192 23.14 -13.75 34.24
C ASP Q 192 22.89 -13.97 32.77
N ARG Q 193 21.83 -14.72 32.44
CA ARG Q 193 21.51 -15.05 31.03
C ARG Q 193 22.50 -16.10 30.54
N GLY Q 194 23.27 -16.68 31.44
CA GLY Q 194 24.27 -17.67 31.07
C GLY Q 194 23.73 -19.07 31.04
N VAL Q 195 24.61 -20.04 30.82
CA VAL Q 195 24.19 -21.44 30.83
C VAL Q 195 24.96 -22.15 31.93
N LEU Q 196 24.39 -23.23 32.46
CA LEU Q 196 25.04 -23.94 33.55
C LEU Q 196 25.13 -25.40 33.18
N ASP Q 197 26.03 -25.71 32.26
CA ASP Q 197 26.18 -27.08 31.82
C ASP Q 197 26.62 -27.94 32.98
N TRP Q 198 25.98 -29.09 33.18
CA TRP Q 198 26.34 -29.90 34.33
C TRP Q 198 27.16 -31.08 33.87
N THR Q 199 28.46 -31.04 34.12
CA THR Q 199 29.31 -32.14 33.74
C THR Q 199 28.90 -33.39 34.50
N GLY Q 200 28.61 -33.23 35.78
CA GLY Q 200 28.17 -34.36 36.58
C GLY Q 200 26.77 -34.80 36.24
N GLY Q 201 26.49 -36.09 36.39
CA GLY Q 201 25.15 -36.59 36.15
C GLY Q 201 24.77 -36.90 34.72
N ALA Q 202 23.49 -37.17 34.49
CA ALA Q 202 23.01 -37.51 33.16
C ALA Q 202 23.20 -36.39 32.16
N ASN Q 203 23.09 -35.15 32.62
CA ASN Q 203 23.19 -34.03 31.70
C ASN Q 203 24.54 -34.07 31.03
N ALA Q 204 25.60 -34.39 31.76
CA ALA Q 204 26.92 -34.56 31.14
C ALA Q 204 27.32 -33.37 30.27
N GLY Q 205 27.25 -32.16 30.81
CA GLY Q 205 27.56 -30.98 30.04
C GLY Q 205 26.36 -30.34 29.37
N THR Q 206 25.17 -30.80 29.70
CA THR Q 206 23.98 -30.16 29.17
C THR Q 206 23.47 -29.22 30.25
N GLY Q 207 23.29 -27.95 29.90
CA GLY Q 207 22.89 -26.99 30.90
C GLY Q 207 21.66 -26.15 30.64
N SER Q 208 20.78 -26.07 31.63
CA SER Q 208 19.62 -25.19 31.49
C SER Q 208 20.13 -23.77 31.55
N ASP Q 209 19.50 -22.87 30.80
CA ASP Q 209 19.90 -21.48 30.83
C ASP Q 209 19.66 -20.93 32.21
N ILE Q 210 20.56 -20.10 32.71
CA ILE Q 210 20.37 -19.48 34.00
C ILE Q 210 19.59 -18.21 33.75
N ARG Q 211 18.34 -18.18 34.16
CA ARG Q 211 17.52 -17.00 33.94
C ARG Q 211 18.10 -15.82 34.69
N VAL Q 212 18.48 -16.04 35.95
CA VAL Q 212 19.04 -14.97 36.75
C VAL Q 212 20.15 -15.50 37.66
N ALA Q 213 21.23 -14.73 37.80
CA ALA Q 213 22.28 -15.13 38.73
C ALA Q 213 22.41 -14.08 39.81
N ARG Q 214 22.17 -14.45 41.06
CA ARG Q 214 22.27 -13.50 42.16
C ARG Q 214 23.14 -14.06 43.27
N PRO Q 215 24.14 -13.29 43.74
CA PRO Q 215 25.01 -13.88 44.75
C PRO Q 215 24.29 -14.01 46.09
N VAL Q 216 24.40 -15.16 46.72
CA VAL Q 216 23.78 -15.37 48.03
C VAL Q 216 24.75 -16.08 48.97
N ALA Q 217 24.47 -16.08 50.25
CA ALA Q 217 25.32 -16.77 51.22
C ALA Q 217 25.33 -18.26 50.92
N GLY Q 218 26.46 -18.91 51.14
CA GLY Q 218 26.56 -20.32 50.80
C GLY Q 218 26.86 -20.50 49.32
N GLY Q 219 27.31 -19.43 48.67
CA GLY Q 219 27.60 -19.51 47.26
C GLY Q 219 26.44 -18.98 46.46
N VAL Q 220 26.68 -18.60 45.22
CA VAL Q 220 25.63 -17.99 44.41
C VAL Q 220 24.44 -18.90 44.23
N ARG Q 221 23.24 -18.36 44.36
CA ARG Q 221 22.05 -19.16 44.09
C ARG Q 221 21.72 -18.90 42.64
N VAL Q 222 21.57 -19.96 41.86
CA VAL Q 222 21.32 -19.78 40.45
C VAL Q 222 19.88 -20.12 40.15
N SER Q 223 19.18 -19.20 39.51
CA SER Q 223 17.80 -19.47 39.12
C SER Q 223 17.82 -19.77 37.64
N LEU Q 224 17.53 -21.02 37.29
CA LEU Q 224 17.51 -21.40 35.90
C LEU Q 224 16.22 -21.02 35.23
N TRP Q 225 16.25 -20.87 33.92
CA TRP Q 225 15.03 -20.57 33.18
C TRP Q 225 14.07 -21.73 33.35
N SER Q 226 14.59 -22.95 33.30
CA SER Q 226 13.74 -24.13 33.45
C SER Q 226 14.38 -25.15 34.36
N ALA Q 227 13.57 -26.00 34.97
CA ALA Q 227 14.11 -27.06 35.83
C ALA Q 227 14.93 -28.03 34.98
N PRO Q 228 16.07 -28.47 35.51
CA PRO Q 228 16.94 -29.38 34.75
C PRO Q 228 16.30 -30.73 34.47
N PRO Q 229 16.51 -31.26 33.25
CA PRO Q 229 15.99 -32.60 32.97
C PRO Q 229 16.71 -33.61 33.84
N PHE Q 230 16.00 -34.51 34.50
CA PHE Q 230 16.60 -35.55 35.36
C PHE Q 230 16.88 -34.97 36.74
N PRO Q 231 16.86 -35.80 37.80
CA PRO Q 231 17.12 -35.15 39.08
C PRO Q 231 18.60 -34.86 39.26
N ILE Q 232 18.95 -33.63 39.58
CA ILE Q 232 20.36 -33.28 39.67
C ILE Q 232 20.85 -33.39 41.11
N THR Q 233 21.85 -34.23 41.34
CA THR Q 233 22.40 -34.39 42.68
C THR Q 233 23.23 -33.19 43.10
N ALA Q 234 23.22 -32.88 44.39
CA ALA Q 234 24.07 -31.80 44.88
C ALA Q 234 25.53 -32.24 44.76
N GLY Q 235 26.40 -31.30 44.42
CA GLY Q 235 27.81 -31.64 44.25
C GLY Q 235 28.12 -32.15 42.86
N ASP Q 236 27.14 -32.16 41.97
CA ASP Q 236 27.40 -32.56 40.59
C ASP Q 236 28.35 -31.54 39.98
N THR Q 237 29.29 -32.01 39.18
CA THR Q 237 30.21 -31.11 38.52
C THR Q 237 29.44 -30.23 37.55
N ALA Q 238 29.81 -28.96 37.47
CA ALA Q 238 29.12 -28.05 36.58
C ALA Q 238 30.07 -27.08 35.90
N ASN Q 239 29.65 -26.55 34.76
CA ASN Q 239 30.44 -25.57 34.06
C ASN Q 239 29.61 -24.31 34.00
N ALA Q 240 30.18 -23.18 34.41
CA ALA Q 240 29.42 -21.94 34.45
C ALA Q 240 29.76 -21.07 33.27
N THR Q 241 28.75 -20.56 32.59
CA THR Q 241 29.00 -19.79 31.39
C THR Q 241 28.43 -18.38 31.46
N VAL Q 242 29.14 -17.44 30.85
CA VAL Q 242 28.69 -16.05 30.83
C VAL Q 242 27.43 -15.89 29.99
N GLY Q 243 26.62 -14.91 30.32
CA GLY Q 243 25.45 -14.65 29.52
C GLY Q 243 25.57 -13.33 28.80
N CYS Q 244 25.34 -13.35 27.48
CA CYS Q 244 25.46 -12.13 26.72
C CYS Q 244 24.08 -11.55 26.52
N ASP Q 245 23.86 -10.35 27.03
CA ASP Q 245 22.59 -9.68 26.86
C ASP Q 245 22.35 -9.41 25.40
N ARG Q 246 23.42 -9.13 24.65
CA ARG Q 246 23.35 -8.83 23.22
C ARG Q 246 22.95 -7.40 22.99
N THR Q 247 22.83 -6.62 24.05
CA THR Q 247 22.58 -5.21 23.87
C THR Q 247 23.89 -4.73 23.30
N ALA Q 248 23.87 -3.76 22.40
CA ALA Q 248 25.12 -3.37 21.76
C ALA Q 248 26.10 -2.85 22.80
N ASP Q 249 25.62 -2.06 23.75
CA ASP Q 249 26.49 -1.58 24.80
C ASP Q 249 27.00 -2.72 25.65
N THR Q 250 26.14 -3.67 25.98
CA THR Q 250 26.54 -4.80 26.78
C THR Q 250 27.57 -5.63 26.04
N CYS Q 251 27.35 -5.83 24.74
CA CYS Q 251 28.28 -6.61 23.96
C CYS Q 251 29.61 -5.90 24.01
N ARG Q 252 29.58 -4.59 23.84
CA ARG Q 252 30.81 -3.82 23.86
C ARG Q 252 31.49 -3.87 25.21
N ASN Q 253 30.73 -3.71 26.28
CA ASN Q 253 31.35 -3.68 27.59
C ASN Q 253 31.98 -5.01 27.92
N ARG Q 254 31.24 -6.08 27.70
CA ARG Q 254 31.75 -7.40 28.05
C ARG Q 254 32.88 -7.89 27.16
N PHE Q 255 32.72 -7.76 25.84
CA PHE Q 255 33.74 -8.29 24.93
C PHE Q 255 34.27 -7.31 23.88
N ASP Q 256 33.47 -6.33 23.51
CA ASP Q 256 33.89 -5.35 22.50
C ASP Q 256 34.34 -5.96 21.18
N ASN Q 257 33.60 -6.94 20.67
CA ASN Q 257 33.96 -7.53 19.39
C ASN Q 257 33.41 -6.71 18.24
N LEU Q 258 34.02 -5.57 17.98
CA LEU Q 258 33.58 -4.69 16.91
C LEU Q 258 33.68 -5.44 15.60
N ALA Q 259 34.73 -6.25 15.46
CA ALA Q 259 34.95 -6.98 14.23
C ALA Q 259 33.76 -7.87 13.94
N ASN Q 260 33.17 -8.44 14.99
CA ASN Q 260 32.03 -9.30 14.80
C ASN Q 260 30.86 -8.91 15.67
N PHE Q 261 30.27 -7.75 15.39
CA PHE Q 261 29.09 -7.34 16.13
C PHE Q 261 28.03 -7.21 15.08
N ARG Q 262 26.98 -8.01 15.13
CA ARG Q 262 25.88 -7.77 14.19
C ARG Q 262 24.91 -6.86 14.89
N GLY Q 263 25.36 -5.67 15.24
CA GLY Q 263 24.51 -4.74 15.98
C GLY Q 263 24.25 -3.50 15.18
N PHE Q 264 23.00 -3.04 15.22
CA PHE Q 264 22.63 -1.84 14.47
C PHE Q 264 21.94 -0.94 15.49
N PRO Q 265 22.74 -0.37 16.41
CA PRO Q 265 22.14 0.44 17.48
C PRO Q 265 21.45 1.69 17.00
N LEU Q 266 22.06 2.40 16.07
CA LEU Q 266 21.48 3.63 15.59
C LEU Q 266 21.10 3.45 14.15
N MET Q 267 19.86 3.78 13.83
CA MET Q 267 19.37 3.57 12.47
C MET Q 267 19.00 4.87 11.78
N MET R 1 -42.13 -33.50 -21.54
CA MET R 1 -41.97 -34.13 -20.24
C MET R 1 -43.27 -33.99 -19.45
N THR R 2 -44.21 -33.19 -19.94
CA THR R 2 -45.50 -33.07 -19.27
C THR R 2 -46.22 -34.40 -19.31
N ASP R 3 -46.23 -35.05 -20.47
CA ASP R 3 -46.83 -36.37 -20.57
C ASP R 3 -46.03 -37.35 -19.73
N TYR R 4 -44.72 -37.17 -19.68
CA TYR R 4 -43.87 -38.03 -18.86
C TYR R 4 -44.29 -37.89 -17.41
N THR R 5 -44.62 -36.66 -16.98
CA THR R 5 -45.11 -36.46 -15.63
C THR R 5 -46.41 -37.22 -15.47
N ASP R 6 -47.26 -37.17 -16.50
CA ASP R 6 -48.52 -37.90 -16.47
C ASP R 6 -48.26 -39.40 -16.39
N HIS R 7 -47.25 -39.87 -17.09
CA HIS R 7 -46.92 -41.30 -17.06
C HIS R 7 -46.57 -41.71 -15.65
N LEU R 8 -45.78 -40.89 -14.97
CA LEU R 8 -45.45 -41.19 -13.58
C LEU R 8 -46.70 -41.14 -12.71
N ALA R 9 -47.57 -40.17 -12.95
CA ALA R 9 -48.79 -40.06 -12.16
C ALA R 9 -49.67 -41.27 -12.35
N THR R 10 -49.82 -41.74 -13.59
CA THR R 10 -50.58 -42.96 -13.84
C THR R 10 -49.87 -44.13 -13.21
N GLY R 11 -48.54 -44.11 -13.25
CA GLY R 11 -47.78 -45.23 -12.76
C GLY R 11 -47.47 -46.14 -13.92
N CYS R 12 -48.01 -45.83 -15.09
CA CYS R 12 -47.68 -46.58 -16.29
C CYS R 12 -46.46 -45.96 -16.95
N THR R 13 -45.31 -46.06 -16.30
CA THR R 13 -44.13 -45.44 -16.85
C THR R 13 -42.98 -46.41 -16.97
N THR R 14 -42.34 -46.43 -18.12
CA THR R 14 -41.14 -47.25 -18.23
C THR R 14 -40.05 -46.29 -18.64
N LEU R 15 -38.92 -46.29 -17.93
CA LEU R 15 -37.90 -45.30 -18.22
C LEU R 15 -37.04 -45.65 -19.42
N ALA R 16 -37.00 -44.76 -20.39
CA ALA R 16 -36.18 -44.98 -21.57
C ALA R 16 -35.29 -43.79 -21.82
N ARG R 17 -34.82 -43.14 -20.76
CA ARG R 17 -34.05 -41.93 -20.96
C ARG R 17 -32.86 -42.27 -21.82
N CYS R 18 -32.63 -41.48 -22.85
CA CYS R 18 -31.56 -41.76 -23.78
C CYS R 18 -30.51 -40.68 -23.61
N TYR R 19 -29.30 -41.10 -23.25
CA TYR R 19 -28.23 -40.14 -23.02
C TYR R 19 -27.50 -39.86 -24.32
N ILE R 20 -28.13 -39.11 -25.23
CA ILE R 20 -27.50 -38.88 -26.51
C ILE R 20 -26.22 -38.11 -26.27
N LEU R 21 -25.13 -38.55 -26.88
CA LEU R 21 -23.84 -37.93 -26.62
C LEU R 21 -23.22 -37.42 -27.90
N THR R 22 -22.89 -36.14 -27.95
CA THR R 22 -22.20 -35.62 -29.11
C THR R 22 -20.78 -35.32 -28.70
N ARG R 23 -19.82 -36.00 -29.30
CA ARG R 23 -18.43 -35.79 -28.94
C ARG R 23 -17.84 -34.58 -29.63
N ARG R 24 -16.61 -34.22 -29.27
CA ARG R 24 -15.97 -33.05 -29.87
C ARG R 24 -15.87 -33.28 -31.37
N ASP R 25 -15.60 -34.50 -31.79
CA ASP R 25 -15.58 -34.83 -33.22
C ASP R 25 -16.94 -34.63 -33.82
N GLY R 26 -17.99 -34.80 -33.03
CA GLY R 26 -19.35 -34.65 -33.53
C GLY R 26 -20.06 -35.95 -33.76
N VAL R 27 -19.40 -37.08 -33.51
CA VAL R 27 -20.08 -38.37 -33.61
C VAL R 27 -21.10 -38.47 -32.47
N VAL R 28 -22.25 -39.08 -32.73
CA VAL R 28 -23.33 -39.15 -31.72
C VAL R 28 -23.67 -40.57 -31.24
N MET R 29 -23.73 -40.78 -29.93
CA MET R 29 -24.13 -42.08 -29.40
C MET R 29 -25.40 -41.97 -28.55
N GLY R 30 -26.44 -42.69 -28.93
CA GLY R 30 -27.68 -42.61 -28.20
C GLY R 30 -27.62 -43.09 -26.77
N PHE R 31 -26.99 -44.24 -26.55
CA PHE R 31 -26.81 -44.71 -25.17
C PHE R 31 -28.05 -44.78 -24.27
N THR R 32 -29.17 -45.31 -24.73
CA THR R 32 -30.37 -45.30 -23.88
C THR R 32 -30.29 -46.19 -22.66
N ASP R 33 -30.84 -45.71 -21.54
CA ASP R 33 -30.87 -46.51 -20.33
C ASP R 33 -31.74 -47.76 -20.54
N HIS R 34 -32.83 -47.63 -21.29
CA HIS R 34 -33.74 -48.76 -21.47
C HIS R 34 -33.04 -49.93 -22.13
N ASP R 35 -33.32 -51.13 -21.67
CA ASP R 35 -32.65 -52.32 -22.20
C ASP R 35 -33.10 -52.68 -23.61
N ARG R 36 -34.20 -52.10 -24.06
CA ARG R 36 -34.61 -52.32 -25.44
C ARG R 36 -34.27 -51.02 -26.15
N ASP R 37 -33.49 -51.10 -27.23
CA ASP R 37 -33.06 -49.89 -27.91
C ASP R 37 -34.25 -49.15 -28.48
N ILE R 38 -34.26 -47.84 -28.31
CA ILE R 38 -35.39 -47.06 -28.79
C ILE R 38 -34.95 -46.00 -29.78
N ASP R 39 -35.63 -45.92 -30.91
CA ASP R 39 -35.31 -44.88 -31.86
C ASP R 39 -36.24 -43.75 -31.54
N LEU R 40 -35.69 -42.69 -30.96
CA LEU R 40 -36.52 -41.54 -30.64
C LEU R 40 -36.15 -40.47 -31.62
N ASP R 41 -37.13 -39.98 -32.36
CA ASP R 41 -36.87 -38.96 -33.38
C ASP R 41 -35.84 -39.44 -34.38
N GLY R 42 -35.89 -40.73 -34.73
CA GLY R 42 -34.97 -41.26 -35.72
C GLY R 42 -33.59 -41.60 -35.19
N THR R 43 -33.40 -41.46 -33.88
CA THR R 43 -32.10 -41.73 -33.30
C THR R 43 -32.14 -42.99 -32.48
N ARG R 44 -31.49 -44.04 -32.94
CA ARG R 44 -31.42 -45.23 -32.13
C ARG R 44 -30.53 -44.91 -30.97
N CYS R 45 -30.92 -45.33 -29.78
CA CYS R 45 -30.09 -45.12 -28.63
C CYS R 45 -29.65 -46.51 -28.22
N ALA R 46 -28.36 -46.69 -27.98
CA ALA R 46 -27.88 -48.04 -27.71
C ALA R 46 -28.27 -48.60 -26.36
N ALA R 47 -28.95 -49.74 -26.38
CA ALA R 47 -29.29 -50.40 -25.13
C ALA R 47 -28.03 -50.90 -24.46
N GLY R 48 -27.11 -51.43 -25.25
CA GLY R 48 -25.91 -52.02 -24.68
C GLY R 48 -24.93 -51.09 -24.02
N ALA R 49 -24.47 -51.46 -22.82
CA ALA R 49 -23.44 -50.68 -22.12
C ALA R 49 -23.75 -49.21 -21.97
N ALA R 50 -24.99 -48.87 -21.66
CA ALA R 50 -25.35 -47.49 -21.48
C ALA R 50 -25.12 -47.10 -20.04
N LEU R 51 -24.41 -46.00 -19.82
CA LEU R 51 -24.12 -45.57 -18.47
C LEU R 51 -25.43 -45.25 -17.78
N ASP R 52 -25.55 -45.65 -16.52
CA ASP R 52 -26.79 -45.41 -15.81
C ASP R 52 -26.65 -44.17 -14.95
N ALA R 53 -26.64 -44.33 -13.62
CA ALA R 53 -26.44 -43.19 -12.72
C ALA R 53 -27.39 -42.07 -13.06
N SER R 54 -28.67 -42.38 -13.16
CA SER R 54 -29.61 -41.36 -13.62
C SER R 54 -29.72 -40.07 -12.80
N THR R 55 -29.84 -40.16 -11.48
CA THR R 55 -29.90 -38.91 -10.72
C THR R 55 -28.59 -38.12 -10.71
N ALA R 56 -27.48 -38.79 -10.42
CA ALA R 56 -26.18 -38.12 -10.39
C ALA R 56 -26.26 -36.80 -9.64
N ALA R 57 -25.84 -35.71 -10.28
CA ALA R 57 -25.97 -34.39 -9.65
C ALA R 57 -27.10 -33.64 -10.33
N ARG R 58 -28.06 -33.13 -9.55
CA ARG R 58 -29.22 -32.49 -10.18
C ARG R 58 -29.64 -31.14 -9.63
N SER R 59 -28.75 -30.16 -9.67
CA SER R 59 -29.13 -28.81 -9.27
C SER R 59 -29.63 -28.09 -10.51
N LEU R 60 -29.91 -26.80 -10.40
CA LEU R 60 -30.32 -26.03 -11.57
C LEU R 60 -29.25 -25.11 -12.11
N GLY R 61 -27.99 -25.43 -11.83
CA GLY R 61 -26.89 -24.61 -12.34
C GLY R 61 -26.42 -23.57 -11.36
N ILE R 62 -27.12 -23.42 -10.23
CA ILE R 62 -26.61 -22.53 -9.20
C ILE R 62 -25.35 -23.26 -8.82
N THR R 63 -25.45 -24.58 -8.76
CA THR R 63 -24.28 -25.39 -8.51
C THR R 63 -24.03 -25.99 -9.88
N PRO R 64 -22.82 -25.79 -10.44
CA PRO R 64 -22.62 -26.44 -11.72
C PRO R 64 -22.76 -27.93 -11.53
N ASP R 65 -23.50 -28.60 -12.40
CA ASP R 65 -23.75 -30.00 -12.19
C ASP R 65 -22.88 -30.89 -13.00
N ASP R 66 -22.07 -31.70 -12.33
CA ASP R 66 -21.28 -32.66 -13.06
C ASP R 66 -22.00 -33.95 -12.77
N MET R 67 -22.58 -34.54 -13.79
CA MET R 67 -23.35 -35.74 -13.56
C MET R 67 -22.38 -36.88 -13.62
N ASP R 68 -22.14 -37.52 -12.49
CA ASP R 68 -21.15 -38.57 -12.50
C ASP R 68 -21.85 -39.76 -13.06
N ALA R 69 -21.35 -40.26 -14.18
CA ALA R 69 -22.00 -41.38 -14.84
C ALA R 69 -20.97 -42.41 -15.19
N GLY R 70 -20.50 -43.13 -14.18
CA GLY R 70 -19.57 -44.21 -14.47
C GLY R 70 -20.36 -45.18 -15.32
N GLY R 71 -19.76 -45.63 -16.40
CA GLY R 71 -20.45 -46.54 -17.29
C GLY R 71 -19.53 -47.63 -17.75
N ALA R 72 -20.10 -48.79 -18.05
CA ALA R 72 -19.27 -49.85 -18.58
C ALA R 72 -18.74 -49.35 -19.90
N LEU R 73 -17.45 -49.52 -20.12
CA LEU R 73 -16.89 -49.08 -21.37
C LEU R 73 -17.33 -50.04 -22.44
N SER R 74 -17.87 -49.51 -23.52
CA SER R 74 -18.26 -50.36 -24.61
C SER R 74 -17.30 -49.96 -25.69
N ALA R 75 -16.52 -50.91 -26.19
CA ALA R 75 -15.51 -50.57 -27.17
C ALA R 75 -16.20 -50.03 -28.41
N ASP R 76 -17.29 -50.67 -28.80
CA ASP R 76 -17.99 -50.25 -30.00
C ASP R 76 -18.53 -48.83 -29.89
N ALA R 77 -19.22 -48.54 -28.80
CA ALA R 77 -19.70 -47.18 -28.60
C ALA R 77 -18.61 -46.18 -28.32
N ILE R 78 -17.67 -46.53 -27.45
CA ILE R 78 -16.61 -45.61 -27.05
C ILE R 78 -15.24 -46.24 -27.16
N THR R 79 -14.29 -45.53 -27.75
CA THR R 79 -12.95 -46.10 -27.94
C THR R 79 -11.92 -45.48 -27.00
N GLU R 80 -11.12 -46.32 -26.36
CA GLU R 80 -10.12 -45.84 -25.41
C GLU R 80 -9.11 -44.95 -26.10
N ALA R 81 -8.71 -45.32 -27.31
CA ALA R 81 -7.75 -44.52 -28.04
C ALA R 81 -8.33 -43.15 -28.30
N ASP R 82 -9.60 -43.08 -28.66
CA ASP R 82 -10.25 -41.79 -28.87
C ASP R 82 -10.32 -40.99 -27.59
N LEU R 83 -10.56 -41.66 -26.47
CA LEU R 83 -10.58 -40.97 -25.19
C LEU R 83 -9.21 -40.39 -24.93
N ARG R 84 -8.16 -41.15 -25.22
CA ARG R 84 -6.81 -40.64 -25.07
C ARG R 84 -6.59 -39.50 -26.04
N ALA R 85 -7.12 -39.64 -27.25
CA ALA R 85 -6.99 -38.60 -28.26
C ALA R 85 -7.67 -37.33 -27.79
N GLY R 86 -8.76 -37.47 -27.04
CA GLY R 86 -9.50 -36.31 -26.58
C GLY R 86 -10.68 -35.98 -27.45
N ARG R 87 -10.98 -36.83 -28.43
CA ARG R 87 -12.17 -36.61 -29.23
C ARG R 87 -13.33 -36.71 -28.26
N TYR R 88 -13.27 -37.68 -27.36
CA TYR R 88 -14.30 -37.81 -26.34
C TYR R 88 -14.29 -36.69 -25.31
N ASP R 89 -13.13 -36.07 -25.10
CA ASP R 89 -13.06 -34.95 -24.17
C ASP R 89 -13.91 -33.82 -24.72
N GLY R 90 -14.52 -33.03 -23.85
CA GLY R 90 -15.39 -31.97 -24.31
C GLY R 90 -16.54 -32.48 -25.14
N ALA R 91 -17.12 -33.61 -24.73
CA ALA R 91 -18.25 -34.14 -25.45
C ALA R 91 -19.53 -33.69 -24.78
N GLN R 92 -20.39 -33.04 -25.53
CA GLN R 92 -21.63 -32.56 -24.96
C GLN R 92 -22.71 -33.61 -25.07
N VAL R 93 -23.19 -34.08 -23.93
CA VAL R 93 -24.23 -35.09 -23.94
C VAL R 93 -25.52 -34.46 -23.44
N GLU R 94 -26.56 -34.55 -24.25
CA GLU R 94 -27.83 -34.01 -23.83
C GLU R 94 -28.60 -35.18 -23.29
N VAL R 95 -28.99 -35.09 -22.04
CA VAL R 95 -29.71 -36.20 -21.43
C VAL R 95 -31.17 -35.89 -21.60
N TRP R 96 -31.84 -36.71 -22.40
CA TRP R 96 -33.25 -36.50 -22.62
C TRP R 96 -33.97 -37.62 -21.93
N GLU R 97 -34.91 -37.30 -21.05
CA GLU R 97 -35.69 -38.32 -20.41
C GLU R 97 -36.79 -38.70 -21.39
N VAL R 98 -36.88 -39.98 -21.70
CA VAL R 98 -37.88 -40.44 -22.64
C VAL R 98 -38.57 -41.61 -21.99
N ASN R 99 -39.76 -41.94 -22.46
CA ASN R 99 -40.46 -43.09 -21.92
C ASN R 99 -40.64 -44.16 -22.98
N TRP R 100 -40.42 -45.41 -22.60
CA TRP R 100 -40.63 -46.51 -23.53
C TRP R 100 -42.10 -46.53 -23.88
N THR R 101 -42.94 -46.23 -22.89
CA THR R 101 -44.37 -46.23 -23.11
C THR R 101 -44.70 -45.21 -24.19
N ASP R 102 -44.11 -44.02 -24.11
CA ASP R 102 -44.31 -43.05 -25.18
C ASP R 102 -43.05 -42.44 -25.73
N PRO R 103 -42.72 -42.76 -26.99
CA PRO R 103 -41.54 -42.16 -27.64
C PRO R 103 -41.71 -40.67 -27.82
N ALA R 104 -42.93 -40.21 -28.04
CA ALA R 104 -43.17 -38.79 -28.32
C ALA R 104 -42.70 -37.85 -27.22
N VAL R 105 -42.89 -38.21 -25.96
CA VAL R 105 -42.51 -37.27 -24.93
C VAL R 105 -41.03 -37.36 -24.62
N ARG R 106 -40.30 -36.35 -25.04
CA ARG R 106 -38.89 -36.31 -24.70
C ARG R 106 -38.67 -35.00 -23.98
N GLY R 107 -38.18 -35.07 -22.75
CA GLY R 107 -37.89 -33.86 -22.03
C GLY R 107 -36.46 -33.94 -21.62
N ARG R 108 -35.69 -32.90 -21.87
CA ARG R 108 -34.28 -32.98 -21.57
C ARG R 108 -34.13 -32.79 -20.08
N LEU R 109 -33.64 -33.82 -19.40
CA LEU R 109 -33.41 -33.69 -17.98
C LEU R 109 -32.33 -32.64 -17.79
N GLY R 110 -31.27 -32.71 -18.58
CA GLY R 110 -30.23 -31.71 -18.51
C GLY R 110 -29.31 -31.69 -19.70
N VAL R 111 -28.60 -30.59 -19.89
CA VAL R 111 -27.62 -30.53 -20.96
C VAL R 111 -26.32 -30.68 -20.20
N TYR R 112 -25.50 -31.63 -20.61
CA TYR R 112 -24.27 -31.87 -19.86
C TYR R 112 -23.12 -32.00 -20.82
N THR R 113 -21.92 -31.70 -20.35
CA THR R 113 -20.75 -31.87 -21.18
C THR R 113 -19.78 -32.72 -20.38
N ILE R 114 -19.25 -33.79 -20.96
CA ILE R 114 -18.27 -34.53 -20.21
C ILE R 114 -17.09 -33.61 -20.01
N GLY R 115 -16.69 -33.41 -18.76
CA GLY R 115 -15.57 -32.55 -18.47
C GLY R 115 -14.43 -33.38 -17.92
N GLN R 116 -14.76 -34.23 -16.95
CA GLN R 116 -13.73 -35.06 -16.35
C GLN R 116 -13.94 -36.47 -16.84
N VAL R 117 -12.89 -37.05 -17.41
CA VAL R 117 -13.00 -38.39 -17.94
C VAL R 117 -12.00 -39.27 -17.22
N GLU R 118 -12.42 -40.46 -16.83
CA GLU R 118 -11.53 -41.39 -16.16
C GLU R 118 -11.67 -42.74 -16.83
N ARG R 119 -10.65 -43.58 -16.73
CA ARG R 119 -10.69 -44.86 -17.42
C ARG R 119 -10.29 -46.02 -16.52
N GLY R 120 -10.70 -47.22 -16.90
CA GLY R 120 -10.41 -48.40 -16.11
C GLY R 120 -10.06 -49.49 -17.10
N PRO R 121 -9.67 -50.68 -16.63
CA PRO R 121 -9.31 -51.66 -17.67
C PRO R 121 -10.48 -51.99 -18.59
N LEU R 122 -11.67 -52.21 -18.02
CA LEU R 122 -12.85 -52.52 -18.85
C LEU R 122 -14.03 -51.56 -18.65
N ALA R 123 -13.89 -50.59 -17.75
CA ALA R 123 -15.00 -49.67 -17.48
C ALA R 123 -14.50 -48.24 -17.31
N PHE R 124 -15.35 -47.26 -17.54
CA PHE R 124 -14.90 -45.87 -17.47
C PHE R 124 -15.83 -44.97 -16.66
N ARG R 125 -15.28 -43.91 -16.09
CA ARG R 125 -16.09 -42.98 -15.30
C ARG R 125 -16.10 -41.60 -15.96
N ALA R 126 -17.29 -41.03 -16.14
CA ALA R 126 -17.38 -39.72 -16.75
C ALA R 126 -18.13 -38.71 -15.90
N GLU R 127 -17.57 -37.51 -15.75
CA GLU R 127 -18.27 -36.48 -15.02
C GLU R 127 -18.88 -35.54 -16.04
N LEU R 128 -20.19 -35.48 -16.08
CA LEU R 128 -20.88 -34.66 -17.09
C LEU R 128 -21.13 -33.25 -16.58
N ARG R 129 -20.12 -32.41 -16.60
CA ARG R 129 -20.27 -31.04 -16.10
C ARG R 129 -21.23 -30.21 -16.93
N THR R 130 -21.99 -29.33 -16.30
CA THR R 130 -22.93 -28.49 -17.02
C THR R 130 -22.25 -27.38 -17.79
N ARG R 131 -22.98 -26.76 -18.70
CA ARG R 131 -22.44 -25.65 -19.48
C ARG R 131 -21.99 -24.47 -18.62
N PRO R 132 -22.71 -24.17 -17.51
CA PRO R 132 -22.17 -23.08 -16.70
C PRO R 132 -20.75 -23.32 -16.26
N ALA R 133 -20.36 -24.55 -15.92
CA ALA R 133 -19.00 -24.74 -15.43
C ALA R 133 -17.98 -24.33 -16.48
N LEU R 134 -18.20 -24.74 -17.73
CA LEU R 134 -17.29 -24.35 -18.81
C LEU R 134 -17.33 -22.85 -19.02
N TRP R 135 -18.51 -22.27 -18.95
CA TRP R 135 -18.66 -20.83 -19.12
C TRP R 135 -17.94 -20.11 -18.01
N ASN R 136 -18.00 -20.67 -16.81
CA ASN R 136 -17.39 -20.02 -15.66
C ASN R 136 -15.87 -19.99 -15.65
N ARG R 137 -15.23 -20.75 -16.55
CA ARG R 137 -13.77 -20.66 -16.62
C ARG R 137 -13.38 -19.22 -16.91
N PRO R 138 -12.37 -18.71 -16.20
CA PRO R 138 -12.01 -17.29 -16.37
C PRO R 138 -11.01 -17.00 -17.47
N GLU R 139 -11.37 -16.15 -18.41
CA GLU R 139 -10.43 -15.76 -19.45
C GLU R 139 -9.58 -14.57 -19.02
N GLY R 140 -10.22 -13.55 -18.48
CA GLY R 140 -9.50 -12.37 -17.98
C GLY R 140 -9.29 -11.22 -18.94
N ARG R 141 -9.47 -11.43 -20.25
CA ARG R 141 -9.37 -10.33 -21.22
C ARG R 141 -8.12 -9.47 -21.06
N ILE R 142 -6.96 -10.10 -20.89
CA ILE R 142 -5.74 -9.33 -20.64
C ILE R 142 -5.33 -8.45 -21.80
N HIS R 143 -4.92 -7.22 -21.51
CA HIS R 143 -4.44 -6.34 -22.56
C HIS R 143 -3.00 -6.01 -22.20
N THR R 144 -2.07 -6.22 -23.14
CA THR R 144 -0.65 -6.07 -22.81
C THR R 144 0.24 -5.75 -24.01
N ALA R 145 1.55 -5.61 -23.80
CA ALA R 145 2.47 -5.20 -24.88
C ALA R 145 2.57 -6.08 -26.12
N LEU R 146 2.58 -7.40 -25.97
CA LEU R 146 2.68 -8.28 -27.12
C LEU R 146 1.39 -8.23 -27.92
N CYS R 147 1.48 -8.55 -29.22
CA CYS R 147 0.27 -8.57 -30.01
C CYS R 147 -0.62 -9.59 -29.36
N ASP R 148 -1.88 -9.25 -29.18
CA ASP R 148 -2.84 -10.21 -28.64
C ASP R 148 -3.53 -10.75 -29.86
N VAL R 149 -2.96 -10.48 -31.03
CA VAL R 149 -3.53 -10.97 -32.28
C VAL R 149 -3.55 -12.48 -32.17
N ASP R 150 -2.48 -13.07 -31.66
CA ASP R 150 -2.50 -14.53 -31.44
C ASP R 150 -2.82 -15.26 -32.73
N ARG R 151 -3.84 -16.10 -32.71
CA ARG R 151 -4.22 -16.82 -33.90
C ARG R 151 -4.61 -15.82 -34.94
N LEU R 152 -4.02 -15.95 -36.12
CA LEU R 152 -4.27 -14.99 -37.18
C LEU R 152 -5.61 -15.22 -37.85
N GLY R 153 -6.19 -14.17 -38.41
CA GLY R 153 -7.44 -14.32 -39.13
C GLY R 153 -8.65 -14.27 -38.22
N ASP R 154 -8.42 -14.02 -36.93
CA ASP R 154 -9.53 -13.92 -36.00
C ASP R 154 -10.24 -12.62 -36.24
N HIS R 155 -11.45 -12.50 -35.73
CA HIS R 155 -12.24 -11.30 -36.01
C HIS R 155 -11.53 -10.06 -35.54
N ARG R 156 -10.92 -10.10 -34.37
CA ARG R 156 -10.15 -8.95 -33.91
C ARG R 156 -8.95 -8.71 -34.82
N CYS R 157 -8.25 -9.79 -35.17
CA CYS R 157 -7.03 -9.66 -35.98
C CYS R 157 -7.25 -9.16 -37.39
N LYS R 158 -8.32 -9.60 -38.03
CA LYS R 158 -8.62 -9.17 -39.40
C LYS R 158 -7.41 -9.42 -40.27
N LEU R 159 -6.73 -10.55 -40.06
CA LEU R 159 -5.52 -10.82 -40.81
C LEU R 159 -5.83 -11.27 -42.22
N ALA R 160 -5.14 -10.68 -43.19
CA ALA R 160 -5.33 -11.07 -44.58
C ALA R 160 -4.90 -12.52 -44.78
N LEU R 161 -3.80 -12.92 -44.15
CA LEU R 161 -3.32 -14.29 -44.26
C LEU R 161 -3.10 -14.64 -45.72
N GLY R 162 -3.68 -15.74 -46.18
CA GLY R 162 -3.59 -16.08 -47.59
C GLY R 162 -2.32 -16.68 -48.18
N PRO R 163 -1.55 -15.88 -48.93
CA PRO R 163 -0.39 -16.44 -49.63
C PRO R 163 0.68 -17.11 -48.79
N TRP R 164 1.01 -16.58 -47.62
CA TRP R 164 2.11 -17.19 -46.87
C TRP R 164 1.84 -18.64 -46.45
N GLN R 165 0.59 -18.96 -46.09
CA GLN R 165 0.25 -20.32 -45.70
C GLN R 165 0.44 -21.31 -46.83
N SER R 166 0.96 -22.49 -46.53
CA SER R 166 1.23 -23.49 -47.56
C SER R 166 0.85 -24.89 -47.11
N ALA R 167 0.63 -25.79 -48.06
CA ALA R 167 0.25 -27.17 -47.72
C ALA R 167 1.37 -28.15 -48.10
N ALA R 168 1.71 -29.06 -47.18
CA ALA R 168 2.81 -30.00 -47.42
C ALA R 168 2.47 -31.42 -47.02
N THR R 169 3.22 -32.39 -47.57
CA THR R 169 3.00 -33.78 -47.19
C THR R 169 4.22 -34.32 -46.44
N VAL R 170 3.99 -35.06 -45.37
CA VAL R 170 5.11 -35.54 -44.57
C VAL R 170 6.00 -36.47 -45.37
N ILE R 171 7.31 -36.26 -45.30
CA ILE R 171 8.23 -37.18 -45.97
C ILE R 171 8.77 -38.23 -45.02
N GLU R 172 8.98 -37.85 -43.76
CA GLU R 172 9.49 -38.79 -42.77
C GLU R 172 8.69 -38.63 -41.49
N ALA R 173 8.31 -39.76 -40.88
CA ALA R 173 7.58 -39.67 -39.62
C ALA R 173 8.56 -39.75 -38.46
N ASP R 174 8.76 -38.62 -37.79
CA ASP R 174 9.69 -38.58 -36.66
C ASP R 174 9.00 -38.15 -35.38
N GLY R 175 7.70 -38.41 -35.27
CA GLY R 175 6.97 -37.94 -34.10
C GLY R 175 6.99 -36.43 -34.10
N ALA R 176 7.47 -35.83 -33.01
CA ALA R 176 7.46 -34.38 -32.91
C ALA R 176 8.30 -33.72 -34.00
N ASP R 177 9.42 -34.32 -34.37
CA ASP R 177 10.33 -33.69 -35.33
C ASP R 177 10.17 -34.20 -36.75
N LEU R 178 8.96 -34.58 -37.16
CA LEU R 178 8.78 -35.16 -38.48
C LEU R 178 9.26 -34.27 -39.62
N ILE R 179 9.94 -34.86 -40.58
CA ILE R 179 10.39 -34.11 -41.73
C ILE R 179 9.31 -34.14 -42.79
N VAL R 180 9.02 -32.98 -43.38
CA VAL R 180 7.95 -32.92 -44.37
C VAL R 180 8.49 -32.41 -45.69
N SER R 181 7.75 -32.66 -46.77
CA SER R 181 8.19 -32.24 -48.09
C SER R 181 7.13 -31.36 -48.72
N GLY R 182 7.52 -30.54 -49.69
CA GLY R 182 6.58 -29.61 -50.30
C GLY R 182 6.58 -28.25 -49.65
N LEU R 183 7.53 -28.02 -48.74
CA LEU R 183 7.64 -26.71 -48.12
C LEU R 183 8.92 -26.02 -48.56
N ASP R 184 8.79 -24.77 -49.01
CA ASP R 184 9.95 -24.03 -49.47
C ASP R 184 10.84 -23.56 -48.34
N GLU R 185 12.09 -23.25 -48.65
CA GLU R 185 13.01 -22.74 -47.63
C GLU R 185 12.48 -21.42 -47.10
N THR R 186 11.93 -20.59 -47.97
CA THR R 186 11.34 -19.33 -47.53
C THR R 186 10.16 -19.59 -46.61
N ALA R 187 9.37 -20.61 -46.91
CA ALA R 187 8.22 -20.96 -46.10
C ALA R 187 8.66 -21.33 -44.69
N SER R 188 9.78 -22.03 -44.57
CA SER R 188 10.30 -22.37 -43.25
C SER R 188 10.68 -21.12 -42.50
N ASN R 189 10.47 -21.11 -41.18
CA ASN R 189 10.79 -19.96 -40.32
C ASN R 189 9.67 -18.93 -40.37
N ILE R 190 8.67 -19.16 -41.22
CA ILE R 190 7.52 -18.28 -41.23
C ILE R 190 6.45 -19.13 -40.60
N PHE R 191 6.68 -20.45 -40.62
CA PHE R 191 5.74 -21.37 -39.99
C PHE R 191 6.20 -21.62 -38.57
N ASP R 192 7.29 -20.97 -38.18
CA ASP R 192 7.80 -21.13 -36.83
C ASP R 192 6.75 -20.62 -35.88
N ARG R 193 6.54 -21.31 -34.76
CA ARG R 193 5.47 -20.94 -33.82
C ARG R 193 4.13 -20.98 -34.53
N GLY R 194 3.96 -21.93 -35.44
CA GLY R 194 2.73 -22.02 -36.20
C GLY R 194 2.07 -23.35 -35.93
N VAL R 195 1.10 -23.73 -36.76
CA VAL R 195 0.42 -25.01 -36.58
C VAL R 195 0.51 -25.82 -37.87
N LEU R 196 0.38 -27.13 -37.77
CA LEU R 196 0.51 -27.98 -38.94
C LEU R 196 -0.71 -28.87 -38.99
N ASP R 197 -1.85 -28.30 -39.35
CA ASP R 197 -3.08 -29.07 -39.36
C ASP R 197 -2.97 -30.20 -40.34
N TRP R 198 -3.30 -31.42 -39.93
CA TRP R 198 -3.09 -32.54 -40.83
C TRP R 198 -4.35 -32.90 -41.55
N THR R 199 -4.44 -32.52 -42.82
CA THR R 199 -5.59 -32.91 -43.61
C THR R 199 -5.61 -34.42 -43.72
N GLY R 200 -4.45 -35.00 -43.97
CA GLY R 200 -4.35 -36.46 -44.07
C GLY R 200 -4.43 -37.12 -42.71
N GLY R 201 -4.97 -38.33 -42.66
CA GLY R 201 -5.01 -39.07 -41.40
C GLY R 201 -6.18 -38.73 -40.49
N ALA R 202 -6.17 -39.31 -39.29
CA ALA R 202 -7.27 -39.10 -38.34
C ALA R 202 -7.39 -37.66 -37.89
N ASN R 203 -6.30 -36.91 -37.89
CA ASN R 203 -6.34 -35.55 -37.38
C ASN R 203 -7.33 -34.73 -38.18
N ALA R 204 -7.37 -34.90 -39.50
CA ALA R 204 -8.37 -34.21 -40.31
C ALA R 204 -8.40 -32.71 -40.06
N GLY R 205 -7.25 -32.07 -40.13
CA GLY R 205 -7.18 -30.64 -39.85
C GLY R 205 -6.81 -30.31 -38.42
N THR R 206 -6.44 -31.31 -37.63
CA THR R 206 -5.98 -31.03 -36.28
C THR R 206 -4.47 -30.95 -36.35
N GLY R 207 -3.91 -29.83 -35.89
CA GLY R 207 -2.47 -29.65 -36.00
C GLY R 207 -1.72 -29.38 -34.74
N SER R 208 -0.65 -30.13 -34.49
CA SER R 208 0.18 -29.84 -33.34
C SER R 208 0.94 -28.56 -33.65
N ASP R 209 1.20 -27.77 -32.62
CA ASP R 209 1.93 -26.52 -32.83
C ASP R 209 3.34 -26.83 -33.28
N ILE R 210 3.85 -26.04 -34.22
CA ILE R 210 5.20 -26.25 -34.68
C ILE R 210 6.09 -25.38 -33.82
N ARG R 211 6.84 -26.00 -32.91
CA ARG R 211 7.75 -25.24 -32.09
C ARG R 211 8.82 -24.61 -32.95
N VAL R 212 9.38 -25.40 -33.87
CA VAL R 212 10.44 -24.89 -34.71
C VAL R 212 10.26 -25.36 -36.15
N ALA R 213 10.41 -24.47 -37.12
CA ALA R 213 10.37 -24.89 -38.51
C ALA R 213 11.75 -24.62 -39.07
N ARG R 214 12.48 -25.68 -39.40
CA ARG R 214 13.86 -25.49 -39.87
C ARG R 214 14.08 -26.19 -41.20
N PRO R 215 14.58 -25.44 -42.19
CA PRO R 215 14.80 -26.02 -43.51
C PRO R 215 15.92 -27.06 -43.48
N VAL R 216 15.70 -28.20 -44.13
CA VAL R 216 16.71 -29.27 -44.16
C VAL R 216 16.65 -29.92 -45.53
N ALA R 217 17.50 -30.90 -45.77
CA ALA R 217 17.45 -31.62 -47.04
C ALA R 217 16.13 -32.36 -47.16
N GLY R 218 15.64 -32.52 -48.38
CA GLY R 218 14.35 -33.18 -48.57
C GLY R 218 13.17 -32.52 -47.90
N GLY R 219 13.08 -31.20 -48.01
CA GLY R 219 11.97 -30.48 -47.42
C GLY R 219 12.26 -30.01 -46.02
N VAL R 220 11.27 -29.47 -45.34
CA VAL R 220 11.52 -28.88 -44.04
C VAL R 220 11.26 -29.83 -42.89
N ARG R 221 12.24 -30.01 -42.01
CA ARG R 221 11.99 -30.81 -40.83
C ARG R 221 11.17 -29.92 -39.93
N VAL R 222 10.04 -30.43 -39.46
CA VAL R 222 9.17 -29.61 -38.64
C VAL R 222 9.24 -30.18 -37.24
N SER R 223 9.68 -29.35 -36.29
CA SER R 223 9.73 -29.79 -34.92
C SER R 223 8.50 -29.25 -34.24
N LEU R 224 7.54 -30.12 -33.98
CA LEU R 224 6.33 -29.71 -33.30
C LEU R 224 6.60 -29.55 -31.82
N TRP R 225 5.79 -28.72 -31.16
CA TRP R 225 5.93 -28.56 -29.73
C TRP R 225 5.66 -29.90 -29.08
N SER R 226 4.67 -30.62 -29.60
CA SER R 226 4.31 -31.91 -29.03
C SER R 226 4.13 -32.96 -30.10
N ALA R 227 4.23 -34.22 -29.71
CA ALA R 227 4.01 -35.31 -30.66
C ALA R 227 2.57 -35.24 -31.16
N PRO R 228 2.35 -35.53 -32.45
CA PRO R 228 1.00 -35.41 -33.01
C PRO R 228 -0.01 -36.35 -32.38
N PRO R 229 -1.25 -35.88 -32.19
CA PRO R 229 -2.26 -36.82 -31.68
C PRO R 229 -2.49 -37.86 -32.76
N PHE R 230 -2.45 -39.15 -32.42
CA PHE R 230 -2.67 -40.25 -33.38
C PHE R 230 -1.32 -40.49 -34.06
N PRO R 231 -1.05 -41.72 -34.50
CA PRO R 231 0.26 -41.85 -35.15
C PRO R 231 0.19 -41.31 -36.56
N ILE R 232 1.00 -40.32 -36.89
CA ILE R 232 0.90 -39.71 -38.21
C ILE R 232 1.83 -40.40 -39.19
N THR R 233 1.24 -41.01 -40.21
CA THR R 233 2.04 -41.70 -41.23
C THR R 233 2.68 -40.74 -42.20
N ALA R 234 3.80 -41.14 -42.79
CA ALA R 234 4.43 -40.29 -43.80
C ALA R 234 3.51 -40.20 -45.01
N GLY R 235 3.49 -39.06 -45.67
CA GLY R 235 2.61 -38.88 -46.81
C GLY R 235 1.23 -38.36 -46.44
N ASP R 236 0.99 -38.15 -45.15
CA ASP R 236 -0.28 -37.56 -44.74
C ASP R 236 -0.22 -36.08 -45.07
N THR R 237 -1.25 -35.57 -45.72
CA THR R 237 -1.25 -34.17 -46.08
C THR R 237 -1.39 -33.29 -44.86
N ALA R 238 -0.68 -32.17 -44.85
CA ALA R 238 -0.80 -31.25 -43.74
C ALA R 238 -0.84 -29.83 -44.28
N ASN R 239 -1.57 -28.96 -43.62
CA ASN R 239 -1.57 -27.58 -44.04
C ASN R 239 -0.74 -26.82 -43.02
N ALA R 240 0.42 -26.36 -43.46
CA ALA R 240 1.26 -25.58 -42.57
C ALA R 240 0.63 -24.22 -42.37
N THR R 241 0.69 -23.72 -41.15
CA THR R 241 0.08 -22.44 -40.85
C THR R 241 1.16 -21.47 -40.40
N VAL R 242 1.12 -20.26 -40.94
CA VAL R 242 2.12 -19.28 -40.59
C VAL R 242 2.03 -18.99 -39.12
N GLY R 243 3.18 -18.93 -38.46
CA GLY R 243 3.19 -18.65 -37.06
C GLY R 243 3.77 -17.29 -36.78
N CYS R 244 3.06 -16.50 -36.00
CA CYS R 244 3.54 -15.18 -35.67
C CYS R 244 4.00 -15.19 -34.23
N ASP R 245 5.13 -14.55 -33.96
CA ASP R 245 5.61 -14.44 -32.59
C ASP R 245 4.68 -13.50 -31.85
N ARG R 246 3.86 -12.76 -32.58
CA ARG R 246 2.94 -11.80 -31.99
C ARG R 246 3.69 -10.77 -31.18
N THR R 247 4.85 -10.37 -31.67
CA THR R 247 5.57 -9.30 -31.02
C THR R 247 5.15 -8.17 -31.91
N ALA R 248 5.11 -6.94 -31.41
CA ALA R 248 4.60 -5.86 -32.25
C ALA R 248 5.50 -5.76 -33.46
N ASP R 249 6.81 -5.89 -33.26
CA ASP R 249 7.74 -5.85 -34.38
C ASP R 249 7.52 -7.03 -35.32
N THR R 250 7.33 -8.22 -34.76
CA THR R 250 7.11 -9.40 -35.58
C THR R 250 5.82 -9.27 -36.37
N CYS R 251 4.78 -8.76 -35.71
CA CYS R 251 3.50 -8.61 -36.38
C CYS R 251 3.72 -7.65 -37.52
N ARG R 252 4.47 -6.58 -37.27
CA ARG R 252 4.74 -5.59 -38.29
C ARG R 252 5.53 -6.16 -39.46
N ASN R 253 6.56 -6.93 -39.17
CA ASN R 253 7.38 -7.44 -40.24
C ASN R 253 6.60 -8.39 -41.12
N ARG R 254 5.88 -9.32 -40.48
CA ARG R 254 5.13 -10.30 -41.24
C ARG R 254 3.93 -9.74 -42.00
N PHE R 255 3.12 -8.94 -41.31
CA PHE R 255 1.90 -8.43 -41.94
C PHE R 255 1.69 -6.92 -41.85
N ASP R 256 2.24 -6.28 -40.82
CA ASP R 256 2.02 -4.85 -40.61
C ASP R 256 0.55 -4.44 -40.56
N ASN R 257 -0.27 -5.17 -39.80
CA ASN R 257 -1.67 -4.80 -39.66
C ASN R 257 -1.80 -3.74 -38.59
N LEU R 258 -1.42 -2.52 -38.89
CA LEU R 258 -1.44 -1.47 -37.89
C LEU R 258 -2.84 -1.25 -37.37
N ALA R 259 -3.82 -1.31 -38.27
CA ALA R 259 -5.19 -1.08 -37.88
C ALA R 259 -5.61 -2.10 -36.85
N ASN R 260 -5.18 -3.34 -37.04
CA ASN R 260 -5.58 -4.41 -36.14
C ASN R 260 -4.51 -4.84 -35.14
N PHE R 261 -3.42 -4.09 -35.02
CA PHE R 261 -2.37 -4.53 -34.12
C PHE R 261 -2.93 -4.54 -32.71
N ARG R 262 -2.73 -5.65 -32.01
CA ARG R 262 -3.19 -5.73 -30.64
C ARG R 262 -2.05 -5.60 -29.67
N GLY R 263 -0.88 -5.22 -30.16
CA GLY R 263 0.23 -5.03 -29.27
C GLY R 263 0.36 -3.57 -28.88
N PHE R 264 0.18 -3.28 -27.59
CA PHE R 264 0.36 -1.91 -27.10
C PHE R 264 1.72 -1.87 -26.43
N PRO R 265 2.79 -1.63 -27.20
CA PRO R 265 4.15 -1.71 -26.65
C PRO R 265 4.65 -0.71 -25.60
N LEU R 266 4.43 0.59 -25.78
CA LEU R 266 5.03 1.57 -24.87
C LEU R 266 4.19 2.01 -23.68
N MET R 267 4.86 2.57 -22.67
CA MET R 267 4.14 3.05 -21.48
C MET R 267 4.66 4.39 -21.00
N GLY S 17 11.58 72.31 10.70
CA GLY S 17 12.47 71.20 10.39
C GLY S 17 11.71 69.94 10.04
N GLN S 18 12.43 68.88 9.71
CA GLN S 18 11.77 67.62 9.44
C GLN S 18 11.10 67.11 10.70
N HIS S 19 11.76 67.25 11.85
CA HIS S 19 11.22 66.75 13.09
C HIS S 19 9.92 67.44 13.46
N VAL S 20 9.89 68.76 13.33
CA VAL S 20 8.65 69.49 13.59
C VAL S 20 8.36 70.37 12.39
N THR S 21 7.22 70.15 11.75
CA THR S 21 6.92 70.92 10.55
C THR S 21 6.61 72.34 10.95
N HIS S 22 6.73 73.26 10.01
CA HIS S 22 6.52 74.66 10.34
C HIS S 22 5.09 74.77 10.84
N ASN S 23 4.19 74.05 10.20
CA ASN S 23 2.80 74.05 10.66
C ASN S 23 2.60 73.45 12.05
N GLU S 24 3.35 72.41 12.39
CA GLU S 24 3.24 71.83 13.72
C GLU S 24 3.61 72.91 14.71
N ALA S 25 4.69 73.63 14.41
CA ALA S 25 5.13 74.70 15.28
C ALA S 25 4.06 75.78 15.35
N LEU S 26 3.46 76.12 14.22
CA LEU S 26 2.48 77.19 14.19
C LEU S 26 1.28 76.88 15.06
N ASP S 27 0.81 75.64 14.99
CA ASP S 27 -0.35 75.26 15.78
C ASP S 27 0.00 75.38 17.25
N MET S 28 1.19 74.95 17.61
CA MET S 28 1.60 75.00 19.00
C MET S 28 1.67 76.45 19.47
N ILE S 29 2.22 77.33 18.63
CA ILE S 29 2.35 78.72 19.01
C ILE S 29 0.99 79.37 19.20
N ASP S 30 0.06 79.10 18.29
CA ASP S 30 -1.25 79.72 18.38
C ASP S 30 -1.95 79.29 19.65
N ALA S 31 -1.86 78.00 19.96
CA ALA S 31 -2.49 77.48 21.17
C ALA S 31 -1.91 78.05 22.45
N LEU S 32 -0.58 78.14 22.53
CA LEU S 32 0.07 78.67 23.73
C LEU S 32 -0.24 80.14 23.96
N ALA S 33 -0.28 80.91 22.87
CA ALA S 33 -0.58 82.32 22.98
C ALA S 33 -1.97 82.48 23.56
N PRO S 34 -2.19 83.48 24.42
CA PRO S 34 -3.50 83.56 25.05
C PRO S 34 -4.56 83.69 23.98
N ARG S 35 -5.62 82.89 24.11
CA ARG S 35 -6.66 82.91 23.11
C ARG S 35 -7.98 83.15 23.80
N VAL S 36 -8.79 84.05 23.29
CA VAL S 36 -10.10 84.21 23.87
C VAL S 36 -10.82 82.95 23.45
N VAL S 37 -11.46 82.27 24.40
CA VAL S 37 -12.09 81.00 24.09
C VAL S 37 -13.49 80.94 24.69
N LEU S 38 -14.42 80.26 24.05
CA LEU S 38 -15.79 80.26 24.54
C LEU S 38 -16.09 79.18 25.57
N SER S 39 -16.52 79.59 26.76
CA SER S 39 -16.90 78.58 27.74
C SER S 39 -18.39 78.51 27.78
N ASP S 40 -18.96 77.49 27.17
CA ASP S 40 -20.40 77.33 27.23
C ASP S 40 -20.74 76.40 28.39
N SER S 41 -19.71 75.89 29.06
CA SER S 41 -19.92 75.02 30.22
C SER S 41 -20.81 73.82 29.95
N LEU S 42 -20.65 73.22 28.78
CA LEU S 42 -21.42 72.03 28.46
C LEU S 42 -20.66 70.80 28.85
N ALA S 43 -21.35 69.68 29.02
CA ALA S 43 -20.66 68.43 29.27
C ALA S 43 -19.85 68.13 28.03
N THR S 44 -20.43 68.40 26.87
CA THR S 44 -19.76 68.09 25.61
C THR S 44 -19.57 69.35 24.78
N PRO S 45 -18.42 69.47 24.09
CA PRO S 45 -18.12 70.67 23.29
C PRO S 45 -18.96 70.80 22.04
N PRO S 46 -18.94 71.99 21.41
CA PRO S 46 -19.68 72.18 20.16
C PRO S 46 -19.16 71.23 19.10
N PRO S 47 -20.02 70.81 18.17
CA PRO S 47 -19.62 69.79 17.19
C PRO S 47 -18.41 70.16 16.33
N ALA S 48 -18.27 71.41 15.92
CA ALA S 48 -17.08 71.79 15.17
C ALA S 48 -16.32 72.94 15.81
N PRO S 49 -15.43 72.63 16.76
CA PRO S 49 -14.61 73.73 17.28
C PRO S 49 -13.62 74.07 16.18
N PRO S 50 -13.50 75.35 15.83
CA PRO S 50 -12.64 75.67 14.68
C PRO S 50 -11.16 75.45 14.96
N ASP S 51 -10.38 75.29 13.90
CA ASP S 51 -8.94 75.14 14.07
C ASP S 51 -8.41 76.41 14.69
N ARG S 52 -7.46 76.28 15.62
CA ARG S 52 -6.89 77.44 16.32
C ARG S 52 -7.95 78.12 17.18
N SER S 53 -8.98 77.36 17.56
CA SER S 53 -10.02 77.90 18.44
C SER S 53 -10.39 76.81 19.42
N ALA S 54 -10.80 77.20 20.62
CA ALA S 54 -11.11 76.21 21.62
C ALA S 54 -12.37 76.51 22.39
N TRP S 55 -12.93 75.49 23.02
CA TRP S 55 -14.09 75.71 23.85
C TRP S 55 -13.59 75.38 25.24
N ILE S 56 -13.80 76.29 26.19
CA ILE S 56 -13.31 76.07 27.53
C ILE S 56 -14.03 74.89 28.15
N VAL S 57 -13.28 74.00 28.79
CA VAL S 57 -13.88 72.86 29.45
C VAL S 57 -14.09 73.25 30.89
N PRO S 58 -15.34 73.21 31.36
CA PRO S 58 -15.60 73.48 32.77
C PRO S 58 -15.20 72.28 33.59
N PRO S 59 -15.07 72.46 34.91
CA PRO S 59 -14.82 71.25 35.70
C PRO S 59 -16.00 70.31 35.50
N GLY S 60 -15.74 69.02 35.36
CA GLY S 60 -16.81 68.07 35.08
C GLY S 60 -17.03 67.96 33.58
N GLY S 61 -16.21 68.64 32.79
CA GLY S 61 -16.32 68.53 31.34
C GLY S 61 -15.96 67.13 30.89
N SER S 62 -16.67 66.62 29.90
CA SER S 62 -16.45 65.25 29.44
C SER S 62 -16.51 65.16 27.92
N GLY S 63 -16.39 63.96 27.38
CA GLY S 63 -16.51 63.79 25.94
C GLY S 63 -15.23 64.15 25.22
N PHE S 64 -15.34 64.45 23.93
CA PHE S 64 -14.16 64.81 23.16
C PHE S 64 -13.56 66.06 23.77
N GLY S 65 -12.24 66.09 23.89
CA GLY S 65 -11.60 67.22 24.53
C GLY S 65 -12.03 67.31 25.98
N GLY S 66 -12.40 66.18 26.56
CA GLY S 66 -12.83 66.15 27.94
C GLY S 66 -11.65 65.84 28.83
N ALA S 67 -10.50 65.64 28.22
CA ALA S 67 -9.32 65.34 28.99
C ALA S 67 -9.09 66.54 29.86
N GLY S 68 -8.92 66.31 31.16
CA GLY S 68 -8.75 67.39 32.10
C GLY S 68 -9.89 68.39 32.19
N PRO S 69 -10.74 68.25 33.21
CA PRO S 69 -11.78 69.26 33.39
C PRO S 69 -11.08 70.54 33.84
N GLY S 70 -11.58 71.70 33.41
CA GLY S 70 -10.86 72.93 33.73
C GLY S 70 -9.80 73.24 32.69
N GLN S 71 -9.72 72.45 31.63
CA GLN S 71 -8.79 72.74 30.54
C GLN S 71 -9.51 73.43 29.37
N ILE S 72 -8.87 73.49 28.20
CA ILE S 72 -9.53 74.06 27.03
C ILE S 72 -9.53 73.05 25.88
N ALA S 73 -10.68 72.80 25.27
CA ALA S 73 -10.74 71.79 24.22
C ALA S 73 -10.57 72.42 22.86
N LEU S 74 -9.46 72.14 22.21
CA LEU S 74 -9.17 72.76 20.92
C LEU S 74 -9.07 71.72 19.82
N ARG S 75 -9.75 71.96 18.71
CA ARG S 75 -9.73 71.01 17.62
C ARG S 75 -8.75 71.40 16.56
N LEU S 76 -7.76 70.55 16.31
CA LEU S 76 -6.84 70.80 15.21
C LEU S 76 -6.84 69.51 14.43
N GLY S 77 -7.17 69.58 13.15
CA GLY S 77 -7.17 68.39 12.32
C GLY S 77 -8.11 67.30 12.79
N GLY S 78 -9.21 67.69 13.41
CA GLY S 78 -10.21 66.72 13.83
C GLY S 78 -9.93 66.02 15.13
N VAL S 79 -8.81 66.36 15.78
CA VAL S 79 -8.56 65.79 17.08
C VAL S 79 -8.67 66.92 18.06
N TRP S 80 -9.59 66.80 19.00
CA TRP S 80 -9.82 67.89 19.95
C TRP S 80 -8.91 67.69 21.14
N HIS S 81 -7.61 67.92 20.94
CA HIS S 81 -6.69 67.82 22.06
C HIS S 81 -6.98 68.95 23.02
N ALA S 82 -6.90 68.66 24.31
CA ALA S 82 -7.19 69.68 25.28
C ALA S 82 -5.89 70.28 25.76
N ILE S 83 -5.69 71.56 25.45
CA ILE S 83 -4.46 72.23 25.86
C ILE S 83 -4.44 72.44 27.36
N THR S 84 -3.27 72.28 27.96
CA THR S 84 -3.16 72.56 29.37
C THR S 84 -3.14 74.06 29.51
N PRO S 85 -4.02 74.60 30.36
CA PRO S 85 -4.05 76.06 30.43
C PRO S 85 -2.77 76.56 31.09
N ALA S 86 -2.25 77.68 30.61
CA ALA S 86 -1.02 78.21 31.16
C ALA S 86 -1.37 79.38 32.06
N GLN S 87 -0.85 79.37 33.28
CA GLN S 87 -1.12 80.45 34.22
C GLN S 87 -0.55 81.75 33.67
N GLY S 88 -1.30 82.83 33.81
CA GLY S 88 -0.84 84.12 33.32
C GLY S 88 -1.25 84.36 31.89
N ALA S 89 -1.78 83.35 31.22
CA ALA S 89 -2.26 83.53 29.86
C ALA S 89 -3.75 83.71 29.99
N ARG S 90 -4.30 84.75 29.39
CA ARG S 90 -5.71 85.03 29.58
C ARG S 90 -6.58 84.28 28.60
N TRP S 91 -7.21 83.21 29.07
CA TRP S 91 -8.13 82.50 28.23
C TRP S 91 -9.48 83.15 28.48
N ARG S 92 -9.68 84.34 27.92
CA ARG S 92 -10.90 85.08 28.19
C ARG S 92 -12.11 84.32 27.70
N VAL S 93 -13.22 84.37 28.44
CA VAL S 93 -14.40 83.60 28.06
C VAL S 93 -15.27 84.35 27.07
N LEU S 94 -15.24 83.93 25.82
CA LEU S 94 -16.08 84.56 24.81
C LEU S 94 -17.56 84.36 25.08
N ASP S 95 -17.93 83.16 25.51
CA ASP S 95 -19.35 82.85 25.69
C ASP S 95 -20.05 83.72 26.70
N ARG S 96 -19.44 83.95 27.85
CA ARG S 96 -20.04 84.84 28.84
C ARG S 96 -19.43 86.21 28.72
N GLY S 97 -18.51 86.36 27.78
CA GLY S 97 -17.82 87.62 27.63
C GLY S 97 -17.14 87.97 28.94
N ALA S 98 -16.61 86.97 29.61
CA ALA S 98 -15.97 87.21 30.90
C ALA S 98 -14.49 86.99 30.76
N ALA S 99 -13.69 88.00 31.09
CA ALA S 99 -12.26 87.77 31.05
C ALA S 99 -11.95 86.74 32.09
N VAL S 100 -11.20 85.72 31.71
CA VAL S 100 -10.82 84.69 32.65
C VAL S 100 -9.36 84.34 32.46
N ILE S 101 -8.54 84.69 33.45
CA ILE S 101 -7.13 84.35 33.36
C ILE S 101 -6.92 83.12 34.21
N TRP S 102 -6.26 82.11 33.67
CA TRP S 102 -6.02 80.89 34.43
C TRP S 102 -5.18 81.26 35.64
N SER S 103 -5.60 80.81 36.81
CA SER S 103 -4.85 81.09 38.04
C SER S 103 -3.89 79.95 38.29
N GLY S 104 -3.96 78.92 37.47
CA GLY S 104 -3.12 77.75 37.65
C GLY S 104 -3.86 76.70 38.42
N THR S 105 -4.93 77.10 39.12
CA THR S 105 -5.76 76.13 39.83
C THR S 105 -7.20 76.28 39.43
N SER S 106 -7.59 77.50 39.07
CA SER S 106 -8.98 77.76 38.74
C SER S 106 -9.06 78.76 37.62
N TRP S 107 -10.22 78.82 36.97
CA TRP S 107 -10.41 79.80 35.92
C TRP S 107 -10.72 81.11 36.62
N ARG S 108 -9.68 81.77 37.12
CA ARG S 108 -9.88 83.01 37.85
C ARG S 108 -10.51 84.03 36.92
N PRO S 109 -11.50 84.78 37.44
CA PRO S 109 -12.16 85.77 36.60
C PRO S 109 -11.50 87.13 36.70
N ALA S 110 -11.05 87.67 35.57
CA ALA S 110 -10.43 88.99 35.55
C ALA S 110 -11.52 90.04 35.40
N ASP S 111 -11.14 91.29 35.23
CA ASP S 111 -12.14 92.33 35.00
C ASP S 111 -12.90 91.96 33.75
N VAL S 112 -14.22 92.11 33.77
CA VAL S 112 -15.01 91.64 32.62
C VAL S 112 -15.69 92.69 31.76
N SER S 113 -15.44 92.66 30.46
CA SER S 113 -16.13 93.55 29.53
C SER S 113 -16.37 92.77 28.25
N LEU S 116 -21.21 91.57 25.47
CA LEU S 116 -22.30 92.44 25.84
C LEU S 116 -23.40 92.34 24.81
N GLY S 117 -23.03 92.24 23.54
CA GLY S 117 -24.03 92.24 22.48
C GLY S 117 -24.42 93.70 22.46
N SER S 118 -23.59 94.54 23.08
CA SER S 118 -23.90 95.95 23.20
C SER S 118 -22.68 96.58 23.84
N THR S 119 -21.58 96.71 23.09
CA THR S 119 -20.35 97.22 23.65
C THR S 119 -20.56 98.52 24.38
N LEU S 120 -19.84 98.72 25.47
CA LEU S 120 -19.92 100.03 26.12
C LEU S 120 -18.81 100.81 25.44
N GLY S 121 -19.08 101.31 24.23
CA GLY S 121 -18.04 101.99 23.47
C GLY S 121 -17.47 103.28 23.98
N LEU S 122 -16.16 103.47 23.82
CA LEU S 122 -15.55 104.73 24.23
C LEU S 122 -15.17 105.59 23.05
N ALA S 123 -15.66 106.83 23.04
CA ALA S 123 -15.32 107.77 21.98
C ALA S 123 -14.90 109.06 22.63
N THR S 124 -13.70 109.09 23.21
CA THR S 124 -13.28 110.28 23.94
C THR S 124 -13.25 111.49 23.02
N ILE S 125 -13.76 112.61 23.51
CA ILE S 125 -13.79 113.82 22.71
C ILE S 125 -12.61 114.67 23.11
N GLU S 126 -11.72 114.94 22.18
CA GLU S 126 -10.53 115.69 22.52
C GLU S 126 -10.66 117.13 22.06
N ALA S 127 -10.52 118.05 23.00
CA ALA S 127 -10.60 119.47 22.66
C ALA S 127 -9.44 120.16 23.34
N THR S 128 -8.96 121.23 22.74
CA THR S 128 -7.84 121.96 23.33
C THR S 128 -8.18 123.42 23.40
N VAL S 129 -9.12 123.76 24.27
CA VAL S 129 -9.48 125.16 24.44
C VAL S 129 -8.33 125.89 25.12
N THR S 130 -8.05 127.10 24.67
CA THR S 130 -7.03 127.88 25.34
C THR S 130 -7.74 128.41 26.56
N ALA S 131 -7.15 128.23 27.74
CA ALA S 131 -7.77 128.78 28.93
C ALA S 131 -7.74 130.29 28.75
N THR S 132 -8.87 130.94 28.96
CA THR S 132 -8.94 132.38 28.73
C THR S 132 -9.83 133.08 29.75
N GLY S 133 -9.59 134.37 29.94
CA GLY S 133 -10.36 135.12 30.93
C GLY S 133 -10.20 134.45 32.26
N PRO S 134 -11.31 134.26 33.00
CA PRO S 134 -11.20 133.50 34.25
C PRO S 134 -11.56 132.03 34.09
N SER S 135 -12.56 131.72 33.25
CA SER S 135 -12.99 130.35 33.07
C SER S 135 -13.45 130.06 31.65
N VAL S 136 -13.18 128.86 31.14
CA VAL S 136 -13.70 128.50 29.83
C VAL S 136 -14.43 127.17 29.94
N THR S 137 -15.69 127.13 29.50
CA THR S 137 -16.41 125.88 29.50
C THR S 137 -15.70 125.00 28.47
N ALA S 138 -15.45 123.74 28.81
CA ALA S 138 -14.76 122.86 27.89
C ALA S 138 -15.61 122.59 26.67
N PRO S 139 -15.00 122.68 25.47
CA PRO S 139 -15.71 122.37 24.23
C PRO S 139 -16.09 120.90 24.20
N ALA S 140 -15.23 120.04 24.75
CA ALA S 140 -15.48 118.61 24.70
C ALA S 140 -16.84 118.37 25.29
N LEU S 141 -17.66 117.59 24.60
CA LEU S 141 -19.03 117.41 25.05
C LEU S 141 -19.39 115.97 25.32
N ILE S 142 -20.11 115.73 26.40
CA ILE S 142 -20.59 114.39 26.68
C ILE S 142 -21.93 114.26 26.00
N PRO S 143 -22.09 113.25 25.15
CA PRO S 143 -23.37 113.00 24.48
C PRO S 143 -24.39 112.38 25.41
N PRO S 144 -25.67 112.39 25.03
CA PRO S 144 -26.64 111.69 25.87
C PRO S 144 -26.28 110.22 25.94
N ARG S 145 -26.48 109.58 27.09
CA ARG S 145 -26.13 108.17 27.28
C ARG S 145 -24.63 107.90 27.18
N ALA S 146 -23.80 108.87 27.54
CA ALA S 146 -22.36 108.62 27.55
C ALA S 146 -21.81 108.68 28.96
N ILE S 147 -21.30 107.57 29.46
CA ILE S 147 -20.78 107.51 30.83
C ILE S 147 -19.41 108.17 30.88
N VAL S 148 -19.21 109.05 31.86
CA VAL S 148 -17.93 109.70 31.99
C VAL S 148 -17.12 109.09 33.10
N LEU S 149 -16.12 108.29 32.75
CA LEU S 149 -15.24 107.78 33.78
C LEU S 149 -14.46 108.96 34.33
N GLY S 150 -13.95 109.81 33.43
CA GLY S 150 -13.19 110.99 33.85
C GLY S 150 -12.96 112.02 32.76
N VAL S 151 -12.55 113.24 33.12
CA VAL S 151 -12.20 114.25 32.11
C VAL S 151 -10.78 114.75 32.30
N THR S 152 -9.95 114.66 31.27
CA THR S 152 -8.57 115.15 31.35
C THR S 152 -8.42 116.65 31.33
N SER S 153 -7.39 117.15 32.00
CA SER S 153 -7.11 118.58 31.91
C SER S 153 -5.61 118.77 31.69
N TRP S 154 -5.12 118.37 30.52
CA TRP S 154 -3.70 118.51 30.22
C TRP S 154 -3.36 119.99 30.22
N THR S 155 -2.25 120.37 30.84
CA THR S 155 -1.84 121.76 30.77
C THR S 155 -0.86 121.93 29.63
N VAL S 156 -1.35 122.26 28.44
CA VAL S 156 -0.49 122.45 27.29
C VAL S 156 0.44 123.66 27.45
N GLN S 157 -0.08 124.74 27.99
CA GLN S 157 0.72 125.95 28.16
C GLN S 157 0.57 126.42 29.59
N ALA S 158 1.55 127.17 30.08
CA ALA S 158 1.51 127.59 31.47
C ALA S 158 0.42 128.62 31.64
N VAL S 159 -0.55 128.32 32.48
CA VAL S 159 -1.64 129.24 32.72
C VAL S 159 -1.11 130.42 33.50
N THR S 160 -1.54 131.63 33.16
CA THR S 160 -1.00 132.80 33.84
C THR S 160 -1.91 133.19 34.97
N GLY S 161 -1.42 132.99 36.20
CA GLY S 161 -2.22 133.34 37.36
C GLY S 161 -3.26 132.32 37.77
N ALA S 162 -3.30 131.15 37.12
CA ALA S 162 -4.34 130.18 37.44
C ALA S 162 -3.85 129.08 38.36
N THR S 163 -4.37 129.05 39.58
CA THR S 163 -3.96 128.03 40.55
C THR S 163 -4.36 126.60 40.21
N SER S 164 -5.59 126.41 39.75
CA SER S 164 -6.07 125.05 39.49
C SER S 164 -7.06 124.92 38.36
N TYR S 165 -7.16 123.72 37.80
CA TYR S 165 -8.14 123.48 36.77
C TYR S 165 -9.35 122.91 37.45
N ARG S 166 -10.41 123.70 37.59
CA ARG S 166 -11.64 123.19 38.18
C ARG S 166 -12.53 122.62 37.11
N VAL S 167 -12.22 121.40 36.67
CA VAL S 167 -13.01 120.80 35.61
C VAL S 167 -14.17 120.14 36.29
N GLY S 168 -15.36 120.65 36.06
CA GLY S 168 -16.52 120.12 36.76
C GLY S 168 -17.73 120.04 35.88
N VAL S 169 -18.72 119.27 36.31
CA VAL S 169 -19.97 119.16 35.56
C VAL S 169 -20.54 120.57 35.53
N PRO S 170 -21.21 120.95 34.44
CA PRO S 170 -21.63 122.36 34.36
C PRO S 170 -22.45 122.82 35.55
N GLY S 171 -22.08 123.97 36.11
CA GLY S 171 -22.77 124.49 37.27
C GLY S 171 -22.12 124.00 38.55
N GLU S 172 -21.20 123.03 38.44
CA GLU S 172 -20.48 122.54 39.61
C GLU S 172 -19.04 122.16 39.28
N PRO S 173 -18.13 123.14 39.31
CA PRO S 173 -16.72 122.85 39.07
C PRO S 173 -16.23 121.91 40.16
N ASP S 174 -16.73 122.11 41.38
CA ASP S 174 -16.33 121.28 42.51
C ASP S 174 -16.82 119.84 42.51
N LYS S 175 -17.77 119.49 41.64
CA LYS S 175 -18.35 118.15 41.69
C LYS S 175 -17.28 117.09 41.53
N PHE S 176 -16.38 117.25 40.58
CA PHE S 176 -15.27 116.31 40.46
C PHE S 176 -14.05 117.12 40.04
N GLY S 177 -12.85 116.65 40.38
CA GLY S 177 -11.65 117.34 39.93
C GLY S 177 -11.65 118.81 40.31
N ALA S 178 -12.12 119.13 41.50
CA ALA S 178 -12.21 120.52 41.90
C ALA S 178 -10.86 121.17 41.95
N SER S 179 -9.88 120.47 42.53
CA SER S 179 -8.54 121.02 42.55
C SER S 179 -7.56 120.14 41.83
N LEU S 180 -7.12 120.56 40.65
CA LEU S 180 -6.10 119.83 39.96
C LEU S 180 -5.15 120.95 39.65
N GLY S 181 -3.89 120.86 40.06
CA GLY S 181 -3.03 122.01 39.89
C GLY S 181 -2.83 122.41 38.45
N ALA S 182 -3.04 123.68 38.16
CA ALA S 182 -2.89 124.16 36.79
C ALA S 182 -1.44 124.55 36.61
N ALA S 183 -0.60 123.60 36.26
CA ALA S 183 0.82 123.87 36.12
C ALA S 183 1.28 123.35 34.79
N PRO S 184 2.21 124.07 34.13
CA PRO S 184 2.59 123.65 32.78
C PRO S 184 3.17 122.24 32.76
N GLY S 185 2.79 121.47 31.75
CA GLY S 185 3.29 120.12 31.62
C GLY S 185 2.67 119.12 32.57
N SER S 186 1.54 119.47 33.17
CA SER S 186 0.86 118.56 34.08
C SER S 186 -0.45 118.05 33.50
N SER S 187 -0.63 116.74 33.49
CA SER S 187 -1.85 116.16 32.96
C SER S 187 -2.82 116.08 34.11
N ASN S 188 -3.72 117.05 34.21
CA ASN S 188 -4.64 117.07 35.33
C ASN S 188 -5.90 116.30 35.06
N ILE S 189 -5.78 114.99 34.96
CA ILE S 189 -6.96 114.17 34.75
C ILE S 189 -7.82 114.22 36.00
N GLY S 190 -9.11 114.45 35.83
CA GLY S 190 -10.02 114.51 36.96
C GLY S 190 -11.07 113.46 36.73
N VAL S 191 -11.42 112.69 37.75
CA VAL S 191 -12.35 111.58 37.52
C VAL S 191 -13.67 111.68 38.26
N VAL S 192 -14.77 111.47 37.54
CA VAL S 192 -16.08 111.46 38.15
C VAL S 192 -16.37 110.06 38.65
N GLY S 193 -15.64 109.60 39.66
CA GLY S 193 -15.82 108.23 40.12
C GLY S 193 -17.13 107.77 40.74
N PRO S 194 -17.68 108.53 41.71
CA PRO S 194 -19.00 108.17 42.24
C PRO S 194 -20.15 108.47 41.27
N PHE S 195 -20.00 109.49 40.43
CA PHE S 195 -21.08 109.88 39.53
C PHE S 195 -20.77 109.57 38.07
N ALA S 196 -21.53 108.66 37.48
CA ALA S 196 -21.35 108.35 36.07
C ALA S 196 -22.38 109.17 35.34
N THR S 197 -21.96 110.25 34.69
CA THR S 197 -22.92 111.13 34.06
C THR S 197 -23.26 110.72 32.64
N TYR S 198 -24.15 109.74 32.50
CA TYR S 198 -24.57 109.33 31.16
C TYR S 198 -25.29 110.49 30.48
N ALA S 199 -26.07 111.25 31.24
CA ALA S 199 -26.79 112.39 30.69
C ALA S 199 -25.78 113.38 30.13
N PRO S 200 -26.11 114.04 29.02
CA PRO S 200 -25.11 114.92 28.39
C PRO S 200 -24.65 116.07 29.26
N THR S 201 -23.34 116.29 29.33
CA THR S 201 -22.80 117.39 30.12
C THR S 201 -21.69 118.10 29.38
N ASP S 202 -21.65 119.43 29.45
CA ASP S 202 -20.54 120.14 28.86
C ASP S 202 -19.69 120.55 30.03
N VAL S 203 -18.51 119.96 30.16
CA VAL S 203 -17.70 120.23 31.33
C VAL S 203 -17.32 121.70 31.40
N VAL S 204 -17.35 122.28 32.59
CA VAL S 204 -16.94 123.67 32.73
C VAL S 204 -15.62 123.68 33.47
N VAL S 205 -14.61 124.30 32.87
CA VAL S 205 -13.30 124.37 33.51
C VAL S 205 -13.13 125.80 33.97
N THR S 206 -12.80 125.97 35.24
CA THR S 206 -12.60 127.31 35.78
C THR S 206 -11.30 127.37 36.51
N ALA S 207 -10.64 128.51 36.49
CA ALA S 207 -9.43 128.64 37.28
C ALA S 207 -9.91 128.74 38.71
N GLU S 208 -9.07 128.38 39.67
CA GLU S 208 -9.55 128.35 41.05
C GLU S 208 -9.49 129.76 41.62
N GLY S 209 -10.58 130.51 41.47
CA GLY S 209 -10.58 131.89 41.91
C GLY S 209 -9.40 132.55 41.22
N ALA S 210 -9.20 132.26 39.95
CA ALA S 210 -8.00 132.75 39.27
C ALA S 210 -8.22 133.12 37.81
N ASP S 211 -7.18 133.68 37.20
CA ASP S 211 -7.28 134.07 35.79
C ASP S 211 -6.77 132.96 34.88
N PHE S 212 -7.65 132.43 34.04
CA PHE S 212 -7.28 131.38 33.09
C PHE S 212 -6.38 131.80 31.95
N THR S 213 -6.38 133.08 31.59
CA THR S 213 -5.65 133.52 30.40
C THR S 213 -4.16 133.24 30.38
N GLY S 214 -3.63 132.97 29.18
CA GLY S 214 -2.22 132.68 29.03
C GLY S 214 -1.84 131.22 29.04
N GLY S 215 -2.80 130.33 29.27
CA GLY S 215 -2.53 128.91 29.33
C GLY S 215 -3.48 128.11 28.46
N THR S 216 -3.11 126.89 28.12
CA THR S 216 -3.94 126.05 27.27
C THR S 216 -4.33 124.75 27.96
N ILE S 217 -5.59 124.36 27.82
CA ILE S 217 -6.05 123.11 28.43
C ILE S 217 -6.36 122.06 27.39
N GLY S 218 -5.82 120.85 27.56
CA GLY S 218 -6.16 119.77 26.65
C GLY S 218 -7.14 118.89 27.39
N LEU S 219 -8.33 118.71 26.84
CA LEU S 219 -9.34 117.94 27.55
C LEU S 219 -9.93 116.81 26.76
N ALA S 220 -9.92 115.61 27.34
CA ALA S 220 -10.58 114.49 26.68
C ALA S 220 -11.67 114.10 27.66
N ALA S 221 -12.90 114.02 27.18
CA ALA S 221 -14.00 113.70 28.07
C ALA S 221 -14.40 112.27 27.81
N SER S 222 -14.41 111.43 28.84
CA SER S 222 -14.71 110.03 28.61
C SER S 222 -16.14 109.88 28.19
N VAL S 223 -16.36 109.20 27.07
CA VAL S 223 -17.71 109.01 26.59
C VAL S 223 -17.88 107.50 26.53
N ILE S 224 -18.80 106.95 27.33
CA ILE S 224 -19.04 105.52 27.26
C ILE S 224 -20.49 105.25 26.88
N LEU S 225 -20.70 104.61 25.75
CA LEU S 225 -22.06 104.38 25.30
C LEU S 225 -22.41 102.92 25.37
N PRO S 226 -23.33 102.56 26.28
CA PRO S 226 -23.78 101.17 26.36
C PRO S 226 -24.67 100.84 25.18
N GLY S 227 -24.71 99.57 24.77
CA GLY S 227 -25.57 99.18 23.68
C GLY S 227 -25.00 99.46 22.32
N ALA S 228 -23.73 99.85 22.27
CA ALA S 228 -23.09 100.15 20.99
C ALA S 228 -23.01 98.90 20.15
N PRO S 229 -23.22 99.04 18.83
CA PRO S 229 -23.10 97.88 17.94
C PRO S 229 -21.67 97.40 17.78
N VAL S 230 -21.49 96.13 17.47
CA VAL S 230 -20.15 95.58 17.28
C VAL S 230 -19.67 95.83 15.86
N GLY T 17 14.07 71.09 14.83
CA GLY T 17 14.67 70.06 15.66
C GLY T 17 15.87 70.58 16.43
N GLN T 18 17.05 70.10 16.08
CA GLN T 18 18.25 70.55 16.76
C GLN T 18 18.47 72.03 16.53
N HIS T 19 18.23 72.48 15.31
CA HIS T 19 18.46 73.89 14.99
C HIS T 19 17.55 74.82 15.78
N VAL T 20 16.26 74.49 15.88
CA VAL T 20 15.37 75.30 16.72
C VAL T 20 14.71 74.33 17.66
N THR T 21 15.11 74.36 18.93
CA THR T 21 14.57 73.40 19.87
C THR T 21 13.14 73.73 20.24
N HIS T 22 12.37 72.71 20.59
CA HIS T 22 10.99 72.92 20.99
C HIS T 22 10.99 73.79 22.22
N ASN T 23 11.94 73.54 23.11
CA ASN T 23 12.02 74.32 24.33
C ASN T 23 12.28 75.80 24.05
N GLU T 24 13.12 76.08 23.05
CA GLU T 24 13.43 77.46 22.77
C GLU T 24 12.13 78.13 22.43
N ALA T 25 11.35 77.48 21.56
CA ALA T 25 10.07 78.04 21.17
C ALA T 25 9.10 78.13 22.33
N LEU T 26 9.03 77.08 23.14
CA LEU T 26 8.06 77.06 24.23
C LEU T 26 8.35 78.17 25.21
N ASP T 27 9.62 78.33 25.56
CA ASP T 27 10.01 79.37 26.50
C ASP T 27 9.70 80.70 25.88
N MET T 28 9.98 80.83 24.59
CA MET T 28 9.78 82.11 23.94
C MET T 28 8.30 82.47 24.02
N ILE T 29 7.42 81.51 23.74
CA ILE T 29 6.02 81.84 23.76
C ILE T 29 5.60 82.23 25.16
N ASP T 30 6.04 81.47 26.17
CA ASP T 30 5.61 81.77 27.52
C ASP T 30 6.09 83.14 27.95
N ALA T 31 7.36 83.44 27.69
CA ALA T 31 7.91 84.72 28.12
C ALA T 31 7.33 85.93 27.39
N LEU T 32 7.26 85.87 26.07
CA LEU T 32 6.73 86.98 25.29
C LEU T 32 5.23 87.23 25.44
N ALA T 33 4.46 86.14 25.52
CA ALA T 33 3.01 86.27 25.63
C ALA T 33 2.63 86.90 26.95
N PRO T 34 1.52 87.65 26.97
CA PRO T 34 1.19 88.35 28.21
C PRO T 34 1.09 87.35 29.34
N ARG T 35 1.70 87.68 30.47
CA ARG T 35 1.69 86.77 31.59
C ARG T 35 1.39 87.59 32.82
N VAL T 36 0.81 86.96 33.84
CA VAL T 36 0.58 87.67 35.07
C VAL T 36 1.89 87.55 35.81
N VAL T 37 2.60 88.67 35.95
CA VAL T 37 3.89 88.65 36.62
C VAL T 37 3.71 88.45 38.11
N LEU T 38 4.71 87.87 38.75
CA LEU T 38 4.66 87.65 40.19
C LEU T 38 5.55 88.65 40.89
N SER T 39 5.85 89.76 40.22
CA SER T 39 6.79 90.71 40.79
C SER T 39 6.31 91.20 42.14
N ASP T 40 7.24 91.26 43.10
CA ASP T 40 6.89 91.70 44.43
C ASP T 40 7.38 93.11 44.69
N SER T 41 7.77 93.81 43.62
CA SER T 41 8.32 95.16 43.76
C SER T 41 9.55 95.19 44.66
N LEU T 42 10.40 94.18 44.56
CA LEU T 42 11.63 94.16 45.33
C LEU T 42 12.79 94.61 44.45
N ALA T 43 13.87 95.07 45.06
CA ALA T 43 15.04 95.44 44.28
C ALA T 43 15.57 94.21 43.57
N THR T 44 15.61 93.08 44.28
CA THR T 44 16.15 91.85 43.70
C THR T 44 15.06 90.80 43.48
N PRO T 45 15.13 90.11 42.34
CA PRO T 45 14.17 89.02 42.08
C PRO T 45 14.35 87.88 43.06
N PRO T 46 13.27 87.16 43.37
CA PRO T 46 13.38 86.09 44.37
C PRO T 46 14.39 85.07 43.91
N PRO T 47 15.14 84.49 44.86
CA PRO T 47 16.21 83.57 44.45
C PRO T 47 15.68 82.36 43.70
N ALA T 48 14.53 81.84 44.11
CA ALA T 48 13.96 80.67 43.45
C ALA T 48 12.53 80.90 43.01
N PRO T 49 12.33 81.64 41.91
CA PRO T 49 10.98 81.85 41.39
C PRO T 49 10.50 80.58 40.71
N PRO T 50 9.19 80.46 40.48
CA PRO T 50 8.71 79.27 39.76
C PRO T 50 9.20 79.22 38.32
N ASP T 51 9.27 78.02 37.75
CA ASP T 51 9.67 77.91 36.36
C ASP T 51 8.65 78.61 35.48
N ARG T 52 9.12 79.24 34.40
CA ARG T 52 8.24 79.97 33.49
C ARG T 52 7.46 81.05 34.23
N SER T 53 8.11 81.73 35.16
CA SER T 53 7.44 82.77 35.93
C SER T 53 8.01 84.13 35.62
N ALA T 54 7.13 85.08 35.34
CA ALA T 54 7.60 86.41 34.96
C ALA T 54 7.74 87.30 36.15
N TRP T 55 8.90 87.92 36.29
CA TRP T 55 9.08 88.88 37.37
C TRP T 55 9.60 90.15 36.70
N ILE T 56 8.83 91.23 36.73
CA ILE T 56 9.33 92.46 36.16
C ILE T 56 10.26 93.13 37.16
N VAL T 57 11.42 93.57 36.70
CA VAL T 57 12.36 94.23 37.59
C VAL T 57 11.94 95.68 37.75
N PRO T 58 11.72 96.11 39.00
CA PRO T 58 11.33 97.48 39.27
C PRO T 58 12.50 98.43 39.07
N PRO T 59 12.22 99.71 38.80
CA PRO T 59 13.30 100.69 38.67
C PRO T 59 14.10 100.79 39.95
N GLY T 60 15.41 101.00 39.84
CA GLY T 60 16.23 101.00 41.03
C GLY T 60 16.33 99.59 41.58
N GLY T 61 16.22 98.61 40.69
CA GLY T 61 16.30 97.23 41.12
C GLY T 61 17.73 96.76 41.23
N SER T 62 18.16 96.43 42.45
CA SER T 62 19.52 95.96 42.68
C SER T 62 19.61 94.44 42.65
N GLY T 63 20.70 93.91 43.18
CA GLY T 63 20.85 92.46 43.24
C GLY T 63 20.87 91.86 41.85
N PHE T 64 19.96 90.95 41.59
CA PHE T 64 19.93 90.29 40.29
C PHE T 64 19.06 91.08 39.36
N GLY T 65 18.27 90.39 38.55
CA GLY T 65 17.47 91.09 37.57
C GLY T 65 18.40 91.41 36.43
N GLY T 66 18.74 90.40 35.63
CA GLY T 66 19.59 90.60 34.48
C GLY T 66 18.86 91.56 33.59
N ALA T 67 17.55 91.40 33.48
CA ALA T 67 16.76 92.34 32.69
C ALA T 67 16.88 93.70 33.34
N GLY T 68 16.95 94.74 32.52
CA GLY T 68 17.13 96.07 33.05
C GLY T 68 15.88 96.45 33.82
N PRO T 69 16.01 97.39 34.76
CA PRO T 69 14.77 97.79 35.43
C PRO T 69 13.78 98.30 34.40
N GLY T 70 12.51 97.94 34.53
CA GLY T 70 11.54 98.31 33.52
C GLY T 70 11.44 97.24 32.45
N GLN T 71 12.14 96.13 32.63
CA GLN T 71 12.07 95.01 31.68
C GLN T 71 11.73 93.79 32.50
N ILE T 72 11.03 92.83 31.88
CA ILE T 72 10.66 91.62 32.59
C ILE T 72 11.78 90.59 32.63
N ALA T 73 12.03 90.03 33.81
CA ALA T 73 13.01 88.96 33.91
C ALA T 73 12.22 87.69 34.20
N LEU T 74 12.28 86.72 33.31
CA LEU T 74 11.47 85.53 33.49
C LEU T 74 12.33 84.34 33.86
N ARG T 75 12.04 83.73 35.01
CA ARG T 75 12.80 82.59 35.44
C ARG T 75 12.50 81.38 34.57
N LEU T 76 13.56 80.72 34.10
CA LEU T 76 13.38 79.51 33.30
C LEU T 76 14.33 78.49 33.86
N GLY T 77 13.94 77.81 34.93
CA GLY T 77 14.86 76.89 35.57
C GLY T 77 16.10 77.61 36.04
N GLY T 78 15.93 78.81 36.59
CA GLY T 78 17.05 79.57 37.10
C GLY T 78 17.69 80.47 36.08
N VAL T 79 17.16 80.50 34.87
CA VAL T 79 17.68 81.42 33.88
C VAL T 79 16.70 82.57 33.82
N TRP T 80 17.15 83.76 34.16
CA TRP T 80 16.28 84.90 34.09
C TRP T 80 16.42 85.49 32.71
N HIS T 81 15.35 85.46 31.94
CA HIS T 81 15.42 85.96 30.58
C HIS T 81 15.21 87.45 30.56
N ALA T 82 16.11 88.18 29.91
CA ALA T 82 15.97 89.62 29.82
C ALA T 82 15.08 89.94 28.65
N ILE T 83 13.77 89.83 28.84
CA ILE T 83 12.87 90.05 27.72
C ILE T 83 12.30 91.44 27.76
N THR T 84 12.51 92.20 26.69
CA THR T 84 11.90 93.51 26.63
C THR T 84 10.42 93.22 26.54
N PRO T 85 9.62 93.94 27.32
CA PRO T 85 8.20 93.58 27.31
C PRO T 85 7.53 93.87 25.97
N ALA T 86 6.62 92.99 25.55
CA ALA T 86 5.90 93.20 24.30
C ALA T 86 4.88 94.33 24.41
N GLN T 87 4.71 95.10 23.34
CA GLN T 87 3.75 96.18 23.35
C GLN T 87 2.32 95.67 23.42
N GLY T 88 1.49 96.29 24.25
CA GLY T 88 0.09 95.90 24.34
C GLY T 88 -0.13 94.63 25.11
N ALA T 89 0.89 94.15 25.77
CA ALA T 89 0.77 92.88 26.48
C ALA T 89 0.59 93.15 27.96
N ARG T 90 -0.46 92.59 28.53
CA ARG T 90 -0.74 92.80 29.94
C ARG T 90 0.26 92.08 30.82
N TRP T 91 0.74 92.75 31.86
CA TRP T 91 1.63 92.11 32.81
C TRP T 91 1.09 92.38 34.19
N ARG T 92 -0.02 91.73 34.54
CA ARG T 92 -0.65 91.98 35.83
C ARG T 92 0.29 91.55 36.93
N VAL T 93 0.43 92.37 37.96
CA VAL T 93 1.29 92.02 39.06
C VAL T 93 0.50 91.15 40.01
N LEU T 94 1.03 89.97 40.34
CA LEU T 94 0.34 89.11 41.27
C LEU T 94 0.25 89.76 42.63
N ASP T 95 1.37 90.31 43.09
CA ASP T 95 1.38 90.93 44.42
C ASP T 95 0.53 92.18 44.48
N ARG T 96 0.69 93.05 43.49
CA ARG T 96 -0.12 94.26 43.45
C ARG T 96 -1.56 93.95 43.16
N GLY T 97 -1.81 93.05 42.22
CA GLY T 97 -3.17 92.79 41.80
C GLY T 97 -3.50 93.79 40.71
N ALA T 98 -2.56 94.68 40.40
CA ALA T 98 -2.77 95.71 39.39
C ALA T 98 -2.43 95.20 38.00
N ALA T 99 -3.22 95.58 37.01
CA ALA T 99 -2.96 95.15 35.64
C ALA T 99 -2.00 96.10 34.95
N VAL T 100 -0.69 95.85 35.07
CA VAL T 100 0.25 96.80 34.51
C VAL T 100 0.63 96.42 33.09
N ILE T 101 -0.01 97.05 32.12
CA ILE T 101 0.28 96.78 30.72
C ILE T 101 1.55 97.48 30.29
N TRP T 102 2.18 96.97 29.23
CA TRP T 102 3.36 97.65 28.70
C TRP T 102 2.92 98.22 27.38
N SER T 103 3.15 99.51 27.17
CA SER T 103 2.70 100.16 25.95
C SER T 103 3.78 100.11 24.90
N GLY T 104 4.90 99.46 25.19
CA GLY T 104 6.01 99.43 24.28
C GLY T 104 6.92 100.58 24.67
N THR T 105 6.45 101.43 25.57
CA THR T 105 7.26 102.55 26.03
C THR T 105 7.37 102.62 27.55
N SER T 106 6.24 102.58 28.24
CA SER T 106 6.27 102.73 29.68
C SER T 106 5.25 101.85 30.39
N TRP T 107 5.50 101.58 31.67
CA TRP T 107 4.54 100.78 32.43
C TRP T 107 3.31 101.59 32.76
N ARG T 108 2.13 101.03 32.49
CA ARG T 108 0.90 101.70 32.86
C ARG T 108 0.02 100.75 33.65
N PRO T 109 -0.43 101.17 34.84
CA PRO T 109 -1.35 100.27 35.53
C PRO T 109 -2.78 100.51 35.05
N ALA T 110 -3.39 99.55 34.39
CA ALA T 110 -4.71 99.75 33.80
C ALA T 110 -5.85 99.63 34.78
N ASP T 111 -7.08 99.73 34.29
CA ASP T 111 -8.23 99.70 35.17
C ASP T 111 -8.30 98.43 36.01
N VAL T 112 -8.59 98.57 37.29
CA VAL T 112 -8.67 97.42 38.20
C VAL T 112 -9.81 97.60 39.20
N ALA T 115 -8.18 93.66 41.03
CA ALA T 115 -8.40 94.55 42.16
C ALA T 115 -7.77 94.06 43.46
N LEU T 116 -8.12 94.67 44.58
CA LEU T 116 -7.55 94.27 45.86
C LEU T 116 -8.28 93.06 46.43
N GLY T 117 -8.12 91.91 45.80
CA GLY T 117 -8.78 90.72 46.26
C GLY T 117 -10.25 90.77 45.89
N SER T 118 -10.61 91.72 45.04
CA SER T 118 -11.99 91.86 44.62
C SER T 118 -12.05 92.16 43.14
N THR T 119 -11.57 91.25 42.31
CA THR T 119 -11.56 91.45 40.87
C THR T 119 -12.98 91.70 40.45
N LEU T 120 -13.18 92.74 39.65
CA LEU T 120 -14.53 93.11 39.26
C LEU T 120 -14.94 92.37 38.01
N GLY T 121 -16.00 91.59 38.10
CA GLY T 121 -16.49 90.94 36.90
C GLY T 121 -17.83 91.54 36.56
N LEU T 122 -17.98 92.00 35.32
CA LEU T 122 -19.25 92.57 34.91
C LEU T 122 -20.11 91.45 34.39
N ALA T 123 -21.10 91.06 35.18
CA ALA T 123 -21.96 89.97 34.76
C ALA T 123 -22.73 90.34 33.52
N THR T 124 -22.42 89.74 32.38
CA THR T 124 -23.23 90.00 31.23
C THR T 124 -24.44 89.14 31.43
N ILE T 125 -25.56 89.78 31.74
CA ILE T 125 -26.77 89.02 31.90
C ILE T 125 -27.68 89.37 30.76
N GLU T 126 -28.07 88.36 30.01
CA GLU T 126 -28.99 88.58 28.92
C GLU T 126 -30.32 88.08 29.41
N ALA T 127 -31.29 88.97 29.49
CA ALA T 127 -32.61 88.55 29.88
C ALA T 127 -33.51 88.67 28.68
N THR T 128 -34.07 87.56 28.24
CA THR T 128 -35.01 87.63 27.14
C THR T 128 -36.37 87.30 27.68
N VAL T 129 -37.26 88.28 27.64
CA VAL T 129 -38.60 88.05 28.15
C VAL T 129 -39.58 88.39 27.06
N THR T 130 -40.49 87.48 26.74
CA THR T 130 -41.51 87.84 25.78
C THR T 130 -42.31 88.90 26.50
N ALA T 131 -42.64 89.97 25.81
CA ALA T 131 -43.47 90.98 26.42
C ALA T 131 -44.87 90.43 26.32
N THR T 132 -45.52 90.26 27.46
CA THR T 132 -46.83 89.64 27.46
C THR T 132 -47.76 90.33 28.44
N GLY T 133 -49.05 90.27 28.18
CA GLY T 133 -50.03 90.91 29.05
C GLY T 133 -49.71 92.37 29.17
N PRO T 134 -49.72 92.90 30.41
CA PRO T 134 -49.32 94.29 30.59
C PRO T 134 -47.85 94.45 30.99
N SER T 135 -47.33 93.54 31.80
CA SER T 135 -45.96 93.64 32.27
C SER T 135 -45.32 92.28 32.47
N VAL T 136 -44.00 92.21 32.35
CA VAL T 136 -43.29 90.96 32.60
C VAL T 136 -42.09 91.28 33.47
N THR T 137 -41.63 90.30 34.23
CA THR T 137 -40.45 90.53 35.05
C THR T 137 -39.26 89.85 34.42
N ALA T 138 -38.23 90.63 34.09
CA ALA T 138 -37.02 90.05 33.53
C ALA T 138 -36.33 89.22 34.59
N PRO T 139 -35.67 88.13 34.16
CA PRO T 139 -35.03 87.22 35.12
C PRO T 139 -33.60 87.64 35.47
N ALA T 140 -33.14 88.79 35.00
CA ALA T 140 -31.76 89.19 35.24
C ALA T 140 -31.59 89.79 36.61
N LEU T 141 -31.59 88.96 37.63
CA LEU T 141 -31.37 89.45 38.98
C LEU T 141 -29.95 89.94 39.12
N ILE T 142 -29.77 91.07 39.80
CA ILE T 142 -28.43 91.59 40.01
C ILE T 142 -27.69 90.60 40.88
N PRO T 143 -26.42 90.31 40.55
CA PRO T 143 -25.66 89.44 41.45
C PRO T 143 -25.48 90.16 42.78
N PRO T 144 -25.46 89.41 43.88
CA PRO T 144 -25.40 90.11 45.16
C PRO T 144 -24.14 90.96 45.23
N ARG T 145 -24.26 92.18 45.76
CA ARG T 145 -23.12 93.08 45.84
C ARG T 145 -22.45 93.36 44.50
N ALA T 146 -23.23 93.66 43.48
CA ALA T 146 -22.66 94.02 42.19
C ALA T 146 -23.11 95.39 41.70
N ILE T 147 -22.18 96.28 41.43
CA ILE T 147 -22.53 97.61 40.90
C ILE T 147 -23.07 97.44 39.48
N VAL T 148 -24.15 98.12 39.13
CA VAL T 148 -24.65 98.02 37.76
C VAL T 148 -24.23 99.22 36.92
N LEU T 149 -23.36 98.99 35.93
CA LEU T 149 -23.00 100.09 35.03
C LEU T 149 -24.13 100.56 34.13
N GLY T 150 -24.82 99.64 33.46
CA GLY T 150 -25.95 100.01 32.63
C GLY T 150 -26.88 98.85 32.33
N VAL T 151 -28.19 99.07 32.38
CA VAL T 151 -29.11 98.00 31.99
C VAL T 151 -29.70 98.31 30.62
N THR T 152 -28.97 97.97 29.56
CA THR T 152 -29.44 98.22 28.21
C THR T 152 -30.59 97.30 27.88
N SER T 153 -31.57 97.79 27.13
CA SER T 153 -32.67 96.92 26.72
C SER T 153 -32.84 96.91 25.21
N TRP T 154 -32.84 95.73 24.61
CA TRP T 154 -33.04 95.64 23.18
C TRP T 154 -34.44 95.16 22.91
N THR T 155 -34.95 95.47 21.73
CA THR T 155 -36.25 94.93 21.40
C THR T 155 -35.99 93.82 20.39
N VAL T 156 -36.15 92.58 20.83
CA VAL T 156 -35.92 91.45 19.94
C VAL T 156 -36.94 91.45 18.82
N GLN T 157 -38.21 91.69 19.15
CA GLN T 157 -39.27 91.67 18.15
C GLN T 157 -40.16 92.85 18.40
N ALA T 158 -40.82 93.36 17.35
CA ALA T 158 -41.65 94.56 17.51
C ALA T 158 -42.72 94.29 18.53
N VAL T 159 -42.94 95.26 19.40
CA VAL T 159 -43.92 95.05 20.45
C VAL T 159 -45.25 95.65 20.05
N THR T 160 -46.25 94.80 19.88
CA THR T 160 -47.56 95.27 19.52
C THR T 160 -48.17 96.02 20.69
N GLY T 161 -48.91 97.08 20.41
CA GLY T 161 -49.55 97.85 21.46
C GLY T 161 -48.66 98.76 22.29
N ALA T 162 -47.62 98.22 22.91
CA ALA T 162 -46.82 99.05 23.80
C ALA T 162 -46.14 100.18 23.08
N THR T 163 -46.36 101.40 23.55
CA THR T 163 -45.67 102.54 22.97
C THR T 163 -44.19 102.50 23.29
N SER T 164 -43.86 102.15 24.53
CA SER T 164 -42.46 102.17 24.94
C SER T 164 -42.12 101.20 26.05
N TYR T 165 -40.86 100.84 26.19
CA TYR T 165 -40.45 99.97 27.29
C TYR T 165 -40.44 100.73 28.60
N ARG T 166 -40.72 100.03 29.70
CA ARG T 166 -40.63 100.69 31.01
C ARG T 166 -39.78 99.81 31.90
N VAL T 167 -38.49 99.75 31.62
CA VAL T 167 -37.60 98.92 32.40
C VAL T 167 -37.39 99.51 33.78
N GLY T 168 -37.14 98.67 34.77
CA GLY T 168 -36.97 99.15 36.13
C GLY T 168 -36.84 97.98 37.08
N VAL T 169 -36.84 98.24 38.38
CA VAL T 169 -36.79 97.17 39.38
C VAL T 169 -38.27 96.87 39.68
N PRO T 170 -38.61 95.62 40.04
CA PRO T 170 -40.04 95.37 40.20
C PRO T 170 -40.72 96.32 41.17
N GLY T 171 -41.87 96.83 40.78
CA GLY T 171 -42.59 97.80 41.59
C GLY T 171 -42.30 99.21 41.11
N GLU T 172 -41.22 99.38 40.34
CA GLU T 172 -40.93 100.68 39.76
C GLU T 172 -40.60 100.50 38.29
N PRO T 173 -41.40 101.11 37.41
CA PRO T 173 -41.04 101.03 35.99
C PRO T 173 -40.15 102.20 35.64
N ASP T 174 -39.90 103.06 36.62
CA ASP T 174 -39.10 104.26 36.36
C ASP T 174 -37.67 104.25 36.87
N LYS T 175 -37.17 103.12 37.36
CA LYS T 175 -35.83 103.12 37.97
C LYS T 175 -34.73 103.50 37.00
N PHE T 176 -34.75 102.97 35.79
CA PHE T 176 -33.78 103.36 34.78
C PHE T 176 -34.53 103.29 33.47
N GLY T 177 -34.24 104.17 32.53
CA GLY T 177 -34.92 104.04 31.25
C GLY T 177 -36.42 103.95 31.48
N ALA T 178 -36.99 104.92 32.19
CA ALA T 178 -38.40 104.84 32.54
C ALA T 178 -39.24 104.71 31.31
N SER T 179 -38.93 105.51 30.29
CA SER T 179 -39.63 105.33 29.03
C SER T 179 -38.55 105.03 28.02
N LEU T 180 -38.61 103.85 27.42
CA LEU T 180 -37.60 103.45 26.46
C LEU T 180 -38.24 103.26 25.09
N GLY T 181 -37.77 102.28 24.34
CA GLY T 181 -38.37 102.01 23.05
C GLY T 181 -38.93 100.61 22.88
N ALA T 182 -40.19 100.51 22.47
CA ALA T 182 -40.77 99.20 22.19
C ALA T 182 -40.64 98.92 20.70
N ALA T 183 -40.06 99.86 19.95
CA ALA T 183 -39.90 99.69 18.51
C ALA T 183 -38.95 98.55 18.18
N PRO T 184 -39.19 97.83 17.07
CA PRO T 184 -38.37 96.64 16.79
C PRO T 184 -36.88 96.89 16.62
N GLY T 185 -36.06 96.00 17.15
CA GLY T 185 -34.62 96.13 17.02
C GLY T 185 -34.04 97.38 17.66
N SER T 186 -34.66 97.86 18.73
CA SER T 186 -34.18 99.08 19.33
C SER T 186 -33.41 98.77 20.60
N SER T 187 -32.12 99.04 20.60
CA SER T 187 -31.31 98.82 21.79
C SER T 187 -31.34 100.07 22.67
N ASN T 188 -32.50 100.38 23.23
CA ASN T 188 -32.62 101.53 24.11
C ASN T 188 -31.90 101.22 25.41
N ILE T 189 -31.27 102.21 26.01
CA ILE T 189 -30.49 101.90 27.21
C ILE T 189 -31.15 102.40 28.47
N GLY T 190 -31.45 101.49 29.38
CA GLY T 190 -31.99 101.92 30.66
C GLY T 190 -30.75 102.08 31.50
N VAL T 191 -30.16 103.27 31.50
CA VAL T 191 -28.91 103.41 32.22
C VAL T 191 -29.08 103.73 33.68
N VAL T 192 -28.54 102.87 34.53
CA VAL T 192 -28.57 103.14 35.96
C VAL T 192 -27.73 104.39 36.18
N GLY T 193 -26.65 104.51 35.41
CA GLY T 193 -25.80 105.70 35.51
C GLY T 193 -25.12 105.91 36.83
N PRO T 194 -25.27 107.11 37.41
CA PRO T 194 -24.53 107.41 38.64
C PRO T 194 -24.89 106.49 39.80
N PHE T 195 -26.16 106.19 39.99
CA PHE T 195 -26.56 105.25 41.03
C PHE T 195 -26.46 103.83 40.52
N ALA T 196 -25.84 102.96 41.30
CA ALA T 196 -25.75 101.57 40.90
C ALA T 196 -26.28 100.72 42.04
N THR T 197 -27.14 99.77 41.72
CA THR T 197 -27.75 98.97 42.78
C THR T 197 -26.90 97.75 43.07
N TYR T 198 -26.02 97.86 44.06
CA TYR T 198 -25.20 96.73 44.44
C TYR T 198 -26.01 95.57 45.00
N ALA T 199 -27.02 95.87 45.81
CA ALA T 199 -27.84 94.81 46.40
C ALA T 199 -28.57 94.05 45.30
N PRO T 200 -28.69 92.73 45.46
CA PRO T 200 -29.31 91.96 44.36
C PRO T 200 -30.75 92.36 44.11
N THR T 201 -31.10 92.59 42.85
CA THR T 201 -32.47 92.97 42.50
C THR T 201 -32.89 92.46 41.14
N ASP T 202 -34.16 92.12 40.97
CA ASP T 202 -34.66 91.69 39.67
C ASP T 202 -34.95 92.90 38.79
N VAL T 203 -35.23 92.66 37.52
CA VAL T 203 -35.58 93.75 36.62
C VAL T 203 -37.02 93.56 36.14
N VAL T 204 -37.82 94.62 36.14
CA VAL T 204 -39.19 94.53 35.63
C VAL T 204 -39.37 95.36 34.36
N VAL T 205 -40.09 94.80 33.39
CA VAL T 205 -40.35 95.54 32.16
C VAL T 205 -41.86 95.69 32.01
N THR T 206 -42.32 96.90 31.74
CA THR T 206 -43.75 97.11 31.56
C THR T 206 -44.03 97.93 30.30
N ALA T 207 -45.23 97.78 29.75
CA ALA T 207 -45.61 98.59 28.60
C ALA T 207 -45.89 100.02 29.03
N GLU T 208 -45.68 100.98 28.12
CA GLU T 208 -45.93 102.37 28.47
C GLU T 208 -47.37 102.75 28.19
N GLY T 209 -48.23 102.66 29.20
CA GLY T 209 -49.63 102.99 29.03
C GLY T 209 -50.23 102.19 27.91
N ALA T 210 -49.86 100.91 27.80
CA ALA T 210 -50.31 100.10 26.67
C ALA T 210 -50.24 98.60 26.97
N ASP T 211 -50.57 97.78 25.98
CA ASP T 211 -50.52 96.34 26.16
C ASP T 211 -49.19 95.76 25.71
N PHE T 212 -48.49 95.07 26.60
CA PHE T 212 -47.19 94.47 26.28
C PHE T 212 -47.20 93.32 25.29
N THR T 213 -48.30 92.59 25.18
CA THR T 213 -48.32 91.38 24.34
C THR T 213 -47.98 91.55 22.88
N GLY T 214 -47.32 90.54 22.31
CA GLY T 214 -46.93 90.60 20.90
C GLY T 214 -45.52 91.08 20.64
N GLY T 215 -44.72 91.25 21.69
CA GLY T 215 -43.35 91.71 21.52
C GLY T 215 -42.35 90.88 22.27
N THR T 216 -41.08 90.95 21.90
CA THR T 216 -40.04 90.23 22.64
C THR T 216 -38.98 91.21 23.14
N ILE T 217 -38.54 91.07 24.38
CA ILE T 217 -37.58 92.00 24.97
C ILE T 217 -36.21 91.38 25.18
N GLY T 218 -35.16 92.07 24.75
CA GLY T 218 -33.81 91.60 25.00
C GLY T 218 -33.21 92.53 26.02
N LEU T 219 -32.29 92.03 26.84
CA LEU T 219 -31.69 92.86 27.86
C LEU T 219 -30.18 92.72 27.92
N ALA T 220 -29.51 93.79 28.31
CA ALA T 220 -28.06 93.75 28.43
C ALA T 220 -27.67 94.30 29.77
N ALA T 221 -27.93 93.55 30.83
CA ALA T 221 -27.53 94.01 32.14
C ALA T 221 -26.04 93.92 32.23
N SER T 222 -25.40 95.01 32.63
CA SER T 222 -23.96 94.98 32.83
C SER T 222 -23.75 95.24 34.29
N VAL T 223 -23.31 94.24 35.04
CA VAL T 223 -23.18 94.39 36.49
C VAL T 223 -21.81 93.99 37.02
N ILE T 224 -20.98 94.98 37.37
CA ILE T 224 -19.62 94.66 37.81
C ILE T 224 -19.54 94.33 39.29
N LEU T 225 -19.17 93.09 39.61
CA LEU T 225 -19.05 92.68 41.00
C LEU T 225 -17.62 92.54 41.52
N PRO T 226 -17.24 93.30 42.58
CA PRO T 226 -15.90 93.04 43.12
C PRO T 226 -16.00 91.83 44.02
N GLY T 227 -16.25 90.66 43.46
CA GLY T 227 -16.45 89.48 44.30
C GLY T 227 -15.41 88.38 44.27
N ALA T 228 -14.31 88.57 43.56
CA ALA T 228 -13.34 87.47 43.44
C ALA T 228 -11.95 87.78 43.99
N PRO T 229 -11.44 86.92 44.87
CA PRO T 229 -10.11 87.13 45.45
C PRO T 229 -8.99 87.06 44.42
N VAL T 230 -8.01 87.96 44.52
CA VAL T 230 -6.89 87.98 43.57
C VAL T 230 -5.58 88.21 44.31
N GLY U 17 14.92 79.83 12.47
CA GLY U 17 15.64 78.95 11.58
C GLY U 17 15.98 79.63 10.27
N GLN U 18 16.50 78.88 9.31
CA GLN U 18 16.75 79.47 8.00
C GLN U 18 15.51 79.55 7.12
N HIS U 19 14.78 78.45 7.02
CA HIS U 19 13.57 78.43 6.21
C HIS U 19 12.53 79.37 6.78
N VAL U 20 12.35 79.33 8.10
CA VAL U 20 11.45 80.27 8.73
C VAL U 20 12.38 80.94 9.69
N THR U 21 12.62 82.23 9.50
CA THR U 21 13.58 82.90 10.34
C THR U 21 13.06 83.11 11.74
N HIS U 22 13.97 83.27 12.68
CA HIS U 22 13.55 83.57 14.04
C HIS U 22 12.84 84.90 13.93
N ASN U 23 13.32 85.76 13.05
CA ASN U 23 12.68 87.05 12.84
C ASN U 23 11.25 86.90 12.34
N GLU U 24 10.99 85.93 11.48
CA GLU U 24 9.63 85.70 11.01
C GLU U 24 8.80 85.34 12.22
N ALA U 25 9.32 84.49 13.08
CA ALA U 25 8.61 84.12 14.29
C ALA U 25 8.43 85.31 15.22
N LEU U 26 9.46 86.14 15.35
CA LEU U 26 9.39 87.31 16.22
C LEU U 26 8.36 88.29 15.73
N ASP U 27 8.29 88.50 14.41
CA ASP U 27 7.31 89.40 13.85
C ASP U 27 5.95 88.82 14.15
N MET U 28 5.83 87.51 14.01
CA MET U 28 4.58 86.84 14.31
C MET U 28 4.23 87.02 15.77
N ILE U 29 5.24 86.98 16.64
CA ILE U 29 5.00 87.10 18.06
C ILE U 29 4.37 88.46 18.39
N ASP U 30 4.87 89.53 17.79
CA ASP U 30 4.28 90.83 18.03
C ASP U 30 2.85 90.86 17.54
N ALA U 31 2.63 90.31 16.35
CA ALA U 31 1.29 90.29 15.79
C ALA U 31 0.33 89.46 16.64
N LEU U 32 0.78 88.30 17.10
CA LEU U 32 -0.06 87.43 17.92
C LEU U 32 -0.42 88.10 19.22
N ALA U 33 0.56 88.77 19.83
CA ALA U 33 0.32 89.42 21.10
C ALA U 33 -0.67 90.55 20.93
N PRO U 34 -1.52 90.77 21.94
CA PRO U 34 -2.42 91.92 21.85
C PRO U 34 -1.54 93.14 21.79
N ARG U 35 -1.94 94.13 21.01
CA ARG U 35 -1.07 95.27 20.83
C ARG U 35 -1.80 96.56 21.09
N VAL U 36 -1.06 97.61 21.45
CA VAL U 36 -1.70 98.90 21.62
C VAL U 36 -1.74 99.48 20.22
N VAL U 37 -2.82 99.21 19.52
CA VAL U 37 -2.96 99.71 18.16
C VAL U 37 -3.29 101.19 18.15
N LEU U 38 -2.92 101.89 17.09
CA LEU U 38 -3.31 103.28 17.01
C LEU U 38 -4.36 103.46 15.93
N SER U 39 -5.59 103.75 16.34
CA SER U 39 -6.62 104.02 15.34
C SER U 39 -6.68 105.50 15.09
N ASP U 40 -5.85 105.99 14.18
CA ASP U 40 -5.86 107.40 13.86
C ASP U 40 -6.87 107.64 12.77
N SER U 41 -7.45 106.56 12.25
CA SER U 41 -8.47 106.67 11.20
C SER U 41 -7.98 107.45 10.00
N LEU U 42 -6.73 107.23 9.62
CA LEU U 42 -6.19 107.90 8.45
C LEU U 42 -6.43 106.97 7.27
N ALA U 43 -6.96 107.52 6.18
CA ALA U 43 -7.25 106.68 5.03
C ALA U 43 -5.95 106.07 4.58
N THR U 44 -4.88 106.88 4.59
CA THR U 44 -3.58 106.35 4.24
C THR U 44 -2.74 106.24 5.48
N PRO U 45 -2.16 105.06 5.72
CA PRO U 45 -1.33 104.84 6.91
C PRO U 45 -0.12 105.76 6.91
N PRO U 46 0.30 106.19 8.10
CA PRO U 46 1.40 107.14 8.21
C PRO U 46 2.69 106.55 7.66
N PRO U 47 3.57 107.41 7.12
CA PRO U 47 4.79 106.92 6.50
C PRO U 47 5.68 106.14 7.47
N ALA U 48 5.73 106.58 8.72
CA ALA U 48 6.56 105.89 9.70
C ALA U 48 5.81 105.51 10.97
N PRO U 49 4.97 104.46 10.90
CA PRO U 49 4.32 104.00 12.12
C PRO U 49 5.37 103.35 13.00
N PRO U 50 5.18 103.35 14.33
CA PRO U 50 6.25 102.80 15.16
C PRO U 50 6.50 101.32 14.87
N ASP U 51 7.76 100.92 14.88
CA ASP U 51 8.10 99.52 14.64
C ASP U 51 7.58 98.66 15.77
N ARG U 52 7.11 97.46 15.45
CA ARG U 52 6.55 96.54 16.46
C ARG U 52 5.31 97.14 17.08
N SER U 53 4.67 98.06 16.35
CA SER U 53 3.44 98.64 16.83
C SER U 53 2.47 98.55 15.68
N ALA U 54 1.23 98.24 15.99
CA ALA U 54 0.27 98.08 14.93
C ALA U 54 -0.53 99.34 14.79
N TRP U 55 -0.59 99.87 13.58
CA TRP U 55 -1.43 101.03 13.37
C TRP U 55 -2.61 100.44 12.65
N ILE U 56 -3.79 100.52 13.23
CA ILE U 56 -4.92 99.86 12.59
C ILE U 56 -5.42 100.67 11.43
N VAL U 57 -5.56 100.03 10.27
CA VAL U 57 -6.13 100.71 9.13
C VAL U 57 -7.61 100.80 9.39
N PRO U 58 -8.20 101.97 9.20
CA PRO U 58 -9.65 102.08 9.34
C PRO U 58 -10.33 101.33 8.22
N PRO U 59 -11.55 100.83 8.45
CA PRO U 59 -12.24 100.20 7.33
C PRO U 59 -12.46 101.23 6.24
N GLY U 60 -12.27 100.86 4.98
CA GLY U 60 -12.38 101.82 3.89
C GLY U 60 -11.10 102.60 3.67
N GLY U 61 -10.04 102.23 4.37
CA GLY U 61 -8.77 102.92 4.22
C GLY U 61 -8.19 102.80 2.81
N SER U 62 -7.67 103.89 2.27
CA SER U 62 -7.15 103.89 0.91
C SER U 62 -5.65 103.68 0.81
N GLY U 63 -5.16 103.37 -0.38
CA GLY U 63 -3.73 103.23 -0.56
C GLY U 63 -3.14 102.13 0.29
N PHE U 64 -2.18 102.48 1.14
CA PHE U 64 -1.52 101.49 1.97
C PHE U 64 -2.48 100.88 2.96
N GLY U 65 -2.20 99.66 3.41
CA GLY U 65 -3.13 98.97 4.27
C GLY U 65 -4.33 98.63 3.42
N GLY U 66 -4.12 98.55 2.11
CA GLY U 66 -5.19 98.25 1.19
C GLY U 66 -5.81 96.90 1.41
N ALA U 67 -4.99 95.91 1.71
CA ALA U 67 -5.52 94.59 2.00
C ALA U 67 -6.34 94.64 3.27
N GLY U 68 -7.55 94.11 3.22
CA GLY U 68 -8.35 94.06 4.43
C GLY U 68 -8.49 95.35 5.21
N PRO U 69 -9.03 96.42 4.61
CA PRO U 69 -9.10 97.62 5.45
C PRO U 69 -9.90 97.29 6.69
N GLY U 70 -9.49 97.79 7.84
CA GLY U 70 -10.13 97.39 9.09
C GLY U 70 -9.21 96.39 9.75
N GLN U 71 -8.17 95.96 9.03
CA GLN U 71 -7.16 95.08 9.63
C GLN U 71 -6.10 95.96 10.26
N ILE U 72 -5.19 95.36 11.01
CA ILE U 72 -4.17 96.13 11.70
C ILE U 72 -2.85 96.07 10.96
N ALA U 73 -2.35 97.22 10.53
CA ALA U 73 -1.09 97.23 9.82
C ALA U 73 0.02 97.35 10.84
N LEU U 74 0.82 96.31 10.96
CA LEU U 74 1.88 96.32 11.96
C LEU U 74 3.20 96.57 11.27
N ARG U 75 3.93 97.57 11.72
CA ARG U 75 5.17 97.90 11.03
C ARG U 75 6.31 97.07 11.54
N LEU U 76 6.82 96.18 10.72
CA LEU U 76 7.99 95.42 11.10
C LEU U 76 8.99 95.59 9.98
N GLY U 77 10.15 96.13 10.30
CA GLY U 77 11.16 96.38 9.28
C GLY U 77 10.66 97.34 8.23
N GLY U 78 9.78 98.26 8.60
CA GLY U 78 9.28 99.25 7.66
C GLY U 78 8.18 98.70 6.76
N VAL U 79 7.78 97.46 7.00
CA VAL U 79 6.74 96.85 6.18
C VAL U 79 5.52 96.71 7.04
N TRP U 80 4.39 97.19 6.55
CA TRP U 80 3.19 97.16 7.35
C TRP U 80 2.43 95.92 6.99
N HIS U 81 2.32 94.99 7.93
CA HIS U 81 1.65 93.74 7.65
C HIS U 81 0.27 93.85 8.25
N ALA U 82 -0.74 93.66 7.43
CA ALA U 82 -2.09 93.84 7.93
C ALA U 82 -2.53 92.53 8.54
N ILE U 83 -2.58 92.48 9.86
CA ILE U 83 -3.00 91.27 10.55
C ILE U 83 -4.51 91.18 10.44
N THR U 84 -5.01 90.00 10.07
CA THR U 84 -6.46 89.83 10.01
C THR U 84 -6.92 89.50 11.41
N PRO U 85 -7.77 90.37 11.97
CA PRO U 85 -8.17 90.15 13.36
C PRO U 85 -9.10 88.95 13.50
N ALA U 86 -8.90 88.15 14.55
CA ALA U 86 -9.71 86.96 14.78
C ALA U 86 -10.81 87.18 15.81
N GLN U 87 -11.53 86.11 16.13
CA GLN U 87 -12.57 86.20 17.13
C GLN U 87 -11.96 86.64 18.46
N GLY U 88 -12.60 87.59 19.13
CA GLY U 88 -12.10 88.05 20.41
C GLY U 88 -10.68 88.58 20.36
N ALA U 89 -10.35 89.30 19.30
CA ALA U 89 -9.00 89.81 19.17
C ALA U 89 -8.97 91.17 19.84
N ARG U 90 -8.25 91.29 20.94
CA ARG U 90 -8.28 92.55 21.67
C ARG U 90 -7.11 93.43 21.31
N TRP U 91 -7.42 94.61 20.80
CA TRP U 91 -6.37 95.55 20.48
C TRP U 91 -6.70 96.84 21.19
N ARG U 92 -5.79 97.36 21.98
CA ARG U 92 -6.12 98.55 22.73
C ARG U 92 -5.86 99.73 21.82
N VAL U 93 -6.89 100.53 21.55
CA VAL U 93 -6.72 101.63 20.63
C VAL U 93 -6.12 102.77 21.41
N LEU U 94 -4.93 103.19 21.04
CA LEU U 94 -4.26 104.27 21.75
C LEU U 94 -4.99 105.59 21.63
N ASP U 95 -5.43 105.92 20.43
CA ASP U 95 -6.05 107.22 20.23
C ASP U 95 -7.34 107.36 21.03
N ARG U 96 -8.20 106.35 20.97
CA ARG U 96 -9.40 106.37 21.79
C ARG U 96 -9.05 106.19 23.23
N GLY U 97 -8.07 105.33 23.50
CA GLY U 97 -7.70 105.03 24.88
C GLY U 97 -8.48 103.81 25.33
N ALA U 98 -9.45 103.38 24.54
CA ALA U 98 -10.22 102.19 24.87
C ALA U 98 -9.52 100.94 24.42
N ALA U 99 -9.78 99.82 25.07
CA ALA U 99 -9.23 98.58 24.58
C ALA U 99 -10.35 98.04 23.74
N VAL U 100 -10.14 97.90 22.44
CA VAL U 100 -11.23 97.49 21.59
C VAL U 100 -11.03 96.06 21.16
N ILE U 101 -12.00 95.22 21.48
CA ILE U 101 -11.87 93.82 21.15
C ILE U 101 -12.64 93.54 19.88
N TRP U 102 -11.94 93.11 18.85
CA TRP U 102 -12.60 92.85 17.60
C TRP U 102 -13.31 91.54 17.86
N SER U 103 -14.63 91.57 17.82
CA SER U 103 -15.42 90.37 18.11
C SER U 103 -15.12 89.33 17.07
N GLY U 104 -14.93 89.77 15.84
CA GLY U 104 -14.64 88.87 14.75
C GLY U 104 -15.47 89.44 13.63
N THR U 105 -16.72 89.78 13.93
CA THR U 105 -17.52 90.45 12.93
C THR U 105 -16.99 91.86 12.74
N SER U 106 -16.70 92.54 13.85
CA SER U 106 -16.24 93.93 13.80
C SER U 106 -15.65 94.35 15.13
N TRP U 107 -15.14 95.57 15.20
CA TRP U 107 -14.59 96.08 16.45
C TRP U 107 -15.62 96.21 17.55
N ARG U 108 -15.30 95.76 18.75
CA ARG U 108 -16.21 95.97 19.87
C ARG U 108 -15.44 96.57 21.05
N PRO U 109 -15.72 97.82 21.39
CA PRO U 109 -14.98 98.48 22.48
C PRO U 109 -15.33 98.02 23.90
N ALA U 110 -14.34 97.81 24.75
CA ALA U 110 -14.60 97.39 26.12
C ALA U 110 -15.06 98.53 27.02
N ASP U 111 -15.76 98.20 28.10
CA ASP U 111 -16.24 99.21 29.04
C ASP U 111 -15.04 99.89 29.70
N VAL U 112 -15.12 101.20 29.89
CA VAL U 112 -14.04 101.90 30.58
C VAL U 112 -14.57 102.67 31.78
N ALA U 115 -8.11 105.42 28.70
CA ALA U 115 -9.18 106.27 28.17
C ALA U 115 -8.64 107.62 27.79
N LEU U 116 -8.20 108.37 28.79
CA LEU U 116 -7.68 109.71 28.57
C LEU U 116 -6.23 109.66 28.94
N GLY U 117 -5.65 108.47 28.95
CA GLY U 117 -4.28 108.33 29.43
C GLY U 117 -4.44 108.07 30.91
N SER U 118 -5.69 108.03 31.37
CA SER U 118 -5.94 107.74 32.76
C SER U 118 -5.66 106.28 32.97
N THR U 119 -4.89 105.99 34.01
CA THR U 119 -4.57 104.61 34.30
C THR U 119 -4.99 104.42 35.74
N LEU U 120 -5.69 103.32 36.04
CA LEU U 120 -6.18 103.16 37.39
C LEU U 120 -5.11 102.48 38.22
N GLY U 121 -4.35 103.29 38.95
CA GLY U 121 -3.28 102.75 39.77
C GLY U 121 -3.81 101.97 40.95
N LEU U 122 -3.16 100.84 41.27
CA LEU U 122 -3.58 100.07 42.43
C LEU U 122 -2.46 99.85 43.42
N ALA U 123 -2.71 100.08 44.70
CA ALA U 123 -1.71 99.79 45.71
C ALA U 123 -2.30 98.72 46.61
N THR U 124 -1.60 97.61 46.80
CA THR U 124 -2.19 96.52 47.57
C THR U 124 -2.24 96.85 49.06
N ILE U 125 -3.43 96.75 49.64
CA ILE U 125 -3.58 97.01 51.07
C ILE U 125 -4.21 95.83 51.81
N GLU U 126 -4.17 94.63 51.22
CA GLU U 126 -4.75 93.53 51.94
C GLU U 126 -3.95 93.34 53.20
N ALA U 127 -4.63 93.30 54.32
CA ALA U 127 -3.94 93.17 55.59
C ALA U 127 -4.72 92.25 56.47
N THR U 128 -4.04 91.54 57.35
CA THR U 128 -4.75 90.71 58.28
C THR U 128 -4.85 91.55 59.53
N VAL U 129 -6.08 91.87 59.92
CA VAL U 129 -6.26 92.64 61.13
C VAL U 129 -6.58 91.66 62.21
N THR U 130 -5.66 91.48 63.15
CA THR U 130 -5.97 90.62 64.27
C THR U 130 -7.07 91.31 65.00
N ALA U 131 -8.08 90.56 65.40
CA ALA U 131 -9.22 91.18 66.04
C ALA U 131 -9.13 90.89 67.51
N THR U 132 -9.02 91.93 68.32
CA THR U 132 -9.01 91.76 69.76
C THR U 132 -10.06 92.68 70.32
N GLY U 133 -11.05 92.12 71.02
CA GLY U 133 -12.13 92.93 71.54
C GLY U 133 -13.17 93.11 70.46
N PRO U 134 -14.37 93.56 70.85
CA PRO U 134 -15.43 93.77 69.86
C PRO U 134 -15.03 94.82 68.84
N SER U 135 -14.39 95.89 69.30
CA SER U 135 -13.99 96.94 68.39
C SER U 135 -12.51 96.86 68.04
N VAL U 136 -12.22 96.73 66.75
CA VAL U 136 -10.83 96.72 66.30
C VAL U 136 -10.72 97.70 65.16
N THR U 137 -9.56 98.31 64.98
CA THR U 137 -9.42 99.33 63.95
C THR U 137 -8.61 98.84 62.78
N ALA U 138 -9.20 98.83 61.59
CA ALA U 138 -8.42 98.46 60.40
C ALA U 138 -7.51 99.63 60.06
N PRO U 139 -6.28 99.32 59.64
CA PRO U 139 -5.31 100.37 59.32
C PRO U 139 -5.27 100.73 57.84
N ALA U 140 -6.19 100.21 57.04
CA ALA U 140 -6.16 100.43 55.60
C ALA U 140 -6.77 101.77 55.22
N LEU U 141 -6.07 102.86 55.53
CA LEU U 141 -6.56 104.16 55.14
C LEU U 141 -6.46 104.30 53.63
N ILE U 142 -7.48 104.87 53.01
CA ILE U 142 -7.50 105.03 51.57
C ILE U 142 -6.50 106.11 51.15
N PRO U 143 -5.89 105.97 49.97
CA PRO U 143 -5.04 107.07 49.52
C PRO U 143 -5.92 108.26 49.17
N PRO U 144 -5.39 109.49 49.30
CA PRO U 144 -6.18 110.65 48.90
C PRO U 144 -6.49 110.60 47.41
N ARG U 145 -7.70 110.99 47.03
CA ARG U 145 -8.11 110.99 45.62
C ARG U 145 -8.04 109.60 45.01
N ALA U 146 -8.29 108.57 45.80
CA ALA U 146 -8.31 107.23 45.25
C ALA U 146 -9.71 106.66 45.34
N ILE U 147 -10.32 106.41 44.19
CA ILE U 147 -11.67 105.86 44.18
C ILE U 147 -11.69 104.47 44.78
N VAL U 148 -12.68 104.17 45.62
CA VAL U 148 -12.78 102.82 46.16
C VAL U 148 -13.94 102.15 45.46
N LEU U 149 -13.64 101.19 44.60
CA LEU U 149 -14.71 100.48 43.93
C LEU U 149 -15.52 99.71 44.93
N GLY U 150 -14.85 99.01 45.84
CA GLY U 150 -15.55 98.20 46.83
C GLY U 150 -14.64 97.90 48.00
N VAL U 151 -15.21 97.47 49.12
CA VAL U 151 -14.38 97.08 50.26
C VAL U 151 -14.31 95.57 50.38
N THR U 152 -13.10 95.03 50.42
CA THR U 152 -12.93 93.57 50.46
C THR U 152 -12.85 93.04 51.86
N SER U 153 -13.74 92.11 52.21
CA SER U 153 -13.73 91.56 53.54
C SER U 153 -13.55 90.05 53.57
N TRP U 154 -12.65 89.57 54.42
CA TRP U 154 -12.42 88.15 54.56
C TRP U 154 -12.17 87.91 56.02
N THR U 155 -12.33 86.67 56.48
CA THR U 155 -11.97 86.40 57.86
C THR U 155 -10.90 85.32 57.83
N VAL U 156 -9.75 85.60 58.43
CA VAL U 156 -8.66 84.65 58.43
C VAL U 156 -8.70 83.62 59.58
N GLN U 157 -9.09 84.07 60.76
CA GLN U 157 -9.10 83.16 61.91
C GLN U 157 -10.44 83.23 62.59
N ALA U 158 -10.80 82.17 63.30
CA ALA U 158 -12.11 82.14 63.90
C ALA U 158 -12.25 83.28 64.87
N VAL U 159 -13.32 84.04 64.74
CA VAL U 159 -13.54 85.13 65.66
C VAL U 159 -14.45 84.54 66.71
N THR U 160 -14.04 84.60 67.97
CA THR U 160 -14.81 83.92 69.01
C THR U 160 -15.87 84.80 69.65
N GLY U 161 -17.11 84.32 69.68
CA GLY U 161 -18.20 85.14 70.22
C GLY U 161 -18.64 86.19 69.23
N ALA U 162 -18.31 86.01 67.95
CA ALA U 162 -18.62 87.03 66.96
C ALA U 162 -19.83 86.71 66.10
N THR U 163 -20.76 87.65 66.02
CA THR U 163 -21.92 87.47 65.16
C THR U 163 -21.95 88.44 63.98
N SER U 164 -21.39 89.64 64.15
CA SER U 164 -21.45 90.63 63.08
C SER U 164 -20.21 91.48 62.90
N TYR U 165 -19.93 91.88 61.66
CA TYR U 165 -18.77 92.71 61.38
C TYR U 165 -19.27 94.09 61.02
N ARG U 166 -19.05 95.07 61.88
CA ARG U 166 -19.42 96.43 61.52
C ARG U 166 -18.21 97.09 60.84
N VAL U 167 -17.90 96.65 59.63
CA VAL U 167 -16.79 97.23 58.92
C VAL U 167 -17.26 98.49 58.26
N GLY U 168 -16.57 99.60 58.51
CA GLY U 168 -16.92 100.84 57.88
C GLY U 168 -16.07 101.96 58.43
N VAL U 169 -16.31 103.18 57.98
CA VAL U 169 -15.52 104.31 58.43
C VAL U 169 -15.72 104.45 59.93
N PRO U 170 -14.67 104.81 60.67
CA PRO U 170 -14.93 104.90 62.11
C PRO U 170 -16.01 105.92 62.44
N GLY U 171 -16.95 105.55 63.28
CA GLY U 171 -18.03 106.45 63.67
C GLY U 171 -19.20 106.21 62.75
N GLU U 172 -18.95 105.61 61.59
CA GLU U 172 -20.03 105.26 60.68
C GLU U 172 -19.72 103.91 60.04
N PRO U 173 -19.87 102.83 60.82
CA PRO U 173 -19.54 101.49 60.29
C PRO U 173 -20.54 101.09 59.23
N ASP U 174 -21.65 101.81 59.13
CA ASP U 174 -22.68 101.51 58.15
C ASP U 174 -22.27 101.69 56.69
N LYS U 175 -21.19 102.42 56.40
CA LYS U 175 -20.82 102.68 55.02
C LYS U 175 -20.56 101.39 54.29
N PHE U 176 -19.87 100.45 54.92
CA PHE U 176 -19.71 99.12 54.33
C PHE U 176 -20.66 98.32 55.18
N GLY U 177 -21.04 97.12 54.77
CA GLY U 177 -22.05 96.42 55.54
C GLY U 177 -21.63 96.30 56.99
N ALA U 178 -22.54 96.65 57.88
CA ALA U 178 -22.24 96.59 59.30
C ALA U 178 -22.76 95.31 59.93
N SER U 179 -23.51 94.53 59.17
CA SER U 179 -24.08 93.30 59.70
C SER U 179 -23.46 92.05 59.10
N LEU U 180 -22.34 92.19 58.40
CA LEU U 180 -21.77 91.03 57.74
C LEU U 180 -21.44 90.01 58.79
N GLY U 181 -21.76 88.74 58.55
CA GLY U 181 -21.54 87.75 59.58
C GLY U 181 -20.08 87.64 59.92
N ALA U 182 -19.76 87.57 61.21
CA ALA U 182 -18.37 87.38 61.60
C ALA U 182 -18.20 85.93 61.97
N ALA U 183 -17.43 85.20 61.17
CA ALA U 183 -17.26 83.77 61.41
C ALA U 183 -15.94 83.32 60.81
N PRO U 184 -15.41 82.18 61.25
CA PRO U 184 -14.11 81.81 60.70
C PRO U 184 -14.16 81.62 59.20
N GLY U 185 -13.16 82.16 58.50
CA GLY U 185 -13.10 81.98 57.05
C GLY U 185 -14.28 82.56 56.30
N SER U 186 -14.90 83.62 56.83
CA SER U 186 -16.09 84.15 56.19
C SER U 186 -15.72 85.31 55.28
N SER U 187 -16.12 85.21 54.02
CA SER U 187 -15.81 86.26 53.07
C SER U 187 -16.99 87.18 52.97
N ASN U 188 -16.78 88.44 53.31
CA ASN U 188 -17.84 89.41 53.27
C ASN U 188 -17.52 90.42 52.21
N ILE U 189 -16.84 89.98 51.15
CA ILE U 189 -16.42 90.89 50.11
C ILE U 189 -17.62 91.64 49.55
N GLY U 190 -17.50 92.96 49.40
CA GLY U 190 -18.63 93.73 48.95
C GLY U 190 -18.34 95.12 48.39
N VAL U 191 -19.35 95.76 47.83
CA VAL U 191 -19.18 97.11 47.33
C VAL U 191 -19.69 98.08 48.37
N VAL U 192 -19.00 99.20 48.54
CA VAL U 192 -19.51 100.21 49.47
C VAL U 192 -20.54 101.05 48.73
N GLY U 193 -21.59 100.41 48.24
CA GLY U 193 -22.65 101.15 47.57
C GLY U 193 -22.24 101.64 46.20
N PRO U 194 -23.11 102.43 45.56
CA PRO U 194 -22.74 103.03 44.28
C PRO U 194 -21.58 104.00 44.47
N PHE U 195 -21.61 104.74 45.57
CA PHE U 195 -20.59 105.75 45.83
C PHE U 195 -19.20 105.17 45.99
N ALA U 196 -18.21 105.88 45.48
CA ALA U 196 -16.84 105.43 45.61
C ALA U 196 -16.11 106.44 46.47
N THR U 197 -15.40 105.99 47.49
CA THR U 197 -14.77 106.93 48.41
C THR U 197 -13.38 107.37 48.01
N TYR U 198 -13.26 108.49 47.31
CA TYR U 198 -11.95 109.02 46.97
C TYR U 198 -11.18 109.46 48.22
N ALA U 199 -11.88 110.05 49.18
CA ALA U 199 -11.22 110.56 50.38
C ALA U 199 -10.59 109.46 51.22
N PRO U 200 -9.43 109.76 51.81
CA PRO U 200 -8.75 108.78 52.66
C PRO U 200 -9.57 108.42 53.88
N THR U 201 -9.77 107.12 54.14
CA THR U 201 -10.54 106.70 55.30
C THR U 201 -10.14 105.34 55.85
N ASP U 202 -10.21 105.18 57.17
CA ASP U 202 -9.97 103.87 57.76
C ASP U 202 -11.27 103.08 57.68
N VAL U 203 -11.21 101.78 57.87
CA VAL U 203 -12.43 100.97 57.87
C VAL U 203 -12.47 100.18 59.14
N VAL U 204 -12.76 100.85 60.25
CA VAL U 204 -12.73 100.18 61.54
C VAL U 204 -13.66 98.99 61.59
N VAL U 205 -13.15 97.86 62.07
CA VAL U 205 -13.98 96.67 62.19
C VAL U 205 -14.67 96.64 63.53
N THR U 206 -15.77 97.37 63.64
CA THR U 206 -16.55 97.38 64.87
C THR U 206 -17.37 96.11 64.93
N ALA U 207 -17.97 95.83 66.08
CA ALA U 207 -18.84 94.67 66.16
C ALA U 207 -20.18 94.98 66.78
N GLU U 208 -21.22 94.30 66.31
CA GLU U 208 -22.54 94.50 66.90
C GLU U 208 -22.64 93.58 68.10
N GLY U 209 -22.06 94.00 69.22
CA GLY U 209 -22.07 93.18 70.41
C GLY U 209 -21.43 91.83 70.16
N ALA U 210 -20.38 91.81 69.35
CA ALA U 210 -19.72 90.56 69.02
C ALA U 210 -18.29 90.59 69.50
N ASP U 211 -17.89 89.64 70.33
CA ASP U 211 -16.51 89.59 70.73
C ASP U 211 -15.69 89.20 69.50
N PHE U 212 -14.63 89.94 69.21
CA PHE U 212 -13.79 89.57 68.08
C PHE U 212 -12.50 88.93 68.52
N THR U 213 -12.29 88.78 69.82
CA THR U 213 -11.02 88.28 70.31
C THR U 213 -10.70 86.87 69.85
N GLY U 214 -9.41 86.62 69.57
CA GLY U 214 -9.01 85.29 69.12
C GLY U 214 -9.18 85.11 67.63
N GLY U 215 -9.53 86.18 66.91
CA GLY U 215 -9.80 86.07 65.50
C GLY U 215 -9.00 87.00 64.62
N THR U 216 -8.87 86.67 63.35
CA THR U 216 -8.15 87.53 62.42
C THR U 216 -9.02 87.85 61.22
N ILE U 217 -8.96 89.10 60.75
CA ILE U 217 -9.78 89.52 59.62
C ILE U 217 -8.91 89.88 58.44
N GLY U 218 -9.18 89.32 57.28
CA GLY U 218 -8.42 89.71 56.10
C GLY U 218 -9.15 90.89 55.53
N LEU U 219 -8.55 92.07 55.61
CA LEU U 219 -9.26 93.25 55.14
C LEU U 219 -8.52 94.01 54.07
N ALA U 220 -9.21 94.30 52.98
CA ALA U 220 -8.61 95.06 51.89
C ALA U 220 -9.70 95.98 51.37
N ALA U 221 -9.31 97.05 50.70
CA ALA U 221 -10.31 97.90 50.07
C ALA U 221 -9.81 98.05 48.65
N SER U 222 -10.64 97.90 47.64
CA SER U 222 -10.09 98.04 46.32
C SER U 222 -9.62 99.49 46.26
N VAL U 223 -8.35 99.67 45.90
CA VAL U 223 -7.82 101.02 45.85
C VAL U 223 -7.58 101.29 44.40
N ILE U 224 -8.26 102.29 43.87
CA ILE U 224 -8.12 102.59 42.47
C ILE U 224 -7.76 104.05 42.41
N LEU U 225 -6.71 104.39 41.68
CA LEU U 225 -6.40 105.79 41.52
C LEU U 225 -6.71 106.11 40.08
N PRO U 226 -7.90 106.65 39.84
CA PRO U 226 -8.29 106.97 38.47
C PRO U 226 -7.75 108.34 38.07
N GLY U 227 -7.76 108.62 36.78
CA GLY U 227 -7.21 109.87 36.31
C GLY U 227 -5.76 110.05 36.66
N ALA U 228 -4.99 108.97 36.54
CA ALA U 228 -3.56 109.04 36.81
C ALA U 228 -2.82 108.79 35.51
N PRO U 229 -1.85 109.66 35.18
CA PRO U 229 -1.15 109.51 33.90
C PRO U 229 -0.36 108.20 33.81
N VAL U 230 -0.31 107.60 32.63
CA VAL U 230 0.43 106.34 32.42
C VAL U 230 1.54 106.03 33.42
N GLY V 17 11.42 64.20 -35.05
CA GLY V 17 10.64 63.76 -33.91
C GLY V 17 10.85 62.30 -33.59
N GLN V 18 10.60 61.90 -32.35
CA GLN V 18 10.70 60.48 -32.01
C GLN V 18 9.67 59.71 -32.81
N HIS V 19 8.46 60.26 -32.93
CA HIS V 19 7.39 59.58 -33.63
C HIS V 19 7.73 59.37 -35.10
N VAL V 20 8.26 60.41 -35.76
CA VAL V 20 8.68 60.26 -37.15
C VAL V 20 10.13 60.69 -37.25
N THR V 21 11.00 59.77 -37.67
CA THR V 21 12.41 60.10 -37.75
C THR V 21 12.62 61.04 -38.90
N HIS V 22 13.73 61.76 -38.88
CA HIS V 22 13.98 62.74 -39.92
C HIS V 22 14.01 61.97 -41.23
N ASN V 23 14.62 60.80 -41.22
CA ASN V 23 14.66 59.96 -42.41
C ASN V 23 13.29 59.46 -42.86
N GLU V 24 12.40 59.14 -41.93
CA GLU V 24 11.07 58.73 -42.30
C GLU V 24 10.43 59.86 -43.05
N ALA V 25 10.60 61.08 -42.55
CA ALA V 25 10.04 62.23 -43.21
C ALA V 25 10.69 62.42 -44.57
N LEU V 26 11.99 62.22 -44.66
CA LEU V 26 12.70 62.43 -45.91
C LEU V 26 12.22 61.49 -47.00
N ASP V 27 12.00 60.23 -46.64
CA ASP V 27 11.53 59.27 -47.61
C ASP V 27 10.17 59.68 -48.11
N MET V 28 9.31 60.13 -47.21
CA MET V 28 7.97 60.54 -47.60
C MET V 28 8.04 61.74 -48.53
N ILE V 29 8.90 62.69 -48.23
CA ILE V 29 9.01 63.89 -49.06
C ILE V 29 9.50 63.54 -50.45
N ASP V 30 10.49 62.67 -50.54
CA ASP V 30 11.05 62.32 -51.84
C ASP V 30 10.00 61.64 -52.69
N ALA V 31 9.24 60.74 -52.08
CA ALA V 31 8.20 60.03 -52.80
C ALA V 31 7.07 60.93 -53.30
N LEU V 32 6.62 61.85 -52.44
CA LEU V 32 5.54 62.76 -52.84
C LEU V 32 5.96 63.71 -53.95
N ALA V 33 7.19 64.19 -53.89
CA ALA V 33 7.67 65.11 -54.91
C ALA V 33 7.66 64.40 -56.25
N PRO V 34 7.29 65.12 -57.32
CA PRO V 34 7.17 64.42 -58.60
C PRO V 34 8.50 63.79 -58.96
N ARG V 35 8.46 62.53 -59.36
CA ARG V 35 9.70 61.84 -59.69
C ARG V 35 9.56 61.24 -61.06
N VAL V 36 10.57 61.40 -61.89
CA VAL V 36 10.52 60.74 -63.17
C VAL V 36 10.72 59.27 -62.81
N VAL V 37 9.84 58.41 -63.30
CA VAL V 37 9.91 57.00 -62.92
C VAL V 37 9.78 56.11 -64.15
N LEU V 38 10.46 54.97 -64.15
CA LEU V 38 10.45 54.13 -65.35
C LEU V 38 9.26 53.19 -65.42
N SER V 39 8.48 53.28 -66.49
CA SER V 39 7.39 52.34 -66.66
C SER V 39 7.79 51.34 -67.70
N ASP V 40 8.17 50.15 -67.28
CA ASP V 40 8.51 49.12 -68.25
C ASP V 40 7.28 48.28 -68.53
N SER V 41 6.19 48.55 -67.81
CA SER V 41 4.92 47.84 -68.03
C SER V 41 5.02 46.34 -67.88
N LEU V 42 5.85 45.88 -66.96
CA LEU V 42 5.96 44.45 -66.71
C LEU V 42 4.94 44.02 -65.67
N ALA V 43 4.62 42.74 -65.66
CA ALA V 43 3.75 42.22 -64.63
C ALA V 43 4.49 42.39 -63.32
N THR V 44 5.79 42.14 -63.34
CA THR V 44 6.60 42.23 -62.13
C THR V 44 7.70 43.25 -62.28
N PRO V 45 8.00 44.01 -61.21
CA PRO V 45 9.01 45.07 -61.27
C PRO V 45 10.44 44.57 -61.36
N PRO V 46 11.39 45.45 -61.70
CA PRO V 46 12.80 45.05 -61.77
C PRO V 46 13.26 44.55 -60.41
N PRO V 47 14.23 43.62 -60.39
CA PRO V 47 14.61 43.00 -59.11
C PRO V 47 15.07 44.00 -58.06
N ALA V 48 15.85 45.01 -58.42
CA ALA V 48 16.20 46.01 -57.41
C ALA V 48 15.75 47.39 -57.82
N PRO V 49 14.61 47.85 -57.27
CA PRO V 49 14.23 49.23 -57.55
C PRO V 49 14.99 50.05 -56.54
N PRO V 50 15.76 51.04 -56.99
CA PRO V 50 16.59 51.77 -56.03
C PRO V 50 15.81 52.58 -55.01
N ASP V 51 16.41 52.85 -53.87
CA ASP V 51 15.76 53.65 -52.85
C ASP V 51 15.47 55.02 -53.44
N ARG V 52 14.31 55.58 -53.12
CA ARG V 52 13.89 56.89 -53.66
C ARG V 52 13.69 56.81 -55.17
N SER V 53 13.45 55.60 -55.68
CA SER V 53 13.19 55.43 -57.11
C SER V 53 12.07 54.42 -57.26
N ALA V 54 11.27 54.56 -58.30
CA ALA V 54 10.13 53.68 -58.46
C ALA V 54 9.96 53.17 -59.87
N TRP V 55 9.26 52.07 -60.01
CA TRP V 55 8.97 51.57 -61.33
C TRP V 55 7.46 51.73 -61.45
N ILE V 56 7.00 52.38 -62.52
CA ILE V 56 5.57 52.62 -62.66
C ILE V 56 4.85 51.31 -62.83
N VAL V 57 3.75 51.13 -62.12
CA VAL V 57 2.97 49.91 -62.25
C VAL V 57 1.88 50.20 -63.26
N PRO V 58 1.85 49.42 -64.34
CA PRO V 58 0.77 49.56 -65.32
C PRO V 58 -0.49 48.92 -64.78
N PRO V 59 -1.65 49.24 -65.37
CA PRO V 59 -2.82 48.51 -64.91
C PRO V 59 -2.59 47.03 -65.17
N GLY V 60 -2.98 46.17 -64.24
CA GLY V 60 -2.69 44.75 -64.38
C GLY V 60 -1.35 44.42 -63.76
N GLY V 61 -0.70 45.40 -63.15
CA GLY V 61 0.57 45.16 -62.49
C GLY V 61 0.38 44.23 -61.32
N SER V 62 1.36 43.38 -61.06
CA SER V 62 1.21 42.37 -60.00
C SER V 62 2.54 42.14 -59.30
N GLY V 63 2.54 41.27 -58.30
CA GLY V 63 3.78 40.95 -57.61
C GLY V 63 4.14 41.97 -56.58
N PHE V 64 5.42 42.05 -56.22
CA PHE V 64 5.86 43.03 -55.24
C PHE V 64 5.56 44.41 -55.78
N GLY V 65 5.04 45.29 -54.94
CA GLY V 65 4.67 46.61 -55.39
C GLY V 65 3.56 46.51 -56.41
N GLY V 66 2.77 45.43 -56.32
CA GLY V 66 1.68 45.25 -57.25
C GLY V 66 0.41 45.79 -56.64
N ALA V 67 0.52 46.32 -55.42
CA ALA V 67 -0.64 46.89 -54.78
C ALA V 67 -1.08 48.01 -55.66
N GLY V 68 -2.37 48.04 -56.00
CA GLY V 68 -2.88 49.05 -56.90
C GLY V 68 -2.25 49.12 -58.28
N PRO V 69 -2.93 48.54 -59.28
CA PRO V 69 -2.41 48.69 -60.64
C PRO V 69 -2.60 50.14 -61.02
N GLY V 70 -1.68 50.72 -61.79
CA GLY V 70 -1.77 52.13 -62.08
C GLY V 70 -1.09 52.97 -61.02
N GLN V 71 -0.44 52.33 -60.06
CA GLN V 71 0.34 53.06 -59.05
C GLN V 71 1.82 53.06 -59.39
N ILE V 72 2.67 53.43 -58.44
CA ILE V 72 4.13 53.38 -58.66
C ILE V 72 4.79 52.51 -57.60
N ALA V 73 5.63 51.56 -58.01
CA ALA V 73 6.23 50.65 -57.03
C ALA V 73 7.60 51.16 -56.62
N LEU V 74 7.72 51.59 -55.38
CA LEU V 74 8.97 52.16 -54.90
C LEU V 74 9.56 51.34 -53.77
N ARG V 75 10.84 51.02 -53.86
CA ARG V 75 11.46 50.22 -52.82
C ARG V 75 12.23 51.06 -51.85
N LEU V 76 11.85 51.00 -50.58
CA LEU V 76 12.61 51.69 -49.54
C LEU V 76 12.84 50.63 -48.49
N GLY V 77 14.10 50.38 -48.14
CA GLY V 77 14.40 49.41 -47.11
C GLY V 77 13.96 48.01 -47.44
N GLY V 78 13.91 47.68 -48.73
CA GLY V 78 13.55 46.33 -49.13
C GLY V 78 12.08 46.04 -49.19
N VAL V 79 11.26 47.04 -48.87
CA VAL V 79 9.83 46.84 -49.00
C VAL V 79 9.38 47.72 -50.14
N TRP V 80 8.80 47.11 -51.16
CA TRP V 80 8.41 47.88 -52.34
C TRP V 80 7.00 48.39 -52.14
N HIS V 81 6.83 49.36 -51.25
CA HIS V 81 5.51 49.94 -51.05
C HIS V 81 5.13 50.69 -52.31
N ALA V 82 3.87 50.59 -52.69
CA ALA V 82 3.43 51.28 -53.88
C ALA V 82 2.80 52.60 -53.48
N ILE V 83 3.44 53.69 -53.87
CA ILE V 83 2.92 55.01 -53.54
C ILE V 83 1.67 55.31 -54.32
N THR V 84 0.71 55.97 -53.69
CA THR V 84 -0.47 56.36 -54.42
C THR V 84 -0.07 57.56 -55.24
N PRO V 85 -0.35 57.51 -56.54
CA PRO V 85 0.07 58.63 -57.40
C PRO V 85 -0.74 59.85 -57.05
N ALA V 86 -0.10 61.02 -57.06
CA ALA V 86 -0.80 62.23 -56.73
C ALA V 86 -1.10 63.00 -57.99
N GLN V 87 -2.36 63.40 -58.16
CA GLN V 87 -2.75 64.13 -59.36
C GLN V 87 -2.01 65.46 -59.41
N GLY V 88 -1.54 65.83 -60.59
CA GLY V 88 -0.82 67.08 -60.75
C GLY V 88 0.66 66.92 -60.53
N ALA V 89 1.08 65.74 -60.06
CA ALA V 89 2.50 65.49 -59.90
C ALA V 89 2.92 64.70 -61.11
N ARG V 90 3.97 65.13 -61.79
CA ARG V 90 4.33 64.45 -63.02
C ARG V 90 5.21 63.25 -62.78
N TRP V 91 4.62 62.07 -62.88
CA TRP V 91 5.41 60.87 -62.76
C TRP V 91 5.83 60.56 -64.18
N ARG V 92 6.80 61.32 -64.70
CA ARG V 92 7.21 61.15 -66.09
C ARG V 92 7.76 59.76 -66.34
N VAL V 93 7.48 59.18 -67.49
CA VAL V 93 7.92 57.81 -67.74
C VAL V 93 9.32 57.80 -68.32
N LEU V 94 10.29 57.40 -67.51
CA LEU V 94 11.66 57.30 -68.00
C LEU V 94 11.83 56.22 -69.06
N ASP V 95 11.19 55.07 -68.86
CA ASP V 95 11.40 53.94 -69.78
C ASP V 95 11.01 54.24 -71.21
N ARG V 96 9.88 54.89 -71.42
CA ARG V 96 9.49 55.28 -72.77
C ARG V 96 9.90 56.71 -72.99
N GLY V 97 10.47 57.32 -71.96
CA GLY V 97 10.89 58.72 -72.06
C GLY V 97 9.69 59.59 -72.28
N ALA V 98 8.51 59.12 -71.87
CA ALA V 98 7.29 59.86 -72.13
C ALA V 98 6.78 60.54 -70.88
N ALA V 99 6.54 61.84 -70.96
CA ALA V 99 6.00 62.52 -69.81
C ALA V 99 4.63 61.99 -69.52
N VAL V 100 4.38 61.65 -68.26
CA VAL V 100 3.06 61.19 -67.88
C VAL V 100 2.67 61.85 -66.57
N ILE V 101 1.64 62.67 -66.62
CA ILE V 101 1.17 63.30 -65.39
C ILE V 101 -0.06 62.52 -64.96
N TRP V 102 -0.12 62.15 -63.69
CA TRP V 102 -1.26 61.41 -63.20
C TRP V 102 -2.49 62.29 -63.34
N SER V 103 -3.55 61.76 -63.93
CA SER V 103 -4.78 62.54 -64.10
C SER V 103 -5.68 62.28 -62.91
N GLY V 104 -5.27 61.37 -62.04
CA GLY V 104 -6.08 61.01 -60.88
C GLY V 104 -6.88 59.78 -61.20
N THR V 105 -7.03 59.46 -62.49
CA THR V 105 -7.73 58.24 -62.87
C THR V 105 -6.86 57.42 -63.81
N SER V 106 -6.03 58.11 -64.58
CA SER V 106 -5.21 57.41 -65.56
C SER V 106 -3.86 58.05 -65.66
N TRP V 107 -2.89 57.35 -66.22
CA TRP V 107 -1.57 57.93 -66.41
C TRP V 107 -1.68 58.75 -67.67
N ARG V 108 -2.21 59.96 -67.55
CA ARG V 108 -2.34 60.84 -68.70
C ARG V 108 -0.97 61.10 -69.32
N PRO V 109 -0.87 61.01 -70.65
CA PRO V 109 0.44 61.18 -71.28
C PRO V 109 0.70 62.59 -71.77
N ALA V 110 1.73 63.24 -71.23
CA ALA V 110 2.09 64.60 -71.65
C ALA V 110 3.09 64.58 -72.79
N ASP V 111 3.61 65.75 -73.16
CA ASP V 111 4.57 65.86 -74.26
C ASP V 111 5.84 65.08 -73.98
N VAL V 112 6.41 64.43 -75.00
CA VAL V 112 7.57 63.58 -74.79
C VAL V 112 8.89 64.08 -75.35
N ALA V 115 13.24 59.93 -74.17
CA ALA V 115 13.87 58.66 -74.59
C ALA V 115 14.70 58.57 -75.84
N LEU V 116 15.22 57.38 -76.14
CA LEU V 116 16.05 57.12 -77.34
C LEU V 116 17.54 57.27 -77.08
N GLY V 117 17.90 57.83 -75.92
CA GLY V 117 19.30 57.96 -75.57
C GLY V 117 19.86 59.13 -76.36
N SER V 118 19.01 59.74 -77.16
CA SER V 118 19.43 60.86 -77.99
C SER V 118 18.25 61.79 -78.02
N THR V 119 18.49 63.09 -78.06
CA THR V 119 17.40 64.05 -78.02
C THR V 119 17.62 65.21 -78.97
N LEU V 120 16.53 65.87 -79.36
CA LEU V 120 16.66 67.05 -80.19
C LEU V 120 17.15 68.19 -79.32
N GLY V 121 18.44 68.20 -78.98
CA GLY V 121 18.99 69.22 -78.10
C GLY V 121 18.97 70.66 -78.57
N LEU V 122 18.73 71.58 -77.64
CA LEU V 122 18.67 73.00 -78.00
C LEU V 122 19.90 73.78 -77.57
N ALA V 123 20.55 74.41 -78.53
CA ALA V 123 21.72 75.24 -78.22
C ALA V 123 21.54 76.57 -78.93
N THR V 124 20.65 77.41 -78.42
CA THR V 124 20.35 78.66 -79.13
C THR V 124 21.58 79.53 -79.28
N ILE V 125 21.75 80.12 -80.46
CA ILE V 125 22.88 80.99 -80.70
C ILE V 125 22.38 82.42 -80.58
N GLU V 126 23.01 83.20 -79.72
CA GLU V 126 22.53 84.55 -79.49
C GLU V 126 23.45 85.56 -80.18
N ALA V 127 22.86 86.39 -81.02
CA ALA V 127 23.64 87.41 -81.71
C ALA V 127 22.90 88.73 -81.60
N THR V 128 23.63 89.82 -81.51
CA THR V 128 22.99 91.12 -81.35
C THR V 128 23.53 92.08 -82.39
N VAL V 129 23.18 91.85 -83.65
CA VAL V 129 23.64 92.74 -84.70
C VAL V 129 22.93 94.08 -84.57
N THR V 130 23.65 95.16 -84.81
CA THR V 130 22.99 96.45 -84.81
C THR V 130 22.32 96.52 -86.16
N ALA V 131 21.03 96.85 -86.18
CA ALA V 131 20.37 96.99 -87.45
C ALA V 131 21.03 98.15 -88.16
N THR V 132 21.43 97.96 -89.41
CA THR V 132 22.15 99.00 -90.12
C THR V 132 21.77 99.05 -91.59
N GLY V 133 21.96 100.21 -92.21
CA GLY V 133 21.60 100.37 -93.60
C GLY V 133 20.13 100.04 -93.75
N PRO V 134 19.78 99.24 -94.76
CA PRO V 134 18.38 98.81 -94.85
C PRO V 134 18.15 97.42 -94.26
N SER V 135 19.11 96.51 -94.41
CA SER V 135 18.96 95.15 -93.90
C SER V 135 20.25 94.54 -93.42
N VAL V 136 20.20 93.76 -92.35
CA VAL V 136 21.41 93.04 -91.91
C VAL V 136 21.10 91.57 -91.74
N THR V 137 21.90 90.71 -92.37
CA THR V 137 21.71 89.29 -92.18
C THR V 137 22.07 88.97 -90.73
N ALA V 138 21.25 88.16 -90.08
CA ALA V 138 21.52 87.81 -88.68
C ALA V 138 22.81 87.01 -88.56
N PRO V 139 23.63 87.33 -87.55
CA PRO V 139 24.87 86.58 -87.31
C PRO V 139 24.62 85.21 -86.72
N ALA V 140 23.41 84.94 -86.23
CA ALA V 140 23.11 83.67 -85.60
C ALA V 140 22.79 82.63 -86.66
N LEU V 141 23.82 82.15 -87.34
CA LEU V 141 23.63 81.18 -88.40
C LEU V 141 23.13 79.86 -87.85
N ILE V 142 22.18 79.25 -88.55
CA ILE V 142 21.68 77.95 -88.14
C ILE V 142 22.66 76.90 -88.64
N PRO V 143 23.09 76.00 -87.74
CA PRO V 143 24.01 74.92 -88.14
C PRO V 143 23.31 73.85 -88.97
N PRO V 144 24.09 73.05 -89.70
CA PRO V 144 23.44 71.94 -90.43
C PRO V 144 22.75 71.02 -89.45
N ARG V 145 21.58 70.50 -89.82
CA ARG V 145 20.80 69.62 -88.94
C ARG V 145 20.33 70.32 -87.67
N ALA V 146 20.10 71.64 -87.73
CA ALA V 146 19.55 72.32 -86.58
C ALA V 146 18.16 72.83 -86.88
N ILE V 147 17.15 72.26 -86.22
CA ILE V 147 15.78 72.67 -86.44
C ILE V 147 15.56 74.05 -85.84
N VAL V 148 14.87 74.93 -86.56
CA VAL V 148 14.56 76.21 -85.98
C VAL V 148 13.11 76.27 -85.58
N LEU V 149 12.84 76.17 -84.28
CA LEU V 149 11.47 76.34 -83.85
C LEU V 149 11.10 77.80 -84.11
N GLY V 150 11.99 78.73 -83.77
CA GLY V 150 11.74 80.13 -84.01
C GLY V 150 12.96 81.02 -83.91
N VAL V 151 12.89 82.24 -84.43
CA VAL V 151 14.01 83.19 -84.28
C VAL V 151 13.54 84.48 -83.61
N THR V 152 14.17 84.85 -82.50
CA THR V 152 13.82 86.09 -81.80
C THR V 152 14.29 87.35 -82.48
N SER V 153 13.55 88.43 -82.34
CA SER V 153 14.03 89.70 -82.87
C SER V 153 13.82 90.77 -81.81
N TRP V 154 14.57 90.70 -80.73
CA TRP V 154 14.46 91.70 -79.67
C TRP V 154 14.85 93.04 -80.22
N THR V 155 14.08 94.09 -79.92
CA THR V 155 14.49 95.42 -80.35
C THR V 155 15.25 96.07 -79.22
N VAL V 156 16.56 95.91 -79.22
CA VAL V 156 17.39 96.50 -78.16
C VAL V 156 17.37 98.03 -78.21
N GLN V 157 17.43 98.59 -79.41
CA GLN V 157 17.41 100.04 -79.56
C GLN V 157 16.36 100.43 -80.57
N ALA V 158 15.80 101.62 -80.42
CA ALA V 158 14.76 102.05 -81.33
C ALA V 158 15.35 102.11 -82.72
N VAL V 159 14.66 101.52 -83.68
CA VAL V 159 15.15 101.49 -85.04
C VAL V 159 14.71 102.77 -85.73
N THR V 160 15.63 103.45 -86.40
CA THR V 160 15.28 104.73 -86.99
C THR V 160 14.73 104.52 -88.38
N GLY V 161 13.44 104.77 -88.54
CA GLY V 161 12.82 104.62 -89.84
C GLY V 161 12.42 103.21 -90.22
N ALA V 162 12.57 102.24 -89.30
CA ALA V 162 12.27 100.86 -89.66
C ALA V 162 10.93 100.38 -89.16
N THR V 163 9.99 100.13 -90.08
CA THR V 163 8.67 99.67 -89.70
C THR V 163 8.59 98.29 -89.06
N SER V 164 9.32 97.33 -89.63
CA SER V 164 9.23 95.96 -89.12
C SER V 164 10.49 95.15 -89.23
N TYR V 165 10.61 94.11 -88.42
CA TYR V 165 11.75 93.23 -88.51
C TYR V 165 11.32 92.07 -89.39
N ARG V 166 11.81 92.04 -90.63
CA ARG V 166 11.51 90.92 -91.52
C ARG V 166 12.55 89.84 -91.35
N VAL V 167 12.44 89.05 -90.30
CA VAL V 167 13.41 88.01 -90.05
C VAL V 167 12.94 86.81 -90.82
N GLY V 168 13.69 86.44 -91.85
CA GLY V 168 13.26 85.35 -92.69
C GLY V 168 14.39 84.46 -93.13
N VAL V 169 14.06 83.27 -93.62
CA VAL V 169 15.07 82.35 -94.12
C VAL V 169 15.73 83.10 -95.26
N PRO V 170 17.05 82.91 -95.46
CA PRO V 170 17.71 83.75 -96.47
C PRO V 170 17.05 83.69 -97.84
N GLY V 171 16.83 84.87 -98.41
CA GLY V 171 16.17 84.96 -99.71
C GLY V 171 14.67 85.03 -99.56
N GLU V 172 14.17 84.80 -98.34
CA GLU V 172 12.74 84.91 -98.09
C GLU V 172 12.44 85.50 -96.71
N PRO V 173 12.50 86.84 -96.59
CA PRO V 173 12.18 87.49 -95.32
C PRO V 173 10.73 87.19 -94.99
N ASP V 174 9.88 87.14 -96.00
CA ASP V 174 8.47 86.87 -95.82
C ASP V 174 8.10 85.45 -95.40
N LYS V 175 9.03 84.50 -95.50
CA LYS V 175 8.68 83.11 -95.23
C LYS V 175 8.14 82.93 -93.82
N PHE V 176 8.78 83.54 -92.84
CA PHE V 176 8.25 83.50 -91.47
C PHE V 176 8.53 84.85 -90.85
N GLY V 177 7.71 85.27 -89.89
CA GLY V 177 7.98 86.51 -89.19
C GLY V 177 8.15 87.68 -90.14
N ALA V 178 7.33 87.72 -91.19
CA ALA V 178 7.48 88.78 -92.19
C ALA V 178 7.24 90.14 -91.58
N SER V 179 6.18 90.25 -90.77
CA SER V 179 5.94 91.52 -90.11
C SER V 179 5.97 91.39 -88.61
N LEU V 180 7.02 91.89 -88.00
CA LEU V 180 7.07 91.92 -86.54
C LEU V 180 7.41 93.36 -86.34
N GLY V 181 6.62 94.10 -85.57
CA GLY V 181 6.89 95.52 -85.49
C GLY V 181 8.24 95.86 -84.92
N ALA V 182 9.00 96.69 -85.62
CA ALA V 182 10.31 97.08 -85.13
C ALA V 182 10.15 98.28 -84.24
N ALA V 183 9.85 98.03 -82.96
CA ALA V 183 9.62 99.13 -82.04
C ALA V 183 10.47 98.90 -80.82
N PRO V 184 11.01 99.99 -80.23
CA PRO V 184 11.94 99.80 -79.11
C PRO V 184 11.31 99.07 -77.95
N GLY V 185 12.07 98.17 -77.35
CA GLY V 185 11.56 97.43 -76.21
C GLY V 185 10.61 96.30 -76.54
N SER V 186 10.54 95.91 -77.81
CA SER V 186 9.64 94.84 -78.22
C SER V 186 10.40 93.58 -78.62
N SER V 187 10.01 92.45 -78.04
CA SER V 187 10.66 91.20 -78.38
C SER V 187 9.90 90.62 -79.53
N ASN V 188 10.41 90.83 -80.74
CA ASN V 188 9.70 90.36 -81.92
C ASN V 188 10.06 88.94 -82.30
N ILE V 189 9.65 87.99 -81.49
CA ILE V 189 9.94 86.60 -81.80
C ILE V 189 9.12 86.18 -83.00
N GLY V 190 9.77 85.57 -83.98
CA GLY V 190 9.08 85.11 -85.18
C GLY V 190 9.31 83.63 -85.24
N VAL V 191 8.26 82.85 -85.51
CA VAL V 191 8.44 81.40 -85.45
C VAL V 191 8.30 80.66 -86.77
N VAL V 192 9.26 79.79 -87.06
CA VAL V 192 9.15 78.98 -88.25
C VAL V 192 8.42 77.72 -87.80
N GLY V 193 7.11 77.70 -87.96
CA GLY V 193 6.34 76.56 -87.47
C GLY V 193 5.96 75.49 -88.48
N PRO V 194 5.35 75.87 -89.61
CA PRO V 194 5.10 74.86 -90.65
C PRO V 194 6.41 74.31 -91.20
N PHE V 195 7.40 75.18 -91.33
CA PHE V 195 8.69 74.76 -91.85
C PHE V 195 9.69 74.66 -90.73
N ALA V 196 10.28 73.48 -90.55
CA ALA V 196 11.32 73.34 -89.56
C ALA V 196 12.59 73.24 -90.37
N THR V 197 13.42 74.27 -90.32
CA THR V 197 14.60 74.28 -91.18
C THR V 197 15.82 73.64 -90.55
N TYR V 198 15.91 72.32 -90.59
CA TYR V 198 17.11 71.64 -90.08
C TYR V 198 18.32 72.04 -90.92
N ALA V 199 18.13 72.17 -92.24
CA ALA V 199 19.22 72.54 -93.11
C ALA V 199 19.73 73.90 -92.70
N PRO V 200 21.05 74.12 -92.80
CA PRO V 200 21.58 75.39 -92.29
C PRO V 200 21.03 76.62 -92.99
N THR V 201 20.61 77.61 -92.21
CA THR V 201 20.09 78.85 -92.79
C THR V 201 20.65 80.06 -92.07
N ASP V 202 21.08 81.07 -92.81
CA ASP V 202 21.51 82.29 -92.15
C ASP V 202 20.34 83.23 -92.24
N VAL V 203 19.67 83.46 -91.12
CA VAL V 203 18.46 84.28 -91.18
C VAL V 203 18.79 85.68 -91.65
N VAL V 204 17.95 86.21 -92.53
CA VAL V 204 18.18 87.57 -93.01
C VAL V 204 17.12 88.46 -92.42
N VAL V 205 17.55 89.51 -91.72
CA VAL V 205 16.60 90.43 -91.12
C VAL V 205 16.62 91.69 -91.96
N THR V 206 15.45 92.11 -92.41
CA THR V 206 15.38 93.30 -93.23
C THR V 206 14.33 94.23 -92.68
N ALA V 207 14.53 95.52 -92.83
CA ALA V 207 13.49 96.45 -92.41
C ALA V 207 12.41 96.33 -93.46
N GLU V 208 11.18 96.66 -93.11
CA GLU V 208 10.10 96.44 -94.08
C GLU V 208 10.06 97.59 -95.05
N GLY V 209 10.82 97.47 -96.14
CA GLY V 209 10.91 98.57 -97.09
C GLY V 209 11.35 99.77 -96.29
N ALA V 210 12.30 99.59 -95.40
CA ALA V 210 12.67 100.67 -94.49
C ALA V 210 14.16 100.73 -94.16
N ASP V 211 14.56 101.77 -93.45
CA ASP V 211 15.96 101.91 -93.07
C ASP V 211 16.23 101.30 -91.71
N PHE V 212 17.06 100.26 -91.67
CA PHE V 212 17.42 99.61 -90.41
C PHE V 212 18.30 100.42 -89.48
N THR V 213 19.05 101.37 -90.01
CA THR V 213 20.04 102.08 -89.18
C THR V 213 19.51 102.80 -87.96
N GLY V 214 20.32 102.84 -86.90
CA GLY V 214 19.93 103.51 -85.67
C GLY V 214 19.30 102.62 -84.62
N GLY V 215 19.07 101.35 -84.95
CA GLY V 215 18.44 100.43 -84.01
C GLY V 215 19.22 99.15 -83.86
N THR V 216 18.98 98.41 -82.78
CA THR V 216 19.71 97.17 -82.54
C THR V 216 18.76 95.98 -82.45
N ILE V 217 19.14 94.87 -83.09
CA ILE V 217 18.32 93.66 -83.03
C ILE V 217 18.99 92.57 -82.22
N GLY V 218 18.28 91.98 -81.27
CA GLY V 218 18.82 90.87 -80.52
C GLY V 218 18.17 89.63 -81.07
N LEU V 219 18.99 88.72 -81.62
CA LEU V 219 18.41 87.54 -82.25
C LEU V 219 18.92 86.23 -81.71
N ALA V 220 18.02 85.35 -81.32
CA ALA V 220 18.44 84.03 -80.92
C ALA V 220 17.75 83.12 -81.90
N ALA V 221 18.50 82.26 -82.56
CA ALA V 221 17.92 81.37 -83.54
C ALA V 221 17.88 80.00 -82.90
N SER V 222 16.70 79.38 -82.89
CA SER V 222 16.61 78.09 -82.22
C SER V 222 17.47 77.11 -82.97
N VAL V 223 18.38 76.45 -82.26
CA VAL V 223 19.22 75.46 -82.90
C VAL V 223 18.84 74.14 -82.26
N ILE V 224 18.20 73.26 -83.02
CA ILE V 224 17.76 72.01 -82.45
C ILE V 224 18.42 70.85 -83.17
N LEU V 225 19.25 70.10 -82.48
CA LEU V 225 19.97 69.04 -83.14
C LEU V 225 19.49 67.69 -82.65
N PRO V 226 18.90 66.89 -83.55
CA PRO V 226 18.41 65.56 -83.19
C PRO V 226 19.57 64.62 -82.94
N GLY V 227 19.37 63.64 -82.05
CA GLY V 227 20.41 62.68 -81.78
C GLY V 227 21.45 63.18 -80.82
N ALA V 228 21.19 64.32 -80.19
CA ALA V 228 22.15 64.89 -79.26
C ALA V 228 22.34 63.93 -78.11
N PRO V 229 23.60 63.71 -77.72
CA PRO V 229 23.90 62.75 -76.65
C PRO V 229 23.57 63.24 -75.26
N VAL V 230 23.50 62.32 -74.31
CA VAL V 230 23.23 62.69 -72.93
C VAL V 230 24.51 63.14 -72.24
N GLY W 17 6.50 65.04 -34.61
CA GLY W 17 5.25 64.65 -34.00
C GLY W 17 4.33 65.83 -33.78
N GLN W 18 4.12 66.20 -32.53
CA GLN W 18 3.27 67.34 -32.23
C GLN W 18 3.87 68.61 -32.80
N HIS W 19 5.18 68.77 -32.67
CA HIS W 19 5.82 69.99 -33.14
C HIS W 19 5.71 70.17 -34.66
N VAL W 20 5.91 69.11 -35.43
CA VAL W 20 5.71 69.22 -36.87
C VAL W 20 4.75 68.11 -37.24
N THR W 21 3.53 68.47 -37.57
CA THR W 21 2.54 67.45 -37.89
C THR W 21 2.79 66.83 -39.25
N HIS W 22 2.37 65.59 -39.42
CA HIS W 22 2.54 64.91 -40.70
C HIS W 22 1.76 65.67 -41.74
N ASN W 23 0.58 66.15 -41.34
CA ASN W 23 -0.26 66.90 -42.26
C ASN W 23 0.40 68.18 -42.73
N GLU W 24 1.12 68.85 -41.82
CA GLU W 24 1.74 70.11 -42.20
C GLU W 24 2.69 69.78 -43.31
N ALA W 25 3.48 68.74 -43.13
CA ALA W 25 4.44 68.36 -44.14
C ALA W 25 3.77 67.89 -45.41
N LEU W 26 2.71 67.09 -45.29
CA LEU W 26 2.06 66.53 -46.47
C LEU W 26 1.46 67.64 -47.31
N ASP W 27 0.81 68.58 -46.66
CA ASP W 27 0.20 69.69 -47.38
C ASP W 27 1.29 70.49 -48.02
N MET W 28 2.38 70.68 -47.29
CA MET W 28 3.46 71.49 -47.81
C MET W 28 4.01 70.87 -49.09
N ILE W 29 4.22 69.56 -49.08
CA ILE W 29 4.72 68.93 -50.27
C ILE W 29 3.72 69.07 -51.41
N ASP W 30 2.44 68.83 -51.14
CA ASP W 30 1.48 68.87 -52.22
C ASP W 30 1.40 70.26 -52.81
N ALA W 31 1.34 71.27 -51.96
CA ALA W 31 1.22 72.65 -52.45
C ALA W 31 2.44 73.17 -53.18
N LEU W 32 3.62 72.98 -52.59
CA LEU W 32 4.86 73.46 -53.21
C LEU W 32 5.27 72.72 -54.47
N ALA W 33 5.08 71.40 -54.49
CA ALA W 33 5.48 70.60 -55.64
C ALA W 33 4.65 70.96 -56.85
N PRO W 34 5.23 70.85 -58.05
CA PRO W 34 4.48 71.29 -59.22
C PRO W 34 3.18 70.52 -59.28
N ARG W 35 2.10 71.24 -59.54
CA ARG W 35 0.80 70.61 -59.60
C ARG W 35 0.08 71.14 -60.80
N VAL W 36 -0.85 70.36 -61.34
CA VAL W 36 -1.64 70.86 -62.45
C VAL W 36 -2.74 71.64 -61.78
N VAL W 37 -2.71 72.96 -61.95
CA VAL W 37 -3.72 73.81 -61.33
C VAL W 37 -5.05 73.64 -62.02
N LEU W 38 -6.13 73.86 -61.29
CA LEU W 38 -7.46 73.76 -61.87
C LEU W 38 -8.02 75.14 -62.08
N SER W 39 -7.15 76.14 -62.15
CA SER W 39 -7.64 77.51 -62.27
C SER W 39 -8.52 77.69 -63.48
N ASP W 40 -9.63 78.37 -63.30
CA ASP W 40 -10.56 78.58 -64.39
C ASP W 40 -10.46 80.01 -64.91
N SER W 41 -9.41 80.72 -64.51
CA SER W 41 -9.24 82.12 -64.92
C SER W 41 -10.42 82.99 -64.47
N LEU W 42 -10.95 82.72 -63.27
CA LEU W 42 -12.02 83.55 -62.75
C LEU W 42 -11.46 84.55 -61.76
N ALA W 43 -12.18 85.63 -61.52
CA ALA W 43 -11.73 86.59 -60.52
C ALA W 43 -11.70 85.93 -59.15
N THR W 44 -12.71 85.12 -58.86
CA THR W 44 -12.79 84.47 -57.55
C THR W 44 -12.61 82.96 -57.66
N PRO W 45 -11.86 82.37 -56.73
CA PRO W 45 -11.68 80.91 -56.72
C PRO W 45 -13.00 80.22 -56.43
N PRO W 46 -13.18 78.99 -56.94
CA PRO W 46 -14.45 78.31 -56.75
C PRO W 46 -14.71 78.12 -55.28
N PRO W 47 -15.98 78.21 -54.86
CA PRO W 47 -16.27 78.14 -53.43
C PRO W 47 -15.84 76.81 -52.81
N ALA W 48 -16.02 75.71 -53.54
CA ALA W 48 -15.64 74.41 -53.01
C ALA W 48 -14.72 73.66 -53.96
N PRO W 49 -13.43 74.04 -53.99
CA PRO W 49 -12.47 73.31 -54.83
C PRO W 49 -12.16 71.97 -54.17
N PRO W 50 -11.57 71.03 -54.93
CA PRO W 50 -11.18 69.76 -54.31
C PRO W 50 -10.09 69.94 -53.27
N ASP W 51 -10.00 69.01 -52.33
CA ASP W 51 -8.94 69.08 -51.34
C ASP W 51 -7.60 68.91 -52.03
N ARG W 52 -6.58 69.63 -51.54
CA ARG W 52 -5.24 69.57 -52.15
C ARG W 52 -5.28 69.97 -53.62
N SER W 53 -6.09 70.98 -53.94
CA SER W 53 -6.21 71.40 -55.33
C SER W 53 -5.66 72.78 -55.52
N ALA W 54 -4.80 72.95 -56.52
CA ALA W 54 -4.17 74.24 -56.72
C ALA W 54 -4.97 75.12 -57.65
N TRP W 55 -5.26 76.34 -57.22
CA TRP W 55 -5.94 77.26 -58.08
C TRP W 55 -5.09 78.52 -58.10
N ILE W 56 -4.52 78.89 -59.24
CA ILE W 56 -3.76 80.13 -59.28
C ILE W 56 -4.71 81.30 -59.43
N VAL W 57 -4.54 82.32 -58.61
CA VAL W 57 -5.40 83.49 -58.70
C VAL W 57 -4.91 84.35 -59.85
N PRO W 58 -5.80 84.64 -60.81
CA PRO W 58 -5.45 85.49 -61.95
C PRO W 58 -5.32 86.94 -61.53
N PRO W 59 -4.56 87.74 -62.29
CA PRO W 59 -4.45 89.16 -61.98
C PRO W 59 -5.80 89.83 -62.07
N GLY W 60 -6.05 90.81 -61.20
CA GLY W 60 -7.36 91.41 -61.15
C GLY W 60 -8.35 90.43 -60.58
N GLY W 61 -7.87 89.53 -59.72
CA GLY W 61 -8.74 88.54 -59.13
C GLY W 61 -9.45 89.08 -57.91
N SER W 62 -10.77 89.18 -57.99
CA SER W 62 -11.57 89.69 -56.88
C SER W 62 -12.09 88.56 -55.99
N GLY W 63 -13.10 88.87 -55.18
CA GLY W 63 -13.68 87.84 -54.33
C GLY W 63 -12.66 87.30 -53.35
N PHE W 64 -12.45 85.98 -53.39
CA PHE W 64 -11.52 85.36 -52.48
C PHE W 64 -10.15 85.36 -53.09
N GLY W 65 -9.41 84.27 -52.88
CA GLY W 65 -8.05 84.24 -53.37
C GLY W 65 -7.22 84.99 -52.36
N GLY W 66 -6.96 84.35 -51.23
CA GLY W 66 -6.15 84.98 -50.20
C GLY W 66 -4.80 85.21 -50.82
N ALA W 67 -4.34 84.26 -51.63
CA ALA W 67 -3.08 84.44 -52.33
C ALA W 67 -3.24 85.62 -53.26
N GLY W 68 -2.19 86.41 -53.39
CA GLY W 68 -2.26 87.59 -54.23
C GLY W 68 -2.42 87.16 -55.66
N PRO W 69 -2.98 88.03 -56.52
CA PRO W 69 -3.04 87.61 -57.91
C PRO W 69 -1.64 87.32 -58.42
N GLY W 70 -1.48 86.25 -59.19
CA GLY W 70 -0.14 85.86 -59.60
C GLY W 70 0.48 84.89 -58.62
N GLN W 71 -0.28 84.48 -57.60
CA GLN W 71 0.20 83.50 -56.64
C GLN W 71 -0.82 82.39 -56.59
N ILE W 72 -0.37 81.17 -56.29
CA ILE W 72 -1.29 80.05 -56.23
C ILE W 72 -2.03 79.95 -54.91
N ALA W 73 -3.34 79.76 -54.98
CA ALA W 73 -4.10 79.54 -53.75
C ALA W 73 -4.53 78.09 -53.77
N LEU W 74 -4.09 77.31 -52.79
CA LEU W 74 -4.40 75.88 -52.81
C LEU W 74 -5.41 75.53 -51.74
N ARG W 75 -6.53 74.97 -52.15
CA ARG W 75 -7.55 74.59 -51.17
C ARG W 75 -7.09 73.42 -50.35
N LEU W 76 -7.24 73.52 -49.03
CA LEU W 76 -6.88 72.43 -48.15
C LEU W 76 -8.03 72.27 -47.19
N GLY W 77 -9.08 71.58 -47.59
CA GLY W 77 -10.25 71.48 -46.74
C GLY W 77 -10.82 72.86 -46.46
N GLY W 78 -10.85 73.72 -47.46
CA GLY W 78 -11.38 75.05 -47.30
C GLY W 78 -10.37 76.08 -46.86
N VAL W 79 -9.12 75.67 -46.70
CA VAL W 79 -8.10 76.64 -46.37
C VAL W 79 -7.34 76.90 -47.66
N TRP W 80 -7.38 78.14 -48.12
CA TRP W 80 -6.67 78.47 -49.32
C TRP W 80 -5.29 78.92 -48.91
N HIS W 81 -4.27 78.17 -49.31
CA HIS W 81 -2.91 78.50 -48.91
C HIS W 81 -2.33 79.53 -49.85
N ALA W 82 -1.80 80.61 -49.30
CA ALA W 82 -1.20 81.64 -50.14
C ALA W 82 0.24 81.25 -50.41
N ILE W 83 0.44 80.33 -51.35
CA ILE W 83 1.79 79.86 -51.61
C ILE W 83 2.40 80.60 -52.76
N THR W 84 3.54 81.24 -52.53
CA THR W 84 4.23 81.88 -53.63
C THR W 84 4.68 80.73 -54.49
N PRO W 85 4.49 80.83 -55.80
CA PRO W 85 4.82 79.67 -56.62
C PRO W 85 6.32 79.37 -56.61
N ALA W 86 6.69 78.10 -56.60
CA ALA W 86 8.10 77.72 -56.63
C ALA W 86 8.72 77.96 -58.01
N GLN W 87 9.99 78.37 -58.03
CA GLN W 87 10.66 78.61 -59.30
C GLN W 87 10.88 77.32 -60.08
N GLY W 88 10.63 77.37 -61.38
CA GLY W 88 10.86 76.19 -62.22
C GLY W 88 9.82 75.12 -62.06
N ALA W 89 8.72 75.44 -61.38
CA ALA W 89 7.71 74.43 -61.12
C ALA W 89 6.54 74.63 -62.08
N ARG W 90 6.18 73.57 -62.80
CA ARG W 90 5.09 73.68 -63.75
C ARG W 90 3.74 73.80 -63.06
N TRP W 91 2.89 74.68 -63.57
CA TRP W 91 1.56 74.80 -63.02
C TRP W 91 0.59 74.77 -64.19
N ARG W 92 0.44 73.60 -64.79
CA ARG W 92 -0.43 73.48 -65.96
C ARG W 92 -1.86 73.80 -65.57
N VAL W 93 -2.53 74.61 -66.37
CA VAL W 93 -3.90 74.95 -66.08
C VAL W 93 -4.79 73.84 -66.61
N LEU W 94 -5.65 73.30 -65.76
CA LEU W 94 -6.54 72.26 -66.20
C LEU W 94 -7.51 72.80 -67.24
N ASP W 95 -8.08 73.96 -66.96
CA ASP W 95 -9.05 74.55 -67.89
C ASP W 95 -8.40 74.99 -69.20
N ARG W 96 -7.28 75.69 -69.10
CA ARG W 96 -6.57 76.12 -70.29
C ARG W 96 -5.95 74.95 -71.01
N GLY W 97 -5.34 74.04 -70.27
CA GLY W 97 -4.61 72.95 -70.89
C GLY W 97 -3.21 73.46 -71.17
N ALA W 98 -2.95 74.72 -70.84
CA ALA W 98 -1.63 75.32 -71.07
C ALA W 98 -0.68 75.02 -69.93
N ALA W 99 0.58 74.76 -70.24
CA ALA W 99 1.57 74.49 -69.21
C ALA W 99 2.19 75.76 -68.70
N VAL W 100 1.57 76.41 -67.71
CA VAL W 100 2.09 77.68 -67.25
C VAL W 100 3.10 77.53 -66.14
N ILE W 101 4.38 77.49 -66.50
CA ILE W 101 5.44 77.38 -65.52
C ILE W 101 5.67 78.69 -64.79
N TRP W 102 6.19 78.62 -63.59
CA TRP W 102 6.53 79.84 -62.87
C TRP W 102 8.03 79.92 -62.86
N SER W 103 8.59 81.05 -63.30
CA SER W 103 10.04 81.17 -63.39
C SER W 103 10.62 81.74 -62.11
N GLY W 104 9.76 81.96 -61.12
CA GLY W 104 10.21 82.57 -59.88
C GLY W 104 9.97 84.05 -60.02
N THR W 105 9.61 84.48 -61.23
CA THR W 105 9.35 85.89 -61.48
C THR W 105 8.00 86.14 -62.13
N SER W 106 7.72 85.44 -63.23
CA SER W 106 6.49 85.69 -63.96
C SER W 106 5.88 84.42 -64.52
N TRP W 107 4.58 84.48 -64.81
CA TRP W 107 3.92 83.32 -65.41
C TRP W 107 4.28 83.19 -66.87
N ARG W 108 4.71 82.00 -67.28
CA ARG W 108 4.99 81.77 -68.69
C ARG W 108 4.26 80.53 -69.16
N PRO W 109 3.47 80.65 -70.23
CA PRO W 109 2.86 79.41 -70.72
C PRO W 109 3.82 78.69 -71.65
N ALA W 110 4.28 77.50 -71.26
CA ALA W 110 5.30 76.80 -72.05
C ALA W 110 4.74 76.06 -73.24
N ASP W 111 5.60 75.33 -73.95
CA ASP W 111 5.17 74.66 -75.15
C ASP W 111 4.03 73.68 -74.91
N VAL W 112 3.03 73.71 -75.78
CA VAL W 112 1.87 72.82 -75.63
C VAL W 112 1.42 72.30 -76.99
N ALA W 115 -2.14 70.45 -74.50
CA ALA W 115 -2.76 71.05 -75.68
C ALA W 115 -4.28 71.15 -75.57
N LEU W 116 -4.94 71.49 -76.67
CA LEU W 116 -6.39 71.63 -76.66
C LEU W 116 -7.07 70.29 -76.80
N GLY W 117 -6.96 69.45 -75.78
CA GLY W 117 -7.57 68.13 -75.84
C GLY W 117 -6.75 67.23 -76.73
N SER W 118 -5.57 67.69 -77.11
CA SER W 118 -4.71 66.90 -77.98
C SER W 118 -3.28 66.99 -77.52
N THR W 119 -3.01 66.52 -76.30
CA THR W 119 -1.67 66.61 -75.75
C THR W 119 -0.75 65.84 -76.65
N LEU W 120 0.36 66.46 -77.01
CA LEU W 120 1.29 65.81 -77.92
C LEU W 120 2.02 64.69 -77.23
N GLY W 121 2.20 63.57 -77.91
CA GLY W 121 3.00 62.51 -77.34
C GLY W 121 4.03 62.19 -78.41
N LEU W 122 5.30 62.32 -78.07
CA LEU W 122 6.33 62.05 -79.05
C LEU W 122 6.73 60.60 -78.90
N ALA W 123 6.22 59.76 -79.79
CA ALA W 123 6.50 58.34 -79.67
C ALA W 123 7.97 58.07 -79.84
N THR W 124 8.67 57.77 -78.74
CA THR W 124 10.05 57.40 -78.90
C THR W 124 9.99 55.99 -79.41
N ILE W 125 10.30 55.80 -80.67
CA ILE W 125 10.34 54.46 -81.18
C ILE W 125 11.78 54.11 -81.43
N GLU W 126 12.25 53.08 -80.75
CA GLU W 126 13.60 52.65 -80.98
C GLU W 126 13.42 51.46 -81.89
N ALA W 127 13.91 51.59 -83.11
CA ALA W 127 13.81 50.49 -84.04
C ALA W 127 15.19 49.93 -84.21
N THR W 128 15.37 48.67 -83.82
CA THR W 128 16.65 48.04 -84.05
C THR W 128 16.48 46.94 -85.07
N VAL W 129 17.13 47.11 -86.21
CA VAL W 129 17.03 46.11 -87.25
C VAL W 129 18.41 45.67 -87.62
N THR W 130 18.65 44.37 -87.64
CA THR W 130 19.94 43.93 -88.11
C THR W 130 19.93 44.28 -89.58
N ALA W 131 21.02 44.84 -90.08
CA ALA W 131 21.09 45.14 -91.49
C ALA W 131 21.44 43.84 -92.14
N THR W 132 20.58 43.36 -93.03
CA THR W 132 20.80 42.06 -93.64
C THR W 132 20.46 42.07 -95.11
N GLY W 133 21.09 41.19 -95.87
CA GLY W 133 20.84 41.13 -97.30
C GLY W 133 21.13 42.47 -97.93
N PRO W 134 20.22 42.95 -98.79
CA PRO W 134 20.41 44.30 -99.34
C PRO W 134 19.64 45.37 -98.57
N SER W 135 18.44 45.04 -98.08
CA SER W 135 17.62 46.02 -97.38
C SER W 135 16.79 45.40 -96.29
N VAL W 136 16.46 46.17 -95.26
CA VAL W 136 15.58 45.67 -94.20
C VAL W 136 14.54 46.73 -93.92
N THR W 137 13.40 46.33 -93.40
CA THR W 137 12.39 47.30 -93.07
C THR W 137 12.34 47.49 -91.57
N ALA W 138 12.56 48.73 -91.13
CA ALA W 138 12.49 49.02 -89.71
C ALA W 138 11.05 48.87 -89.23
N PRO W 139 10.88 48.46 -87.97
CA PRO W 139 9.53 48.23 -87.44
C PRO W 139 8.88 49.47 -86.86
N ALA W 140 9.52 50.63 -86.98
CA ALA W 140 9.00 51.84 -86.37
C ALA W 140 7.92 52.47 -87.21
N LEU W 141 6.73 51.87 -87.22
CA LEU W 141 5.62 52.45 -87.94
C LEU W 141 5.21 53.73 -87.26
N ILE W 142 4.93 54.77 -88.04
CA ILE W 142 4.50 56.03 -87.46
C ILE W 142 3.15 55.78 -86.80
N PRO W 143 2.95 56.33 -85.60
CA PRO W 143 1.62 56.18 -85.00
C PRO W 143 0.62 56.95 -85.86
N PRO W 144 -0.61 56.45 -85.95
CA PRO W 144 -1.52 57.13 -86.85
C PRO W 144 -1.70 58.59 -86.45
N ARG W 145 -1.72 59.49 -87.43
CA ARG W 145 -1.84 60.92 -87.15
C ARG W 145 -0.77 61.45 -86.19
N ALA W 146 0.49 61.11 -86.45
CA ALA W 146 1.58 61.66 -85.63
C ALA W 146 2.60 62.40 -86.48
N ILE W 147 2.86 63.67 -86.16
CA ILE W 147 3.88 64.43 -86.89
C ILE W 147 5.26 63.90 -86.50
N VAL W 148 6.15 63.72 -87.47
CA VAL W 148 7.48 63.21 -87.16
C VAL W 148 8.48 64.34 -87.08
N LEU W 149 8.98 64.65 -85.88
CA LEU W 149 10.01 65.66 -85.76
C LEU W 149 11.34 65.27 -86.41
N GLY W 150 11.81 64.07 -86.14
CA GLY W 150 13.04 63.60 -86.78
C GLY W 150 13.18 62.09 -86.69
N VAL W 151 13.78 61.47 -87.70
CA VAL W 151 14.01 60.04 -87.61
C VAL W 151 15.51 59.83 -87.57
N THR W 152 16.08 59.88 -86.38
CA THR W 152 17.52 59.70 -86.23
C THR W 152 17.87 58.24 -86.42
N SER W 153 19.02 57.97 -87.03
CA SER W 153 19.47 56.59 -87.17
C SER W 153 20.87 56.38 -86.63
N TRP W 154 21.05 55.39 -85.78
CA TRP W 154 22.37 55.11 -85.25
C TRP W 154 22.86 53.79 -85.78
N THR W 155 24.17 53.63 -85.86
CA THR W 155 24.69 52.36 -86.28
C THR W 155 25.10 51.61 -85.02
N VAL W 156 24.33 50.61 -84.65
CA VAL W 156 24.65 49.83 -83.46
C VAL W 156 25.95 49.08 -83.66
N GLN W 157 26.12 48.49 -84.83
CA GLN W 157 27.33 47.72 -85.11
C GLN W 157 27.80 48.07 -86.50
N ALA W 158 29.10 48.00 -86.76
CA ALA W 158 29.63 48.41 -88.06
C ALA W 158 28.99 47.60 -89.15
N VAL W 159 28.60 48.27 -90.22
CA VAL W 159 27.91 47.57 -91.29
C VAL W 159 28.90 47.17 -92.37
N THR W 160 29.07 45.86 -92.55
CA THR W 160 29.97 45.39 -93.57
C THR W 160 29.38 45.67 -94.93
N GLY W 161 30.24 46.02 -95.89
CA GLY W 161 29.77 46.29 -97.24
C GLY W 161 29.07 47.61 -97.47
N ALA W 162 28.00 47.89 -96.74
CA ALA W 162 27.24 49.10 -97.03
C ALA W 162 28.04 50.36 -96.80
N THR W 163 28.11 51.20 -97.82
CA THR W 163 28.80 52.48 -97.65
C THR W 163 28.03 53.39 -96.73
N SER W 164 26.70 53.42 -96.89
CA SER W 164 25.89 54.35 -96.11
C SER W 164 24.47 53.87 -95.86
N TYR W 165 23.82 54.40 -94.83
CA TYR W 165 22.43 54.06 -94.57
C TYR W 165 21.52 54.74 -95.58
N ARG W 166 20.40 54.11 -95.92
CA ARG W 166 19.44 54.77 -96.80
C ARG W 166 18.08 54.68 -96.15
N VAL W 167 17.91 55.42 -95.06
CA VAL W 167 16.64 55.40 -94.34
C VAL W 167 15.56 56.09 -95.14
N GLY W 168 14.31 55.65 -94.97
CA GLY W 168 13.22 56.23 -95.74
C GLY W 168 11.94 55.48 -95.45
N VAL W 169 10.88 55.76 -96.19
CA VAL W 169 9.62 55.02 -96.04
C VAL W 169 9.71 53.90 -97.06
N PRO W 170 9.08 52.73 -96.81
CA PRO W 170 9.30 51.65 -97.78
C PRO W 170 8.98 52.05 -99.20
N GLY W 171 9.87 51.69 -100.12
CA GLY W 171 9.71 52.06 -101.52
C GLY W 171 10.51 53.29 -101.83
N GLU W 172 10.89 54.05 -100.81
CA GLU W 172 11.77 55.21 -101.03
C GLU W 172 12.90 55.15 -100.02
N PRO W 173 14.14 55.06 -100.51
CA PRO W 173 15.25 55.13 -99.55
C PRO W 173 15.67 56.57 -99.39
N ASP W 174 15.03 57.47 -100.12
CA ASP W 174 15.41 58.88 -100.09
C ASP W 174 14.49 59.80 -99.30
N LYS W 175 13.52 59.27 -98.57
CA LYS W 175 12.55 60.16 -97.90
C LYS W 175 13.19 61.08 -96.88
N PHE W 176 14.08 60.57 -96.05
CA PHE W 176 14.80 61.42 -95.11
C PHE W 176 16.18 60.78 -95.01
N GLY W 177 17.23 61.59 -94.84
CA GLY W 177 18.53 60.98 -94.66
C GLY W 177 18.75 59.98 -95.78
N ALA W 178 18.64 60.43 -97.03
CA ALA W 178 18.74 59.50 -98.15
C ALA W 178 20.07 58.79 -98.12
N SER W 179 21.15 59.51 -97.86
CA SER W 179 22.43 58.85 -97.69
C SER W 179 22.88 59.23 -96.30
N LEU W 180 23.04 58.24 -95.44
CA LEU W 180 23.44 58.49 -94.07
C LEU W 180 24.79 57.85 -93.80
N GLY W 181 24.99 57.33 -92.60
CA GLY W 181 26.24 56.64 -92.31
C GLY W 181 26.10 55.21 -91.86
N ALA W 182 26.80 54.30 -92.50
CA ALA W 182 26.79 52.90 -92.07
C ALA W 182 27.99 52.66 -91.16
N ALA W 183 28.78 53.70 -90.92
CA ALA W 183 29.97 53.57 -90.07
C ALA W 183 29.57 53.27 -88.63
N PRO W 184 30.38 52.49 -87.90
CA PRO W 184 29.98 52.08 -86.55
C PRO W 184 29.73 53.21 -85.57
N GLY W 185 28.69 53.06 -84.75
CA GLY W 185 28.39 54.07 -83.74
C GLY W 185 28.08 55.44 -84.29
N SER W 186 27.47 55.51 -85.47
CA SER W 186 27.21 56.81 -86.04
C SER W 186 25.74 57.14 -85.94
N SER W 187 25.42 58.18 -85.17
CA SER W 187 24.03 58.61 -85.02
C SER W 187 23.67 59.60 -86.11
N ASN W 188 23.66 59.15 -87.36
CA ASN W 188 23.28 60.03 -88.46
C ASN W 188 21.80 60.32 -88.39
N ILE W 189 21.39 61.52 -88.75
CA ILE W 189 19.97 61.82 -88.60
C ILE W 189 19.25 61.88 -89.91
N GLY W 190 18.22 61.06 -90.06
CA GLY W 190 17.42 61.16 -91.27
C GLY W 190 16.34 62.11 -90.83
N VAL W 191 16.53 63.40 -91.11
CA VAL W 191 15.56 64.36 -90.59
C VAL W 191 14.42 64.61 -91.54
N VAL W 192 13.21 64.33 -91.08
CA VAL W 192 12.03 64.64 -91.88
C VAL W 192 12.00 66.14 -92.03
N GLY W 193 12.38 66.85 -90.97
CA GLY W 193 12.42 68.30 -91.03
C GLY W 193 11.09 68.99 -91.26
N PRO W 194 11.02 69.87 -92.26
CA PRO W 194 9.78 70.64 -92.45
C PRO W 194 8.58 69.78 -92.75
N PHE W 195 8.74 68.76 -93.60
CA PHE W 195 7.64 67.86 -93.87
C PHE W 195 7.60 66.76 -92.83
N ALA W 196 6.42 66.51 -92.28
CA ALA W 196 6.28 65.43 -91.30
C ALA W 196 5.13 64.54 -91.74
N THR W 197 5.34 63.24 -91.70
CA THR W 197 4.31 62.33 -92.17
C THR W 197 3.37 61.95 -91.05
N TYR W 198 2.25 62.66 -90.94
CA TYR W 198 1.26 62.31 -89.92
C TYR W 198 0.64 60.94 -90.14
N ALA W 199 0.34 60.61 -91.39
CA ALA W 199 -0.27 59.31 -91.68
C ALA W 199 0.68 58.19 -91.28
N PRO W 200 0.13 57.10 -90.74
CA PRO W 200 1.03 56.04 -90.26
C PRO W 200 1.86 55.42 -91.39
N THR W 201 3.16 55.30 -91.19
CA THR W 201 4.03 54.71 -92.20
C THR W 201 5.21 53.98 -91.59
N ASP W 202 5.64 52.89 -92.23
CA ASP W 202 6.81 52.17 -91.75
C ASP W 202 8.09 52.85 -92.19
N VAL W 203 9.22 52.41 -91.66
CA VAL W 203 10.51 52.97 -92.09
C VAL W 203 11.33 51.89 -92.78
N VAL W 204 11.94 52.20 -93.92
CA VAL W 204 12.79 51.23 -94.61
C VAL W 204 14.25 51.66 -94.60
N VAL W 205 15.15 50.73 -94.36
CA VAL W 205 16.57 51.04 -94.39
C VAL W 205 17.24 50.19 -95.46
N THR W 206 18.03 50.82 -96.32
CA THR W 206 18.73 50.08 -97.36
C THR W 206 20.20 50.43 -97.42
N ALA W 207 21.02 49.52 -97.94
CA ALA W 207 22.43 49.82 -98.10
C ALA W 207 22.63 50.78 -99.27
N GLU W 208 23.68 51.58 -99.22
CA GLU W 208 23.93 52.53 -100.30
C GLU W 208 24.77 51.89 -101.39
N GLY W 209 24.11 51.36 -102.41
CA GLY W 209 24.81 50.72 -103.51
C GLY W 209 25.73 49.65 -102.99
N ALA W 210 25.28 48.88 -102.00
CA ALA W 210 26.15 47.89 -101.37
C ALA W 210 25.35 46.81 -100.65
N ASP W 211 26.06 45.89 -99.99
CA ASP W 211 25.39 44.82 -99.26
C ASP W 211 25.17 45.19 -97.79
N PHE W 212 23.92 45.15 -97.34
CA PHE W 212 23.59 45.49 -95.95
C PHE W 212 24.07 44.51 -94.88
N THR W 213 24.29 43.25 -95.23
CA THR W 213 24.62 42.24 -94.22
C THR W 213 25.87 42.48 -93.39
N GLY W 214 25.83 42.05 -92.12
CA GLY W 214 26.97 42.25 -91.24
C GLY W 214 26.92 43.49 -90.38
N GLY W 215 25.79 44.21 -90.38
CA GLY W 215 25.68 45.41 -89.59
C GLY W 215 24.40 45.47 -88.77
N THR W 216 24.37 46.31 -87.75
CA THR W 216 23.14 46.47 -86.97
C THR W 216 22.70 47.93 -86.96
N ILE W 217 21.40 48.16 -87.14
CA ILE W 217 20.88 49.54 -87.21
C ILE W 217 20.05 49.91 -86.00
N GLY W 218 20.27 51.10 -85.45
CA GLY W 218 19.47 51.56 -84.33
C GLY W 218 18.75 52.80 -84.80
N LEU W 219 17.58 53.08 -84.26
CA LEU W 219 16.81 54.22 -84.74
C LEU W 219 16.24 55.04 -83.61
N ALA W 220 16.06 56.33 -83.85
CA ALA W 220 15.47 57.19 -82.84
C ALA W 220 14.35 57.98 -83.50
N ALA W 221 13.27 57.28 -83.80
CA ALA W 221 12.13 57.96 -84.39
C ALA W 221 11.50 58.84 -83.34
N SER W 222 11.28 60.10 -83.67
CA SER W 222 10.59 60.98 -82.75
C SER W 222 9.32 61.41 -83.44
N VAL W 223 8.17 60.94 -82.96
CA VAL W 223 6.91 61.26 -83.62
C VAL W 223 5.88 61.84 -82.66
N ILE W 224 5.72 63.15 -82.68
CA ILE W 224 4.73 63.79 -81.82
C ILE W 224 3.32 63.53 -82.31
N LEU W 225 2.42 63.19 -81.40
CA LEU W 225 1.03 62.92 -81.78
C LEU W 225 0.03 63.70 -80.95
N PRO W 226 -0.78 64.57 -81.59
CA PRO W 226 -1.76 65.25 -80.75
C PRO W 226 -2.94 64.33 -80.59
N GLY W 227 -2.77 63.19 -79.92
CA GLY W 227 -3.85 62.23 -79.82
C GLY W 227 -4.50 62.02 -78.46
N ALA W 228 -4.14 62.80 -77.45
CA ALA W 228 -4.68 62.53 -76.12
C ALA W 228 -5.50 63.67 -75.55
N PRO W 229 -6.74 63.37 -75.12
CA PRO W 229 -7.61 64.40 -74.54
C PRO W 229 -7.08 64.97 -73.23
N VAL W 230 -7.20 66.29 -73.06
CA VAL W 230 -6.73 66.95 -71.84
C VAL W 230 -7.74 67.98 -71.37
N GLY X 17 11.20 72.09 -37.69
CA GLY X 17 11.46 71.82 -36.28
C GLY X 17 12.74 72.49 -35.83
N GLN X 18 13.17 72.20 -34.61
CA GLN X 18 14.46 72.72 -34.16
C GLN X 18 15.65 71.95 -34.69
N HIS X 19 15.61 70.62 -34.57
CA HIS X 19 16.73 69.79 -35.05
C HIS X 19 16.86 69.92 -36.55
N VAL X 20 15.74 69.85 -37.26
CA VAL X 20 15.79 70.06 -38.69
C VAL X 20 14.86 71.24 -38.82
N THR X 21 15.38 72.36 -39.26
CA THR X 21 14.55 73.55 -39.30
C THR X 21 13.55 73.48 -40.43
N HIS X 22 12.47 74.24 -40.30
CA HIS X 22 11.51 74.30 -41.38
C HIS X 22 12.27 74.88 -42.55
N ASN X 23 13.19 75.79 -42.25
CA ASN X 23 14.03 76.38 -43.30
C ASN X 23 14.87 75.33 -44.01
N GLU X 24 15.40 74.35 -43.26
CA GLU X 24 16.16 73.29 -43.89
C GLU X 24 15.24 72.57 -44.86
N ALA X 25 14.02 72.29 -44.42
CA ALA X 25 13.05 71.65 -45.29
C ALA X 25 12.69 72.53 -46.47
N LEU X 26 12.53 73.82 -46.24
CA LEU X 26 12.18 74.74 -47.32
C LEU X 26 13.28 74.83 -48.36
N ASP X 27 14.52 74.85 -47.90
CA ASP X 27 15.64 74.89 -48.82
C ASP X 27 15.62 73.60 -49.62
N MET X 28 15.33 72.50 -48.93
CA MET X 28 15.26 71.22 -49.61
C MET X 28 14.12 71.25 -50.62
N ILE X 29 13.03 71.91 -50.27
CA ILE X 29 11.87 71.95 -51.17
C ILE X 29 12.24 72.64 -52.49
N ASP X 30 12.98 73.74 -52.42
CA ASP X 30 13.40 74.40 -53.65
C ASP X 30 14.29 73.48 -54.46
N ALA X 31 15.21 72.82 -53.78
CA ALA X 31 16.13 71.92 -54.48
C ALA X 31 15.39 70.75 -55.10
N LEU X 32 14.45 70.17 -54.36
CA LEU X 32 13.70 69.02 -54.86
C LEU X 32 12.86 69.41 -56.06
N ALA X 33 12.25 70.59 -56.00
CA ALA X 33 11.42 71.05 -57.09
C ALA X 33 12.27 71.28 -58.32
N PRO X 34 11.73 70.98 -59.50
CA PRO X 34 12.48 71.28 -60.72
C PRO X 34 12.67 72.77 -60.71
N ARG X 35 13.84 73.23 -61.13
CA ARG X 35 14.10 74.66 -61.03
C ARG X 35 14.60 75.23 -62.33
N VAL X 36 14.24 76.48 -62.61
CA VAL X 36 14.79 77.11 -63.78
C VAL X 36 16.23 77.32 -63.35
N VAL X 37 17.18 76.90 -64.17
CA VAL X 37 18.58 77.00 -63.80
C VAL X 37 19.36 77.79 -64.82
N LEU X 38 20.27 78.64 -64.37
CA LEU X 38 20.97 79.47 -65.33
C LEU X 38 22.30 78.83 -65.69
N SER X 39 22.38 78.30 -66.90
CA SER X 39 23.64 77.73 -67.36
C SER X 39 24.49 78.79 -67.99
N ASP X 40 24.97 79.73 -67.20
CA ASP X 40 25.86 80.75 -67.72
C ASP X 40 27.14 80.08 -68.13
N SER X 41 27.48 78.97 -67.47
CA SER X 41 28.69 78.20 -67.78
C SER X 41 29.96 78.88 -67.33
N LEU X 42 29.83 79.84 -66.41
CA LEU X 42 31.00 80.48 -65.86
C LEU X 42 31.79 79.46 -65.08
N ALA X 43 33.11 79.50 -65.18
CA ALA X 43 33.93 78.59 -64.40
C ALA X 43 33.68 78.86 -62.94
N THR X 44 33.58 80.14 -62.59
CA THR X 44 33.31 80.50 -61.22
C THR X 44 31.90 81.05 -61.11
N PRO X 45 31.13 80.52 -60.15
CA PRO X 45 29.75 80.96 -59.97
C PRO X 45 29.67 82.43 -59.62
N PRO X 46 28.64 83.12 -60.11
CA PRO X 46 28.51 84.56 -59.88
C PRO X 46 28.39 84.88 -58.40
N PRO X 47 28.87 86.06 -57.99
CA PRO X 47 28.86 86.42 -56.58
C PRO X 47 27.45 86.43 -55.98
N ALA X 48 26.47 86.87 -56.77
CA ALA X 48 25.11 86.93 -56.26
C ALA X 48 24.11 86.25 -57.18
N PRO X 49 24.08 84.91 -57.17
CA PRO X 49 23.05 84.22 -57.95
C PRO X 49 21.72 84.43 -57.25
N PRO X 50 20.61 84.40 -58.00
CA PRO X 50 19.34 84.71 -57.33
C PRO X 50 19.02 83.70 -56.23
N ASP X 51 18.48 84.18 -55.12
CA ASP X 51 18.11 83.28 -54.03
C ASP X 51 17.00 82.35 -54.47
N ARG X 52 17.05 81.09 -54.02
CA ARG X 52 16.04 80.10 -54.38
C ARG X 52 16.10 79.81 -55.88
N SER X 53 17.24 80.11 -56.49
CA SER X 53 17.42 79.80 -57.90
C SER X 53 18.72 79.06 -58.01
N ALA X 54 18.73 78.01 -58.79
CA ALA X 54 19.93 77.22 -58.89
C ALA X 54 20.71 77.70 -60.08
N TRP X 55 21.96 78.06 -59.87
CA TRP X 55 22.79 78.44 -60.99
C TRP X 55 23.59 77.19 -61.22
N ILE X 56 23.45 76.59 -62.39
CA ILE X 56 24.14 75.32 -62.60
C ILE X 56 25.62 75.53 -62.81
N VAL X 57 26.43 74.80 -62.07
CA VAL X 57 27.86 74.88 -62.28
C VAL X 57 28.15 74.00 -63.48
N PRO X 58 28.91 74.51 -64.45
CA PRO X 58 29.29 73.69 -65.60
C PRO X 58 30.26 72.62 -65.15
N PRO X 59 30.28 71.48 -65.86
CA PRO X 59 31.29 70.48 -65.49
C PRO X 59 32.67 71.09 -65.70
N GLY X 60 33.59 70.84 -64.77
CA GLY X 60 34.91 71.45 -64.86
C GLY X 60 34.96 72.85 -64.27
N GLY X 61 33.88 73.28 -63.64
CA GLY X 61 33.83 74.61 -63.05
C GLY X 61 34.85 74.75 -61.93
N SER X 62 35.55 75.88 -61.90
CA SER X 62 36.59 76.10 -60.89
C SER X 62 36.11 76.88 -59.67
N GLY X 63 36.91 76.87 -58.61
CA GLY X 63 36.56 77.65 -57.43
C GLY X 63 35.25 77.24 -56.82
N PHE X 64 34.32 78.17 -56.71
CA PHE X 64 33.03 77.88 -56.09
C PHE X 64 32.25 76.87 -56.90
N GLY X 65 31.36 76.13 -56.25
CA GLY X 65 30.66 75.08 -56.96
C GLY X 65 31.69 74.00 -57.23
N GLY X 66 32.76 73.99 -56.43
CA GLY X 66 33.82 73.02 -56.62
C GLY X 66 33.36 71.60 -56.42
N ALA X 67 32.49 71.40 -55.43
CA ALA X 67 31.94 70.07 -55.23
C ALA X 67 31.09 69.71 -56.43
N GLY X 68 31.31 68.52 -56.98
CA GLY X 68 30.47 68.08 -58.08
C GLY X 68 30.29 69.05 -59.24
N PRO X 69 31.38 69.47 -59.91
CA PRO X 69 31.08 70.39 -61.01
C PRO X 69 30.14 69.68 -61.95
N GLY X 70 29.15 70.38 -62.49
CA GLY X 70 28.13 69.73 -63.29
C GLY X 70 26.92 69.54 -62.39
N GLN X 71 27.02 70.02 -61.15
CA GLN X 71 25.86 69.98 -60.26
C GLN X 71 25.28 71.37 -60.24
N ILE X 72 24.11 71.53 -59.64
CA ILE X 72 23.46 72.84 -59.64
C ILE X 72 23.69 73.54 -58.31
N ALA X 73 24.31 74.71 -58.34
CA ALA X 73 24.54 75.44 -57.11
C ALA X 73 23.33 76.30 -56.84
N LEU X 74 22.62 76.01 -55.77
CA LEU X 74 21.40 76.74 -55.46
C LEU X 74 21.68 77.71 -54.34
N ARG X 75 21.39 78.98 -54.57
CA ARG X 75 21.72 79.96 -53.56
C ARG X 75 20.61 80.08 -52.53
N LEU X 76 20.87 79.64 -51.31
CA LEU X 76 19.89 79.82 -50.27
C LEU X 76 20.63 80.50 -49.13
N GLY X 77 20.14 81.68 -48.74
CA GLY X 77 20.80 82.43 -47.69
C GLY X 77 22.22 82.79 -48.07
N GLY X 78 22.49 82.98 -49.36
CA GLY X 78 23.82 83.36 -49.81
C GLY X 78 24.77 82.18 -49.87
N VAL X 79 24.27 80.99 -49.61
CA VAL X 79 25.12 79.81 -49.62
C VAL X 79 24.72 78.98 -50.82
N TRP X 80 25.68 78.61 -51.64
CA TRP X 80 25.34 77.89 -52.84
C TRP X 80 25.48 76.42 -52.56
N HIS X 81 24.37 75.71 -52.63
CA HIS X 81 24.39 74.29 -52.33
C HIS X 81 24.35 73.56 -53.63
N ALA X 82 25.35 72.73 -53.87
CA ALA X 82 25.41 72.03 -55.14
C ALA X 82 24.56 70.79 -55.02
N ILE X 83 23.46 70.75 -55.76
CA ILE X 83 22.56 69.60 -55.68
C ILE X 83 23.04 68.57 -56.67
N THR X 84 23.20 67.34 -56.21
CA THR X 84 23.61 66.28 -57.11
C THR X 84 22.37 65.82 -57.84
N PRO X 85 22.38 65.99 -59.17
CA PRO X 85 21.17 65.65 -59.93
C PRO X 85 20.98 64.15 -60.03
N ALA X 86 19.73 63.71 -60.08
CA ALA X 86 19.44 62.28 -60.12
C ALA X 86 18.85 61.88 -61.46
N GLN X 87 18.36 60.66 -61.54
CA GLN X 87 17.78 60.18 -62.79
C GLN X 87 16.60 61.06 -63.18
N GLY X 88 16.56 61.46 -64.45
CA GLY X 88 15.46 62.28 -64.91
C GLY X 88 15.28 63.56 -64.12
N ALA X 89 16.38 64.21 -63.76
CA ALA X 89 16.27 65.42 -62.97
C ALA X 89 16.09 66.56 -63.95
N ARG X 90 14.94 67.22 -63.92
CA ARG X 90 14.67 68.24 -64.91
C ARG X 90 14.97 69.63 -64.42
N TRP X 91 15.90 70.29 -65.09
CA TRP X 91 16.20 71.65 -64.73
C TRP X 91 16.09 72.46 -66.00
N ARG X 92 15.28 73.51 -66.00
CA ARG X 92 15.08 74.24 -67.22
C ARG X 92 16.20 75.25 -67.33
N VAL X 93 17.00 75.15 -68.38
CA VAL X 93 18.14 76.05 -68.47
C VAL X 93 17.62 77.36 -69.02
N LEU X 94 17.72 78.42 -68.22
CA LEU X 94 17.24 79.72 -68.65
C LEU X 94 18.00 80.26 -69.83
N ASP X 95 19.33 80.18 -69.78
CA ASP X 95 20.12 80.77 -70.85
C ASP X 95 19.87 80.09 -72.17
N ARG X 96 19.89 78.76 -72.19
CA ARG X 96 19.56 78.04 -73.41
C ARG X 96 18.09 78.15 -73.75
N GLY X 97 17.25 78.13 -72.73
CA GLY X 97 15.82 78.15 -72.94
C GLY X 97 15.26 76.74 -73.03
N ALA X 98 16.13 75.75 -73.05
CA ALA X 98 15.70 74.35 -73.07
C ALA X 98 15.50 73.84 -71.67
N ALA X 99 14.55 72.94 -71.47
CA ALA X 99 14.40 72.35 -70.16
C ALA X 99 15.25 71.11 -70.22
N VAL X 100 16.36 71.10 -69.50
CA VAL X 100 17.26 69.96 -69.61
C VAL X 100 16.99 68.94 -68.54
N ILE X 101 16.61 67.74 -68.96
CA ILE X 101 16.37 66.68 -68.01
C ILE X 101 17.66 65.89 -67.91
N TRP X 102 18.36 66.01 -66.80
CA TRP X 102 19.63 65.34 -66.67
C TRP X 102 19.29 63.87 -66.50
N SER X 103 19.80 63.03 -67.38
CA SER X 103 19.47 61.60 -67.33
C SER X 103 19.98 60.98 -66.06
N GLY X 104 21.15 61.41 -65.61
CA GLY X 104 21.74 60.87 -64.41
C GLY X 104 23.19 60.75 -64.74
N THR X 105 23.49 60.20 -65.92
CA THR X 105 24.87 60.17 -66.35
C THR X 105 25.31 61.58 -66.69
N SER X 106 24.44 62.32 -67.38
CA SER X 106 24.79 63.68 -67.81
C SER X 106 23.52 64.44 -68.18
N TRP X 107 23.68 65.72 -68.49
CA TRP X 107 22.53 66.51 -68.91
C TRP X 107 21.94 66.01 -70.21
N ARG X 108 20.62 65.93 -70.30
CA ARG X 108 20.01 65.57 -71.56
C ARG X 108 18.99 66.65 -71.94
N PRO X 109 19.18 67.31 -73.08
CA PRO X 109 18.28 68.41 -73.45
C PRO X 109 16.91 67.97 -73.94
N ALA X 110 15.85 68.71 -73.62
CA ALA X 110 14.53 68.40 -74.15
C ALA X 110 14.39 68.84 -75.60
N ASP X 111 13.44 68.24 -76.32
CA ASP X 111 13.24 68.60 -77.70
C ASP X 111 12.31 69.80 -77.77
N VAL X 112 12.80 70.90 -78.30
CA VAL X 112 11.99 72.12 -78.40
C VAL X 112 11.31 72.26 -79.76
N ALA X 115 12.38 78.52 -75.20
CA ALA X 115 13.58 78.41 -76.04
C ALA X 115 14.30 79.73 -76.13
N LEU X 116 13.66 80.71 -76.75
CA LEU X 116 14.25 82.03 -76.89
C LEU X 116 13.44 82.97 -76.05
N GLY X 117 12.73 82.44 -75.05
CA GLY X 117 11.83 83.27 -74.28
C GLY X 117 10.52 83.12 -75.01
N SER X 118 10.52 82.31 -76.06
CA SER X 118 9.30 82.06 -76.79
C SER X 118 8.52 81.09 -75.95
N THR X 119 7.29 81.46 -75.62
CA THR X 119 6.47 80.61 -74.79
C THR X 119 5.25 80.33 -75.62
N LEU X 120 4.83 79.08 -75.69
CA LEU X 120 3.71 78.76 -76.57
C LEU X 120 2.40 78.98 -75.83
N GLY X 121 1.79 80.13 -76.04
CA GLY X 121 0.55 80.45 -75.37
C GLY X 121 -0.60 79.59 -75.86
N LEU X 122 -1.46 79.16 -74.95
CA LEU X 122 -2.62 78.38 -75.35
C LEU X 122 -3.93 78.99 -74.89
N ALA X 123 -4.90 79.10 -75.79
CA ALA X 123 -6.22 79.58 -75.40
C ALA X 123 -7.18 78.43 -75.66
N THR X 124 -7.95 78.04 -74.66
CA THR X 124 -8.82 76.87 -74.84
C THR X 124 -10.01 77.19 -75.73
N ILE X 125 -10.18 76.41 -76.80
CA ILE X 125 -11.33 76.62 -77.69
C ILE X 125 -12.18 75.35 -77.85
N GLU X 126 -12.06 74.42 -76.91
CA GLU X 126 -12.89 73.24 -77.06
C GLU X 126 -14.32 73.68 -76.94
N ALA X 127 -15.13 73.30 -77.92
CA ALA X 127 -16.51 73.73 -77.92
C ALA X 127 -17.36 72.58 -78.40
N THR X 128 -18.60 72.54 -77.94
CA THR X 128 -19.49 71.52 -78.43
C THR X 128 -20.27 72.19 -79.54
N VAL X 129 -20.13 71.70 -80.76
CA VAL X 129 -20.86 72.27 -81.85
C VAL X 129 -22.07 71.38 -82.06
N THR X 130 -23.24 71.89 -81.75
CA THR X 130 -24.44 71.12 -82.02
C THR X 130 -24.49 71.01 -83.51
N ALA X 131 -24.76 69.82 -84.01
CA ALA X 131 -24.76 69.63 -85.44
C ALA X 131 -26.19 69.56 -85.91
N THR X 132 -26.58 70.50 -86.75
CA THR X 132 -27.92 70.47 -87.31
C THR X 132 -27.78 70.57 -88.80
N GLY X 133 -28.27 69.57 -89.53
CA GLY X 133 -28.13 69.56 -90.97
C GLY X 133 -26.77 68.96 -91.31
N PRO X 134 -26.58 68.58 -92.57
CA PRO X 134 -25.30 67.98 -92.96
C PRO X 134 -24.16 68.95 -92.77
N SER X 135 -24.39 70.22 -93.10
CA SER X 135 -23.34 71.20 -92.97
C SER X 135 -23.54 72.05 -91.73
N VAL X 136 -22.54 72.07 -90.85
CA VAL X 136 -22.60 72.92 -89.66
C VAL X 136 -21.29 73.66 -89.59
N THR X 137 -21.30 74.86 -89.00
CA THR X 137 -20.09 75.65 -88.98
C THR X 137 -19.48 75.70 -87.60
N ALA X 138 -18.23 75.25 -87.46
CA ALA X 138 -17.56 75.37 -86.18
C ALA X 138 -17.16 76.82 -85.98
N PRO X 139 -17.27 77.32 -84.75
CA PRO X 139 -16.95 78.72 -84.48
C PRO X 139 -15.52 78.92 -83.96
N ALA X 140 -14.70 77.87 -83.99
CA ALA X 140 -13.36 77.97 -83.44
C ALA X 140 -12.39 78.59 -84.43
N LEU X 141 -12.51 79.88 -84.65
CA LEU X 141 -11.58 80.57 -85.52
C LEU X 141 -10.22 80.63 -84.84
N ILE X 142 -9.16 80.38 -85.59
CA ILE X 142 -7.81 80.39 -85.03
C ILE X 142 -7.40 81.81 -84.70
N PRO X 143 -6.60 82.01 -83.64
CA PRO X 143 -6.10 83.37 -83.42
C PRO X 143 -5.10 83.72 -84.51
N PRO X 144 -4.99 85.01 -84.85
CA PRO X 144 -3.98 85.37 -85.85
C PRO X 144 -2.58 85.05 -85.36
N ARG X 145 -1.73 84.57 -86.26
CA ARG X 145 -0.36 84.21 -85.91
C ARG X 145 -0.30 83.14 -84.83
N ALA X 146 -1.26 82.24 -84.82
CA ALA X 146 -1.20 81.15 -83.86
C ALA X 146 -1.02 79.84 -84.59
N ILE X 147 0.10 79.17 -84.35
CA ILE X 147 0.38 77.90 -85.01
C ILE X 147 -0.64 76.86 -84.56
N VAL X 148 -1.16 76.07 -85.49
CA VAL X 148 -2.06 75.00 -85.10
C VAL X 148 -1.30 73.70 -85.25
N LEU X 149 -0.98 73.06 -84.14
CA LEU X 149 -0.29 71.79 -84.23
C LEU X 149 -1.19 70.75 -84.86
N GLY X 150 -2.44 70.70 -84.42
CA GLY X 150 -3.38 69.72 -84.95
C GLY X 150 -4.80 70.14 -84.67
N VAL X 151 -5.77 69.55 -85.36
CA VAL X 151 -7.17 69.86 -85.08
C VAL X 151 -7.79 68.73 -84.25
N THR X 152 -8.40 69.08 -83.12
CA THR X 152 -8.95 68.06 -82.24
C THR X 152 -10.42 67.79 -82.52
N SER X 153 -10.74 66.54 -82.83
CA SER X 153 -12.12 66.22 -83.14
C SER X 153 -12.70 65.17 -82.23
N TRP X 154 -13.90 65.42 -81.71
CA TRP X 154 -14.58 64.46 -80.87
C TRP X 154 -16.03 64.53 -81.27
N THR X 155 -16.82 63.52 -80.95
CA THR X 155 -18.25 63.62 -81.19
C THR X 155 -18.91 63.41 -79.85
N VAL X 156 -19.80 64.31 -79.46
CA VAL X 156 -20.44 64.20 -78.14
C VAL X 156 -21.79 63.49 -78.16
N GLN X 157 -22.63 63.80 -79.14
CA GLN X 157 -23.96 63.22 -79.19
C GLN X 157 -24.10 62.49 -80.50
N ALA X 158 -24.93 61.46 -80.52
CA ALA X 158 -25.02 60.65 -81.72
C ALA X 158 -25.44 61.52 -82.88
N VAL X 159 -24.71 61.43 -83.98
CA VAL X 159 -25.08 62.19 -85.15
C VAL X 159 -25.93 61.22 -85.93
N THR X 160 -27.14 61.64 -86.29
CA THR X 160 -28.04 60.69 -86.94
C THR X 160 -27.99 60.75 -88.45
N GLY X 161 -27.78 59.61 -89.10
CA GLY X 161 -27.65 59.57 -90.54
C GLY X 161 -26.29 60.06 -90.97
N ALA X 162 -25.32 60.04 -90.07
CA ALA X 162 -23.99 60.56 -90.38
C ALA X 162 -22.95 59.50 -90.65
N THR X 163 -22.27 59.60 -91.79
CA THR X 163 -21.20 58.66 -92.09
C THR X 163 -19.83 59.31 -92.10
N SER X 164 -19.75 60.60 -92.42
CA SER X 164 -18.45 61.26 -92.52
C SER X 164 -18.40 62.68 -91.99
N TYR X 165 -17.24 63.08 -91.46
CA TYR X 165 -17.07 64.43 -90.95
C TYR X 165 -16.13 65.18 -91.85
N ARG X 166 -16.64 66.13 -92.62
CA ARG X 166 -15.74 66.95 -93.42
C ARG X 166 -15.32 68.16 -92.60
N VAL X 167 -14.49 67.94 -91.59
CA VAL X 167 -14.02 69.03 -90.78
C VAL X 167 -12.85 69.67 -91.48
N GLY X 168 -12.92 70.98 -91.69
CA GLY X 168 -11.82 71.68 -92.32
C GLY X 168 -12.22 73.11 -92.57
N VAL X 169 -11.33 73.88 -93.19
CA VAL X 169 -11.60 75.28 -93.45
C VAL X 169 -12.82 75.36 -94.35
N PRO X 170 -13.69 76.37 -94.14
CA PRO X 170 -14.85 76.37 -95.03
C PRO X 170 -14.45 76.51 -96.49
N GLY X 171 -15.02 75.69 -97.35
CA GLY X 171 -14.71 75.73 -98.78
C GLY X 171 -13.60 74.76 -99.06
N GLU X 172 -12.86 74.37 -98.03
CA GLU X 172 -11.83 73.36 -98.19
C GLU X 172 -11.81 72.47 -96.96
N PRO X 173 -12.82 71.58 -96.82
CA PRO X 173 -12.90 70.72 -95.64
C PRO X 173 -11.77 69.71 -95.65
N ASP X 174 -11.09 69.57 -96.78
CA ASP X 174 -9.99 68.62 -96.92
C ASP X 174 -8.76 68.90 -96.03
N LYS X 175 -8.61 70.12 -95.54
CA LYS X 175 -7.41 70.47 -94.77
C LYS X 175 -7.29 69.56 -93.56
N PHE X 176 -8.40 69.32 -92.87
CA PHE X 176 -8.38 68.35 -91.77
C PHE X 176 -9.09 67.20 -92.41
N GLY X 177 -9.04 66.00 -91.84
CA GLY X 177 -9.64 64.88 -92.52
C GLY X 177 -11.10 65.15 -92.84
N ALA X 178 -11.47 64.91 -94.10
CA ALA X 178 -12.84 65.15 -94.52
C ALA X 178 -13.68 63.89 -94.50
N SER X 179 -13.05 62.75 -94.25
CA SER X 179 -13.77 61.50 -94.24
C SER X 179 -13.86 60.87 -92.87
N LEU X 180 -13.53 61.63 -91.82
CA LEU X 180 -13.50 61.04 -90.50
C LEU X 180 -14.87 60.49 -90.19
N GLY X 181 -14.94 59.28 -89.65
CA GLY X 181 -16.24 58.68 -89.43
C GLY X 181 -17.06 59.50 -88.46
N ALA X 182 -18.35 59.66 -88.76
CA ALA X 182 -19.22 60.40 -87.87
C ALA X 182 -20.07 59.41 -87.12
N ALA X 183 -19.90 59.35 -85.80
CA ALA X 183 -20.62 58.38 -84.99
C ALA X 183 -20.72 58.94 -83.59
N PRO X 184 -21.66 58.43 -82.79
CA PRO X 184 -21.69 58.93 -81.41
C PRO X 184 -20.40 58.64 -80.68
N GLY X 185 -19.88 59.63 -79.97
CA GLY X 185 -18.68 59.42 -79.18
C GLY X 185 -17.44 59.12 -79.98
N SER X 186 -17.41 59.51 -81.25
CA SER X 186 -16.27 59.15 -82.08
C SER X 186 -15.19 60.22 -82.01
N SER X 187 -13.97 59.79 -81.69
CA SER X 187 -12.87 60.74 -81.59
C SER X 187 -12.10 60.71 -82.88
N ASN X 188 -12.04 61.86 -83.54
CA ASN X 188 -11.36 61.96 -84.81
C ASN X 188 -10.17 62.86 -84.63
N ILE X 189 -9.59 62.86 -83.44
CA ILE X 189 -8.48 63.75 -83.14
C ILE X 189 -7.36 63.54 -84.13
N GLY X 190 -6.83 64.63 -84.68
CA GLY X 190 -5.81 64.50 -85.70
C GLY X 190 -4.92 65.70 -85.97
N VAL X 191 -3.91 65.52 -86.80
CA VAL X 191 -3.05 66.64 -87.17
C VAL X 191 -3.48 67.15 -88.54
N VAL X 192 -3.45 68.46 -88.72
CA VAL X 192 -3.77 69.01 -90.04
C VAL X 192 -2.51 68.95 -90.88
N GLY X 193 -2.03 67.74 -91.16
CA GLY X 193 -0.84 67.60 -91.97
C GLY X 193 0.38 68.09 -91.23
N PRO X 194 1.50 68.28 -91.95
CA PRO X 194 2.67 68.88 -91.30
C PRO X 194 2.55 70.39 -91.25
N PHE X 195 1.67 70.95 -92.07
CA PHE X 195 1.48 72.39 -92.09
C PHE X 195 0.80 72.87 -90.83
N ALA X 196 1.29 73.96 -90.28
CA ALA X 196 0.68 74.52 -89.09
C ALA X 196 0.00 75.79 -89.53
N THR X 197 -1.29 75.92 -89.22
CA THR X 197 -2.03 77.08 -89.71
C THR X 197 -1.99 78.28 -88.78
N TYR X 198 -1.02 79.16 -88.97
CA TYR X 198 -0.96 80.38 -88.17
C TYR X 198 -2.17 81.28 -88.45
N ALA X 199 -2.60 81.34 -89.71
CA ALA X 199 -3.70 82.23 -90.08
C ALA X 199 -5.01 81.84 -89.42
N PRO X 200 -5.80 82.85 -89.03
CA PRO X 200 -7.10 82.58 -88.41
C PRO X 200 -8.06 81.88 -89.35
N THR X 201 -8.65 80.77 -88.93
CA THR X 201 -9.58 80.05 -89.77
C THR X 201 -10.66 79.28 -89.02
N ASP X 202 -11.86 79.21 -89.58
CA ASP X 202 -12.91 78.40 -88.97
C ASP X 202 -12.68 76.97 -89.44
N VAL X 203 -13.32 76.01 -88.78
CA VAL X 203 -13.19 74.62 -89.21
C VAL X 203 -14.59 74.07 -89.40
N VAL X 204 -15.25 74.49 -90.47
CA VAL X 204 -16.63 74.08 -90.69
C VAL X 204 -16.77 72.58 -90.73
N VAL X 205 -17.74 72.06 -89.98
CA VAL X 205 -17.98 70.64 -89.96
C VAL X 205 -18.96 70.26 -91.05
N THR X 206 -18.46 70.15 -92.28
CA THR X 206 -19.31 69.74 -93.39
C THR X 206 -19.50 68.24 -93.32
N ALA X 207 -20.43 67.71 -94.12
CA ALA X 207 -20.59 66.27 -94.15
C ALA X 207 -20.64 65.75 -95.57
N GLU X 208 -20.16 64.53 -95.76
CA GLU X 208 -20.22 63.92 -97.08
C GLU X 208 -21.57 63.27 -97.25
N GLY X 209 -22.60 64.09 -97.53
CA GLY X 209 -23.94 63.56 -97.67
C GLY X 209 -24.37 62.86 -96.40
N ALA X 210 -23.95 63.38 -95.25
CA ALA X 210 -24.28 62.76 -93.99
C ALA X 210 -25.13 63.72 -93.18
N ASP X 211 -26.32 63.30 -92.77
CA ASP X 211 -27.12 64.16 -91.93
C ASP X 211 -26.43 64.27 -90.59
N PHE X 212 -26.24 65.48 -90.08
CA PHE X 212 -25.62 65.65 -88.77
C PHE X 212 -26.64 66.00 -87.71
N THR X 213 -27.90 66.11 -88.10
CA THR X 213 -28.92 66.55 -87.14
C THR X 213 -29.11 65.63 -85.96
N GLY X 214 -29.35 66.20 -84.79
CA GLY X 214 -29.53 65.41 -83.59
C GLY X 214 -28.23 65.03 -82.94
N GLY X 215 -27.12 65.60 -83.41
CA GLY X 215 -25.82 65.24 -82.89
C GLY X 215 -24.99 66.42 -82.41
N THR X 216 -24.01 66.16 -81.56
CA THR X 216 -23.13 67.22 -81.07
C THR X 216 -21.69 66.84 -81.32
N ILE X 217 -20.86 67.82 -81.69
CA ILE X 217 -19.46 67.54 -82.00
C ILE X 217 -18.57 68.28 -81.02
N GLY X 218 -17.64 67.58 -80.39
CA GLY X 218 -16.70 68.27 -79.52
C GLY X 218 -15.56 68.69 -80.41
N LEU X 219 -15.43 69.98 -80.63
CA LEU X 219 -14.40 70.44 -81.57
C LEU X 219 -13.42 71.41 -80.96
N ALA X 220 -12.15 71.13 -81.14
CA ALA X 220 -11.12 72.03 -80.63
C ALA X 220 -10.00 72.02 -81.64
N ALA X 221 -9.15 73.03 -81.64
CA ALA X 221 -8.00 73.01 -82.51
C ALA X 221 -6.86 73.33 -81.58
N SER X 222 -5.75 72.60 -81.63
CA SER X 222 -4.70 72.96 -80.72
C SER X 222 -4.30 74.38 -81.11
N VAL X 223 -4.32 75.29 -80.15
CA VAL X 223 -3.99 76.67 -80.45
C VAL X 223 -2.69 76.93 -79.76
N ILE X 224 -1.67 77.24 -80.54
CA ILE X 224 -0.37 77.46 -79.96
C ILE X 224 0.05 78.82 -80.45
N LEU X 225 0.50 79.69 -79.56
CA LEU X 225 1.00 80.96 -80.02
C LEU X 225 2.47 80.91 -79.73
N PRO X 226 3.25 80.55 -80.75
CA PRO X 226 4.69 80.44 -80.57
C PRO X 226 5.34 81.80 -80.70
N GLY X 227 6.58 81.92 -80.25
CA GLY X 227 7.25 83.20 -80.31
C GLY X 227 6.52 84.27 -79.52
N ALA X 228 6.01 83.90 -78.36
CA ALA X 228 5.35 84.88 -77.51
C ALA X 228 6.20 85.05 -76.26
N PRO X 229 6.52 86.30 -75.90
CA PRO X 229 7.40 86.53 -74.75
C PRO X 229 6.78 86.05 -73.44
N VAL X 230 7.60 85.50 -72.54
CA VAL X 230 7.12 85.01 -71.24
C VAL X 230 5.76 85.52 -70.77
N GLY Y 17 49.38 54.39 -10.07
CA GLY Y 17 48.44 53.70 -10.93
C GLY Y 17 47.51 52.79 -10.16
N GLN Y 18 46.35 52.48 -10.73
CA GLN Y 18 45.47 51.52 -10.07
C GLN Y 18 46.18 50.17 -10.01
N HIS Y 19 46.85 49.80 -11.10
CA HIS Y 19 47.55 48.52 -11.14
C HIS Y 19 48.67 48.45 -10.11
N VAL Y 20 49.47 49.50 -9.98
CA VAL Y 20 50.50 49.52 -8.96
C VAL Y 20 50.32 50.77 -8.10
N THR Y 21 50.08 50.57 -6.82
CA THR Y 21 49.82 51.71 -5.96
C THR Y 21 51.10 52.49 -5.79
N HIS Y 22 50.98 53.76 -5.41
CA HIS Y 22 52.16 54.59 -5.29
C HIS Y 22 53.04 53.94 -4.25
N ASN Y 23 52.43 53.43 -3.19
CA ASN Y 23 53.19 52.72 -2.16
C ASN Y 23 53.85 51.43 -2.64
N GLU Y 24 53.18 50.69 -3.52
CA GLU Y 24 53.78 49.48 -4.07
C GLU Y 24 55.05 49.89 -4.78
N ALA Y 25 54.96 50.98 -5.55
CA ALA Y 25 56.12 51.46 -6.26
C ALA Y 25 57.18 51.91 -5.28
N LEU Y 26 56.77 52.59 -4.21
CA LEU Y 26 57.74 53.10 -3.25
C LEU Y 26 58.53 52.00 -2.59
N ASP Y 27 57.85 50.91 -2.23
CA ASP Y 27 58.54 49.80 -1.59
C ASP Y 27 59.55 49.23 -2.56
N MET Y 28 59.17 49.10 -3.82
CA MET Y 28 60.07 48.55 -4.80
C MET Y 28 61.28 49.45 -4.97
N ILE Y 29 61.06 50.75 -5.00
CA ILE Y 29 62.17 51.69 -5.18
C ILE Y 29 63.14 51.62 -4.03
N ASP Y 30 62.62 51.58 -2.81
CA ASP Y 30 63.48 51.56 -1.64
C ASP Y 30 64.33 50.31 -1.64
N ALA Y 31 63.72 49.18 -1.96
CA ALA Y 31 64.45 47.92 -1.99
C ALA Y 31 65.55 47.88 -3.05
N LEU Y 32 65.25 48.36 -4.26
CA LEU Y 32 66.23 48.36 -5.33
C LEU Y 32 67.41 49.27 -5.04
N ALA Y 33 67.14 50.43 -4.45
CA ALA Y 33 68.22 51.37 -4.14
C ALA Y 33 69.16 50.71 -3.16
N PRO Y 34 70.48 50.95 -3.32
CA PRO Y 34 71.40 50.24 -2.44
C PRO Y 34 71.10 50.57 -1.00
N ARG Y 35 71.04 49.54 -0.17
CA ARG Y 35 70.70 49.76 1.23
C ARG Y 35 71.75 49.11 2.08
N VAL Y 36 72.23 49.82 3.09
CA VAL Y 36 73.15 49.18 4.01
C VAL Y 36 72.27 48.20 4.75
N VAL Y 37 72.70 46.94 4.83
CA VAL Y 37 71.86 45.92 5.45
C VAL Y 37 72.69 45.06 6.40
N LEU Y 38 72.10 44.62 7.49
CA LEU Y 38 72.88 43.87 8.49
C LEU Y 38 73.00 42.39 8.18
N SER Y 39 74.23 41.90 8.08
CA SER Y 39 74.41 40.47 7.88
C SER Y 39 74.87 39.88 9.18
N ASP Y 40 73.97 39.22 9.88
CA ASP Y 40 74.38 38.56 11.11
C ASP Y 40 74.71 37.11 10.80
N SER Y 41 74.52 36.70 9.56
CA SER Y 41 74.87 35.34 9.13
C SER Y 41 74.19 34.25 9.95
N LEU Y 42 72.96 34.48 10.35
CA LEU Y 42 72.22 33.46 11.07
C LEU Y 42 71.49 32.55 10.13
N ALA Y 43 71.13 31.37 10.59
CA ALA Y 43 70.31 30.49 9.76
C ALA Y 43 68.99 31.18 9.58
N THR Y 44 68.50 31.82 10.64
CA THR Y 44 67.20 32.49 10.58
C THR Y 44 67.34 33.97 10.90
N PRO Y 45 66.55 34.82 10.21
CA PRO Y 45 66.64 36.28 10.39
C PRO Y 45 66.09 36.76 11.73
N PRO Y 46 66.38 38.02 12.09
CA PRO Y 46 65.85 38.59 13.33
C PRO Y 46 64.34 38.58 13.31
N PRO Y 47 63.69 38.45 14.47
CA PRO Y 47 62.23 38.31 14.48
C PRO Y 47 61.49 39.45 13.81
N ALA Y 48 61.92 40.69 14.00
CA ALA Y 48 61.28 41.77 13.26
C ALA Y 48 62.27 42.48 12.37
N PRO Y 49 62.21 42.21 11.06
CA PRO Y 49 63.08 42.99 10.17
C PRO Y 49 62.26 44.20 9.81
N PRO Y 50 62.79 45.40 10.04
CA PRO Y 50 61.94 46.59 9.82
C PRO Y 50 61.55 46.77 8.36
N ASP Y 51 60.44 47.46 8.14
CA ASP Y 51 60.01 47.73 6.77
C ASP Y 51 61.09 48.57 6.11
N ARG Y 52 61.37 48.30 4.83
CA ARG Y 52 62.42 49.01 4.10
C ARG Y 52 63.78 48.72 4.69
N SER Y 53 63.92 47.61 5.38
CA SER Y 53 65.20 47.20 5.94
C SER Y 53 65.34 45.70 5.76
N ALA Y 54 66.56 45.23 5.59
CA ALA Y 54 66.75 43.81 5.33
C ALA Y 54 67.89 43.21 6.12
N TRP Y 55 67.85 41.91 6.29
CA TRP Y 55 68.96 41.23 6.94
C TRP Y 55 69.59 40.41 5.85
N ILE Y 56 70.89 40.53 5.67
CA ILE Y 56 71.55 39.82 4.59
C ILE Y 56 71.49 38.33 4.86
N VAL Y 57 71.14 37.55 3.84
CA VAL Y 57 71.09 36.11 3.99
C VAL Y 57 72.43 35.56 3.54
N PRO Y 58 73.13 34.86 4.43
CA PRO Y 58 74.38 34.23 4.02
C PRO Y 58 74.08 32.98 3.23
N PRO Y 59 75.08 32.46 2.51
CA PRO Y 59 74.80 31.19 1.84
C PRO Y 59 74.45 30.17 2.91
N GLY Y 60 73.46 29.33 2.65
CA GLY Y 60 73.00 28.40 3.67
C GLY Y 60 71.92 29.03 4.53
N GLY Y 61 71.50 30.24 4.18
CA GLY Y 61 70.44 30.90 4.90
C GLY Y 61 69.14 30.14 4.74
N SER Y 62 68.31 30.12 5.77
CA SER Y 62 67.09 29.32 5.72
C SER Y 62 65.95 30.00 6.48
N GLY Y 63 64.77 29.40 6.45
CA GLY Y 63 63.65 29.95 7.19
C GLY Y 63 62.98 31.07 6.44
N PHE Y 64 62.29 31.95 7.16
CA PHE Y 64 61.61 33.06 6.51
C PHE Y 64 62.66 33.91 5.83
N GLY Y 65 62.39 34.35 4.61
CA GLY Y 65 63.36 35.11 3.86
C GLY Y 65 64.58 34.26 3.58
N GLY Y 66 64.39 32.95 3.54
CA GLY Y 66 65.48 32.04 3.27
C GLY Y 66 65.53 31.73 1.81
N ALA Y 67 64.59 32.30 1.06
CA ALA Y 67 64.57 32.05 -0.36
C ALA Y 67 65.87 32.59 -0.88
N GLY Y 68 66.59 31.78 -1.65
CA GLY Y 68 67.89 32.17 -2.16
C GLY Y 68 68.94 32.51 -1.11
N PRO Y 69 69.85 31.56 -0.83
CA PRO Y 69 70.95 31.90 0.07
C PRO Y 69 71.83 32.88 -0.66
N GLY Y 70 72.42 33.84 0.05
CA GLY Y 70 73.19 34.87 -0.63
C GLY Y 70 72.31 36.02 -1.08
N GLN Y 71 71.04 36.01 -0.71
CA GLN Y 71 70.15 37.14 -1.01
C GLN Y 71 69.98 38.04 0.20
N ILE Y 72 68.99 38.93 0.18
CA ILE Y 72 68.71 39.78 1.34
C ILE Y 72 67.27 39.61 1.80
N ALA Y 73 67.04 39.38 3.08
CA ALA Y 73 65.68 39.13 3.55
C ALA Y 73 65.04 40.40 4.08
N LEU Y 74 64.03 40.90 3.38
CA LEU Y 74 63.41 42.16 3.77
C LEU Y 74 61.94 41.97 4.07
N ARG Y 75 61.48 42.52 5.20
CA ARG Y 75 60.09 42.36 5.58
C ARG Y 75 59.25 43.57 5.20
N LEU Y 76 58.24 43.36 4.35
CA LEU Y 76 57.33 44.44 4.03
C LEU Y 76 55.93 43.87 4.17
N GLY Y 77 55.07 44.52 4.94
CA GLY Y 77 53.71 44.05 5.11
C GLY Y 77 53.66 42.68 5.74
N GLY Y 78 54.64 42.37 6.58
CA GLY Y 78 54.63 41.10 7.28
C GLY Y 78 55.16 39.94 6.46
N VAL Y 79 55.58 40.21 5.24
CA VAL Y 79 56.14 39.14 4.43
C VAL Y 79 57.60 39.42 4.19
N TRP Y 80 58.45 38.48 4.58
CA TRP Y 80 59.88 38.68 4.44
C TRP Y 80 60.31 38.18 3.07
N HIS Y 81 59.94 38.90 2.02
CA HIS Y 81 60.37 38.53 0.69
C HIS Y 81 61.87 38.78 0.59
N ALA Y 82 62.57 37.89 -0.09
CA ALA Y 82 64.00 38.08 -0.23
C ALA Y 82 64.29 38.74 -1.55
N ILE Y 83 64.81 39.95 -1.51
CA ILE Y 83 65.13 40.68 -2.73
C ILE Y 83 66.31 40.06 -3.43
N THR Y 84 66.27 40.01 -4.76
CA THR Y 84 67.42 39.51 -5.48
C THR Y 84 68.45 40.62 -5.45
N PRO Y 85 69.67 40.29 -5.03
CA PRO Y 85 70.65 41.37 -4.93
C PRO Y 85 71.03 41.85 -6.31
N ALA Y 86 71.22 43.15 -6.47
CA ALA Y 86 71.55 43.68 -7.78
C ALA Y 86 73.04 43.99 -7.82
N GLN Y 87 73.72 43.50 -8.85
CA GLN Y 87 75.16 43.74 -8.97
C GLN Y 87 75.41 45.23 -9.13
N GLY Y 88 76.43 45.72 -8.46
CA GLY Y 88 76.76 47.13 -8.55
C GLY Y 88 76.04 47.96 -7.51
N ALA Y 89 75.09 47.35 -6.80
CA ALA Y 89 74.41 48.06 -5.74
C ALA Y 89 75.09 47.61 -4.46
N ARG Y 90 75.49 48.56 -3.63
CA ARG Y 90 76.25 48.18 -2.45
C ARG Y 90 75.36 47.83 -1.30
N TRP Y 91 75.22 46.54 -1.03
CA TRP Y 91 74.46 46.11 0.11
C TRP Y 91 75.47 46.03 1.23
N ARG Y 92 75.89 47.18 1.75
CA ARG Y 92 76.93 47.22 2.77
C ARG Y 92 76.50 46.48 4.02
N VAL Y 93 77.43 45.76 4.65
CA VAL Y 93 77.04 44.97 5.82
C VAL Y 93 77.11 45.79 7.09
N LEU Y 94 75.95 46.17 7.61
CA LEU Y 94 75.94 46.91 8.86
C LEU Y 94 76.44 46.10 10.05
N ASP Y 95 76.08 44.82 10.12
CA ASP Y 95 76.43 44.02 11.29
C ASP Y 95 77.91 43.88 11.52
N ARG Y 96 78.69 43.68 10.46
CA ARG Y 96 80.14 43.61 10.61
C ARG Y 96 80.72 44.95 10.24
N GLY Y 97 79.87 45.84 9.72
CA GLY Y 97 80.33 47.16 9.35
C GLY Y 97 81.11 47.06 8.05
N ALA Y 98 81.08 45.90 7.42
CA ALA Y 98 81.89 45.69 6.23
C ALA Y 98 81.14 46.07 4.96
N ALA Y 99 81.72 46.94 4.16
CA ALA Y 99 81.07 47.25 2.91
C ALA Y 99 81.08 46.00 2.07
N VAL Y 100 79.93 45.68 1.51
CA VAL Y 100 79.84 44.51 0.65
C VAL Y 100 79.04 44.88 -0.59
N ILE Y 101 79.68 44.85 -1.74
CA ILE Y 101 78.95 45.13 -2.97
C ILE Y 101 78.71 43.78 -3.63
N TRP Y 102 77.47 43.55 -4.05
CA TRP Y 102 77.15 42.28 -4.69
C TRP Y 102 77.97 42.20 -5.97
N SER Y 103 78.65 41.08 -6.17
CA SER Y 103 79.46 40.89 -7.38
C SER Y 103 78.61 40.20 -8.42
N GLY Y 104 77.40 39.82 -8.05
CA GLY Y 104 76.52 39.10 -8.96
C GLY Y 104 76.65 37.62 -8.73
N THR Y 105 77.73 37.20 -8.08
CA THR Y 105 77.89 35.79 -7.75
C THR Y 105 78.16 35.63 -6.27
N SER Y 106 78.80 36.63 -5.67
CA SER Y 106 79.17 36.54 -4.27
C SER Y 106 79.03 37.89 -3.62
N TRP Y 107 79.00 37.91 -2.30
CA TRP Y 107 78.93 39.18 -1.59
C TRP Y 107 80.36 39.66 -1.52
N ARG Y 108 80.83 40.27 -2.60
CA ARG Y 108 82.19 40.80 -2.64
C ARG Y 108 82.38 41.81 -1.51
N PRO Y 109 83.50 41.71 -0.78
CA PRO Y 109 83.69 42.61 0.35
C PRO Y 109 84.54 43.84 0.03
N ALA Y 110 83.97 45.03 0.17
CA ALA Y 110 84.69 46.27 -0.08
C ALA Y 110 85.37 46.80 1.18
N ASP Y 111 85.93 48.00 1.11
CA ASP Y 111 86.62 48.60 2.26
C ASP Y 111 85.68 48.81 3.44
N VAL Y 112 86.16 48.60 4.66
CA VAL Y 112 85.28 48.68 5.83
C VAL Y 112 85.51 49.87 6.75
N ALA Y 115 81.71 49.40 11.46
CA ALA Y 115 81.46 48.77 12.77
C ALA Y 115 82.28 49.17 13.99
N LEU Y 116 81.97 48.55 15.14
CA LEU Y 116 82.67 48.80 16.43
C LEU Y 116 82.02 49.89 17.28
N GLY Y 117 81.08 50.63 16.71
CA GLY Y 117 80.37 51.64 17.48
C GLY Y 117 81.31 52.82 17.62
N SER Y 118 82.49 52.70 17.02
CA SER Y 118 83.47 53.75 17.11
C SER Y 118 84.16 53.77 15.76
N THR Y 119 84.60 54.94 15.31
CA THR Y 119 85.20 55.04 13.99
C THR Y 119 86.40 55.96 13.98
N LEU Y 120 87.26 55.80 12.98
CA LEU Y 120 88.39 56.69 12.85
C LEU Y 120 87.87 57.92 12.14
N GLY Y 121 87.17 58.79 12.87
CA GLY Y 121 86.56 59.96 12.28
C GLY Y 121 87.50 61.00 11.70
N LEU Y 122 87.03 61.70 10.66
CA LEU Y 122 87.86 62.73 10.02
C LEU Y 122 87.37 64.14 10.27
N ALA Y 123 88.23 64.97 10.84
CA ALA Y 123 87.87 66.36 11.07
C ALA Y 123 89.01 67.23 10.56
N THR Y 124 89.14 67.35 9.25
CA THR Y 124 90.27 68.08 8.70
C THR Y 124 90.31 69.52 9.18
N ILE Y 125 91.50 70.00 9.52
CA ILE Y 125 91.64 71.37 9.99
C ILE Y 125 92.16 72.18 8.83
N GLU Y 126 91.44 73.23 8.47
CA GLU Y 126 91.84 74.03 7.32
C GLU Y 126 92.48 75.32 7.74
N ALA Y 127 93.70 75.56 7.27
CA ALA Y 127 94.40 76.78 7.61
C ALA Y 127 95.00 77.35 6.32
N THR Y 128 95.06 78.67 6.22
CA THR Y 128 95.58 79.27 5.01
C THR Y 128 96.65 80.29 5.36
N VAL Y 129 97.79 79.80 5.82
CA VAL Y 129 98.89 80.70 6.14
C VAL Y 129 99.46 81.29 4.87
N THR Y 130 99.80 82.57 4.91
CA THR Y 130 100.45 83.17 3.76
C THR Y 130 101.88 82.69 3.87
N ALA Y 131 102.43 82.14 2.79
CA ALA Y 131 103.82 81.74 2.83
C ALA Y 131 104.62 83.01 3.00
N THR Y 132 105.53 83.02 3.97
CA THR Y 132 106.29 84.22 4.26
C THR Y 132 107.71 83.92 4.64
N GLY Y 133 108.61 84.90 4.45
CA GLY Y 133 110.01 84.69 4.75
C GLY Y 133 110.49 83.52 3.94
N PRO Y 134 111.23 82.59 4.58
CA PRO Y 134 111.62 81.38 3.85
C PRO Y 134 110.70 80.20 4.15
N SER Y 135 110.21 80.08 5.38
CA SER Y 135 109.35 78.96 5.75
C SER Y 135 108.30 79.34 6.77
N VAL Y 136 107.10 78.78 6.67
CA VAL Y 136 106.09 79.01 7.70
C VAL Y 136 105.54 77.68 8.19
N THR Y 137 105.55 77.47 9.50
CA THR Y 137 104.96 76.26 10.04
C THR Y 137 103.46 76.34 9.80
N ALA Y 138 102.85 75.25 9.34
CA ALA Y 138 101.42 75.25 9.08
C ALA Y 138 100.63 75.44 10.36
N PRO Y 139 99.57 76.27 10.30
CA PRO Y 139 98.71 76.47 11.48
C PRO Y 139 97.79 75.29 11.75
N ALA Y 140 97.66 74.37 10.80
CA ALA Y 140 96.76 73.23 10.96
C ALA Y 140 97.45 72.17 11.79
N LEU Y 141 97.53 72.39 13.09
CA LEU Y 141 98.18 71.44 13.98
C LEU Y 141 97.43 70.13 14.05
N ILE Y 142 98.17 69.02 14.06
CA ILE Y 142 97.53 67.72 14.20
C ILE Y 142 97.31 67.48 15.68
N PRO Y 143 96.08 67.12 16.07
CA PRO Y 143 95.78 66.83 17.47
C PRO Y 143 96.38 65.51 17.93
N PRO Y 144 96.50 65.32 19.25
CA PRO Y 144 96.98 64.02 19.70
C PRO Y 144 96.02 62.93 19.27
N ARG Y 145 96.56 61.76 18.88
CA ARG Y 145 95.72 60.67 18.39
C ARG Y 145 94.98 61.00 17.09
N ALA Y 146 95.56 61.86 16.26
CA ALA Y 146 94.94 62.14 14.97
C ALA Y 146 95.82 61.63 13.85
N ILE Y 147 95.36 60.61 13.12
CA ILE Y 147 96.13 60.05 12.03
C ILE Y 147 96.13 61.00 10.85
N VAL Y 148 97.29 61.22 10.24
CA VAL Y 148 97.32 62.06 9.06
C VAL Y 148 97.45 61.22 7.83
N LEU Y 149 96.35 61.08 7.08
CA LEU Y 149 96.46 60.39 5.81
C LEU Y 149 97.32 61.25 4.90
N GLY Y 150 97.05 62.56 4.88
CA GLY Y 150 97.81 63.48 4.05
C GLY Y 150 97.64 64.95 4.42
N VAL Y 151 98.54 65.82 3.96
CA VAL Y 151 98.37 67.25 4.18
C VAL Y 151 98.35 68.01 2.86
N THR Y 152 97.30 68.78 2.61
CA THR Y 152 97.21 69.57 1.38
C THR Y 152 98.08 70.80 1.37
N SER Y 153 98.56 71.20 0.20
CA SER Y 153 99.30 72.44 0.10
C SER Y 153 98.80 73.22 -1.11
N TRP Y 154 97.57 73.72 -1.03
CA TRP Y 154 97.01 74.49 -2.13
C TRP Y 154 97.84 75.74 -2.32
N THR Y 155 98.18 76.07 -3.56
CA THR Y 155 98.89 77.33 -3.78
C THR Y 155 97.87 78.40 -4.11
N VAL Y 156 97.39 79.10 -3.10
CA VAL Y 156 96.40 80.15 -3.31
C VAL Y 156 96.97 81.32 -4.13
N GLN Y 157 98.20 81.71 -3.83
CA GLN Y 157 98.83 82.81 -4.55
C GLN Y 157 100.20 82.37 -5.02
N ALA Y 158 100.67 82.95 -6.13
CA ALA Y 158 101.95 82.56 -6.66
C ALA Y 158 103.01 82.88 -5.64
N VAL Y 159 103.84 81.91 -5.32
CA VAL Y 159 104.90 82.12 -4.34
C VAL Y 159 106.05 82.80 -5.03
N THR Y 160 106.62 83.83 -4.42
CA THR Y 160 107.67 84.56 -5.10
C THR Y 160 109.02 83.96 -4.76
N GLY Y 161 109.64 83.33 -5.74
CA GLY Y 161 110.94 82.73 -5.53
C GLY Y 161 110.92 81.36 -4.88
N ALA Y 162 109.74 80.77 -4.67
CA ALA Y 162 109.69 79.48 -3.97
C ALA Y 162 109.51 78.31 -4.91
N THR Y 163 110.53 77.46 -5.02
CA THR Y 163 110.46 76.30 -5.90
C THR Y 163 109.44 75.24 -5.51
N SER Y 164 109.38 74.91 -4.23
CA SER Y 164 108.50 73.82 -3.81
C SER Y 164 107.92 73.98 -2.42
N TYR Y 165 106.79 73.31 -2.17
CA TYR Y 165 106.22 73.34 -0.84
C TYR Y 165 106.74 72.11 -0.11
N ARG Y 166 107.67 72.31 0.81
CA ARG Y 166 108.16 71.19 1.60
C ARG Y 166 107.32 71.01 2.83
N VAL Y 167 106.15 70.39 2.68
CA VAL Y 167 105.27 70.21 3.81
C VAL Y 167 105.70 68.94 4.48
N GLY Y 168 106.24 69.05 5.68
CA GLY Y 168 106.77 67.88 6.35
C GLY Y 168 106.49 67.86 7.83
N VAL Y 169 106.64 66.71 8.45
CA VAL Y 169 106.43 66.59 9.89
C VAL Y 169 107.49 67.51 10.48
N PRO Y 170 107.18 68.17 11.61
CA PRO Y 170 108.15 69.16 12.09
C PRO Y 170 109.56 68.61 12.28
N GLY Y 171 110.54 69.34 11.76
CA GLY Y 171 111.92 68.90 11.84
C GLY Y 171 112.29 68.02 10.66
N GLU Y 172 111.30 67.61 9.88
CA GLU Y 172 111.55 66.81 8.69
C GLU Y 172 110.63 67.18 7.53
N PRO Y 173 110.96 68.26 6.81
CA PRO Y 173 110.16 68.65 5.64
C PRO Y 173 110.24 67.53 4.62
N ASP Y 174 111.40 66.90 4.51
CA ASP Y 174 111.60 65.81 3.57
C ASP Y 174 110.87 64.51 3.88
N LYS Y 175 110.34 64.34 5.08
CA LYS Y 175 109.74 63.06 5.45
C LYS Y 175 108.60 62.69 4.52
N PHE Y 176 107.72 63.64 4.21
CA PHE Y 176 106.68 63.38 3.23
C PHE Y 176 106.49 64.64 2.42
N GLY Y 177 106.05 64.53 1.18
CA GLY Y 177 105.76 65.70 0.38
C GLY Y 177 106.94 66.64 0.31
N ALA Y 178 108.15 66.10 0.19
CA ALA Y 178 109.34 66.93 0.20
C ALA Y 178 109.34 67.88 -0.98
N SER Y 179 109.00 67.37 -2.16
CA SER Y 179 108.93 68.24 -3.31
C SER Y 179 107.56 68.26 -3.93
N LEU Y 180 106.83 69.35 -3.73
CA LEU Y 180 105.55 69.50 -4.37
C LEU Y 180 105.74 70.85 -4.98
N GLY Y 181 105.55 70.99 -6.29
CA GLY Y 181 105.88 72.27 -6.90
C GLY Y 181 105.05 73.42 -6.37
N ALA Y 182 105.71 74.49 -5.96
CA ALA Y 182 105.00 75.63 -5.44
C ALA Y 182 104.65 76.53 -6.61
N ALA Y 183 103.54 76.23 -7.27
CA ALA Y 183 103.16 77.00 -8.44
C ALA Y 183 101.72 77.46 -8.28
N PRO Y 184 101.41 78.68 -8.72
CA PRO Y 184 100.06 79.20 -8.48
C PRO Y 184 98.98 78.32 -9.07
N GLY Y 185 97.90 78.12 -8.33
CA GLY Y 185 96.80 77.31 -8.82
C GLY Y 185 97.03 75.82 -8.75
N SER Y 186 98.04 75.39 -8.01
CA SER Y 186 98.33 73.97 -7.88
C SER Y 186 98.03 73.45 -6.49
N SER Y 187 97.24 72.37 -6.42
CA SER Y 187 96.93 71.79 -5.13
C SER Y 187 98.00 70.79 -4.82
N ASN Y 188 98.98 71.18 -4.01
CA ASN Y 188 100.08 70.29 -3.73
C ASN Y 188 99.83 69.39 -2.54
N ILE Y 189 98.91 68.44 -2.71
CA ILE Y 189 98.63 67.52 -1.64
C ILE Y 189 99.82 66.59 -1.44
N GLY Y 190 100.27 66.45 -0.21
CA GLY Y 190 101.39 65.57 0.08
C GLY Y 190 100.87 64.56 1.07
N VAL Y 191 101.17 63.28 0.85
CA VAL Y 191 100.57 62.27 1.71
C VAL Y 191 101.54 61.53 2.61
N VAL Y 192 101.19 61.42 3.89
CA VAL Y 192 102.00 60.65 4.81
C VAL Y 192 101.43 59.25 4.75
N GLY Y 193 101.99 58.39 3.91
CA GLY Y 193 101.43 57.06 3.75
C GLY Y 193 102.07 55.92 4.52
N PRO Y 194 103.40 55.76 4.42
CA PRO Y 194 104.06 54.75 5.25
C PRO Y 194 103.93 55.11 6.72
N PHE Y 195 104.03 56.39 7.02
CA PHE Y 195 103.93 56.85 8.39
C PHE Y 195 102.58 57.48 8.64
N ALA Y 196 101.84 56.96 9.60
CA ALA Y 196 100.57 57.58 9.96
C ALA Y 196 100.85 58.24 11.27
N THR Y 197 100.89 59.56 11.31
CA THR Y 197 101.27 60.23 12.54
C THR Y 197 100.11 60.54 13.46
N TYR Y 198 99.66 59.57 14.24
CA TYR Y 198 98.60 59.84 15.21
C TYR Y 198 99.09 60.85 16.24
N ALA Y 199 100.35 60.73 16.65
CA ALA Y 199 100.91 61.65 17.64
C ALA Y 199 100.85 63.06 17.07
N PRO Y 200 100.58 64.05 17.94
CA PRO Y 200 100.39 65.40 17.41
C PRO Y 200 101.60 65.97 16.68
N THR Y 201 101.38 66.52 15.49
CA THR Y 201 102.47 67.11 14.72
C THR Y 201 102.06 68.45 14.13
N ASP Y 202 102.91 69.46 14.24
CA ASP Y 202 102.59 70.71 13.58
C ASP Y 202 103.37 70.70 12.30
N VAL Y 203 102.67 70.54 11.18
CA VAL Y 203 103.39 70.43 9.91
C VAL Y 203 104.19 71.67 9.63
N VAL Y 204 105.42 71.50 9.15
CA VAL Y 204 106.23 72.65 8.82
C VAL Y 204 106.34 72.73 7.31
N VAL Y 205 105.94 73.86 6.74
CA VAL Y 205 106.04 74.02 5.31
C VAL Y 205 107.20 74.95 5.04
N THR Y 206 108.12 74.50 4.19
CA THR Y 206 109.28 75.32 3.88
C THR Y 206 109.43 75.44 2.39
N ALA Y 207 109.94 76.56 1.91
CA ALA Y 207 110.22 76.65 0.50
C ALA Y 207 111.45 75.81 0.27
N GLU Y 208 111.65 75.32 -0.95
CA GLU Y 208 112.77 74.40 -1.16
C GLU Y 208 114.03 75.20 -1.34
N GLY Y 209 114.72 75.50 -0.23
CA GLY Y 209 115.91 76.33 -0.31
C GLY Y 209 115.47 77.60 -1.00
N ALA Y 210 114.31 78.13 -0.63
CA ALA Y 210 113.77 79.27 -1.35
C ALA Y 210 113.02 80.26 -0.48
N ASP Y 211 112.61 81.38 -1.07
CA ASP Y 211 111.88 82.38 -0.32
C ASP Y 211 110.38 82.18 -0.43
N PHE Y 212 109.73 81.89 0.69
CA PHE Y 212 108.28 81.71 0.71
C PHE Y 212 107.45 82.96 0.48
N THR Y 213 108.00 84.13 0.75
CA THR Y 213 107.19 85.36 0.69
C THR Y 213 106.53 85.67 -0.64
N GLY Y 214 105.35 86.28 -0.57
CA GLY Y 214 104.61 86.63 -1.78
C GLY Y 214 103.60 85.62 -2.24
N GLY Y 215 103.51 84.48 -1.56
CA GLY Y 215 102.58 83.44 -1.96
C GLY Y 215 101.75 82.96 -0.79
N THR Y 216 100.62 82.30 -1.07
CA THR Y 216 99.74 81.82 -0.01
C THR Y 216 99.56 80.31 -0.07
N ILE Y 217 99.62 79.64 1.07
CA ILE Y 217 99.41 78.20 1.12
C ILE Y 217 98.12 77.83 1.80
N GLY Y 218 97.31 77.00 1.16
CA GLY Y 218 96.09 76.54 1.79
C GLY Y 218 96.37 75.13 2.26
N LEU Y 219 96.26 74.88 3.55
CA LEU Y 219 96.61 73.57 4.07
C LEU Y 219 95.53 72.90 4.87
N ALA Y 220 95.18 71.68 4.52
CA ALA Y 220 94.24 70.94 5.33
C ALA Y 220 95.02 69.72 5.77
N ALA Y 221 95.05 69.48 7.07
CA ALA Y 221 95.81 68.35 7.57
C ALA Y 221 94.82 67.29 7.98
N SER Y 222 94.97 66.08 7.48
CA SER Y 222 93.97 65.07 7.77
C SER Y 222 94.04 64.78 9.25
N VAL Y 223 92.89 64.86 9.92
CA VAL Y 223 92.85 64.57 11.33
C VAL Y 223 91.96 63.35 11.47
N ILE Y 224 92.54 62.22 11.87
CA ILE Y 224 91.75 61.01 11.98
C ILE Y 224 91.79 60.51 13.41
N LEU Y 225 90.66 60.51 14.09
CA LEU Y 225 90.67 60.10 15.48
C LEU Y 225 89.92 58.80 15.64
N PRO Y 226 90.63 57.74 16.05
CA PRO Y 226 89.99 56.44 16.24
C PRO Y 226 89.09 56.44 17.46
N GLY Y 227 88.04 55.63 17.45
CA GLY Y 227 87.15 55.56 18.59
C GLY Y 227 86.16 56.68 18.66
N ALA Y 228 86.06 57.46 17.58
CA ALA Y 228 85.13 58.58 17.56
C ALA Y 228 83.71 58.05 17.69
N PRO Y 229 82.90 58.71 18.53
CA PRO Y 229 81.53 58.25 18.76
C PRO Y 229 80.59 58.51 17.59
N VAL Y 230 79.47 57.81 17.56
CA VAL Y 230 78.50 58.00 16.51
C VAL Y 230 77.60 59.19 16.83
N GLY Z 17 49.81 51.70 -14.57
CA GLY Z 17 50.81 50.80 -15.11
C GLY Z 17 51.13 51.15 -16.54
N GLN Z 18 50.12 51.56 -17.29
CA GLN Z 18 50.37 52.03 -18.65
C GLN Z 18 51.05 53.38 -18.77
N HIS Z 19 50.59 54.33 -17.96
CA HIS Z 19 51.16 55.67 -18.00
C HIS Z 19 52.61 55.59 -17.56
N VAL Z 20 52.89 54.82 -16.50
CA VAL Z 20 54.27 54.63 -16.08
C VAL Z 20 54.45 53.13 -16.03
N THR Z 21 55.31 52.60 -16.88
CA THR Z 21 55.56 51.17 -16.88
C THR Z 21 56.45 50.77 -15.71
N HIS Z 22 56.31 49.53 -15.26
CA HIS Z 22 57.16 49.04 -14.19
C HIS Z 22 58.59 49.06 -14.68
N ASN Z 23 58.78 48.71 -15.94
CA ASN Z 23 60.12 48.69 -16.51
C ASN Z 23 60.76 50.06 -16.50
N GLU Z 24 59.97 51.11 -16.77
CA GLU Z 24 60.53 52.43 -16.83
C GLU Z 24 61.12 52.70 -15.47
N ALA Z 25 60.34 52.40 -14.43
CA ALA Z 25 60.82 52.62 -13.09
C ALA Z 25 62.00 51.74 -12.75
N LEU Z 26 61.94 50.47 -13.12
CA LEU Z 26 63.01 49.54 -12.76
C LEU Z 26 64.32 49.96 -13.38
N ASP Z 27 64.26 50.33 -14.65
CA ASP Z 27 65.47 50.75 -15.35
C ASP Z 27 65.96 52.02 -14.70
N MET Z 28 65.04 52.91 -14.36
CA MET Z 28 65.44 54.17 -13.79
C MET Z 28 66.18 53.94 -12.49
N ILE Z 29 65.67 53.05 -11.65
CA ILE Z 29 66.33 52.80 -10.39
C ILE Z 29 67.71 52.20 -10.65
N ASP Z 30 67.79 51.24 -11.54
CA ASP Z 30 69.07 50.58 -11.75
C ASP Z 30 70.10 51.57 -12.28
N ALA Z 31 69.71 52.38 -13.26
CA ALA Z 31 70.64 53.33 -13.85
C ALA Z 31 71.08 54.45 -12.93
N LEU Z 32 70.12 55.08 -12.26
CA LEU Z 32 70.44 56.19 -11.35
C LEU Z 32 71.17 55.77 -10.08
N ALA Z 33 70.80 54.64 -9.52
CA ALA Z 33 71.41 54.18 -8.27
C ALA Z 33 72.87 53.85 -8.51
N PRO Z 34 73.71 54.06 -7.48
CA PRO Z 34 75.14 53.84 -7.71
C PRO Z 34 75.35 52.44 -8.19
N ARG Z 35 76.16 52.29 -9.23
CA ARG Z 35 76.40 50.99 -9.80
C ARG Z 35 77.89 50.86 -10.05
N VAL Z 36 78.39 49.64 -10.05
CA VAL Z 36 79.79 49.45 -10.37
C VAL Z 36 79.81 49.41 -11.87
N VAL Z 37 80.38 50.44 -12.48
CA VAL Z 37 80.44 50.50 -13.93
C VAL Z 37 81.42 49.49 -14.48
N LEU Z 38 81.18 49.03 -15.69
CA LEU Z 38 82.08 48.07 -16.31
C LEU Z 38 82.92 48.77 -17.35
N SER Z 39 83.05 50.09 -17.24
CA SER Z 39 83.76 50.82 -18.26
C SER Z 39 85.19 50.32 -18.42
N ASP Z 40 85.61 50.17 -19.66
CA ASP Z 40 86.95 49.67 -19.93
C ASP Z 40 87.86 50.80 -20.37
N SER Z 41 87.41 52.04 -20.19
CA SER Z 41 88.18 53.20 -20.62
C SER Z 41 88.46 53.17 -22.13
N LEU Z 42 87.48 52.74 -22.91
CA LEU Z 42 87.64 52.74 -24.36
C LEU Z 42 86.93 53.93 -24.95
N ALA Z 43 87.32 54.34 -26.14
CA ALA Z 43 86.62 55.44 -26.79
C ALA Z 43 85.18 55.04 -27.05
N THR Z 44 84.95 53.81 -27.48
CA THR Z 44 83.60 53.35 -27.78
C THR Z 44 83.13 52.28 -26.81
N PRO Z 45 81.87 52.37 -26.37
CA PRO Z 45 81.31 51.35 -25.49
C PRO Z 45 81.23 50.00 -26.19
N PRO Z 46 81.32 48.90 -25.43
CA PRO Z 46 81.33 47.58 -26.08
C PRO Z 46 80.04 47.38 -26.84
N PRO Z 47 80.11 46.70 -27.99
CA PRO Z 47 78.90 46.57 -28.81
C PRO Z 47 77.77 45.85 -28.08
N ALA Z 48 78.09 44.83 -27.30
CA ALA Z 48 77.07 44.10 -26.59
C ALA Z 48 77.36 44.01 -25.10
N PRO Z 49 77.10 45.10 -24.36
CA PRO Z 49 77.29 45.08 -22.91
C PRO Z 49 76.16 44.29 -22.27
N PRO Z 50 76.32 43.88 -21.01
CA PRO Z 50 75.23 43.18 -20.33
C PRO Z 50 74.02 44.08 -20.12
N ASP Z 51 72.84 43.48 -19.99
CA ASP Z 51 71.65 44.27 -19.72
C ASP Z 51 71.80 44.94 -18.36
N ARG Z 52 71.28 46.16 -18.24
CA ARG Z 52 71.38 46.91 -16.97
C ARG Z 52 72.83 47.09 -16.55
N SER Z 53 73.70 47.34 -17.52
CA SER Z 53 75.11 47.50 -17.21
C SER Z 53 75.57 48.91 -17.46
N ALA Z 54 76.24 49.49 -16.47
CA ALA Z 54 76.66 50.88 -16.61
C ALA Z 54 78.03 51.00 -17.21
N TRP Z 55 78.15 51.80 -18.26
CA TRP Z 55 79.46 52.02 -18.85
C TRP Z 55 79.62 53.54 -18.89
N ILE Z 56 80.58 54.09 -18.16
CA ILE Z 56 80.80 55.53 -18.26
C ILE Z 56 81.63 55.82 -19.49
N VAL Z 57 81.20 56.79 -20.29
CA VAL Z 57 81.95 57.14 -21.48
C VAL Z 57 83.10 58.04 -21.06
N PRO Z 58 84.33 57.63 -21.42
CA PRO Z 58 85.51 58.43 -21.09
C PRO Z 58 85.59 59.67 -21.97
N PRO Z 59 86.30 60.71 -21.51
CA PRO Z 59 86.47 61.91 -22.33
C PRO Z 59 87.20 61.57 -23.61
N GLY Z 60 86.83 62.25 -24.71
CA GLY Z 60 87.41 61.89 -25.98
C GLY Z 60 86.89 60.55 -26.42
N GLY Z 61 85.67 60.22 -25.99
CA GLY Z 61 85.09 58.94 -26.36
C GLY Z 61 84.43 59.00 -27.71
N SER Z 62 84.95 58.24 -28.66
CA SER Z 62 84.39 58.21 -30.01
C SER Z 62 83.39 57.08 -30.19
N GLY Z 63 83.08 56.74 -31.44
CA GLY Z 63 82.17 55.65 -31.70
C GLY Z 63 80.80 55.93 -31.13
N PHE Z 64 80.33 55.05 -30.26
CA PHE Z 64 79.00 55.22 -29.69
C PHE Z 64 79.11 56.03 -28.42
N GLY Z 65 78.34 55.67 -27.42
CA GLY Z 65 78.32 56.46 -26.21
C GLY Z 65 77.43 57.63 -26.49
N GLY Z 66 76.12 57.39 -26.49
CA GLY Z 66 75.18 58.46 -26.72
C GLY Z 66 75.37 59.44 -25.59
N ALA Z 67 75.61 58.93 -24.39
CA ALA Z 67 75.89 59.81 -23.26
C ALA Z 67 77.17 60.56 -23.57
N GLY Z 68 77.21 61.83 -23.19
CA GLY Z 68 78.38 62.63 -23.49
C GLY Z 68 79.56 62.09 -22.71
N PRO Z 69 80.78 62.35 -23.18
CA PRO Z 69 81.89 61.88 -22.37
C PRO Z 69 81.80 62.50 -20.99
N GLY Z 70 82.07 61.71 -19.95
CA GLY Z 70 81.89 62.21 -18.60
C GLY Z 70 80.49 61.92 -18.09
N GLN Z 71 79.70 61.20 -18.87
CA GLN Z 71 78.34 60.82 -18.45
C GLN Z 71 78.26 59.32 -18.61
N ILE Z 72 77.43 58.68 -17.78
CA ILE Z 72 77.27 57.24 -17.86
C ILE Z 72 76.32 56.79 -18.95
N ALA Z 73 76.72 55.82 -19.75
CA ALA Z 73 75.81 55.26 -20.75
C ALA Z 73 75.47 53.86 -20.27
N LEU Z 74 74.21 53.61 -19.98
CA LEU Z 74 73.84 52.31 -19.44
C LEU Z 74 73.09 51.48 -20.46
N ARG Z 75 73.61 50.30 -20.77
CA ARG Z 75 72.95 49.45 -21.73
C ARG Z 75 71.67 48.88 -21.16
N LEU Z 76 70.59 48.96 -21.91
CA LEU Z 76 69.33 48.39 -21.47
C LEU Z 76 68.77 47.63 -22.65
N GLY Z 77 69.23 46.40 -22.85
CA GLY Z 77 68.80 45.66 -24.02
C GLY Z 77 69.19 46.38 -25.29
N GLY Z 78 70.39 46.96 -25.31
CA GLY Z 78 70.86 47.67 -26.47
C GLY Z 78 70.51 49.13 -26.51
N VAL Z 79 69.83 49.61 -25.47
CA VAL Z 79 69.54 51.03 -25.40
C VAL Z 79 70.54 51.61 -24.43
N TRP Z 80 71.39 52.51 -24.91
CA TRP Z 80 72.34 53.13 -24.02
C TRP Z 80 71.69 54.38 -23.47
N HIS Z 81 71.45 54.40 -22.17
CA HIS Z 81 70.78 55.53 -21.56
C HIS Z 81 71.79 56.63 -21.26
N ALA Z 82 71.50 57.84 -21.72
CA ALA Z 82 72.39 58.96 -21.45
C ALA Z 82 72.04 59.53 -20.10
N ILE Z 83 72.51 58.88 -19.04
CA ILE Z 83 72.14 59.35 -17.71
C ILE Z 83 73.22 60.22 -17.13
N THR Z 84 72.86 61.45 -16.77
CA THR Z 84 73.83 62.31 -16.12
C THR Z 84 74.06 61.63 -14.79
N PRO Z 85 75.31 61.50 -14.38
CA PRO Z 85 75.54 60.74 -13.15
C PRO Z 85 74.97 61.45 -11.92
N ALA Z 86 74.40 60.70 -10.99
CA ALA Z 86 73.87 61.27 -9.77
C ALA Z 86 74.97 61.76 -8.84
N GLN Z 87 74.73 62.87 -8.15
CA GLN Z 87 75.72 63.40 -7.22
C GLN Z 87 75.92 62.49 -6.01
N GLY Z 88 77.17 62.27 -5.62
CA GLY Z 88 77.44 61.46 -4.45
C GLY Z 88 77.27 59.97 -4.68
N ALA Z 89 77.12 59.58 -5.93
CA ALA Z 89 76.87 58.18 -6.22
C ALA Z 89 78.14 57.54 -6.72
N ARG Z 90 78.54 56.44 -6.09
CA ARG Z 90 79.77 55.76 -6.48
C ARG Z 90 79.62 55.07 -7.82
N TRP Z 91 80.64 55.18 -8.66
CA TRP Z 91 80.61 54.48 -9.94
C TRP Z 91 81.95 53.76 -10.07
N ARG Z 92 82.14 52.71 -9.29
CA ARG Z 92 83.40 52.00 -9.32
C ARG Z 92 83.62 51.38 -10.68
N VAL Z 93 84.82 51.54 -11.22
CA VAL Z 93 85.11 50.95 -12.51
C VAL Z 93 85.48 49.50 -12.31
N LEU Z 94 84.82 48.60 -13.01
CA LEU Z 94 85.14 47.20 -12.88
C LEU Z 94 86.55 46.94 -13.38
N ASP Z 95 86.89 47.49 -14.54
CA ASP Z 95 88.20 47.26 -15.11
C ASP Z 95 89.31 47.91 -14.30
N ARG Z 96 89.12 49.16 -13.92
CA ARG Z 96 90.09 49.84 -13.09
C ARG Z 96 90.14 49.27 -11.69
N GLY Z 97 88.97 49.01 -11.12
CA GLY Z 97 88.92 48.57 -9.74
C GLY Z 97 88.88 49.82 -8.88
N ALA Z 98 88.95 51.00 -9.52
CA ALA Z 98 88.94 52.26 -8.80
C ALA Z 98 87.53 52.73 -8.50
N ALA Z 99 87.31 53.29 -7.32
CA ALA Z 99 85.99 53.77 -6.95
C ALA Z 99 85.79 55.20 -7.41
N VAL Z 100 85.31 55.39 -8.64
CA VAL Z 100 85.18 56.74 -9.15
C VAL Z 100 83.83 57.33 -8.86
N ILE Z 101 83.74 58.11 -7.79
CA ILE Z 101 82.48 58.75 -7.42
C ILE Z 101 82.22 59.96 -8.29
N TRP Z 102 80.94 60.33 -8.42
CA TRP Z 102 80.61 61.53 -9.17
C TRP Z 102 80.16 62.53 -8.14
N SER Z 103 80.75 63.72 -8.16
CA SER Z 103 80.43 64.74 -7.16
C SER Z 103 79.30 65.62 -7.64
N GLY Z 104 78.76 65.32 -8.81
CA GLY Z 104 77.73 66.16 -9.39
C GLY Z 104 78.43 67.15 -10.29
N THR Z 105 79.76 67.17 -10.21
CA THR Z 105 80.53 68.08 -11.06
C THR Z 105 81.63 67.37 -11.85
N SER Z 106 82.44 66.58 -11.15
CA SER Z 106 83.58 65.94 -11.82
C SER Z 106 83.84 64.55 -11.32
N TRP Z 107 84.52 63.75 -12.13
CA TRP Z 107 84.87 62.41 -11.71
C TRP Z 107 86.01 62.42 -10.71
N ARG Z 108 85.83 61.74 -9.58
CA ARG Z 108 86.90 61.64 -8.61
C ARG Z 108 87.14 60.19 -8.25
N PRO Z 109 88.39 59.71 -8.38
CA PRO Z 109 88.59 58.33 -7.94
C PRO Z 109 88.87 58.29 -6.44
N ALA Z 110 87.98 57.69 -5.66
CA ALA Z 110 88.12 57.72 -4.20
C ALA Z 110 89.10 56.71 -3.67
N ASP Z 111 89.22 56.63 -2.34
CA ASP Z 111 90.20 55.75 -1.74
C ASP Z 111 90.00 54.30 -2.15
N VAL Z 112 91.10 53.62 -2.48
CA VAL Z 112 91.04 52.21 -2.91
C VAL Z 112 92.21 51.42 -2.32
N ALA Z 115 90.60 47.93 -4.82
CA ALA Z 115 92.03 47.96 -5.09
C ALA Z 115 92.44 47.11 -6.29
N LEU Z 116 93.74 46.88 -6.44
CA LEU Z 116 94.23 46.09 -7.57
C LEU Z 116 94.11 44.61 -7.28
N GLY Z 117 92.88 44.10 -7.26
CA GLY Z 117 92.67 42.69 -6.98
C GLY Z 117 92.88 42.42 -5.51
N SER Z 118 92.99 43.49 -4.72
CA SER Z 118 93.21 43.34 -3.30
C SER Z 118 92.37 44.34 -2.54
N THR Z 119 91.06 44.25 -2.67
CA THR Z 119 90.18 45.20 -2.02
C THR Z 119 90.42 45.10 -0.53
N LEU Z 120 90.62 46.26 0.08
CA LEU Z 120 90.91 46.28 1.51
C LEU Z 120 89.69 45.93 2.31
N GLY Z 121 89.85 45.12 3.34
CA GLY Z 121 88.72 44.85 4.21
C GLY Z 121 89.21 45.17 5.61
N LEU Z 122 88.54 46.09 6.29
CA LEU Z 122 88.99 46.46 7.63
C LEU Z 122 88.26 45.59 8.61
N ALA Z 123 88.93 44.56 9.11
CA ALA Z 123 88.28 43.64 10.01
C ALA Z 123 87.85 44.34 11.28
N THR Z 124 86.56 44.61 11.42
CA THR Z 124 86.13 45.17 12.67
C THR Z 124 86.10 44.00 13.62
N ILE Z 125 87.07 43.96 14.52
CA ILE Z 125 87.04 42.90 15.48
C ILE Z 125 86.69 43.51 16.80
N GLU Z 126 85.59 43.08 17.37
CA GLU Z 126 85.21 43.56 18.66
C GLU Z 126 85.67 42.48 19.58
N ALA Z 127 86.64 42.81 20.43
CA ALA Z 127 87.13 41.82 21.37
C ALA Z 127 86.65 42.23 22.74
N THR Z 128 85.83 41.41 23.35
CA THR Z 128 85.40 41.71 24.70
C THR Z 128 85.99 40.68 25.63
N VAL Z 129 86.85 41.12 26.53
CA VAL Z 129 87.46 40.20 27.47
C VAL Z 129 87.21 40.71 28.87
N THR Z 130 86.71 39.87 29.74
CA THR Z 130 86.58 40.30 31.11
C THR Z 130 88.00 40.46 31.59
N ALA Z 131 88.28 41.55 32.29
CA ALA Z 131 89.62 41.71 32.82
C ALA Z 131 89.64 40.87 34.07
N THR Z 132 90.55 39.90 34.11
CA THR Z 132 90.58 38.99 35.24
C THR Z 132 91.99 38.68 35.67
N GLY Z 133 92.17 38.34 36.94
CA GLY Z 133 93.50 38.03 37.44
C GLY Z 133 94.43 39.20 37.21
N PRO Z 134 95.63 38.94 36.70
CA PRO Z 134 96.51 40.06 36.36
C PRO Z 134 96.43 40.46 34.89
N SER Z 135 96.28 39.50 33.99
CA SER Z 135 96.24 39.80 32.56
C SER Z 135 95.31 38.86 31.82
N VAL Z 136 94.77 39.33 30.69
CA VAL Z 136 93.93 38.47 29.86
C VAL Z 136 94.38 38.66 28.43
N THR Z 137 94.14 37.66 27.59
CA THR Z 137 94.50 37.80 26.19
C THR Z 137 93.25 38.03 25.38
N ALA Z 138 93.20 39.16 24.67
CA ALA Z 138 92.07 39.44 23.81
C ALA Z 138 92.05 38.46 22.66
N PRO Z 139 90.86 38.13 22.16
CA PRO Z 139 90.75 37.13 21.09
C PRO Z 139 90.86 37.74 19.70
N ALA Z 140 91.16 39.03 19.60
CA ALA Z 140 91.19 39.68 18.30
C ALA Z 140 92.50 39.43 17.58
N LEU Z 141 92.66 38.22 17.06
CA LEU Z 141 93.86 37.91 16.29
C LEU Z 141 93.82 38.70 14.99
N ILE Z 142 94.95 39.27 14.61
CA ILE Z 142 95.01 40.02 13.36
C ILE Z 142 94.76 39.03 12.24
N PRO Z 143 93.94 39.41 11.25
CA PRO Z 143 93.78 38.51 10.11
C PRO Z 143 95.11 38.41 9.38
N PRO Z 144 95.42 37.25 8.81
CA PRO Z 144 96.74 37.14 8.21
C PRO Z 144 96.94 38.19 7.13
N ARG Z 145 98.12 38.80 7.08
CA ARG Z 145 98.39 39.85 6.10
C ARG Z 145 97.39 41.01 6.15
N ALA Z 146 97.10 41.52 7.34
CA ALA Z 146 96.22 42.68 7.45
C ALA Z 146 96.89 43.84 8.18
N ILE Z 147 96.97 45.01 7.54
CA ILE Z 147 97.53 46.19 8.18
C ILE Z 147 96.58 46.68 9.26
N VAL Z 148 97.09 47.05 10.43
CA VAL Z 148 96.22 47.52 11.51
C VAL Z 148 96.23 49.03 11.60
N LEU Z 149 95.11 49.67 11.27
CA LEU Z 149 95.04 51.12 11.43
C LEU Z 149 95.04 51.61 12.88
N GLY Z 150 94.20 51.02 13.73
CA GLY Z 150 94.19 51.37 15.14
C GLY Z 150 93.54 50.33 16.02
N VAL Z 151 94.16 50.00 17.16
CA VAL Z 151 93.50 49.07 18.08
C VAL Z 151 92.88 49.83 19.25
N THR Z 152 91.69 50.38 19.04
CA THR Z 152 91.02 51.14 20.10
C THR Z 152 90.58 50.21 21.23
N SER Z 153 90.66 50.67 22.47
CA SER Z 153 90.18 49.87 23.59
C SER Z 153 89.19 50.63 24.44
N TRP Z 154 88.04 50.03 24.72
CA TRP Z 154 87.06 50.68 25.57
C TRP Z 154 86.92 49.93 26.86
N THR Z 155 86.53 50.63 27.91
CA THR Z 155 86.29 49.93 29.16
C THR Z 155 84.80 49.70 29.27
N VAL Z 156 84.38 48.46 29.07
CA VAL Z 156 82.96 48.14 29.17
C VAL Z 156 82.47 48.37 30.59
N GLN Z 157 83.25 47.94 31.57
CA GLN Z 157 82.85 48.09 32.96
C GLN Z 157 84.06 48.55 33.75
N ALA Z 158 83.85 49.30 34.82
CA ALA Z 158 84.98 49.86 35.56
C ALA Z 158 85.87 48.75 36.05
N VAL Z 159 87.18 48.94 35.90
CA VAL Z 159 88.11 47.90 36.28
C VAL Z 159 88.61 48.14 37.68
N THR Z 160 88.27 47.23 38.59
CA THR Z 160 88.74 47.34 39.96
C THR Z 160 90.22 47.09 40.01
N GLY Z 161 90.92 47.82 40.86
CA GLY Z 161 92.35 47.64 41.01
C GLY Z 161 93.23 48.20 39.91
N ALA Z 162 93.01 47.80 38.66
CA ALA Z 162 93.92 48.24 37.60
C ALA Z 162 93.88 49.73 37.41
N THR Z 163 95.05 50.36 37.48
CA THR Z 163 95.13 51.79 37.22
C THR Z 163 94.87 52.08 35.76
N SER Z 164 95.43 51.26 34.87
CA SER Z 164 95.31 51.53 33.45
C SER Z 164 95.38 50.29 32.57
N TYR Z 165 94.85 50.37 31.37
CA TYR Z 165 94.96 49.24 30.43
C TYR Z 165 96.37 49.12 29.89
N ARG Z 166 96.81 47.91 29.57
CA ARG Z 166 98.11 47.75 28.95
C ARG Z 166 97.93 46.87 27.74
N VAL Z 167 97.28 47.42 26.72
CA VAL Z 167 97.03 46.67 25.51
C VAL Z 167 98.31 46.46 24.72
N GLY Z 168 98.41 45.35 24.00
CA GLY Z 168 99.62 45.06 23.25
C GLY Z 168 99.52 43.69 22.62
N VAL Z 169 100.61 43.19 22.05
CA VAL Z 169 100.62 41.85 21.48
C VAL Z 169 101.12 40.96 22.62
N PRO Z 170 100.69 39.68 22.68
CA PRO Z 170 101.13 38.91 23.85
C PRO Z 170 102.62 38.91 24.07
N GLY Z 171 103.03 39.13 25.31
CA GLY Z 171 104.44 39.21 25.63
C GLY Z 171 104.88 40.65 25.69
N GLU Z 172 104.11 41.55 25.09
CA GLU Z 172 104.42 42.98 25.19
C GLU Z 172 103.16 43.72 25.58
N PRO Z 173 103.16 44.38 26.73
CA PRO Z 173 101.99 45.20 27.05
C PRO Z 173 102.20 46.60 26.51
N ASP Z 174 103.35 46.84 25.89
CA ASP Z 174 103.68 48.17 25.40
C ASP Z 174 103.58 48.37 23.89
N LYS Z 175 103.06 47.40 23.16
CA LYS Z 175 103.07 47.52 21.68
C LYS Z 175 102.30 48.72 21.18
N PHE Z 176 101.10 48.94 21.70
CA PHE Z 176 100.33 50.12 21.33
C PHE Z 176 99.58 50.50 22.61
N GLY Z 177 99.38 51.78 22.85
CA GLY Z 177 98.60 52.14 24.02
C GLY Z 177 99.19 51.44 25.22
N ALA Z 178 100.48 51.63 25.48
CA ALA Z 178 101.13 50.88 26.56
C ALA Z 178 100.43 51.18 27.86
N SER Z 179 100.11 52.44 28.13
CA SER Z 179 99.33 52.74 29.31
C SER Z 179 98.08 53.42 28.79
N LEU Z 180 96.93 52.80 29.05
CA LEU Z 180 95.68 53.35 28.56
C LEU Z 180 94.79 53.72 29.74
N GLY Z 181 93.49 53.52 29.61
CA GLY Z 181 92.60 53.80 30.73
C GLY Z 181 91.76 52.64 31.19
N ALA Z 182 91.80 52.33 32.47
CA ALA Z 182 90.95 51.27 33.00
C ALA Z 182 89.68 51.89 33.57
N ALA Z 183 89.57 53.22 33.48
CA ALA Z 183 88.40 53.92 33.99
C ALA Z 183 87.15 53.54 33.21
N PRO Z 184 85.98 53.50 33.87
CA PRO Z 184 84.77 53.03 33.18
C PRO Z 184 84.36 53.81 31.94
N GLY Z 185 83.92 53.10 30.91
CA GLY Z 185 83.46 53.75 29.70
C GLY Z 185 84.51 54.59 29.00
N SER Z 186 85.77 54.18 29.06
CA SER Z 186 86.80 54.99 28.45
C SER Z 186 87.30 54.33 27.19
N SER Z 187 87.07 54.99 26.05
CA SER Z 187 87.52 54.46 24.77
C SER Z 187 88.94 54.92 24.48
N ASN Z 188 89.90 54.47 25.28
CA ASN Z 188 91.29 54.84 25.06
C ASN Z 188 91.80 54.13 23.82
N ILE Z 189 92.64 54.78 23.04
CA ILE Z 189 93.06 54.14 21.80
C ILE Z 189 94.47 53.63 21.86
N GLY Z 190 94.65 52.33 21.63
CA GLY Z 190 96.00 51.82 21.55
C GLY Z 190 96.27 51.93 20.08
N VAL Z 191 96.91 53.01 19.66
CA VAL Z 191 97.09 53.18 18.23
C VAL Z 191 98.36 52.60 17.71
N VAL Z 192 98.25 51.65 16.78
CA VAL Z 192 99.42 51.09 16.15
C VAL Z 192 100.09 52.23 15.39
N GLY Z 193 99.27 53.10 14.80
CA GLY Z 193 99.81 54.25 14.08
C GLY Z 193 100.67 53.92 12.88
N PRO Z 194 101.89 54.49 12.83
CA PRO Z 194 102.71 54.30 11.62
C PRO Z 194 103.06 52.84 11.37
N PHE Z 195 103.41 52.09 12.41
CA PHE Z 195 103.70 50.68 12.24
C PHE Z 195 102.40 49.89 12.31
N ALA Z 196 102.21 48.98 11.35
CA ALA Z 196 101.04 48.14 11.37
C ALA Z 196 101.48 46.70 11.23
N THR Z 197 100.93 45.82 12.05
CA THR Z 197 101.36 44.44 12.02
C THR Z 197 100.54 43.64 11.04
N TYR Z 198 101.04 43.48 9.83
CA TYR Z 198 100.33 42.67 8.85
C TYR Z 198 100.25 41.20 9.24
N ALA Z 199 101.34 40.66 9.78
CA ALA Z 199 101.35 39.26 10.16
C ALA Z 199 100.32 39.01 11.25
N PRO Z 200 99.65 37.86 11.20
CA PRO Z 200 98.57 37.64 12.18
C PRO Z 200 99.11 37.61 13.62
N THR Z 201 98.47 38.35 14.51
CA THR Z 201 98.90 38.36 15.91
C THR Z 201 97.73 38.58 16.86
N ASP Z 202 97.79 37.97 18.04
CA ASP Z 202 96.74 38.17 19.04
C ASP Z 202 96.96 39.47 19.78
N VAL Z 203 95.99 39.88 20.59
CA VAL Z 203 96.14 41.09 21.39
C VAL Z 203 96.13 40.72 22.87
N VAL Z 204 97.05 41.26 23.66
CA VAL Z 204 97.06 41.00 25.10
C VAL Z 204 96.74 42.25 25.91
N VAL Z 205 95.92 42.11 26.93
CA VAL Z 205 95.60 43.24 27.79
C VAL Z 205 96.05 42.93 29.20
N THR Z 206 96.77 43.84 29.82
CA THR Z 206 97.23 43.62 31.19
C THR Z 206 96.93 44.83 32.08
N ALA Z 207 96.83 44.60 33.38
CA ALA Z 207 96.63 45.71 34.30
C ALA Z 207 97.93 46.50 34.47
N GLU Z 208 97.83 47.78 34.77
CA GLU Z 208 99.03 48.59 34.92
C GLU Z 208 99.52 48.55 36.36
N GLY Z 209 100.46 47.65 36.63
CA GLY Z 209 100.99 47.51 37.98
C GLY Z 209 99.88 47.28 38.98
N ALA Z 210 98.88 46.49 38.61
CA ALA Z 210 97.71 46.31 39.46
C ALA Z 210 96.96 45.02 39.15
N ASP Z 211 95.84 44.80 39.84
CA ASP Z 211 95.04 43.61 39.60
C ASP Z 211 93.94 43.86 38.59
N PHE Z 212 93.92 43.08 37.50
CA PHE Z 212 92.90 43.23 36.46
C PHE Z 212 91.48 42.85 36.84
N THR Z 213 91.29 41.98 37.82
CA THR Z 213 89.95 41.49 38.13
C THR Z 213 88.89 42.52 38.52
N GLY Z 214 87.65 42.26 38.15
CA GLY Z 214 86.57 43.19 38.44
C GLY Z 214 86.24 44.19 37.35
N GLY Z 215 86.84 44.02 36.18
CA GLY Z 215 86.59 44.94 35.08
C GLY Z 215 86.28 44.24 33.78
N THR Z 216 85.67 44.95 32.83
CA THR Z 216 85.41 44.36 31.52
C THR Z 216 86.04 45.20 30.41
N ILE Z 217 86.68 44.56 29.44
CA ILE Z 217 87.37 45.29 28.38
C ILE Z 217 86.70 45.14 27.02
N GLY Z 218 86.55 46.24 26.29
CA GLY Z 218 85.98 46.17 24.96
C GLY Z 218 87.03 46.65 24.00
N LEU Z 219 87.03 46.15 22.76
CA LEU Z 219 88.09 46.53 21.84
C LEU Z 219 87.54 46.88 20.47
N ALA Z 220 88.26 47.75 19.76
CA ALA Z 220 87.85 48.11 18.42
C ALA Z 220 89.04 47.96 17.50
N ALA Z 221 89.42 46.73 17.22
CA ALA Z 221 90.51 46.51 16.31
C ALA Z 221 90.08 46.91 14.92
N SER Z 222 90.90 47.70 14.25
CA SER Z 222 90.59 48.06 12.87
C SER Z 222 91.74 47.53 12.06
N VAL Z 223 91.52 46.47 11.28
CA VAL Z 223 92.60 45.88 10.52
C VAL Z 223 92.27 45.74 9.05
N ILE Z 224 92.78 46.64 8.23
CA ILE Z 224 92.55 46.57 6.79
C ILE Z 224 93.34 45.44 6.15
N LEU Z 225 92.71 44.67 5.28
CA LEU Z 225 93.39 43.56 4.63
C LEU Z 225 93.26 43.60 3.10
N PRO Z 226 94.38 43.72 2.37
CA PRO Z 226 94.18 43.68 0.93
C PRO Z 226 94.11 42.24 0.50
N GLY Z 227 93.06 41.52 0.90
CA GLY Z 227 92.98 40.11 0.60
C GLY Z 227 91.90 39.65 -0.36
N ALA Z 228 91.17 40.56 -0.98
CA ALA Z 228 90.07 40.13 -1.83
C ALA Z 228 90.22 40.54 -3.29
N PRO Z 229 90.12 39.55 -4.20
CA PRO Z 229 90.24 39.84 -5.64
C PRO Z 229 89.12 40.73 -6.16
N VAL Z 230 89.45 41.68 -7.02
CA VAL Z 230 88.44 42.59 -7.60
C VAL Z 230 88.70 42.79 -9.09
N GLY AA 17 54.21 60.25 -13.24
CA GLY AA 17 52.79 60.31 -13.56
C GLY AA 17 52.20 61.65 -13.20
N GLN AA 18 50.89 61.78 -13.31
CA GLN AA 18 50.25 63.03 -12.89
C GLN AA 18 50.07 63.13 -11.37
N HIS AA 19 49.53 62.08 -10.76
CA HIS AA 19 49.31 62.09 -9.31
C HIS AA 19 50.64 62.17 -8.58
N VAL AA 20 51.61 61.37 -9.02
CA VAL AA 20 52.93 61.47 -8.44
C VAL AA 20 53.74 61.78 -9.65
N THR AA 21 54.35 62.96 -9.68
CA THR AA 21 55.06 63.35 -10.88
C THR AA 21 56.35 62.59 -11.03
N HIS AA 22 56.84 62.51 -12.27
CA HIS AA 22 58.13 61.89 -12.49
C HIS AA 22 59.11 62.73 -11.72
N ASN AA 23 58.87 64.03 -11.69
CA ASN AA 23 59.73 64.93 -10.93
C ASN AA 23 59.74 64.59 -9.45
N GLU AA 24 58.58 64.22 -8.89
CA GLU AA 24 58.54 63.83 -7.49
C GLU AA 24 59.44 62.63 -7.31
N ALA AA 25 59.34 61.69 -8.24
CA ALA AA 25 60.20 60.51 -8.19
C ALA AA 25 61.67 60.88 -8.37
N LEU AA 26 61.96 61.80 -9.28
CA LEU AA 26 63.33 62.22 -9.53
C LEU AA 26 63.93 62.89 -8.32
N ASP AA 27 63.14 63.73 -7.65
CA ASP AA 27 63.61 64.39 -6.45
C ASP AA 27 63.89 63.32 -5.42
N MET AA 28 63.00 62.34 -5.36
CA MET AA 28 63.19 61.24 -4.42
C MET AA 28 64.46 60.49 -4.78
N ILE AA 29 64.73 60.34 -6.07
CA ILE AA 29 65.90 59.59 -6.51
C ILE AA 29 67.17 60.25 -6.01
N ASP AA 30 67.26 61.58 -6.10
CA ASP AA 30 68.44 62.25 -5.59
C ASP AA 30 68.56 62.04 -4.10
N ALA AA 31 67.46 62.17 -3.39
CA ALA AA 31 67.48 61.99 -1.94
C ALA AA 31 67.87 60.58 -1.56
N LEU AA 32 67.32 59.58 -2.26
CA LEU AA 32 67.62 58.19 -1.96
C LEU AA 32 69.07 57.89 -2.22
N ALA AA 33 69.61 58.42 -3.31
CA ALA AA 33 71.00 58.18 -3.65
C ALA AA 33 71.89 58.81 -2.60
N PRO AA 34 73.01 58.14 -2.28
CA PRO AA 34 73.95 58.78 -1.36
C PRO AA 34 74.39 60.05 -2.01
N ARG AA 35 74.53 61.11 -1.24
CA ARG AA 35 74.83 62.38 -1.86
C ARG AA 35 76.02 63.05 -1.22
N VAL AA 36 76.80 63.77 -2.01
CA VAL AA 36 77.87 64.54 -1.41
C VAL AA 36 77.10 65.63 -0.70
N VAL AA 37 77.40 65.85 0.58
CA VAL AA 37 76.65 66.82 1.35
C VAL AA 37 77.59 67.86 1.95
N LEU AA 38 77.19 69.11 1.94
CA LEU AA 38 78.10 70.13 2.44
C LEU AA 38 77.78 70.43 3.89
N SER AA 39 78.64 69.98 4.79
CA SER AA 39 78.44 70.29 6.19
C SER AA 39 79.11 71.59 6.54
N ASP AA 40 78.58 72.68 6.00
CA ASP AA 40 79.11 73.99 6.33
C ASP AA 40 78.83 74.25 7.80
N SER AA 41 77.76 73.64 8.31
CA SER AA 41 77.40 73.78 9.73
C SER AA 41 76.82 75.15 10.06
N LEU AA 42 76.38 75.88 9.04
CA LEU AA 42 75.74 77.15 9.27
C LEU AA 42 74.45 76.91 10.03
N ALA AA 43 74.14 77.75 10.99
CA ALA AA 43 72.88 77.61 11.71
C ALA AA 43 71.76 77.77 10.72
N THR AA 44 71.90 78.72 9.81
CA THR AA 44 70.89 78.94 8.79
C THR AA 44 71.41 78.49 7.44
N PRO AA 45 70.65 77.66 6.75
CA PRO AA 45 71.06 77.15 5.43
C PRO AA 45 71.25 78.28 4.44
N PRO AA 46 72.24 78.12 3.55
CA PRO AA 46 72.57 79.18 2.59
C PRO AA 46 71.40 79.46 1.67
N PRO AA 47 71.28 80.70 1.20
CA PRO AA 47 70.14 81.07 0.35
C PRO AA 47 70.07 80.25 -0.93
N ALA AA 48 71.22 79.93 -1.51
CA ALA AA 48 71.23 79.15 -2.74
C ALA AA 48 72.14 77.93 -2.67
N PRO AA 49 71.69 76.87 -1.98
CA PRO AA 49 72.48 75.64 -1.98
C PRO AA 49 72.36 75.02 -3.37
N PRO AA 50 73.37 74.26 -3.80
CA PRO AA 50 73.27 73.74 -5.16
C PRO AA 50 72.07 72.84 -5.36
N ASP AA 51 71.41 72.96 -6.51
CA ASP AA 51 70.26 72.10 -6.81
C ASP AA 51 70.69 70.66 -6.90
N ARG AA 52 69.85 69.74 -6.41
CA ARG AA 52 70.16 68.31 -6.42
C ARG AA 52 71.36 68.02 -5.55
N SER AA 53 71.65 68.92 -4.61
CA SER AA 53 72.74 68.69 -3.68
C SER AA 53 72.17 68.93 -2.31
N ALA AA 54 72.50 68.05 -1.37
CA ALA AA 54 71.95 68.20 -0.05
C ALA AA 54 72.91 68.96 0.79
N TRP AA 55 72.46 70.04 1.39
CA TRP AA 55 73.31 70.77 2.28
C TRP AA 55 72.85 70.29 3.63
N ILE AA 56 73.72 69.66 4.39
CA ILE AA 56 73.26 69.09 5.64
C ILE AA 56 73.06 70.16 6.69
N VAL AA 57 71.88 70.16 7.32
CA VAL AA 57 71.65 71.10 8.40
C VAL AA 57 72.32 70.51 9.61
N PRO AA 58 73.12 71.32 10.31
CA PRO AA 58 73.74 70.83 11.55
C PRO AA 58 72.68 70.63 12.61
N PRO AA 59 72.91 69.71 13.55
CA PRO AA 59 71.94 69.59 14.63
C PRO AA 59 71.88 70.90 15.40
N GLY AA 60 70.68 71.36 15.76
CA GLY AA 60 70.55 72.65 16.42
C GLY AA 60 70.49 73.81 15.45
N GLY AA 61 70.42 73.52 14.15
CA GLY AA 61 70.35 74.57 13.15
C GLY AA 61 69.09 75.39 13.28
N SER AA 62 69.23 76.71 13.17
CA SER AA 62 68.08 77.61 13.33
C SER AA 62 67.42 78.01 12.02
N GLY AA 63 66.22 78.58 12.10
CA GLY AA 63 65.56 79.06 10.89
C GLY AA 63 65.28 77.96 9.91
N PHE AA 64 65.81 78.11 8.70
CA PHE AA 64 65.55 77.13 7.65
C PHE AA 64 66.17 75.80 8.01
N GLY AA 65 65.63 74.71 7.46
CA GLY AA 65 66.10 73.39 7.85
C GLY AA 65 65.64 73.19 9.27
N GLY AA 66 64.60 73.90 9.67
CA GLY AA 66 64.10 73.81 11.02
C GLY AA 66 63.59 72.43 11.35
N ALA AA 67 62.92 71.81 10.39
CA ALA AA 67 62.47 70.45 10.61
C ALA AA 67 63.68 69.55 10.74
N GLY AA 68 63.71 68.72 11.78
CA GLY AA 68 64.80 67.78 11.91
C GLY AA 68 66.20 68.34 11.80
N PRO AA 69 66.59 69.29 12.67
CA PRO AA 69 67.98 69.74 12.49
C PRO AA 69 68.87 68.53 12.63
N GLY AA 70 69.90 68.42 11.80
CA GLY AA 70 70.70 67.21 11.80
C GLY AA 70 70.22 66.36 10.65
N GLN AA 71 69.30 66.88 9.84
CA GLN AA 71 68.84 66.19 8.64
C GLN AA 71 69.46 66.91 7.47
N ILE AA 72 69.39 66.33 6.29
CA ILE AA 72 70.03 66.94 5.13
C ILE AA 72 69.00 67.71 4.32
N ALA AA 73 69.23 69.01 4.16
CA ALA AA 73 68.31 69.81 3.36
C ALA AA 73 68.74 69.75 1.93
N LEU AA 74 67.91 69.14 1.08
CA LEU AA 74 68.28 68.96 -0.32
C LEU AA 74 67.53 69.97 -1.15
N ARG AA 75 68.24 70.76 -1.94
CA ARG AA 75 67.58 71.80 -2.69
C ARG AA 75 67.07 71.27 -4.00
N LEU AA 76 65.75 71.18 -4.13
CA LEU AA 76 65.19 70.78 -5.41
C LEU AA 76 64.20 71.86 -5.78
N GLY AA 77 64.41 72.50 -6.92
CA GLY AA 77 63.53 73.57 -7.32
C GLY AA 77 63.53 74.72 -6.33
N GLY AA 78 64.64 74.93 -5.65
CA GLY AA 78 64.75 76.03 -4.70
C GLY AA 78 64.11 75.71 -3.37
N VAL AA 79 63.63 74.48 -3.20
CA VAL AA 79 62.97 74.09 -1.97
C VAL AA 79 63.88 73.12 -1.28
N TRP AA 80 64.17 73.38 -0.01
CA TRP AA 80 65.11 72.52 0.69
C TRP AA 80 64.31 71.49 1.44
N HIS AA 81 64.50 70.22 1.06
CA HIS AA 81 63.74 69.17 1.70
C HIS AA 81 64.66 68.48 2.65
N ALA AA 82 64.28 68.45 3.93
CA ALA AA 82 65.14 67.86 4.91
C ALA AA 82 64.88 66.37 4.90
N ILE AA 83 65.89 65.59 4.53
CA ILE AA 83 65.71 64.15 4.45
C ILE AA 83 66.09 63.55 5.77
N THR AA 84 65.22 62.74 6.34
CA THR AA 84 65.52 62.11 7.61
C THR AA 84 66.42 60.93 7.31
N PRO AA 85 67.65 60.96 7.82
CA PRO AA 85 68.59 59.89 7.49
C PRO AA 85 68.23 58.60 8.19
N ALA AA 86 68.51 57.46 7.56
CA ALA AA 86 68.16 56.18 8.14
C ALA AA 86 69.40 55.40 8.53
N GLN AA 87 69.22 54.14 8.88
CA GLN AA 87 70.36 53.32 9.28
C GLN AA 87 71.36 53.25 8.15
N GLY AA 88 72.65 53.44 8.48
CA GLY AA 88 73.68 53.36 7.48
C GLY AA 88 73.47 54.30 6.31
N ALA AA 89 73.02 55.53 6.59
CA ALA AA 89 72.76 56.45 5.50
C ALA AA 89 74.06 57.15 5.21
N ARG AA 90 74.60 56.93 4.03
CA ARG AA 90 75.92 57.50 3.73
C ARG AA 90 75.86 58.80 2.98
N TRP AA 91 76.38 59.85 3.59
CA TRP AA 91 76.42 61.12 2.91
C TRP AA 91 77.86 61.57 2.99
N ARG AA 92 78.47 61.88 1.85
CA ARG AA 92 79.86 62.23 1.89
C ARG AA 92 79.95 63.71 2.20
N VAL AA 93 80.58 64.06 3.31
CA VAL AA 93 80.61 65.46 3.68
C VAL AA 93 81.70 66.12 2.86
N LEU AA 94 81.32 67.06 2.00
CA LEU AA 94 82.29 67.74 1.17
C LEU AA 94 83.29 68.56 1.96
N ASP AA 95 82.79 69.33 2.92
CA ASP AA 95 83.68 70.21 3.66
C ASP AA 95 84.72 69.42 4.46
N ARG AA 96 84.28 68.40 5.18
CA ARG AA 96 85.22 67.55 5.90
C ARG AA 96 86.02 66.69 4.94
N GLY AA 97 85.37 66.20 3.89
CA GLY AA 97 86.02 65.31 2.95
C GLY AA 97 85.80 63.86 3.36
N ALA AA 98 85.20 63.65 4.53
CA ALA AA 98 84.89 62.30 4.97
C ALA AA 98 83.54 61.87 4.45
N ALA AA 99 83.36 60.58 4.17
CA ALA AA 99 82.04 60.12 3.78
C ALA AA 99 81.38 59.70 5.06
N VAL AA 100 80.38 60.42 5.50
CA VAL AA 100 79.79 60.11 6.80
C VAL AA 100 78.58 59.21 6.66
N ILE AA 101 78.68 58.00 7.21
CA ILE AA 101 77.57 57.09 7.17
C ILE AA 101 76.83 57.28 8.47
N TRP AA 102 75.67 57.93 8.42
CA TRP AA 102 74.95 58.21 9.63
C TRP AA 102 74.41 56.87 10.10
N SER AA 103 74.74 56.49 11.33
CA SER AA 103 74.32 55.19 11.84
C SER AA 103 72.82 55.10 11.94
N GLY AA 104 72.19 56.20 12.32
CA GLY AA 104 70.76 56.22 12.48
C GLY AA 104 70.54 57.01 13.74
N THR AA 105 71.30 56.71 14.78
CA THR AA 105 71.23 57.52 15.98
C THR AA 105 71.86 58.86 15.69
N SER AA 106 72.99 58.85 14.99
CA SER AA 106 73.74 60.08 14.72
C SER AA 106 74.72 59.86 13.58
N TRP AA 107 75.38 60.93 13.14
CA TRP AA 107 76.38 60.81 12.10
C TRP AA 107 77.56 59.96 12.51
N ARG AA 108 78.02 59.08 11.64
CA ARG AA 108 79.22 58.31 11.95
C ARG AA 108 80.21 58.47 10.81
N PRO AA 109 81.40 59.02 11.10
CA PRO AA 109 82.38 59.27 10.03
C PRO AA 109 83.12 58.04 9.52
N ALA AA 110 83.44 58.02 8.23
CA ALA AA 110 84.24 56.91 7.69
C ALA AA 110 85.70 57.04 8.07
N ASP AA 111 86.42 55.92 8.04
CA ASP AA 111 87.83 55.94 8.38
C ASP AA 111 88.61 56.28 7.13
N VAL AA 112 89.30 57.41 7.15
CA VAL AA 112 90.07 57.83 5.98
C VAL AA 112 91.54 57.41 6.07
N ALA AA 115 89.22 63.31 1.34
CA ALA AA 115 89.57 63.89 2.64
C ALA AA 115 89.88 65.36 2.51
N LEU AA 116 90.96 65.67 1.80
CA LEU AA 116 91.37 67.05 1.60
C LEU AA 116 91.17 67.35 0.14
N GLY AA 117 90.32 66.58 -0.53
CA GLY AA 117 90.18 66.72 -1.97
C GLY AA 117 91.17 65.72 -2.52
N SER AA 118 91.87 65.04 -1.61
CA SER AA 118 92.80 64.02 -2.03
C SER AA 118 91.97 62.84 -2.48
N THR AA 119 92.25 62.35 -3.66
CA THR AA 119 91.51 61.22 -4.19
C THR AA 119 92.53 60.17 -4.51
N LEU AA 120 92.29 58.92 -4.12
CA LEU AA 120 93.29 57.90 -4.34
C LEU AA 120 93.11 57.31 -5.72
N GLY AA 121 93.87 57.80 -6.69
CA GLY AA 121 93.77 57.31 -8.05
C GLY AA 121 94.30 55.90 -8.19
N LEU AA 122 93.62 55.07 -8.96
CA LEU AA 122 94.09 53.70 -9.17
C LEU AA 122 94.31 53.39 -10.63
N ALA AA 123 95.45 52.79 -10.96
CA ALA AA 123 95.68 52.37 -12.34
C ALA AA 123 95.83 50.86 -12.28
N THR AA 124 95.03 50.13 -13.08
CA THR AA 124 95.08 48.68 -12.98
C THR AA 124 96.36 48.13 -13.60
N ILE AA 125 97.10 47.34 -12.81
CA ILE AA 125 98.32 46.73 -13.34
C ILE AA 125 98.30 45.21 -13.25
N GLU AA 126 97.14 44.62 -13.07
CA GLU AA 126 97.15 43.17 -12.93
C GLU AA 126 97.67 42.62 -14.22
N ALA AA 127 98.68 41.77 -14.13
CA ALA AA 127 99.29 41.24 -15.33
C ALA AA 127 99.57 39.79 -15.14
N THR AA 128 99.53 39.03 -16.22
CA THR AA 128 99.89 37.64 -16.11
C THR AA 128 101.33 37.59 -16.52
N VAL AA 129 102.20 37.23 -15.59
CA VAL AA 129 103.60 37.13 -15.92
C VAL AA 129 103.86 35.67 -16.19
N THR AA 130 104.15 35.34 -17.44
CA THR AA 130 104.49 33.97 -17.73
C THR AA 130 105.79 33.73 -17.03
N ALA AA 131 105.91 32.61 -16.34
CA ALA AA 131 107.11 32.35 -15.59
C ALA AA 131 107.96 31.36 -16.35
N THR AA 132 109.15 31.80 -16.74
CA THR AA 132 110.06 30.89 -17.43
C THR AA 132 111.38 30.97 -16.68
N GLY AA 133 111.85 29.83 -16.18
CA GLY AA 133 113.07 29.83 -15.40
C GLY AA 133 112.70 30.16 -13.97
N PRO AA 134 113.62 29.91 -13.03
CA PRO AA 134 113.35 30.19 -11.63
C PRO AA 134 113.11 31.68 -11.41
N SER AA 135 113.91 32.51 -12.07
CA SER AA 135 113.76 33.95 -11.89
C SER AA 135 113.05 34.57 -13.07
N VAL AA 136 111.95 35.28 -12.80
CA VAL AA 136 111.24 35.97 -13.86
C VAL AA 136 111.01 37.38 -13.37
N THR AA 137 110.90 38.33 -14.28
CA THR AA 137 110.77 39.72 -13.87
C THR AA 137 109.36 40.24 -14.10
N ALA AA 138 108.70 40.68 -13.03
CA ALA AA 138 107.39 41.28 -13.18
C ALA AA 138 107.56 42.67 -13.77
N PRO AA 139 106.68 43.07 -14.68
CA PRO AA 139 106.80 44.38 -15.32
C PRO AA 139 105.97 45.46 -14.64
N ALA AA 140 105.38 45.17 -13.49
CA ALA AA 140 104.50 46.13 -12.84
C ALA AA 140 105.28 47.14 -12.02
N LEU AA 141 105.96 48.06 -12.71
CA LEU AA 141 106.68 49.10 -12.00
C LEU AA 141 105.66 50.06 -11.40
N ILE AA 142 105.90 50.48 -10.16
CA ILE AA 142 104.98 51.38 -9.49
C ILE AA 142 105.07 52.77 -10.11
N PRO AA 143 103.95 53.50 -10.14
CA PRO AA 143 104.07 54.89 -10.61
C PRO AA 143 104.83 55.71 -9.58
N PRO AA 144 105.53 56.76 -10.01
CA PRO AA 144 106.21 57.60 -9.04
C PRO AA 144 105.22 58.27 -8.10
N ARG AA 145 105.57 58.36 -6.81
CA ARG AA 145 104.68 58.96 -5.81
C ARG AA 145 103.35 58.25 -5.71
N ALA AA 146 103.36 56.93 -5.92
CA ALA AA 146 102.13 56.18 -5.74
C ALA AA 146 102.27 55.23 -4.58
N ILE AA 147 101.47 55.44 -3.54
CA ILE AA 147 101.52 54.58 -2.36
C ILE AA 147 101.05 53.18 -2.74
N VAL AA 148 101.74 52.15 -2.26
CA VAL AA 148 101.26 50.80 -2.51
C VAL AA 148 100.80 50.24 -1.18
N LEU AA 149 99.50 50.00 -1.06
CA LEU AA 149 99.00 49.41 0.16
C LEU AA 149 99.55 48.03 0.34
N GLY AA 150 99.53 47.23 -0.72
CA GLY AA 150 100.01 45.86 -0.65
C GLY AA 150 100.35 45.31 -2.02
N VAL AA 151 101.12 44.23 -2.08
CA VAL AA 151 101.40 43.62 -3.37
C VAL AA 151 100.47 42.44 -3.58
N THR AA 152 99.78 42.41 -4.72
CA THR AA 152 98.81 41.34 -4.96
C THR AA 152 99.41 40.19 -5.75
N SER AA 153 99.34 38.99 -5.19
CA SER AA 153 99.94 37.85 -5.87
C SER AA 153 98.97 36.72 -6.14
N TRP AA 154 98.98 36.21 -7.36
CA TRP AA 154 98.13 35.07 -7.71
C TRP AA 154 98.98 34.20 -8.59
N THR AA 155 98.63 32.92 -8.71
CA THR AA 155 99.35 32.08 -9.65
C THR AA 155 98.30 31.59 -10.63
N VAL AA 156 98.52 31.78 -11.92
CA VAL AA 156 97.52 31.41 -12.92
C VAL AA 156 97.69 30.01 -13.51
N GLN AA 157 98.93 29.64 -13.82
CA GLN AA 157 99.16 28.33 -14.43
C GLN AA 157 100.12 27.57 -13.56
N ALA AA 158 100.06 26.25 -13.63
CA ALA AA 158 100.89 25.47 -12.73
C ALA AA 158 102.35 25.80 -12.95
N VAL AA 159 103.04 26.10 -11.86
CA VAL AA 159 104.45 26.39 -11.96
C VAL AA 159 105.09 25.05 -11.70
N THR AA 160 105.91 24.58 -12.63
CA THR AA 160 106.45 23.23 -12.48
C THR AA 160 107.79 23.21 -11.77
N GLY AA 161 107.89 22.42 -10.70
CA GLY AA 161 109.12 22.38 -9.92
C GLY AA 161 109.24 23.56 -8.97
N ALA AA 162 108.13 24.25 -8.71
CA ALA AA 162 108.17 25.43 -7.88
C ALA AA 162 107.76 25.21 -6.44
N THR AA 163 108.62 25.59 -5.51
CA THR AA 163 108.29 25.49 -4.09
C THR AA 163 108.03 26.84 -3.45
N SER AA 164 108.68 27.89 -3.94
CA SER AA 164 108.52 29.22 -3.32
C SER AA 164 108.49 30.38 -4.29
N TYR AA 165 107.79 31.45 -3.92
CA TYR AA 165 107.76 32.64 -4.75
C TYR AA 165 108.50 33.76 -4.06
N ARG AA 166 109.66 34.16 -4.58
CA ARG AA 166 110.33 35.32 -4.02
C ARG AA 166 109.88 36.58 -4.75
N VAL AA 167 108.63 36.98 -4.53
CA VAL AA 167 108.15 38.20 -5.16
C VAL AA 167 108.66 39.38 -4.35
N GLY AA 168 109.28 40.34 -5.02
CA GLY AA 168 109.75 41.53 -4.34
C GLY AA 168 110.59 42.36 -5.26
N VAL AA 169 111.14 43.45 -4.72
CA VAL AA 169 111.95 44.35 -5.54
C VAL AA 169 113.15 43.58 -6.06
N PRO AA 170 113.56 43.85 -7.32
CA PRO AA 170 114.72 43.07 -7.75
C PRO AA 170 115.93 43.32 -6.87
N GLY AA 171 116.60 42.25 -6.46
CA GLY AA 171 117.78 42.36 -5.62
C GLY AA 171 117.36 42.32 -4.17
N GLU AA 172 116.08 42.55 -3.91
CA GLU AA 172 115.55 42.43 -2.55
C GLU AA 172 114.14 41.85 -2.60
N PRO AA 173 114.02 40.55 -2.90
CA PRO AA 173 112.70 39.94 -3.04
C PRO AA 173 112.01 39.86 -1.68
N ASP AA 174 112.75 40.09 -0.61
CA ASP AA 174 112.21 40.04 0.74
C ASP AA 174 111.13 41.08 1.05
N LYS AA 175 111.05 42.15 0.27
CA LYS AA 175 110.09 43.21 0.57
C LYS AA 175 108.68 42.65 0.58
N PHE AA 176 108.35 41.82 -0.41
CA PHE AA 176 107.06 41.14 -0.38
C PHE AA 176 107.46 39.73 0.06
N GLY AA 177 106.51 38.87 0.37
CA GLY AA 177 106.92 37.57 0.90
C GLY AA 177 107.88 36.89 -0.04
N ALA AA 178 109.00 36.40 0.52
CA ALA AA 178 110.01 35.76 -0.30
C ALA AA 178 109.82 34.26 -0.40
N SER AA 179 108.89 33.71 0.38
CA SER AA 179 108.62 32.28 0.28
C SER AA 179 107.13 32.09 0.21
N LEU AA 180 106.52 32.63 -0.82
CA LEU AA 180 105.08 32.46 -1.00
C LEU AA 180 104.82 31.09 -1.61
N GLY AA 181 103.60 30.60 -1.48
CA GLY AA 181 103.26 29.30 -2.04
C GLY AA 181 103.42 29.34 -3.54
N ALA AA 182 103.92 28.25 -4.12
CA ALA AA 182 104.17 28.21 -5.56
C ALA AA 182 103.47 27.04 -6.17
N ALA AA 183 102.15 27.13 -6.30
CA ALA AA 183 101.37 26.02 -6.82
C ALA AA 183 100.34 26.57 -7.79
N PRO AA 184 99.80 25.73 -8.68
CA PRO AA 184 98.85 26.32 -9.62
C PRO AA 184 97.66 26.92 -8.90
N GLY AA 185 97.28 28.13 -9.27
CA GLY AA 185 96.11 28.73 -8.66
C GLY AA 185 96.35 29.31 -7.29
N SER AA 186 97.59 29.29 -6.81
CA SER AA 186 97.85 29.75 -5.45
C SER AA 186 97.75 31.26 -5.35
N SER AA 187 97.05 31.73 -4.34
CA SER AA 187 96.92 33.17 -4.16
C SER AA 187 97.83 33.57 -3.02
N ASN AA 188 98.76 34.45 -3.32
CA ASN AA 188 99.72 34.88 -2.32
C ASN AA 188 99.47 36.34 -2.03
N ILE AA 189 98.23 36.78 -2.15
CA ILE AA 189 97.91 38.19 -1.96
C ILE AA 189 98.36 38.65 -0.59
N GLY AA 190 99.02 39.80 -0.53
CA GLY AA 190 99.56 40.26 0.73
C GLY AA 190 99.90 41.73 0.85
N VAL AA 191 100.32 42.15 2.03
CA VAL AA 191 100.74 43.54 2.22
C VAL AA 191 102.25 43.57 2.28
N VAL AA 192 102.86 44.59 1.68
CA VAL AA 192 104.31 44.73 1.78
C VAL AA 192 104.62 45.42 3.10
N GLY AA 193 104.30 44.75 4.21
CA GLY AA 193 104.59 45.32 5.51
C GLY AA 193 103.71 46.53 5.77
N PRO AA 194 104.07 47.34 6.76
CA PRO AA 194 103.32 48.58 6.97
C PRO AA 194 103.85 49.68 6.07
N PHE AA 195 105.01 49.47 5.47
CA PHE AA 195 105.59 50.48 4.60
C PHE AA 195 104.86 50.52 3.28
N ALA AA 196 104.53 51.72 2.83
CA ALA AA 196 103.86 51.87 1.56
C ALA AA 196 104.89 52.40 0.60
N THR AA 197 105.09 51.72 -0.52
CA THR AA 197 106.16 52.12 -1.43
C THR AA 197 105.73 53.13 -2.47
N TYR AA 198 105.91 54.42 -2.18
CA TYR AA 198 105.59 55.45 -3.16
C TYR AA 198 106.52 55.36 -4.37
N ALA AA 199 107.80 55.06 -4.13
CA ALA AA 199 108.77 55.02 -5.21
C ALA AA 199 108.48 53.94 -6.24
N PRO AA 200 108.73 54.26 -7.52
CA PRO AA 200 108.50 53.27 -8.57
C PRO AA 200 109.40 52.06 -8.43
N THR AA 201 108.83 50.86 -8.46
CA THR AA 201 109.63 49.64 -8.34
C THR AA 201 109.04 48.44 -9.05
N ASP AA 202 109.89 47.59 -9.61
CA ASP AA 202 109.41 46.35 -10.21
C ASP AA 202 109.27 45.34 -9.06
N VAL AA 203 108.58 44.25 -9.31
CA VAL AA 203 108.45 43.23 -8.29
C VAL AA 203 108.88 41.91 -8.90
N VAL AA 204 110.17 41.74 -9.10
CA VAL AA 204 110.67 40.55 -9.78
C VAL AA 204 110.24 39.29 -9.06
N VAL AA 205 109.69 38.34 -9.82
CA VAL AA 205 109.25 37.09 -9.23
C VAL AA 205 110.39 36.09 -9.21
N THR AA 206 111.29 36.23 -8.26
CA THR AA 206 112.39 35.29 -8.11
C THR AA 206 111.85 34.03 -7.48
N ALA AA 207 112.61 32.95 -7.50
CA ALA AA 207 112.19 31.74 -6.82
C ALA AA 207 113.31 31.15 -5.98
N GLU AA 208 112.94 30.53 -4.86
CA GLU AA 208 113.94 29.94 -3.99
C GLU AA 208 114.29 28.55 -4.48
N GLY AA 209 115.17 28.47 -5.46
CA GLY AA 209 115.53 27.18 -6.03
C GLY AA 209 114.28 26.49 -6.56
N ALA AA 210 113.37 27.27 -7.10
CA ALA AA 210 112.13 26.72 -7.60
C ALA AA 210 112.04 26.99 -9.08
N ASP AA 211 111.84 25.96 -9.88
CA ASP AA 211 111.68 26.18 -11.30
C ASP AA 211 110.31 26.80 -11.49
N PHE AA 212 110.24 27.92 -12.19
CA PHE AA 212 108.95 28.55 -12.46
C PHE AA 212 108.47 28.25 -13.86
N THR AA 213 109.26 27.52 -14.64
CA THR AA 213 108.91 27.28 -16.04
C THR AA 213 107.62 26.53 -16.22
N GLY AA 214 106.87 26.88 -17.27
CA GLY AA 214 105.60 26.23 -17.53
C GLY AA 214 104.47 26.81 -16.74
N GLY AA 215 104.72 27.92 -16.03
CA GLY AA 215 103.70 28.50 -15.18
C GLY AA 215 103.40 29.96 -15.43
N THR AA 216 102.25 30.43 -14.99
CA THR AA 216 101.89 31.84 -15.16
C THR AA 216 101.54 32.45 -13.82
N ILE AA 217 101.88 33.73 -13.62
CA ILE AA 217 101.64 34.40 -12.35
C ILE AA 217 100.73 35.59 -12.54
N GLY AA 218 99.67 35.70 -11.75
CA GLY AA 218 98.84 36.89 -11.85
C GLY AA 218 99.38 37.89 -10.84
N LEU AA 219 99.87 39.02 -11.32
CA LEU AA 219 100.49 39.97 -10.40
C LEU AA 219 99.96 41.39 -10.49
N ALA AA 220 99.61 41.96 -9.36
CA ALA AA 220 99.14 43.33 -9.31
C ALA AA 220 99.79 43.92 -8.07
N ALA AA 221 99.89 45.23 -7.97
CA ALA AA 221 100.44 45.79 -6.74
C ALA AA 221 99.65 46.98 -6.21
N SER AA 222 98.40 46.77 -5.76
CA SER AA 222 97.56 47.85 -5.21
C SER AA 222 98.09 49.26 -5.46
N VAL AA 223 98.04 49.72 -6.70
CA VAL AA 223 98.61 51.02 -6.99
C VAL AA 223 97.64 52.08 -6.54
N ILE AA 224 98.08 52.95 -5.64
CA ILE AA 224 97.22 53.99 -5.12
C ILE AA 224 97.95 55.30 -5.28
N LEU AA 225 97.28 56.31 -5.81
CA LEU AA 225 97.93 57.60 -5.87
C LEU AA 225 97.19 58.51 -4.92
N PRO AA 226 97.72 58.66 -3.71
CA PRO AA 226 97.07 59.51 -2.71
C PRO AA 226 97.47 60.96 -2.91
N GLY AA 227 96.73 61.87 -2.28
CA GLY AA 227 97.03 63.27 -2.45
C GLY AA 227 96.92 63.74 -3.89
N ALA AA 228 95.90 63.25 -4.59
CA ALA AA 228 95.69 63.68 -5.96
C ALA AA 228 94.37 64.44 -6.01
N PRO AA 229 94.38 65.63 -6.62
CA PRO AA 229 93.14 66.44 -6.63
C PRO AA 229 92.02 65.77 -7.41
N VAL AA 230 90.78 65.91 -6.95
CA VAL AA 230 89.60 65.31 -7.60
C VAL AA 230 89.79 64.89 -9.07
#